data_9LC0
#
_entry.id   9LC0
#
_cell.length_a   1.00
_cell.length_b   1.00
_cell.length_c   1.00
_cell.angle_alpha   90.00
_cell.angle_beta   90.00
_cell.angle_gamma   90.00
#
_symmetry.space_group_name_H-M   'P 1'
#
loop_
_entity.id
_entity.type
_entity.pdbx_description
1 polymer '60 kDa protein'
2 polymer Gp64
3 polymer 'Non-contractile tail sheath'
4 polymer '30 kDa protein'
5 polymer Gp54
#
loop_
_entity_poly.entity_id
_entity_poly.type
_entity_poly.pdbx_seq_one_letter_code
_entity_poly.pdbx_strand_id
1 'polypeptide(L)'
;MSGHTPFNTIPNEGYCCETLNDPIVDKMIGNAYYVVKFVALRMPFIKNVSDNMTQLLAIHNKLTELSAIYTKLDELQLIH
NNLDKLQELYNQLSKLTGLYDNLQALLRVYDNLTPINTVASNIDAVNTVATDIAKVIIVSAQIDKVITVANSITNVNTVA
GSIDAVNTVSTNINAIKNVNTNMAALLDLDNHMTELLAVHARLGDLVTIAEQLDTIIADHEKYATAEGAGLIGFNQAQTY
AANTVGAMLRQVITMGNDKGGYAVAGKLTSARGVWSLATGSINMNAPTAGAVANLVLNYKAGKVSGLLVAPSQQMALDGL
IMGASTADNTATVSVTAPLRFKADLTAKTISGVNTRIMPSSAVTLNVDAYGGITLGYPPSLQTVEPVMTFITPTGKAPLT
PRFSSVTAGAAVLVMVGEAEAQLKYSGGGWAAVSDWDSGTYCAFDTVSGELTVYHSTLIKDSTVTFSLLLPTDDTQLTAQ
LKSHTDSSFVVKIAKPDGSLLDAPLEGMGIMYSRGMHGIYKVPYGSLIVDVGRVQVKFSEFNTTEGISVVGINSNA
;
A,B,C,D,E,F,G,L,Q,V,a,f
2 'polypeptide(L)'
;MSNAAVVPMPYSPTTVPREQIREIQLQLINEMTDVHMGALTAQYMPDDFTFEPGIGQIHFNVETSRKVCLDLAKSVLRLV
PVYPLVSPVKKQHDDYWFVGRLGLDPVSEPEPINMPTMEFYKRFLSLLHERDMKFVNSVAYEILNFFMPDEWKQLNWKGD
PALSGWYPPSSFIQPTNKDALDFVSKAQCQILKECQNLGMELYFQIGEPWWWDGSYNTGEGKNAPCIYDPKTMALYKEET
GNDVPTPWIKDIFAPVEEHQWPYVDWLCTKLGQSTNYIRDYVKGKFPDAQATLLFFTPQIMSPASELTGRLNFPESEWIF
PNYDFVQIEDYDWIIDGRLDLVPLTFDAAVNRLGYPLNVVHYFIGFVLLPEDAKKIWADVDKAWGLALEAGIPHIYPWSY
TQVMRDGVIYAVPKVCG
;
M,R
3 'polypeptide(L)'
;MSIEDYLKGKNCLASPNYDPDDQHSSWREDLPQFKKDREHLTLVNTRRNRTYNTKLNRFDPEYWVVDYNALMVATIIPYG
SKSFKVPCQWRTNKDFLGVRWMTEDTFDHHLYRYETDPNYLGLILAFRHNPDEPDKFTVTIQTPEKAYTYRLAPYGFNNK
TRRWECLDTKYGTKRTYQADIFVATDEDIPESEMTEVYGTKDYIFILDFADLRTGVAFNGVTINPRNITMISFDCTEAHH
GLGKDAYIAAMYNNDDGATFQMEIGGIHTNAALAAGDKLQCIWRYLDVNGNAQAAENEFEVVSYEGFGTSNFSVKCKGML
PGKFIGCDAFYGKYLQTDGPIKQVDSVKWFTNLTVSGSGRKQLGQRKYPQVVMGMGMTSGFDDGYNLTPERQVKMAYGLG
YRDWWTTYIGMSHYWKGLTAFQDKETGELITEQTVLDYPILFAGESQVAIHFMSGAYPDRGYDVFQKYMTETWGINYAGV
HPINGTTGSTAVDRACAVNPNSEVFDPTQSSGAGGLWWWDLEADKPGPALLHCVGQVGKLKPKAIIWGQGDQDATALAYP
GDRNPAPSLTRTKQATKKVFEYLRSLYGQIPIFIQELSYAWGITNTDAPNVPIRTGLPSFLAARRNTWGDIEFRWKSYGL
DPALAQYRIEIYNPSNLNQILHSFVVSGTQEANGYVYADFTVEDWIPVMMEAVGSPNPWEFMKWRVVCLYQEREIPSAPW
SDNIPLDNAGLVKKTILVGINQFGGGHFTDMSDPTATTANGAIGRKDKVSASTLRLTFAEKAGLRPIQVMPVNVAADSAG
MTVGTHKWWNTSSNSPGDALLAINDMVKGLGVKPDYFIEANPWETMYMKDVNSSTWPALMTAFESSNKAMLAWMRTNWGN
PNLEIWFQGATTVWFGVAPPNDLNSEATVTVRDKQIQMATANIGFKLGSFVPGSNLYTAYRNVESSWIYYTVEAFHATAI
ELGEALALNINRATNPPDWSYLRPPANLQGRKLATRDIKMTWDNRAGITHWKYANRHVTTGAEISSGILTSPEYVFTLND
QQNAYNGDTLNMSFSVSEYAADSGAVGASSSFVGVVQNGSYMQTPTQLKAAKQLNGDIIFTWVGRPSWQHFWVVNTSVND
SKTVIFSKEWSSESLTWTVAEQNEFYGLEEGGATHVIFMVSEYDPSNGLVSIGAQVTGQAEQPSNPMNPVAGLYAVFTGD
PGNSNIKIMWDKPSVGGRDVRIRNMHVTSSATISDQFVSDNNLVFTREEQVAAYGFTASSVSVRAQEHDIESGALGLTTE
YVAVPETAGTVGQGFAKKDSVGNCTMSWEVGDAVQWQVEILNAENSTVVKTEIVVAPTITWMAEEITAEYGYLTDHMVWR
VRPYRADGASNVAKQFDMTATL
;
I,N
4 'polypeptide(L)'
;MYYIEELFCRLANGVLNNTGIVTDDRGDIEDDSKPFIIVAANEALTRLHGRFNMRNNNVVVEMQEGRTNYPLLAKYAVQS
YDPNEVKCPFIMDLAGEKFAEDVIRILEVYDDKGRRRPLNDRNNPCSLFTPRPNVLQNNAPKAWEVLNVMYQAKHPKLST
AEDGYNEIDIPDTLDPALDAYIAYRYYTSLNTPESSAKAAEYLSFYDSICREVVEYDLTSDTEVDTNTLFRKRGWR
;
J,O,S,H
5 'polypeptide(L)'
;MSCGAELEANALLTALVAGEDFTLPDIDMSGSEYDIPGGINSPIYAEIEKITTEQLTTREVGGSGVFDALMQSASNHLLA
EFKNNRITGGDYVKAYIATMEACMANAVQFLTTKDQAYWNAVTAQVAAITARANLGIIKANFVTAKIQALATKAEYALTK
LKLSNESVTYCTAQYNLSSMLPQQLLMLKNQTTQVAEQTKLTTEQINMTKEQKEAQRAQTSDTRTDGTRVAGSVGKQKEL
YDQQITSYKRDAEVKAAKLFTDAWVTQKTIDEGLSPPNGFTNSSLDSILTALKNNNALG
;
K,P,T,U
#
# COMPACT_ATOMS: atom_id res chain seq x y z
N CYS A 17 -50.26 97.78 -57.39
CA CYS A 17 -50.02 99.02 -58.11
C CYS A 17 -49.12 99.94 -57.30
N GLU A 18 -49.72 100.76 -56.45
CA GLU A 18 -48.99 101.71 -55.61
C GLU A 18 -48.93 101.17 -54.19
N THR A 19 -47.70 101.04 -53.67
CA THR A 19 -47.47 100.54 -52.32
C THR A 19 -46.88 101.61 -51.40
N LEU A 20 -46.89 102.88 -51.82
CA LEU A 20 -46.30 103.93 -51.00
C LEU A 20 -47.06 104.12 -49.69
N ASN A 21 -48.39 104.04 -49.73
CA ASN A 21 -49.25 104.13 -48.54
C ASN A 21 -49.05 105.51 -47.91
N ASP A 22 -48.72 105.61 -46.63
CA ASP A 22 -48.66 106.91 -45.97
C ASP A 22 -47.48 107.73 -46.49
N PRO A 23 -47.72 108.93 -47.03
CA PRO A 23 -46.60 109.71 -47.56
C PRO A 23 -45.67 110.24 -46.48
N ILE A 24 -46.16 110.38 -45.24
CA ILE A 24 -45.36 111.00 -44.19
C ILE A 24 -44.15 110.13 -43.82
N VAL A 25 -44.31 108.81 -43.87
CA VAL A 25 -43.24 107.90 -43.48
C VAL A 25 -42.50 107.30 -44.67
N ASP A 26 -43.18 107.06 -45.79
CA ASP A 26 -42.61 106.33 -46.92
C ASP A 26 -42.23 107.31 -48.02
N LYS A 27 -40.99 107.18 -48.50
CA LYS A 27 -40.45 108.06 -49.54
C LYS A 27 -40.40 107.31 -50.86
N MET A 28 -40.64 108.02 -51.96
CA MET A 28 -40.67 107.39 -53.27
C MET A 28 -39.30 106.88 -53.68
N ILE A 29 -38.24 107.67 -53.44
CA ILE A 29 -36.90 107.26 -53.85
C ILE A 29 -36.42 106.08 -53.00
N GLY A 30 -36.81 106.05 -51.73
CA GLY A 30 -36.39 104.97 -50.85
C GLY A 30 -36.00 105.48 -49.48
N ASN A 31 -36.43 104.78 -48.43
CA ASN A 31 -36.11 105.23 -47.07
C ASN A 31 -34.61 105.24 -46.83
N ALA A 32 -33.94 104.13 -47.11
CA ALA A 32 -32.50 104.05 -46.89
C ALA A 32 -31.75 105.06 -47.75
N TYR A 33 -32.13 105.17 -49.02
CA TYR A 33 -31.47 106.14 -49.89
C TYR A 33 -31.76 107.56 -49.45
N TYR A 34 -32.98 107.83 -48.95
CA TYR A 34 -33.28 109.16 -48.46
C TYR A 34 -32.40 109.53 -47.27
N VAL A 35 -32.21 108.59 -46.33
CA VAL A 35 -31.34 108.86 -45.20
C VAL A 35 -29.90 109.05 -45.66
N VAL A 36 -29.46 108.23 -46.62
CA VAL A 36 -28.08 108.35 -47.11
C VAL A 36 -27.85 109.70 -47.77
N LYS A 37 -28.80 110.15 -48.59
CA LYS A 37 -28.69 111.47 -49.21
C LYS A 37 -28.73 112.58 -48.18
N PHE A 38 -29.57 112.43 -47.16
CA PHE A 38 -29.64 113.43 -46.10
C PHE A 38 -28.31 113.57 -45.38
N VAL A 39 -27.66 112.45 -45.10
CA VAL A 39 -26.34 112.50 -44.47
C VAL A 39 -25.31 113.10 -45.43
N ALA A 40 -25.37 112.72 -46.71
CA ALA A 40 -24.37 113.17 -47.67
C ALA A 40 -24.42 114.68 -47.87
N LEU A 41 -25.61 115.25 -47.95
CA LEU A 41 -25.72 116.69 -48.21
C LEU A 41 -25.21 117.52 -47.05
N ARG A 42 -25.05 116.91 -45.87
CA ARG A 42 -24.60 117.62 -44.67
C ARG A 42 -23.28 117.05 -44.15
N MET A 43 -22.38 116.66 -45.04
CA MET A 43 -21.10 116.10 -44.62
C MET A 43 -20.13 117.11 -44.01
N PRO A 44 -20.07 118.39 -44.46
CA PRO A 44 -19.08 119.30 -43.85
C PRO A 44 -19.17 119.40 -42.34
N PHE A 45 -20.38 119.39 -41.77
CA PHE A 45 -20.51 119.46 -40.32
C PHE A 45 -19.85 118.26 -39.65
N ILE A 46 -20.11 117.06 -40.18
CA ILE A 46 -19.53 115.85 -39.60
C ILE A 46 -18.01 115.87 -39.75
N LYS A 47 -17.51 116.37 -40.88
CA LYS A 47 -16.07 116.43 -41.07
C LYS A 47 -15.42 117.40 -40.07
N ASN A 48 -16.00 118.58 -39.91
CA ASN A 48 -15.45 119.56 -38.99
C ASN A 48 -15.47 119.04 -37.55
N VAL A 49 -16.55 118.35 -37.16
CA VAL A 49 -16.59 117.77 -35.84
C VAL A 49 -15.53 116.68 -35.69
N SER A 50 -15.42 115.80 -36.69
CA SER A 50 -14.56 114.62 -36.57
C SER A 50 -13.09 115.01 -36.55
N ASP A 51 -12.73 116.11 -37.19
CA ASP A 51 -11.33 116.51 -37.22
C ASP A 51 -10.79 116.85 -35.84
N ASN A 52 -11.68 117.07 -34.87
CA ASN A 52 -11.28 117.65 -33.60
C ASN A 52 -11.70 116.84 -32.38
N MET A 53 -11.81 115.50 -32.50
CA MET A 53 -12.11 114.68 -31.32
C MET A 53 -11.14 114.95 -30.17
N THR A 54 -9.85 115.08 -30.48
CA THR A 54 -8.87 115.30 -29.43
C THR A 54 -9.17 116.57 -28.64
N GLN A 55 -9.61 117.62 -29.32
CA GLN A 55 -9.86 118.90 -28.65
C GLN A 55 -11.13 118.84 -27.80
N LEU A 56 -12.22 118.28 -28.34
CA LEU A 56 -13.46 118.24 -27.58
C LEU A 56 -13.44 117.18 -26.48
N LEU A 57 -12.49 116.25 -26.50
CA LEU A 57 -12.38 115.34 -25.36
C LEU A 57 -11.82 116.05 -24.13
N ALA A 58 -10.90 116.99 -24.32
CA ALA A 58 -10.36 117.73 -23.17
C ALA A 58 -11.44 118.58 -22.51
N ILE A 59 -12.31 119.21 -23.32
CA ILE A 59 -13.40 120.00 -22.76
C ILE A 59 -14.37 119.11 -22.00
N HIS A 60 -14.63 117.91 -22.51
CA HIS A 60 -15.46 116.97 -21.75
C HIS A 60 -14.79 116.59 -20.44
N ASN A 61 -13.46 116.44 -20.46
CA ASN A 61 -12.73 116.12 -19.23
C ASN A 61 -12.87 117.24 -18.19
N LYS A 62 -12.77 118.50 -18.64
CA LYS A 62 -12.77 119.64 -17.73
C LYS A 62 -14.12 120.33 -17.64
N LEU A 63 -15.19 119.64 -18.07
CA LEU A 63 -16.53 120.22 -18.04
C LEU A 63 -16.95 120.61 -16.62
N THR A 64 -16.62 119.78 -15.63
CA THR A 64 -17.01 120.11 -14.26
C THR A 64 -16.35 121.39 -13.79
N GLU A 65 -15.06 121.55 -14.07
CA GLU A 65 -14.36 122.78 -13.70
C GLU A 65 -14.94 123.98 -14.43
N LEU A 66 -15.24 123.83 -15.72
CA LEU A 66 -15.84 124.94 -16.46
C LEU A 66 -17.20 125.33 -15.89
N SER A 67 -18.02 124.34 -15.53
CA SER A 67 -19.31 124.64 -14.92
C SER A 67 -19.15 125.34 -13.57
N ALA A 68 -18.17 124.91 -12.78
CA ALA A 68 -17.91 125.57 -11.50
C ALA A 68 -17.50 127.01 -11.69
N ILE A 69 -16.64 127.28 -12.68
CA ILE A 69 -16.22 128.66 -12.96
C ILE A 69 -17.41 129.49 -13.45
N TYR A 70 -18.31 128.87 -14.21
CA TYR A 70 -19.47 129.60 -14.72
C TYR A 70 -20.31 130.18 -13.60
N THR A 71 -20.42 129.46 -12.48
CA THR A 71 -21.22 129.95 -11.36
C THR A 71 -20.65 131.24 -10.79
N LYS A 72 -19.32 131.32 -10.70
CA LYS A 72 -18.64 132.51 -10.19
C LYS A 72 -18.30 133.51 -11.29
N LEU A 73 -18.72 133.28 -12.53
CA LEU A 73 -18.46 134.23 -13.60
C LEU A 73 -19.11 135.59 -13.33
N ASP A 74 -20.36 135.59 -12.86
CA ASP A 74 -21.08 136.84 -12.64
C ASP A 74 -20.37 137.71 -11.61
N GLU A 75 -19.92 137.10 -10.52
CA GLU A 75 -19.14 137.76 -9.49
C GLU A 75 -17.65 137.60 -9.85
N LEU A 76 -16.76 137.98 -8.93
CA LEU A 76 -15.35 137.59 -8.97
C LEU A 76 -14.59 138.31 -10.08
N GLN A 77 -15.29 139.02 -10.96
CA GLN A 77 -14.59 139.90 -11.90
C GLN A 77 -14.31 141.25 -11.25
N LEU A 78 -15.37 141.99 -10.91
CA LEU A 78 -15.28 143.14 -10.02
C LEU A 78 -14.30 144.19 -10.51
N ILE A 79 -13.96 144.11 -11.80
CA ILE A 79 -12.83 144.86 -12.37
C ILE A 79 -11.64 144.65 -11.44
N HIS A 80 -11.11 143.42 -11.41
CA HIS A 80 -10.22 143.02 -10.34
C HIS A 80 -8.92 143.84 -10.32
N ASN A 81 -8.57 144.46 -11.45
CA ASN A 81 -7.45 145.39 -11.45
C ASN A 81 -7.68 146.53 -10.48
N ASN A 82 -8.94 146.95 -10.32
CA ASN A 82 -9.26 147.95 -9.31
C ASN A 82 -8.90 147.44 -7.92
N LEU A 83 -9.20 146.16 -7.65
CA LEU A 83 -8.89 145.59 -6.34
C LEU A 83 -7.39 145.49 -6.11
N ASP A 84 -6.62 145.09 -7.14
CA ASP A 84 -5.18 144.97 -6.94
C ASP A 84 -4.54 146.34 -6.76
N LYS A 85 -5.03 147.35 -7.49
CA LYS A 85 -4.56 148.72 -7.26
C LYS A 85 -4.93 149.19 -5.86
N LEU A 86 -6.13 148.85 -5.39
CA LEU A 86 -6.53 149.22 -4.03
C LEU A 86 -5.61 148.60 -3.00
N GLN A 87 -5.21 147.35 -3.21
CA GLN A 87 -4.20 146.74 -2.36
C GLN A 87 -2.89 147.51 -2.45
N GLU A 88 -2.49 147.91 -3.65
CA GLU A 88 -1.32 148.77 -3.81
C GLU A 88 -1.56 150.15 -3.21
N LEU A 89 -2.78 150.67 -3.36
CA LEU A 89 -3.13 151.99 -2.83
C LEU A 89 -3.08 152.00 -1.31
N THR B 9 -8.05 121.20 -72.80
CA THR B 9 -9.40 120.71 -72.55
C THR B 9 -9.26 119.24 -72.12
N ILE B 10 -8.13 118.93 -71.51
CA ILE B 10 -7.91 117.56 -71.02
C ILE B 10 -8.85 117.27 -69.87
N PRO B 11 -9.60 116.17 -69.90
CA PRO B 11 -10.54 115.89 -68.81
C PRO B 11 -9.88 115.20 -67.64
N ASN B 12 -10.11 115.70 -66.42
CA ASN B 12 -9.57 115.10 -65.21
C ASN B 12 -10.64 114.56 -64.27
N GLU B 13 -11.90 114.54 -64.69
CA GLU B 13 -12.97 114.04 -63.86
C GLU B 13 -13.02 112.52 -63.92
N GLY B 14 -13.00 111.88 -62.76
CA GLY B 14 -13.07 110.43 -62.71
C GLY B 14 -13.20 109.95 -61.28
N TYR B 15 -13.57 108.68 -61.14
CA TYR B 15 -13.71 108.09 -59.81
C TYR B 15 -12.35 107.78 -59.20
N CYS B 16 -11.31 107.67 -60.03
CA CYS B 16 -9.99 107.34 -59.52
C CYS B 16 -9.35 108.53 -58.80
N CYS B 17 -9.58 109.75 -59.33
CA CYS B 17 -8.92 110.92 -58.75
C CYS B 17 -9.49 111.27 -57.39
N GLU B 18 -10.74 110.90 -57.12
CA GLU B 18 -11.39 111.29 -55.88
C GLU B 18 -10.75 110.59 -54.68
N THR B 19 -10.57 111.35 -53.60
CA THR B 19 -10.07 110.84 -52.34
C THR B 19 -11.08 111.15 -51.25
N LEU B 20 -10.78 110.71 -50.02
CA LEU B 20 -11.74 110.85 -48.93
C LEU B 20 -11.85 112.30 -48.46
N ASN B 21 -10.87 113.14 -48.81
CA ASN B 21 -10.89 114.52 -48.34
C ASN B 21 -11.53 115.48 -49.34
N ASP B 22 -11.92 115.00 -50.51
CA ASP B 22 -12.46 115.90 -51.53
C ASP B 22 -13.87 116.34 -51.15
N PRO B 23 -14.30 117.52 -51.58
CA PRO B 23 -15.68 117.93 -51.35
C PRO B 23 -16.63 117.29 -52.35
N ILE B 24 -17.92 117.54 -52.14
CA ILE B 24 -18.95 116.96 -53.01
C ILE B 24 -18.95 117.68 -54.36
N VAL B 25 -19.50 117.01 -55.36
CA VAL B 25 -19.65 117.57 -56.70
C VAL B 25 -21.13 117.82 -56.94
N ASP B 26 -21.47 119.06 -57.34
CA ASP B 26 -22.87 119.45 -57.42
C ASP B 26 -23.57 118.77 -58.60
N LYS B 27 -22.86 118.57 -59.71
CA LYS B 27 -23.51 118.05 -60.91
C LYS B 27 -23.92 116.59 -60.75
N MET B 28 -23.23 115.85 -59.88
CA MET B 28 -23.45 114.43 -59.73
C MET B 28 -24.33 114.08 -58.53
N ILE B 29 -25.10 115.04 -58.00
CA ILE B 29 -25.99 114.73 -56.90
C ILE B 29 -27.13 113.83 -57.37
N GLY B 30 -27.61 114.04 -58.59
CA GLY B 30 -28.71 113.24 -59.10
C GLY B 30 -28.34 111.77 -59.25
N ASN B 31 -27.07 111.49 -59.51
CA ASN B 31 -26.63 110.10 -59.68
C ASN B 31 -26.58 109.40 -58.33
N ALA B 32 -27.44 108.38 -58.17
CA ALA B 32 -27.56 107.70 -56.88
C ALA B 32 -26.27 106.99 -56.50
N TYR B 33 -25.59 106.39 -57.48
CA TYR B 33 -24.34 105.70 -57.21
C TYR B 33 -23.29 106.64 -56.64
N TYR B 34 -23.20 107.85 -57.19
CA TYR B 34 -22.22 108.81 -56.71
C TYR B 34 -22.45 109.15 -55.24
N VAL B 35 -23.71 109.39 -54.87
CA VAL B 35 -24.02 109.74 -53.48
C VAL B 35 -23.72 108.56 -52.57
N VAL B 36 -24.08 107.34 -52.99
CA VAL B 36 -23.85 106.17 -52.16
C VAL B 36 -22.36 105.97 -51.92
N LYS B 37 -21.54 106.08 -52.97
CA LYS B 37 -20.11 105.91 -52.79
C LYS B 37 -19.49 107.07 -52.01
N PHE B 38 -20.05 108.28 -52.18
CA PHE B 38 -19.62 109.42 -51.39
C PHE B 38 -19.78 109.14 -49.91
N VAL B 39 -20.94 108.60 -49.50
CA VAL B 39 -21.12 108.25 -48.10
C VAL B 39 -20.25 107.07 -47.70
N ALA B 40 -20.07 106.09 -48.59
CA ALA B 40 -19.31 104.90 -48.25
C ALA B 40 -17.84 105.20 -48.00
N LEU B 41 -17.23 106.09 -48.79
CA LEU B 41 -15.81 106.38 -48.63
C LEU B 41 -15.50 107.08 -47.31
N ARG B 42 -16.41 107.90 -46.80
CA ARG B 42 -16.16 108.72 -45.61
C ARG B 42 -16.73 108.09 -44.35
N MET B 43 -16.70 106.77 -44.24
CA MET B 43 -17.17 106.11 -43.03
C MET B 43 -16.29 106.35 -41.80
N PRO B 44 -14.97 106.56 -41.90
CA PRO B 44 -14.21 106.88 -40.68
C PRO B 44 -14.74 108.07 -39.91
N PHE B 45 -15.15 109.14 -40.60
CA PHE B 45 -15.67 110.32 -39.91
C PHE B 45 -16.96 109.98 -39.16
N ILE B 46 -17.86 109.24 -39.80
CA ILE B 46 -19.12 108.89 -39.17
C ILE B 46 -18.88 107.97 -37.98
N LYS B 47 -17.92 107.06 -38.09
CA LYS B 47 -17.61 106.19 -36.97
C LYS B 47 -17.00 106.97 -35.80
N ASN B 48 -16.13 107.94 -36.10
CA ASN B 48 -15.57 108.76 -35.04
C ASN B 48 -16.65 109.57 -34.34
N VAL B 49 -17.60 110.11 -35.09
CA VAL B 49 -18.71 110.84 -34.47
C VAL B 49 -19.55 109.90 -33.62
N SER B 50 -19.83 108.69 -34.12
CA SER B 50 -20.73 107.78 -33.43
C SER B 50 -20.11 107.25 -32.14
N ASP B 51 -18.80 106.98 -32.13
CA ASP B 51 -18.17 106.43 -30.94
C ASP B 51 -18.20 107.40 -29.77
N ASN B 52 -18.13 108.70 -30.06
CA ASN B 52 -18.02 109.73 -29.04
C ASN B 52 -19.29 110.56 -28.91
N MET B 53 -20.45 109.92 -28.97
CA MET B 53 -21.69 110.69 -29.02
C MET B 53 -22.07 111.23 -27.65
N THR B 54 -21.75 110.50 -26.58
CA THR B 54 -22.07 110.99 -25.24
C THR B 54 -21.31 112.27 -24.92
N GLN B 55 -20.02 112.33 -25.30
CA GLN B 55 -19.23 113.53 -25.07
C GLN B 55 -19.80 114.72 -25.83
N LEU B 56 -20.18 114.49 -27.09
CA LEU B 56 -20.79 115.56 -27.88
C LEU B 56 -22.11 116.02 -27.27
N LEU B 57 -22.91 115.08 -26.75
CA LEU B 57 -24.17 115.47 -26.13
C LEU B 57 -23.93 116.30 -24.86
N ALA B 58 -22.95 115.91 -24.05
CA ALA B 58 -22.64 116.69 -22.86
C ALA B 58 -22.17 118.09 -23.22
N ILE B 59 -21.29 118.19 -24.22
CA ILE B 59 -20.81 119.50 -24.65
C ILE B 59 -21.94 120.35 -25.21
N HIS B 60 -22.87 119.73 -25.94
CA HIS B 60 -24.03 120.47 -26.43
C HIS B 60 -24.89 120.96 -25.28
N ASN B 61 -25.05 120.13 -24.25
CA ASN B 61 -25.84 120.54 -23.09
C ASN B 61 -25.21 121.72 -22.38
N LYS B 62 -23.89 121.73 -22.24
CA LYS B 62 -23.19 122.79 -21.52
C LYS B 62 -22.74 123.93 -22.43
N LEU B 63 -23.10 123.90 -23.71
CA LEU B 63 -22.73 124.99 -24.62
C LEU B 63 -23.32 126.32 -24.16
N THR B 64 -24.52 126.31 -23.59
CA THR B 64 -25.12 127.55 -23.12
C THR B 64 -24.26 128.20 -22.04
N GLU B 65 -23.67 127.41 -21.16
CA GLU B 65 -22.76 127.98 -20.17
C GLU B 65 -21.41 128.31 -20.80
N LEU B 66 -20.87 127.40 -21.61
CA LEU B 66 -19.56 127.61 -22.22
C LEU B 66 -19.61 128.66 -23.30
N SER B 67 -20.80 129.12 -23.64
CA SER B 67 -20.93 130.17 -24.63
C SER B 67 -20.47 131.50 -24.08
N ALA B 68 -20.80 131.79 -22.83
CA ALA B 68 -20.44 133.07 -22.23
C ALA B 68 -18.96 133.15 -21.91
N ILE B 69 -18.46 132.18 -21.16
CA ILE B 69 -17.05 132.15 -20.80
C ILE B 69 -16.19 132.80 -21.88
N TYR B 70 -16.53 132.56 -23.15
CA TYR B 70 -15.64 132.94 -24.25
C TYR B 70 -15.40 134.45 -24.28
N THR B 71 -16.38 135.25 -23.85
CA THR B 71 -16.21 136.71 -23.89
C THR B 71 -15.22 137.18 -22.84
N LYS B 72 -14.90 136.33 -21.86
CA LYS B 72 -14.13 136.75 -20.70
C LYS B 72 -12.76 136.07 -20.59
N LEU B 73 -12.22 135.53 -21.69
CA LEU B 73 -10.87 134.96 -21.63
C LEU B 73 -9.82 136.03 -21.40
N ASP B 74 -9.97 137.20 -22.04
CA ASP B 74 -8.94 138.22 -21.97
C ASP B 74 -8.70 138.69 -20.54
N GLU B 75 -9.79 138.92 -19.79
CA GLU B 75 -9.65 139.30 -18.39
C GLU B 75 -9.01 138.19 -17.57
N LEU B 76 -9.41 136.95 -17.82
CA LEU B 76 -8.88 135.83 -17.06
C LEU B 76 -7.38 135.62 -17.33
N GLN B 77 -6.91 136.02 -18.52
CA GLN B 77 -5.48 135.91 -18.80
C GLN B 77 -4.66 136.76 -17.84
N LEU B 78 -5.09 138.01 -17.59
CA LEU B 78 -4.38 138.86 -16.65
C LEU B 78 -4.63 138.41 -15.21
N ILE B 79 -5.85 137.97 -14.91
CA ILE B 79 -6.15 137.54 -13.54
C ILE B 79 -5.30 136.34 -13.16
N HIS B 80 -5.11 135.40 -14.08
CA HIS B 80 -4.28 134.22 -13.81
C HIS B 80 -2.84 134.63 -13.49
N ASN B 81 -2.29 135.57 -14.25
CA ASN B 81 -0.95 136.06 -13.95
C ASN B 81 -0.90 136.74 -12.59
N ASN B 82 -1.94 137.50 -12.25
CA ASN B 82 -1.93 138.20 -10.96
C ASN B 82 -2.09 137.25 -9.78
N LEU B 83 -2.74 136.09 -9.98
CA LEU B 83 -3.10 135.22 -8.86
C LEU B 83 -1.91 134.92 -7.94
N ASP B 84 -0.72 134.72 -8.53
CA ASP B 84 0.44 134.34 -7.72
C ASP B 84 0.76 135.39 -6.67
N LYS B 85 0.72 136.67 -7.05
CA LYS B 85 0.83 137.74 -6.07
C LYS B 85 -0.43 137.83 -5.21
N LEU B 86 -1.58 137.55 -5.82
CA LEU B 86 -2.86 137.73 -5.14
C LEU B 86 -3.06 136.79 -3.97
N GLN B 87 -2.28 135.70 -3.88
CA GLN B 87 -2.44 134.78 -2.76
C GLN B 87 -2.29 135.52 -1.43
N GLU B 88 -1.08 136.03 -1.15
CA GLU B 88 -0.84 136.99 -0.07
C GLU B 88 -1.35 136.50 1.28
N LEU B 89 -1.27 135.19 1.52
CA LEU B 89 -1.62 134.59 2.81
C LEU B 89 -3.01 135.08 3.27
N TYR B 90 -4.02 134.62 2.54
CA TYR B 90 -5.38 135.16 2.64
C TYR B 90 -5.86 135.37 4.07
N ASN B 91 -5.31 134.62 5.03
CA ASN B 91 -5.65 134.86 6.43
C ASN B 91 -5.23 136.26 6.89
N GLN B 92 -4.22 136.83 6.24
CA GLN B 92 -3.77 138.18 6.62
C GLN B 92 -4.79 139.24 6.27
N LEU B 93 -5.73 138.93 5.37
CA LEU B 93 -6.71 139.92 4.94
C LEU B 93 -7.65 140.31 6.07
N SER B 94 -8.04 139.35 6.90
CA SER B 94 -8.90 139.66 8.04
C SER B 94 -8.20 140.61 9.01
N LYS B 95 -6.91 140.36 9.28
CA LYS B 95 -6.15 141.27 10.14
C LYS B 95 -6.02 142.65 9.50
N LEU B 96 -5.78 142.70 8.19
CA LEU B 96 -5.67 143.99 7.52
C LEU B 96 -6.98 144.77 7.60
N THR B 97 -8.10 144.09 7.45
CA THR B 97 -9.39 144.74 7.65
C THR B 97 -9.55 145.22 9.09
N GLY B 98 -9.08 144.42 10.05
CA GLY B 98 -9.13 144.84 11.44
C GLY B 98 -8.26 146.06 11.71
N LEU B 99 -7.06 146.09 11.15
CA LEU B 99 -6.16 147.23 11.32
C LEU B 99 -6.59 148.40 10.44
N SER C 2 -34.62 83.70 -59.87
CA SER C 2 -33.82 84.74 -60.50
C SER C 2 -33.49 85.85 -59.52
N GLY C 3 -32.94 86.95 -60.03
CA GLY C 3 -32.55 88.05 -59.19
C GLY C 3 -32.77 89.37 -59.89
N HIS C 4 -32.77 90.44 -59.10
CA HIS C 4 -32.98 91.79 -59.59
C HIS C 4 -31.66 92.56 -59.52
N THR C 5 -31.24 93.12 -60.64
CA THR C 5 -29.98 93.84 -60.67
C THR C 5 -30.11 95.15 -59.90
N PRO C 6 -29.24 95.40 -58.91
CA PRO C 6 -29.36 96.63 -58.12
C PRO C 6 -29.29 97.91 -58.94
N PHE C 7 -28.55 97.93 -60.05
CA PHE C 7 -28.48 99.11 -60.90
C PHE C 7 -29.68 99.25 -61.81
N ASN C 8 -30.62 98.30 -61.77
CA ASN C 8 -31.82 98.38 -62.59
C ASN C 8 -32.87 99.27 -61.91
N THR C 9 -32.45 100.48 -61.57
CA THR C 9 -33.38 101.47 -61.08
C THR C 9 -34.20 102.02 -62.24
N ILE C 10 -35.28 102.71 -61.92
CA ILE C 10 -36.25 103.17 -62.90
C ILE C 10 -36.67 101.99 -63.77
N PRO C 11 -37.28 100.94 -63.20
CA PRO C 11 -37.93 99.92 -64.03
C PRO C 11 -39.42 100.17 -64.24
N ASN C 12 -39.88 101.37 -63.90
CA ASN C 12 -41.30 101.67 -63.74
C ASN C 12 -42.00 101.86 -65.09
N GLU C 13 -41.88 100.84 -65.93
CA GLU C 13 -42.53 100.88 -67.24
C GLU C 13 -44.04 100.76 -67.12
N GLY C 14 -44.53 99.79 -66.36
CA GLY C 14 -45.97 99.60 -66.24
C GLY C 14 -46.66 100.74 -65.51
N TYR C 15 -46.08 101.16 -64.38
CA TYR C 15 -46.62 102.25 -63.59
C TYR C 15 -45.47 103.13 -63.14
N CYS C 16 -45.75 104.43 -63.00
CA CYS C 16 -44.68 105.42 -62.93
C CYS C 16 -43.98 105.45 -61.57
N CYS C 17 -44.71 105.14 -60.50
CA CYS C 17 -44.21 105.41 -59.16
C CYS C 17 -43.01 104.54 -58.80
N GLU C 18 -42.16 105.08 -57.91
CA GLU C 18 -41.03 104.40 -57.28
C GLU C 18 -39.83 104.26 -58.21
N THR C 19 -38.63 104.22 -57.63
CA THR C 19 -37.39 104.09 -58.38
C THR C 19 -36.50 102.95 -57.93
N LEU C 20 -36.75 102.37 -56.75
CA LEU C 20 -36.01 101.20 -56.26
C LEU C 20 -34.52 101.50 -56.10
N ASN C 21 -34.21 102.45 -55.21
CA ASN C 21 -32.82 102.83 -54.96
C ASN C 21 -32.21 102.13 -53.75
N ASP C 22 -32.99 101.37 -52.99
CA ASP C 22 -32.47 100.66 -51.82
C ASP C 22 -31.38 99.63 -52.15
N PRO C 23 -31.49 98.82 -53.21
CA PRO C 23 -30.47 97.79 -53.44
C PRO C 23 -29.04 98.33 -53.57
N ILE C 24 -28.85 99.52 -54.13
CA ILE C 24 -27.49 100.07 -54.21
C ILE C 24 -26.95 100.36 -52.81
N VAL C 25 -27.80 100.91 -51.94
CA VAL C 25 -27.40 101.14 -50.56
C VAL C 25 -27.06 99.83 -49.87
N ASP C 26 -27.87 98.80 -50.09
CA ASP C 26 -27.58 97.50 -49.48
C ASP C 26 -26.26 96.95 -50.01
N LYS C 27 -25.99 97.14 -51.31
CA LYS C 27 -24.80 96.58 -51.92
C LYS C 27 -23.53 97.24 -51.40
N MET C 28 -23.51 98.57 -51.32
CA MET C 28 -22.25 99.25 -50.99
C MET C 28 -22.14 99.55 -49.50
N ILE C 29 -23.21 100.03 -48.88
CA ILE C 29 -23.17 100.46 -47.49
C ILE C 29 -23.86 99.43 -46.60
N GLY C 30 -23.82 98.17 -47.01
CA GLY C 30 -24.46 97.12 -46.22
C GLY C 30 -23.81 96.96 -44.86
N ASN C 31 -24.64 96.66 -43.87
CA ASN C 31 -24.22 96.38 -42.49
C ASN C 31 -23.73 97.64 -41.78
N ALA C 32 -23.61 98.74 -42.52
CA ALA C 32 -23.18 100.01 -41.96
C ALA C 32 -24.24 101.09 -42.10
N TYR C 33 -25.45 100.72 -42.52
CA TYR C 33 -26.53 101.69 -42.61
C TYR C 33 -26.99 102.14 -41.23
N TYR C 34 -26.87 101.25 -40.24
CA TYR C 34 -27.37 101.57 -38.91
C TYR C 34 -26.58 102.69 -38.25
N VAL C 35 -25.26 102.71 -38.46
CA VAL C 35 -24.45 103.81 -37.94
C VAL C 35 -24.83 105.12 -38.62
N VAL C 36 -25.09 105.06 -39.92
CA VAL C 36 -25.50 106.25 -40.66
C VAL C 36 -26.82 106.80 -40.11
N LYS C 37 -27.78 105.91 -39.84
CA LYS C 37 -29.04 106.37 -39.26
C LYS C 37 -28.86 106.90 -37.85
N PHE C 38 -27.98 106.26 -37.07
CA PHE C 38 -27.71 106.73 -35.72
C PHE C 38 -27.17 108.14 -35.72
N VAL C 39 -26.25 108.44 -36.64
CA VAL C 39 -25.74 109.80 -36.75
C VAL C 39 -26.82 110.74 -37.29
N ALA C 40 -27.63 110.27 -38.22
CA ALA C 40 -28.62 111.14 -38.86
C ALA C 40 -29.72 111.57 -37.89
N LEU C 41 -30.11 110.69 -36.98
CA LEU C 41 -31.20 111.01 -36.05
C LEU C 41 -30.82 112.18 -35.15
N ARG C 42 -29.58 112.20 -34.65
CA ARG C 42 -29.12 113.21 -33.71
C ARG C 42 -28.30 114.29 -34.40
N MET C 43 -28.66 114.67 -35.61
CA MET C 43 -27.86 115.58 -36.42
C MET C 43 -27.95 117.05 -35.97
N PRO C 44 -29.10 117.54 -35.47
CA PRO C 44 -29.11 118.92 -34.95
C PRO C 44 -28.07 119.18 -33.88
N PHE C 45 -27.82 118.21 -33.00
CA PHE C 45 -26.76 118.39 -32.00
C PHE C 45 -25.40 118.56 -32.67
N ILE C 46 -25.13 117.76 -33.70
CA ILE C 46 -23.86 117.88 -34.41
C ILE C 46 -23.75 119.24 -35.08
N LYS C 47 -24.84 119.72 -35.67
CA LYS C 47 -24.83 121.03 -36.31
C LYS C 47 -24.55 122.13 -35.30
N ASN C 48 -25.20 122.07 -34.13
CA ASN C 48 -24.97 123.07 -33.11
C ASN C 48 -23.53 123.05 -32.60
N VAL C 49 -22.98 121.86 -32.39
CA VAL C 49 -21.60 121.76 -31.92
C VAL C 49 -20.63 122.29 -32.97
N SER C 50 -20.87 121.97 -34.24
CA SER C 50 -19.98 122.42 -35.30
C SER C 50 -20.06 123.93 -35.49
N ASP C 51 -21.25 124.51 -35.29
CA ASP C 51 -21.38 125.96 -35.45
C ASP C 51 -20.50 126.72 -34.46
N ASN C 52 -20.25 126.16 -33.29
CA ASN C 52 -19.42 126.78 -32.27
C ASN C 52 -18.03 126.14 -32.18
N MET C 53 -17.46 125.83 -33.32
CA MET C 53 -16.14 125.24 -33.32
C MET C 53 -15.10 126.29 -32.98
N THR C 54 -15.18 127.49 -33.55
CA THR C 54 -14.12 128.46 -33.27
C THR C 54 -13.98 128.66 -31.79
N GLN C 55 -15.09 128.98 -31.14
CA GLN C 55 -15.06 129.21 -29.70
C GLN C 55 -14.60 128.00 -28.91
N LEU C 56 -15.14 126.83 -29.24
CA LEU C 56 -14.82 125.63 -28.45
C LEU C 56 -13.37 125.22 -28.63
N LEU C 57 -12.65 125.85 -29.56
CA LEU C 57 -11.21 125.59 -29.66
C LEU C 57 -10.46 126.60 -28.76
N ALA C 58 -11.04 127.78 -28.61
CA ALA C 58 -10.40 128.81 -27.79
C ALA C 58 -10.52 128.49 -26.30
N ILE C 59 -11.66 127.95 -25.88
CA ILE C 59 -11.79 127.56 -24.49
C ILE C 59 -10.73 126.52 -24.22
N HIS C 60 -10.37 125.76 -25.26
CA HIS C 60 -9.31 124.76 -25.12
C HIS C 60 -7.93 125.39 -24.96
N ASN C 61 -7.58 126.31 -25.85
CA ASN C 61 -6.26 126.98 -25.76
C ASN C 61 -5.95 127.60 -24.38
N LYS C 62 -6.83 127.50 -23.40
CA LYS C 62 -6.68 128.04 -22.05
C LYS C 62 -7.18 127.10 -20.96
N LEU C 63 -7.14 125.79 -21.19
CA LEU C 63 -7.74 124.86 -20.22
C LEU C 63 -6.91 124.78 -18.95
N THR C 64 -5.58 124.70 -19.07
CA THR C 64 -4.74 124.64 -17.88
C THR C 64 -4.84 125.90 -17.05
N GLU C 65 -4.87 127.06 -17.72
CA GLU C 65 -5.03 128.33 -17.00
C GLU C 65 -6.37 128.38 -16.28
N LEU C 66 -7.44 127.92 -16.94
CA LEU C 66 -8.75 127.91 -16.30
C LEU C 66 -8.78 126.97 -15.12
N SER C 67 -8.11 125.82 -15.21
CA SER C 67 -8.03 124.92 -14.07
C SER C 67 -7.27 125.55 -12.91
N ALA C 68 -6.16 126.23 -13.21
CA ALA C 68 -5.41 126.91 -12.16
C ALA C 68 -6.24 127.98 -11.48
N ILE C 69 -7.02 128.73 -12.27
CA ILE C 69 -7.92 129.73 -11.69
C ILE C 69 -8.99 129.06 -10.85
N TYR C 70 -9.52 127.93 -11.33
CA TYR C 70 -10.57 127.21 -10.60
C TYR C 70 -10.07 126.70 -9.25
N THR C 71 -8.77 126.39 -9.15
CA THR C 71 -8.24 125.88 -7.89
C THR C 71 -8.37 126.89 -6.75
N LYS C 72 -8.59 128.16 -7.05
CA LYS C 72 -8.65 129.20 -6.02
C LYS C 72 -9.98 129.96 -6.00
N LEU C 73 -11.04 129.37 -6.56
CA LEU C 73 -12.31 130.09 -6.69
C LEU C 73 -12.87 130.50 -5.34
N ASP C 74 -12.82 129.61 -4.35
CA ASP C 74 -13.32 129.96 -3.02
C ASP C 74 -12.51 131.09 -2.41
N GLU C 75 -11.19 131.08 -2.64
CA GLU C 75 -10.32 132.07 -2.03
C GLU C 75 -10.39 133.42 -2.74
N LEU C 76 -10.90 133.46 -3.97
CA LEU C 76 -10.83 134.68 -4.77
C LEU C 76 -11.67 135.81 -4.19
N GLN C 77 -12.87 135.49 -3.68
CA GLN C 77 -13.78 136.56 -3.24
C GLN C 77 -13.22 137.32 -2.05
N LEU C 78 -12.82 136.60 -1.00
CA LEU C 78 -12.02 137.12 0.13
C LEU C 78 -12.60 138.39 0.76
N ILE C 79 -13.89 138.65 0.50
CA ILE C 79 -14.60 139.78 1.11
C ILE C 79 -13.82 141.08 0.91
N HIS C 80 -13.78 141.57 -0.33
CA HIS C 80 -12.90 142.69 -0.66
C HIS C 80 -13.42 144.02 -0.12
N ASN C 81 -14.70 144.09 0.25
CA ASN C 81 -15.31 145.38 0.57
C ASN C 81 -14.67 146.03 1.79
N ASN C 82 -14.50 145.26 2.88
CA ASN C 82 -13.94 145.83 4.10
C ASN C 82 -12.50 146.30 3.90
N LEU C 83 -11.69 145.49 3.22
CA LEU C 83 -10.31 145.88 2.99
C LEU C 83 -10.21 147.08 2.05
N ASP C 84 -11.12 147.18 1.08
CA ASP C 84 -11.17 148.37 0.24
C ASP C 84 -11.50 149.62 1.07
N LYS C 85 -12.49 149.50 1.96
CA LYS C 85 -12.85 150.65 2.80
C LYS C 85 -11.69 151.06 3.70
N LEU C 86 -10.99 150.08 4.28
CA LEU C 86 -9.83 150.41 5.10
C LEU C 86 -8.70 151.03 4.28
N GLN C 87 -8.50 150.53 3.06
CA GLN C 87 -7.43 151.06 2.21
C GLN C 87 -7.75 152.47 1.73
N GLU C 88 -9.04 152.80 1.63
CA GLU C 88 -9.41 154.14 1.16
C GLU C 88 -9.01 155.21 2.17
N LEU C 89 -8.85 154.83 3.43
CA LEU C 89 -8.43 155.78 4.47
C LEU C 89 -7.00 156.24 4.25
N ASN D 21 -74.02 83.74 -39.25
CA ASN D 21 -75.32 83.14 -39.05
C ASN D 21 -76.19 84.00 -38.15
N ASP D 22 -76.20 83.69 -36.86
CA ASP D 22 -76.96 84.49 -35.91
C ASP D 22 -76.35 85.88 -35.78
N PRO D 23 -77.11 86.94 -36.01
CA PRO D 23 -76.53 88.29 -35.99
C PRO D 23 -75.94 88.67 -34.63
N ILE D 24 -76.68 88.42 -33.56
CA ILE D 24 -76.21 88.79 -32.23
C ILE D 24 -75.06 87.90 -31.80
N VAL D 25 -75.15 86.60 -32.08
CA VAL D 25 -74.15 85.65 -31.57
C VAL D 25 -72.85 85.77 -32.36
N ASP D 26 -72.93 85.79 -33.68
CA ASP D 26 -71.75 85.73 -34.54
C ASP D 26 -71.36 87.13 -35.00
N LYS D 27 -70.09 87.47 -34.85
CA LYS D 27 -69.54 88.74 -35.29
C LYS D 27 -68.92 88.57 -36.68
N MET D 28 -69.18 89.55 -37.55
CA MET D 28 -68.94 89.35 -38.97
C MET D 28 -67.45 89.26 -39.28
N ILE D 29 -66.64 90.11 -38.64
CA ILE D 29 -65.19 90.05 -38.84
C ILE D 29 -64.61 88.78 -38.25
N GLY D 30 -65.17 88.32 -37.14
CA GLY D 30 -64.68 87.12 -36.48
C GLY D 30 -64.79 87.19 -34.98
N ASN D 31 -65.23 86.11 -34.35
CA ASN D 31 -65.43 86.11 -32.91
C ASN D 31 -64.11 86.33 -32.17
N ALA D 32 -63.09 85.53 -32.49
CA ALA D 32 -61.80 85.65 -31.82
C ALA D 32 -61.18 87.02 -32.09
N TYR D 33 -61.24 87.49 -33.34
CA TYR D 33 -60.69 88.80 -33.64
C TYR D 33 -61.46 89.91 -32.95
N TYR D 34 -62.78 89.76 -32.84
CA TYR D 34 -63.56 90.77 -32.13
C TYR D 34 -63.15 90.84 -30.67
N VAL D 35 -62.97 89.68 -30.02
CA VAL D 35 -62.54 89.69 -28.63
C VAL D 35 -61.14 90.28 -28.50
N VAL D 36 -60.24 89.94 -29.43
CA VAL D 36 -58.88 90.46 -29.37
C VAL D 36 -58.86 91.98 -29.52
N LYS D 37 -59.64 92.50 -30.47
CA LYS D 37 -59.74 93.95 -30.63
C LYS D 37 -60.34 94.60 -29.40
N PHE D 38 -61.37 94.00 -28.82
CA PHE D 38 -61.99 94.54 -27.61
C PHE D 38 -60.97 94.64 -26.49
N VAL D 39 -60.14 93.61 -26.32
CA VAL D 39 -59.10 93.66 -25.30
C VAL D 39 -58.07 94.72 -25.65
N ALA D 40 -57.73 94.86 -26.94
CA ALA D 40 -56.69 95.80 -27.34
C ALA D 40 -57.10 97.24 -27.05
N LEU D 41 -58.34 97.60 -27.33
CA LEU D 41 -58.76 98.99 -27.12
C LEU D 41 -58.83 99.35 -25.63
N ARG D 42 -58.89 98.37 -24.74
CA ARG D 42 -58.95 98.61 -23.31
C ARG D 42 -57.66 98.19 -22.60
N MET D 43 -56.52 98.44 -23.23
CA MET D 43 -55.24 98.03 -22.64
C MET D 43 -54.78 98.90 -21.47
N PRO D 44 -54.97 100.23 -21.46
CA PRO D 44 -54.45 101.02 -20.34
C PRO D 44 -54.95 100.57 -18.97
N PHE D 45 -56.21 100.14 -18.88
CA PHE D 45 -56.73 99.68 -17.59
C PHE D 45 -55.98 98.45 -17.11
N ILE D 46 -55.77 97.48 -18.01
CA ILE D 46 -55.04 96.26 -17.63
C ILE D 46 -53.60 96.60 -17.26
N LYS D 47 -52.98 97.53 -17.99
CA LYS D 47 -51.61 97.92 -17.66
C LYS D 47 -51.54 98.57 -16.29
N ASN D 48 -52.47 99.48 -15.99
CA ASN D 48 -52.48 100.16 -14.70
C ASN D 48 -52.68 99.17 -13.57
N VAL D 49 -53.58 98.21 -13.74
CA VAL D 49 -53.78 97.20 -12.72
C VAL D 49 -52.52 96.35 -12.56
N SER D 50 -51.92 95.93 -13.68
CA SER D 50 -50.83 94.97 -13.62
C SER D 50 -49.56 95.58 -13.03
N ASP D 51 -49.37 96.88 -13.20
CA ASP D 51 -48.19 97.53 -12.62
C ASP D 51 -48.19 97.43 -11.10
N ASN D 52 -49.35 97.19 -10.49
CA ASN D 52 -49.51 97.25 -9.05
C ASN D 52 -50.07 95.96 -8.45
N MET D 53 -49.51 94.80 -8.81
CA MET D 53 -49.88 93.56 -8.12
C MET D 53 -49.49 93.59 -6.65
N THR D 54 -48.30 94.10 -6.34
CA THR D 54 -47.84 94.08 -4.95
C THR D 54 -48.76 94.90 -4.04
N GLN D 55 -49.12 96.10 -4.47
CA GLN D 55 -49.96 96.97 -3.65
C GLN D 55 -51.35 96.35 -3.45
N LEU D 56 -51.94 95.81 -4.50
CA LEU D 56 -53.27 95.21 -4.36
C LEU D 56 -53.24 93.95 -3.52
N LEU D 57 -52.17 93.15 -3.63
CA LEU D 57 -52.03 91.99 -2.77
C LEU D 57 -51.90 92.41 -1.31
N ALA D 58 -51.12 93.46 -1.04
CA ALA D 58 -51.00 93.96 0.33
C ALA D 58 -52.34 94.45 0.86
N ILE D 59 -53.12 95.14 0.02
CA ILE D 59 -54.44 95.59 0.43
C ILE D 59 -55.34 94.39 0.72
N HIS D 60 -55.27 93.35 -0.13
CA HIS D 60 -56.09 92.17 0.07
C HIS D 60 -55.71 91.44 1.35
N ASN D 61 -54.44 91.51 1.75
CA ASN D 61 -54.01 90.86 2.98
C ASN D 61 -54.74 91.41 4.20
N LYS D 62 -54.93 92.73 4.25
CA LYS D 62 -55.50 93.40 5.41
C LYS D 62 -56.95 93.82 5.21
N LEU D 63 -57.74 93.00 4.50
CA LEU D 63 -59.12 93.39 4.21
C LEU D 63 -60.00 93.28 5.44
N THR D 64 -59.79 92.25 6.27
CA THR D 64 -60.60 92.07 7.47
C THR D 64 -60.42 93.25 8.43
N GLU D 65 -59.18 93.69 8.62
CA GLU D 65 -58.92 94.83 9.50
C GLU D 65 -59.59 96.10 8.97
N LEU D 66 -59.51 96.32 7.66
CA LEU D 66 -60.15 97.49 7.07
C LEU D 66 -61.66 97.43 7.24
N SER D 67 -62.25 96.24 7.06
CA SER D 67 -63.69 96.10 7.27
C SER D 67 -64.06 96.38 8.72
N ALA D 68 -63.27 95.87 9.66
CA ALA D 68 -63.55 96.11 11.08
C ALA D 68 -63.46 97.60 11.41
N ILE D 69 -62.46 98.29 10.85
CA ILE D 69 -62.36 99.73 11.07
C ILE D 69 -63.54 100.45 10.44
N TYR D 70 -64.01 99.96 9.29
CA TYR D 70 -65.18 100.57 8.66
C TYR D 70 -66.42 100.43 9.52
N THR D 71 -66.60 99.25 10.14
CA THR D 71 -67.75 99.06 11.02
C THR D 71 -67.72 100.02 12.19
N LYS D 72 -66.53 100.47 12.59
CA LYS D 72 -66.35 101.40 13.69
C LYS D 72 -65.99 102.80 13.24
N LEU D 73 -66.35 103.18 12.00
CA LEU D 73 -65.94 104.49 11.49
C LEU D 73 -66.72 105.62 12.15
N ASP D 74 -68.05 105.48 12.27
CA ASP D 74 -68.86 106.54 12.84
C ASP D 74 -68.49 106.80 14.30
N GLU D 75 -68.34 105.73 15.08
CA GLU D 75 -67.85 105.86 16.45
C GLU D 75 -66.33 105.76 16.42
N LEU D 76 -65.71 105.64 17.60
CA LEU D 76 -64.30 105.26 17.73
C LEU D 76 -63.38 106.39 17.26
N GLN D 77 -63.94 107.42 16.63
CA GLN D 77 -63.15 108.61 16.33
C GLN D 77 -63.47 109.72 17.33
N LEU D 78 -64.73 110.15 17.39
CA LEU D 78 -65.22 111.10 18.38
C LEU D 78 -64.35 112.35 18.44
N ILE D 79 -63.67 112.65 17.33
CA ILE D 79 -62.64 113.68 17.29
C ILE D 79 -61.66 113.41 18.43
N HIS D 80 -60.80 112.40 18.24
CA HIS D 80 -59.93 111.92 19.31
C HIS D 80 -59.11 113.02 19.96
N ASN D 81 -58.90 114.15 19.27
CA ASN D 81 -58.29 115.30 19.93
C ASN D 81 -59.17 115.81 21.08
N ASN D 82 -60.49 115.82 20.86
CA ASN D 82 -61.40 116.28 21.90
C ASN D 82 -61.31 115.39 23.14
N LEU D 83 -60.95 114.12 22.96
CA LEU D 83 -60.90 113.21 24.10
C LEU D 83 -59.87 113.63 25.14
N ASP D 84 -58.67 114.02 24.70
CA ASP D 84 -57.67 114.46 25.67
C ASP D 84 -57.81 115.96 25.96
N LYS D 85 -58.44 116.70 25.04
CA LYS D 85 -58.76 118.10 25.35
C LYS D 85 -59.73 118.18 26.52
N LEU D 86 -60.67 117.23 26.61
CA LEU D 86 -61.62 117.23 27.72
C LEU D 86 -60.91 117.05 29.05
N GLN D 87 -59.91 116.16 29.11
CA GLN D 87 -59.09 116.08 30.31
C GLN D 87 -58.33 117.38 30.55
N GLU D 88 -57.78 117.97 29.48
CA GLU D 88 -57.15 119.29 29.61
C GLU D 88 -58.16 120.34 30.03
N LEU D 89 -59.37 120.30 29.46
CA LEU D 89 -60.41 121.24 29.83
C LEU D 89 -61.33 120.66 30.90
N THR E 9 -38.60 114.80 -39.72
CA THR E 9 -37.82 114.56 -40.93
C THR E 9 -37.53 113.07 -41.12
N ILE E 10 -36.51 112.58 -40.43
CA ILE E 10 -36.13 111.17 -40.57
C ILE E 10 -37.19 110.29 -39.90
N PRO E 11 -37.77 109.33 -40.60
CA PRO E 11 -38.79 108.47 -39.97
C PRO E 11 -38.13 107.43 -39.08
N ASN E 12 -38.74 107.20 -37.91
CA ASN E 12 -38.24 106.21 -36.95
C ASN E 12 -39.42 105.39 -36.41
N GLU E 13 -40.27 104.94 -37.31
CA GLU E 13 -41.42 104.11 -36.96
C GLU E 13 -41.23 102.72 -37.53
N GLY E 14 -41.41 101.71 -36.69
CA GLY E 14 -41.26 100.33 -37.13
C GLY E 14 -41.61 99.37 -36.01
N TYR E 15 -41.63 98.09 -36.37
CA TYR E 15 -41.95 97.06 -35.38
C TYR E 15 -40.78 96.82 -34.44
N CYS E 16 -39.56 97.12 -34.88
CA CYS E 16 -38.39 96.92 -34.03
C CYS E 16 -38.36 97.95 -32.90
N CYS E 17 -38.67 99.21 -33.20
CA CYS E 17 -38.61 100.25 -32.18
C CYS E 17 -39.71 100.08 -31.16
N GLU E 18 -40.77 99.37 -31.51
CA GLU E 18 -41.91 99.20 -30.62
C GLU E 18 -41.52 98.39 -29.39
N THR E 19 -42.01 98.82 -28.22
CA THR E 19 -41.80 98.13 -26.97
C THR E 19 -43.16 97.91 -26.30
N LEU E 20 -43.17 97.03 -25.29
CA LEU E 20 -44.42 96.65 -24.66
C LEU E 20 -44.99 97.78 -23.81
N ASN E 21 -44.15 98.74 -23.42
CA ASN E 21 -44.63 99.86 -22.62
C ASN E 21 -45.23 100.98 -23.47
N ASP E 22 -45.13 100.92 -24.79
CA ASP E 22 -45.61 101.99 -25.62
C ASP E 22 -47.13 101.97 -25.73
N PRO E 23 -47.76 103.12 -25.96
CA PRO E 23 -49.21 103.14 -26.21
C PRO E 23 -49.54 102.69 -27.62
N ILE E 24 -50.84 102.44 -27.84
CA ILE E 24 -51.30 101.99 -29.14
C ILE E 24 -51.22 103.14 -30.14
N VAL E 25 -51.15 102.78 -31.42
CA VAL E 25 -51.10 103.75 -32.52
C VAL E 25 -52.47 103.78 -33.17
N ASP E 26 -53.06 104.98 -33.27
CA ASP E 26 -54.41 105.10 -33.82
C ASP E 26 -54.44 104.87 -35.33
N LYS E 27 -53.32 105.04 -36.02
CA LYS E 27 -53.31 104.84 -37.47
C LYS E 27 -53.49 103.38 -37.84
N MET E 28 -52.83 102.48 -37.11
CA MET E 28 -52.77 101.07 -37.47
C MET E 28 -53.86 100.24 -36.79
N ILE E 29 -54.92 100.87 -36.28
CA ILE E 29 -56.01 100.11 -35.69
C ILE E 29 -56.73 99.28 -36.74
N GLY E 30 -56.88 99.82 -37.96
CA GLY E 30 -57.55 99.08 -39.01
C GLY E 30 -56.78 97.84 -39.45
N ASN E 31 -55.47 97.84 -39.24
CA ASN E 31 -54.65 96.72 -39.65
C ASN E 31 -54.79 95.59 -38.64
N ALA E 32 -55.29 94.43 -39.10
CA ALA E 32 -55.56 93.32 -38.20
C ALA E 32 -54.28 92.78 -37.58
N TYR E 33 -53.22 92.67 -38.37
CA TYR E 33 -51.97 92.11 -37.85
C TYR E 33 -51.42 92.99 -36.73
N TYR E 34 -51.51 94.32 -36.88
CA TYR E 34 -50.99 95.20 -35.84
C TYR E 34 -51.72 94.97 -34.53
N VAL E 35 -53.05 94.86 -34.56
CA VAL E 35 -53.82 94.64 -33.34
C VAL E 35 -53.46 93.29 -32.72
N VAL E 36 -53.36 92.25 -33.56
CA VAL E 36 -53.05 90.93 -33.04
C VAL E 36 -51.68 90.91 -32.37
N LYS E 37 -50.68 91.52 -33.01
CA LYS E 37 -49.35 91.55 -32.41
C LYS E 37 -49.30 92.44 -31.18
N PHE E 38 -50.09 93.52 -31.17
CA PHE E 38 -50.15 94.39 -30.00
C PHE E 38 -50.68 93.62 -28.80
N VAL E 39 -51.71 92.80 -29.00
CA VAL E 39 -52.20 91.96 -27.90
C VAL E 39 -51.19 90.87 -27.55
N ALA E 40 -50.50 90.33 -28.57
CA ALA E 40 -49.57 89.23 -28.32
C ALA E 40 -48.37 89.65 -27.49
N LEU E 41 -47.83 90.84 -27.76
CA LEU E 41 -46.64 91.29 -27.04
C LEU E 41 -46.91 91.52 -25.56
N ARG E 42 -48.12 91.98 -25.22
CA ARG E 42 -48.45 92.37 -23.86
C ARG E 42 -49.18 91.28 -23.10
N MET E 43 -48.81 90.02 -23.35
CA MET E 43 -49.40 88.86 -22.68
C MET E 43 -49.03 88.75 -21.21
N PRO E 44 -47.82 89.18 -20.77
CA PRO E 44 -47.54 89.14 -19.33
C PRO E 44 -48.55 89.89 -18.48
N PHE E 45 -49.02 91.06 -18.94
CA PHE E 45 -50.00 91.81 -18.16
C PHE E 45 -51.31 91.02 -18.02
N ILE E 46 -51.76 90.44 -19.13
CA ILE E 46 -53.01 89.68 -19.10
C ILE E 46 -52.87 88.46 -18.21
N LYS E 47 -51.72 87.78 -18.27
CA LYS E 47 -51.50 86.63 -17.41
C LYS E 47 -51.47 87.01 -15.94
N ASN E 48 -50.82 88.13 -15.61
CA ASN E 48 -50.79 88.59 -14.23
C ASN E 48 -52.19 88.93 -13.73
N VAL E 49 -53.00 89.58 -14.57
CA VAL E 49 -54.37 89.89 -14.16
C VAL E 49 -55.17 88.61 -13.95
N SER E 50 -55.02 87.65 -14.85
CA SER E 50 -55.83 86.42 -14.76
C SER E 50 -55.42 85.58 -13.55
N ASP E 51 -54.13 85.56 -13.21
CA ASP E 51 -53.67 84.75 -12.08
C ASP E 51 -54.26 85.24 -10.77
N ASN E 52 -54.37 86.55 -10.60
CA ASN E 52 -54.80 87.16 -9.35
C ASN E 52 -56.24 87.67 -9.41
N MET E 53 -57.14 86.95 -10.08
CA MET E 53 -58.48 87.45 -10.31
C MET E 53 -59.30 87.44 -9.02
N THR E 54 -59.09 86.44 -8.17
CA THR E 54 -59.85 86.37 -6.91
C THR E 54 -59.54 87.56 -6.02
N GLN E 55 -58.27 87.95 -5.94
CA GLN E 55 -57.90 89.12 -5.14
C GLN E 55 -58.55 90.39 -5.68
N LEU E 56 -58.54 90.56 -6.99
CA LEU E 56 -59.18 91.72 -7.59
C LEU E 56 -60.67 91.75 -7.31
N LEU E 57 -61.33 90.58 -7.39
CA LEU E 57 -62.76 90.53 -7.09
C LEU E 57 -63.03 90.86 -5.63
N ALA E 58 -62.21 90.34 -4.72
CA ALA E 58 -62.38 90.64 -3.30
C ALA E 58 -62.20 92.12 -3.03
N ILE E 59 -61.20 92.75 -3.65
CA ILE E 59 -61.01 94.19 -3.49
C ILE E 59 -62.19 94.96 -4.08
N HIS E 60 -62.73 94.47 -5.20
CA HIS E 60 -63.86 95.15 -5.83
C HIS E 60 -65.10 95.07 -4.96
N ASN E 61 -65.26 93.97 -4.21
CA ASN E 61 -66.42 93.85 -3.33
C ASN E 61 -66.41 94.90 -2.23
N LYS E 62 -65.23 95.26 -1.73
CA LYS E 62 -65.08 96.19 -0.62
C LYS E 62 -64.68 97.59 -1.05
N LEU E 63 -65.18 98.06 -2.20
CA LEU E 63 -64.74 99.35 -2.71
C LEU E 63 -65.30 100.50 -1.89
N THR E 64 -66.57 100.42 -1.53
CA THR E 64 -67.22 101.49 -0.77
C THR E 64 -66.50 101.75 0.53
N GLU E 65 -66.15 100.70 1.25
CA GLU E 65 -65.42 100.86 2.51
C GLU E 65 -64.06 101.48 2.25
N LEU E 66 -63.41 101.08 1.17
CA LEU E 66 -62.08 101.59 0.93
C LEU E 66 -62.21 103.07 0.66
N SER E 67 -63.15 103.42 -0.21
CA SER E 67 -63.38 104.84 -0.47
C SER E 67 -63.62 105.58 0.83
N ALA E 68 -64.42 104.99 1.72
CA ALA E 68 -64.72 105.64 2.99
C ALA E 68 -63.50 105.75 3.89
N ILE E 69 -62.79 104.64 4.07
CA ILE E 69 -61.64 104.66 4.96
C ILE E 69 -60.68 105.70 4.43
N TYR E 70 -60.77 106.00 3.14
CA TYR E 70 -59.93 107.06 2.58
C TYR E 70 -60.43 108.43 3.01
N THR E 71 -61.73 108.68 2.86
CA THR E 71 -62.30 109.98 3.20
C THR E 71 -61.95 110.41 4.62
N LYS E 72 -61.65 109.45 5.51
CA LYS E 72 -61.35 109.73 6.90
C LYS E 72 -59.90 109.38 7.27
N LEU E 73 -58.95 109.60 6.35
CA LEU E 73 -57.59 109.16 6.59
C LEU E 73 -56.88 110.08 7.60
N ASP E 74 -57.10 111.38 7.50
CA ASP E 74 -56.42 112.32 8.39
C ASP E 74 -56.83 112.12 9.85
N GLU E 75 -58.12 111.87 10.08
CA GLU E 75 -58.57 111.60 11.44
C GLU E 75 -57.93 110.32 11.97
N LEU E 76 -57.78 109.31 11.13
CA LEU E 76 -57.11 108.08 11.57
C LEU E 76 -55.64 108.35 11.89
N GLN E 77 -54.99 109.22 11.12
CA GLN E 77 -53.62 109.61 11.45
C GLN E 77 -53.56 110.29 12.81
N LEU E 78 -54.52 111.18 13.09
CA LEU E 78 -54.56 111.86 14.39
C LEU E 78 -54.76 110.87 15.52
N ILE E 79 -55.67 109.90 15.33
CA ILE E 79 -55.90 108.89 16.37
C ILE E 79 -54.65 108.04 16.58
N HIS E 80 -53.95 107.69 15.49
CA HIS E 80 -52.71 106.93 15.62
C HIS E 80 -51.66 107.72 16.39
N ASN E 81 -51.53 109.02 16.10
CA ASN E 81 -50.57 109.84 16.82
C ASN E 81 -50.93 109.94 18.29
N ASN E 82 -52.22 110.08 18.61
CA ASN E 82 -52.64 110.18 20.00
C ASN E 82 -52.42 108.87 20.75
N LEU E 83 -52.64 107.74 20.07
CA LEU E 83 -52.61 106.44 20.76
C LEU E 83 -51.24 106.13 21.34
N ASP E 84 -50.20 106.86 20.91
CA ASP E 84 -48.87 106.64 21.47
C ASP E 84 -48.83 106.95 22.96
N LYS E 85 -49.51 108.01 23.38
CA LYS E 85 -49.54 108.42 24.78
C LYS E 85 -50.93 108.41 25.39
N LEU E 86 -51.96 108.06 24.62
CA LEU E 86 -53.34 108.06 25.11
C LEU E 86 -53.82 106.69 25.52
N GLN E 87 -52.92 105.76 25.85
CA GLN E 87 -53.34 104.53 26.51
C GLN E 87 -53.95 104.84 27.87
N GLU E 88 -53.32 105.75 28.61
CA GLU E 88 -53.93 106.41 29.77
C GLU E 88 -54.40 105.41 30.83
N LEU E 89 -53.73 104.26 30.90
CA LEU E 89 -53.97 103.26 31.94
C LEU E 89 -55.46 102.91 32.03
N TYR E 90 -55.93 102.23 30.96
CA TYR E 90 -57.34 101.85 30.84
C TYR E 90 -57.95 101.41 32.17
N ASN E 91 -57.19 100.68 32.98
CA ASN E 91 -57.66 100.32 34.32
C ASN E 91 -57.88 101.56 35.18
N GLN E 92 -56.95 102.52 35.11
CA GLN E 92 -57.14 103.77 35.85
C GLN E 92 -58.33 104.56 35.31
N LEU E 93 -58.57 104.49 34.00
CA LEU E 93 -59.76 105.11 33.43
C LEU E 93 -61.02 104.50 34.02
N SER E 94 -61.06 103.17 34.11
CA SER E 94 -62.21 102.50 34.72
C SER E 94 -62.36 102.90 36.18
N LYS E 95 -61.25 103.01 36.91
CA LYS E 95 -61.30 103.43 38.30
C LYS E 95 -61.86 104.84 38.44
N LEU E 96 -61.39 105.77 37.60
CA LEU E 96 -61.89 107.13 37.65
C LEU E 96 -63.38 107.19 37.31
N THR E 97 -63.81 106.41 36.33
CA THR E 97 -65.25 106.34 36.04
C THR E 97 -66.02 105.78 37.23
N GLY E 98 -65.42 104.84 37.95
CA GLY E 98 -66.08 104.28 39.13
C GLY E 98 -66.25 105.30 40.24
N LEU E 99 -65.26 106.17 40.43
CA LEU E 99 -65.31 107.19 41.47
C LEU E 99 -66.43 108.18 41.21
N SER F 2 -53.65 73.20 -50.99
CA SER F 2 -54.39 72.56 -49.91
C SER F 2 -54.18 73.30 -48.59
N GLY F 3 -53.93 74.60 -48.68
CA GLY F 3 -53.77 75.41 -47.49
C GLY F 3 -54.24 76.83 -47.76
N HIS F 4 -54.71 77.49 -46.71
CA HIS F 4 -55.18 78.86 -46.80
C HIS F 4 -54.24 79.76 -46.02
N THR F 5 -53.70 80.77 -46.69
CA THR F 5 -52.78 81.68 -46.03
C THR F 5 -53.55 82.59 -45.08
N PRO F 6 -53.13 82.67 -43.82
CA PRO F 6 -53.84 83.54 -42.86
C PRO F 6 -53.94 84.99 -43.30
N PHE F 7 -52.94 85.53 -44.00
CA PHE F 7 -52.99 86.90 -44.46
C PHE F 7 -53.89 87.09 -45.67
N ASN F 8 -54.55 86.04 -46.13
CA ASN F 8 -55.43 86.12 -47.30
C ASN F 8 -56.85 86.48 -46.88
N THR F 9 -56.95 87.58 -46.13
CA THR F 9 -58.26 88.10 -45.78
C THR F 9 -58.89 88.76 -47.01
N ILE F 10 -60.20 88.99 -46.93
CA ILE F 10 -60.99 89.49 -48.05
C ILE F 10 -60.75 88.61 -49.28
N PRO F 11 -61.01 87.30 -49.22
CA PRO F 11 -60.84 86.48 -50.41
C PRO F 11 -62.13 86.43 -51.22
N ASN F 12 -63.02 87.37 -50.92
CA ASN F 12 -64.41 87.30 -51.39
C ASN F 12 -64.46 87.63 -52.89
N GLU F 13 -64.13 86.64 -53.71
CA GLU F 13 -64.28 86.86 -55.13
C GLU F 13 -65.78 86.83 -55.31
N GLY F 14 -66.46 86.11 -54.41
CA GLY F 14 -67.91 86.05 -54.47
C GLY F 14 -68.52 87.12 -53.59
N TYR F 15 -67.69 87.85 -52.84
CA TYR F 15 -68.18 88.94 -51.99
C TYR F 15 -69.25 88.48 -51.03
N CYS F 16 -69.02 87.34 -50.38
CA CYS F 16 -70.01 86.82 -49.45
C CYS F 16 -70.32 87.85 -48.37
N CYS F 17 -69.27 88.42 -47.78
CA CYS F 17 -69.35 89.38 -46.68
C CYS F 17 -68.10 89.32 -45.80
N GLU F 18 -67.54 88.13 -45.63
CA GLU F 18 -66.73 87.84 -44.47
C GLU F 18 -65.33 88.42 -44.60
N THR F 19 -64.51 88.29 -43.57
CA THR F 19 -63.14 88.77 -43.64
C THR F 19 -62.11 87.71 -43.26
N LEU F 20 -62.50 86.70 -42.48
CA LEU F 20 -61.62 85.59 -42.10
C LEU F 20 -60.37 86.10 -41.36
N ASN F 21 -60.58 86.80 -40.25
CA ASN F 21 -59.48 87.31 -39.44
C ASN F 21 -59.04 86.34 -38.36
N ASP F 22 -59.74 85.23 -38.18
CA ASP F 22 -59.40 84.20 -37.18
C ASP F 22 -58.04 83.55 -37.41
N PRO F 23 -57.66 83.21 -38.64
CA PRO F 23 -56.35 82.54 -38.83
C PRO F 23 -55.18 83.32 -38.29
N ILE F 24 -55.20 84.65 -38.36
CA ILE F 24 -54.10 85.43 -37.77
C ILE F 24 -54.07 85.27 -36.26
N VAL F 25 -55.25 85.27 -35.63
CA VAL F 25 -55.32 85.06 -34.19
C VAL F 25 -54.76 83.70 -33.81
N ASP F 26 -55.11 82.66 -34.58
CA ASP F 26 -54.57 81.34 -34.31
C ASP F 26 -53.06 81.34 -34.52
N LYS F 27 -52.59 82.03 -35.55
CA LYS F 27 -51.16 82.02 -35.89
C LYS F 27 -50.32 82.69 -34.80
N MET F 28 -50.84 83.76 -34.21
CA MET F 28 -50.05 84.49 -33.21
C MET F 28 -50.44 84.16 -31.78
N ILE F 29 -51.73 84.29 -31.44
CA ILE F 29 -52.20 83.96 -30.10
C ILE F 29 -52.76 82.54 -30.13
N GLY F 30 -51.90 81.55 -29.91
CA GLY F 30 -52.27 80.16 -30.01
C GLY F 30 -52.15 79.48 -28.65
N ASN F 31 -53.20 78.72 -28.30
CA ASN F 31 -53.35 77.97 -27.06
C ASN F 31 -53.45 78.89 -25.85
N ALA F 32 -53.39 80.21 -26.04
CA ALA F 32 -53.52 81.17 -24.94
C ALA F 32 -54.70 82.10 -25.15
N TYR F 33 -55.66 81.73 -26.00
CA TYR F 33 -56.83 82.57 -26.21
C TYR F 33 -57.77 82.53 -25.00
N TYR F 34 -57.73 81.43 -24.24
CA TYR F 34 -58.64 81.30 -23.11
C TYR F 34 -58.35 82.35 -22.04
N VAL F 35 -57.07 82.70 -21.85
CA VAL F 35 -56.72 83.78 -20.93
C VAL F 35 -57.30 85.10 -21.40
N VAL F 36 -57.20 85.36 -22.71
CA VAL F 36 -57.73 86.60 -23.27
C VAL F 36 -59.23 86.69 -23.03
N LYS F 37 -59.96 85.60 -23.29
CA LYS F 37 -61.39 85.63 -23.05
C LYS F 37 -61.71 85.74 -21.56
N PHE F 38 -60.90 85.09 -20.72
CA PHE F 38 -61.06 85.19 -19.27
C PHE F 38 -61.02 86.65 -18.82
N VAL F 39 -60.04 87.39 -19.32
CA VAL F 39 -59.94 88.80 -18.95
C VAL F 39 -61.05 89.62 -19.60
N ALA F 40 -61.38 89.31 -20.85
CA ALA F 40 -62.35 90.11 -21.58
C ALA F 40 -63.75 90.02 -20.97
N LEU F 41 -64.11 88.85 -20.43
CA LEU F 41 -65.44 88.69 -19.87
C LEU F 41 -65.65 89.61 -18.67
N ARG F 42 -64.62 89.77 -17.83
CA ARG F 42 -64.71 90.50 -16.58
C ARG F 42 -64.03 91.87 -16.64
N MET F 43 -64.17 92.58 -17.75
CA MET F 43 -63.59 93.92 -17.86
C MET F 43 -64.24 94.95 -16.95
N PRO F 44 -65.55 94.93 -16.69
CA PRO F 44 -66.11 95.95 -15.78
C PRO F 44 -65.45 95.99 -14.41
N PHE F 45 -65.14 94.83 -13.82
CA PHE F 45 -64.48 94.82 -12.52
C PHE F 45 -63.09 95.43 -12.60
N ILE F 46 -62.33 95.10 -13.64
CA ILE F 46 -60.99 95.67 -13.81
C ILE F 46 -61.07 97.18 -13.99
N LYS F 47 -62.04 97.64 -14.78
CA LYS F 47 -62.21 99.07 -14.99
C LYS F 47 -62.55 99.79 -13.68
N ASN F 48 -63.46 99.21 -12.90
CA ASN F 48 -63.81 99.82 -11.62
C ASN F 48 -62.63 99.86 -10.67
N VAL F 49 -61.83 98.78 -10.63
CA VAL F 49 -60.65 98.77 -9.77
C VAL F 49 -59.64 99.83 -10.22
N SER F 50 -59.44 99.95 -11.52
CA SER F 50 -58.45 100.90 -12.02
C SER F 50 -58.90 102.34 -11.81
N ASP F 51 -60.21 102.60 -11.88
CA ASP F 51 -60.70 103.96 -11.71
C ASP F 51 -60.43 104.50 -10.31
N ASN F 52 -60.35 103.62 -9.31
CA ASN F 52 -60.13 104.05 -7.94
C ASN F 52 -58.69 103.86 -7.55
N MET F 53 -57.78 103.79 -8.52
CA MET F 53 -56.39 103.50 -8.20
C MET F 53 -55.73 104.46 -7.20
N THR F 54 -55.92 105.76 -7.37
CA THR F 54 -55.25 106.72 -6.49
C THR F 54 -55.63 106.48 -5.03
N GLN F 55 -56.92 106.35 -4.77
CA GLN F 55 -57.38 106.15 -3.41
C GLN F 55 -56.77 104.89 -2.83
N LEU F 56 -56.76 103.82 -3.62
CA LEU F 56 -56.23 102.55 -3.13
C LEU F 56 -54.77 102.69 -2.79
N LEU F 57 -54.01 103.35 -3.64
CA LEU F 57 -52.59 103.56 -3.37
C LEU F 57 -52.38 104.37 -2.08
N ALA F 58 -53.18 105.41 -1.89
CA ALA F 58 -53.07 106.21 -0.67
C ALA F 58 -53.37 105.36 0.56
N ILE F 59 -54.39 104.50 0.47
CA ILE F 59 -54.76 103.66 1.60
C ILE F 59 -53.64 102.68 1.90
N HIS F 60 -52.98 102.21 0.85
CA HIS F 60 -51.73 101.49 1.00
C HIS F 60 -50.74 102.26 1.85
N ASN F 61 -50.32 103.42 1.34
CA ASN F 61 -49.26 104.20 1.99
C ASN F 61 -49.41 104.33 3.51
N LYS F 62 -50.52 103.90 4.07
CA LYS F 62 -50.78 104.00 5.50
C LYS F 62 -51.21 102.68 6.13
N LEU F 63 -50.64 101.56 5.69
CA LEU F 63 -51.07 100.27 6.21
C LEU F 63 -50.69 100.10 7.68
N THR F 64 -49.50 100.58 8.06
CA THR F 64 -49.03 100.40 9.44
C THR F 64 -49.95 101.11 10.43
N GLU F 65 -50.37 102.33 10.09
CA GLU F 65 -51.27 103.08 10.98
C GLU F 65 -52.60 102.36 11.13
N LEU F 66 -53.14 101.84 10.03
CA LEU F 66 -54.41 101.12 10.10
C LEU F 66 -54.28 99.85 10.93
N SER F 67 -53.16 99.14 10.79
CA SER F 67 -52.94 97.94 11.61
C SER F 67 -52.84 98.28 13.09
N ALA F 68 -52.11 99.36 13.40
CA ALA F 68 -51.98 99.78 14.80
C ALA F 68 -53.32 100.18 15.38
N ILE F 69 -54.15 100.88 14.60
CA ILE F 69 -55.49 101.24 15.06
C ILE F 69 -56.34 99.99 15.26
N TYR F 70 -56.23 99.02 14.35
CA TYR F 70 -57.01 97.79 14.47
C TYR F 70 -56.63 97.02 15.72
N THR F 71 -55.34 96.99 16.07
CA THR F 71 -54.90 96.21 17.22
C THR F 71 -55.55 96.69 18.51
N LYS F 72 -55.99 97.95 18.55
CA LYS F 72 -56.57 98.54 19.74
C LYS F 72 -58.04 98.92 19.57
N LEU F 73 -58.79 98.18 18.75
CA LEU F 73 -60.17 98.55 18.46
C LEU F 73 -61.04 98.52 19.71
N ASP F 74 -60.87 97.49 20.54
CA ASP F 74 -61.75 97.31 21.70
C ASP F 74 -61.51 98.39 22.75
N GLU F 75 -60.29 98.92 22.81
CA GLU F 75 -59.91 99.78 23.94
C GLU F 75 -60.13 101.26 23.64
N LEU F 76 -60.85 101.58 22.57
CA LEU F 76 -60.99 102.99 22.20
C LEU F 76 -62.24 103.63 22.80
N GLN F 77 -63.34 102.88 22.90
CA GLN F 77 -64.58 103.49 23.36
C GLN F 77 -64.56 103.74 24.87
N LEU F 78 -64.52 102.66 25.66
CA LEU F 78 -64.33 102.72 27.11
C LEU F 78 -65.23 103.74 27.81
N ILE F 79 -66.52 103.74 27.46
CA ILE F 79 -67.54 104.49 28.19
C ILE F 79 -67.13 105.95 28.39
N HIS F 80 -67.07 106.70 27.28
CA HIS F 80 -66.52 108.06 27.34
C HIS F 80 -67.43 109.01 28.13
N ASN F 81 -68.73 108.72 28.17
CA ASN F 81 -69.69 109.67 28.73
C ASN F 81 -69.46 109.90 30.22
N ASN F 82 -69.29 108.81 30.99
CA ASN F 82 -69.07 108.95 32.43
C ASN F 82 -67.77 109.68 32.72
N LEU F 83 -66.71 109.37 31.96
CA LEU F 83 -65.44 110.06 32.14
C LEU F 83 -65.58 111.55 31.84
N ASP F 84 -66.31 111.90 30.78
CA ASP F 84 -66.53 113.30 30.46
C ASP F 84 -67.29 114.01 31.57
N LYS F 85 -68.35 113.38 32.08
CA LYS F 85 -69.13 114.00 33.16
C LYS F 85 -68.27 114.20 34.41
N LEU F 86 -67.43 113.21 34.74
CA LEU F 86 -66.63 113.32 35.95
C LEU F 86 -65.52 114.36 35.80
N GLN F 87 -64.89 114.44 34.62
CA GLN F 87 -63.79 115.37 34.45
C GLN F 87 -64.29 116.80 34.26
N GLU F 88 -65.52 116.97 33.76
CA GLU F 88 -66.07 118.32 33.66
C GLU F 88 -66.30 118.93 35.03
N LEU F 89 -66.75 118.12 35.99
CA LEU F 89 -66.95 118.60 37.35
C LEU F 89 -65.62 118.88 38.04
N CYS G 17 -90.96 55.49 -53.12
CA CYS G 17 -91.35 56.88 -52.92
C CYS G 17 -91.57 57.18 -51.44
N GLU G 18 -92.78 56.92 -50.96
CA GLU G 18 -93.15 57.16 -49.57
C GLU G 18 -93.20 55.82 -48.84
N THR G 19 -92.42 55.69 -47.77
CA THR G 19 -92.36 54.47 -46.97
C THR G 19 -92.91 54.67 -45.56
N LEU G 20 -93.62 55.78 -45.31
CA LEU G 20 -94.14 56.03 -43.98
C LEU G 20 -95.19 55.00 -43.56
N ASN G 21 -96.04 54.59 -44.50
CA ASN G 21 -97.07 53.57 -44.28
C ASN G 21 -98.01 54.08 -43.19
N ASP G 22 -98.26 53.34 -42.12
CA ASP G 22 -99.26 53.74 -41.13
C ASP G 22 -98.77 54.97 -40.37
N PRO G 23 -99.53 56.07 -40.37
CA PRO G 23 -99.07 57.27 -39.65
C PRO G 23 -99.08 57.11 -38.15
N ILE G 24 -99.90 56.19 -37.62
CA ILE G 24 -100.06 56.09 -36.17
C ILE G 24 -98.77 55.61 -35.51
N VAL G 25 -98.05 54.70 -36.17
CA VAL G 25 -96.85 54.11 -35.58
C VAL G 25 -95.55 54.72 -36.10
N ASP G 26 -95.52 55.16 -37.36
CA ASP G 26 -94.29 55.63 -37.99
C ASP G 26 -94.29 57.15 -38.01
N LYS G 27 -93.18 57.73 -37.56
CA LYS G 27 -93.03 59.18 -37.47
C LYS G 27 -92.12 59.68 -38.58
N MET G 28 -92.42 60.87 -39.09
CA MET G 28 -91.64 61.42 -40.20
C MET G 28 -90.20 61.71 -39.79
N ILE G 29 -90.01 62.32 -38.62
CA ILE G 29 -88.66 62.66 -38.18
C ILE G 29 -87.87 61.41 -37.84
N GLY G 30 -88.53 60.39 -37.30
CA GLY G 30 -87.86 59.15 -36.93
C GLY G 30 -88.34 58.63 -35.59
N ASN G 31 -88.53 57.31 -35.50
CA ASN G 31 -89.02 56.73 -34.25
C ASN G 31 -88.06 56.96 -33.10
N ALA G 32 -86.79 56.60 -33.30
CA ALA G 32 -85.79 56.77 -32.25
C ALA G 32 -85.61 58.24 -31.89
N TYR G 33 -85.54 59.10 -32.90
CA TYR G 33 -85.40 60.53 -32.62
C TYR G 33 -86.64 61.08 -31.95
N TYR G 34 -87.82 60.58 -32.30
CA TYR G 34 -89.03 61.04 -31.64
C TYR G 34 -89.01 60.68 -30.16
N VAL G 35 -88.59 59.46 -29.83
CA VAL G 35 -88.50 59.06 -28.43
C VAL G 35 -87.45 59.91 -27.71
N VAL G 36 -86.31 60.16 -28.37
CA VAL G 36 -85.26 60.94 -27.74
C VAL G 36 -85.74 62.37 -27.45
N LYS G 37 -86.43 62.99 -28.40
CA LYS G 37 -86.99 64.31 -28.17
C LYS G 37 -88.04 64.29 -27.07
N PHE G 38 -88.87 63.24 -27.05
CA PHE G 38 -89.89 63.11 -26.01
C PHE G 38 -89.26 63.09 -24.62
N VAL G 39 -88.15 62.37 -24.48
CA VAL G 39 -87.45 62.33 -23.20
C VAL G 39 -86.79 63.67 -22.91
N ALA G 40 -86.19 64.30 -23.93
CA ALA G 40 -85.44 65.53 -23.71
C ALA G 40 -86.34 66.66 -23.25
N LEU G 41 -87.52 66.80 -23.86
CA LEU G 41 -88.38 67.94 -23.51
C LEU G 41 -88.94 67.81 -22.10
N ARG G 42 -88.81 66.65 -21.47
CA ARG G 42 -89.36 66.40 -20.15
C ARG G 42 -88.29 65.90 -19.17
N MET G 43 -87.10 66.48 -19.25
CA MET G 43 -86.01 66.07 -18.36
C MET G 43 -86.16 66.55 -16.92
N PRO G 44 -86.74 67.73 -16.62
CA PRO G 44 -86.79 68.16 -15.20
C PRO G 44 -87.44 67.16 -14.27
N PHE G 45 -88.47 66.44 -14.72
CA PHE G 45 -89.08 65.43 -13.87
C PHE G 45 -88.07 64.33 -13.52
N ILE G 46 -87.32 63.86 -14.52
CA ILE G 46 -86.34 62.81 -14.28
C ILE G 46 -85.24 63.32 -13.34
N LYS G 47 -84.80 64.57 -13.54
CA LYS G 47 -83.76 65.12 -12.68
C LYS G 47 -84.26 65.23 -11.23
N ASN G 48 -85.48 65.71 -11.04
CA ASN G 48 -86.03 65.85 -9.69
C ASN G 48 -86.15 64.49 -9.01
N VAL G 49 -86.60 63.47 -9.75
CA VAL G 49 -86.68 62.14 -9.17
C VAL G 49 -85.29 61.62 -8.83
N SER G 50 -84.33 61.81 -9.73
CA SER G 50 -83.00 61.21 -9.54
C SER G 50 -82.25 61.86 -8.40
N ASP G 51 -82.47 63.15 -8.16
CA ASP G 51 -81.71 63.84 -7.12
C ASP G 51 -82.05 63.30 -5.73
N ASN G 52 -83.19 62.63 -5.58
CA ASN G 52 -83.69 62.25 -4.27
C ASN G 52 -83.84 60.75 -4.08
N MET G 53 -83.13 59.93 -4.85
CA MET G 53 -83.32 58.48 -4.77
C MET G 53 -83.09 57.96 -3.35
N THR G 54 -82.09 58.51 -2.66
CA THR G 54 -81.79 58.05 -1.30
C THR G 54 -82.97 58.31 -0.36
N GLN G 55 -83.78 59.32 -0.67
CA GLN G 55 -84.92 59.63 0.19
C GLN G 55 -86.12 58.73 -0.13
N LEU G 56 -86.40 58.50 -1.43
CA LEU G 56 -87.51 57.61 -1.76
C LEU G 56 -87.19 56.15 -1.47
N LEU G 57 -85.92 55.81 -1.27
CA LEU G 57 -85.61 54.43 -0.87
C LEU G 57 -86.10 54.12 0.53
N ALA G 58 -85.99 55.08 1.46
CA ALA G 58 -86.45 54.85 2.82
C ALA G 58 -87.97 54.70 2.87
N ILE G 59 -88.70 55.47 2.06
CA ILE G 59 -90.14 55.34 2.02
C ILE G 59 -90.54 53.97 1.49
N HIS G 60 -89.81 53.46 0.48
CA HIS G 60 -90.05 52.11 0.03
C HIS G 60 -89.77 51.10 1.13
N ASN G 61 -88.74 51.35 1.93
CA ASN G 61 -88.42 50.47 3.04
C ASN G 61 -89.55 50.42 4.07
N LYS G 62 -90.16 51.58 4.35
CA LYS G 62 -91.16 51.69 5.41
C LYS G 62 -92.59 51.74 4.87
N LEU G 63 -92.78 51.33 3.62
CA LEU G 63 -94.12 51.29 3.03
C LEU G 63 -95.09 50.45 3.86
N THR G 64 -94.63 49.32 4.39
CA THR G 64 -95.53 48.47 5.17
C THR G 64 -96.02 49.18 6.42
N GLU G 65 -95.11 49.84 7.13
CA GLU G 65 -95.50 50.59 8.32
C GLU G 65 -96.44 51.73 7.98
N LEU G 66 -96.16 52.44 6.89
CA LEU G 66 -97.04 53.53 6.48
C LEU G 66 -98.43 53.02 6.14
N SER G 67 -98.52 51.89 5.43
CA SER G 67 -99.82 51.32 5.10
C SER G 67 -100.56 50.87 6.36
N ALA G 68 -99.84 50.31 7.32
CA ALA G 68 -100.47 49.91 8.58
C ALA G 68 -101.02 51.12 9.32
N ILE G 69 -100.27 52.22 9.35
CA ILE G 69 -100.75 53.43 10.01
C ILE G 69 -101.95 54.01 9.27
N TYR G 70 -101.96 53.89 7.95
CA TYR G 70 -103.08 54.42 7.17
C TYR G 70 -104.40 53.78 7.56
N THR G 71 -104.38 52.49 7.88
CA THR G 71 -105.61 51.81 8.28
C THR G 71 -106.20 52.39 9.56
N LYS G 72 -105.34 52.73 10.52
CA LYS G 72 -105.78 53.31 11.78
C LYS G 72 -105.81 54.83 11.75
N LEU G 73 -105.57 55.45 10.59
CA LEU G 73 -105.64 56.91 10.51
C LEU G 73 -107.03 57.43 10.82
N ASP G 74 -108.08 56.75 10.33
CA ASP G 74 -109.44 57.24 10.52
C ASP G 74 -109.80 57.33 11.99
N GLU G 75 -109.51 56.29 12.75
CA GLU G 75 -109.67 56.29 14.19
C GLU G 75 -108.35 56.73 14.82
N LEU G 76 -108.21 56.53 16.13
CA LEU G 76 -106.94 56.66 16.84
C LEU G 76 -106.52 58.11 16.99
N GLN G 77 -107.25 59.03 16.36
CA GLN G 77 -107.03 60.45 16.63
C GLN G 77 -107.95 60.94 17.74
N LEU G 78 -109.26 60.89 17.49
CA LEU G 78 -110.28 61.09 18.52
C LEU G 78 -110.07 62.37 19.32
N ILE G 79 -109.41 63.35 18.68
CA ILE G 79 -108.91 64.54 19.38
C ILE G 79 -108.14 64.07 20.61
N HIS G 80 -106.96 63.48 20.38
CA HIS G 80 -106.27 62.74 21.43
C HIS G 80 -105.93 63.60 22.64
N ASN G 81 -105.72 64.89 22.44
CA ASN G 81 -105.47 65.79 23.57
C ASN G 81 -106.66 65.79 24.54
N ASN G 82 -107.87 65.61 24.01
CA ASN G 82 -109.03 65.48 24.87
C ASN G 82 -108.93 64.22 25.74
N LEU G 83 -108.44 63.12 25.17
CA LEU G 83 -108.24 61.91 25.97
C LEU G 83 -107.18 62.12 27.04
N ASP G 84 -106.10 62.82 26.70
CA ASP G 84 -105.09 63.12 27.70
C ASP G 84 -105.65 63.96 28.83
N LYS G 85 -106.44 64.98 28.50
CA LYS G 85 -107.06 65.80 29.54
C LYS G 85 -108.04 64.97 30.38
N LEU G 86 -108.79 64.08 29.73
CA LEU G 86 -109.72 63.22 30.47
C LEU G 86 -108.98 62.33 31.46
N GLN G 87 -107.83 61.78 31.05
CA GLN G 87 -107.00 61.05 32.00
C GLN G 87 -106.53 61.95 33.13
N GLU G 88 -106.13 63.18 32.80
CA GLU G 88 -105.77 64.14 33.84
C GLU G 88 -106.98 64.55 34.65
N LEU G 89 -108.13 64.70 34.01
CA LEU G 89 -109.36 65.09 34.70
C LEU G 89 -109.80 64.01 35.68
N THR H 9 -70.79 92.63 -25.29
CA THR H 9 -71.50 91.89 -26.32
C THR H 9 -70.65 90.66 -26.65
N ILE H 10 -69.76 90.31 -25.72
CA ILE H 10 -68.91 89.13 -25.89
C ILE H 10 -69.78 87.89 -25.85
N PRO H 11 -69.66 86.98 -26.83
CA PRO H 11 -70.52 85.78 -26.82
C PRO H 11 -69.97 84.67 -25.93
N ASN H 12 -70.85 84.04 -25.15
CA ASN H 12 -70.47 82.96 -24.26
C ASN H 12 -71.19 81.66 -24.54
N GLU H 13 -71.94 81.57 -25.64
CA GLU H 13 -72.69 80.36 -25.96
C GLU H 13 -71.79 79.40 -26.73
N GLY H 14 -71.68 78.17 -26.23
CA GLY H 14 -70.88 77.16 -26.89
C GLY H 14 -71.09 75.81 -26.25
N TYR H 15 -70.64 74.77 -26.95
CA TYR H 15 -70.79 73.41 -26.43
C TYR H 15 -69.81 73.15 -25.29
N CYS H 16 -68.72 73.93 -25.22
CA CYS H 16 -67.73 73.72 -24.19
C CYS H 16 -68.23 74.17 -22.82
N CYS H 17 -68.99 75.26 -22.78
CA CYS H 17 -69.44 75.82 -21.51
C CYS H 17 -70.50 74.94 -20.84
N GLU H 18 -71.26 74.20 -21.65
CA GLU H 18 -72.38 73.43 -21.12
C GLU H 18 -71.89 72.29 -20.23
N THR H 19 -72.59 72.09 -19.11
CA THR H 19 -72.34 70.99 -18.19
C THR H 19 -73.61 70.16 -18.06
N LEU H 20 -73.53 69.10 -17.26
CA LEU H 20 -74.65 68.16 -17.16
C LEU H 20 -75.79 68.76 -16.35
N ASN H 21 -75.52 69.79 -15.54
CA ASN H 21 -76.56 70.36 -14.70
C ASN H 21 -77.28 71.54 -15.35
N ASP H 22 -76.87 71.95 -16.54
CA ASP H 22 -77.46 73.12 -17.17
C ASP H 22 -78.87 72.79 -17.68
N PRO H 23 -79.77 73.76 -17.75
CA PRO H 23 -81.08 73.51 -18.35
C PRO H 23 -81.02 73.55 -19.86
N ILE H 24 -82.16 73.22 -20.48
CA ILE H 24 -82.23 73.18 -21.93
C ILE H 24 -82.30 74.59 -22.49
N VAL H 25 -81.96 74.73 -23.77
CA VAL H 25 -82.03 76.00 -24.49
C VAL H 25 -83.20 75.93 -25.44
N ASP H 26 -84.15 76.87 -25.30
CA ASP H 26 -85.37 76.83 -26.10
C ASP H 26 -85.08 77.13 -27.57
N LYS H 27 -84.04 77.93 -27.83
CA LYS H 27 -83.74 78.30 -29.21
C LYS H 27 -83.29 77.10 -30.03
N MET H 28 -82.52 76.20 -29.43
CA MET H 28 -81.86 75.13 -30.17
C MET H 28 -82.57 73.79 -30.06
N ILE H 29 -83.89 73.79 -29.84
CA ILE H 29 -84.64 72.53 -29.89
C ILE H 29 -84.66 71.98 -31.31
N GLY H 30 -84.74 72.87 -32.31
CA GLY H 30 -84.82 72.42 -33.69
C GLY H 30 -83.59 71.66 -34.14
N ASN H 31 -82.43 72.01 -33.58
CA ASN H 31 -81.19 71.35 -33.97
C ASN H 31 -81.14 69.94 -33.42
N ALA H 32 -81.12 68.95 -34.31
CA ALA H 32 -81.19 67.55 -33.90
C ALA H 32 -79.99 67.14 -33.06
N TYR H 33 -78.79 67.58 -33.47
CA TYR H 33 -77.60 67.21 -32.72
C TYR H 33 -77.64 67.76 -31.31
N TYR H 34 -78.16 68.97 -31.13
CA TYR H 34 -78.22 69.53 -29.79
C TYR H 34 -79.08 68.68 -28.87
N VAL H 35 -80.25 68.25 -29.36
CA VAL H 35 -81.14 67.43 -28.54
C VAL H 35 -80.50 66.08 -28.25
N VAL H 36 -79.87 65.48 -29.26
CA VAL H 36 -79.27 64.16 -29.07
C VAL H 36 -78.15 64.23 -28.04
N LYS H 37 -77.29 65.25 -28.12
CA LYS H 37 -76.22 65.36 -27.14
C LYS H 37 -76.76 65.78 -25.77
N PHE H 38 -77.85 66.54 -25.75
CA PHE H 38 -78.53 66.85 -24.49
C PHE H 38 -78.93 65.57 -23.76
N VAL H 39 -79.55 64.64 -24.49
CA VAL H 39 -79.93 63.37 -23.86
C VAL H 39 -78.71 62.53 -23.53
N ALA H 40 -77.69 62.54 -24.39
CA ALA H 40 -76.52 61.69 -24.17
C ALA H 40 -75.71 62.12 -22.97
N LEU H 41 -75.63 63.43 -22.71
CA LEU H 41 -74.82 63.93 -21.60
C LEU H 41 -75.39 63.56 -20.25
N ARG H 42 -76.71 63.46 -20.12
CA ARG H 42 -77.37 63.27 -18.84
C ARG H 42 -77.84 61.83 -18.64
N MET H 43 -77.07 60.85 -19.11
CA MET H 43 -77.44 59.46 -18.91
C MET H 43 -77.38 58.98 -17.46
N PRO H 44 -76.54 59.53 -16.57
CA PRO H 44 -76.61 59.07 -15.16
C PRO H 44 -77.99 59.19 -14.54
N PHE H 45 -78.71 60.27 -14.81
CA PHE H 45 -80.05 60.42 -14.24
C PHE H 45 -80.99 59.33 -14.76
N ILE H 46 -80.95 59.07 -16.06
CA ILE H 46 -81.82 58.06 -16.65
C ILE H 46 -81.48 56.68 -16.11
N LYS H 47 -80.19 56.38 -15.95
CA LYS H 47 -79.80 55.09 -15.39
C LYS H 47 -80.23 54.96 -13.93
N ASN H 48 -80.11 56.04 -13.15
CA ASN H 48 -80.56 56.00 -11.77
C ASN H 48 -82.06 55.75 -11.69
N VAL H 49 -82.85 56.38 -12.55
CA VAL H 49 -84.29 56.14 -12.57
C VAL H 49 -84.58 54.70 -12.98
N SER H 50 -83.86 54.19 -13.98
CA SER H 50 -84.16 52.88 -14.53
C SER H 50 -83.80 51.76 -13.55
N ASP H 51 -82.70 51.90 -12.82
CA ASP H 51 -82.26 50.83 -11.93
C ASP H 51 -83.26 50.60 -10.79
N ASN H 52 -83.96 51.65 -10.37
CA ASN H 52 -84.83 51.60 -9.20
C ASN H 52 -86.30 51.77 -9.56
N MET H 53 -86.75 51.15 -10.65
CA MET H 53 -88.09 51.43 -11.13
C MET H 53 -89.16 50.71 -10.30
N THR H 54 -88.82 49.55 -9.72
CA THR H 54 -89.78 48.84 -8.88
C THR H 54 -90.13 49.67 -7.65
N GLN H 55 -89.14 50.31 -7.04
CA GLN H 55 -89.39 51.15 -5.87
C GLN H 55 -90.30 52.31 -6.23
N LEU H 56 -90.06 52.95 -7.38
CA LEU H 56 -90.91 54.04 -7.83
C LEU H 56 -92.33 53.56 -8.10
N LEU H 57 -92.47 52.36 -8.67
CA LEU H 57 -93.81 51.83 -8.93
C LEU H 57 -94.56 51.55 -7.63
N ALA H 58 -93.86 50.99 -6.63
CA ALA H 58 -94.50 50.75 -5.35
C ALA H 58 -94.91 52.05 -4.67
N ILE H 59 -94.04 53.06 -4.73
CA ILE H 59 -94.38 54.35 -4.14
C ILE H 59 -95.55 54.98 -4.88
N HIS H 60 -95.61 54.81 -6.20
CA HIS H 60 -96.75 55.33 -6.94
C HIS H 60 -98.04 54.62 -6.55
N ASN H 61 -97.97 53.31 -6.32
CA ASN H 61 -99.15 52.58 -5.86
C ASN H 61 -99.62 53.06 -4.50
N LYS H 62 -98.69 53.30 -3.58
CA LYS H 62 -99.05 53.72 -2.23
C LYS H 62 -99.18 55.24 -2.08
N LEU H 63 -99.20 55.94 -3.21
CA LEU H 63 -99.31 57.38 -3.19
C LEU H 63 -100.50 57.92 -2.41
N THR H 64 -101.69 57.34 -2.55
CA THR H 64 -102.87 57.91 -1.89
C THR H 64 -102.74 57.91 -0.37
N GLU H 65 -102.19 56.84 0.16
CA GLU H 65 -102.01 56.75 1.60
C GLU H 65 -101.06 57.81 2.09
N LEU H 66 -99.96 58.01 1.36
CA LEU H 66 -98.99 59.03 1.74
C LEU H 66 -99.67 60.38 1.67
N SER H 67 -100.51 60.57 0.65
CA SER H 67 -101.25 61.82 0.51
C SER H 67 -102.08 62.09 1.74
N ALA H 68 -102.82 61.08 2.19
CA ALA H 68 -103.62 61.25 3.39
C ALA H 68 -102.74 61.56 4.59
N ILE H 69 -101.68 60.80 4.78
CA ILE H 69 -100.85 60.98 5.97
C ILE H 69 -100.20 62.36 6.07
N TYR H 70 -100.04 63.07 4.96
CA TYR H 70 -99.30 64.32 5.00
C TYR H 70 -100.05 65.40 5.75
N THR H 71 -101.38 65.39 5.72
CA THR H 71 -102.15 66.44 6.38
C THR H 71 -102.11 66.29 7.90
N LYS H 72 -101.68 65.13 8.40
CA LYS H 72 -101.79 64.82 9.82
C LYS H 72 -100.44 64.67 10.52
N LEU H 73 -99.35 65.17 9.95
CA LEU H 73 -98.05 65.07 10.62
C LEU H 73 -98.04 65.89 11.92
N ASP H 74 -98.66 67.07 11.92
CA ASP H 74 -98.60 67.93 13.08
C ASP H 74 -99.19 67.27 14.32
N GLU H 75 -100.33 66.60 14.16
CA GLU H 75 -100.94 65.90 15.29
C GLU H 75 -100.06 64.76 15.77
N LEU H 76 -99.47 64.01 14.84
CA LEU H 76 -98.62 62.88 15.22
C LEU H 76 -97.36 63.35 15.92
N GLN H 77 -96.91 64.58 15.65
CA GLN H 77 -95.75 65.11 16.36
C GLN H 77 -96.01 65.19 17.85
N LEU H 78 -97.20 65.67 18.24
CA LEU H 78 -97.54 65.75 19.66
C LEU H 78 -97.88 64.38 20.22
N ILE H 79 -98.56 63.55 19.42
CA ILE H 79 -98.94 62.22 19.89
C ILE H 79 -97.70 61.38 20.19
N HIS H 80 -96.66 61.51 19.36
CA HIS H 80 -95.42 60.76 19.59
C HIS H 80 -94.80 61.15 20.92
N ASN H 81 -94.78 62.45 21.24
CA ASN H 81 -94.28 62.87 22.55
C ASN H 81 -95.15 62.32 23.68
N ASN H 82 -96.47 62.31 23.47
CA ASN H 82 -97.37 61.86 24.53
C ASN H 82 -97.28 60.35 24.76
N LEU H 83 -96.81 59.58 23.76
CA LEU H 83 -96.83 58.12 23.85
C LEU H 83 -96.17 57.61 25.12
N ASP H 84 -95.03 58.20 25.50
CA ASP H 84 -94.27 57.70 26.64
C ASP H 84 -95.10 57.73 27.92
N LYS H 85 -95.82 58.83 28.14
CA LYS H 85 -96.78 58.86 29.24
C LYS H 85 -97.96 57.95 28.97
N LEU H 86 -98.36 57.83 27.69
CA LEU H 86 -99.55 57.09 27.33
C LEU H 86 -99.45 55.60 27.64
N GLN H 87 -98.23 55.06 27.72
CA GLN H 87 -98.09 53.64 28.03
C GLN H 87 -98.86 53.26 29.28
N GLU H 88 -98.45 53.81 30.44
CA GLU H 88 -99.23 53.78 31.68
C GLU H 88 -99.71 52.37 32.04
N LEU H 89 -98.92 51.35 31.70
CA LEU H 89 -99.22 49.96 32.05
C LEU H 89 -100.66 49.60 31.66
N TYR H 90 -100.87 49.56 30.34
CA TYR H 90 -102.21 49.50 29.74
C TYR H 90 -103.15 48.52 30.44
N ASN H 91 -102.61 47.49 31.09
CA ASN H 91 -103.46 46.55 31.82
C ASN H 91 -104.16 47.22 33.00
N GLN H 92 -103.58 48.29 33.54
CA GLN H 92 -104.19 48.99 34.67
C GLN H 92 -105.47 49.68 34.27
N LEU H 93 -105.66 49.96 32.97
CA LEU H 93 -106.81 50.74 32.53
C LEU H 93 -108.09 49.94 32.62
N SER H 94 -108.03 48.62 32.44
CA SER H 94 -109.21 47.80 32.65
C SER H 94 -109.68 47.87 34.09
N LYS H 95 -108.74 47.81 35.04
CA LYS H 95 -109.10 47.99 36.45
C LYS H 95 -109.65 49.38 36.70
N LEU H 96 -109.04 50.40 36.10
CA LEU H 96 -109.52 51.77 36.28
C LEU H 96 -110.97 51.92 35.78
N THR H 97 -111.29 51.28 34.66
CA THR H 97 -112.68 51.23 34.20
C THR H 97 -113.54 50.48 35.21
N GLY H 98 -113.02 49.41 35.79
CA GLY H 98 -113.76 48.69 36.81
C GLY H 98 -114.04 49.55 38.04
N LEU H 99 -113.05 50.29 38.50
CA LEU H 99 -113.22 51.18 39.65
C LEU H 99 -113.95 52.46 39.23
N SER I 2 -70.25 51.93 -50.28
CA SER I 2 -70.12 53.25 -49.68
C SER I 2 -70.95 53.35 -48.40
N GLY I 3 -71.10 54.57 -47.89
CA GLY I 3 -71.87 54.78 -46.68
C GLY I 3 -72.57 56.11 -46.71
N HIS I 4 -73.52 56.27 -45.79
CA HIS I 4 -74.32 57.48 -45.68
C HIS I 4 -73.86 58.26 -44.46
N THR I 5 -73.53 59.52 -44.67
CA THR I 5 -73.08 60.36 -43.56
C THR I 5 -74.24 60.66 -42.62
N PRO I 6 -74.10 60.35 -41.33
CA PRO I 6 -75.21 60.59 -40.39
C PRO I 6 -75.70 62.02 -40.36
N PHE I 7 -74.82 63.01 -40.54
CA PHE I 7 -75.23 64.40 -40.55
C PHE I 7 -75.85 64.83 -41.87
N ASN I 8 -75.99 63.92 -42.83
CA ASN I 8 -76.62 64.23 -44.11
C ASN I 8 -78.14 64.08 -44.00
N THR I 9 -78.70 64.74 -43.00
CA THR I 9 -80.14 64.82 -42.87
C THR I 9 -80.67 65.80 -43.93
N ILE I 10 -81.97 65.73 -44.16
CA ILE I 10 -82.64 66.47 -45.24
C ILE I 10 -81.88 66.20 -46.54
N PRO I 11 -81.81 64.95 -47.01
CA PRO I 11 -81.36 64.69 -48.39
C PRO I 11 -82.50 64.59 -49.38
N ASN I 12 -83.70 65.00 -48.98
CA ASN I 12 -84.94 64.71 -49.69
C ASN I 12 -85.10 65.63 -50.91
N GLU I 13 -84.14 65.52 -51.84
CA GLU I 13 -84.21 66.30 -53.06
C GLU I 13 -85.26 65.76 -54.02
N GLY I 14 -85.30 64.44 -54.20
CA GLY I 14 -86.26 63.86 -55.14
C GLY I 14 -87.69 64.02 -54.70
N TYR I 15 -87.97 63.75 -53.42
CA TYR I 15 -89.29 63.93 -52.85
C TYR I 15 -89.13 64.53 -51.45
N CYS I 16 -90.20 65.15 -50.95
CA CYS I 16 -90.08 65.99 -49.76
C CYS I 16 -90.05 65.18 -48.47
N CYS I 17 -90.60 63.96 -48.48
CA CYS I 17 -90.86 63.24 -47.24
C CYS I 17 -89.56 62.81 -46.56
N GLU I 18 -89.61 62.75 -45.22
CA GLU I 18 -88.61 62.15 -44.35
C GLU I 18 -87.36 63.01 -44.18
N THR I 19 -86.67 62.87 -43.04
CA THR I 19 -85.47 63.63 -42.74
C THR I 19 -84.29 62.76 -42.34
N LEU I 20 -84.50 61.49 -42.01
CA LEU I 20 -83.42 60.55 -41.69
C LEU I 20 -82.61 61.01 -40.48
N ASN I 21 -83.26 61.09 -39.32
CA ASN I 21 -82.60 61.52 -38.09
C ASN I 21 -82.09 60.37 -37.24
N ASP I 22 -82.40 59.13 -37.59
CA ASP I 22 -81.95 57.97 -36.81
C ASP I 22 -80.43 57.81 -36.74
N PRO I 23 -79.66 58.01 -37.82
CA PRO I 23 -78.21 57.78 -37.72
C PRO I 23 -77.52 58.61 -36.65
N ILE I 24 -77.98 59.83 -36.39
CA ILE I 24 -77.37 60.63 -35.33
C ILE I 24 -77.61 59.99 -33.98
N VAL I 25 -78.82 59.47 -33.75
CA VAL I 25 -79.12 58.76 -32.52
C VAL I 25 -78.23 57.53 -32.39
N ASP I 26 -78.07 56.77 -33.47
CA ASP I 26 -77.22 55.59 -33.43
C ASP I 26 -75.77 55.97 -33.12
N LYS I 27 -75.30 57.08 -33.69
CA LYS I 27 -73.91 57.47 -33.51
C LYS I 27 -73.63 57.95 -32.09
N MET I 28 -74.54 58.75 -31.53
CA MET I 28 -74.24 59.41 -30.26
C MET I 28 -74.74 58.62 -29.05
N ILE I 29 -75.95 58.04 -29.15
CA ILE I 29 -76.54 57.33 -28.04
C ILE I 29 -76.69 55.84 -28.35
N GLY I 30 -75.75 55.26 -29.11
CA GLY I 30 -75.85 53.87 -29.44
C GLY I 30 -75.77 52.97 -28.23
N ASN I 31 -76.52 51.88 -28.28
CA ASN I 31 -76.52 50.82 -27.27
C ASN I 31 -77.18 51.26 -25.97
N ALA I 32 -77.52 52.55 -25.86
CA ALA I 32 -78.19 53.08 -24.69
C ALA I 32 -79.58 53.63 -25.02
N TYR I 33 -80.07 53.36 -26.23
CA TYR I 33 -81.42 53.80 -26.60
C TYR I 33 -82.48 52.99 -25.85
N TYR I 34 -82.16 51.73 -25.53
CA TYR I 34 -83.15 50.87 -24.89
C TYR I 34 -83.49 51.35 -23.48
N VAL I 35 -82.50 51.86 -22.74
CA VAL I 35 -82.78 52.44 -21.43
C VAL I 35 -83.66 53.68 -21.58
N VAL I 36 -83.39 54.49 -22.60
CA VAL I 36 -84.18 55.69 -22.83
C VAL I 36 -85.63 55.30 -23.12
N LYS I 37 -85.85 54.29 -23.94
CA LYS I 37 -87.22 53.86 -24.23
C LYS I 37 -87.88 53.24 -23.00
N PHE I 38 -87.12 52.50 -22.20
CA PHE I 38 -87.66 51.92 -20.97
C PHE I 38 -88.16 53.01 -20.02
N VAL I 39 -87.40 54.10 -19.90
CA VAL I 39 -87.86 55.21 -19.07
C VAL I 39 -89.04 55.91 -19.72
N ALA I 40 -89.00 56.08 -21.05
CA ALA I 40 -90.03 56.84 -21.73
C ALA I 40 -91.40 56.17 -21.68
N LEU I 41 -91.42 54.84 -21.75
CA LEU I 41 -92.70 54.13 -21.74
C LEU I 41 -93.44 54.35 -20.42
N ARG I 42 -92.72 54.35 -19.30
CA ARG I 42 -93.31 54.47 -17.97
C ARG I 42 -93.18 55.89 -17.41
N MET I 43 -93.32 56.90 -18.27
CA MET I 43 -93.14 58.30 -17.88
C MET I 43 -94.27 58.85 -17.02
N PRO I 44 -95.54 58.47 -17.23
CA PRO I 44 -96.60 58.99 -16.34
C PRO I 44 -96.35 58.72 -14.86
N PHE I 45 -95.83 57.54 -14.52
CA PHE I 45 -95.52 57.25 -13.12
C PHE I 45 -94.45 58.19 -12.59
N ILE I 46 -93.41 58.44 -13.40
CA ILE I 46 -92.35 59.35 -12.99
C ILE I 46 -92.90 60.76 -12.78
N LYS I 47 -93.78 61.21 -13.68
CA LYS I 47 -94.36 62.54 -13.54
C LYS I 47 -95.20 62.63 -12.28
N ASN I 48 -96.01 61.60 -11.99
CA ASN I 48 -96.83 61.62 -10.79
C ASN I 48 -95.97 61.63 -9.53
N VAL I 49 -94.90 60.84 -9.51
CA VAL I 49 -94.03 60.81 -8.33
C VAL I 49 -93.35 62.16 -8.16
N SER I 50 -92.88 62.77 -9.26
CA SER I 50 -92.18 64.05 -9.16
C SER I 50 -93.13 65.16 -8.71
N ASP I 51 -94.40 65.09 -9.12
CA ASP I 51 -95.36 66.13 -8.73
C ASP I 51 -95.54 66.17 -7.22
N ASN I 52 -95.34 65.04 -6.53
CA ASN I 52 -95.49 64.95 -5.08
C ASN I 52 -94.15 64.82 -4.37
N MET I 53 -93.14 65.55 -4.84
CA MET I 53 -91.85 65.48 -4.19
C MET I 53 -91.79 66.47 -3.04
N THR I 54 -92.94 66.97 -2.60
CA THR I 54 -92.96 67.85 -1.43
C THR I 54 -93.47 67.04 -0.25
N GLN I 55 -94.66 66.48 -0.40
CA GLN I 55 -95.21 65.64 0.65
C GLN I 55 -94.30 64.46 0.86
N LEU I 56 -94.04 63.72 -0.23
CA LEU I 56 -93.18 62.56 -0.13
C LEU I 56 -91.84 62.97 0.44
N LEU I 57 -91.48 64.23 0.27
CA LEU I 57 -90.24 64.72 0.85
C LEU I 57 -90.38 64.86 2.35
N ALA I 58 -91.48 65.45 2.80
CA ALA I 58 -91.64 65.68 4.24
C ALA I 58 -91.67 64.38 5.00
N ILE I 59 -92.42 63.40 4.52
CA ILE I 59 -92.52 62.16 5.24
C ILE I 59 -91.11 61.69 5.50
N HIS I 60 -90.22 61.89 4.54
CA HIS I 60 -88.81 61.56 4.79
C HIS I 60 -88.33 62.63 5.72
N ASN I 61 -88.38 62.39 7.01
CA ASN I 61 -88.04 63.38 8.01
C ASN I 61 -88.70 62.88 9.27
N LYS I 62 -89.94 62.41 9.13
CA LYS I 62 -90.63 61.86 10.29
C LYS I 62 -90.75 60.34 10.26
N LEU I 63 -89.84 59.66 9.56
CA LEU I 63 -89.98 58.21 9.39
C LEU I 63 -89.75 57.46 10.70
N THR I 64 -88.73 57.86 11.46
CA THR I 64 -88.46 57.19 12.74
C THR I 64 -89.61 57.43 13.72
N GLU I 65 -90.13 58.64 13.76
CA GLU I 65 -91.27 58.94 14.62
C GLU I 65 -92.49 58.11 14.23
N LEU I 66 -92.74 57.99 12.92
CA LEU I 66 -93.87 57.20 12.45
C LEU I 66 -93.68 55.73 12.80
N SER I 67 -92.46 55.22 12.71
CA SER I 67 -92.20 53.83 13.11
C SER I 67 -92.45 53.63 14.60
N ALA I 68 -91.99 54.58 15.42
CA ALA I 68 -92.22 54.49 16.86
C ALA I 68 -93.71 54.50 17.17
N ILE I 69 -94.47 55.35 16.48
CA ILE I 69 -95.93 55.37 16.66
C ILE I 69 -96.54 54.05 16.21
N TYR I 70 -96.04 53.51 15.10
CA TYR I 70 -96.56 52.25 14.57
C TYR I 70 -96.34 51.10 15.54
N THR I 71 -95.27 51.15 16.33
CA THR I 71 -94.98 50.07 17.28
C THR I 71 -96.09 49.90 18.32
N LYS I 72 -96.94 50.90 18.51
CA LYS I 72 -98.00 50.86 19.52
C LYS I 72 -99.40 51.04 18.94
N LEU I 73 -99.59 50.72 17.66
CA LEU I 73 -100.87 50.98 17.00
C LEU I 73 -102.00 50.20 17.66
N ASP I 74 -101.76 48.95 18.02
CA ASP I 74 -102.79 48.15 18.68
C ASP I 74 -103.17 48.75 20.02
N GLU I 75 -102.19 49.32 20.74
CA GLU I 75 -102.45 49.86 22.07
C GLU I 75 -103.03 51.26 22.01
N LEU I 76 -102.96 51.93 20.86
CA LEU I 76 -103.34 53.34 20.80
C LEU I 76 -104.85 53.54 20.89
N GLN I 77 -105.64 52.47 20.76
CA GLN I 77 -107.08 52.62 20.86
C GLN I 77 -107.55 52.45 22.29
N LEU I 78 -107.11 51.37 22.95
CA LEU I 78 -107.25 51.15 24.40
C LEU I 78 -108.67 51.42 24.92
N ILE I 79 -109.66 51.34 24.04
CA ILE I 79 -111.07 51.46 24.40
C ILE I 79 -111.31 52.67 25.31
N HIS I 80 -111.19 53.87 24.75
CA HIS I 80 -111.18 55.07 25.58
C HIS I 80 -112.53 55.36 26.21
N ASN I 81 -113.62 54.85 25.62
CA ASN I 81 -114.95 55.27 26.02
C ASN I 81 -115.24 54.97 27.49
N ASN I 82 -114.90 53.76 27.95
CA ASN I 82 -115.29 53.36 29.30
C ASN I 82 -114.58 54.19 30.36
N LEU I 83 -113.27 54.33 30.27
CA LEU I 83 -112.56 55.11 31.27
C LEU I 83 -112.85 56.60 31.13
N ASP I 84 -113.22 57.05 29.92
CA ASP I 84 -113.69 58.42 29.78
C ASP I 84 -114.98 58.65 30.56
N LYS I 85 -115.92 57.71 30.44
CA LYS I 85 -117.17 57.83 31.20
C LYS I 85 -116.91 57.77 32.70
N LEU I 86 -116.01 56.87 33.12
CA LEU I 86 -115.67 56.80 34.54
C LEU I 86 -115.01 58.09 35.04
N GLN I 87 -114.13 58.68 34.22
CA GLN I 87 -113.46 59.91 34.62
C GLN I 87 -114.41 61.09 34.63
N GLU I 88 -115.47 61.03 33.83
CA GLU I 88 -116.45 62.12 33.82
C GLU I 88 -117.17 62.21 35.15
N LEU I 89 -117.23 61.12 35.91
CA LEU I 89 -117.88 61.14 37.22
C LEU I 89 -117.08 61.99 38.21
N ASN J 21 -104.87 26.98 -63.02
CA ASN J 21 -105.52 26.18 -64.05
C ASN J 21 -106.97 25.90 -63.69
N ASP J 22 -107.21 24.80 -62.98
CA ASP J 22 -108.56 24.47 -62.55
C ASP J 22 -109.01 25.45 -61.49
N PRO J 23 -110.12 26.18 -61.70
CA PRO J 23 -110.54 27.21 -60.74
C PRO J 23 -110.85 26.66 -59.36
N ILE J 24 -111.53 25.52 -59.30
CA ILE J 24 -111.90 24.94 -58.01
C ILE J 24 -110.68 24.37 -57.31
N VAL J 25 -109.77 23.75 -58.06
CA VAL J 25 -108.65 23.05 -57.45
C VAL J 25 -107.52 24.01 -57.11
N ASP J 26 -107.18 24.90 -58.04
CA ASP J 26 -106.03 25.78 -57.89
C ASP J 26 -106.46 27.16 -57.41
N LYS J 27 -105.75 27.66 -56.40
CA LYS J 27 -106.02 28.98 -55.82
C LYS J 27 -105.01 29.98 -56.35
N MET J 28 -105.48 31.20 -56.61
CA MET J 28 -104.63 32.21 -57.24
C MET J 28 -103.47 32.61 -56.35
N ILE J 29 -103.74 32.87 -55.07
CA ILE J 29 -102.69 33.33 -54.16
C ILE J 29 -101.67 32.22 -53.91
N GLY J 30 -102.10 30.97 -53.95
CA GLY J 30 -101.21 29.85 -53.72
C GLY J 30 -101.84 28.81 -52.82
N ASN J 31 -101.71 27.53 -53.20
CA ASN J 31 -102.33 26.47 -52.41
C ASN J 31 -101.76 26.43 -51.00
N ALA J 32 -100.43 26.41 -50.88
CA ALA J 32 -99.81 26.36 -49.56
C ALA J 32 -100.14 27.61 -48.75
N TYR J 33 -100.07 28.79 -49.39
CA TYR J 33 -100.40 30.01 -48.67
C TYR J 33 -101.87 30.06 -48.30
N TYR J 34 -102.75 29.55 -49.17
CA TYR J 34 -104.17 29.51 -48.83
C TYR J 34 -104.42 28.64 -47.60
N VAL J 35 -103.78 27.46 -47.54
CA VAL J 35 -103.95 26.61 -46.37
C VAL J 35 -103.36 27.28 -45.12
N VAL J 36 -102.21 27.95 -45.27
CA VAL J 36 -101.58 28.60 -44.13
C VAL J 36 -102.48 29.72 -43.59
N LYS J 37 -103.04 30.53 -44.48
CA LYS J 37 -103.97 31.57 -44.05
C LYS J 37 -105.22 30.97 -43.40
N PHE J 38 -105.74 29.89 -43.98
CA PHE J 38 -106.90 29.22 -43.41
C PHE J 38 -106.63 28.78 -41.98
N VAL J 39 -105.46 28.22 -41.74
CA VAL J 39 -105.09 27.82 -40.37
C VAL J 39 -104.91 29.06 -39.49
N ALA J 40 -104.32 30.12 -40.03
CA ALA J 40 -104.01 31.29 -39.22
C ALA J 40 -105.27 31.97 -38.71
N LEU J 41 -106.30 32.11 -39.55
CA LEU J 41 -107.51 32.80 -39.12
C LEU J 41 -108.28 32.02 -38.07
N ARG J 42 -107.95 30.75 -37.86
CA ARG J 42 -108.66 29.90 -36.91
C ARG J 42 -107.74 29.36 -35.81
N MET J 43 -106.76 30.15 -35.41
CA MET J 43 -105.85 29.73 -34.35
C MET J 43 -106.50 29.52 -32.99
N PRO J 44 -107.42 30.37 -32.49
CA PRO J 44 -107.86 30.20 -31.09
C PRO J 44 -108.45 28.85 -30.77
N PHE J 45 -109.10 28.19 -31.73
CA PHE J 45 -109.61 26.84 -31.47
C PHE J 45 -108.47 25.88 -31.18
N ILE J 46 -107.42 25.92 -31.99
CA ILE J 46 -106.26 25.07 -31.76
C ILE J 46 -105.60 25.41 -30.43
N LYS J 47 -105.53 26.71 -30.10
CA LYS J 47 -104.93 27.11 -28.84
C LYS J 47 -105.72 26.57 -27.66
N ASN J 48 -107.05 26.66 -27.72
CA ASN J 48 -107.89 26.14 -26.64
C ASN J 48 -107.74 24.64 -26.50
N VAL J 49 -107.70 23.92 -27.62
CA VAL J 49 -107.53 22.47 -27.56
C VAL J 49 -106.17 22.10 -26.99
N SER J 50 -105.14 22.89 -27.31
CA SER J 50 -103.79 22.57 -26.87
C SER J 50 -103.58 22.89 -25.40
N ASP J 51 -104.21 23.96 -24.90
CA ASP J 51 -104.04 24.31 -23.50
C ASP J 51 -104.61 23.24 -22.58
N ASN J 52 -105.74 22.65 -22.97
CA ASN J 52 -106.44 21.67 -22.15
C ASN J 52 -106.16 20.23 -22.57
N MET J 53 -104.91 19.94 -22.96
CA MET J 53 -104.62 18.64 -23.55
C MET J 53 -104.64 17.53 -22.52
N THR J 54 -104.07 17.79 -21.33
CA THR J 54 -104.06 16.78 -20.27
C THR J 54 -105.49 16.43 -19.83
N GLN J 55 -106.35 17.44 -19.73
CA GLN J 55 -107.74 17.19 -19.36
C GLN J 55 -108.44 16.31 -20.38
N LEU J 56 -108.20 16.59 -21.67
CA LEU J 56 -108.81 15.79 -22.73
C LEU J 56 -108.29 14.36 -22.69
N LEU J 57 -106.99 14.18 -22.43
CA LEU J 57 -106.44 12.84 -22.32
C LEU J 57 -107.07 12.10 -21.15
N ALA J 58 -107.24 12.77 -20.00
CA ALA J 58 -107.89 12.14 -18.86
C ALA J 58 -109.33 11.75 -19.17
N ILE J 59 -110.05 12.61 -19.88
CA ILE J 59 -111.41 12.27 -20.30
C ILE J 59 -111.40 11.05 -21.21
N HIS J 60 -110.42 10.99 -22.14
CA HIS J 60 -110.33 9.85 -23.04
C HIS J 60 -110.02 8.56 -22.30
N ASN J 61 -109.30 8.67 -21.17
CA ASN J 61 -108.97 7.47 -20.41
C ASN J 61 -110.22 6.75 -19.91
N LYS J 62 -111.21 7.49 -19.45
CA LYS J 62 -112.40 6.94 -18.83
C LYS J 62 -113.62 6.97 -19.74
N LEU J 63 -113.43 6.74 -21.05
CA LEU J 63 -114.56 6.84 -21.97
C LEU J 63 -115.52 5.67 -21.83
N THR J 64 -114.98 4.46 -21.62
CA THR J 64 -115.84 3.29 -21.49
C THR J 64 -116.76 3.41 -20.27
N GLU J 65 -116.22 3.90 -19.15
CA GLU J 65 -117.04 4.09 -17.96
C GLU J 65 -118.13 5.13 -18.21
N LEU J 66 -117.77 6.24 -18.86
CA LEU J 66 -118.76 7.28 -19.14
C LEU J 66 -119.87 6.73 -20.02
N SER J 67 -119.52 5.91 -21.02
CA SER J 67 -120.54 5.26 -21.83
C SER J 67 -121.40 4.32 -20.98
N ALA J 68 -120.78 3.63 -20.02
CA ALA J 68 -121.54 2.71 -19.16
C ALA J 68 -122.59 3.44 -18.34
N ILE J 69 -122.21 4.56 -17.72
CA ILE J 69 -123.21 5.36 -17.00
C ILE J 69 -124.23 5.96 -17.98
N TYR J 70 -123.79 6.30 -19.20
CA TYR J 70 -124.75 6.86 -20.15
C TYR J 70 -125.83 5.84 -20.50
N THR J 71 -125.46 4.57 -20.67
CA THR J 71 -126.45 3.55 -20.97
C THR J 71 -127.44 3.39 -19.82
N LYS J 72 -127.00 3.68 -18.59
CA LYS J 72 -127.83 3.57 -17.40
C LYS J 72 -128.31 4.93 -16.89
N LEU J 73 -128.37 5.95 -17.75
CA LEU J 73 -128.72 7.28 -17.28
C LEU J 73 -130.20 7.37 -16.92
N ASP J 74 -131.08 6.85 -17.78
CA ASP J 74 -132.52 6.95 -17.54
C ASP J 74 -132.92 6.19 -16.28
N GLU J 75 -132.40 4.99 -16.10
CA GLU J 75 -132.61 4.23 -14.88
C GLU J 75 -131.49 4.56 -13.90
N LEU J 76 -131.38 3.80 -12.82
CA LEU J 76 -130.21 3.80 -11.94
C LEU J 76 -130.10 5.10 -11.15
N GLN J 77 -130.93 6.10 -11.48
CA GLN J 77 -131.01 7.29 -10.65
C GLN J 77 -132.24 7.24 -9.76
N LEU J 78 -133.42 7.18 -10.36
CA LEU J 78 -134.69 7.00 -9.64
C LEU J 78 -134.84 7.98 -8.48
N ILE J 79 -134.13 9.10 -8.57
CA ILE J 79 -133.99 10.03 -7.46
C ILE J 79 -133.52 9.26 -6.23
N HIS J 80 -132.23 8.90 -6.20
CA HIS J 80 -131.71 8.03 -5.16
C HIS J 80 -131.96 8.56 -3.75
N ASN J 81 -132.24 9.85 -3.60
CA ASN J 81 -132.73 10.34 -2.32
C ASN J 81 -134.06 9.70 -1.96
N ASN J 82 -134.95 9.56 -2.96
CA ASN J 82 -136.26 8.96 -2.71
C ASN J 82 -136.13 7.51 -2.29
N LEU J 83 -135.08 6.81 -2.75
CA LEU J 83 -134.90 5.42 -2.38
C LEU J 83 -134.68 5.27 -0.87
N ASP J 84 -133.86 6.15 -0.29
CA ASP J 84 -133.67 6.11 1.16
C ASP J 84 -134.89 6.69 1.88
N LYS J 85 -135.55 7.68 1.27
CA LYS J 85 -136.75 8.25 1.88
C LYS J 85 -137.85 7.20 2.01
N LEU J 86 -137.91 6.25 1.08
CA LEU J 86 -138.92 5.21 1.13
C LEU J 86 -138.78 4.37 2.39
N GLN J 87 -137.56 3.94 2.70
CA GLN J 87 -137.34 3.25 3.97
C GLN J 87 -137.57 4.19 5.15
N GLU J 88 -137.23 5.47 5.01
CA GLU J 88 -137.58 6.44 6.02
C GLU J 88 -139.10 6.56 6.15
N LEU J 89 -139.81 6.59 5.03
CA LEU J 89 -141.26 6.69 5.05
C LEU J 89 -141.91 5.31 4.93
N THR K 9 -99.12 57.18 -27.23
CA THR K 9 -98.05 58.10 -27.61
C THR K 9 -96.85 57.35 -28.17
N ILE K 10 -96.04 56.80 -27.28
CA ILE K 10 -94.84 56.07 -27.70
C ILE K 10 -95.25 54.75 -28.35
N PRO K 11 -94.84 54.46 -29.58
CA PRO K 11 -95.21 53.18 -30.20
C PRO K 11 -94.39 52.03 -29.64
N ASN K 12 -95.06 50.90 -29.40
CA ASN K 12 -94.43 49.70 -28.87
C ASN K 12 -94.92 48.47 -29.64
N GLU K 13 -94.94 48.59 -30.96
CA GLU K 13 -95.34 47.49 -31.85
C GLU K 13 -94.14 47.03 -32.65
N GLY K 14 -93.90 45.72 -32.66
CA GLY K 14 -92.79 45.17 -33.40
C GLY K 14 -92.80 43.66 -33.33
N TYR K 15 -91.90 43.04 -34.09
CA TYR K 15 -91.80 41.59 -34.09
C TYR K 15 -91.13 41.08 -32.82
N CYS K 16 -90.29 41.91 -32.20
CA CYS K 16 -89.62 41.49 -30.97
C CYS K 16 -90.60 41.41 -29.81
N CYS K 17 -91.49 42.40 -29.68
CA CYS K 17 -92.44 42.41 -28.57
C CYS K 17 -93.46 41.29 -28.70
N GLU K 18 -93.66 40.78 -29.91
CA GLU K 18 -94.65 39.74 -30.14
C GLU K 18 -94.26 38.45 -29.44
N THR K 19 -95.25 37.78 -28.86
CA THR K 19 -95.07 36.48 -28.22
C THR K 19 -96.08 35.50 -28.82
N LEU K 20 -95.89 34.21 -28.51
CA LEU K 20 -96.72 33.19 -29.13
C LEU K 20 -98.11 33.12 -28.49
N ASN K 21 -98.27 33.74 -27.32
CA ASN K 21 -99.58 33.77 -26.68
C ASN K 21 -100.47 34.91 -27.18
N ASP K 22 -99.91 35.85 -27.94
CA ASP K 22 -100.67 37.02 -28.35
C ASP K 22 -101.69 36.66 -29.43
N PRO K 23 -102.78 37.41 -29.52
CA PRO K 23 -103.73 37.21 -30.61
C PRO K 23 -103.24 37.83 -31.91
N ILE K 24 -103.92 37.46 -33.00
CA ILE K 24 -103.54 37.98 -34.32
C ILE K 24 -103.88 39.46 -34.41
N VAL K 25 -103.19 40.15 -35.31
CA VAL K 25 -103.41 41.58 -35.56
C VAL K 25 -104.19 41.71 -36.86
N ASP K 26 -105.33 42.40 -36.80
CA ASP K 26 -106.18 42.54 -37.98
C ASP K 26 -105.57 43.45 -39.04
N LYS K 27 -104.60 44.29 -38.67
CA LYS K 27 -104.02 45.21 -39.64
C LYS K 27 -103.14 44.47 -40.64
N MET K 28 -102.31 43.55 -40.16
CA MET K 28 -101.31 42.89 -40.98
C MET K 28 -101.77 41.55 -41.55
N ILE K 29 -103.08 41.35 -41.69
CA ILE K 29 -103.57 40.13 -42.32
C ILE K 29 -103.21 40.11 -43.80
N GLY K 30 -103.26 41.27 -44.46
CA GLY K 30 -102.92 41.33 -45.87
C GLY K 30 -101.45 41.05 -46.14
N ASN K 31 -100.60 41.26 -45.13
CA ASN K 31 -99.18 41.02 -45.31
C ASN K 31 -98.88 39.53 -45.21
N ALA K 32 -98.35 38.97 -46.30
CA ALA K 32 -98.13 37.53 -46.37
C ALA K 32 -97.09 37.08 -45.35
N TYR K 33 -96.00 37.84 -45.19
CA TYR K 33 -94.95 37.42 -44.27
C TYR K 33 -95.46 37.38 -42.84
N TYR K 34 -96.31 38.33 -42.45
CA TYR K 34 -96.84 38.33 -41.09
C TYR K 34 -97.65 37.07 -40.83
N VAL K 35 -98.52 36.69 -41.76
CA VAL K 35 -99.34 35.50 -41.59
C VAL K 35 -98.46 34.25 -41.52
N VAL K 36 -97.47 34.16 -42.41
CA VAL K 36 -96.61 32.99 -42.44
C VAL K 36 -95.83 32.86 -41.13
N LYS K 37 -95.28 33.97 -40.63
CA LYS K 37 -94.54 33.90 -39.38
C LYS K 37 -95.46 33.64 -38.19
N PHE K 38 -96.69 34.16 -38.25
CA PHE K 38 -97.66 33.90 -37.20
C PHE K 38 -97.95 32.40 -37.09
N VAL K 39 -98.10 31.74 -38.23
CA VAL K 39 -98.28 30.29 -38.22
C VAL K 39 -96.99 29.59 -37.79
N ALA K 40 -95.83 30.12 -38.19
CA ALA K 40 -94.56 29.46 -37.91
C ALA K 40 -94.22 29.47 -36.42
N LEU K 41 -94.55 30.56 -35.73
CA LEU K 41 -94.23 30.66 -34.31
C LEU K 41 -95.01 29.64 -33.48
N ARG K 42 -96.25 29.36 -33.87
CA ARG K 42 -97.15 28.54 -33.08
C ARG K 42 -97.23 27.10 -33.56
N MET K 43 -96.10 26.55 -34.04
CA MET K 43 -96.02 25.16 -34.42
C MET K 43 -96.15 24.18 -33.24
N PRO K 44 -95.73 24.54 -32.02
CA PRO K 44 -95.99 23.62 -30.90
C PRO K 44 -97.45 23.25 -30.72
N PHE K 45 -98.37 24.21 -30.86
CA PHE K 45 -99.78 23.90 -30.69
C PHE K 45 -100.26 22.94 -31.77
N ILE K 46 -99.88 23.20 -33.02
CA ILE K 46 -100.30 22.35 -34.13
C ILE K 46 -99.73 20.96 -33.97
N LYS K 47 -98.47 20.85 -33.55
CA LYS K 47 -97.86 19.54 -33.35
C LYS K 47 -98.54 18.78 -32.22
N ASN K 48 -98.87 19.47 -31.12
CA ASN K 48 -99.57 18.80 -30.02
C ASN K 48 -100.94 18.30 -30.48
N VAL K 49 -101.67 19.11 -31.25
CA VAL K 49 -102.98 18.67 -31.72
C VAL K 49 -102.84 17.49 -32.67
N SER K 50 -101.86 17.52 -33.57
CA SER K 50 -101.74 16.48 -34.58
C SER K 50 -101.23 15.17 -33.99
N ASP K 51 -100.41 15.24 -32.93
CA ASP K 51 -99.86 14.02 -32.36
C ASP K 51 -100.95 13.13 -31.78
N ASN K 52 -101.98 13.72 -31.18
CA ASN K 52 -103.03 12.97 -30.50
C ASN K 52 -104.39 13.15 -31.14
N MET K 53 -104.47 13.05 -32.47
CA MET K 53 -105.75 13.29 -33.14
C MET K 53 -106.73 12.14 -32.91
N THR K 54 -106.21 10.93 -32.64
CA THR K 54 -107.09 9.81 -32.36
C THR K 54 -107.91 10.04 -31.09
N GLN K 55 -107.28 10.58 -30.06
CA GLN K 55 -108.00 10.89 -28.83
C GLN K 55 -109.09 11.94 -29.07
N LEU K 56 -108.76 12.98 -29.86
CA LEU K 56 -109.76 14.00 -30.17
C LEU K 56 -110.93 13.41 -30.95
N LEU K 57 -110.65 12.52 -31.91
CA LEU K 57 -111.73 11.89 -32.66
C LEU K 57 -112.59 11.01 -31.77
N ALA K 58 -111.96 10.26 -30.86
CA ALA K 58 -112.72 9.41 -29.94
C ALA K 58 -113.61 10.25 -29.04
N ILE K 59 -113.10 11.37 -28.53
CA ILE K 59 -113.92 12.24 -27.70
C ILE K 59 -115.04 12.87 -28.53
N HIS K 60 -114.76 13.17 -29.79
CA HIS K 60 -115.78 13.78 -30.65
C HIS K 60 -116.90 12.80 -30.94
N ASN K 61 -116.58 11.50 -31.01
CA ASN K 61 -117.62 10.50 -31.23
C ASN K 61 -118.62 10.46 -30.09
N LYS K 62 -118.14 10.66 -28.85
CA LYS K 62 -118.97 10.54 -27.66
C LYS K 62 -119.41 11.89 -27.10
N LEU K 63 -119.68 12.87 -27.97
CA LEU K 63 -120.03 14.20 -27.48
C LEU K 63 -121.42 14.23 -26.86
N THR K 64 -122.38 13.55 -27.50
CA THR K 64 -123.75 13.55 -26.97
C THR K 64 -123.82 12.90 -25.60
N GLU K 65 -123.11 11.79 -25.42
CA GLU K 65 -123.08 11.18 -24.10
C GLU K 65 -122.46 12.14 -23.11
N LEU K 66 -121.36 12.78 -23.51
CA LEU K 66 -120.67 13.69 -22.62
C LEU K 66 -121.34 15.05 -22.59
N SER K 67 -122.37 15.24 -23.41
CA SER K 67 -123.12 16.48 -23.35
C SER K 67 -124.41 16.21 -22.59
N ALA K 68 -124.56 14.96 -22.16
CA ALA K 68 -125.68 14.53 -21.33
C ALA K 68 -125.23 14.35 -19.90
N ILE K 69 -124.31 13.42 -19.67
CA ILE K 69 -123.74 13.26 -18.34
C ILE K 69 -123.60 14.62 -17.65
N TYR K 70 -123.22 15.65 -18.42
CA TYR K 70 -123.12 16.99 -17.86
C TYR K 70 -124.48 17.49 -17.39
N THR K 71 -125.54 17.22 -18.16
CA THR K 71 -126.86 17.69 -17.79
C THR K 71 -127.36 17.07 -16.48
N LYS K 72 -126.81 15.91 -16.09
CA LYS K 72 -127.23 15.22 -14.89
C LYS K 72 -126.11 15.09 -13.87
N LEU K 73 -125.27 16.11 -13.74
CA LEU K 73 -124.12 16.02 -12.84
C LEU K 73 -124.54 16.08 -11.38
N ASP K 74 -125.50 16.96 -11.05
CA ASP K 74 -125.91 17.12 -9.66
C ASP K 74 -126.53 15.85 -9.10
N GLU K 75 -127.35 15.17 -9.91
CA GLU K 75 -127.94 13.90 -9.47
C GLU K 75 -126.85 12.86 -9.22
N LEU K 76 -125.83 12.83 -10.07
CA LEU K 76 -124.73 11.90 -9.85
C LEU K 76 -123.98 12.24 -8.57
N GLN K 77 -123.81 13.52 -8.28
CA GLN K 77 -123.20 13.91 -7.00
C GLN K 77 -124.04 13.43 -5.82
N LEU K 78 -125.37 13.57 -5.92
CA LEU K 78 -126.24 13.10 -4.84
C LEU K 78 -126.14 11.59 -4.66
N ILE K 79 -126.12 10.84 -5.77
CA ILE K 79 -126.00 9.39 -5.66
C ILE K 79 -124.65 9.00 -5.07
N HIS K 80 -123.59 9.72 -5.45
CA HIS K 80 -122.28 9.45 -4.86
C HIS K 80 -122.28 9.71 -3.36
N ASN K 81 -122.92 10.80 -2.92
CA ASN K 81 -122.99 11.08 -1.50
C ASN K 81 -123.79 10.01 -0.76
N ASN K 82 -124.89 9.55 -1.36
CA ASN K 82 -125.71 8.52 -0.72
C ASN K 82 -124.97 7.19 -0.65
N LEU K 83 -124.20 6.85 -1.68
CA LEU K 83 -123.61 5.52 -1.77
C LEU K 83 -122.62 5.25 -0.64
N ASP K 84 -122.18 6.30 0.07
CA ASP K 84 -121.27 6.11 1.19
C ASP K 84 -121.93 5.26 2.29
N LYS K 85 -123.21 5.50 2.55
CA LYS K 85 -123.93 4.78 3.59
C LYS K 85 -125.12 3.97 3.06
N LEU K 86 -125.37 4.03 1.75
CA LEU K 86 -126.52 3.34 1.15
C LEU K 86 -126.13 2.00 0.52
N GLN K 87 -125.02 1.40 0.93
CA GLN K 87 -124.76 0.02 0.56
C GLN K 87 -125.84 -0.90 1.15
N GLU K 88 -126.21 -0.66 2.41
CA GLU K 88 -127.43 -1.20 3.01
C GLU K 88 -127.46 -2.73 2.96
N LEU K 89 -126.29 -3.36 2.97
CA LEU K 89 -126.17 -4.81 3.06
C LEU K 89 -127.03 -5.49 1.99
N TYR K 90 -126.59 -5.32 0.73
CA TYR K 90 -127.30 -5.86 -0.43
C TYR K 90 -127.88 -7.25 -0.16
N ASN K 91 -127.14 -8.10 0.54
CA ASN K 91 -127.68 -9.41 0.93
C ASN K 91 -128.89 -9.25 1.84
N GLN K 92 -128.84 -8.32 2.79
CA GLN K 92 -130.00 -8.07 3.63
C GLN K 92 -131.15 -7.49 2.83
N LEU K 93 -130.85 -6.67 1.82
CA LEU K 93 -131.90 -6.19 0.93
C LEU K 93 -132.58 -7.35 0.22
N SER K 94 -131.81 -8.30 -0.28
CA SER K 94 -132.38 -9.48 -0.91
C SER K 94 -133.22 -10.29 0.08
N LYS K 95 -132.74 -10.42 1.31
CA LYS K 95 -133.50 -11.14 2.34
C LYS K 95 -134.83 -10.45 2.62
N LEU K 96 -134.82 -9.12 2.75
CA LEU K 96 -136.06 -8.39 2.98
C LEU K 96 -137.02 -8.55 1.81
N THR K 97 -136.50 -8.49 0.58
CA THR K 97 -137.36 -8.74 -0.59
C THR K 97 -137.93 -10.15 -0.56
N GLY K 98 -137.17 -11.11 -0.02
CA GLY K 98 -137.68 -12.46 0.11
C GLY K 98 -138.83 -12.56 1.09
N LEU K 99 -138.75 -11.82 2.19
CA LEU K 99 -139.81 -11.84 3.21
C LEU K 99 -141.09 -11.21 2.67
N SER L 2 -80.00 33.60 -61.55
CA SER L 2 -80.48 32.24 -61.53
C SER L 2 -81.17 31.92 -60.22
N GLY L 3 -81.81 32.92 -59.64
CA GLY L 3 -82.56 32.74 -58.41
C GLY L 3 -83.69 33.74 -58.32
N HIS L 4 -84.77 33.33 -57.67
CA HIS L 4 -85.95 34.17 -57.49
C HIS L 4 -86.11 34.48 -56.02
N THR L 5 -86.14 35.76 -55.69
CA THR L 5 -86.30 36.16 -54.30
C THR L 5 -87.72 35.85 -53.84
N PRO L 6 -87.88 35.13 -52.71
CA PRO L 6 -89.23 34.81 -52.23
C PRO L 6 -90.08 36.03 -51.95
N PHE L 7 -89.49 37.13 -51.51
CA PHE L 7 -90.26 38.34 -51.24
C PHE L 7 -90.63 39.11 -52.50
N ASN L 8 -90.24 38.60 -53.67
CA ASN L 8 -90.54 39.27 -54.94
C ASN L 8 -91.90 38.82 -55.46
N THR L 9 -92.91 38.99 -54.61
CA THR L 9 -94.27 38.72 -55.04
C THR L 9 -94.75 39.86 -55.96
N ILE L 10 -95.88 39.62 -56.61
CA ILE L 10 -96.40 40.51 -57.64
C ILE L 10 -95.30 40.78 -58.67
N PRO L 11 -94.73 39.75 -59.30
CA PRO L 11 -93.65 40.00 -60.26
C PRO L 11 -94.20 40.22 -61.66
N ASN L 12 -95.50 40.49 -61.75
CA ASN L 12 -96.21 40.48 -63.03
C ASN L 12 -95.94 41.78 -63.77
N GLU L 13 -94.84 41.79 -64.53
CA GLU L 13 -94.61 42.89 -65.47
C GLU L 13 -95.69 42.92 -66.54
N GLY L 14 -96.07 41.75 -67.06
CA GLY L 14 -97.12 41.60 -68.02
C GLY L 14 -98.49 41.39 -67.41
N TYR L 15 -98.58 41.52 -66.09
CA TYR L 15 -99.86 41.39 -65.38
C TYR L 15 -100.53 40.03 -65.54
N CYS L 16 -99.74 38.97 -65.42
CA CYS L 16 -100.29 37.64 -65.21
C CYS L 16 -100.78 37.56 -63.78
N CYS L 17 -102.05 37.21 -63.60
CA CYS L 17 -102.75 37.42 -62.34
C CYS L 17 -102.13 36.75 -61.12
N GLU L 18 -101.26 35.77 -61.33
CA GLU L 18 -100.69 35.02 -60.20
C GLU L 18 -99.99 35.94 -59.22
N THR L 19 -99.89 35.52 -57.96
CA THR L 19 -99.24 36.35 -56.95
C THR L 19 -97.93 35.78 -56.41
N LEU L 20 -97.76 34.46 -56.46
CA LEU L 20 -96.49 33.85 -56.03
C LEU L 20 -96.19 34.00 -54.54
N ASN L 21 -96.99 33.39 -53.68
CA ASN L 21 -96.80 33.43 -52.23
C ASN L 21 -96.27 32.13 -51.66
N ASP L 22 -95.97 31.14 -52.48
CA ASP L 22 -95.47 29.85 -52.02
C ASP L 22 -94.00 29.87 -51.56
N PRO L 23 -93.11 30.62 -52.21
CA PRO L 23 -91.71 30.64 -51.73
C PRO L 23 -91.56 31.08 -50.29
N ILE L 24 -92.40 32.01 -49.81
CA ILE L 24 -92.32 32.42 -48.41
C ILE L 24 -92.69 31.25 -47.51
N VAL L 25 -93.72 30.49 -47.88
CA VAL L 25 -94.11 29.32 -47.10
C VAL L 25 -92.99 28.30 -47.06
N ASP L 26 -92.34 28.08 -48.21
CA ASP L 26 -91.20 27.16 -48.23
C ASP L 26 -90.05 27.66 -47.36
N LYS L 27 -89.80 28.97 -47.40
CA LYS L 27 -88.65 29.52 -46.66
C LYS L 27 -88.88 29.50 -45.16
N MET L 28 -90.13 29.65 -44.72
CA MET L 28 -90.39 29.72 -43.29
C MET L 28 -90.90 28.39 -42.73
N ILE L 29 -91.99 27.87 -43.27
CA ILE L 29 -92.52 26.57 -42.87
C ILE L 29 -92.02 25.51 -43.83
N GLY L 30 -90.84 24.94 -43.55
CA GLY L 30 -90.22 23.97 -44.42
C GLY L 30 -90.20 22.60 -43.76
N ASN L 31 -90.62 21.59 -44.52
CA ASN L 31 -90.70 20.18 -44.14
C ASN L 31 -91.75 19.95 -43.06
N ALA L 32 -92.43 20.99 -42.60
CA ALA L 32 -93.49 20.85 -41.60
C ALA L 32 -94.84 21.28 -42.13
N TYR L 33 -95.00 21.37 -43.46
CA TYR L 33 -96.28 21.74 -44.03
C TYR L 33 -97.29 20.60 -43.93
N TYR L 34 -96.80 19.36 -43.87
CA TYR L 34 -97.70 18.22 -43.83
C TYR L 34 -98.50 18.21 -42.53
N VAL L 35 -97.89 18.64 -41.41
CA VAL L 35 -98.63 18.76 -40.16
C VAL L 35 -99.71 19.84 -40.28
N VAL L 36 -99.39 20.96 -40.93
CA VAL L 36 -100.36 22.02 -41.10
C VAL L 36 -101.56 21.53 -41.90
N LYS L 37 -101.32 20.81 -42.99
CA LYS L 37 -102.44 20.26 -43.76
C LYS L 37 -103.18 19.20 -42.97
N PHE L 38 -102.45 18.38 -42.20
CA PHE L 38 -103.04 17.38 -41.34
C PHE L 38 -104.10 17.99 -40.43
N VAL L 39 -103.74 19.10 -39.78
CA VAL L 39 -104.70 19.78 -38.92
C VAL L 39 -105.79 20.46 -39.73
N ALA L 40 -105.43 21.06 -40.87
CA ALA L 40 -106.39 21.88 -41.61
C ALA L 40 -107.52 21.04 -42.19
N LEU L 41 -107.22 19.81 -42.61
CA LEU L 41 -108.25 18.99 -43.26
C LEU L 41 -109.40 18.67 -42.30
N ARG L 42 -109.09 18.36 -41.05
CA ARG L 42 -110.08 17.95 -40.06
C ARG L 42 -110.39 19.03 -39.05
N MET L 43 -110.49 20.28 -39.50
CA MET L 43 -110.76 21.38 -38.57
C MET L 43 -112.16 21.37 -37.98
N PRO L 44 -113.22 20.91 -38.67
CA PRO L 44 -114.54 20.86 -38.02
C PRO L 44 -114.56 20.05 -36.73
N PHE L 45 -113.84 18.93 -36.66
CA PHE L 45 -113.80 18.16 -35.42
C PHE L 45 -113.16 18.97 -34.30
N ILE L 46 -112.06 19.67 -34.59
CA ILE L 46 -111.42 20.51 -33.58
C ILE L 46 -112.35 21.62 -33.13
N LYS L 47 -113.08 22.23 -34.07
CA LYS L 47 -114.02 23.28 -33.72
C LYS L 47 -115.12 22.75 -32.80
N ASN L 48 -115.67 21.58 -33.12
CA ASN L 48 -116.72 21.01 -32.29
C ASN L 48 -116.19 20.67 -30.90
N VAL L 49 -114.97 20.11 -30.82
CA VAL L 49 -114.40 19.79 -29.51
C VAL L 49 -114.18 21.05 -28.71
N SER L 50 -113.67 22.11 -29.34
CA SER L 50 -113.40 23.34 -28.60
C SER L 50 -114.68 24.03 -28.15
N ASP L 51 -115.75 23.92 -28.95
CA ASP L 51 -117.00 24.58 -28.58
C ASP L 51 -117.57 24.01 -27.28
N ASN L 52 -117.26 22.75 -26.98
CA ASN L 52 -117.73 22.10 -25.77
C ASN L 52 -116.63 21.90 -24.74
N MET L 53 -115.78 22.91 -24.57
CA MET L 53 -114.72 22.82 -23.58
C MET L 53 -115.27 22.95 -22.16
N THR L 54 -116.16 23.91 -21.95
CA THR L 54 -116.70 24.12 -20.61
C THR L 54 -117.28 22.82 -20.07
N GLN L 55 -118.09 22.17 -20.87
CA GLN L 55 -118.68 20.91 -20.45
C GLN L 55 -117.57 19.94 -20.15
N LEU L 56 -116.66 19.77 -21.09
CA LEU L 56 -115.57 18.82 -20.90
C LEU L 56 -114.70 19.22 -19.73
N LEU L 57 -114.84 20.46 -19.26
CA LEU L 57 -114.10 20.87 -18.08
C LEU L 57 -114.70 20.23 -16.84
N ALA L 58 -116.01 20.39 -16.66
CA ALA L 58 -116.67 19.85 -15.47
C ALA L 58 -116.59 18.35 -15.42
N ILE L 59 -116.86 17.69 -16.55
CA ILE L 59 -116.87 16.24 -16.56
C ILE L 59 -115.51 15.73 -16.11
N HIS L 60 -114.50 16.60 -16.14
CA HIS L 60 -113.19 16.19 -15.67
C HIS L 60 -113.07 16.29 -14.15
N ASN L 61 -113.41 17.45 -13.60
CA ASN L 61 -113.25 17.65 -12.16
C ASN L 61 -114.04 16.63 -11.35
N LYS L 62 -115.20 16.23 -11.84
CA LYS L 62 -116.05 15.32 -11.08
C LYS L 62 -115.73 13.87 -11.38
N LEU L 63 -114.57 13.60 -11.96
CA LEU L 63 -114.24 12.22 -12.34
C LEU L 63 -114.36 11.22 -11.19
N THR L 64 -113.57 11.40 -10.14
CA THR L 64 -113.57 10.43 -9.04
C THR L 64 -114.98 9.96 -8.72
N GLU L 65 -115.94 10.90 -8.71
CA GLU L 65 -117.33 10.54 -8.43
C GLU L 65 -117.87 9.59 -9.50
N LEU L 66 -117.58 9.88 -10.77
CA LEU L 66 -118.05 9.01 -11.84
C LEU L 66 -117.42 7.63 -11.76
N SER L 67 -116.13 7.56 -11.41
CA SER L 67 -115.49 6.26 -11.26
C SER L 67 -116.10 5.47 -10.11
N ALA L 68 -116.37 6.15 -8.98
CA ALA L 68 -117.01 5.48 -7.86
C ALA L 68 -118.40 4.97 -8.21
N ILE L 69 -119.16 5.77 -8.96
CA ILE L 69 -120.48 5.34 -9.40
C ILE L 69 -120.36 4.14 -10.34
N TYR L 70 -119.37 4.17 -11.24
CA TYR L 70 -119.18 3.08 -12.18
C TYR L 70 -118.84 1.77 -11.47
N THR L 71 -118.02 1.85 -10.41
CA THR L 71 -117.60 0.64 -9.72
C THR L 71 -118.78 -0.11 -9.12
N LYS L 72 -119.89 0.58 -8.86
CA LYS L 72 -121.07 -0.01 -8.25
C LYS L 72 -122.29 -0.03 -9.17
N LEU L 73 -122.08 -0.12 -10.48
CA LEU L 73 -123.21 -0.02 -11.41
C LEU L 73 -124.20 -1.17 -11.22
N ASP L 74 -123.70 -2.39 -11.03
CA ASP L 74 -124.58 -3.55 -10.96
C ASP L 74 -125.42 -3.53 -9.68
N GLU L 75 -124.94 -2.87 -8.63
CA GLU L 75 -125.58 -2.98 -7.33
C GLU L 75 -126.57 -1.86 -7.06
N LEU L 76 -126.95 -1.09 -8.08
CA LEU L 76 -127.80 0.06 -7.84
C LEU L 76 -129.27 -0.25 -8.01
N GLN L 77 -129.63 -1.08 -9.00
CA GLN L 77 -131.05 -1.31 -9.27
C GLN L 77 -131.68 -2.19 -8.18
N LEU L 78 -131.25 -3.45 -8.10
CA LEU L 78 -131.63 -4.36 -7.00
C LEU L 78 -133.13 -4.43 -6.76
N ILE L 79 -133.91 -4.47 -7.85
CA ILE L 79 -135.35 -4.73 -7.79
C ILE L 79 -136.03 -3.78 -6.81
N HIS L 80 -136.11 -2.50 -7.17
CA HIS L 80 -136.59 -1.48 -6.23
C HIS L 80 -138.05 -1.72 -5.83
N ASN L 81 -138.88 -2.21 -6.76
CA ASN L 81 -140.32 -2.27 -6.53
C ASN L 81 -140.67 -3.15 -5.33
N ASN L 82 -139.97 -4.29 -5.17
CA ASN L 82 -140.32 -5.22 -4.11
C ASN L 82 -140.13 -4.61 -2.73
N LEU L 83 -138.95 -4.05 -2.45
CA LEU L 83 -138.72 -3.48 -1.13
C LEU L 83 -139.48 -2.17 -0.95
N ASP L 84 -139.78 -1.46 -2.06
CA ASP L 84 -140.65 -0.30 -1.93
C ASP L 84 -142.04 -0.70 -1.44
N LYS L 85 -142.62 -1.75 -2.03
CA LYS L 85 -143.91 -2.24 -1.55
C LYS L 85 -143.80 -2.75 -0.13
N LEU L 86 -142.69 -3.41 0.21
CA LEU L 86 -142.52 -3.95 1.56
C LEU L 86 -142.47 -2.84 2.60
N GLN L 87 -141.75 -1.75 2.32
CA GLN L 87 -141.70 -0.65 3.27
C GLN L 87 -143.02 0.12 3.29
N GLU L 88 -143.76 0.11 2.18
CA GLU L 88 -145.07 0.75 2.17
C GLU L 88 -146.02 0.07 3.15
N LEU L 89 -145.99 -1.25 3.22
CA LEU L 89 -146.81 -1.99 4.18
C LEU L 89 -146.20 -1.91 5.58
N SER M 2 31.27 -25.99 44.45
CA SER M 2 31.38 -25.14 45.62
C SER M 2 31.08 -23.70 45.29
N ASN M 3 30.20 -23.08 46.08
CA ASN M 3 29.80 -21.70 45.82
C ASN M 3 30.90 -20.72 46.21
N ALA M 4 31.91 -21.19 46.93
CA ALA M 4 33.02 -20.30 47.32
C ALA M 4 33.86 -19.90 46.13
N ALA M 5 33.91 -20.75 45.10
CA ALA M 5 34.81 -20.50 43.98
C ALA M 5 34.10 -19.78 42.84
N VAL M 6 32.80 -19.99 42.68
CA VAL M 6 32.08 -19.36 41.57
C VAL M 6 32.05 -17.85 41.78
N VAL M 7 32.23 -17.11 40.69
CA VAL M 7 32.26 -15.66 40.70
C VAL M 7 31.21 -15.16 39.73
N PRO M 8 30.39 -14.17 40.09
CA PRO M 8 29.36 -13.69 39.15
C PRO M 8 29.91 -13.10 37.87
N MET M 9 31.06 -12.43 37.93
CA MET M 9 31.57 -11.69 36.80
C MET M 9 33.04 -12.01 36.56
N PRO M 10 33.51 -12.00 35.31
CA PRO M 10 34.92 -12.28 35.05
C PRO M 10 35.81 -11.10 35.40
N TYR M 11 37.12 -11.32 35.27
CA TYR M 11 38.08 -10.27 35.58
C TYR M 11 38.28 -9.34 34.39
N SER M 12 38.40 -8.05 34.68
CA SER M 12 38.70 -7.04 33.66
C SER M 12 39.56 -5.97 34.28
N PRO M 13 40.58 -5.50 33.57
CA PRO M 13 41.51 -4.52 34.17
C PRO M 13 40.86 -3.19 34.52
N THR M 14 39.70 -2.88 33.94
CA THR M 14 39.10 -1.57 34.14
C THR M 14 38.15 -1.51 35.32
N THR M 15 37.98 -2.60 36.07
CA THR M 15 36.98 -2.62 37.14
C THR M 15 37.32 -1.61 38.24
N VAL M 16 38.58 -1.56 38.67
CA VAL M 16 38.94 -0.66 39.76
C VAL M 16 38.74 0.80 39.41
N PRO M 17 39.19 1.30 38.25
CA PRO M 17 38.90 2.71 37.93
C PRO M 17 37.41 3.02 37.87
N ARG M 18 36.59 2.06 37.44
CA ARG M 18 35.15 2.30 37.41
C ARG M 18 34.58 2.43 38.80
N GLU M 19 35.05 1.62 39.75
CA GLU M 19 34.62 1.79 41.13
C GLU M 19 35.06 3.13 41.68
N GLN M 20 36.28 3.55 41.37
CA GLN M 20 36.74 4.86 41.84
C GLN M 20 35.88 5.98 41.24
N ILE M 21 35.50 5.86 39.97
CA ILE M 21 34.66 6.88 39.35
C ILE M 21 33.26 6.88 39.97
N ARG M 22 32.76 5.70 40.34
CA ARG M 22 31.49 5.65 41.07
C ARG M 22 31.59 6.42 42.38
N GLU M 23 32.68 6.21 43.13
CA GLU M 23 32.85 6.95 44.38
C GLU M 23 32.95 8.45 44.14
N ILE M 24 33.66 8.86 43.08
CA ILE M 24 33.84 10.29 42.85
C ILE M 24 32.52 10.93 42.43
N GLN M 25 31.69 10.20 41.68
CA GLN M 25 30.37 10.71 41.34
C GLN M 25 29.48 10.80 42.58
N LEU M 26 29.60 9.85 43.50
CA LEU M 26 28.87 9.96 44.76
C LEU M 26 29.31 11.19 45.55
N GLN M 27 30.60 11.47 45.54
CA GLN M 27 31.09 12.69 46.20
C GLN M 27 30.52 13.94 45.52
N LEU M 28 30.45 13.94 44.19
CA LEU M 28 29.85 15.06 43.48
C LEU M 28 28.38 15.24 43.88
N ILE M 29 27.66 14.14 44.00
CA ILE M 29 26.26 14.20 44.42
C ILE M 29 26.16 14.81 45.81
N ASN M 30 27.03 14.37 46.72
CA ASN M 30 26.91 14.81 48.11
C ASN M 30 27.33 16.28 48.26
N GLU M 31 28.25 16.76 47.43
CA GLU M 31 28.82 18.09 47.61
C GLU M 31 28.22 19.14 46.67
N MET M 32 27.16 18.82 45.94
CA MET M 32 26.54 19.79 45.04
C MET M 32 25.03 19.82 45.25
N THR M 33 24.42 20.94 44.91
CA THR M 33 22.99 21.11 45.13
C THR M 33 22.17 20.61 43.95
N ASP M 34 20.98 20.06 44.26
CA ASP M 34 20.04 19.58 43.25
C ASP M 34 20.68 18.59 42.29
N VAL M 35 21.46 17.66 42.83
CA VAL M 35 22.03 16.55 42.06
C VAL M 35 21.59 15.26 42.72
N HIS M 36 21.05 14.33 41.92
CA HIS M 36 20.51 13.08 42.43
C HIS M 36 21.06 11.92 41.63
N MET M 37 20.75 10.71 42.08
CA MET M 37 21.11 9.49 41.37
C MET M 37 19.85 8.92 40.72
N GLY M 38 19.92 8.68 39.41
CA GLY M 38 18.74 8.19 38.71
C GLY M 38 18.58 6.69 38.80
N ALA M 39 19.57 5.94 38.32
CA ALA M 39 19.45 4.49 38.23
C ALA M 39 20.76 3.85 38.64
N LEU M 40 20.66 2.59 39.08
CA LEU M 40 21.81 1.80 39.49
C LEU M 40 22.04 0.71 38.45
N THR M 41 23.23 0.71 37.85
CA THR M 41 23.57 -0.24 36.79
C THR M 41 24.69 -1.18 37.18
N ALA M 42 25.02 -1.28 38.47
CA ALA M 42 26.05 -2.23 38.88
C ALA M 42 25.48 -3.64 39.01
N GLN M 43 24.15 -3.77 38.91
CA GLN M 43 23.52 -5.07 39.09
C GLN M 43 23.74 -5.98 37.90
N TYR M 44 23.80 -5.42 36.70
CA TYR M 44 23.69 -6.21 35.48
C TYR M 44 24.99 -6.96 35.18
N MET M 45 24.85 -8.20 34.71
CA MET M 45 25.92 -9.16 34.52
C MET M 45 26.15 -9.42 33.04
N PRO M 46 27.22 -10.15 32.65
CA PRO M 46 27.51 -10.31 31.22
C PRO M 46 26.40 -10.96 30.42
N ASP M 47 25.49 -11.69 31.07
CA ASP M 47 24.36 -12.28 30.34
C ASP M 47 23.47 -11.19 29.76
N ASP M 48 23.53 -9.99 30.32
CA ASP M 48 22.66 -8.91 29.86
C ASP M 48 23.21 -8.22 28.61
N PHE M 49 24.51 -7.99 28.58
CA PHE M 49 25.11 -7.20 27.50
C PHE M 49 25.05 -7.97 26.18
N THR M 50 25.23 -7.23 25.09
CA THR M 50 25.19 -7.80 23.75
C THR M 50 26.61 -8.03 23.25
N PHE M 51 26.87 -9.25 22.78
CA PHE M 51 28.19 -9.56 22.25
C PHE M 51 28.33 -9.05 20.82
N GLU M 52 29.52 -8.58 20.49
CA GLU M 52 29.85 -8.13 19.15
C GLU M 52 31.16 -8.75 18.71
N PRO M 53 31.28 -9.15 17.44
CA PRO M 53 32.57 -9.59 16.92
C PRO M 53 33.59 -8.48 17.03
N GLY M 54 34.83 -8.88 17.31
CA GLY M 54 35.84 -7.91 17.67
C GLY M 54 35.74 -7.59 19.14
N ILE M 55 35.42 -6.34 19.48
CA ILE M 55 35.17 -5.98 20.87
C ILE M 55 33.77 -6.45 21.25
N GLY M 56 33.64 -6.99 22.46
CA GLY M 56 32.38 -7.60 22.88
C GLY M 56 32.02 -7.23 24.29
N GLN M 57 30.72 -7.30 24.59
CA GLN M 57 30.17 -6.99 25.92
C GLN M 57 30.60 -5.62 26.41
N ILE M 58 30.17 -4.57 25.73
CA ILE M 58 30.44 -3.20 26.17
C ILE M 58 29.18 -2.33 26.21
N HIS M 59 28.06 -2.78 25.65
CA HIS M 59 26.85 -1.98 25.60
C HIS M 59 25.65 -2.79 26.10
N PHE M 60 24.65 -2.07 26.57
CA PHE M 60 23.47 -2.70 27.15
C PHE M 60 22.66 -3.43 26.09
N ASN M 61 21.80 -4.33 26.55
CA ASN M 61 20.78 -4.93 25.71
C ASN M 61 19.60 -3.99 25.57
N VAL M 62 18.59 -4.43 24.83
CA VAL M 62 17.35 -3.65 24.75
C VAL M 62 16.57 -3.74 26.06
N GLU M 63 16.46 -4.95 26.61
CA GLU M 63 15.67 -5.14 27.82
C GLU M 63 16.25 -4.37 29.00
N THR M 64 17.58 -4.40 29.15
CA THR M 64 18.21 -3.63 30.22
C THR M 64 18.02 -2.14 30.01
N SER M 65 18.00 -1.70 28.75
CA SER M 65 17.73 -0.29 28.46
C SER M 65 16.32 0.09 28.92
N ARG M 66 15.34 -0.78 28.66
CA ARG M 66 13.99 -0.51 29.13
C ARG M 66 13.92 -0.46 30.65
N LYS M 67 14.62 -1.38 31.33
CA LYS M 67 14.63 -1.38 32.79
C LYS M 67 15.24 -0.10 33.34
N VAL M 68 16.36 0.34 32.76
CA VAL M 68 17.01 1.56 33.23
C VAL M 68 16.13 2.77 32.97
N CYS M 69 15.42 2.78 31.84
CA CYS M 69 14.50 3.88 31.57
C CYS M 69 13.36 3.92 32.58
N LEU M 70 12.84 2.75 32.96
CA LEU M 70 11.83 2.72 34.03
C LEU M 70 12.37 3.27 35.33
N ASP M 71 13.62 2.90 35.68
CA ASP M 71 14.21 3.41 36.91
C ASP M 71 14.35 4.93 36.86
N LEU M 72 14.81 5.46 35.73
CA LEU M 72 14.94 6.91 35.60
C LEU M 72 13.59 7.61 35.69
N ALA M 73 12.56 7.03 35.07
CA ALA M 73 11.23 7.63 35.15
C ALA M 73 10.72 7.64 36.58
N LYS M 74 10.93 6.55 37.32
CA LYS M 74 10.50 6.51 38.71
C LYS M 74 11.23 7.54 39.54
N SER M 75 12.54 7.72 39.32
CA SER M 75 13.28 8.72 40.08
C SER M 75 12.78 10.13 39.79
N VAL M 76 12.58 10.45 38.51
CA VAL M 76 12.12 11.78 38.15
C VAL M 76 10.73 12.05 38.72
N LEU M 77 9.86 11.03 38.70
CA LEU M 77 8.55 11.19 39.32
C LEU M 77 8.67 11.38 40.83
N ARG M 78 9.62 10.71 41.45
CA ARG M 78 9.84 10.89 42.88
C ARG M 78 10.21 12.33 43.21
N LEU M 79 11.06 12.94 42.39
CA LEU M 79 11.39 14.34 42.62
C LEU M 79 10.19 15.26 42.41
N VAL M 80 9.40 15.01 41.36
CA VAL M 80 8.29 15.89 41.00
C VAL M 80 7.00 15.07 40.91
N PRO M 81 6.30 14.85 42.03
CA PRO M 81 5.12 13.98 41.98
C PRO M 81 3.96 14.52 41.18
N VAL M 82 3.77 15.84 41.14
CA VAL M 82 2.59 16.43 40.51
C VAL M 82 3.03 17.28 39.32
N TYR M 83 2.10 17.48 38.40
CA TYR M 83 2.38 18.26 37.20
C TYR M 83 2.45 19.74 37.55
N PRO M 84 3.60 20.39 37.35
CA PRO M 84 3.72 21.79 37.82
C PRO M 84 3.03 22.81 36.94
N LEU M 85 3.06 22.61 35.62
CA LEU M 85 2.61 23.63 34.69
C LEU M 85 1.10 23.86 34.80
N VAL M 86 0.70 25.12 34.60
CA VAL M 86 -0.69 25.53 34.67
C VAL M 86 -1.03 26.34 33.42
N SER M 87 -2.25 26.17 32.91
CA SER M 87 -2.68 26.80 31.66
C SER M 87 -3.73 27.86 31.90
N PRO M 88 -3.65 28.99 31.19
CA PRO M 88 -4.69 30.02 31.34
C PRO M 88 -6.09 29.56 30.93
N VAL M 89 -6.19 28.66 29.96
CA VAL M 89 -7.47 28.14 29.52
C VAL M 89 -7.73 26.83 30.25
N LYS M 90 -8.78 26.80 31.07
CA LYS M 90 -9.05 25.67 31.94
C LYS M 90 -10.36 24.96 31.63
N LYS M 91 -11.05 25.34 30.55
CA LYS M 91 -12.32 24.73 30.19
C LYS M 91 -12.33 24.36 28.72
N GLN M 92 -13.37 23.66 28.31
CA GLN M 92 -13.48 23.24 26.91
C GLN M 92 -13.93 24.40 26.03
N HIS M 93 -13.84 24.18 24.72
CA HIS M 93 -14.10 25.26 23.77
C HIS M 93 -15.55 25.73 23.80
N ASP M 94 -16.47 24.87 24.26
CA ASP M 94 -17.88 25.23 24.27
C ASP M 94 -18.16 26.34 25.27
N ASP M 95 -17.45 26.34 26.40
CA ASP M 95 -17.72 27.32 27.45
C ASP M 95 -17.31 28.72 27.04
N TYR M 96 -16.20 28.85 26.34
CA TYR M 96 -15.69 30.17 25.99
C TYR M 96 -16.45 30.75 24.80
N TRP M 97 -16.60 32.07 24.81
CA TRP M 97 -17.37 32.80 23.82
C TRP M 97 -16.46 33.79 23.11
N PHE M 98 -16.32 33.64 21.80
CA PHE M 98 -15.36 34.40 21.01
C PHE M 98 -15.91 35.80 20.75
N VAL M 99 -15.20 36.81 21.25
CA VAL M 99 -15.62 38.19 21.11
C VAL M 99 -14.46 39.03 20.57
N GLY M 100 -14.80 40.15 19.96
CA GLY M 100 -13.82 41.11 19.48
C GLY M 100 -14.03 42.45 20.17
N ARG M 101 -12.92 43.09 20.55
CA ARG M 101 -12.94 44.36 21.24
C ARG M 101 -12.03 45.34 20.51
N LEU M 102 -12.28 46.62 20.74
CA LEU M 102 -11.28 47.62 20.38
C LEU M 102 -10.10 47.50 21.34
N GLY M 103 -9.12 48.37 21.18
CA GLY M 103 -7.96 48.35 22.05
C GLY M 103 -8.36 48.41 23.51
N LEU M 104 -7.63 47.70 24.37
CA LEU M 104 -7.95 47.73 25.80
C LEU M 104 -7.94 49.16 26.31
N ASP M 105 -9.02 49.53 27.02
CA ASP M 105 -9.26 50.89 27.47
C ASP M 105 -9.27 51.81 26.25
N PRO M 106 -10.29 51.73 25.40
CA PRO M 106 -10.28 52.55 24.17
C PRO M 106 -10.25 54.04 24.42
N VAL M 107 -10.85 54.51 25.51
CA VAL M 107 -10.99 55.94 25.74
C VAL M 107 -9.63 56.57 26.04
N SER M 108 -8.70 55.78 26.57
CA SER M 108 -7.44 56.35 27.04
C SER M 108 -6.49 56.68 25.89
N GLU M 109 -6.46 55.84 24.85
CA GLU M 109 -5.45 56.00 23.81
C GLU M 109 -5.68 57.28 23.02
N PRO M 110 -4.65 58.11 22.82
CA PRO M 110 -4.86 59.35 22.06
C PRO M 110 -5.05 59.13 20.57
N GLU M 111 -4.37 58.15 19.99
CA GLU M 111 -4.39 57.93 18.55
C GLU M 111 -5.15 56.64 18.23
N PRO M 112 -6.32 56.72 17.61
CA PRO M 112 -7.12 55.51 17.35
C PRO M 112 -6.93 54.90 15.97
N ILE M 113 -5.96 55.38 15.19
CA ILE M 113 -5.76 54.92 13.82
C ILE M 113 -4.45 54.13 13.75
N ASN M 114 -4.51 52.97 13.12
CA ASN M 114 -3.38 52.03 13.13
C ASN M 114 -2.33 52.41 12.09
N MET M 115 -1.34 51.53 11.94
CA MET M 115 -0.17 51.87 11.13
C MET M 115 -0.37 51.75 9.63
N PRO M 116 -0.84 50.63 9.06
CA PRO M 116 -0.90 50.54 7.60
C PRO M 116 -1.75 51.62 6.95
N THR M 117 -2.89 51.94 7.54
CA THR M 117 -3.72 53.01 6.99
C THR M 117 -3.01 54.34 7.08
N MET M 118 -2.25 54.57 8.16
CA MET M 118 -1.55 55.84 8.30
C MET M 118 -0.45 55.99 7.27
N GLU M 119 0.30 54.92 6.99
CA GLU M 119 1.34 55.00 5.96
C GLU M 119 0.72 55.19 4.57
N PHE M 120 -0.38 54.48 4.30
CA PHE M 120 -1.08 54.68 3.04
C PHE M 120 -1.53 56.12 2.89
N TYR M 121 -2.05 56.72 3.97
CA TYR M 121 -2.52 58.10 3.88
C TYR M 121 -1.37 59.08 3.74
N LYS M 122 -0.24 58.81 4.40
CA LYS M 122 0.92 59.67 4.20
C LYS M 122 1.35 59.72 2.74
N ARG M 123 1.49 58.54 2.12
CA ARG M 123 1.93 58.55 0.72
C ARG M 123 0.85 59.12 -0.20
N PHE M 124 -0.43 58.83 0.09
CA PHE M 124 -1.52 59.40 -0.67
C PHE M 124 -1.49 60.92 -0.65
N LEU M 125 -1.34 61.51 0.54
CA LEU M 125 -1.34 62.96 0.66
C LEU M 125 -0.10 63.56 0.01
N SER M 126 1.04 62.87 0.10
CA SER M 126 2.23 63.37 -0.61
C SER M 126 2.00 63.42 -2.11
N LEU M 127 1.41 62.36 -2.68
CA LEU M 127 1.13 62.36 -4.10
C LEU M 127 0.14 63.45 -4.48
N LEU M 128 -0.91 63.63 -3.68
CA LEU M 128 -1.89 64.68 -3.97
C LEU M 128 -1.29 66.07 -3.79
N HIS M 129 -0.21 66.19 -3.01
CA HIS M 129 0.42 67.48 -2.85
C HIS M 129 1.36 67.79 -4.01
N GLU M 130 2.01 66.76 -4.58
CA GLU M 130 2.90 67.00 -5.71
C GLU M 130 2.16 67.61 -6.88
N ARG M 131 0.96 67.11 -7.17
CA ARG M 131 0.10 67.66 -8.22
C ARG M 131 -0.99 68.46 -7.52
N ASP M 132 -0.96 69.78 -7.69
CA ASP M 132 -1.73 70.70 -6.85
C ASP M 132 -3.18 70.27 -6.71
N MET M 133 -3.57 69.93 -5.48
CA MET M 133 -4.87 69.34 -5.21
C MET M 133 -5.22 69.57 -3.74
N LYS M 134 -6.51 69.42 -3.44
CA LYS M 134 -7.00 69.62 -2.08
C LYS M 134 -7.72 68.37 -1.60
N PHE M 135 -7.63 68.13 -0.29
CA PHE M 135 -8.11 66.90 0.33
C PHE M 135 -9.18 67.20 1.36
N VAL M 136 -10.27 66.44 1.33
CA VAL M 136 -11.36 66.54 2.30
C VAL M 136 -11.63 65.12 2.82
N ASN M 137 -11.51 64.94 4.13
CA ASN M 137 -11.65 63.61 4.73
C ASN M 137 -12.95 63.53 5.52
N SER M 138 -13.70 62.46 5.29
CA SER M 138 -14.98 62.24 5.93
C SER M 138 -14.88 61.04 6.86
N VAL M 139 -15.20 61.24 8.14
CA VAL M 139 -15.27 60.17 9.13
C VAL M 139 -16.69 60.11 9.66
N ALA M 140 -17.33 58.95 9.55
CA ALA M 140 -18.74 58.79 9.84
C ALA M 140 -18.93 58.14 11.21
N TYR M 141 -20.19 57.92 11.56
CA TYR M 141 -20.53 57.43 12.89
C TYR M 141 -20.36 55.92 13.01
N GLU M 142 -20.51 55.19 11.91
CA GLU M 142 -20.51 53.73 11.99
C GLU M 142 -19.13 53.20 12.34
N ILE M 143 -19.12 52.13 13.13
CA ILE M 143 -17.96 51.27 13.35
C ILE M 143 -18.47 49.84 13.24
N LEU M 144 -17.56 48.93 12.87
CA LEU M 144 -17.95 47.54 12.66
C LEU M 144 -18.62 46.98 13.90
N ASN M 145 -19.69 46.21 13.69
CA ASN M 145 -20.48 45.71 14.82
C ASN M 145 -19.66 44.78 15.71
N PHE M 146 -18.82 43.94 15.11
CA PHE M 146 -18.09 42.95 15.88
C PHE M 146 -17.14 43.61 16.87
N PHE M 147 -16.50 44.72 16.47
CA PHE M 147 -15.48 45.37 17.27
C PHE M 147 -15.99 46.59 18.04
N MET M 148 -17.26 46.92 17.92
CA MET M 148 -17.76 48.11 18.60
C MET M 148 -17.96 47.84 20.09
N PRO M 149 -17.67 48.81 20.95
CA PRO M 149 -18.06 48.68 22.36
C PRO M 149 -19.56 48.64 22.51
N ASP M 150 -20.03 47.90 23.51
CA ASP M 150 -21.46 47.63 23.63
C ASP M 150 -22.21 48.85 24.15
N GLU M 151 -21.59 49.65 25.01
CA GLU M 151 -22.31 50.76 25.62
C GLU M 151 -22.52 51.91 24.64
N TRP M 152 -21.65 52.04 23.63
CA TRP M 152 -21.82 53.11 22.65
C TRP M 152 -22.95 52.83 21.68
N LYS M 153 -23.28 51.57 21.44
CA LYS M 153 -24.26 51.21 20.41
C LYS M 153 -25.63 51.77 20.73
N GLN M 154 -26.33 52.21 19.68
CA GLN M 154 -27.74 52.55 19.82
C GLN M 154 -28.57 51.29 19.97
N LEU M 155 -29.70 51.42 20.64
CA LEU M 155 -30.56 50.27 20.92
C LEU M 155 -31.97 50.52 20.41
N ASN M 156 -32.64 49.43 20.02
CA ASN M 156 -33.98 49.46 19.48
C ASN M 156 -34.98 49.66 20.62
N TRP M 157 -36.27 49.55 20.32
CA TRP M 157 -37.27 49.56 21.39
C TRP M 157 -37.11 48.36 22.28
N LYS M 158 -36.69 47.22 21.72
CA LYS M 158 -36.18 46.12 22.51
C LYS M 158 -34.66 46.23 22.64
N GLY M 159 -34.04 45.16 23.13
CA GLY M 159 -32.61 45.23 23.42
C GLY M 159 -31.71 45.16 22.21
N ASP M 160 -32.23 44.79 21.05
CA ASP M 160 -31.39 44.55 19.89
C ASP M 160 -30.75 45.85 19.42
N PRO M 161 -29.50 45.81 18.97
CA PRO M 161 -28.85 47.03 18.47
C PRO M 161 -29.33 47.41 17.07
N ALA M 162 -28.68 48.42 16.51
CA ALA M 162 -29.16 49.03 15.27
C ALA M 162 -28.96 48.12 14.07
N LEU M 163 -27.73 47.66 13.84
CA LEU M 163 -27.35 46.93 12.62
C LEU M 163 -27.57 47.75 11.36
N SER M 164 -27.27 47.17 10.21
CA SER M 164 -27.35 47.88 8.94
C SER M 164 -27.51 46.89 7.80
N GLY M 165 -27.61 47.43 6.59
CA GLY M 165 -27.75 46.60 5.40
C GLY M 165 -26.44 46.24 4.74
N TRP M 166 -25.63 45.45 5.42
CA TRP M 166 -24.35 44.98 4.90
C TRP M 166 -24.13 43.54 5.36
N TYR M 167 -23.31 42.81 4.60
CA TYR M 167 -22.97 41.46 5.03
C TYR M 167 -22.20 41.45 6.35
N PRO M 168 -21.17 42.29 6.55
CA PRO M 168 -20.76 42.60 7.93
C PRO M 168 -21.61 43.73 8.47
N PRO M 169 -22.39 43.48 9.53
CA PRO M 169 -23.26 44.53 10.06
C PRO M 169 -22.46 45.64 10.73
N SER M 170 -23.11 46.80 10.83
CA SER M 170 -22.51 47.98 11.44
C SER M 170 -23.47 48.58 12.45
N SER M 171 -22.91 49.23 13.46
CA SER M 171 -23.70 49.90 14.49
C SER M 171 -23.28 51.35 14.58
N PHE M 172 -24.22 52.19 15.03
CA PHE M 172 -24.07 53.63 14.98
C PHE M 172 -23.80 54.18 16.38
N ILE M 173 -22.95 55.22 16.44
CA ILE M 173 -22.69 55.92 17.69
C ILE M 173 -23.93 56.67 18.13
N GLN M 174 -24.23 56.59 19.43
CA GLN M 174 -25.28 57.43 20.00
C GLN M 174 -24.77 58.86 20.18
N PRO M 175 -25.49 59.87 19.68
CA PRO M 175 -24.96 61.24 19.74
C PRO M 175 -24.74 61.75 21.16
N THR M 176 -25.52 61.27 22.13
CA THR M 176 -25.45 61.82 23.48
C THR M 176 -24.12 61.49 24.15
N ASN M 177 -23.55 60.33 23.86
CA ASN M 177 -22.31 59.90 24.50
C ASN M 177 -21.17 60.83 24.11
N LYS M 178 -20.27 61.09 25.06
CA LYS M 178 -19.14 61.98 24.78
C LYS M 178 -17.89 61.20 24.40
N ASP M 179 -17.75 59.96 24.90
CA ASP M 179 -16.56 59.17 24.62
C ASP M 179 -16.45 58.86 23.12
N ALA M 180 -17.56 58.50 22.49
CA ALA M 180 -17.52 58.17 21.07
C ALA M 180 -17.20 59.39 20.22
N LEU M 181 -17.75 60.55 20.59
CA LEU M 181 -17.43 61.77 19.87
C LEU M 181 -15.96 62.13 20.04
N ASP M 182 -15.40 61.88 21.23
CA ASP M 182 -13.97 62.06 21.42
C ASP M 182 -13.18 61.12 20.52
N PHE M 183 -13.63 59.88 20.39
CA PHE M 183 -12.99 58.92 19.49
C PHE M 183 -12.96 59.45 18.05
N VAL M 184 -14.12 59.88 17.55
CA VAL M 184 -14.20 60.36 16.17
C VAL M 184 -13.33 61.59 15.97
N SER M 185 -13.40 62.54 16.91
CA SER M 185 -12.62 63.76 16.76
C SER M 185 -11.13 63.50 16.87
N LYS M 186 -10.73 62.52 17.69
CA LYS M 186 -9.33 62.14 17.75
C LYS M 186 -8.86 61.55 16.43
N ALA M 187 -9.67 60.72 15.79
CA ALA M 187 -9.30 60.20 14.47
C ALA M 187 -9.14 61.33 13.45
N GLN M 188 -10.09 62.26 13.44
CA GLN M 188 -9.99 63.38 12.50
C GLN M 188 -8.74 64.22 12.76
N CYS M 189 -8.44 64.47 14.04
CA CYS M 189 -7.24 65.24 14.37
C CYS M 189 -5.98 64.50 13.95
N GLN M 190 -5.96 63.17 14.11
CA GLN M 190 -4.79 62.40 13.69
C GLN M 190 -4.56 62.52 12.20
N ILE M 191 -5.63 62.45 11.40
CA ILE M 191 -5.45 62.61 9.95
C ILE M 191 -5.02 64.03 9.62
N LEU M 192 -5.63 65.03 10.26
CA LEU M 192 -5.33 66.41 9.93
C LEU M 192 -3.91 66.78 10.32
N LYS M 193 -3.33 66.08 11.30
CA LYS M 193 -1.95 66.36 11.66
C LYS M 193 -1.00 66.02 10.52
N GLU M 194 -1.16 64.83 9.92
CA GLU M 194 -0.33 64.47 8.78
C GLU M 194 -0.65 65.34 7.58
N CYS M 195 -1.90 65.77 7.45
CA CYS M 195 -2.22 66.74 6.40
C CYS M 195 -1.47 68.06 6.63
N GLN M 196 -1.30 68.44 7.89
CA GLN M 196 -0.65 69.70 8.22
C GLN M 196 0.86 69.64 8.08
N ASN M 197 1.45 68.45 8.29
CA ASN M 197 2.89 68.33 8.21
C ASN M 197 3.42 68.72 6.84
N LEU M 198 2.73 68.31 5.79
CA LEU M 198 3.01 68.83 4.45
C LEU M 198 2.39 70.21 4.30
N GLY M 199 2.86 70.94 3.29
CA GLY M 199 2.31 72.26 3.04
C GLY M 199 0.92 72.20 2.44
N MET M 200 -0.04 71.69 3.20
CA MET M 200 -1.40 71.49 2.71
C MET M 200 -2.39 72.20 3.62
N GLU M 201 -3.44 72.74 3.01
CA GLU M 201 -4.53 73.34 3.76
C GLU M 201 -5.37 72.24 4.40
N LEU M 202 -6.07 72.61 5.48
CA LEU M 202 -6.83 71.67 6.28
C LEU M 202 -8.32 71.83 6.01
N TYR M 203 -8.94 70.77 5.52
CA TYR M 203 -10.39 70.68 5.37
C TYR M 203 -10.85 69.35 5.96
N PHE M 204 -12.05 69.34 6.51
CA PHE M 204 -12.61 68.10 7.00
C PHE M 204 -14.13 68.14 6.92
N GLN M 205 -14.73 66.96 6.96
CA GLN M 205 -16.17 66.79 6.82
C GLN M 205 -16.68 65.88 7.93
N ILE M 206 -17.80 66.28 8.54
CA ILE M 206 -18.51 65.45 9.49
C ILE M 206 -19.64 64.75 8.73
N GLY M 207 -19.57 63.43 8.64
CA GLY M 207 -20.41 62.70 7.73
C GLY M 207 -21.39 61.81 8.46
N GLU M 208 -22.61 61.78 7.92
CA GLU M 208 -23.64 60.82 8.29
C GLU M 208 -24.08 60.90 9.76
N PRO M 209 -24.48 62.09 10.25
CA PRO M 209 -25.10 62.15 11.58
C PRO M 209 -26.61 61.98 11.53
N TRP M 210 -27.15 60.95 12.19
CA TRP M 210 -28.60 60.82 12.31
C TRP M 210 -28.94 59.87 13.44
N TRP M 211 -30.24 59.77 13.70
CA TRP M 211 -30.79 58.76 14.60
C TRP M 211 -31.33 57.62 13.74
N TRP M 212 -30.75 56.43 13.91
CA TRP M 212 -31.01 55.34 12.98
C TRP M 212 -32.47 54.90 13.04
N ASP M 213 -33.03 54.63 11.86
CA ASP M 213 -34.36 54.06 11.71
C ASP M 213 -34.25 52.66 11.12
N GLY M 214 -35.36 51.95 11.13
CA GLY M 214 -35.37 50.58 10.63
C GLY M 214 -35.66 50.42 9.16
N SER M 215 -35.70 51.51 8.40
CA SER M 215 -36.11 51.41 6.99
C SER M 215 -35.13 50.60 6.17
N TYR M 216 -33.84 50.89 6.28
CA TYR M 216 -32.86 50.18 5.47
C TYR M 216 -32.71 48.72 5.91
N ASN M 217 -32.79 48.47 7.21
CA ASN M 217 -32.68 47.11 7.70
C ASN M 217 -33.87 46.27 7.23
N THR M 218 -33.58 45.04 6.81
CA THR M 218 -34.59 44.11 6.32
C THR M 218 -34.80 43.01 7.34
N GLY M 219 -35.91 43.07 8.07
CA GLY M 219 -36.19 42.10 9.11
C GLY M 219 -35.42 42.38 10.38
N GLU M 220 -35.82 41.69 11.44
CA GLU M 220 -35.22 41.83 12.76
C GLU M 220 -35.21 43.28 13.21
N GLY M 221 -36.41 43.83 13.38
CA GLY M 221 -36.54 45.23 13.74
C GLY M 221 -36.73 46.16 12.57
N LYS M 222 -37.46 45.71 11.54
CA LYS M 222 -37.74 46.56 10.40
C LYS M 222 -38.63 47.72 10.81
N ASN M 223 -38.26 48.93 10.36
CA ASN M 223 -39.04 50.14 10.61
C ASN M 223 -39.21 50.41 12.10
N ALA M 224 -38.20 50.09 12.89
CA ALA M 224 -38.23 50.28 14.33
C ALA M 224 -37.20 51.31 14.74
N PRO M 225 -37.63 52.48 15.26
CA PRO M 225 -36.65 53.50 15.65
C PRO M 225 -35.75 53.02 16.78
N CYS M 226 -34.50 53.50 16.75
CA CYS M 226 -33.49 53.13 17.73
C CYS M 226 -33.32 54.20 18.81
N ILE M 227 -34.41 54.85 19.21
CA ILE M 227 -34.33 55.97 20.15
C ILE M 227 -33.94 55.49 21.54
N TYR M 228 -34.58 54.44 22.03
CA TYR M 228 -34.58 54.12 23.45
C TYR M 228 -33.27 53.46 23.86
N ASP M 229 -32.46 54.19 24.63
CA ASP M 229 -31.25 53.67 25.25
C ASP M 229 -31.25 54.08 26.71
N PRO M 230 -30.76 53.23 27.62
CA PRO M 230 -30.82 53.58 29.05
C PRO M 230 -30.11 54.87 29.41
N LYS M 231 -28.97 55.16 28.79
CA LYS M 231 -28.24 56.38 29.13
C LYS M 231 -28.97 57.62 28.62
N THR M 232 -29.47 57.58 27.40
CA THR M 232 -30.23 58.71 26.87
C THR M 232 -31.52 58.92 27.66
N MET M 233 -32.19 57.82 28.03
CA MET M 233 -33.39 57.93 28.84
C MET M 233 -33.08 58.54 30.20
N ALA M 234 -31.96 58.13 30.82
CA ALA M 234 -31.55 58.72 32.09
C ALA M 234 -31.26 60.20 31.94
N LEU M 235 -30.63 60.59 30.83
CA LEU M 235 -30.40 62.02 30.58
C LEU M 235 -31.71 62.77 30.45
N TYR M 236 -32.70 62.18 29.77
CA TYR M 236 -33.99 62.84 29.64
C TYR M 236 -34.67 62.99 31.00
N LYS M 237 -34.55 62.00 31.87
CA LYS M 237 -35.10 62.13 33.21
C LYS M 237 -34.37 63.21 34.00
N GLU M 238 -33.05 63.30 33.86
CA GLU M 238 -32.26 64.20 34.69
C GLU M 238 -32.54 65.66 34.35
N GLU M 239 -32.55 66.01 33.07
CA GLU M 239 -32.75 67.38 32.62
C GLU M 239 -34.13 67.49 31.98
N THR M 240 -34.81 68.59 32.24
CA THR M 240 -36.19 68.91 31.84
C THR M 240 -37.20 68.03 32.58
N GLY M 241 -36.76 67.20 33.52
CA GLY M 241 -37.70 66.39 34.28
C GLY M 241 -38.48 65.43 33.39
N ASN M 242 -39.78 65.31 33.68
CA ASN M 242 -40.69 64.49 32.91
C ASN M 242 -40.27 63.02 32.90
N ASP M 243 -40.84 62.25 31.97
CA ASP M 243 -40.53 60.84 31.84
C ASP M 243 -40.61 60.47 30.36
N VAL M 244 -40.03 59.32 30.03
CA VAL M 244 -40.09 58.88 28.63
C VAL M 244 -41.55 58.55 28.28
N PRO M 245 -42.00 58.82 27.06
CA PRO M 245 -43.40 58.54 26.71
C PRO M 245 -43.72 57.06 26.80
N THR M 246 -44.95 56.77 27.19
CA THR M 246 -45.44 55.40 27.29
C THR M 246 -46.07 54.98 25.95
N PRO M 247 -46.64 53.74 25.87
CA PRO M 247 -46.45 52.92 24.66
C PRO M 247 -45.41 53.42 23.65
N TRP M 248 -44.19 52.91 23.80
CA TRP M 248 -43.10 53.22 22.87
C TRP M 248 -43.55 53.05 21.43
N ILE M 249 -42.89 53.80 20.52
CA ILE M 249 -43.42 53.99 19.16
C ILE M 249 -43.49 52.67 18.42
N LYS M 250 -42.41 51.89 18.44
CA LYS M 250 -42.39 50.50 17.96
C LYS M 250 -42.48 50.40 16.45
N ASP M 251 -42.73 51.52 15.75
CA ASP M 251 -42.87 51.54 14.31
C ASP M 251 -42.80 52.97 13.80
N ILE M 252 -41.95 53.20 12.79
CA ILE M 252 -41.76 54.55 12.28
C ILE M 252 -42.96 55.00 11.46
N PHE M 253 -43.55 54.09 10.70
CA PHE M 253 -44.72 54.41 9.88
C PHE M 253 -46.00 54.08 10.64
N ALA M 254 -46.21 54.83 11.72
CA ALA M 254 -47.38 54.68 12.57
C ALA M 254 -47.81 56.05 13.07
N PRO M 255 -49.10 56.22 13.37
CA PRO M 255 -49.56 57.49 13.95
C PRO M 255 -48.87 57.75 15.29
N VAL M 256 -48.55 59.02 15.53
CA VAL M 256 -47.79 59.42 16.71
C VAL M 256 -48.70 60.23 17.62
N GLU M 257 -48.79 59.83 18.88
CA GLU M 257 -49.60 60.56 19.86
C GLU M 257 -48.91 61.86 20.24
N GLU M 258 -49.70 62.80 20.76
CA GLU M 258 -49.24 64.15 21.00
C GLU M 258 -48.32 64.26 22.22
N HIS M 259 -48.28 63.25 23.09
CA HIS M 259 -47.44 63.35 24.27
C HIS M 259 -46.01 62.88 23.99
N GLN M 260 -45.74 62.44 22.76
CA GLN M 260 -44.42 61.92 22.45
C GLN M 260 -43.52 62.98 21.81
N TRP M 261 -44.12 64.02 21.22
CA TRP M 261 -43.35 65.03 20.49
C TRP M 261 -42.28 65.74 21.33
N PRO M 262 -42.52 66.09 22.62
CA PRO M 262 -41.44 66.71 23.40
C PRO M 262 -40.15 65.90 23.42
N TYR M 263 -40.29 64.57 23.49
CA TYR M 263 -39.11 63.71 23.45
C TYR M 263 -38.40 63.80 22.10
N VAL M 264 -39.16 63.82 21.01
CA VAL M 264 -38.57 63.89 19.68
C VAL M 264 -37.81 65.20 19.49
N ASP M 265 -38.40 66.31 19.95
CA ASP M 265 -37.73 67.60 19.82
C ASP M 265 -36.42 67.63 20.61
N TRP M 266 -36.43 67.06 21.82
CA TRP M 266 -35.20 67.00 22.61
C TRP M 266 -34.14 66.15 21.92
N LEU M 267 -34.55 65.02 21.33
CA LEU M 267 -33.62 64.19 20.58
C LEU M 267 -33.01 64.96 19.42
N CYS M 268 -33.84 65.71 18.69
CA CYS M 268 -33.33 66.49 17.56
C CYS M 268 -32.35 67.56 18.03
N THR M 269 -32.64 68.20 19.16
CA THR M 269 -31.70 69.19 19.70
C THR M 269 -30.37 68.55 20.07
N LYS M 270 -30.39 67.36 20.68
CA LYS M 270 -29.14 66.68 20.99
C LYS M 270 -28.38 66.28 19.72
N LEU M 271 -29.11 65.86 18.69
CA LEU M 271 -28.47 65.57 17.41
C LEU M 271 -27.77 66.80 16.86
N GLY M 272 -28.43 67.96 16.95
CA GLY M 272 -27.78 69.18 16.52
C GLY M 272 -26.57 69.55 17.37
N GLN M 273 -26.63 69.24 18.67
CA GLN M 273 -25.53 69.57 19.56
C GLN M 273 -24.29 68.71 19.33
N SER M 274 -24.49 67.45 18.95
CA SER M 274 -23.34 66.54 18.82
C SER M 274 -22.36 66.99 17.74
N THR M 275 -22.87 67.33 16.55
CA THR M 275 -21.99 67.77 15.47
C THR M 275 -21.29 69.07 15.83
N ASN M 276 -21.98 69.96 16.53
CA ASN M 276 -21.36 71.20 16.99
C ASN M 276 -20.21 70.91 17.95
N TYR M 277 -20.41 69.93 18.85
CA TYR M 277 -19.33 69.53 19.75
C TYR M 277 -18.12 69.00 18.97
N ILE M 278 -18.37 68.14 17.98
CA ILE M 278 -17.26 67.59 17.21
C ILE M 278 -16.51 68.69 16.47
N ARG M 279 -17.25 69.61 15.84
CA ARG M 279 -16.61 70.72 15.13
C ARG M 279 -15.80 71.58 16.08
N ASP M 280 -16.35 71.89 17.25
CA ASP M 280 -15.63 72.72 18.21
C ASP M 280 -14.34 72.04 18.66
N TYR M 281 -14.40 70.75 18.96
CA TYR M 281 -13.19 70.03 19.35
C TYR M 281 -12.14 70.10 18.26
N VAL M 282 -12.52 69.74 17.03
CA VAL M 282 -11.53 69.65 15.96
C VAL M 282 -10.93 71.03 15.65
N LYS M 283 -11.77 72.06 15.61
CA LYS M 283 -11.27 73.39 15.27
C LYS M 283 -10.46 73.99 16.42
N GLY M 284 -10.79 73.62 17.66
CA GLY M 284 -9.98 74.06 18.78
C GLY M 284 -8.60 73.45 18.77
N LYS M 285 -8.51 72.14 18.48
CA LYS M 285 -7.19 71.53 18.37
C LYS M 285 -6.44 72.07 17.16
N PHE M 286 -7.10 72.19 16.02
CA PHE M 286 -6.48 72.71 14.80
C PHE M 286 -7.22 73.94 14.31
N PRO M 287 -6.68 75.14 14.51
CA PRO M 287 -7.28 76.33 13.89
C PRO M 287 -7.07 76.32 12.38
N ASP M 288 -7.87 77.14 11.70
CA ASP M 288 -7.88 77.35 10.26
C ASP M 288 -8.55 76.20 9.51
N ALA M 289 -9.03 75.17 10.20
CA ALA M 289 -9.78 74.11 9.54
C ALA M 289 -11.15 74.62 9.12
N GLN M 290 -11.67 74.07 8.03
CA GLN M 290 -12.95 74.48 7.46
C GLN M 290 -13.91 73.29 7.50
N ALA M 291 -14.80 73.29 8.48
CA ALA M 291 -15.74 72.20 8.64
C ALA M 291 -16.84 72.25 7.60
N THR M 292 -17.52 71.11 7.42
CA THR M 292 -18.65 71.03 6.50
C THR M 292 -19.49 69.82 6.86
N LEU M 293 -20.62 69.70 6.18
CA LEU M 293 -21.53 68.57 6.35
C LEU M 293 -22.01 68.07 5.00
N LEU M 294 -22.68 66.93 5.04
CA LEU M 294 -23.24 66.31 3.85
C LEU M 294 -24.77 66.32 3.97
N PHE M 295 -25.43 67.09 3.11
CA PHE M 295 -26.88 67.17 3.09
C PHE M 295 -27.39 66.40 1.88
N PHE M 296 -28.19 65.37 2.12
CA PHE M 296 -28.85 64.64 1.06
C PHE M 296 -30.31 65.08 0.96
N THR M 297 -30.67 65.60 -0.21
CA THR M 297 -31.87 66.41 -0.37
C THR M 297 -33.20 65.64 -0.37
N PRO M 298 -33.30 64.43 -0.92
CA PRO M 298 -34.63 63.79 -1.00
C PRO M 298 -35.35 63.70 0.33
N GLN M 299 -34.63 63.45 1.43
CA GLN M 299 -35.28 63.38 2.72
C GLN M 299 -35.45 64.76 3.35
N ILE M 300 -34.61 65.72 2.95
CA ILE M 300 -34.77 67.08 3.45
C ILE M 300 -36.07 67.70 2.94
N MET M 301 -36.30 67.60 1.62
CA MET M 301 -37.53 68.15 1.07
C MET M 301 -38.73 67.29 1.41
N SER M 302 -38.62 65.98 1.24
CA SER M 302 -39.73 65.06 1.47
C SER M 302 -39.26 63.92 2.37
N PRO M 303 -39.37 64.07 3.69
CA PRO M 303 -38.93 63.00 4.59
C PRO M 303 -39.82 61.76 4.47
N ALA M 304 -39.28 60.64 4.96
CA ALA M 304 -40.02 59.38 4.91
C ALA M 304 -41.33 59.47 5.69
N SER M 305 -41.29 60.13 6.85
CA SER M 305 -42.47 60.34 7.66
C SER M 305 -42.26 61.58 8.52
N GLU M 306 -43.31 61.96 9.25
CA GLU M 306 -43.21 63.11 10.16
C GLU M 306 -42.18 62.84 11.25
N LEU M 307 -42.14 61.60 11.75
CA LEU M 307 -41.18 61.25 12.79
C LEU M 307 -39.75 61.48 12.32
N THR M 308 -39.42 61.02 11.10
CA THR M 308 -38.07 61.23 10.58
C THR M 308 -37.76 62.71 10.42
N GLY M 309 -38.70 63.47 9.86
CA GLY M 309 -38.45 64.88 9.64
C GLY M 309 -38.21 65.65 10.92
N ARG M 310 -38.99 65.33 11.96
CA ARG M 310 -38.82 66.03 13.22
C ARG M 310 -37.65 65.46 14.03
N LEU M 311 -37.18 64.27 13.68
CA LEU M 311 -36.16 63.62 14.49
C LEU M 311 -34.75 63.90 13.98
N ASN M 312 -34.52 63.71 12.68
CA ASN M 312 -33.16 63.67 12.15
C ASN M 312 -32.67 64.98 11.55
N PHE M 313 -33.45 66.06 11.59
CA PHE M 313 -33.05 67.29 10.92
C PHE M 313 -33.12 68.50 11.85
N PRO M 314 -32.06 68.80 12.60
CA PRO M 314 -32.00 70.08 13.31
C PRO M 314 -31.64 71.22 12.36
N GLU M 315 -32.63 72.05 12.02
CA GLU M 315 -32.39 73.08 11.01
C GLU M 315 -31.59 74.24 11.57
N SER M 316 -31.80 74.58 12.85
CA SER M 316 -31.19 75.79 13.40
C SER M 316 -29.68 75.70 13.44
N GLU M 317 -29.14 74.51 13.72
CA GLU M 317 -27.70 74.37 13.89
C GLU M 317 -26.97 74.44 12.55
N TRP M 318 -27.56 73.90 11.48
CA TRP M 318 -26.87 73.79 10.20
C TRP M 318 -27.28 74.95 9.29
N ILE M 319 -26.80 76.14 9.66
CA ILE M 319 -27.04 77.38 8.92
C ILE M 319 -25.68 77.96 8.56
N PHE M 320 -25.67 78.85 7.56
CA PHE M 320 -24.41 79.29 6.96
C PHE M 320 -23.33 79.76 7.94
N PRO M 321 -23.62 80.62 8.93
CA PRO M 321 -22.52 81.08 9.80
C PRO M 321 -21.80 79.97 10.53
N ASN M 322 -22.46 78.83 10.76
CA ASN M 322 -21.84 77.76 11.52
C ASN M 322 -20.78 77.01 10.70
N TYR M 323 -21.08 76.72 9.44
CA TYR M 323 -20.23 75.85 8.63
C TYR M 323 -19.78 76.57 7.38
N ASP M 324 -18.53 76.34 6.97
CA ASP M 324 -17.93 77.13 5.90
C ASP M 324 -18.51 76.79 4.53
N PHE M 325 -18.64 75.50 4.21
CA PHE M 325 -19.15 75.10 2.91
C PHE M 325 -20.02 73.86 3.07
N VAL M 326 -20.63 73.44 1.95
CA VAL M 326 -21.58 72.33 1.94
C VAL M 326 -21.21 71.36 0.84
N GLN M 327 -21.71 70.13 0.99
CA GLN M 327 -21.63 69.10 -0.04
C GLN M 327 -22.98 68.40 -0.09
N ILE M 328 -23.55 68.30 -1.29
CA ILE M 328 -24.94 67.91 -1.46
C ILE M 328 -25.02 66.67 -2.34
N GLU M 329 -25.94 65.77 -2.00
CA GLU M 329 -26.09 64.49 -2.68
C GLU M 329 -27.57 64.23 -2.94
N ASP M 330 -27.90 63.88 -4.19
CA ASP M 330 -29.25 63.46 -4.54
C ASP M 330 -29.18 62.24 -5.46
N TYR M 331 -29.14 61.05 -4.87
CA TYR M 331 -29.01 59.84 -5.67
C TYR M 331 -30.37 59.27 -6.06
N ASP M 332 -31.37 59.44 -5.20
CA ASP M 332 -32.67 58.83 -5.46
C ASP M 332 -33.31 59.40 -6.72
N TRP M 333 -33.22 60.71 -6.91
CA TRP M 333 -33.82 61.32 -8.10
C TRP M 333 -33.17 60.80 -9.36
N ILE M 334 -31.84 60.71 -9.37
CA ILE M 334 -31.12 60.27 -10.56
C ILE M 334 -31.38 58.80 -10.83
N ILE M 335 -31.36 57.97 -9.79
CA ILE M 335 -31.61 56.54 -9.97
C ILE M 335 -33.01 56.30 -10.50
N ASP M 336 -34.01 56.96 -9.90
CA ASP M 336 -35.37 56.83 -10.42
C ASP M 336 -35.53 57.54 -11.75
N GLY M 337 -34.64 58.49 -12.06
CA GLY M 337 -34.68 59.17 -13.33
C GLY M 337 -35.73 60.24 -13.46
N ARG M 338 -36.29 60.73 -12.36
CA ARG M 338 -37.36 61.72 -12.44
C ARG M 338 -36.85 63.02 -13.04
N LEU M 339 -35.74 63.54 -12.48
CA LEU M 339 -34.96 64.61 -13.11
C LEU M 339 -35.71 65.94 -13.22
N ASP M 340 -36.97 65.99 -12.79
CA ASP M 340 -37.70 67.25 -12.82
C ASP M 340 -37.58 67.98 -11.49
N LEU M 341 -37.38 67.24 -10.41
CA LEU M 341 -37.17 67.85 -9.10
C LEU M 341 -35.70 68.05 -8.77
N VAL M 342 -34.80 67.71 -9.70
CA VAL M 342 -33.38 67.98 -9.47
C VAL M 342 -33.09 69.46 -9.26
N PRO M 343 -33.67 70.40 -10.02
CA PRO M 343 -33.36 71.82 -9.76
C PRO M 343 -33.69 72.29 -8.35
N LEU M 344 -34.45 71.52 -7.58
CA LEU M 344 -34.82 71.96 -6.24
C LEU M 344 -33.62 72.02 -5.31
N THR M 345 -32.61 71.16 -5.53
CA THR M 345 -31.50 71.08 -4.59
C THR M 345 -30.67 72.36 -4.61
N PHE M 346 -30.44 72.94 -5.80
CA PHE M 346 -29.67 74.18 -5.88
C PHE M 346 -30.42 75.32 -5.19
N ASP M 347 -31.73 75.41 -5.41
CA ASP M 347 -32.52 76.44 -4.75
C ASP M 347 -32.49 76.26 -3.24
N ALA M 348 -32.61 75.01 -2.78
CA ALA M 348 -32.55 74.75 -1.34
C ALA M 348 -31.22 75.18 -0.75
N ALA M 349 -30.12 74.83 -1.42
CA ALA M 349 -28.80 75.20 -0.93
C ALA M 349 -28.64 76.71 -0.86
N VAL M 350 -29.05 77.42 -1.91
CA VAL M 350 -28.82 78.86 -1.95
C VAL M 350 -29.72 79.59 -0.95
N ASN M 351 -30.99 79.16 -0.83
CA ASN M 351 -31.95 79.92 -0.06
C ASN M 351 -32.29 79.31 1.30
N ARG M 352 -32.75 78.05 1.32
CA ARG M 352 -33.25 77.47 2.56
C ARG M 352 -32.14 77.31 3.60
N LEU M 353 -30.97 76.85 3.18
CA LEU M 353 -29.82 76.77 4.06
C LEU M 353 -28.98 78.04 4.03
N GLY M 354 -29.29 78.97 3.12
CA GLY M 354 -28.62 80.26 3.09
C GLY M 354 -27.12 80.20 2.83
N TYR M 355 -26.69 79.27 1.99
CA TYR M 355 -25.27 79.15 1.67
C TYR M 355 -24.97 79.85 0.37
N PRO M 356 -23.86 80.60 0.30
CA PRO M 356 -23.55 81.32 -0.94
C PRO M 356 -23.25 80.35 -2.07
N LEU M 357 -23.52 80.80 -3.30
CA LEU M 357 -23.16 80.01 -4.48
C LEU M 357 -21.66 79.90 -4.65
N ASN M 358 -20.88 80.72 -3.94
CA ASN M 358 -19.43 80.67 -4.07
C ASN M 358 -18.89 79.30 -3.64
N VAL M 359 -19.40 78.75 -2.54
CA VAL M 359 -18.90 77.47 -2.04
C VAL M 359 -20.04 76.45 -1.94
N VAL M 360 -20.24 75.69 -3.02
CA VAL M 360 -21.18 74.57 -3.03
C VAL M 360 -20.50 73.41 -3.76
N HIS M 361 -20.59 72.23 -3.17
CA HIS M 361 -20.03 71.01 -3.75
C HIS M 361 -21.17 70.03 -4.03
N TYR M 362 -21.13 69.42 -5.21
CA TYR M 362 -22.22 68.59 -5.69
C TYR M 362 -21.70 67.21 -6.07
N PHE M 363 -22.37 66.16 -5.59
CA PHE M 363 -22.05 64.78 -5.92
C PHE M 363 -23.17 64.22 -6.79
N ILE M 364 -22.81 63.60 -7.91
CA ILE M 364 -23.79 63.17 -8.91
C ILE M 364 -23.71 61.67 -9.08
N GLY M 365 -24.86 61.02 -9.02
CA GLY M 365 -25.02 59.69 -9.58
C GLY M 365 -24.62 58.58 -8.63
N PHE M 366 -25.12 57.38 -8.94
CA PHE M 366 -24.81 56.16 -8.20
C PHE M 366 -25.14 54.97 -9.09
N VAL M 367 -24.14 54.14 -9.37
CA VAL M 367 -24.31 53.00 -10.25
C VAL M 367 -23.94 51.71 -9.54
N LEU M 368 -24.92 51.05 -8.94
CA LEU M 368 -24.72 49.71 -8.43
C LEU M 368 -25.29 48.70 -9.43
N LEU M 369 -24.89 47.43 -9.27
CA LEU M 369 -25.30 46.38 -10.21
C LEU M 369 -24.94 46.78 -11.64
N PRO M 370 -23.66 46.68 -12.02
CA PRO M 370 -23.19 47.33 -13.26
C PRO M 370 -23.99 47.01 -14.51
N GLU M 371 -24.94 46.09 -14.47
CA GLU M 371 -25.77 45.85 -15.65
C GLU M 371 -26.71 47.03 -15.92
N ASP M 372 -26.83 47.96 -14.98
CA ASP M 372 -27.66 49.14 -15.14
C ASP M 372 -26.85 50.41 -15.37
N ALA M 373 -25.73 50.33 -16.08
CA ALA M 373 -24.82 51.47 -16.19
C ALA M 373 -25.37 52.55 -17.11
N LYS M 374 -25.93 52.16 -18.26
CA LYS M 374 -26.22 53.13 -19.32
C LYS M 374 -27.28 54.13 -18.91
N LYS M 375 -28.40 53.65 -18.38
CA LYS M 375 -29.50 54.54 -18.00
C LYS M 375 -29.06 55.51 -16.91
N ILE M 376 -28.38 54.99 -15.89
CA ILE M 376 -27.97 55.84 -14.78
C ILE M 376 -26.95 56.87 -15.24
N TRP M 377 -26.06 56.50 -16.17
CA TRP M 377 -25.07 57.47 -16.62
C TRP M 377 -25.69 58.52 -17.53
N ALA M 378 -26.71 58.15 -18.30
CA ALA M 378 -27.46 59.17 -19.05
C ALA M 378 -28.14 60.16 -18.10
N ASP M 379 -28.73 59.63 -17.02
CA ASP M 379 -29.33 60.50 -16.01
C ASP M 379 -28.27 61.40 -15.38
N VAL M 380 -27.06 60.87 -15.18
CA VAL M 380 -25.96 61.68 -14.65
C VAL M 380 -25.61 62.79 -15.61
N ASP M 381 -25.64 62.51 -16.92
CA ASP M 381 -25.39 63.56 -17.90
C ASP M 381 -26.41 64.67 -17.80
N LYS M 382 -27.70 64.32 -17.70
CA LYS M 382 -28.73 65.34 -17.59
C LYS M 382 -28.58 66.14 -16.30
N ALA M 383 -28.25 65.46 -15.19
CA ALA M 383 -28.07 66.16 -13.93
C ALA M 383 -26.88 67.11 -13.98
N TRP M 384 -25.79 66.68 -14.62
CA TRP M 384 -24.64 67.56 -14.78
C TRP M 384 -24.98 68.76 -15.65
N GLY M 385 -25.80 68.56 -16.68
CA GLY M 385 -26.25 69.69 -17.48
C GLY M 385 -27.03 70.71 -16.66
N LEU M 386 -27.98 70.23 -15.84
CA LEU M 386 -28.73 71.13 -14.99
C LEU M 386 -27.82 71.85 -13.99
N ALA M 387 -26.88 71.11 -13.40
CA ALA M 387 -25.97 71.73 -12.42
C ALA M 387 -25.10 72.79 -13.07
N LEU M 388 -24.61 72.53 -14.29
CA LEU M 388 -23.84 73.53 -15.01
C LEU M 388 -24.70 74.75 -15.33
N GLU M 389 -25.96 74.53 -15.68
CA GLU M 389 -26.86 75.66 -15.93
C GLU M 389 -27.04 76.50 -14.68
N ALA M 390 -27.17 75.86 -13.52
CA ALA M 390 -27.35 76.60 -12.27
C ALA M 390 -26.11 77.43 -11.94
N GLY M 391 -24.92 76.86 -12.12
CA GLY M 391 -23.69 77.58 -11.89
C GLY M 391 -22.84 77.11 -10.73
N ILE M 392 -22.95 75.84 -10.34
CA ILE M 392 -22.18 75.33 -9.19
C ILE M 392 -20.70 75.35 -9.52
N PRO M 393 -19.82 75.79 -8.61
CA PRO M 393 -18.40 75.83 -8.94
C PRO M 393 -17.75 74.45 -9.07
N HIS M 394 -18.00 73.55 -8.11
CA HIS M 394 -17.31 72.27 -8.04
C HIS M 394 -18.30 71.12 -8.16
N ILE M 395 -17.97 70.14 -9.00
CA ILE M 395 -18.84 69.00 -9.27
C ILE M 395 -17.99 67.73 -9.23
N TYR M 396 -18.56 66.66 -8.67
CA TYR M 396 -17.84 65.41 -8.49
C TYR M 396 -18.64 64.24 -9.06
N PRO M 397 -18.04 63.39 -9.87
CA PRO M 397 -18.57 62.02 -10.02
C PRO M 397 -18.39 61.29 -8.71
N TRP M 398 -19.29 60.35 -8.41
CA TRP M 398 -19.39 59.90 -7.04
C TRP M 398 -18.16 59.10 -6.59
N SER M 399 -17.69 58.19 -7.42
CA SER M 399 -16.67 57.26 -6.93
C SER M 399 -15.64 56.94 -8.00
N TYR M 400 -14.45 56.59 -7.52
CA TYR M 400 -13.39 56.12 -8.39
C TYR M 400 -13.69 54.71 -8.88
N THR M 401 -14.23 53.85 -8.01
CA THR M 401 -14.46 52.45 -8.38
C THR M 401 -15.44 52.32 -9.54
N GLN M 402 -16.60 52.94 -9.41
CA GLN M 402 -17.60 52.85 -10.46
C GLN M 402 -17.12 53.47 -11.77
N VAL M 403 -16.43 54.59 -11.69
CA VAL M 403 -15.94 55.27 -12.89
C VAL M 403 -14.93 54.38 -13.63
N MET M 404 -13.98 53.78 -12.91
CA MET M 404 -13.01 52.93 -13.59
C MET M 404 -13.62 51.61 -14.03
N ARG M 405 -14.66 51.14 -13.34
CA ARG M 405 -15.27 49.87 -13.71
C ARG M 405 -16.12 50.02 -14.97
N ASP M 406 -16.87 51.10 -15.09
CA ASP M 406 -17.75 51.30 -16.24
C ASP M 406 -17.07 52.00 -17.41
N GLY M 407 -15.83 52.46 -17.24
CA GLY M 407 -15.13 53.11 -18.34
C GLY M 407 -15.75 54.41 -18.80
N VAL M 408 -16.09 55.29 -17.87
CA VAL M 408 -16.71 56.57 -18.23
C VAL M 408 -15.66 57.51 -18.78
N ILE M 409 -15.93 58.07 -19.97
CA ILE M 409 -15.08 59.10 -20.57
C ILE M 409 -15.97 60.24 -21.04
N TYR M 410 -15.37 61.41 -21.21
CA TYR M 410 -16.09 62.62 -21.59
C TYR M 410 -15.65 63.03 -23.00
N ALA M 411 -16.62 63.15 -23.90
CA ALA M 411 -16.33 63.50 -25.29
C ALA M 411 -17.47 64.33 -25.87
N VAL M 412 -17.13 65.17 -26.83
CA VAL M 412 -18.13 65.98 -27.54
C VAL M 412 -19.00 65.06 -28.38
N PRO M 413 -20.32 65.25 -28.40
CA PRO M 413 -21.19 64.37 -29.18
C PRO M 413 -20.94 64.53 -30.68
N LYS M 414 -21.23 63.45 -31.41
CA LYS M 414 -21.10 63.46 -32.86
C LYS M 414 -22.11 64.43 -33.48
N VAL M 415 -21.76 65.00 -34.63
CA VAL M 415 -22.63 65.94 -35.32
C VAL M 415 -23.16 65.26 -36.57
N CYS M 416 -24.27 64.54 -36.42
CA CYS M 416 -25.07 63.86 -37.47
C CYS M 416 -26.31 63.25 -36.84
N SER N 2 11.01 -76.79 13.54
CA SER N 2 10.28 -76.94 14.78
C SER N 2 9.26 -75.81 14.96
N ASN N 3 8.00 -76.19 15.19
CA ASN N 3 6.95 -75.19 15.36
C ASN N 3 7.01 -74.51 16.71
N ALA N 4 7.83 -75.04 17.63
CA ALA N 4 7.93 -74.44 18.96
C ALA N 4 8.66 -73.10 18.92
N ALA N 5 9.54 -72.91 17.93
CA ALA N 5 10.40 -71.73 17.92
C ALA N 5 9.88 -70.67 16.97
N VAL N 6 9.01 -71.03 16.04
CA VAL N 6 8.47 -70.03 15.12
C VAL N 6 7.44 -69.18 15.84
N VAL N 7 7.50 -67.87 15.63
CA VAL N 7 6.58 -66.92 16.25
C VAL N 7 5.89 -66.13 15.14
N PRO N 8 4.57 -65.97 15.18
CA PRO N 8 3.89 -65.26 14.09
C PRO N 8 4.31 -63.81 13.94
N MET N 9 4.63 -63.13 15.04
CA MET N 9 4.89 -61.70 15.01
C MET N 9 6.23 -61.38 15.66
N PRO N 10 7.00 -60.43 15.12
CA PRO N 10 8.27 -60.06 15.75
C PRO N 10 8.03 -59.25 17.02
N TYR N 11 9.11 -59.07 17.78
CA TYR N 11 9.03 -58.34 19.04
C TYR N 11 8.99 -56.84 18.78
N SER N 12 8.12 -56.15 19.53
CA SER N 12 8.04 -54.69 19.50
C SER N 12 7.78 -54.18 20.91
N PRO N 13 8.45 -53.10 21.30
CA PRO N 13 8.30 -52.63 22.69
C PRO N 13 6.90 -52.16 23.05
N THR N 14 6.06 -51.88 22.05
CA THR N 14 4.75 -51.30 22.32
C THR N 14 3.65 -52.35 22.47
N THR N 15 3.96 -53.63 22.39
CA THR N 15 2.91 -54.65 22.39
C THR N 15 2.15 -54.68 23.72
N VAL N 16 2.87 -54.61 24.84
CA VAL N 16 2.22 -54.70 26.15
C VAL N 16 1.27 -53.53 26.39
N PRO N 17 1.66 -52.26 26.18
CA PRO N 17 0.68 -51.18 26.38
C PRO N 17 -0.55 -51.32 25.49
N ARG N 18 -0.39 -51.86 24.28
CA ARG N 18 -1.55 -52.04 23.41
C ARG N 18 -2.50 -53.09 23.98
N GLU N 19 -1.98 -54.16 24.57
CA GLU N 19 -2.83 -55.14 25.23
C GLU N 19 -3.54 -54.51 26.42
N GLN N 20 -2.84 -53.68 27.18
CA GLN N 20 -3.48 -53.00 28.31
C GLN N 20 -4.59 -52.06 27.84
N ILE N 21 -4.38 -51.38 26.72
CA ILE N 21 -5.40 -50.49 26.18
C ILE N 21 -6.59 -51.28 25.67
N ARG N 22 -6.35 -52.45 25.08
CA ARG N 22 -7.45 -53.32 24.70
C ARG N 22 -8.29 -53.72 25.91
N GLU N 23 -7.61 -54.07 27.00
CA GLU N 23 -8.33 -54.44 28.22
C GLU N 23 -9.14 -53.27 28.76
N ILE N 24 -8.57 -52.06 28.74
CA ILE N 24 -9.27 -50.92 29.30
C ILE N 24 -10.46 -50.54 28.43
N GLN N 25 -10.34 -50.70 27.11
CA GLN N 25 -11.49 -50.48 26.24
C GLN N 25 -12.58 -51.52 26.48
N LEU N 26 -12.20 -52.77 26.74
CA LEU N 26 -13.19 -53.78 27.10
C LEU N 26 -13.90 -53.41 28.40
N GLN N 27 -13.16 -52.86 29.36
CA GLN N 27 -13.78 -52.40 30.59
C GLN N 27 -14.77 -51.27 30.32
N LEU N 28 -14.39 -50.34 29.44
CA LEU N 28 -15.32 -49.27 29.07
C LEU N 28 -16.58 -49.83 28.42
N ILE N 29 -16.42 -50.82 27.56
CA ILE N 29 -17.58 -51.44 26.92
C ILE N 29 -18.49 -52.07 27.97
N ASN N 30 -17.90 -52.79 28.93
CA ASN N 30 -18.70 -53.50 29.92
C ASN N 30 -19.38 -52.54 30.89
N GLU N 31 -18.76 -51.40 31.16
CA GLU N 31 -19.27 -50.49 32.19
C GLU N 31 -20.03 -49.28 31.64
N MET N 32 -20.38 -49.27 30.36
CA MET N 32 -21.08 -48.15 29.76
C MET N 32 -22.27 -48.64 28.95
N THR N 33 -23.23 -47.73 28.73
CA THR N 33 -24.45 -48.08 28.03
C THR N 33 -24.32 -47.86 26.53
N ASP N 34 -24.89 -48.79 25.76
CA ASP N 34 -24.93 -48.70 24.29
C ASP N 34 -23.54 -48.52 23.69
N VAL N 35 -22.58 -49.30 24.18
CA VAL N 35 -21.24 -49.36 23.62
C VAL N 35 -20.96 -50.80 23.22
N HIS N 36 -20.48 -51.01 22.00
CA HIS N 36 -20.31 -52.35 21.45
C HIS N 36 -18.93 -52.46 20.81
N MET N 37 -18.59 -53.68 20.41
CA MET N 37 -17.34 -53.97 19.72
C MET N 37 -17.62 -54.05 18.22
N GLY N 38 -16.94 -53.22 17.44
CA GLY N 38 -17.18 -53.22 16.01
C GLY N 38 -16.43 -54.32 15.30
N ALA N 39 -15.10 -54.29 15.34
CA ALA N 39 -14.30 -55.25 14.60
C ALA N 39 -13.08 -55.63 15.44
N LEU N 40 -12.53 -56.81 15.16
CA LEU N 40 -11.35 -57.32 15.84
C LEU N 40 -10.17 -57.28 14.88
N THR N 41 -9.14 -56.52 15.25
CA THR N 41 -7.98 -56.33 14.39
C THR N 41 -6.70 -56.92 14.98
N ALA N 42 -6.82 -57.81 15.97
CA ALA N 42 -5.63 -58.46 16.51
C ALA N 42 -5.18 -59.63 15.64
N GLN N 43 -6.02 -59.99 14.66
CA GLN N 43 -5.71 -61.15 13.82
C GLN N 43 -4.58 -60.85 12.85
N TYR N 44 -4.52 -59.62 12.33
CA TYR N 44 -3.69 -59.33 11.17
C TYR N 44 -2.21 -59.26 11.53
N MET N 45 -1.38 -59.79 10.63
CA MET N 45 0.05 -60.00 10.84
C MET N 45 0.86 -59.06 9.96
N PRO N 46 2.20 -58.98 10.12
CA PRO N 46 2.97 -58.00 9.36
C PRO N 46 2.86 -58.14 7.85
N ASP N 47 2.49 -59.31 7.35
CA ASP N 47 2.30 -59.47 5.92
C ASP N 47 1.17 -58.58 5.40
N ASP N 48 0.22 -58.24 6.27
CA ASP N 48 -0.92 -57.44 5.85
C ASP N 48 -0.56 -55.97 5.72
N PHE N 49 0.26 -55.45 6.61
CA PHE N 49 0.54 -54.02 6.64
C PHE N 49 1.40 -53.62 5.45
N THR N 50 1.43 -52.32 5.18
CA THR N 50 2.20 -51.75 4.08
C THR N 50 3.50 -51.19 4.60
N PHE N 51 4.62 -51.58 3.98
CA PHE N 51 5.91 -51.07 4.38
C PHE N 51 6.16 -49.69 3.78
N GLU N 52 6.85 -48.84 4.52
CA GLU N 52 7.23 -47.52 4.07
C GLU N 52 8.70 -47.28 4.39
N PRO N 53 9.42 -46.58 3.52
CA PRO N 53 10.78 -46.14 3.88
C PRO N 53 10.74 -45.22 5.09
N GLY N 54 11.79 -45.32 5.89
CA GLY N 54 11.78 -44.67 7.18
C GLY N 54 11.03 -45.53 8.18
N ILE N 55 9.92 -45.03 8.71
CA ILE N 55 9.06 -45.87 9.54
C ILE N 55 8.28 -46.83 8.65
N GLY N 56 8.08 -48.05 9.13
CA GLY N 56 7.45 -49.08 8.33
C GLY N 56 6.50 -49.94 9.14
N GLN N 57 5.52 -50.51 8.43
CA GLN N 57 4.51 -51.38 9.03
C GLN N 57 3.79 -50.72 10.20
N ILE N 58 3.03 -49.67 9.92
CA ILE N 58 2.21 -49.02 10.93
C ILE N 58 0.78 -48.78 10.47
N HIS N 59 0.46 -48.99 9.20
CA HIS N 59 -0.88 -48.74 8.68
C HIS N 59 -1.37 -49.94 7.89
N PHE N 60 -2.69 -50.07 7.81
CA PHE N 60 -3.31 -51.21 7.13
C PHE N 60 -3.08 -51.14 5.63
N ASN N 61 -3.24 -52.30 4.98
CA ASN N 61 -3.32 -52.36 3.54
C ASN N 61 -4.72 -51.99 3.08
N VAL N 62 -4.95 -52.05 1.77
CA VAL N 62 -6.30 -51.80 1.25
C VAL N 62 -7.22 -52.98 1.55
N GLU N 63 -6.74 -54.20 1.33
CA GLU N 63 -7.58 -55.38 1.51
C GLU N 63 -8.02 -55.52 2.96
N THR N 64 -7.10 -55.31 3.90
CA THR N 64 -7.48 -55.39 5.30
C THR N 64 -8.48 -54.29 5.67
N SER N 65 -8.35 -53.11 5.04
CA SER N 65 -9.33 -52.06 5.28
C SER N 65 -10.71 -52.48 4.79
N ARG N 66 -10.78 -53.13 3.63
CA ARG N 66 -12.07 -53.63 3.16
C ARG N 66 -12.64 -54.68 4.10
N LYS N 67 -11.79 -55.59 4.61
CA LYS N 67 -12.28 -56.60 5.53
C LYS N 67 -12.81 -55.98 6.83
N VAL N 68 -12.10 -54.99 7.36
CA VAL N 68 -12.55 -54.34 8.58
C VAL N 68 -13.85 -53.60 8.34
N CYS N 69 -14.00 -52.98 7.16
CA CYS N 69 -15.25 -52.30 6.85
C CYS N 69 -16.41 -53.29 6.75
N LEU N 70 -16.17 -54.46 6.17
CA LEU N 70 -17.21 -55.49 6.16
C LEU N 70 -17.59 -55.89 7.57
N ASP N 71 -16.60 -56.06 8.45
CA ASP N 71 -16.90 -56.43 9.83
C ASP N 71 -17.74 -55.36 10.51
N LEU N 72 -17.39 -54.09 10.32
CA LEU N 72 -18.16 -53.00 10.91
C LEU N 72 -19.58 -52.97 10.38
N ALA N 73 -19.74 -53.18 9.07
CA ALA N 73 -21.08 -53.20 8.48
C ALA N 73 -21.91 -54.32 9.06
N LYS N 74 -21.32 -55.50 9.22
CA LYS N 74 -22.05 -56.63 9.80
C LYS N 74 -22.45 -56.33 11.24
N SER N 75 -21.56 -55.73 12.02
CA SER N 75 -21.91 -55.40 13.41
C SER N 75 -23.06 -54.39 13.47
N VAL N 76 -22.99 -53.32 12.67
CA VAL N 76 -24.04 -52.30 12.69
C VAL N 76 -25.36 -52.91 12.25
N LEU N 77 -25.34 -53.79 11.24
CA LEU N 77 -26.56 -54.47 10.84
C LEU N 77 -27.09 -55.36 11.94
N ARG N 78 -26.19 -56.00 12.70
CA ARG N 78 -26.62 -56.83 13.83
C ARG N 78 -27.37 -56.00 14.86
N LEU N 79 -26.89 -54.78 15.14
CA LEU N 79 -27.61 -53.93 16.08
C LEU N 79 -28.97 -53.49 15.53
N VAL N 80 -29.02 -53.15 14.24
CA VAL N 80 -30.23 -52.59 13.62
C VAL N 80 -30.62 -53.43 12.42
N PRO N 81 -31.32 -54.55 12.61
CA PRO N 81 -31.61 -55.45 11.47
C PRO N 81 -32.48 -54.83 10.38
N VAL N 82 -33.41 -53.95 10.74
CA VAL N 82 -34.39 -53.44 9.79
C VAL N 82 -34.25 -51.93 9.67
N TYR N 83 -34.75 -51.38 8.56
CA TYR N 83 -34.64 -49.95 8.33
C TYR N 83 -35.62 -49.20 9.23
N PRO N 84 -35.14 -48.33 10.12
CA PRO N 84 -36.06 -47.69 11.07
C PRO N 84 -36.93 -46.61 10.47
N LEU N 85 -36.37 -45.77 9.59
CA LEU N 85 -37.05 -44.56 9.16
C LEU N 85 -38.29 -44.89 8.32
N VAL N 86 -39.29 -44.00 8.42
CA VAL N 86 -40.55 -44.14 7.71
C VAL N 86 -40.89 -42.82 7.03
N SER N 87 -41.49 -42.91 5.84
CA SER N 87 -41.77 -41.74 5.00
C SER N 87 -43.27 -41.48 4.92
N PRO N 88 -43.69 -40.22 5.01
CA PRO N 88 -45.12 -39.92 4.86
C PRO N 88 -45.68 -40.28 3.49
N VAL N 89 -44.88 -40.18 2.43
CA VAL N 89 -45.31 -40.53 1.09
C VAL N 89 -44.93 -41.98 0.84
N LYS N 90 -45.93 -42.85 0.69
CA LYS N 90 -45.70 -44.28 0.61
C LYS N 90 -46.09 -44.89 -0.72
N LYS N 91 -46.45 -44.08 -1.72
CA LYS N 91 -46.87 -44.57 -3.02
C LYS N 91 -46.15 -43.79 -4.11
N GLN N 92 -46.31 -44.26 -5.35
CA GLN N 92 -45.68 -43.60 -6.48
C GLN N 92 -46.44 -42.32 -6.85
N HIS N 93 -45.82 -41.53 -7.73
CA HIS N 93 -46.35 -40.21 -8.05
C HIS N 93 -47.69 -40.31 -8.78
N ASP N 94 -47.95 -41.42 -9.46
CA ASP N 94 -49.19 -41.54 -10.23
C ASP N 94 -50.41 -41.61 -9.31
N ASP N 95 -50.25 -42.19 -8.12
CA ASP N 95 -51.38 -42.40 -7.23
C ASP N 95 -51.86 -41.08 -6.62
N TYR N 96 -50.96 -40.14 -6.38
CA TYR N 96 -51.33 -38.91 -5.72
C TYR N 96 -51.90 -37.89 -6.70
N TRP N 97 -52.77 -37.02 -6.19
CA TRP N 97 -53.49 -36.04 -6.99
C TRP N 97 -53.16 -34.65 -6.46
N PHE N 98 -52.50 -33.84 -7.29
CA PHE N 98 -52.03 -32.53 -6.88
C PHE N 98 -53.20 -31.56 -6.84
N VAL N 99 -53.56 -31.09 -5.65
CA VAL N 99 -54.68 -30.19 -5.48
C VAL N 99 -54.23 -28.99 -4.64
N GLY N 100 -54.91 -27.87 -4.83
CA GLY N 100 -54.67 -26.66 -4.07
C GLY N 100 -55.89 -26.31 -3.23
N ARG N 101 -55.63 -25.83 -2.02
CA ARG N 101 -56.68 -25.49 -1.08
C ARG N 101 -56.44 -24.10 -0.52
N LEU N 102 -57.49 -23.48 -0.01
CA LEU N 102 -57.30 -22.29 0.80
C LEU N 102 -56.70 -22.71 2.15
N GLY N 103 -56.52 -21.72 3.03
CA GLY N 103 -55.95 -22.00 4.32
C GLY N 103 -56.72 -23.10 5.04
N LEU N 104 -56.00 -23.95 5.77
CA LEU N 104 -56.66 -25.05 6.48
C LEU N 104 -57.73 -24.50 7.41
N ASP N 105 -58.93 -25.08 7.33
CA ASP N 105 -60.12 -24.58 8.01
C ASP N 105 -60.34 -23.12 7.60
N PRO N 106 -60.75 -22.86 6.36
CA PRO N 106 -60.87 -21.46 5.91
C PRO N 106 -61.85 -20.63 6.71
N VAL N 107 -62.92 -21.24 7.21
CA VAL N 107 -63.99 -20.48 7.86
C VAL N 107 -63.50 -19.93 9.20
N SER N 108 -62.51 -20.57 9.81
CA SER N 108 -62.12 -20.20 11.16
C SER N 108 -61.30 -18.91 11.18
N GLU N 109 -60.43 -18.71 10.21
CA GLU N 109 -59.47 -17.61 10.28
C GLU N 109 -60.19 -16.27 10.17
N PRO N 110 -59.93 -15.33 11.08
CA PRO N 110 -60.63 -14.03 11.00
C PRO N 110 -60.15 -13.16 9.85
N GLU N 111 -58.86 -13.21 9.52
CA GLU N 111 -58.28 -12.34 8.50
C GLU N 111 -57.88 -13.15 7.28
N PRO N 112 -58.57 -13.00 6.15
CA PRO N 112 -58.28 -13.84 4.98
C PRO N 112 -57.33 -13.22 3.97
N ILE N 113 -56.71 -12.09 4.28
CA ILE N 113 -55.83 -11.38 3.35
C ILE N 113 -54.39 -11.50 3.83
N ASN N 114 -53.50 -11.87 2.92
CA ASN N 114 -52.13 -12.20 3.28
C ASN N 114 -51.28 -10.95 3.49
N MET N 115 -49.97 -11.17 3.66
CA MET N 115 -49.08 -10.08 4.06
C MET N 115 -48.68 -9.13 2.94
N PRO N 116 -48.12 -9.58 1.81
CA PRO N 116 -47.62 -8.61 0.82
C PRO N 116 -48.69 -7.67 0.31
N THR N 117 -49.90 -8.17 0.07
CA THR N 117 -50.97 -7.28 -0.38
C THR N 117 -51.33 -6.28 0.70
N MET N 118 -51.30 -6.70 1.97
CA MET N 118 -51.62 -5.78 3.05
C MET N 118 -50.58 -4.67 3.16
N GLU N 119 -49.29 -5.01 3.02
CA GLU N 119 -48.26 -3.97 3.08
C GLU N 119 -48.36 -3.02 1.89
N PHE N 120 -48.59 -3.57 0.70
CA PHE N 120 -48.81 -2.73 -0.47
C PHE N 120 -49.98 -1.78 -0.26
N TYR N 121 -51.07 -2.27 0.33
CA TYR N 121 -52.23 -1.43 0.53
C TYR N 121 -51.99 -0.38 1.60
N LYS N 122 -51.23 -0.72 2.64
CA LYS N 122 -50.88 0.28 3.64
C LYS N 122 -50.13 1.45 3.01
N ARG N 123 -49.08 1.14 2.25
CA ARG N 123 -48.31 2.23 1.65
C ARG N 123 -49.12 2.99 0.61
N PHE N 124 -49.93 2.27 -0.18
CA PHE N 124 -50.78 2.91 -1.18
C PHE N 124 -51.75 3.88 -0.55
N LEU N 125 -52.41 3.46 0.54
CA LEU N 125 -53.38 4.33 1.20
C LEU N 125 -52.68 5.51 1.87
N SER N 126 -51.48 5.30 2.41
CA SER N 126 -50.75 6.43 2.97
C SER N 126 -50.44 7.47 1.89
N LEU N 127 -49.99 7.02 0.72
CA LEU N 127 -49.71 7.96 -0.37
C LEU N 127 -50.98 8.68 -0.81
N LEU N 128 -52.10 7.95 -0.94
CA LEU N 128 -53.35 8.59 -1.33
C LEU N 128 -53.85 9.55 -0.26
N HIS N 129 -53.49 9.31 1.00
CA HIS N 129 -53.91 10.23 2.05
C HIS N 129 -53.07 11.50 2.06
N GLU N 130 -51.78 11.38 1.70
CA GLU N 130 -50.93 12.58 1.68
C GLU N 130 -51.46 13.62 0.71
N ARG N 131 -51.89 13.19 -0.46
CA ARG N 131 -52.49 14.08 -1.46
C ARG N 131 -54.00 13.81 -1.45
N ASP N 132 -54.76 14.78 -0.95
CA ASP N 132 -56.15 14.55 -0.53
C ASP N 132 -56.95 13.80 -1.60
N MET N 133 -57.38 12.60 -1.25
CA MET N 133 -58.06 11.70 -2.17
C MET N 133 -58.92 10.74 -1.38
N LYS N 134 -59.88 10.11 -2.06
CA LYS N 134 -60.80 9.17 -1.46
C LYS N 134 -60.67 7.81 -2.14
N PHE N 135 -60.90 6.76 -1.35
CA PHE N 135 -60.64 5.38 -1.77
C PHE N 135 -61.93 4.57 -1.70
N VAL N 136 -62.21 3.80 -2.74
CA VAL N 136 -63.36 2.90 -2.80
C VAL N 136 -62.85 1.53 -3.24
N ASN N 137 -63.02 0.52 -2.40
CA ASN N 137 -62.48 -0.81 -2.67
C ASN N 137 -63.61 -1.77 -3.03
N SER N 138 -63.42 -2.52 -4.12
CA SER N 138 -64.41 -3.46 -4.61
C SER N 138 -63.90 -4.88 -4.45
N VAL N 139 -64.64 -5.70 -3.71
CA VAL N 139 -64.34 -7.11 -3.54
C VAL N 139 -65.48 -7.90 -4.16
N ALA N 140 -65.15 -8.77 -5.11
CA ALA N 140 -66.14 -9.44 -5.94
C ALA N 140 -66.32 -10.89 -5.48
N TYR N 141 -67.21 -11.59 -6.19
CA TYR N 141 -67.55 -12.96 -5.81
C TYR N 141 -66.52 -13.97 -6.31
N GLU N 142 -65.72 -13.59 -7.31
CA GLU N 142 -64.83 -14.54 -7.95
C GLU N 142 -63.63 -14.87 -7.08
N ILE N 143 -63.25 -16.16 -7.08
CA ILE N 143 -61.98 -16.63 -6.55
C ILE N 143 -61.41 -17.61 -7.57
N LEU N 144 -60.10 -17.83 -7.51
CA LEU N 144 -59.44 -18.73 -8.43
C LEU N 144 -60.03 -20.13 -8.34
N ASN N 145 -60.20 -20.77 -9.49
CA ASN N 145 -60.78 -22.11 -9.51
C ASN N 145 -59.91 -23.13 -8.80
N PHE N 146 -58.59 -23.04 -8.98
CA PHE N 146 -57.69 -24.02 -8.42
C PHE N 146 -57.73 -24.02 -6.89
N PHE N 147 -57.83 -22.84 -6.29
CA PHE N 147 -57.74 -22.70 -4.84
C PHE N 147 -59.10 -22.56 -4.16
N MET N 148 -60.20 -22.57 -4.91
CA MET N 148 -61.49 -22.35 -4.28
C MET N 148 -62.01 -23.63 -3.65
N PRO N 149 -62.67 -23.54 -2.48
CA PRO N 149 -63.31 -24.73 -1.92
C PRO N 149 -64.42 -25.25 -2.83
N ASP N 150 -64.62 -26.57 -2.80
CA ASP N 150 -65.51 -27.19 -3.77
C ASP N 150 -66.98 -26.95 -3.45
N GLU N 151 -67.32 -26.87 -2.15
CA GLU N 151 -68.73 -26.75 -1.78
C GLU N 151 -69.28 -25.35 -2.06
N TRP N 152 -68.41 -24.34 -2.09
CA TRP N 152 -68.87 -22.99 -2.38
C TRP N 152 -69.18 -22.78 -3.86
N LYS N 153 -68.55 -23.55 -4.74
CA LYS N 153 -68.68 -23.31 -6.17
C LYS N 153 -70.11 -23.52 -6.64
N GLN N 154 -70.54 -22.69 -7.59
CA GLN N 154 -71.80 -22.91 -8.28
C GLN N 154 -71.66 -24.07 -9.26
N LEU N 155 -72.76 -24.78 -9.49
CA LEU N 155 -72.75 -25.96 -10.33
C LEU N 155 -73.75 -25.81 -11.48
N ASN N 156 -73.39 -26.40 -12.61
CA ASN N 156 -74.19 -26.34 -13.83
C ASN N 156 -75.37 -27.30 -13.69
N TRP N 157 -76.12 -27.52 -14.78
CA TRP N 157 -77.17 -28.53 -14.73
C TRP N 157 -76.57 -29.92 -14.58
N LYS N 158 -75.38 -30.14 -15.15
CA LYS N 158 -74.57 -31.28 -14.80
C LYS N 158 -73.65 -30.93 -13.64
N GLY N 159 -72.67 -31.80 -13.38
CA GLY N 159 -71.81 -31.61 -12.23
C GLY N 159 -70.75 -30.55 -12.41
N ASP N 160 -70.51 -30.11 -13.65
CA ASP N 160 -69.39 -29.21 -13.91
C ASP N 160 -69.62 -27.85 -13.25
N PRO N 161 -68.57 -27.20 -12.75
CA PRO N 161 -68.74 -25.89 -12.12
C PRO N 161 -68.89 -24.79 -13.15
N ALA N 162 -68.93 -23.54 -12.64
CA ALA N 162 -69.26 -22.41 -13.48
C ALA N 162 -68.16 -22.09 -14.48
N LEU N 163 -66.92 -21.99 -14.03
CA LEU N 163 -65.77 -21.57 -14.85
C LEU N 163 -65.97 -20.17 -15.41
N SER N 164 -65.02 -19.69 -16.21
CA SER N 164 -65.08 -18.34 -16.74
C SER N 164 -64.20 -18.25 -17.99
N GLY N 165 -64.22 -17.08 -18.61
CA GLY N 165 -63.43 -16.83 -19.80
C GLY N 165 -62.06 -16.23 -19.52
N TRP N 166 -61.20 -17.01 -18.86
CA TRP N 166 -59.84 -16.58 -18.56
C TRP N 166 -58.92 -17.78 -18.70
N TYR N 167 -57.64 -17.52 -18.98
CA TYR N 167 -56.68 -18.60 -19.04
C TYR N 167 -56.53 -19.31 -17.70
N PRO N 168 -56.37 -18.62 -16.56
CA PRO N 168 -56.69 -19.25 -15.29
C PRO N 168 -58.18 -19.12 -15.01
N PRO N 169 -58.92 -20.23 -15.02
CA PRO N 169 -60.37 -20.14 -14.85
C PRO N 169 -60.75 -19.74 -13.43
N SER N 170 -61.96 -19.19 -13.31
CA SER N 170 -62.48 -18.72 -12.03
C SER N 170 -63.86 -19.31 -11.77
N SER N 171 -64.20 -19.42 -10.50
CA SER N 171 -65.51 -19.91 -10.09
C SER N 171 -66.17 -18.89 -9.18
N PHE N 172 -67.50 -18.94 -9.12
CA PHE N 172 -68.31 -17.92 -8.46
C PHE N 172 -68.90 -18.46 -7.17
N ILE N 173 -69.03 -17.58 -6.17
CA ILE N 173 -69.72 -17.92 -4.94
C ILE N 173 -71.21 -18.06 -5.19
N GLN N 174 -71.81 -19.08 -4.58
CA GLN N 174 -73.26 -19.19 -4.56
C GLN N 174 -73.83 -18.23 -3.51
N PRO N 175 -74.81 -17.41 -3.87
CA PRO N 175 -75.32 -16.42 -2.89
C PRO N 175 -75.95 -17.03 -1.65
N THR N 176 -76.50 -18.25 -1.76
CA THR N 176 -77.22 -18.83 -0.63
C THR N 176 -76.27 -19.17 0.52
N ASN N 177 -75.05 -19.57 0.22
CA ASN N 177 -74.10 -19.97 1.26
C ASN N 177 -73.77 -18.78 2.15
N LYS N 178 -73.60 -19.05 3.45
CA LYS N 178 -73.29 -17.97 4.39
C LYS N 178 -71.79 -17.87 4.65
N ASP N 179 -71.07 -19.00 4.56
CA ASP N 179 -69.65 -19.00 4.86
C ASP N 179 -68.88 -18.12 3.88
N ALA N 180 -69.21 -18.21 2.60
CA ALA N 180 -68.49 -17.43 1.60
C ALA N 180 -68.78 -15.94 1.73
N LEU N 181 -70.03 -15.58 2.04
CA LEU N 181 -70.35 -14.18 2.28
C LEU N 181 -69.62 -13.67 3.51
N ASP N 182 -69.47 -14.51 4.54
CA ASP N 182 -68.66 -14.12 5.68
C ASP N 182 -67.21 -13.91 5.28
N PHE N 183 -66.69 -14.76 4.40
CA PHE N 183 -65.34 -14.60 3.88
C PHE N 183 -65.15 -13.25 3.20
N VAL N 184 -66.05 -12.92 2.28
CA VAL N 184 -65.96 -11.66 1.54
C VAL N 184 -66.07 -10.46 2.49
N SER N 185 -67.02 -10.51 3.42
CA SER N 185 -67.20 -9.40 4.34
C SER N 185 -66.01 -9.25 5.28
N LYS N 186 -65.39 -10.38 5.65
CA LYS N 186 -64.17 -10.31 6.46
C LYS N 186 -63.04 -9.64 5.69
N ALA N 187 -62.89 -9.95 4.39
CA ALA N 187 -61.87 -9.27 3.60
C ALA N 187 -62.12 -7.78 3.52
N GLN N 188 -63.37 -7.38 3.28
CA GLN N 188 -63.67 -5.96 3.20
C GLN N 188 -63.42 -5.26 4.53
N CYS N 189 -63.78 -5.91 5.64
CA CYS N 189 -63.54 -5.32 6.95
C CYS N 189 -62.04 -5.18 7.23
N GLN N 190 -61.25 -6.17 6.80
CA GLN N 190 -59.81 -6.08 6.99
C GLN N 190 -59.23 -4.89 6.24
N ILE N 191 -59.68 -4.66 5.00
CA ILE N 191 -59.20 -3.49 4.26
C ILE N 191 -59.67 -2.20 4.93
N LEU N 192 -60.94 -2.15 5.35
CA LEU N 192 -61.50 -0.93 5.91
C LEU N 192 -60.85 -0.57 7.24
N LYS N 193 -60.34 -1.57 7.97
CA LYS N 193 -59.66 -1.25 9.23
C LYS N 193 -58.39 -0.46 8.98
N GLU N 194 -57.57 -0.88 8.01
CA GLU N 194 -56.36 -0.13 7.68
C GLU N 194 -56.69 1.21 7.05
N CYS N 195 -57.82 1.28 6.33
CA CYS N 195 -58.29 2.58 5.85
C CYS N 195 -58.65 3.48 7.03
N GLN N 196 -59.18 2.90 8.10
CA GLN N 196 -59.63 3.66 9.26
C GLN N 196 -58.47 4.12 10.12
N ASN N 197 -57.37 3.35 10.15
CA ASN N 197 -56.25 3.70 11.01
C ASN N 197 -55.69 5.06 10.65
N LEU N 198 -55.56 5.36 9.36
CA LEU N 198 -55.25 6.71 8.93
C LEU N 198 -56.51 7.57 8.98
N GLY N 199 -56.32 8.88 8.93
CA GLY N 199 -57.45 9.78 8.97
C GLY N 199 -58.22 9.80 7.66
N MET N 200 -58.82 8.67 7.30
CA MET N 200 -59.49 8.51 6.02
C MET N 200 -60.93 8.08 6.24
N GLU N 201 -61.82 8.59 5.38
CA GLU N 201 -63.21 8.17 5.38
C GLU N 201 -63.33 6.78 4.76
N LEU N 202 -64.39 6.07 5.14
CA LEU N 202 -64.58 4.68 4.75
C LEU N 202 -65.66 4.58 3.68
N TYR N 203 -65.28 4.09 2.50
CA TYR N 203 -66.19 3.76 1.43
C TYR N 203 -65.89 2.35 0.96
N PHE N 204 -66.92 1.61 0.56
CA PHE N 204 -66.70 0.29 0.00
C PHE N 204 -67.77 -0.02 -1.04
N GLN N 205 -67.44 -0.98 -1.90
CA GLN N 205 -68.30 -1.36 -3.02
C GLN N 205 -68.43 -2.87 -3.06
N ILE N 206 -69.64 -3.35 -3.32
CA ILE N 206 -69.92 -4.77 -3.51
C ILE N 206 -70.02 -5.02 -5.00
N GLY N 207 -69.12 -5.84 -5.54
CA GLY N 207 -68.97 -5.97 -6.97
C GLY N 207 -69.34 -7.35 -7.48
N GLU N 208 -69.88 -7.37 -8.69
CA GLU N 208 -70.19 -8.59 -9.43
C GLU N 208 -71.11 -9.57 -8.72
N PRO N 209 -72.29 -9.12 -8.22
CA PRO N 209 -73.29 -10.09 -7.77
C PRO N 209 -74.22 -10.53 -8.88
N TRP N 210 -74.20 -11.82 -9.24
CA TRP N 210 -75.20 -12.36 -10.15
C TRP N 210 -75.18 -13.87 -10.08
N TRP N 211 -76.11 -14.48 -10.80
CA TRP N 211 -76.14 -15.92 -11.02
C TRP N 211 -75.52 -16.20 -12.38
N TRP N 212 -74.44 -16.98 -12.39
CA TRP N 212 -73.65 -17.13 -13.60
C TRP N 212 -74.45 -17.83 -14.69
N ASP N 213 -74.30 -17.34 -15.92
CA ASP N 213 -74.84 -17.98 -17.10
C ASP N 213 -73.68 -18.47 -17.97
N GLY N 214 -74.02 -19.23 -19.01
CA GLY N 214 -73.02 -19.78 -19.89
C GLY N 214 -72.63 -18.92 -21.07
N SER N 215 -73.07 -17.67 -21.11
CA SER N 215 -72.85 -16.84 -22.30
C SER N 215 -71.37 -16.56 -22.52
N TYR N 216 -70.66 -16.12 -21.48
CA TYR N 216 -69.25 -15.77 -21.65
C TYR N 216 -68.39 -17.00 -21.88
N ASN N 217 -68.71 -18.11 -21.23
CA ASN N 217 -67.94 -19.33 -21.42
C ASN N 217 -68.10 -19.85 -22.84
N THR N 218 -66.99 -20.30 -23.43
CA THR N 218 -66.98 -20.82 -24.79
C THR N 218 -66.76 -22.32 -24.73
N GLY N 219 -67.84 -23.09 -24.96
CA GLY N 219 -67.76 -24.53 -24.89
C GLY N 219 -67.78 -25.03 -23.46
N GLU N 220 -67.96 -26.34 -23.34
CA GLU N 220 -68.04 -27.03 -22.05
C GLU N 220 -69.10 -26.38 -21.15
N GLY N 221 -70.34 -26.46 -21.61
CA GLY N 221 -71.43 -25.83 -20.90
C GLY N 221 -71.77 -24.44 -21.38
N LYS N 222 -71.64 -24.19 -22.67
CA LYS N 222 -72.01 -22.89 -23.22
C LYS N 222 -73.50 -22.66 -23.08
N ASN N 223 -73.87 -21.45 -22.64
CA ASN N 223 -75.26 -21.04 -22.50
C ASN N 223 -76.05 -21.98 -21.57
N ALA N 224 -75.41 -22.41 -20.50
CA ALA N 224 -76.03 -23.31 -19.54
C ALA N 224 -76.09 -22.65 -18.17
N PRO N 225 -77.29 -22.37 -17.64
CA PRO N 225 -77.37 -21.72 -16.33
C PRO N 225 -76.79 -22.58 -15.23
N CYS N 226 -76.17 -21.92 -14.24
CA CYS N 226 -75.50 -22.59 -13.13
C CYS N 226 -76.35 -22.58 -11.86
N ILE N 227 -77.68 -22.69 -12.00
CA ILE N 227 -78.56 -22.59 -10.85
C ILE N 227 -78.42 -23.80 -9.92
N TYR N 228 -78.34 -24.99 -10.50
CA TYR N 228 -78.63 -26.22 -9.77
C TYR N 228 -77.44 -26.63 -8.91
N ASP N 229 -77.55 -26.39 -7.60
CA ASP N 229 -76.60 -26.86 -6.61
C ASP N 229 -77.37 -27.54 -5.49
N PRO N 230 -76.91 -28.71 -5.01
CA PRO N 230 -77.73 -29.48 -4.07
C PRO N 230 -78.14 -28.71 -2.81
N LYS N 231 -77.27 -27.85 -2.29
CA LYS N 231 -77.64 -27.08 -1.10
C LYS N 231 -78.78 -26.10 -1.40
N THR N 232 -78.73 -25.45 -2.57
CA THR N 232 -79.80 -24.53 -2.94
C THR N 232 -81.11 -25.27 -3.17
N MET N 233 -81.07 -26.43 -3.82
CA MET N 233 -82.28 -27.23 -4.00
C MET N 233 -82.83 -27.69 -2.66
N ALA N 234 -81.96 -28.08 -1.74
CA ALA N 234 -82.42 -28.48 -0.41
C ALA N 234 -83.09 -27.30 0.30
N LEU N 235 -82.53 -26.10 0.17
CA LEU N 235 -83.17 -24.92 0.74
C LEU N 235 -84.54 -24.69 0.12
N TYR N 236 -84.65 -24.88 -1.20
CA TYR N 236 -85.94 -24.68 -1.85
C TYR N 236 -86.97 -25.70 -1.37
N LYS N 237 -86.55 -26.94 -1.14
CA LYS N 237 -87.47 -27.92 -0.57
C LYS N 237 -87.86 -27.56 0.84
N GLU N 238 -86.91 -27.06 1.63
CA GLU N 238 -87.17 -26.82 3.05
C GLU N 238 -88.18 -25.70 3.26
N GLU N 239 -88.04 -24.59 2.56
CA GLU N 239 -88.93 -23.45 2.70
C GLU N 239 -89.72 -23.27 1.41
N THR N 240 -91.01 -22.96 1.56
CA THR N 240 -92.02 -22.84 0.51
C THR N 240 -92.41 -24.20 -0.06
N GLY N 241 -91.86 -25.29 0.46
CA GLY N 241 -92.24 -26.62 -0.02
C GLY N 241 -91.91 -26.79 -1.49
N ASN N 242 -92.84 -27.42 -2.22
CA ASN N 242 -92.70 -27.66 -3.65
C ASN N 242 -91.47 -28.49 -3.97
N ASP N 243 -91.05 -28.48 -5.23
CA ASP N 243 -89.91 -29.27 -5.68
C ASP N 243 -89.19 -28.52 -6.79
N VAL N 244 -87.97 -28.95 -7.07
CA VAL N 244 -87.22 -28.36 -8.18
C VAL N 244 -87.94 -28.69 -9.49
N PRO N 245 -88.17 -27.73 -10.37
CA PRO N 245 -88.91 -28.01 -11.60
C PRO N 245 -88.23 -29.08 -12.45
N THR N 246 -89.05 -29.88 -13.12
CA THR N 246 -88.58 -30.95 -13.98
C THR N 246 -88.36 -30.43 -15.40
N PRO N 247 -88.01 -31.30 -16.38
CA PRO N 247 -86.97 -30.97 -17.36
C PRO N 247 -86.20 -29.68 -17.12
N TRP N 248 -85.06 -29.82 -16.45
CA TRP N 248 -84.14 -28.71 -16.21
C TRP N 248 -83.88 -27.93 -17.49
N ILE N 249 -83.59 -26.63 -17.33
CA ILE N 249 -83.62 -25.69 -18.44
C ILE N 249 -82.59 -26.06 -19.50
N LYS N 250 -81.35 -26.31 -19.08
CA LYS N 250 -80.30 -26.86 -19.94
C LYS N 250 -79.79 -25.87 -20.98
N ASP N 251 -80.45 -24.72 -21.10
CA ASP N 251 -80.08 -23.71 -22.09
C ASP N 251 -80.75 -22.38 -21.77
N ILE N 252 -79.96 -21.32 -21.73
CA ILE N 252 -80.50 -20.00 -21.36
C ILE N 252 -81.38 -19.46 -22.48
N PHE N 253 -80.99 -19.65 -23.74
CA PHE N 253 -81.76 -19.17 -24.88
C PHE N 253 -82.70 -20.26 -25.37
N ALA N 254 -83.68 -20.57 -24.52
CA ALA N 254 -84.69 -21.57 -24.82
C ALA N 254 -86.01 -21.12 -24.23
N PRO N 255 -87.13 -21.55 -24.83
CA PRO N 255 -88.44 -21.24 -24.24
C PRO N 255 -88.56 -21.82 -22.84
N VAL N 256 -89.22 -21.08 -21.95
CA VAL N 256 -89.33 -21.43 -20.55
C VAL N 256 -90.77 -21.79 -20.25
N GLU N 257 -90.98 -22.99 -19.69
CA GLU N 257 -92.31 -23.42 -19.29
C GLU N 257 -92.77 -22.65 -18.05
N GLU N 258 -94.09 -22.60 -17.87
CA GLU N 258 -94.68 -21.76 -16.84
C GLU N 258 -94.51 -22.30 -15.43
N HIS N 259 -94.12 -23.57 -15.28
CA HIS N 259 -93.98 -24.13 -13.93
C HIS N 259 -92.60 -23.85 -13.35
N GLN N 260 -91.71 -23.21 -14.13
CA GLN N 260 -90.36 -22.98 -13.66
C GLN N 260 -90.19 -21.60 -13.04
N TRP N 261 -91.06 -20.66 -13.38
CA TRP N 261 -90.90 -19.27 -12.94
C TRP N 261 -90.86 -19.10 -11.42
N PRO N 262 -91.66 -19.82 -10.60
CA PRO N 262 -91.54 -19.66 -9.14
C PRO N 262 -90.13 -19.89 -8.63
N TYR N 263 -89.41 -20.85 -9.22
CA TYR N 263 -88.03 -21.09 -8.84
C TYR N 263 -87.15 -19.89 -9.16
N VAL N 264 -87.34 -19.29 -10.35
CA VAL N 264 -86.53 -18.15 -10.77
C VAL N 264 -86.77 -16.97 -9.84
N ASP N 265 -88.03 -16.73 -9.48
CA ASP N 265 -88.33 -15.62 -8.57
C ASP N 265 -87.67 -15.81 -7.21
N TRP N 266 -87.70 -17.03 -6.68
CA TRP N 266 -87.07 -17.30 -5.40
C TRP N 266 -85.55 -17.11 -5.49
N LEU N 267 -84.95 -17.54 -6.60
CA LEU N 267 -83.52 -17.32 -6.81
C LEU N 267 -83.19 -15.83 -6.83
N CYS N 268 -84.02 -15.04 -7.51
CA CYS N 268 -83.79 -13.60 -7.56
C CYS N 268 -83.91 -12.97 -6.17
N THR N 269 -84.87 -13.44 -5.38
CA THR N 269 -85.00 -12.93 -4.01
C THR N 269 -83.77 -13.27 -3.17
N LYS N 270 -83.24 -14.48 -3.32
CA LYS N 270 -82.02 -14.85 -2.59
C LYS N 270 -80.84 -13.99 -3.03
N LEU N 271 -80.73 -13.73 -4.34
CA LEU N 271 -79.69 -12.84 -4.84
C LEU N 271 -79.80 -11.46 -4.22
N GLY N 272 -81.02 -10.95 -4.10
CA GLY N 272 -81.22 -9.67 -3.45
C GLY N 272 -80.85 -9.70 -1.98
N GLN N 273 -81.12 -10.82 -1.29
CA GLN N 273 -80.84 -10.92 0.13
C GLN N 273 -79.35 -11.02 0.43
N SER N 274 -78.57 -11.63 -0.46
CA SER N 274 -77.15 -11.83 -0.19
C SER N 274 -76.40 -10.51 -0.04
N THR N 275 -76.62 -9.57 -0.96
CA THR N 275 -75.95 -8.28 -0.89
C THR N 275 -76.37 -7.52 0.36
N ASN N 276 -77.64 -7.63 0.74
CA ASN N 276 -78.09 -7.01 1.98
C ASN N 276 -77.36 -7.60 3.18
N TYR N 277 -77.17 -8.92 3.19
CA TYR N 277 -76.42 -9.53 4.28
C TYR N 277 -75.00 -9.00 4.35
N ILE N 278 -74.33 -8.91 3.20
CA ILE N 278 -72.94 -8.41 3.18
C ILE N 278 -72.88 -6.97 3.68
N ARG N 279 -73.80 -6.13 3.19
CA ARG N 279 -73.81 -4.73 3.61
C ARG N 279 -74.06 -4.61 5.10
N ASP N 280 -75.01 -5.39 5.63
CA ASP N 280 -75.32 -5.32 7.05
C ASP N 280 -74.13 -5.75 7.89
N TYR N 281 -73.44 -6.82 7.49
CA TYR N 281 -72.25 -7.25 8.22
C TYR N 281 -71.20 -6.15 8.25
N VAL N 282 -70.86 -5.61 7.07
CA VAL N 282 -69.77 -4.64 6.99
C VAL N 282 -70.12 -3.37 7.76
N LYS N 283 -71.35 -2.88 7.63
CA LYS N 283 -71.73 -1.65 8.29
C LYS N 283 -71.88 -1.85 9.80
N GLY N 284 -72.27 -3.06 10.22
CA GLY N 284 -72.32 -3.35 11.64
C GLY N 284 -70.94 -3.36 12.27
N LYS N 285 -69.97 -3.98 11.59
CA LYS N 285 -68.60 -3.95 12.13
C LYS N 285 -68.03 -2.53 12.08
N PHE N 286 -68.19 -1.84 10.97
CA PHE N 286 -67.73 -0.47 10.81
C PHE N 286 -68.89 0.47 10.53
N PRO N 287 -69.33 1.26 11.49
CA PRO N 287 -70.32 2.31 11.18
C PRO N 287 -69.68 3.42 10.37
N ASP N 288 -70.54 4.23 9.76
CA ASP N 288 -70.22 5.39 8.92
C ASP N 288 -69.72 4.99 7.54
N ALA N 289 -69.61 3.69 7.24
CA ALA N 289 -69.25 3.27 5.90
C ALA N 289 -70.41 3.50 4.95
N GLN N 290 -70.09 3.79 3.69
CA GLN N 290 -71.10 4.10 2.67
C GLN N 290 -71.04 3.04 1.58
N ALA N 291 -72.00 2.12 1.61
CA ALA N 291 -72.04 1.03 0.65
C ALA N 291 -72.51 1.51 -0.71
N THR N 292 -72.22 0.71 -1.73
CA THR N 292 -72.65 1.01 -3.09
C THR N 292 -72.57 -0.26 -3.92
N LEU N 293 -73.13 -0.17 -5.13
CA LEU N 293 -73.10 -1.27 -6.08
C LEU N 293 -72.62 -0.77 -7.43
N LEU N 294 -72.48 -1.71 -8.36
CA LEU N 294 -72.11 -1.41 -9.74
C LEU N 294 -73.23 -1.86 -10.66
N PHE N 295 -73.83 -0.91 -11.36
CA PHE N 295 -74.92 -1.20 -12.29
C PHE N 295 -74.42 -1.03 -13.71
N PHE N 296 -74.46 -2.10 -14.48
CA PHE N 296 -74.12 -2.06 -15.90
C PHE N 296 -75.41 -2.09 -16.72
N THR N 297 -75.63 -1.03 -17.48
CA THR N 297 -76.95 -0.76 -18.04
C THR N 297 -77.37 -1.64 -19.21
N PRO N 298 -76.48 -2.04 -20.14
CA PRO N 298 -76.98 -2.73 -21.35
C PRO N 298 -77.88 -3.92 -21.06
N GLN N 299 -77.63 -4.67 -19.99
CA GLN N 299 -78.50 -5.80 -19.66
C GLN N 299 -79.69 -5.35 -18.81
N ILE N 300 -79.56 -4.21 -18.12
CA ILE N 300 -80.71 -3.68 -17.38
C ILE N 300 -81.80 -3.23 -18.35
N MET N 301 -81.43 -2.48 -19.39
CA MET N 301 -82.41 -2.11 -20.41
C MET N 301 -82.83 -3.30 -21.26
N SER N 302 -81.87 -4.07 -21.77
CA SER N 302 -82.16 -5.17 -22.67
C SER N 302 -81.40 -6.41 -22.20
N PRO N 303 -82.00 -7.26 -21.38
CA PRO N 303 -81.32 -8.48 -20.95
C PRO N 303 -81.08 -9.43 -22.12
N ALA N 304 -80.12 -10.33 -21.92
CA ALA N 304 -79.83 -11.32 -22.94
C ALA N 304 -81.05 -12.18 -23.25
N SER N 305 -81.88 -12.44 -22.23
CA SER N 305 -83.13 -13.17 -22.42
C SER N 305 -84.04 -12.85 -21.24
N GLU N 306 -85.27 -13.34 -21.33
CA GLU N 306 -86.21 -13.16 -20.23
C GLU N 306 -85.71 -13.83 -18.95
N LEU N 307 -85.10 -15.01 -19.09
CA LEU N 307 -84.57 -15.72 -17.93
C LEU N 307 -83.52 -14.89 -17.20
N THR N 308 -82.60 -14.27 -17.94
CA THR N 308 -81.58 -13.44 -17.31
C THR N 308 -82.21 -12.25 -16.60
N GLY N 309 -83.14 -11.57 -17.24
CA GLY N 309 -83.76 -10.41 -16.62
C GLY N 309 -84.51 -10.76 -15.35
N ARG N 310 -85.21 -11.89 -15.35
CA ARG N 310 -85.95 -12.30 -14.16
C ARG N 310 -85.04 -12.89 -13.11
N LEU N 311 -83.85 -13.34 -13.50
CA LEU N 311 -82.99 -14.06 -12.57
C LEU N 311 -82.00 -13.15 -11.87
N ASN N 312 -81.28 -12.31 -12.61
CA ASN N 312 -80.12 -11.61 -12.08
C ASN N 312 -80.39 -10.20 -11.60
N PHE N 313 -81.63 -9.72 -11.63
CA PHE N 313 -81.91 -8.34 -11.29
C PHE N 313 -83.01 -8.20 -10.25
N PRO N 314 -82.70 -8.24 -8.95
CA PRO N 314 -83.70 -7.86 -7.94
C PRO N 314 -83.85 -6.35 -7.85
N GLU N 315 -84.96 -5.82 -8.37
CA GLU N 315 -85.12 -4.37 -8.42
C GLU N 315 -85.46 -3.80 -7.05
N SER N 316 -86.24 -4.53 -6.26
CA SER N 316 -86.75 -3.97 -5.00
C SER N 316 -85.62 -3.66 -4.02
N GLU N 317 -84.59 -4.51 -3.97
CA GLU N 317 -83.54 -4.33 -2.97
C GLU N 317 -82.64 -3.15 -3.30
N TRP N 318 -82.37 -2.92 -4.59
CA TRP N 318 -81.39 -1.91 -4.99
C TRP N 318 -82.11 -0.62 -5.36
N ILE N 319 -82.64 0.04 -4.32
CA ILE N 319 -83.35 1.31 -4.43
C ILE N 319 -82.63 2.31 -3.52
N PHE N 320 -82.86 3.60 -3.78
CA PHE N 320 -82.06 4.65 -3.15
C PHE N 320 -81.92 4.56 -1.63
N PRO N 321 -82.99 4.34 -0.85
CA PRO N 321 -82.78 4.34 0.62
C PRO N 321 -81.82 3.28 1.09
N ASN N 322 -81.66 2.18 0.33
CA ASN N 322 -80.78 1.10 0.77
C ASN N 322 -79.31 1.46 0.63
N TYR N 323 -78.94 2.10 -0.48
CA TYR N 323 -77.53 2.29 -0.84
C TYR N 323 -77.24 3.78 -1.01
N ASP N 324 -76.06 4.20 -0.54
CA ASP N 324 -75.76 5.63 -0.49
C ASP N 324 -75.51 6.22 -1.86
N PHE N 325 -74.72 5.55 -2.70
CA PHE N 325 -74.41 6.07 -4.03
C PHE N 325 -74.29 4.92 -5.01
N VAL N 326 -74.11 5.27 -6.29
CA VAL N 326 -74.05 4.29 -7.37
C VAL N 326 -72.83 4.54 -8.23
N GLN N 327 -72.46 3.51 -8.99
CA GLN N 327 -71.41 3.60 -10.01
C GLN N 327 -71.89 2.80 -11.22
N ILE N 328 -71.92 3.45 -12.37
CA ILE N 328 -72.59 2.89 -13.55
C ILE N 328 -71.58 2.72 -14.68
N GLU N 329 -71.71 1.62 -15.41
CA GLU N 329 -70.78 1.24 -16.46
C GLU N 329 -71.56 0.85 -17.70
N ASP N 330 -71.18 1.41 -18.85
CA ASP N 330 -71.76 1.03 -20.14
C ASP N 330 -70.66 0.88 -21.20
N TYR N 331 -70.09 -0.33 -21.28
CA TYR N 331 -68.99 -0.57 -22.20
C TYR N 331 -69.49 -0.98 -23.58
N ASP N 332 -70.58 -1.74 -23.63
CA ASP N 332 -71.02 -2.30 -24.91
C ASP N 332 -71.41 -1.20 -25.89
N TRP N 333 -72.11 -0.17 -25.41
CA TRP N 333 -72.53 0.91 -26.30
C TRP N 333 -71.33 1.63 -26.87
N ILE N 334 -70.34 1.93 -26.03
CA ILE N 334 -69.16 2.68 -26.47
C ILE N 334 -68.33 1.83 -27.42
N ILE N 335 -68.15 0.56 -27.11
CA ILE N 335 -67.34 -0.31 -27.97
C ILE N 335 -68.02 -0.48 -29.33
N ASP N 336 -69.33 -0.72 -29.34
CA ASP N 336 -70.04 -0.84 -30.60
C ASP N 336 -70.17 0.51 -31.30
N GLY N 337 -70.05 1.60 -30.55
CA GLY N 337 -70.11 2.93 -31.11
C GLY N 337 -71.50 3.46 -31.36
N ARG N 338 -72.53 2.89 -30.72
CA ARG N 338 -73.89 3.34 -30.94
C ARG N 338 -74.08 4.78 -30.48
N LEU N 339 -73.88 5.03 -29.19
CA LEU N 339 -73.79 6.37 -28.62
C LEU N 339 -75.10 7.16 -28.70
N ASP N 340 -76.15 6.57 -29.27
CA ASP N 340 -77.44 7.24 -29.26
C ASP N 340 -78.28 6.79 -28.07
N LEU N 341 -78.04 5.58 -27.58
CA LEU N 341 -78.70 5.05 -26.40
C LEU N 341 -77.93 5.31 -25.11
N VAL N 342 -76.76 5.95 -25.20
CA VAL N 342 -76.02 6.30 -23.98
C VAL N 342 -76.85 7.18 -23.05
N PRO N 343 -77.59 8.19 -23.52
CA PRO N 343 -78.36 9.02 -22.56
C PRO N 343 -79.37 8.23 -21.74
N LEU N 344 -79.74 7.02 -22.15
CA LEU N 344 -80.68 6.22 -21.35
C LEU N 344 -80.10 5.91 -19.98
N THR N 345 -78.77 5.77 -19.90
CA THR N 345 -78.13 5.46 -18.63
C THR N 345 -78.40 6.53 -17.59
N PHE N 346 -78.29 7.80 -17.98
CA PHE N 346 -78.38 8.90 -17.03
C PHE N 346 -79.81 9.03 -16.52
N ASP N 347 -80.78 8.91 -17.43
CA ASP N 347 -82.18 8.92 -17.04
C ASP N 347 -82.51 7.74 -16.14
N ALA N 348 -81.96 6.56 -16.44
CA ALA N 348 -82.16 5.41 -15.57
C ALA N 348 -81.66 5.68 -14.17
N ALA N 349 -80.44 6.23 -14.05
CA ALA N 349 -79.87 6.52 -12.76
C ALA N 349 -80.74 7.50 -11.97
N VAL N 350 -81.19 8.57 -12.64
CA VAL N 350 -81.93 9.59 -11.92
C VAL N 350 -83.32 9.10 -11.54
N ASN N 351 -84.00 8.39 -12.44
CA ASN N 351 -85.42 8.07 -12.26
C ASN N 351 -85.69 6.62 -11.89
N ARG N 352 -85.23 5.66 -12.69
CA ARG N 352 -85.65 4.28 -12.50
C ARG N 352 -85.14 3.72 -11.17
N LEU N 353 -83.87 3.97 -10.85
CA LEU N 353 -83.32 3.59 -9.56
C LEU N 353 -83.51 4.67 -8.51
N GLY N 354 -84.00 5.85 -8.90
CA GLY N 354 -84.33 6.91 -7.96
C GLY N 354 -83.14 7.45 -7.20
N TYR N 355 -81.99 7.57 -7.84
CA TYR N 355 -80.80 8.08 -7.18
C TYR N 355 -80.60 9.54 -7.53
N PRO N 356 -80.27 10.39 -6.55
CA PRO N 356 -80.11 11.82 -6.84
C PRO N 356 -78.91 12.06 -7.74
N LEU N 357 -78.96 13.16 -8.50
CA LEU N 357 -77.82 13.57 -9.29
C LEU N 357 -76.65 14.03 -8.43
N ASN N 358 -76.88 14.21 -7.12
CA ASN N 358 -75.79 14.63 -6.23
C ASN N 358 -74.69 13.58 -6.18
N VAL N 359 -75.05 12.30 -6.10
CA VAL N 359 -74.07 11.24 -6.00
C VAL N 359 -74.27 10.19 -7.10
N VAL N 360 -73.58 10.40 -8.23
CA VAL N 360 -73.55 9.43 -9.32
C VAL N 360 -72.11 9.34 -9.82
N HIS N 361 -71.61 8.12 -9.96
CA HIS N 361 -70.26 7.87 -10.47
C HIS N 361 -70.36 7.13 -11.79
N TYR N 362 -69.56 7.55 -12.76
CA TYR N 362 -69.65 7.05 -14.13
C TYR N 362 -68.29 6.56 -14.61
N PHE N 363 -68.27 5.35 -15.16
CA PHE N 363 -67.08 4.75 -15.73
C PHE N 363 -67.25 4.69 -17.24
N ILE N 364 -66.25 5.17 -17.98
CA ILE N 364 -66.36 5.34 -19.43
C ILE N 364 -65.31 4.49 -20.12
N GLY N 365 -65.73 3.70 -21.09
CA GLY N 365 -64.83 3.16 -22.10
C GLY N 365 -64.11 1.90 -21.64
N PHE N 366 -63.62 1.16 -22.63
CA PHE N 366 -62.82 -0.03 -22.41
C PHE N 366 -62.07 -0.35 -23.69
N VAL N 367 -60.74 -0.40 -23.60
CA VAL N 367 -59.91 -0.61 -24.78
C VAL N 367 -59.04 -1.85 -24.62
N LEU N 368 -59.53 -2.99 -25.09
CA LEU N 368 -58.70 -4.17 -25.19
C LEU N 368 -58.13 -4.26 -26.61
N LEU N 369 -57.09 -5.08 -26.77
CA LEU N 369 -56.43 -5.21 -28.07
C LEU N 369 -55.98 -3.84 -28.58
N PRO N 370 -54.89 -3.30 -28.05
CA PRO N 370 -54.53 -1.89 -28.33
C PRO N 370 -54.50 -1.49 -29.80
N GLU N 371 -54.63 -2.46 -30.71
CA GLU N 371 -54.72 -2.12 -32.13
C GLU N 371 -55.97 -1.30 -32.44
N ASP N 372 -56.94 -1.29 -31.53
CA ASP N 372 -58.20 -0.58 -31.71
C ASP N 372 -58.34 0.63 -30.77
N ALA N 373 -57.26 1.37 -30.53
CA ALA N 373 -57.31 2.44 -29.53
C ALA N 373 -58.08 3.65 -30.03
N LYS N 374 -57.86 4.06 -31.28
CA LYS N 374 -58.33 5.37 -31.74
C LYS N 374 -59.85 5.45 -31.76
N LYS N 375 -60.51 4.46 -32.38
CA LYS N 375 -61.96 4.50 -32.49
C LYS N 375 -62.61 4.48 -31.12
N ILE N 376 -62.14 3.60 -30.23
CA ILE N 376 -62.74 3.47 -28.92
C ILE N 376 -62.51 4.74 -28.10
N TRP N 377 -61.35 5.38 -28.24
CA TRP N 377 -61.12 6.60 -27.47
C TRP N 377 -61.91 7.78 -28.01
N ALA N 378 -62.16 7.81 -29.32
CA ALA N 378 -63.07 8.82 -29.86
C ALA N 378 -64.48 8.61 -29.31
N ASP N 379 -64.92 7.36 -29.24
CA ASP N 379 -66.22 7.07 -28.64
C ASP N 379 -66.25 7.48 -27.17
N VAL N 380 -65.15 7.25 -26.45
CA VAL N 380 -65.04 7.68 -25.06
C VAL N 380 -65.17 9.20 -24.97
N ASP N 381 -64.55 9.92 -25.90
CA ASP N 381 -64.66 11.38 -25.90
C ASP N 381 -66.10 11.82 -26.08
N LYS N 382 -66.82 11.22 -27.03
CA LYS N 382 -68.22 11.59 -27.23
C LYS N 382 -69.07 11.25 -26.00
N ALA N 383 -68.80 10.10 -25.39
CA ALA N 383 -69.55 9.72 -24.18
C ALA N 383 -69.28 10.69 -23.04
N TRP N 384 -68.02 11.13 -22.91
CA TRP N 384 -67.71 12.14 -21.89
C TRP N 384 -68.43 13.44 -22.18
N GLY N 385 -68.54 13.82 -23.45
CA GLY N 385 -69.30 15.01 -23.80
C GLY N 385 -70.75 14.91 -23.36
N LEU N 386 -71.39 13.78 -23.66
CA LEU N 386 -72.78 13.59 -23.23
C LEU N 386 -72.90 13.60 -21.71
N ALA N 387 -71.96 12.95 -21.02
CA ALA N 387 -72.00 12.93 -19.56
C ALA N 387 -71.86 14.32 -18.97
N LEU N 388 -70.97 15.13 -19.54
CA LEU N 388 -70.82 16.51 -19.08
C LEU N 388 -72.09 17.30 -19.34
N GLU N 389 -72.75 17.06 -20.48
CA GLU N 389 -74.01 17.74 -20.76
C GLU N 389 -75.07 17.35 -19.74
N ALA N 390 -75.09 16.08 -19.32
CA ALA N 390 -76.07 15.64 -18.33
C ALA N 390 -75.86 16.32 -16.98
N GLY N 391 -74.61 16.43 -16.54
CA GLY N 391 -74.29 17.11 -15.30
C GLY N 391 -73.78 16.25 -14.17
N ILE N 392 -73.22 15.08 -14.46
CA ILE N 392 -72.68 14.18 -13.44
C ILE N 392 -71.52 14.84 -12.72
N PRO N 393 -71.44 14.74 -11.39
CA PRO N 393 -70.28 15.32 -10.69
C PRO N 393 -68.99 14.55 -10.90
N HIS N 394 -69.03 13.22 -10.93
CA HIS N 394 -67.83 12.39 -10.88
C HIS N 394 -67.75 11.51 -12.11
N ILE N 395 -66.59 11.51 -12.77
CA ILE N 395 -66.35 10.73 -13.98
C ILE N 395 -64.97 10.09 -13.88
N TYR N 396 -64.85 8.84 -14.34
CA TYR N 396 -63.61 8.08 -14.27
C TYR N 396 -63.26 7.49 -15.63
N PRO N 397 -62.02 7.62 -16.09
CA PRO N 397 -61.52 6.70 -17.11
C PRO N 397 -61.38 5.33 -16.50
N TRP N 398 -61.56 4.28 -17.29
CA TRP N 398 -61.76 2.97 -16.68
C TRP N 398 -60.49 2.45 -16.03
N SER N 399 -59.37 2.50 -16.72
CA SER N 399 -58.21 1.76 -16.24
C SER N 399 -56.95 2.61 -16.25
N TYR N 400 -56.14 2.38 -15.23
CA TYR N 400 -54.77 2.92 -15.20
C TYR N 400 -53.92 2.30 -16.29
N THR N 401 -54.02 0.97 -16.46
CA THR N 401 -53.16 0.27 -17.41
C THR N 401 -53.36 0.78 -18.83
N GLN N 402 -54.61 0.87 -19.28
CA GLN N 402 -54.87 1.27 -20.66
C GLN N 402 -54.53 2.74 -20.88
N VAL N 403 -54.77 3.59 -19.88
CA VAL N 403 -54.42 4.99 -20.01
C VAL N 403 -52.92 5.17 -20.16
N MET N 404 -52.13 4.48 -19.34
CA MET N 404 -50.68 4.59 -19.48
C MET N 404 -50.18 3.93 -20.76
N ARG N 405 -50.84 2.86 -21.20
CA ARG N 405 -50.36 2.13 -22.38
C ARG N 405 -50.64 2.90 -23.66
N ASP N 406 -51.81 3.51 -23.78
CA ASP N 406 -52.19 4.22 -24.99
C ASP N 406 -51.77 5.69 -24.99
N GLY N 407 -51.25 6.20 -23.88
CA GLY N 407 -50.80 7.58 -23.84
C GLY N 407 -51.89 8.60 -24.03
N VAL N 408 -52.99 8.48 -23.28
CA VAL N 408 -54.09 9.43 -23.41
C VAL N 408 -53.75 10.73 -22.72
N ILE N 409 -53.89 11.85 -23.44
CA ILE N 409 -53.67 13.17 -22.88
C ILE N 409 -54.87 14.05 -23.23
N TYR N 410 -54.99 15.17 -22.52
CA TYR N 410 -56.15 16.04 -22.60
C TYR N 410 -55.71 17.39 -23.12
N ALA N 411 -56.29 17.82 -24.24
CA ALA N 411 -55.88 19.05 -24.89
C ALA N 411 -57.06 19.70 -25.61
N VAL N 412 -57.02 21.02 -25.69
CA VAL N 412 -58.01 21.79 -26.45
C VAL N 412 -57.78 21.57 -27.93
N PRO N 413 -58.82 21.31 -28.73
CA PRO N 413 -58.59 21.07 -30.16
C PRO N 413 -58.11 22.30 -30.90
N LYS N 414 -57.41 22.06 -32.00
CA LYS N 414 -56.91 23.16 -32.82
C LYS N 414 -58.07 23.90 -33.47
N VAL N 415 -57.97 25.23 -33.49
CA VAL N 415 -58.96 26.09 -34.14
C VAL N 415 -58.27 26.83 -35.28
N CYS N 416 -58.29 26.23 -36.47
CA CYS N 416 -57.75 26.85 -37.68
C CYS N 416 -58.00 25.95 -38.89
N SER O 2 -81.14 26.86 -31.08
CA SER O 2 -81.58 27.88 -30.14
C SER O 2 -82.94 28.43 -30.54
N ILE O 3 -83.65 27.69 -31.41
CA ILE O 3 -85.03 28.04 -31.72
C ILE O 3 -85.91 27.85 -30.50
N GLU O 4 -85.60 26.85 -29.67
CA GLU O 4 -86.33 26.65 -28.42
C GLU O 4 -86.19 27.86 -27.51
N ASP O 5 -84.99 28.43 -27.42
CA ASP O 5 -84.79 29.63 -26.62
C ASP O 5 -85.54 30.81 -27.20
N TYR O 6 -85.64 30.88 -28.53
CA TYR O 6 -86.40 31.97 -29.15
C TYR O 6 -87.87 31.88 -28.81
N LEU O 7 -88.45 30.68 -28.92
CA LEU O 7 -89.86 30.50 -28.57
C LEU O 7 -90.09 30.75 -27.09
N LYS O 8 -89.19 30.27 -26.24
CA LYS O 8 -89.26 30.47 -24.79
C LYS O 8 -88.43 31.66 -24.35
N GLY O 9 -88.97 32.87 -24.42
CA GLY O 9 -88.23 34.05 -24.03
C GLY O 9 -89.06 35.30 -24.17
N LYS O 10 -88.67 36.33 -23.41
CA LYS O 10 -89.34 37.63 -23.51
C LYS O 10 -88.99 38.33 -24.81
N ASN O 11 -87.70 38.35 -25.16
CA ASN O 11 -87.21 38.93 -26.42
C ASN O 11 -87.69 40.36 -26.62
N CYS O 12 -87.66 41.15 -25.54
CA CYS O 12 -88.06 42.55 -25.58
C CYS O 12 -86.81 43.41 -25.56
N LEU O 13 -86.69 44.33 -26.53
CA LEU O 13 -85.49 45.14 -26.65
C LEU O 13 -85.29 46.04 -25.45
N ALA O 14 -86.35 46.71 -25.00
CA ALA O 14 -86.24 47.62 -23.86
C ALA O 14 -85.90 46.84 -22.60
N SER O 15 -84.76 47.18 -22.00
CA SER O 15 -84.27 46.46 -20.84
C SER O 15 -83.65 47.46 -19.89
N PRO O 16 -83.61 47.15 -18.59
CA PRO O 16 -82.97 48.04 -17.62
C PRO O 16 -81.49 47.82 -17.42
N ASN O 17 -80.91 46.75 -17.99
CA ASN O 17 -79.51 46.44 -17.80
C ASN O 17 -78.68 47.23 -18.82
N TYR O 18 -77.50 47.68 -18.39
CA TYR O 18 -76.67 48.55 -19.21
C TYR O 18 -75.31 48.65 -18.53
N ASP O 19 -74.24 48.49 -19.32
CA ASP O 19 -72.89 48.66 -18.82
C ASP O 19 -72.30 49.93 -19.38
N PRO O 20 -72.20 51.01 -18.60
CA PRO O 20 -71.69 52.28 -19.17
C PRO O 20 -70.25 52.21 -19.65
N ASP O 21 -69.47 51.25 -19.13
CA ASP O 21 -68.07 51.15 -19.54
C ASP O 21 -67.95 50.64 -20.97
N ASP O 22 -69.01 50.02 -21.49
CA ASP O 22 -69.01 49.49 -22.85
C ASP O 22 -70.23 50.05 -23.57
N GLN O 23 -70.07 51.24 -24.14
CA GLN O 23 -71.11 51.89 -24.93
C GLN O 23 -70.61 52.02 -26.36
N HIS O 24 -71.38 51.49 -27.31
CA HIS O 24 -70.94 51.46 -28.70
C HIS O 24 -72.12 51.71 -29.62
N SER O 25 -71.81 52.11 -30.85
CA SER O 25 -72.83 52.24 -31.88
C SER O 25 -73.03 50.88 -32.54
N SER O 26 -73.76 50.87 -33.65
CA SER O 26 -73.96 49.64 -34.39
C SER O 26 -72.73 49.24 -35.20
N TRP O 27 -71.77 50.16 -35.33
CA TRP O 27 -70.60 49.90 -36.17
C TRP O 27 -69.68 48.86 -35.55
N ARG O 28 -69.50 48.90 -34.23
CA ARG O 28 -68.46 48.11 -33.58
C ARG O 28 -68.85 46.64 -33.53
N GLU O 29 -67.94 45.77 -33.97
CA GLU O 29 -68.08 44.33 -33.81
C GLU O 29 -66.80 43.79 -33.19
N ASP O 30 -66.92 43.09 -32.08
CA ASP O 30 -65.78 42.62 -31.31
C ASP O 30 -66.09 41.24 -30.76
N LEU O 31 -65.17 40.30 -30.95
CA LEU O 31 -65.35 38.98 -30.37
C LEU O 31 -65.00 39.01 -28.89
N PRO O 32 -65.68 38.21 -28.06
CA PRO O 32 -65.38 38.23 -26.62
C PRO O 32 -63.99 37.68 -26.34
N GLN O 33 -63.40 38.18 -25.25
CA GLN O 33 -62.11 37.71 -24.78
C GLN O 33 -62.21 36.36 -24.07
N PHE O 34 -63.37 36.02 -23.53
CA PHE O 34 -63.57 34.79 -22.77
C PHE O 34 -64.00 33.69 -23.73
N LYS O 35 -63.02 33.02 -24.33
CA LYS O 35 -63.30 31.90 -25.20
C LYS O 35 -63.82 30.71 -24.38
N LYS O 36 -64.81 30.01 -24.93
CA LYS O 36 -65.35 28.80 -24.32
C LYS O 36 -64.92 27.61 -25.16
N ASP O 37 -64.21 26.67 -24.54
CA ASP O 37 -63.67 25.51 -25.24
C ASP O 37 -63.44 24.37 -24.25
N ARG O 38 -63.91 23.18 -24.60
CA ARG O 38 -63.69 22.01 -23.77
C ARG O 38 -62.32 21.41 -24.02
N GLU O 39 -62.01 20.37 -23.25
CA GLU O 39 -60.80 19.58 -23.42
C GLU O 39 -61.19 18.15 -23.77
N HIS O 40 -60.65 17.64 -24.87
CA HIS O 40 -61.00 16.33 -25.37
C HIS O 40 -59.86 15.34 -25.18
N LEU O 41 -60.15 14.07 -25.45
CA LEU O 41 -59.17 12.99 -25.33
C LEU O 41 -58.41 12.88 -26.64
N THR O 42 -57.08 12.85 -26.54
CA THR O 42 -56.22 12.67 -27.69
C THR O 42 -55.03 11.80 -27.28
N LEU O 43 -54.62 10.90 -28.16
CA LEU O 43 -53.45 10.08 -27.90
C LEU O 43 -52.18 10.86 -28.22
N VAL O 44 -51.17 10.71 -27.36
CA VAL O 44 -49.89 11.37 -27.59
C VAL O 44 -49.28 10.86 -28.88
N ASN O 45 -48.60 11.74 -29.61
CA ASN O 45 -48.16 11.42 -30.96
C ASN O 45 -47.12 10.31 -30.97
N THR O 46 -46.09 10.42 -30.12
CA THR O 46 -44.98 9.48 -30.02
C THR O 46 -44.11 9.51 -31.28
N ARG O 47 -44.51 10.28 -32.28
CA ARG O 47 -43.63 10.53 -33.42
C ARG O 47 -42.84 11.82 -33.20
N ARG O 48 -43.48 12.82 -32.60
CA ARG O 48 -42.79 14.03 -32.16
C ARG O 48 -42.07 13.68 -30.87
N ASN O 49 -40.76 13.52 -30.96
CA ASN O 49 -39.97 13.19 -29.77
C ASN O 49 -39.76 14.43 -28.92
N ARG O 50 -39.89 14.26 -27.61
CA ARG O 50 -39.76 15.34 -26.65
C ARG O 50 -38.47 15.17 -25.86
N THR O 51 -37.75 16.26 -25.66
CA THR O 51 -36.45 16.20 -25.02
C THR O 51 -36.58 15.85 -23.55
N TYR O 52 -35.59 15.11 -23.04
CA TYR O 52 -35.51 14.82 -21.62
C TYR O 52 -35.14 16.08 -20.86
N ASN O 53 -35.84 16.34 -19.75
CA ASN O 53 -35.58 17.52 -18.95
C ASN O 53 -35.23 17.20 -17.49
N THR O 54 -35.04 15.93 -17.15
CA THR O 54 -34.67 15.53 -15.80
C THR O 54 -33.74 14.33 -15.89
N LYS O 55 -32.92 14.14 -14.87
CA LYS O 55 -31.95 13.07 -14.82
C LYS O 55 -32.32 12.07 -13.73
N LEU O 56 -32.24 10.79 -14.07
CA LEU O 56 -32.58 9.69 -13.17
C LEU O 56 -31.33 8.87 -12.90
N ASN O 57 -31.06 8.61 -11.62
CA ASN O 57 -29.94 7.73 -11.27
C ASN O 57 -30.23 6.31 -11.70
N ARG O 58 -29.21 5.63 -12.20
CA ARG O 58 -29.35 4.22 -12.52
C ARG O 58 -29.56 3.42 -11.24
N PHE O 59 -30.29 2.30 -11.37
CA PHE O 59 -30.56 1.41 -10.24
C PHE O 59 -31.23 2.15 -9.10
N ASP O 60 -32.20 3.01 -9.43
CA ASP O 60 -32.98 3.73 -8.45
C ASP O 60 -33.99 2.80 -7.77
N PRO O 61 -34.14 2.88 -6.44
CA PRO O 61 -35.03 1.93 -5.75
C PRO O 61 -36.48 1.98 -6.19
N GLU O 62 -36.95 3.11 -6.71
CA GLU O 62 -38.36 3.22 -7.03
C GLU O 62 -38.72 2.57 -8.36
N TYR O 63 -37.72 2.27 -9.20
CA TYR O 63 -37.98 1.81 -10.56
C TYR O 63 -37.61 0.36 -10.79
N TRP O 64 -37.62 -0.48 -9.76
CA TRP O 64 -37.47 -1.90 -9.97
C TRP O 64 -38.85 -2.56 -10.12
N VAL O 65 -38.87 -3.73 -10.75
CA VAL O 65 -40.10 -4.48 -10.96
C VAL O 65 -39.86 -5.93 -10.56
N VAL O 66 -40.95 -6.62 -10.28
CA VAL O 66 -40.91 -8.02 -9.83
C VAL O 66 -41.78 -8.85 -10.75
N ASP O 67 -41.24 -9.98 -11.20
CA ASP O 67 -41.97 -10.91 -12.06
C ASP O 67 -41.80 -12.32 -11.51
N TYR O 68 -42.91 -13.05 -11.43
CA TYR O 68 -42.90 -14.40 -10.88
C TYR O 68 -44.00 -15.22 -11.55
N ASN O 69 -43.90 -16.53 -11.37
CA ASN O 69 -44.86 -17.46 -11.95
C ASN O 69 -46.15 -17.48 -11.13
N ALA O 70 -47.05 -18.38 -11.51
CA ALA O 70 -48.31 -18.52 -10.79
C ALA O 70 -48.08 -19.22 -9.45
N LEU O 71 -49.16 -19.37 -8.70
CA LEU O 71 -49.15 -19.99 -7.37
C LEU O 71 -48.20 -19.27 -6.41
N MET O 72 -48.12 -17.94 -6.47
CA MET O 72 -47.23 -17.19 -5.62
C MET O 72 -47.69 -15.74 -5.56
N VAL O 73 -47.45 -15.10 -4.42
CA VAL O 73 -47.76 -13.69 -4.22
C VAL O 73 -46.52 -12.99 -3.69
N ALA O 74 -46.19 -11.84 -4.28
CA ALA O 74 -45.09 -11.02 -3.81
C ALA O 74 -45.25 -9.61 -4.34
N THR O 75 -44.76 -8.63 -3.58
CA THR O 75 -44.85 -7.23 -3.96
C THR O 75 -43.55 -6.53 -3.59
N ILE O 76 -43.33 -5.36 -4.18
CA ILE O 76 -42.11 -4.58 -3.98
C ILE O 76 -42.48 -3.27 -3.29
N ILE O 77 -41.68 -2.90 -2.28
CA ILE O 77 -41.94 -1.70 -1.48
C ILE O 77 -40.61 -1.06 -1.07
N PRO O 78 -40.33 0.17 -1.48
CA PRO O 78 -39.12 0.85 -1.00
C PRO O 78 -39.31 1.38 0.41
N TYR O 79 -38.21 1.52 1.14
CA TYR O 79 -38.25 2.07 2.49
C TYR O 79 -37.12 3.01 2.81
N GLY O 80 -36.30 3.40 1.84
CA GLY O 80 -35.22 4.33 2.13
C GLY O 80 -34.70 4.96 0.86
N SER O 81 -33.62 5.72 1.00
CA SER O 81 -33.03 6.38 -0.14
C SER O 81 -32.28 5.39 -1.03
N LYS O 82 -31.89 4.24 -0.48
CA LYS O 82 -31.09 3.27 -1.21
C LYS O 82 -31.63 1.85 -1.12
N SER O 83 -32.83 1.63 -0.60
CA SER O 83 -33.22 0.28 -0.24
C SER O 83 -34.69 0.04 -0.59
N PHE O 84 -35.05 -1.24 -0.61
CA PHE O 84 -36.44 -1.65 -0.79
C PHE O 84 -36.62 -3.06 -0.21
N LYS O 85 -37.89 -3.49 -0.13
CA LYS O 85 -38.26 -4.76 0.45
C LYS O 85 -39.19 -5.51 -0.49
N VAL O 86 -39.12 -6.83 -0.49
CA VAL O 86 -39.94 -7.68 -1.34
C VAL O 86 -40.56 -8.77 -0.47
N PRO O 87 -41.67 -8.49 0.21
CA PRO O 87 -42.37 -9.56 0.95
C PRO O 87 -42.82 -10.66 0.02
N CYS O 88 -42.75 -11.90 0.49
CA CYS O 88 -42.99 -13.08 -0.34
C CYS O 88 -43.89 -14.07 0.37
N GLN O 89 -44.51 -14.95 -0.42
CA GLN O 89 -45.26 -16.09 0.08
C GLN O 89 -45.02 -17.28 -0.83
N TRP O 90 -44.53 -18.38 -0.25
CA TRP O 90 -44.11 -19.55 -0.99
C TRP O 90 -45.11 -20.67 -0.80
N ARG O 91 -45.40 -21.43 -1.86
CA ARG O 91 -46.35 -22.53 -1.78
C ARG O 91 -45.88 -23.82 -2.42
N THR O 92 -44.91 -23.79 -3.34
CA THR O 92 -44.49 -24.99 -4.05
C THR O 92 -42.98 -25.00 -4.26
N ASN O 93 -42.50 -26.07 -4.90
CA ASN O 93 -41.09 -26.16 -5.25
C ASN O 93 -40.76 -25.27 -6.44
N LYS O 94 -41.70 -25.11 -7.35
CA LYS O 94 -41.45 -24.38 -8.60
C LYS O 94 -41.45 -22.88 -8.42
N ASP O 95 -41.63 -22.38 -7.20
CA ASP O 95 -41.68 -20.94 -6.98
C ASP O 95 -40.34 -20.30 -7.33
N PHE O 96 -40.41 -19.17 -8.04
CA PHE O 96 -39.22 -18.49 -8.54
C PHE O 96 -39.61 -17.09 -8.96
N LEU O 97 -38.99 -16.08 -8.36
CA LEU O 97 -39.24 -14.69 -8.74
C LEU O 97 -37.93 -14.02 -9.13
N GLY O 98 -38.04 -12.90 -9.83
CA GLY O 98 -36.89 -12.10 -10.17
C GLY O 98 -37.12 -10.63 -9.95
N VAL O 99 -36.17 -9.95 -9.32
CA VAL O 99 -36.21 -8.51 -9.15
C VAL O 99 -35.36 -7.90 -10.25
N ARG O 100 -36.01 -7.18 -11.17
CA ARG O 100 -35.39 -6.80 -12.42
C ARG O 100 -35.22 -5.29 -12.53
N TRP O 101 -34.15 -4.88 -13.21
CA TRP O 101 -33.96 -3.52 -13.68
C TRP O 101 -33.90 -3.57 -15.20
N MET O 102 -34.88 -2.95 -15.85
CA MET O 102 -35.03 -3.04 -17.30
C MET O 102 -34.56 -1.77 -17.97
N THR O 103 -33.75 -1.93 -19.02
CA THR O 103 -33.26 -0.77 -19.75
C THR O 103 -34.41 0.00 -20.41
N GLU O 104 -35.36 -0.72 -21.00
CA GLU O 104 -36.46 -0.09 -21.74
C GLU O 104 -37.66 0.10 -20.82
N ASP O 105 -38.16 1.33 -20.74
CA ASP O 105 -39.29 1.67 -19.90
C ASP O 105 -40.57 1.38 -20.68
N THR O 106 -41.30 0.34 -20.26
CA THR O 106 -42.54 -0.06 -20.91
C THR O 106 -43.77 0.22 -20.05
N PHE O 107 -43.59 0.38 -18.75
CA PHE O 107 -44.70 0.53 -17.81
C PHE O 107 -45.01 1.98 -17.47
N ASP O 108 -44.57 2.93 -18.30
CA ASP O 108 -44.70 4.34 -17.98
C ASP O 108 -45.39 5.07 -19.11
N HIS O 109 -46.07 6.17 -18.76
CA HIS O 109 -46.70 7.02 -19.75
C HIS O 109 -45.63 7.70 -20.61
N HIS O 110 -45.99 8.01 -21.86
CA HIS O 110 -45.01 8.52 -22.80
C HIS O 110 -44.39 9.82 -22.32
N LEU O 111 -45.06 10.54 -21.43
CA LEU O 111 -44.53 11.79 -20.91
C LEU O 111 -43.70 11.59 -19.64
N TYR O 112 -43.50 10.36 -19.20
CA TYR O 112 -42.75 10.10 -17.97
C TYR O 112 -41.69 9.02 -18.15
N ARG O 113 -41.34 8.68 -19.40
CA ARG O 113 -40.40 7.60 -19.64
C ARG O 113 -38.97 8.09 -19.50
N TYR O 114 -38.03 7.14 -19.41
CA TYR O 114 -36.62 7.45 -19.26
C TYR O 114 -35.82 6.81 -20.39
N GLU O 115 -34.57 7.24 -20.52
CA GLU O 115 -33.75 6.87 -21.66
C GLU O 115 -33.34 5.40 -21.59
N THR O 116 -32.97 4.85 -22.74
CA THR O 116 -32.53 3.46 -22.86
C THR O 116 -31.09 3.44 -23.35
N ASP O 117 -30.16 3.15 -22.44
CA ASP O 117 -28.75 3.02 -22.79
C ASP O 117 -28.24 1.66 -22.38
N PRO O 118 -27.96 0.75 -23.33
CA PRO O 118 -27.51 -0.60 -22.98
C PRO O 118 -26.05 -0.71 -22.57
N ASN O 119 -25.35 0.40 -22.36
CA ASN O 119 -23.92 0.36 -22.05
C ASN O 119 -23.71 0.37 -20.54
N TYR O 120 -23.14 -0.70 -20.02
CA TYR O 120 -22.75 -0.79 -18.61
C TYR O 120 -21.25 -1.09 -18.57
N LEU O 121 -20.44 -0.04 -18.65
CA LEU O 121 -18.99 -0.19 -18.60
C LEU O 121 -18.43 0.60 -17.43
N GLY O 122 -17.57 -0.04 -16.66
CA GLY O 122 -17.01 0.62 -15.49
C GLY O 122 -18.07 0.97 -14.46
N LEU O 123 -18.97 0.05 -14.17
CA LEU O 123 -20.01 0.24 -13.16
C LEU O 123 -19.92 -0.91 -12.17
N ILE O 124 -19.94 -0.58 -10.88
CA ILE O 124 -19.93 -1.57 -9.80
C ILE O 124 -21.15 -1.33 -8.93
N LEU O 125 -21.88 -2.41 -8.65
CA LEU O 125 -23.07 -2.35 -7.80
C LEU O 125 -22.89 -3.33 -6.65
N ALA O 126 -22.92 -2.81 -5.42
CA ALA O 126 -22.75 -3.62 -4.22
C ALA O 126 -23.93 -3.40 -3.29
N PHE O 127 -24.42 -4.46 -2.67
CA PHE O 127 -25.63 -4.39 -1.88
C PHE O 127 -25.63 -5.47 -0.82
N ARG O 128 -26.76 -5.61 -0.14
CA ARG O 128 -26.96 -6.62 0.90
C ARG O 128 -28.22 -7.41 0.58
N HIS O 129 -28.29 -8.64 1.05
CA HIS O 129 -29.43 -9.50 0.72
C HIS O 129 -29.57 -10.59 1.78
N ASN O 130 -30.64 -11.38 1.65
CA ASN O 130 -30.98 -12.42 2.60
C ASN O 130 -31.19 -13.76 1.89
N PRO O 131 -30.16 -14.28 1.22
CA PRO O 131 -30.36 -15.55 0.51
C PRO O 131 -30.59 -16.69 1.49
N ASP O 132 -31.41 -17.65 1.06
CA ASP O 132 -31.54 -18.87 1.85
C ASP O 132 -30.34 -19.79 1.63
N GLU O 133 -29.68 -19.68 0.49
CA GLU O 133 -28.43 -20.38 0.22
C GLU O 133 -27.40 -19.36 -0.23
N PRO O 134 -26.64 -18.76 0.71
CA PRO O 134 -25.71 -17.69 0.33
C PRO O 134 -24.65 -18.12 -0.68
N ASP O 135 -24.24 -19.40 -0.63
CA ASP O 135 -23.22 -19.86 -1.57
C ASP O 135 -23.71 -19.80 -3.01
N LYS O 136 -24.96 -20.19 -3.23
CA LYS O 136 -25.50 -20.32 -4.59
C LYS O 136 -26.52 -19.19 -4.81
N PHE O 137 -26.01 -18.04 -5.23
CA PHE O 137 -26.84 -16.89 -5.56
C PHE O 137 -26.43 -16.39 -6.94
N THR O 138 -27.39 -16.30 -7.84
CA THR O 138 -27.10 -16.06 -9.25
C THR O 138 -27.86 -14.85 -9.75
N VAL O 139 -27.38 -14.31 -10.88
CA VAL O 139 -28.02 -13.19 -11.57
C VAL O 139 -28.17 -13.57 -13.03
N THR O 140 -29.34 -13.31 -13.60
CA THR O 140 -29.61 -13.61 -15.00
C THR O 140 -29.47 -12.35 -15.82
N ILE O 141 -28.37 -12.26 -16.57
CA ILE O 141 -28.06 -11.10 -17.41
C ILE O 141 -28.41 -11.46 -18.85
N GLN O 142 -29.33 -10.71 -19.44
CA GLN O 142 -29.84 -11.03 -20.77
C GLN O 142 -29.27 -10.08 -21.81
N THR O 143 -28.57 -10.65 -22.79
CA THR O 143 -28.08 -9.96 -23.96
C THR O 143 -28.98 -10.32 -25.14
N PRO O 144 -28.96 -9.52 -26.22
CA PRO O 144 -29.81 -9.86 -27.37
C PRO O 144 -29.52 -11.23 -27.97
N GLU O 145 -28.29 -11.73 -27.80
CA GLU O 145 -27.95 -13.03 -28.38
C GLU O 145 -28.40 -14.18 -27.49
N LYS O 146 -28.24 -14.05 -26.17
CA LYS O 146 -28.48 -15.16 -25.25
C LYS O 146 -28.71 -14.60 -23.86
N ALA O 147 -29.19 -15.47 -22.97
CA ALA O 147 -29.39 -15.13 -21.56
C ALA O 147 -28.37 -15.89 -20.73
N TYR O 148 -27.52 -15.16 -20.02
CA TYR O 148 -26.42 -15.73 -19.25
C TYR O 148 -26.77 -15.76 -17.77
N THR O 149 -26.06 -16.60 -17.02
CA THR O 149 -26.22 -16.69 -15.57
C THR O 149 -24.87 -16.47 -14.91
N TYR O 150 -24.79 -15.50 -14.01
CA TYR O 150 -23.56 -15.13 -13.33
C TYR O 150 -23.73 -15.35 -11.83
N ARG O 151 -22.75 -16.02 -11.22
CA ARG O 151 -22.86 -16.36 -9.80
C ARG O 151 -22.22 -15.28 -8.94
N LEU O 152 -22.97 -14.81 -7.95
CA LEU O 152 -22.48 -13.81 -7.00
C LEU O 152 -21.96 -14.53 -5.75
N ALA O 153 -20.74 -14.20 -5.35
CA ALA O 153 -20.13 -14.79 -4.17
C ALA O 153 -20.01 -13.75 -3.06
N PRO O 154 -20.13 -14.18 -1.80
CA PRO O 154 -20.06 -13.21 -0.70
C PRO O 154 -18.67 -12.62 -0.54
N TYR O 155 -18.61 -11.37 -0.09
CA TYR O 155 -17.36 -10.66 0.14
C TYR O 155 -17.33 -10.19 1.59
N GLY O 156 -16.18 -10.37 2.25
CA GLY O 156 -16.06 -10.01 3.64
C GLY O 156 -14.87 -9.12 3.89
N PHE O 157 -15.05 -8.16 4.78
CA PHE O 157 -14.01 -7.18 5.08
C PHE O 157 -12.87 -7.83 5.84
N ASN O 158 -11.65 -7.46 5.50
CA ASN O 158 -10.45 -7.98 6.13
C ASN O 158 -9.76 -6.84 6.88
N ASN O 159 -9.82 -6.88 8.21
CA ASN O 159 -9.36 -5.74 9.01
C ASN O 159 -7.86 -5.55 8.91
N LYS O 160 -7.11 -6.62 8.62
CA LYS O 160 -5.66 -6.50 8.57
C LYS O 160 -5.19 -5.77 7.32
N THR O 161 -5.83 -6.06 6.18
CA THR O 161 -5.44 -5.42 4.92
C THR O 161 -6.44 -4.35 4.46
N ARG O 162 -7.63 -4.29 5.07
CA ARG O 162 -8.61 -3.24 4.78
C ARG O 162 -9.10 -3.29 3.34
N ARG O 163 -9.53 -4.46 2.90
CA ARG O 163 -10.08 -4.67 1.57
C ARG O 163 -11.18 -5.72 1.63
N TRP O 164 -12.15 -5.59 0.73
CA TRP O 164 -13.24 -6.56 0.64
C TRP O 164 -12.75 -7.77 -0.14
N GLU O 165 -12.41 -8.85 0.56
CA GLU O 165 -11.88 -10.05 -0.06
C GLU O 165 -12.95 -11.13 -0.09
N CYS O 166 -13.02 -11.84 -1.21
CA CYS O 166 -14.02 -12.88 -1.38
C CYS O 166 -13.77 -14.05 -0.45
N LEU O 167 -14.85 -14.59 0.10
CA LEU O 167 -14.81 -15.86 0.79
C LEU O 167 -14.81 -16.98 -0.25
N ASP O 168 -15.00 -18.22 0.18
CA ASP O 168 -15.04 -19.36 -0.74
C ASP O 168 -13.74 -19.44 -1.54
N THR O 169 -12.65 -19.72 -0.82
CA THR O 169 -11.32 -19.66 -1.43
C THR O 169 -11.15 -20.69 -2.54
N LYS O 170 -11.72 -21.88 -2.36
CA LYS O 170 -11.45 -22.97 -3.29
C LYS O 170 -11.98 -22.66 -4.69
N TYR O 171 -13.26 -22.30 -4.80
CA TYR O 171 -13.91 -22.00 -6.07
C TYR O 171 -14.56 -20.63 -5.96
N GLY O 172 -13.88 -19.59 -6.43
CA GLY O 172 -14.44 -18.26 -6.38
C GLY O 172 -13.57 -17.26 -7.11
N THR O 173 -14.09 -16.05 -7.24
CA THR O 173 -13.30 -14.95 -7.80
C THR O 173 -12.12 -14.66 -6.89
N LYS O 174 -10.99 -14.32 -7.51
CA LYS O 174 -9.79 -13.97 -6.76
C LYS O 174 -9.51 -12.48 -6.78
N ARG O 175 -10.55 -11.65 -6.83
CA ARG O 175 -10.38 -10.20 -6.82
C ARG O 175 -10.72 -9.64 -5.44
N THR O 176 -10.00 -8.58 -5.07
CA THR O 176 -10.22 -7.85 -3.83
C THR O 176 -10.53 -6.40 -4.15
N TYR O 177 -11.57 -5.87 -3.53
CA TYR O 177 -12.03 -4.52 -3.81
C TYR O 177 -11.74 -3.61 -2.63
N GLN O 178 -11.53 -2.34 -2.92
CA GLN O 178 -11.25 -1.35 -1.89
C GLN O 178 -12.46 -1.16 -0.98
N ALA O 179 -12.21 -0.55 0.18
CA ALA O 179 -13.31 0.04 0.92
C ALA O 179 -13.86 1.22 0.14
N ASP O 180 -14.97 1.78 0.64
CA ASP O 180 -15.76 2.83 0.02
C ASP O 180 -16.57 2.27 -1.16
N ILE O 181 -16.38 1.01 -1.53
CA ILE O 181 -17.27 0.36 -2.48
C ILE O 181 -18.69 0.32 -1.93
N PHE O 182 -18.81 -0.04 -0.65
CA PHE O 182 -20.10 -0.16 0.03
C PHE O 182 -20.19 0.90 1.12
N VAL O 183 -21.15 1.80 0.99
CA VAL O 183 -21.37 2.88 1.95
C VAL O 183 -22.77 2.70 2.53
N ALA O 184 -22.84 2.53 3.85
CA ALA O 184 -24.08 2.21 4.53
C ALA O 184 -24.66 3.47 5.16
N THR O 185 -25.91 3.79 4.78
CA THR O 185 -26.62 4.93 5.35
C THR O 185 -28.04 4.59 5.80
N ASP O 186 -28.52 3.38 5.57
CA ASP O 186 -29.85 2.97 6.00
C ASP O 186 -29.74 1.96 7.13
N GLU O 187 -30.88 1.57 7.67
CA GLU O 187 -30.90 0.56 8.71
C GLU O 187 -30.52 -0.79 8.12
N ASP O 188 -29.70 -1.54 8.85
CA ASP O 188 -29.15 -2.78 8.34
C ASP O 188 -30.19 -3.91 8.45
N ILE O 189 -29.87 -5.02 7.80
CA ILE O 189 -30.76 -6.20 7.88
C ILE O 189 -30.67 -6.79 9.27
N PRO O 190 -31.79 -7.16 9.91
CA PRO O 190 -31.71 -7.79 11.22
C PRO O 190 -30.90 -9.08 11.17
N GLU O 191 -30.16 -9.34 12.26
CA GLU O 191 -29.30 -10.51 12.31
C GLU O 191 -30.10 -11.81 12.30
N SER O 192 -31.36 -11.75 12.76
CA SER O 192 -32.16 -12.96 12.81
C SER O 192 -32.54 -13.44 11.41
N GLU O 193 -32.74 -12.52 10.47
CA GLU O 193 -33.18 -12.90 9.14
C GLU O 193 -32.05 -13.47 8.30
N MET O 194 -30.83 -12.97 8.51
CA MET O 194 -29.71 -13.38 7.68
C MET O 194 -29.32 -14.83 7.95
N THR O 195 -28.78 -15.48 6.92
CA THR O 195 -28.27 -16.84 7.00
C THR O 195 -26.74 -16.81 7.05
N GLU O 196 -26.17 -17.72 7.83
CA GLU O 196 -24.74 -17.75 8.10
C GLU O 196 -24.04 -18.60 7.05
N VAL O 197 -22.97 -18.06 6.46
CA VAL O 197 -22.14 -18.79 5.52
C VAL O 197 -20.67 -18.55 5.88
N TYR O 198 -19.88 -19.63 5.88
CA TYR O 198 -18.47 -19.58 6.24
C TYR O 198 -18.26 -18.91 7.60
N GLY O 199 -19.15 -19.18 8.54
CA GLY O 199 -18.99 -18.72 9.90
C GLY O 199 -19.15 -17.23 10.11
N THR O 200 -19.81 -16.51 9.19
CA THR O 200 -20.00 -15.08 9.34
C THR O 200 -21.39 -14.70 8.85
N LYS O 201 -21.89 -13.56 9.32
CA LYS O 201 -23.17 -13.02 8.89
C LYS O 201 -23.06 -11.60 8.36
N ASP O 202 -21.86 -11.11 8.07
CA ASP O 202 -21.65 -9.77 7.53
C ASP O 202 -20.92 -9.90 6.21
N TYR O 203 -21.68 -10.10 5.13
CA TYR O 203 -21.09 -10.26 3.81
C TYR O 203 -21.83 -9.39 2.80
N ILE O 204 -21.14 -9.06 1.72
CA ILE O 204 -21.63 -8.17 0.68
C ILE O 204 -21.62 -8.95 -0.63
N PHE O 205 -22.53 -8.57 -1.53
CA PHE O 205 -22.58 -9.12 -2.87
C PHE O 205 -22.21 -8.02 -3.86
N ILE O 206 -21.13 -8.23 -4.61
CA ILE O 206 -20.58 -7.21 -5.49
C ILE O 206 -20.73 -7.67 -6.93
N LEU O 207 -21.39 -6.86 -7.74
CA LEU O 207 -21.60 -7.13 -9.15
C LEU O 207 -20.76 -6.15 -9.95
N ASP O 208 -19.67 -6.64 -10.53
CA ASP O 208 -18.74 -5.83 -11.31
C ASP O 208 -18.99 -6.10 -12.78
N PHE O 209 -19.27 -5.04 -13.55
CA PHE O 209 -19.64 -5.23 -14.94
C PHE O 209 -18.41 -5.40 -15.82
N ALA O 210 -17.23 -5.12 -15.28
CA ALA O 210 -16.01 -5.64 -15.87
C ALA O 210 -15.65 -6.96 -15.19
N ASP O 211 -15.11 -7.89 -15.98
CA ASP O 211 -14.82 -9.24 -15.52
C ASP O 211 -16.11 -9.95 -15.05
N LEU O 212 -17.06 -10.11 -15.98
CA LEU O 212 -18.23 -10.96 -15.77
C LEU O 212 -17.92 -12.31 -16.40
N ARG O 213 -17.57 -13.30 -15.57
CA ARG O 213 -17.25 -14.63 -16.04
C ARG O 213 -18.39 -15.57 -15.65
N THR O 214 -18.99 -16.22 -16.63
CA THR O 214 -20.18 -17.05 -16.41
C THR O 214 -19.73 -18.46 -16.10
N GLY O 215 -20.00 -18.91 -14.89
CA GLY O 215 -19.73 -20.30 -14.53
C GLY O 215 -20.00 -20.52 -13.07
N VAL O 216 -20.10 -21.80 -12.70
CA VAL O 216 -20.18 -22.16 -11.30
C VAL O 216 -18.85 -21.90 -10.60
N ALA O 217 -17.74 -22.13 -11.30
CA ALA O 217 -16.41 -21.88 -10.79
C ALA O 217 -15.71 -20.74 -11.53
N PHE O 218 -16.47 -19.90 -12.23
CA PHE O 218 -15.94 -18.75 -12.95
C PHE O 218 -14.95 -19.18 -14.04
N ASN O 219 -15.32 -20.21 -14.80
CA ASN O 219 -14.54 -20.69 -15.94
C ASN O 219 -15.50 -20.82 -17.11
N GLY O 220 -15.67 -19.74 -17.87
CA GLY O 220 -16.60 -19.77 -18.97
C GLY O 220 -16.52 -18.48 -19.77
N VAL O 221 -17.45 -18.35 -20.72
CA VAL O 221 -17.47 -17.18 -21.58
C VAL O 221 -17.77 -15.94 -20.75
N THR O 222 -17.32 -14.79 -21.24
CA THR O 222 -17.52 -13.52 -20.55
C THR O 222 -18.61 -12.72 -21.27
N ILE O 223 -19.57 -12.22 -20.51
CA ILE O 223 -20.63 -11.40 -21.08
C ILE O 223 -20.04 -10.09 -21.60
N ASN O 224 -20.56 -9.62 -22.72
CA ASN O 224 -20.16 -8.33 -23.27
C ASN O 224 -20.95 -7.24 -22.58
N PRO O 225 -20.33 -6.34 -21.83
CA PRO O 225 -21.10 -5.35 -21.07
C PRO O 225 -21.75 -4.30 -21.94
N ARG O 226 -21.45 -4.27 -23.24
CA ARG O 226 -21.86 -3.15 -24.08
C ARG O 226 -23.27 -3.35 -24.63
N ASN O 227 -23.89 -4.48 -24.34
CA ASN O 227 -25.27 -4.73 -24.76
C ASN O 227 -25.93 -5.64 -23.72
N ILE O 228 -26.71 -5.06 -22.82
CA ILE O 228 -27.43 -5.80 -21.79
C ILE O 228 -28.85 -5.27 -21.75
N THR O 229 -29.83 -6.18 -21.74
CA THR O 229 -31.23 -5.76 -21.78
C THR O 229 -31.83 -5.67 -20.38
N MET O 230 -31.59 -6.66 -19.53
CA MET O 230 -32.16 -6.66 -18.19
C MET O 230 -31.20 -7.35 -17.24
N ILE O 231 -31.40 -7.09 -15.95
CA ILE O 231 -30.59 -7.66 -14.87
C ILE O 231 -31.56 -8.10 -13.78
N SER O 232 -31.84 -9.39 -13.69
CA SER O 232 -32.82 -9.92 -12.75
C SER O 232 -32.12 -10.84 -11.76
N PHE O 233 -32.28 -10.56 -10.47
CA PHE O 233 -31.72 -11.43 -9.45
C PHE O 233 -32.62 -12.66 -9.25
N ASP O 234 -31.99 -13.82 -9.12
CA ASP O 234 -32.69 -15.09 -8.99
C ASP O 234 -32.91 -15.38 -7.51
N CYS O 235 -34.14 -15.23 -7.04
CA CYS O 235 -34.48 -15.42 -5.64
C CYS O 235 -35.34 -16.69 -5.50
N THR O 236 -34.88 -17.62 -4.68
CA THR O 236 -35.61 -18.86 -4.42
C THR O 236 -35.60 -19.16 -2.93
N GLU O 237 -36.28 -20.23 -2.55
CA GLU O 237 -36.32 -20.67 -1.16
C GLU O 237 -35.31 -21.80 -0.95
N ALA O 238 -35.17 -22.21 0.31
CA ALA O 238 -34.28 -23.32 0.63
C ALA O 238 -34.81 -24.65 0.09
N HIS O 239 -36.12 -24.83 0.12
CA HIS O 239 -36.74 -26.08 -0.33
C HIS O 239 -37.07 -26.07 -1.82
N HIS O 240 -36.55 -25.13 -2.59
CA HIS O 240 -36.84 -25.10 -4.02
C HIS O 240 -36.18 -26.27 -4.73
N GLY O 241 -36.99 -27.24 -5.12
CA GLY O 241 -36.51 -28.35 -5.92
C GLY O 241 -35.38 -29.15 -5.29
N LEU O 242 -35.66 -29.90 -4.23
CA LEU O 242 -34.68 -30.75 -3.56
C LEU O 242 -33.43 -29.96 -3.16
N GLY O 243 -33.63 -28.74 -2.66
CA GLY O 243 -32.58 -27.73 -2.75
C GLY O 243 -31.43 -27.94 -1.77
N LYS O 244 -31.71 -27.83 -0.47
CA LYS O 244 -30.63 -27.57 0.48
C LYS O 244 -29.74 -28.80 0.70
N ASP O 245 -30.33 -29.97 0.88
CA ASP O 245 -29.60 -31.10 1.45
C ASP O 245 -29.18 -32.15 0.42
N ALA O 246 -29.27 -31.87 -0.87
CA ALA O 246 -28.87 -32.85 -1.87
C ALA O 246 -27.35 -32.99 -1.94
N TYR O 247 -26.88 -34.19 -2.26
CA TYR O 247 -25.47 -34.45 -2.47
C TYR O 247 -25.30 -35.69 -3.33
N ILE O 248 -24.22 -35.73 -4.11
CA ILE O 248 -24.13 -36.65 -5.24
C ILE O 248 -23.98 -38.10 -4.79
N ALA O 249 -23.12 -38.36 -3.80
CA ALA O 249 -22.73 -39.73 -3.40
C ALA O 249 -21.93 -40.33 -4.56
N ALA O 250 -22.44 -41.32 -5.29
CA ALA O 250 -21.65 -42.06 -6.27
C ALA O 250 -22.02 -41.68 -7.70
N MET O 251 -21.06 -41.89 -8.61
CA MET O 251 -21.25 -41.72 -10.05
C MET O 251 -20.38 -42.73 -10.78
N TYR O 252 -20.95 -43.37 -11.81
CA TYR O 252 -20.18 -44.33 -12.59
C TYR O 252 -20.82 -44.51 -13.96
N ASN O 253 -20.05 -45.11 -14.88
CA ASN O 253 -20.48 -45.32 -16.25
C ASN O 253 -21.39 -46.54 -16.36
N ASN O 254 -21.95 -46.72 -17.55
CA ASN O 254 -22.79 -47.87 -17.86
C ASN O 254 -22.27 -48.57 -19.10
N ASP O 255 -22.71 -49.82 -19.28
CA ASP O 255 -22.28 -50.60 -20.45
C ASP O 255 -22.93 -50.10 -21.72
N ASP O 256 -23.99 -49.30 -21.59
CA ASP O 256 -24.63 -48.72 -22.76
C ASP O 256 -23.67 -47.72 -23.43
N GLY O 257 -23.96 -47.40 -24.69
CA GLY O 257 -23.18 -46.40 -25.37
C GLY O 257 -23.39 -45.00 -24.81
N ALA O 258 -24.63 -44.68 -24.42
CA ALA O 258 -24.98 -43.28 -24.16
C ALA O 258 -24.87 -42.94 -22.68
N THR O 259 -25.59 -43.65 -21.82
CA THR O 259 -25.94 -43.15 -20.50
C THR O 259 -24.88 -43.49 -19.45
N PHE O 260 -25.06 -42.89 -18.27
CA PHE O 260 -24.30 -43.20 -17.08
C PHE O 260 -25.19 -42.97 -15.86
N GLN O 261 -24.82 -43.56 -14.73
CA GLN O 261 -25.67 -43.63 -13.56
C GLN O 261 -25.17 -42.66 -12.49
N MET O 262 -26.10 -42.07 -11.74
CA MET O 262 -25.78 -41.09 -10.71
C MET O 262 -26.82 -41.15 -9.60
N GLU O 263 -26.35 -41.27 -8.36
CA GLU O 263 -27.21 -41.11 -7.19
C GLU O 263 -27.33 -39.64 -6.82
N ILE O 264 -28.32 -39.33 -5.98
CA ILE O 264 -28.64 -37.94 -5.66
C ILE O 264 -28.73 -37.67 -4.17
N GLY O 265 -28.80 -38.71 -3.33
CA GLY O 265 -28.65 -38.43 -1.91
C GLY O 265 -29.88 -37.83 -1.23
N GLY O 266 -29.62 -37.16 -0.12
CA GLY O 266 -30.69 -36.69 0.75
C GLY O 266 -31.60 -35.68 0.07
N ILE O 267 -32.89 -35.98 -0.01
CA ILE O 267 -33.88 -35.18 -0.73
C ILE O 267 -35.15 -35.17 0.10
N HIS O 268 -35.82 -34.01 0.15
CA HIS O 268 -37.10 -33.98 0.84
C HIS O 268 -38.12 -34.79 0.04
N THR O 269 -39.11 -35.34 0.76
CA THR O 269 -39.98 -36.35 0.18
C THR O 269 -40.76 -35.82 -1.02
N ASN O 270 -41.22 -34.58 -0.94
CA ASN O 270 -42.08 -33.98 -1.98
C ASN O 270 -41.21 -33.45 -3.12
N ALA O 271 -40.65 -34.37 -3.90
CA ALA O 271 -39.82 -34.00 -5.04
C ALA O 271 -39.85 -35.10 -6.08
N ALA O 272 -39.75 -34.70 -7.35
CA ALA O 272 -39.75 -35.65 -8.46
C ALA O 272 -38.93 -35.08 -9.61
N LEU O 273 -38.43 -35.96 -10.46
CA LEU O 273 -37.63 -35.60 -11.62
C LEU O 273 -38.30 -36.13 -12.88
N ALA O 274 -38.38 -35.29 -13.91
CA ALA O 274 -38.87 -35.69 -15.21
C ALA O 274 -37.71 -35.75 -16.19
N ALA O 275 -37.91 -36.46 -17.29
CA ALA O 275 -36.87 -36.55 -18.31
C ALA O 275 -36.61 -35.19 -18.93
N GLY O 276 -35.34 -34.87 -19.09
CA GLY O 276 -34.93 -33.59 -19.64
C GLY O 276 -34.44 -32.58 -18.63
N ASP O 277 -34.59 -32.84 -17.34
CA ASP O 277 -34.09 -31.93 -16.32
C ASP O 277 -32.57 -31.90 -16.33
N LYS O 278 -32.01 -30.76 -15.99
CA LYS O 278 -30.56 -30.55 -16.03
C LYS O 278 -30.02 -30.31 -14.62
N LEU O 279 -28.89 -30.97 -14.32
CA LEU O 279 -28.24 -30.87 -13.03
C LEU O 279 -26.79 -30.48 -13.23
N GLN O 280 -26.29 -29.61 -12.36
CA GLN O 280 -24.92 -29.14 -12.42
C GLN O 280 -24.19 -29.51 -11.13
N CYS O 281 -22.90 -29.79 -11.24
CA CYS O 281 -22.11 -30.17 -10.08
C CYS O 281 -20.64 -29.91 -10.33
N ILE O 282 -19.88 -29.79 -9.25
CA ILE O 282 -18.43 -29.70 -9.27
C ILE O 282 -17.87 -30.93 -8.57
N TRP O 283 -17.25 -31.83 -9.33
CA TRP O 283 -16.82 -33.11 -8.80
C TRP O 283 -15.35 -33.32 -9.12
N ARG O 284 -14.72 -34.20 -8.35
CA ARG O 284 -13.31 -34.53 -8.50
C ARG O 284 -13.16 -35.98 -8.95
N TYR O 285 -12.27 -36.21 -9.90
CA TYR O 285 -12.06 -37.54 -10.45
C TYR O 285 -10.58 -37.87 -10.50
N LEU O 286 -10.29 -39.15 -10.76
CA LEU O 286 -8.93 -39.63 -10.92
C LEU O 286 -8.62 -39.76 -12.41
N ASP O 287 -7.59 -39.06 -12.85
CA ASP O 287 -7.17 -39.15 -14.24
C ASP O 287 -6.63 -40.56 -14.54
N VAL O 288 -6.38 -40.82 -15.82
CA VAL O 288 -5.82 -42.11 -16.21
C VAL O 288 -4.41 -42.27 -15.65
N ASN O 289 -3.64 -41.18 -15.62
CA ASN O 289 -2.28 -41.20 -15.12
C ASN O 289 -2.21 -41.40 -13.60
N GLY O 290 -3.33 -41.29 -12.90
CA GLY O 290 -3.36 -41.45 -11.46
C GLY O 290 -3.33 -40.16 -10.66
N ASN O 291 -3.60 -39.02 -11.29
CA ASN O 291 -3.59 -37.73 -10.62
C ASN O 291 -5.00 -37.20 -10.49
N ALA O 292 -5.32 -36.64 -9.32
CA ALA O 292 -6.65 -36.10 -9.08
C ALA O 292 -6.86 -34.81 -9.85
N GLN O 293 -8.08 -34.62 -10.37
CA GLN O 293 -8.45 -33.41 -11.08
C GLN O 293 -9.79 -32.92 -10.55
N ALA O 294 -10.21 -31.77 -11.07
CA ALA O 294 -11.51 -31.19 -10.74
C ALA O 294 -12.20 -30.75 -12.03
N ALA O 295 -13.52 -30.86 -12.06
CA ALA O 295 -14.28 -30.50 -13.24
C ALA O 295 -15.69 -30.09 -12.85
N GLU O 296 -16.34 -29.34 -13.74
CA GLU O 296 -17.74 -28.96 -13.60
C GLU O 296 -18.47 -29.35 -14.88
N ASN O 297 -19.76 -29.68 -14.75
CA ASN O 297 -20.49 -30.21 -15.89
C ASN O 297 -21.98 -29.97 -15.70
N GLU O 298 -22.73 -30.16 -16.79
CA GLU O 298 -24.18 -30.12 -16.79
C GLU O 298 -24.71 -31.38 -17.45
N PHE O 299 -25.56 -32.12 -16.73
CA PHE O 299 -26.05 -33.42 -17.18
C PHE O 299 -27.56 -33.37 -17.38
N GLU O 300 -28.04 -33.99 -18.44
CA GLU O 300 -29.46 -34.24 -18.59
C GLU O 300 -29.83 -35.56 -17.91
N VAL O 301 -31.12 -35.86 -17.86
CA VAL O 301 -31.62 -37.09 -17.25
C VAL O 301 -32.53 -37.79 -18.24
N VAL O 302 -32.61 -39.11 -18.12
CA VAL O 302 -33.51 -39.90 -18.97
C VAL O 302 -34.57 -40.59 -18.11
N SER O 303 -34.18 -41.04 -16.92
CA SER O 303 -35.12 -41.74 -16.04
C SER O 303 -34.53 -41.76 -14.63
N TYR O 304 -35.35 -42.19 -13.68
CA TYR O 304 -34.93 -42.28 -12.28
C TYR O 304 -35.84 -43.27 -11.55
N GLU O 305 -35.45 -43.60 -10.32
CA GLU O 305 -36.20 -44.52 -9.48
C GLU O 305 -36.12 -44.07 -8.03
N GLY O 306 -37.20 -44.30 -7.30
CA GLY O 306 -37.24 -44.04 -5.88
C GLY O 306 -38.01 -42.82 -5.43
N PHE O 307 -39.19 -42.56 -5.98
CA PHE O 307 -39.99 -41.43 -5.52
C PHE O 307 -40.50 -41.67 -4.11
N GLY O 308 -40.37 -40.65 -3.25
CA GLY O 308 -40.89 -40.70 -1.91
C GLY O 308 -39.99 -41.32 -0.88
N THR O 309 -38.91 -42.01 -1.29
CA THR O 309 -38.01 -42.64 -0.34
C THR O 309 -36.82 -41.77 0.02
N SER O 310 -36.73 -40.56 -0.53
CA SER O 310 -35.71 -39.55 -0.25
C SER O 310 -34.33 -39.92 -0.78
N ASN O 311 -34.19 -40.98 -1.58
CA ASN O 311 -32.93 -41.34 -2.21
C ASN O 311 -33.20 -41.75 -3.64
N PHE O 312 -32.58 -41.06 -4.60
CA PHE O 312 -32.79 -41.33 -6.01
C PHE O 312 -31.54 -41.97 -6.60
N SER O 313 -31.74 -42.69 -7.72
CA SER O 313 -30.66 -43.15 -8.57
C SER O 313 -31.03 -42.83 -10.00
N VAL O 314 -30.38 -41.82 -10.57
CA VAL O 314 -30.80 -41.22 -11.83
C VAL O 314 -29.87 -41.67 -12.94
N LYS O 315 -30.45 -42.05 -14.07
CA LYS O 315 -29.69 -42.37 -15.28
C LYS O 315 -29.55 -41.10 -16.11
N CYS O 316 -28.30 -40.71 -16.40
CA CYS O 316 -28.02 -39.47 -17.08
C CYS O 316 -27.23 -39.73 -18.35
N LYS O 317 -27.34 -38.80 -19.29
CA LYS O 317 -26.65 -38.93 -20.57
C LYS O 317 -25.22 -38.42 -20.47
N GLY O 318 -24.32 -39.03 -21.22
CA GLY O 318 -22.95 -38.55 -21.30
C GLY O 318 -21.95 -39.58 -20.78
N MET O 319 -20.67 -39.27 -21.01
CA MET O 319 -19.55 -40.10 -20.59
C MET O 319 -18.78 -39.41 -19.47
N LEU O 320 -18.12 -40.21 -18.63
CA LEU O 320 -17.37 -39.69 -17.52
C LEU O 320 -15.87 -39.81 -17.78
N PRO O 321 -15.09 -38.75 -17.51
CA PRO O 321 -13.67 -38.78 -17.85
C PRO O 321 -12.83 -39.64 -16.91
N GLY O 322 -13.34 -40.07 -15.76
CA GLY O 322 -12.51 -40.85 -14.87
C GLY O 322 -13.29 -41.41 -13.70
N LYS O 323 -12.54 -41.97 -12.75
CA LYS O 323 -13.12 -42.58 -11.58
C LYS O 323 -13.52 -41.51 -10.56
N PHE O 324 -14.71 -41.66 -9.99
CA PHE O 324 -15.24 -40.67 -9.06
C PHE O 324 -14.43 -40.64 -7.78
N ILE O 325 -14.34 -39.46 -7.17
CA ILE O 325 -13.72 -39.27 -5.85
C ILE O 325 -14.67 -38.57 -4.88
N GLY O 326 -15.16 -37.40 -5.25
CA GLY O 326 -16.06 -36.65 -4.40
C GLY O 326 -16.71 -35.52 -5.16
N CYS O 327 -17.66 -34.86 -4.48
CA CYS O 327 -18.39 -33.73 -5.05
C CYS O 327 -18.35 -32.58 -4.06
N ASP O 328 -18.20 -31.36 -4.57
CA ASP O 328 -18.06 -30.21 -3.68
C ASP O 328 -19.28 -29.29 -3.75
N ALA O 329 -19.93 -29.19 -4.90
CA ALA O 329 -21.12 -28.37 -5.04
C ALA O 329 -22.11 -29.07 -5.94
N PHE O 330 -23.41 -28.89 -5.64
CA PHE O 330 -24.48 -29.52 -6.40
C PHE O 330 -25.60 -28.53 -6.60
N TYR O 331 -26.17 -28.49 -7.80
CA TYR O 331 -27.25 -27.60 -8.15
C TYR O 331 -28.40 -28.42 -8.71
N GLY O 332 -29.52 -28.47 -7.99
CA GLY O 332 -30.69 -29.20 -8.42
C GLY O 332 -31.93 -28.38 -8.61
N LYS O 333 -31.84 -27.18 -9.21
CA LYS O 333 -32.96 -26.28 -9.25
C LYS O 333 -33.65 -26.32 -10.62
N TYR O 334 -34.80 -25.65 -10.69
CA TYR O 334 -35.58 -25.51 -11.91
C TYR O 334 -36.01 -26.86 -12.50
N LEU O 335 -36.84 -27.59 -11.77
CA LEU O 335 -37.40 -28.84 -12.25
C LEU O 335 -38.74 -28.59 -12.91
N GLN O 336 -39.29 -29.63 -13.54
CA GLN O 336 -40.55 -29.48 -14.28
C GLN O 336 -41.76 -29.79 -13.42
N THR O 337 -41.70 -30.89 -12.65
CA THR O 337 -42.87 -31.38 -11.93
C THR O 337 -43.10 -30.59 -10.64
N ASP O 338 -44.35 -30.27 -10.37
CA ASP O 338 -44.71 -29.51 -9.18
C ASP O 338 -44.65 -30.40 -7.93
N GLY O 339 -44.51 -29.74 -6.78
CA GLY O 339 -44.55 -30.42 -5.52
C GLY O 339 -44.89 -29.47 -4.38
N PRO O 340 -45.73 -29.91 -3.46
CA PRO O 340 -46.15 -29.05 -2.36
C PRO O 340 -45.15 -29.04 -1.21
N ILE O 341 -45.08 -27.90 -0.54
CA ILE O 341 -44.26 -27.72 0.65
C ILE O 341 -45.06 -26.98 1.69
N LYS O 342 -44.55 -26.99 2.92
CA LYS O 342 -45.18 -26.23 3.99
C LYS O 342 -45.10 -24.74 3.67
N GLN O 343 -46.21 -24.03 3.86
CA GLN O 343 -46.25 -22.61 3.51
C GLN O 343 -45.32 -21.81 4.40
N VAL O 344 -44.54 -20.92 3.78
CA VAL O 344 -43.58 -20.07 4.47
C VAL O 344 -43.74 -18.65 3.96
N ASP O 345 -43.70 -17.69 4.89
CA ASP O 345 -43.69 -16.27 4.56
C ASP O 345 -42.34 -15.69 4.95
N SER O 346 -41.71 -14.99 4.01
CA SER O 346 -40.39 -14.41 4.24
C SER O 346 -40.31 -13.07 3.53
N VAL O 347 -39.37 -12.25 3.99
CA VAL O 347 -39.14 -10.91 3.45
C VAL O 347 -37.72 -10.84 2.92
N LYS O 348 -37.56 -10.38 1.69
CA LYS O 348 -36.24 -10.22 1.08
C LYS O 348 -35.84 -8.75 1.14
N TRP O 349 -34.63 -8.48 1.62
CA TRP O 349 -34.13 -7.13 1.79
C TRP O 349 -33.05 -6.86 0.75
N PHE O 350 -33.13 -5.70 0.10
CA PHE O 350 -32.09 -5.21 -0.79
C PHE O 350 -31.68 -3.83 -0.26
N THR O 351 -30.65 -3.79 0.58
CA THR O 351 -30.31 -2.58 1.29
C THR O 351 -29.01 -1.99 0.80
N ASN O 352 -28.95 -0.66 0.79
CA ASN O 352 -27.72 0.10 0.54
C ASN O 352 -27.15 -0.19 -0.84
N LEU O 353 -27.99 -0.02 -1.86
CA LEU O 353 -27.53 -0.12 -3.24
C LEU O 353 -26.63 1.06 -3.57
N THR O 354 -25.34 0.79 -3.75
CA THR O 354 -24.35 1.84 -4.01
C THR O 354 -23.71 1.61 -5.37
N VAL O 355 -23.98 2.50 -6.32
CA VAL O 355 -23.40 2.42 -7.65
C VAL O 355 -22.15 3.27 -7.69
N SER O 356 -21.02 2.65 -8.02
CA SER O 356 -19.76 3.36 -8.16
C SER O 356 -19.04 2.87 -9.40
N GLY O 357 -18.20 3.72 -9.95
CA GLY O 357 -17.47 3.42 -11.16
C GLY O 357 -17.15 4.70 -11.90
N SER O 358 -17.05 4.59 -13.22
CA SER O 358 -16.69 5.74 -14.06
C SER O 358 -17.46 5.82 -15.36
N GLY O 359 -18.71 5.34 -15.42
CA GLY O 359 -19.46 5.49 -16.64
C GLY O 359 -20.97 5.65 -16.49
N ARG O 360 -21.49 6.77 -17.00
CA ARG O 360 -22.92 6.98 -17.24
C ARG O 360 -23.77 6.54 -16.05
N LYS O 361 -23.62 7.25 -14.93
CA LYS O 361 -24.38 6.89 -13.74
C LYS O 361 -25.83 7.33 -13.80
N GLN O 362 -26.13 8.39 -14.56
CA GLN O 362 -27.46 8.99 -14.57
C GLN O 362 -28.07 8.91 -15.96
N LEU O 363 -29.32 8.43 -16.03
CA LEU O 363 -30.08 8.45 -17.26
C LEU O 363 -30.93 9.71 -17.36
N GLY O 364 -31.41 10.00 -18.56
CA GLY O 364 -32.35 11.08 -18.73
C GLY O 364 -33.79 10.63 -18.52
N GLN O 365 -34.67 11.60 -18.24
CA GLN O 365 -36.07 11.30 -17.98
C GLN O 365 -36.93 12.49 -18.37
N ARG O 366 -38.17 12.20 -18.75
CA ARG O 366 -39.16 13.23 -19.04
C ARG O 366 -40.08 13.38 -17.83
N LYS O 367 -40.40 14.62 -17.48
CA LYS O 367 -41.37 14.92 -16.44
C LYS O 367 -42.13 16.16 -16.86
N TYR O 368 -43.33 15.97 -17.42
CA TYR O 368 -44.15 17.07 -17.90
C TYR O 368 -45.49 17.06 -17.18
N PRO O 369 -45.61 17.71 -16.04
CA PRO O 369 -46.92 17.79 -15.36
C PRO O 369 -47.92 18.54 -16.22
N GLN O 370 -49.19 18.15 -16.09
CA GLN O 370 -50.25 18.71 -16.91
C GLN O 370 -51.36 19.27 -16.03
N VAL O 371 -52.15 20.16 -16.62
CA VAL O 371 -53.18 20.87 -15.87
C VAL O 371 -54.31 19.91 -15.51
N VAL O 372 -55.11 20.32 -14.51
CA VAL O 372 -56.12 19.42 -13.96
C VAL O 372 -57.31 19.33 -14.89
N MET O 373 -57.88 18.12 -14.97
CA MET O 373 -59.17 17.90 -15.61
C MET O 373 -60.13 17.33 -14.57
N GLY O 374 -61.39 17.20 -14.95
CA GLY O 374 -62.41 16.83 -13.99
C GLY O 374 -62.37 15.37 -13.54
N MET O 375 -61.77 14.51 -14.36
CA MET O 375 -61.91 13.08 -14.14
C MET O 375 -61.00 12.60 -13.01
N GLY O 376 -61.28 11.39 -12.52
CA GLY O 376 -60.49 10.78 -11.47
C GLY O 376 -60.13 9.35 -11.84
N MET O 377 -59.02 8.87 -11.27
CA MET O 377 -58.40 7.63 -11.69
C MET O 377 -58.95 6.44 -10.93
N THR O 378 -59.01 5.30 -11.66
CA THR O 378 -59.48 4.03 -11.12
C THR O 378 -58.56 2.96 -11.66
N SER O 379 -58.28 1.90 -10.90
CA SER O 379 -57.32 0.90 -11.32
C SER O 379 -57.71 -0.48 -10.80
N GLY O 380 -56.82 -1.45 -11.01
CA GLY O 380 -57.00 -2.81 -10.55
C GLY O 380 -55.74 -3.38 -9.94
N PHE O 381 -55.87 -4.30 -8.98
CA PHE O 381 -54.68 -4.77 -8.26
C PHE O 381 -53.87 -5.77 -9.09
N ASP O 382 -54.55 -6.63 -9.87
CA ASP O 382 -53.81 -7.64 -10.63
C ASP O 382 -52.93 -7.01 -11.69
N ASP O 383 -53.24 -5.78 -12.11
CA ASP O 383 -52.41 -5.13 -13.11
C ASP O 383 -51.23 -4.41 -12.48
N GLY O 384 -51.41 -3.88 -11.28
CA GLY O 384 -50.43 -3.03 -10.64
C GLY O 384 -49.62 -3.63 -9.52
N TYR O 385 -49.57 -4.97 -9.41
CA TYR O 385 -48.74 -5.57 -8.37
C TYR O 385 -47.26 -5.50 -8.74
N ASN O 386 -46.96 -5.32 -10.02
CA ASN O 386 -45.58 -5.27 -10.47
C ASN O 386 -44.85 -4.07 -9.89
N LEU O 387 -45.40 -2.88 -10.06
CA LEU O 387 -44.69 -1.65 -9.79
C LEU O 387 -44.75 -1.27 -8.32
N THR O 388 -43.80 -0.46 -7.89
CA THR O 388 -43.84 0.09 -6.56
C THR O 388 -45.04 1.02 -6.42
N PRO O 389 -45.64 1.10 -5.23
CA PRO O 389 -46.81 1.98 -5.06
C PRO O 389 -46.50 3.45 -5.30
N GLU O 390 -45.24 3.86 -5.18
CA GLU O 390 -44.89 5.26 -5.42
C GLU O 390 -45.05 5.63 -6.89
N ARG O 391 -44.60 4.75 -7.79
CA ARG O 391 -44.66 5.06 -9.21
C ARG O 391 -46.08 5.37 -9.66
N GLN O 392 -47.02 4.47 -9.34
CA GLN O 392 -48.39 4.62 -9.82
C GLN O 392 -49.01 5.90 -9.30
N VAL O 393 -48.89 6.14 -7.99
CA VAL O 393 -49.55 7.30 -7.39
C VAL O 393 -48.95 8.59 -7.90
N LYS O 394 -47.61 8.69 -7.95
CA LYS O 394 -46.99 9.93 -8.39
C LYS O 394 -47.27 10.20 -9.86
N MET O 395 -47.23 9.17 -10.70
CA MET O 395 -47.54 9.37 -12.11
C MET O 395 -49.00 9.78 -12.31
N ALA O 396 -49.92 9.14 -11.58
CA ALA O 396 -51.34 9.47 -11.74
C ALA O 396 -51.64 10.87 -11.23
N TYR O 397 -51.00 11.28 -10.14
CA TYR O 397 -51.18 12.65 -9.65
C TYR O 397 -50.57 13.66 -10.61
N GLY O 398 -49.44 13.31 -11.23
CA GLY O 398 -48.79 14.26 -12.13
C GLY O 398 -49.63 14.58 -13.35
N LEU O 399 -50.38 13.62 -13.85
CA LEU O 399 -51.15 13.81 -15.07
C LEU O 399 -52.46 14.56 -14.86
N GLY O 400 -52.89 14.76 -13.61
CA GLY O 400 -54.03 15.61 -13.33
C GLY O 400 -55.25 14.91 -12.75
N TYR O 401 -55.19 13.60 -12.51
CA TYR O 401 -56.33 12.92 -11.92
C TYR O 401 -56.39 13.20 -10.43
N ARG O 402 -57.57 13.60 -9.95
CA ARG O 402 -57.70 14.11 -8.59
C ARG O 402 -58.96 13.59 -7.91
N ASP O 403 -58.88 13.50 -6.59
CA ASP O 403 -60.03 13.45 -5.67
C ASP O 403 -60.76 12.13 -5.57
N TRP O 404 -60.44 11.13 -6.39
CA TRP O 404 -61.14 9.85 -6.31
C TRP O 404 -60.27 8.72 -6.82
N TRP O 405 -60.39 7.56 -6.18
CA TRP O 405 -59.73 6.32 -6.59
C TRP O 405 -60.63 5.15 -6.22
N THR O 406 -60.90 4.28 -7.18
CA THR O 406 -61.58 3.02 -6.91
C THR O 406 -60.76 1.87 -7.49
N THR O 407 -60.41 0.91 -6.63
CA THR O 407 -59.60 -0.22 -7.05
C THR O 407 -60.40 -1.50 -6.90
N TYR O 408 -60.38 -2.33 -7.94
CA TYR O 408 -61.00 -3.65 -7.90
C TYR O 408 -59.92 -4.66 -7.53
N ILE O 409 -59.96 -5.13 -6.28
CA ILE O 409 -58.94 -6.05 -5.78
C ILE O 409 -59.03 -7.35 -6.58
N GLY O 410 -57.88 -7.91 -6.91
CA GLY O 410 -57.85 -9.02 -7.84
C GLY O 410 -58.46 -10.29 -7.26
N MET O 411 -58.78 -11.21 -8.17
CA MET O 411 -59.29 -12.51 -7.75
C MET O 411 -58.17 -13.45 -7.33
N SER O 412 -56.94 -13.15 -7.74
CA SER O 412 -55.91 -14.18 -7.76
C SER O 412 -54.94 -14.07 -6.60
N HIS O 413 -54.71 -12.86 -6.07
CA HIS O 413 -53.59 -12.64 -5.17
C HIS O 413 -53.97 -12.34 -3.74
N TYR O 414 -55.19 -11.88 -3.47
CA TYR O 414 -55.46 -11.25 -2.17
C TYR O 414 -55.66 -12.27 -1.06
N TRP O 415 -55.80 -13.55 -1.40
CA TRP O 415 -56.09 -14.53 -0.37
C TRP O 415 -54.87 -15.38 -0.03
N LYS O 416 -54.97 -16.10 1.08
CA LYS O 416 -53.98 -17.09 1.46
C LYS O 416 -54.31 -18.43 0.84
N GLY O 417 -53.34 -19.35 0.83
CA GLY O 417 -53.57 -20.62 0.19
C GLY O 417 -52.53 -21.65 0.53
N LEU O 418 -52.82 -22.89 0.13
CA LEU O 418 -51.98 -24.05 0.37
C LEU O 418 -51.97 -24.92 -0.88
N THR O 419 -50.99 -25.83 -0.94
CA THR O 419 -50.97 -26.88 -1.95
C THR O 419 -50.66 -28.19 -1.24
N ALA O 420 -51.22 -29.29 -1.77
CA ALA O 420 -51.04 -30.58 -1.11
C ALA O 420 -51.31 -31.71 -2.09
N PHE O 421 -50.79 -32.88 -1.76
CA PHE O 421 -51.13 -34.13 -2.44
C PHE O 421 -52.40 -34.71 -1.83
N GLN O 422 -53.31 -35.16 -2.68
CA GLN O 422 -54.51 -35.86 -2.24
C GLN O 422 -54.49 -37.27 -2.82
N ASP O 423 -54.51 -38.26 -1.95
CA ASP O 423 -54.52 -39.65 -2.40
C ASP O 423 -55.84 -39.97 -3.07
N LYS O 424 -55.79 -40.77 -4.13
CA LYS O 424 -57.00 -41.10 -4.87
C LYS O 424 -57.91 -42.04 -4.09
N GLU O 425 -57.34 -43.02 -3.41
CA GLU O 425 -58.16 -43.98 -2.68
C GLU O 425 -58.84 -43.34 -1.48
N THR O 426 -58.10 -42.57 -0.69
CA THR O 426 -58.64 -41.91 0.49
C THR O 426 -58.24 -40.44 0.50
N GLY O 427 -59.13 -39.60 1.01
CA GLY O 427 -58.89 -38.17 1.03
C GLY O 427 -57.88 -37.75 2.09
N GLU O 428 -56.62 -38.14 1.91
CA GLU O 428 -55.56 -37.80 2.83
C GLU O 428 -54.68 -36.73 2.21
N LEU O 429 -54.43 -35.66 2.95
CA LEU O 429 -53.66 -34.53 2.47
C LEU O 429 -52.26 -34.54 3.09
N ILE O 430 -51.25 -34.41 2.24
CA ILE O 430 -49.86 -34.35 2.69
C ILE O 430 -49.33 -32.98 2.28
N THR O 431 -49.00 -32.15 3.26
CA THR O 431 -48.54 -30.80 3.02
C THR O 431 -47.11 -30.55 3.46
N GLU O 432 -46.51 -31.45 4.23
CA GLU O 432 -45.20 -31.22 4.80
C GLU O 432 -44.19 -32.19 4.19
N GLN O 433 -42.91 -31.85 4.36
CA GLN O 433 -41.82 -32.62 3.78
C GLN O 433 -40.80 -32.95 4.85
N THR O 434 -40.00 -33.98 4.60
CA THR O 434 -39.00 -34.45 5.55
C THR O 434 -37.83 -35.05 4.79
N VAL O 435 -36.66 -35.03 5.40
CA VAL O 435 -35.44 -35.61 4.85
C VAL O 435 -35.11 -36.86 5.65
N LEU O 436 -35.03 -37.99 4.97
CA LEU O 436 -34.65 -39.26 5.59
C LEU O 436 -33.20 -39.57 5.22
N ASP O 437 -32.33 -39.60 6.23
CA ASP O 437 -30.92 -39.85 5.98
C ASP O 437 -30.33 -40.44 7.26
N TYR O 438 -29.27 -41.23 7.10
CA TYR O 438 -28.69 -42.01 8.19
C TYR O 438 -27.19 -41.75 8.28
N PRO O 439 -26.78 -40.57 8.75
CA PRO O 439 -25.36 -40.28 8.89
C PRO O 439 -24.71 -41.17 9.94
N ILE O 440 -23.46 -41.54 9.69
CA ILE O 440 -22.65 -42.32 10.63
C ILE O 440 -21.29 -41.65 10.73
N LEU O 441 -20.83 -41.41 11.96
CA LEU O 441 -19.63 -40.62 12.21
C LEU O 441 -18.43 -41.52 12.45
N PHE O 442 -17.37 -41.30 11.68
CA PHE O 442 -16.11 -42.01 11.85
C PHE O 442 -15.12 -41.09 12.54
N ALA O 443 -14.71 -41.44 13.77
CA ALA O 443 -13.78 -40.64 14.53
C ALA O 443 -12.67 -41.52 15.09
N GLY O 444 -11.46 -40.98 15.14
CA GLY O 444 -10.33 -41.72 15.68
C GLY O 444 -8.97 -41.31 15.18
N GLU O 445 -8.16 -42.29 14.78
CA GLU O 445 -6.76 -42.08 14.41
C GLU O 445 -6.58 -42.55 12.97
N SER O 446 -5.34 -42.63 12.45
CA SER O 446 -5.15 -42.94 11.04
C SER O 446 -5.67 -44.33 10.67
N GLN O 447 -5.74 -45.24 11.64
CA GLN O 447 -6.24 -46.58 11.35
C GLN O 447 -7.68 -46.53 10.86
N VAL O 448 -8.46 -45.55 11.33
CA VAL O 448 -9.80 -45.35 10.79
C VAL O 448 -9.73 -44.52 9.50
N ALA O 449 -8.71 -43.66 9.40
CA ALA O 449 -8.59 -42.80 8.22
C ALA O 449 -8.22 -43.58 6.96
N ILE O 450 -7.70 -44.79 7.13
CA ILE O 450 -7.32 -45.60 5.97
C ILE O 450 -8.53 -45.89 5.09
N HIS O 451 -9.70 -46.05 5.71
CA HIS O 451 -10.90 -46.34 4.94
C HIS O 451 -11.24 -45.21 3.96
N PHE O 452 -10.76 -44.00 4.25
CA PHE O 452 -11.12 -42.85 3.41
C PHE O 452 -9.97 -42.44 2.50
N MET O 453 -8.72 -42.59 2.98
CA MET O 453 -7.59 -42.00 2.26
C MET O 453 -7.32 -42.70 0.93
N SER O 454 -7.82 -43.92 0.76
CA SER O 454 -7.61 -44.65 -0.49
C SER O 454 -8.29 -43.94 -1.65
N GLY O 455 -7.78 -44.17 -2.86
CA GLY O 455 -8.32 -43.49 -4.02
C GLY O 455 -9.41 -44.30 -4.70
N ALA O 456 -10.05 -43.66 -5.68
CA ALA O 456 -10.99 -44.28 -6.61
C ALA O 456 -12.34 -44.56 -5.98
N TYR O 457 -13.37 -44.73 -6.80
CA TYR O 457 -14.71 -44.98 -6.25
C TYR O 457 -14.89 -46.39 -5.72
N PRO O 458 -14.79 -47.46 -6.50
CA PRO O 458 -15.17 -48.78 -5.96
C PRO O 458 -14.16 -49.33 -4.97
N ASP O 459 -12.92 -48.86 -5.02
CA ASP O 459 -11.84 -49.56 -4.33
C ASP O 459 -11.72 -49.11 -2.88
N ARG O 460 -12.39 -48.03 -2.50
CA ARG O 460 -12.21 -47.47 -1.18
C ARG O 460 -12.83 -48.38 -0.12
N GLY O 461 -12.31 -48.28 1.11
CA GLY O 461 -12.78 -49.15 2.18
C GLY O 461 -14.23 -48.93 2.55
N TYR O 462 -14.62 -47.67 2.74
CA TYR O 462 -15.96 -47.38 3.26
C TYR O 462 -17.03 -47.60 2.19
N ASP O 463 -16.63 -47.73 0.93
CA ASP O 463 -17.59 -48.06 -0.12
C ASP O 463 -18.19 -49.44 0.11
N VAL O 464 -17.37 -50.39 0.57
CA VAL O 464 -17.89 -51.73 0.89
C VAL O 464 -18.89 -51.64 2.03
N PHE O 465 -18.55 -50.87 3.07
CA PHE O 465 -19.47 -50.66 4.20
C PHE O 465 -20.82 -50.13 3.72
N GLN O 466 -20.79 -49.05 2.95
CA GLN O 466 -22.04 -48.42 2.51
C GLN O 466 -22.82 -49.34 1.57
N LYS O 467 -22.13 -50.04 0.67
CA LYS O 467 -22.81 -50.96 -0.24
C LYS O 467 -23.49 -52.10 0.52
N TYR O 468 -22.80 -52.68 1.50
CA TYR O 468 -23.39 -53.77 2.26
C TYR O 468 -24.61 -53.30 3.03
N MET O 469 -24.50 -52.16 3.73
CA MET O 469 -25.64 -51.67 4.50
C MET O 469 -26.82 -51.33 3.61
N THR O 470 -26.57 -50.71 2.46
CA THR O 470 -27.68 -50.35 1.58
C THR O 470 -28.32 -51.58 0.95
N GLU O 471 -27.51 -52.57 0.57
CA GLU O 471 -28.07 -53.78 -0.04
C GLU O 471 -28.92 -54.57 0.96
N THR O 472 -28.42 -54.73 2.19
CA THR O 472 -29.18 -55.52 3.16
C THR O 472 -30.51 -54.87 3.51
N TRP O 473 -30.52 -53.55 3.71
CA TRP O 473 -31.74 -52.84 4.08
C TRP O 473 -32.70 -52.67 2.92
N GLY O 474 -32.29 -53.00 1.70
CA GLY O 474 -33.16 -52.86 0.55
C GLY O 474 -33.49 -51.41 0.19
N ILE O 475 -32.49 -50.53 0.25
CA ILE O 475 -32.67 -49.13 -0.13
C ILE O 475 -31.62 -48.78 -1.16
N ASN O 476 -31.75 -47.58 -1.73
CA ASN O 476 -30.82 -47.12 -2.75
C ASN O 476 -29.47 -46.80 -2.12
N TYR O 477 -28.49 -46.54 -2.99
CA TYR O 477 -27.10 -46.46 -2.55
C TYR O 477 -26.83 -45.33 -1.58
N ALA O 478 -27.63 -44.26 -1.60
CA ALA O 478 -27.35 -43.10 -0.79
C ALA O 478 -28.01 -43.14 0.57
N GLY O 479 -28.43 -44.32 1.04
CA GLY O 479 -29.10 -44.40 2.33
C GLY O 479 -28.20 -44.05 3.50
N VAL O 480 -26.96 -44.55 3.49
CA VAL O 480 -26.01 -44.35 4.57
C VAL O 480 -24.97 -43.34 4.13
N HIS O 481 -24.63 -42.40 5.04
CA HIS O 481 -23.74 -41.29 4.73
C HIS O 481 -22.59 -41.25 5.73
N PRO O 482 -21.51 -41.99 5.49
CA PRO O 482 -20.34 -41.89 6.36
C PRO O 482 -19.77 -40.48 6.40
N ILE O 483 -19.27 -40.10 7.57
CA ILE O 483 -18.66 -38.79 7.78
C ILE O 483 -17.25 -39.00 8.31
N ASN O 484 -16.30 -38.23 7.82
CA ASN O 484 -14.90 -38.35 8.19
C ASN O 484 -14.59 -37.32 9.27
N GLY O 485 -14.30 -37.80 10.48
CA GLY O 485 -13.87 -36.92 11.55
C GLY O 485 -12.47 -37.23 12.02
N THR O 486 -11.85 -38.24 11.42
CA THR O 486 -10.56 -38.73 11.89
C THR O 486 -9.46 -37.70 11.64
N THR O 487 -8.48 -37.68 12.53
CA THR O 487 -7.27 -36.89 12.38
C THR O 487 -6.08 -37.76 12.75
N GLY O 488 -5.02 -37.70 11.94
CA GLY O 488 -3.92 -38.62 12.12
C GLY O 488 -3.06 -38.28 13.31
N SER O 489 -2.67 -39.32 14.05
CA SER O 489 -1.74 -39.22 15.17
C SER O 489 -2.22 -38.24 16.23
N THR O 490 -3.39 -38.51 16.80
CA THR O 490 -3.95 -37.71 17.88
C THR O 490 -4.08 -38.56 19.14
N ALA O 491 -3.83 -37.95 20.29
CA ALA O 491 -3.93 -38.64 21.57
C ALA O 491 -5.12 -38.10 22.35
N VAL O 492 -5.79 -39.00 23.08
CA VAL O 492 -6.96 -38.60 23.84
C VAL O 492 -6.57 -37.66 24.98
N ASP O 493 -5.43 -37.91 25.60
CA ASP O 493 -4.95 -37.09 26.71
C ASP O 493 -3.91 -36.08 26.23
N ARG O 494 -3.93 -34.89 26.84
CA ARG O 494 -2.98 -33.86 26.48
C ARG O 494 -1.54 -34.29 26.75
N ALA O 495 -1.31 -34.92 27.90
CA ALA O 495 0.06 -35.29 28.27
C ALA O 495 0.64 -36.30 27.30
N CYS O 496 -0.16 -37.26 26.84
CA CYS O 496 0.34 -38.26 25.91
C CYS O 496 0.55 -37.69 24.52
N ALA O 497 0.00 -36.51 24.24
CA ALA O 497 0.06 -35.94 22.90
C ALA O 497 1.48 -35.54 22.53
N VAL O 498 1.71 -35.42 21.22
CA VAL O 498 2.99 -34.91 20.74
C VAL O 498 3.02 -33.39 20.89
N ASN O 499 4.06 -32.89 21.56
CA ASN O 499 4.24 -31.47 21.79
C ASN O 499 3.03 -30.84 22.51
N PRO O 500 2.83 -31.19 23.79
CA PRO O 500 1.70 -30.63 24.56
C PRO O 500 2.00 -29.28 25.18
N ASN O 501 2.55 -28.36 24.38
CA ASN O 501 2.91 -27.05 24.87
C ASN O 501 2.20 -25.94 24.11
N SER O 502 1.90 -26.19 22.84
CA SER O 502 1.25 -25.21 21.98
C SER O 502 -0.11 -25.72 21.56
N GLU O 503 -1.14 -24.90 21.72
CA GLU O 503 -2.49 -25.28 21.34
C GLU O 503 -2.80 -25.00 19.88
N VAL O 504 -1.84 -24.51 19.10
CA VAL O 504 -2.06 -24.28 17.68
C VAL O 504 -2.27 -25.62 16.98
N PHE O 505 -3.26 -25.66 16.08
CA PHE O 505 -3.62 -26.88 15.39
C PHE O 505 -2.79 -27.03 14.14
N ASP O 506 -1.98 -28.09 14.07
CA ASP O 506 -1.15 -28.40 12.91
C ASP O 506 -1.34 -29.86 12.54
N PRO O 507 -2.47 -30.20 11.94
CA PRO O 507 -2.74 -31.62 11.61
C PRO O 507 -1.74 -32.22 10.64
N THR O 508 -1.28 -31.44 9.66
CA THR O 508 -0.39 -32.00 8.64
C THR O 508 1.03 -32.17 9.17
N GLN O 509 1.37 -31.44 10.24
CA GLN O 509 2.73 -31.44 10.80
C GLN O 509 3.72 -30.89 9.79
N SER O 510 5.01 -30.94 10.13
CA SER O 510 6.12 -30.44 9.32
C SER O 510 6.09 -28.93 9.14
N SER O 511 5.06 -28.25 9.66
CA SER O 511 5.01 -26.79 9.65
C SER O 511 5.27 -26.16 11.00
N GLY O 512 5.41 -26.97 12.05
CA GLY O 512 5.64 -26.44 13.37
C GLY O 512 5.12 -27.41 14.42
N ALA O 513 5.04 -26.92 15.65
CA ALA O 513 4.45 -27.71 16.71
C ALA O 513 2.95 -27.90 16.46
N GLY O 514 2.46 -29.08 16.79
CA GLY O 514 1.05 -29.42 16.58
C GLY O 514 0.34 -29.63 17.90
N GLY O 515 -0.85 -29.04 18.01
CA GLY O 515 -1.71 -29.29 19.15
C GLY O 515 -2.75 -30.33 18.84
N LEU O 516 -2.52 -31.57 19.27
CA LEU O 516 -3.32 -32.73 18.86
C LEU O 516 -3.74 -33.50 20.12
N TRP O 517 -4.84 -33.09 20.74
CA TRP O 517 -5.39 -33.82 21.87
C TRP O 517 -6.91 -33.72 21.83
N TRP O 518 -7.59 -34.85 22.03
CA TRP O 518 -9.04 -34.85 22.06
C TRP O 518 -9.57 -34.20 23.33
N TRP O 519 -8.88 -34.36 24.45
CA TRP O 519 -9.36 -33.86 25.73
C TRP O 519 -8.17 -33.52 26.63
N ASP O 520 -8.37 -32.53 27.49
CA ASP O 520 -7.40 -32.18 28.52
C ASP O 520 -8.08 -32.30 29.89
N LEU O 521 -7.54 -33.16 30.75
CA LEU O 521 -8.18 -33.43 32.02
C LEU O 521 -8.18 -32.22 32.94
N GLU O 522 -7.11 -31.44 32.91
CA GLU O 522 -7.06 -30.22 33.71
C GLU O 522 -7.86 -29.12 33.03
N ALA O 523 -8.82 -28.57 33.75
CA ALA O 523 -9.70 -27.51 33.24
C ALA O 523 -10.42 -27.98 31.97
N ASP O 524 -11.33 -28.92 32.19
CA ASP O 524 -11.99 -29.65 31.10
C ASP O 524 -12.45 -28.73 29.98
N LYS O 525 -11.85 -28.91 28.82
CA LYS O 525 -12.21 -28.18 27.61
C LYS O 525 -12.42 -29.17 26.50
N PRO O 526 -13.20 -28.82 25.46
CA PRO O 526 -13.46 -29.79 24.39
C PRO O 526 -12.22 -30.28 23.67
N GLY O 527 -11.20 -29.45 23.52
CA GLY O 527 -9.99 -29.84 22.83
C GLY O 527 -10.09 -29.58 21.34
N PRO O 528 -8.94 -29.38 20.68
CA PRO O 528 -8.97 -29.01 19.26
C PRO O 528 -9.49 -30.10 18.34
N ALA O 529 -9.16 -31.37 18.61
CA ALA O 529 -9.59 -32.44 17.71
C ALA O 529 -11.10 -32.63 17.76
N LEU O 530 -11.70 -32.53 18.94
CA LEU O 530 -13.15 -32.63 19.03
C LEU O 530 -13.82 -31.47 18.31
N LEU O 531 -13.24 -30.28 18.39
CA LEU O 531 -13.75 -29.15 17.62
C LEU O 531 -13.66 -29.42 16.13
N HIS O 532 -12.56 -30.06 15.70
CA HIS O 532 -12.43 -30.42 14.29
C HIS O 532 -13.51 -31.40 13.86
N CYS O 533 -13.79 -32.40 14.69
CA CYS O 533 -14.87 -33.35 14.37
C CYS O 533 -16.21 -32.64 14.28
N VAL O 534 -16.51 -31.76 15.25
CA VAL O 534 -17.77 -31.04 15.22
C VAL O 534 -17.88 -30.16 13.97
N GLY O 535 -16.76 -29.57 13.57
CA GLY O 535 -16.77 -28.79 12.33
C GLY O 535 -17.02 -29.65 11.10
N GLN O 536 -16.42 -30.84 11.06
CA GLN O 536 -16.60 -31.72 9.91
C GLN O 536 -18.03 -32.24 9.84
N VAL O 537 -18.68 -32.43 10.99
CA VAL O 537 -20.08 -32.82 10.99
C VAL O 537 -20.94 -31.74 10.35
N GLY O 538 -20.68 -30.47 10.66
CA GLY O 538 -21.47 -29.40 10.09
C GLY O 538 -22.84 -29.36 10.72
N LYS O 539 -23.89 -29.44 9.89
CA LYS O 539 -25.27 -29.48 10.35
C LYS O 539 -25.89 -30.80 9.91
N LEU O 540 -25.68 -31.83 10.71
CA LEU O 540 -26.18 -33.17 10.44
C LEU O 540 -26.44 -33.88 11.75
N LYS O 541 -27.31 -34.89 11.70
CA LYS O 541 -27.64 -35.64 12.89
C LYS O 541 -27.15 -37.08 12.73
N PRO O 542 -26.00 -37.44 13.31
CA PRO O 542 -25.51 -38.81 13.16
C PRO O 542 -26.28 -39.80 14.01
N LYS O 543 -26.43 -41.03 13.50
CA LYS O 543 -27.15 -42.05 14.25
C LYS O 543 -26.20 -42.97 15.01
N ALA O 544 -25.01 -43.20 14.48
CA ALA O 544 -24.03 -44.07 15.10
C ALA O 544 -22.65 -43.43 15.03
N ILE O 545 -21.76 -43.89 15.92
CA ILE O 545 -20.38 -43.39 15.94
C ILE O 545 -19.41 -44.55 15.90
N ILE O 546 -18.46 -44.51 14.95
CA ILE O 546 -17.37 -45.46 14.94
C ILE O 546 -16.15 -44.82 15.58
N TRP O 547 -15.55 -45.53 16.54
CA TRP O 547 -14.44 -44.99 17.32
C TRP O 547 -13.30 -45.99 17.35
N GLY O 548 -12.12 -45.57 16.92
CA GLY O 548 -10.92 -46.37 17.07
C GLY O 548 -9.69 -45.51 17.27
N GLN O 549 -8.97 -45.71 18.36
CA GLN O 549 -7.84 -44.85 18.70
C GLN O 549 -7.05 -45.51 19.82
N GLY O 550 -5.79 -45.10 19.96
CA GLY O 550 -4.95 -45.58 21.03
C GLY O 550 -3.53 -45.96 20.65
N ASP O 551 -3.08 -45.65 19.44
CA ASP O 551 -1.68 -45.91 19.09
C ASP O 551 -0.75 -44.91 19.77
N GLN O 552 -1.12 -43.63 19.74
CA GLN O 552 -0.26 -42.60 20.32
C GLN O 552 -0.16 -42.76 21.83
N ASP O 553 -1.24 -43.21 22.48
CA ASP O 553 -1.18 -43.47 23.91
C ASP O 553 -0.20 -44.59 24.22
N ALA O 554 -0.19 -45.64 23.42
CA ALA O 554 0.78 -46.72 23.61
C ALA O 554 2.20 -46.21 23.41
N THR O 555 2.42 -45.39 22.39
CA THR O 555 3.75 -44.84 22.17
C THR O 555 4.19 -43.97 23.34
N ALA O 556 3.28 -43.17 23.88
CA ALA O 556 3.61 -42.33 25.03
C ALA O 556 3.92 -43.17 26.26
N LEU O 557 3.15 -44.24 26.49
CA LEU O 557 3.43 -45.12 27.62
C LEU O 557 4.76 -45.83 27.47
N ALA O 558 5.18 -46.08 26.23
CA ALA O 558 6.46 -46.73 26.01
C ALA O 558 7.62 -45.86 26.50
N TYR O 559 7.58 -44.56 26.22
CA TYR O 559 8.68 -43.64 26.52
C TYR O 559 8.14 -42.43 27.28
N PRO O 560 7.82 -42.59 28.56
CA PRO O 560 7.19 -41.51 29.33
C PRO O 560 8.12 -40.63 30.14
N GLY O 561 9.45 -40.74 29.95
CA GLY O 561 10.36 -40.11 30.88
C GLY O 561 10.31 -38.60 30.87
N ASP O 562 10.28 -37.99 29.68
CA ASP O 562 10.47 -36.54 29.59
C ASP O 562 9.22 -35.78 30.02
N ARG O 563 8.03 -36.31 29.71
CA ARG O 563 6.80 -35.56 29.91
C ARG O 563 6.53 -35.34 31.39
N ASN O 564 6.21 -34.09 31.75
CA ASN O 564 6.00 -33.75 33.15
C ASN O 564 4.78 -34.46 33.74
N PRO O 565 3.57 -34.43 33.13
CA PRO O 565 2.51 -35.30 33.64
C PRO O 565 2.74 -36.73 33.21
N ALA O 566 2.80 -37.65 34.16
CA ALA O 566 3.11 -39.03 33.83
C ALA O 566 1.93 -39.68 33.13
N PRO O 567 2.13 -40.21 31.91
CA PRO O 567 1.05 -40.96 31.25
C PRO O 567 0.66 -42.19 32.06
N SER O 568 -0.64 -42.46 32.11
CA SER O 568 -1.17 -43.59 32.86
C SER O 568 -2.43 -44.09 32.18
N LEU O 569 -2.82 -45.33 32.49
CA LEU O 569 -3.99 -45.91 31.86
C LEU O 569 -5.28 -45.23 32.31
N THR O 570 -5.40 -44.94 33.61
CA THR O 570 -6.64 -44.39 34.13
C THR O 570 -6.93 -43.00 33.55
N ARG O 571 -5.89 -42.23 33.26
CA ARG O 571 -6.11 -40.93 32.65
C ARG O 571 -6.66 -41.08 31.23
N THR O 572 -6.17 -42.08 30.50
CA THR O 572 -6.73 -42.36 29.18
C THR O 572 -8.18 -42.79 29.27
N LYS O 573 -8.50 -43.63 30.27
CA LYS O 573 -9.90 -44.02 30.45
C LYS O 573 -10.78 -42.81 30.73
N GLN O 574 -10.33 -41.93 31.62
CA GLN O 574 -11.12 -40.74 31.94
C GLN O 574 -11.29 -39.85 30.71
N ALA O 575 -10.23 -39.68 29.92
CA ALA O 575 -10.34 -38.86 28.73
C ALA O 575 -11.33 -39.46 27.73
N THR O 576 -11.27 -40.77 27.51
CA THR O 576 -12.19 -41.40 26.57
C THR O 576 -13.63 -41.29 27.06
N LYS O 577 -13.85 -41.47 28.36
CA LYS O 577 -15.20 -41.34 28.88
C LYS O 577 -15.72 -39.91 28.74
N LYS O 578 -14.86 -38.92 28.98
CA LYS O 578 -15.27 -37.53 28.77
C LYS O 578 -15.61 -37.26 27.31
N VAL O 579 -14.82 -37.81 26.38
CA VAL O 579 -15.10 -37.60 24.97
C VAL O 579 -16.45 -38.22 24.59
N PHE O 580 -16.69 -39.45 25.04
CA PHE O 580 -17.97 -40.10 24.75
C PHE O 580 -19.14 -39.31 25.33
N GLU O 581 -19.00 -38.83 26.57
CA GLU O 581 -20.06 -38.03 27.17
C GLU O 581 -20.29 -36.71 26.44
N TYR O 582 -19.23 -36.05 25.99
CA TYR O 582 -19.42 -34.82 25.22
C TYR O 582 -20.15 -35.08 23.91
N LEU O 583 -19.74 -36.13 23.18
CA LEU O 583 -20.40 -36.44 21.91
C LEU O 583 -21.86 -36.81 22.13
N ARG O 584 -22.15 -37.57 23.19
CA ARG O 584 -23.55 -37.92 23.47
C ARG O 584 -24.31 -36.75 24.07
N SER O 585 -23.61 -35.73 24.56
CA SER O 585 -24.28 -34.51 25.00
C SER O 585 -24.72 -33.69 23.80
N LEU O 586 -23.89 -33.63 22.76
CA LEU O 586 -24.30 -32.94 21.54
C LEU O 586 -25.48 -33.65 20.87
N TYR O 587 -25.48 -34.98 20.86
CA TYR O 587 -26.49 -35.76 20.17
C TYR O 587 -26.95 -36.87 21.10
N GLY O 588 -28.27 -37.06 21.21
CA GLY O 588 -28.81 -37.68 22.42
C GLY O 588 -28.32 -39.09 22.68
N GLN O 589 -28.76 -40.04 21.87
CA GLN O 589 -28.62 -41.46 22.21
C GLN O 589 -27.83 -42.26 21.17
N ILE O 590 -26.70 -41.73 20.71
CA ILE O 590 -25.93 -42.46 19.71
C ILE O 590 -25.36 -43.73 20.32
N PRO O 591 -25.58 -44.90 19.73
CA PRO O 591 -24.77 -46.06 20.08
C PRO O 591 -23.36 -45.91 19.52
N ILE O 592 -22.38 -46.42 20.24
CA ILE O 592 -20.97 -46.26 19.89
C ILE O 592 -20.36 -47.62 19.64
N PHE O 593 -19.67 -47.76 18.52
CA PHE O 593 -18.95 -48.98 18.17
C PHE O 593 -17.45 -48.71 18.23
N ILE O 594 -16.72 -49.63 18.85
CA ILE O 594 -15.29 -49.46 19.09
C ILE O 594 -14.51 -50.44 18.22
N GLN O 595 -13.44 -49.97 17.62
CA GLN O 595 -12.55 -50.78 16.79
C GLN O 595 -11.29 -51.12 17.58
N GLU O 596 -10.92 -52.40 17.58
CA GLU O 596 -9.78 -52.85 18.38
C GLU O 596 -8.47 -52.32 17.81
N LEU O 597 -7.50 -52.13 18.70
CA LEU O 597 -6.18 -51.68 18.29
C LEU O 597 -5.43 -52.76 17.52
N SER O 598 -4.69 -52.35 16.50
CA SER O 598 -3.85 -53.26 15.77
C SER O 598 -2.41 -53.18 16.28
N TYR O 599 -1.51 -53.87 15.59
CA TYR O 599 -0.11 -53.93 15.99
C TYR O 599 0.73 -53.05 15.07
N ALA O 600 1.76 -52.44 15.64
CA ALA O 600 2.71 -51.63 14.89
C ALA O 600 4.12 -52.11 15.23
N TRP O 601 4.98 -52.21 14.20
CA TRP O 601 6.28 -52.83 14.39
C TRP O 601 7.46 -51.91 14.11
N GLY O 602 7.29 -50.88 13.28
CA GLY O 602 8.45 -50.06 12.99
C GLY O 602 9.46 -50.81 12.14
N ILE O 603 10.71 -50.35 12.21
CA ILE O 603 11.81 -50.92 11.43
C ILE O 603 12.77 -51.61 12.38
N THR O 604 13.26 -52.78 11.95
CA THR O 604 14.18 -53.58 12.76
C THR O 604 15.47 -52.83 13.04
N ASN O 605 16.22 -52.52 11.99
CA ASN O 605 17.54 -51.89 12.12
C ASN O 605 17.48 -50.50 11.50
N THR O 606 17.86 -49.49 12.27
CA THR O 606 17.75 -48.11 11.79
C THR O 606 18.79 -47.79 10.72
N ASP O 607 19.87 -48.57 10.67
CA ASP O 607 20.91 -48.31 9.67
C ASP O 607 20.39 -48.52 8.25
N ALA O 608 19.59 -49.57 8.04
CA ALA O 608 19.03 -49.84 6.73
C ALA O 608 17.55 -49.50 6.75
N PRO O 609 17.13 -48.37 6.18
CA PRO O 609 15.71 -48.01 6.26
C PRO O 609 14.82 -48.78 5.29
N ASN O 610 15.39 -49.35 4.23
CA ASN O 610 14.59 -49.97 3.18
C ASN O 610 14.53 -51.49 3.27
N VAL O 611 14.66 -52.06 4.47
CA VAL O 611 14.54 -53.49 4.68
C VAL O 611 13.27 -53.76 5.48
N PRO O 612 12.30 -54.49 4.93
CA PRO O 612 11.09 -54.79 5.68
C PRO O 612 11.28 -55.99 6.60
N ILE O 613 10.21 -56.33 7.32
CA ILE O 613 10.23 -57.55 8.11
C ILE O 613 10.07 -58.75 7.20
N ARG O 614 11.14 -59.52 7.06
CA ARG O 614 11.20 -60.64 6.13
C ARG O 614 11.37 -61.94 6.91
N THR O 615 11.23 -63.05 6.19
CA THR O 615 11.23 -64.35 6.82
C THR O 615 12.59 -64.68 7.42
N GLY O 616 12.60 -65.58 8.40
CA GLY O 616 13.84 -65.95 9.07
C GLY O 616 14.44 -64.84 9.89
N LEU O 617 13.63 -64.10 10.62
CA LEU O 617 14.13 -63.00 11.44
C LEU O 617 14.23 -63.42 12.89
N PRO O 618 15.42 -63.44 13.48
CA PRO O 618 15.60 -63.78 14.91
C PRO O 618 15.26 -62.61 15.83
N SER O 619 13.98 -62.51 16.18
CA SER O 619 13.48 -61.28 16.81
C SER O 619 13.79 -61.25 18.31
N PHE O 620 13.25 -62.20 19.07
CA PHE O 620 13.31 -62.14 20.54
C PHE O 620 14.72 -62.47 21.02
N LEU O 621 15.47 -61.44 21.40
CA LEU O 621 16.84 -61.62 21.88
C LEU O 621 16.92 -61.42 23.38
N ALA O 622 17.64 -62.32 24.05
CA ALA O 622 17.86 -62.23 25.48
C ALA O 622 19.11 -63.02 25.84
N ALA O 623 19.63 -62.75 27.04
CA ALA O 623 20.84 -63.41 27.52
C ALA O 623 20.85 -63.43 29.04
N ARG O 624 21.65 -64.35 29.60
CA ARG O 624 21.80 -64.47 31.05
C ARG O 624 23.10 -65.20 31.36
N ARG O 625 23.49 -65.17 32.63
CA ARG O 625 24.77 -65.71 33.07
C ARG O 625 24.64 -66.33 34.45
N ASN O 626 25.59 -67.23 34.77
CA ASN O 626 25.67 -67.84 36.08
C ASN O 626 26.38 -66.92 37.07
N THR O 627 26.60 -67.42 38.28
CA THR O 627 27.59 -66.80 39.16
C THR O 627 28.98 -66.94 38.56
N TRP O 628 29.26 -68.08 37.94
CA TRP O 628 30.40 -68.22 37.07
C TRP O 628 30.25 -67.31 35.86
N GLY O 629 31.35 -67.08 35.15
CA GLY O 629 31.36 -66.07 34.10
C GLY O 629 30.63 -66.46 32.83
N ASP O 630 30.25 -67.73 32.69
CA ASP O 630 29.70 -68.21 31.43
C ASP O 630 28.35 -67.56 31.10
N ILE O 631 28.06 -67.45 29.81
CA ILE O 631 26.90 -66.72 29.30
C ILE O 631 26.19 -67.59 28.26
N GLU O 632 24.87 -67.46 28.18
CA GLU O 632 24.06 -68.14 27.17
C GLU O 632 23.20 -67.14 26.42
N PHE O 633 23.03 -67.37 25.13
CA PHE O 633 22.22 -66.53 24.25
C PHE O 633 20.97 -67.28 23.84
N ARG O 634 19.86 -66.56 23.68
CA ARG O 634 18.61 -67.14 23.22
C ARG O 634 17.96 -66.23 22.20
N TRP O 635 17.43 -66.82 21.13
CA TRP O 635 16.66 -66.08 20.13
C TRP O 635 15.56 -66.98 19.59
N LYS O 636 14.62 -66.35 18.87
CA LYS O 636 13.41 -66.99 18.39
C LYS O 636 13.12 -66.50 16.99
N SER O 637 13.01 -67.43 16.03
CA SER O 637 12.92 -67.06 14.62
C SER O 637 11.50 -66.67 14.25
N TYR O 638 11.38 -65.82 13.23
CA TYR O 638 10.11 -65.26 12.82
C TYR O 638 9.32 -66.19 11.90
N GLY O 639 9.84 -66.46 10.70
CA GLY O 639 9.09 -67.24 9.74
C GLY O 639 9.64 -68.63 9.54
N LEU O 640 10.97 -68.75 9.48
CA LEU O 640 11.60 -70.04 9.21
C LEU O 640 11.71 -70.87 10.48
N ASP O 641 11.51 -72.18 10.34
CA ASP O 641 11.81 -73.08 11.43
C ASP O 641 13.32 -73.17 11.62
N PRO O 642 13.81 -73.09 12.86
CA PRO O 642 15.27 -72.99 13.06
C PRO O 642 16.03 -74.23 12.60
N ALA O 643 15.35 -75.37 12.42
CA ALA O 643 16.06 -76.59 12.09
C ALA O 643 16.81 -76.49 10.77
N LEU O 644 16.17 -75.90 9.76
CA LEU O 644 16.77 -75.79 8.43
C LEU O 644 17.46 -74.43 8.26
N ALA O 645 18.35 -74.12 9.21
CA ALA O 645 19.03 -72.83 9.16
C ALA O 645 20.31 -72.89 9.98
N GLN O 646 21.19 -71.92 9.74
CA GLN O 646 22.42 -71.72 10.49
C GLN O 646 22.48 -70.28 10.95
N TYR O 647 22.93 -70.07 12.18
CA TYR O 647 22.95 -68.74 12.78
C TYR O 647 24.37 -68.35 13.15
N ARG O 648 24.66 -67.05 13.06
CA ARG O 648 25.96 -66.50 13.41
C ARG O 648 25.77 -65.38 14.42
N ILE O 649 26.50 -65.45 15.53
CA ILE O 649 26.43 -64.45 16.59
C ILE O 649 27.62 -63.52 16.46
N GLU O 650 27.37 -62.22 16.49
CA GLU O 650 28.42 -61.20 16.40
C GLU O 650 28.44 -60.40 17.69
N ILE O 651 29.65 -60.19 18.23
CA ILE O 651 29.83 -59.49 19.50
C ILE O 651 30.72 -58.27 19.22
N TYR O 652 30.28 -57.11 19.71
CA TYR O 652 30.94 -55.86 19.36
C TYR O 652 31.96 -55.46 20.42
N ASN O 653 32.93 -54.66 19.99
CA ASN O 653 34.02 -54.24 20.87
C ASN O 653 33.52 -53.29 21.93
N PRO O 654 33.88 -53.50 23.21
CA PRO O 654 33.44 -52.57 24.26
C PRO O 654 33.95 -51.15 24.06
N SER O 655 35.17 -50.98 23.54
CA SER O 655 35.71 -49.64 23.37
C SER O 655 35.11 -48.95 22.14
N ASN O 656 35.09 -49.66 21.01
CA ASN O 656 34.45 -49.18 19.79
C ASN O 656 33.21 -50.02 19.55
N LEU O 657 32.04 -49.47 19.86
CA LEU O 657 30.82 -50.25 19.78
C LEU O 657 30.49 -50.63 18.34
N ASN O 658 31.11 -49.96 17.37
CA ASN O 658 30.84 -50.26 15.97
C ASN O 658 31.57 -51.53 15.53
N GLN O 659 32.80 -51.71 15.98
CA GLN O 659 33.62 -52.82 15.50
C GLN O 659 33.21 -54.14 16.16
N ILE O 660 33.69 -55.24 15.60
CA ILE O 660 33.29 -56.59 16.02
C ILE O 660 34.54 -57.31 16.52
N LEU O 661 34.42 -57.98 17.67
CA LEU O 661 35.55 -58.76 18.18
C LEU O 661 35.46 -60.22 17.73
N HIS O 662 34.39 -60.92 18.12
CA HIS O 662 34.34 -62.35 17.97
C HIS O 662 33.01 -62.76 17.34
N SER O 663 33.04 -63.88 16.62
CA SER O 663 31.86 -64.41 15.96
C SER O 663 31.99 -65.92 15.81
N PHE O 664 30.93 -66.65 16.15
CA PHE O 664 30.93 -68.09 16.00
C PHE O 664 29.57 -68.54 15.47
N VAL O 665 29.58 -69.65 14.74
CA VAL O 665 28.42 -70.17 14.05
C VAL O 665 27.88 -71.36 14.83
N VAL O 666 26.57 -71.38 15.09
CA VAL O 666 25.91 -72.46 15.78
C VAL O 666 24.81 -73.02 14.88
N SER O 667 24.62 -74.33 14.95
CA SER O 667 23.56 -74.96 14.16
C SER O 667 22.19 -74.62 14.74
N GLY O 668 21.18 -74.72 13.88
CA GLY O 668 19.83 -74.40 14.30
C GLY O 668 19.10 -75.52 15.02
N THR O 669 19.71 -76.71 15.10
CA THR O 669 19.03 -77.83 15.75
C THR O 669 19.00 -77.66 17.27
N GLN O 670 19.87 -76.82 17.82
CA GLN O 670 19.92 -76.64 19.26
C GLN O 670 18.72 -75.84 19.74
N GLU O 671 17.77 -76.53 20.38
CA GLU O 671 16.59 -75.87 20.92
C GLU O 671 16.28 -76.44 22.29
N ALA O 672 15.88 -75.57 23.22
CA ALA O 672 15.51 -75.97 24.57
C ALA O 672 14.36 -75.08 25.04
N ASN O 673 13.24 -75.71 25.38
CA ASN O 673 12.05 -75.01 25.88
C ASN O 673 11.54 -73.98 24.87
N GLY O 674 11.55 -74.35 23.58
CA GLY O 674 11.05 -73.48 22.54
C GLY O 674 11.97 -72.33 22.17
N TYR O 675 13.22 -72.35 22.61
CA TYR O 675 14.17 -71.28 22.36
C TYR O 675 15.40 -71.86 21.68
N VAL O 676 15.92 -71.15 20.69
CA VAL O 676 17.23 -71.50 20.14
C VAL O 676 18.31 -70.91 21.04
N TYR O 677 19.37 -71.68 21.27
CA TYR O 677 20.40 -71.29 22.23
C TYR O 677 21.78 -71.43 21.62
N ALA O 678 22.71 -70.65 22.17
CA ALA O 678 24.12 -70.77 21.85
C ALA O 678 24.91 -70.51 23.12
N ASP O 679 25.75 -71.47 23.50
CA ASP O 679 26.48 -71.43 24.75
C ASP O 679 27.81 -70.73 24.55
N PHE O 680 28.06 -69.71 25.37
CA PHE O 680 29.28 -68.91 25.29
C PHE O 680 29.95 -69.01 26.66
N THR O 681 30.74 -70.06 26.83
CA THR O 681 31.26 -70.43 28.14
C THR O 681 32.46 -69.56 28.52
N VAL O 682 32.96 -69.79 29.74
CA VAL O 682 34.07 -69.00 30.25
C VAL O 682 35.36 -69.31 29.48
N GLU O 683 35.55 -70.58 29.11
CA GLU O 683 36.76 -70.96 28.39
C GLU O 683 36.83 -70.28 27.03
N ASP O 684 35.68 -69.80 26.54
CA ASP O 684 35.66 -69.17 25.21
C ASP O 684 35.90 -67.67 25.30
N TRP O 685 35.47 -67.04 26.39
CA TRP O 685 35.53 -65.58 26.42
C TRP O 685 36.69 -65.07 27.27
N ILE O 686 37.35 -65.93 28.04
CA ILE O 686 38.61 -65.53 28.67
C ILE O 686 39.69 -65.21 27.65
N PRO O 687 39.96 -66.04 26.63
CA PRO O 687 40.97 -65.65 25.64
C PRO O 687 40.64 -64.36 24.90
N VAL O 688 39.36 -64.11 24.61
CA VAL O 688 38.99 -62.89 23.90
C VAL O 688 39.29 -61.67 24.76
N MET O 689 38.95 -61.72 26.04
CA MET O 689 39.28 -60.61 26.93
C MET O 689 40.78 -60.49 27.13
N MET O 690 41.50 -61.63 27.10
CA MET O 690 42.95 -61.59 27.18
C MET O 690 43.54 -60.82 26.01
N GLU O 691 43.02 -61.06 24.81
CA GLU O 691 43.50 -60.32 23.63
C GLU O 691 43.08 -58.86 23.69
N ALA O 692 41.85 -58.59 24.15
CA ALA O 692 41.34 -57.23 24.15
C ALA O 692 42.04 -56.37 25.20
N VAL O 693 42.13 -56.86 26.43
CA VAL O 693 42.69 -56.09 27.54
C VAL O 693 43.73 -56.92 28.26
N GLY O 694 44.51 -56.26 29.11
CA GLY O 694 45.64 -56.93 29.74
C GLY O 694 45.24 -58.04 30.70
N SER O 695 44.17 -57.83 31.46
CA SER O 695 43.82 -58.82 32.47
C SER O 695 42.39 -59.29 32.29
N PRO O 696 42.06 -60.51 32.70
CA PRO O 696 40.68 -60.99 32.61
C PRO O 696 39.78 -60.18 33.54
N ASN O 697 38.62 -59.79 33.02
CA ASN O 697 37.65 -59.03 33.78
C ASN O 697 36.26 -59.61 33.56
N PRO O 698 35.38 -59.53 34.55
CA PRO O 698 33.99 -59.96 34.33
C PRO O 698 33.35 -59.14 33.22
N TRP O 699 32.52 -59.79 32.42
CA TRP O 699 31.93 -59.18 31.23
C TRP O 699 30.48 -58.82 31.51
N GLU O 700 30.19 -57.51 31.49
CA GLU O 700 28.83 -57.00 31.60
C GLU O 700 28.64 -55.92 30.57
N PHE O 701 27.38 -55.58 30.31
CA PHE O 701 27.02 -54.58 29.30
C PHE O 701 27.58 -54.99 27.93
N MET O 702 27.06 -56.09 27.40
CA MET O 702 27.54 -56.57 26.12
C MET O 702 26.52 -56.32 25.01
N LYS O 703 27.03 -56.01 23.82
CA LYS O 703 26.20 -55.73 22.66
C LYS O 703 26.43 -56.80 21.61
N TRP O 704 25.35 -57.37 21.09
CA TRP O 704 25.49 -58.50 20.18
C TRP O 704 24.31 -58.54 19.22
N ARG O 705 24.46 -59.36 18.16
CA ARG O 705 23.44 -59.54 17.14
C ARG O 705 23.40 -61.01 16.74
N VAL O 706 22.42 -61.35 15.92
CA VAL O 706 22.29 -62.68 15.33
C VAL O 706 21.97 -62.51 13.85
N VAL O 707 22.67 -63.27 13.01
CA VAL O 707 22.46 -63.25 11.56
C VAL O 707 22.09 -64.66 11.13
N CYS O 708 20.88 -64.82 10.58
CA CYS O 708 20.44 -66.11 10.11
C CYS O 708 20.96 -66.38 8.70
N LEU O 709 21.50 -67.58 8.49
CA LEU O 709 22.03 -68.00 7.20
C LEU O 709 21.11 -69.06 6.62
N TYR O 710 20.59 -68.81 5.41
CA TYR O 710 19.62 -69.70 4.80
C TYR O 710 19.56 -69.42 3.30
N GLN O 711 19.83 -70.44 2.49
CA GLN O 711 19.79 -70.32 1.03
C GLN O 711 20.71 -69.21 0.55
N GLU O 712 21.91 -69.14 1.13
CA GLU O 712 22.90 -68.13 0.78
C GLU O 712 22.35 -66.71 0.98
N ARG O 713 21.62 -66.52 2.08
CA ARG O 713 21.07 -65.22 2.43
C ARG O 713 21.33 -64.93 3.89
N GLU O 714 21.60 -63.66 4.19
CA GLU O 714 21.83 -63.20 5.55
C GLU O 714 20.70 -62.25 5.94
N ILE O 715 20.02 -62.55 7.05
CA ILE O 715 18.95 -61.71 7.57
C ILE O 715 19.33 -61.32 8.99
N PRO O 716 19.98 -60.18 9.20
CA PRO O 716 20.39 -59.77 10.55
C PRO O 716 19.19 -59.33 11.38
N SER O 717 19.44 -59.17 12.68
CA SER O 717 18.43 -58.73 13.62
C SER O 717 18.87 -57.45 14.30
N ALA O 718 17.95 -56.87 15.08
CA ALA O 718 18.25 -55.63 15.77
C ALA O 718 19.29 -55.87 16.87
N PRO O 719 20.18 -54.92 17.12
CA PRO O 719 21.19 -55.12 18.17
C PRO O 719 20.55 -55.16 19.55
N TRP O 720 21.21 -55.85 20.47
CA TRP O 720 20.79 -55.98 21.85
C TRP O 720 21.90 -55.43 22.74
N SER O 721 21.57 -54.44 23.57
CA SER O 721 22.58 -53.79 24.41
C SER O 721 21.97 -53.49 25.78
N ASP O 722 22.36 -54.29 26.77
CA ASP O 722 21.86 -54.10 28.14
C ASP O 722 22.74 -54.92 29.07
N ASN O 723 22.66 -54.61 30.36
CA ASN O 723 23.41 -55.36 31.36
C ASN O 723 22.87 -56.78 31.44
N ILE O 724 23.79 -57.75 31.49
CA ILE O 724 23.37 -59.16 31.47
C ILE O 724 22.81 -59.53 32.84
N PRO O 725 21.59 -60.03 32.91
CA PRO O 725 21.04 -60.47 34.21
C PRO O 725 21.68 -61.75 34.69
N LEU O 726 21.62 -61.94 36.00
CA LEU O 726 22.17 -63.12 36.65
C LEU O 726 21.03 -64.04 37.10
N ASP O 727 21.03 -65.27 36.60
CA ASP O 727 19.97 -66.25 36.90
C ASP O 727 20.58 -67.64 36.95
N ASN O 728 20.85 -68.11 38.18
CA ASN O 728 21.36 -69.47 38.34
C ASN O 728 20.25 -70.50 38.16
N ALA O 729 19.04 -70.18 38.63
CA ALA O 729 17.96 -71.17 38.64
C ALA O 729 17.61 -71.63 37.23
N GLY O 730 17.56 -70.70 36.28
CA GLY O 730 17.23 -71.07 34.92
C GLY O 730 18.31 -71.89 34.25
N LEU O 731 19.58 -71.52 34.49
CA LEU O 731 20.67 -72.06 33.69
C LEU O 731 21.18 -73.40 34.22
N VAL O 732 21.68 -73.40 35.45
CA VAL O 732 22.46 -74.53 35.97
C VAL O 732 21.51 -75.58 36.53
N LYS O 733 21.85 -76.85 36.30
CA LYS O 733 21.07 -77.95 36.86
C LYS O 733 21.68 -78.47 38.16
N LYS O 734 22.94 -78.90 38.11
CA LYS O 734 23.61 -79.53 39.24
C LYS O 734 24.74 -78.64 39.72
N THR O 735 24.84 -78.48 41.04
CA THR O 735 25.82 -77.62 41.68
C THR O 735 26.77 -78.47 42.50
N ILE O 736 28.07 -78.18 42.38
CA ILE O 736 29.10 -78.92 43.09
C ILE O 736 29.83 -77.98 44.03
N LEU O 737 29.68 -78.21 45.33
CA LEU O 737 30.47 -77.53 46.35
C LEU O 737 31.63 -78.44 46.72
N VAL O 738 32.85 -77.98 46.50
CA VAL O 738 34.02 -78.85 46.57
C VAL O 738 35.02 -78.28 47.57
N GLY O 739 35.48 -79.16 48.47
CA GLY O 739 36.68 -78.91 49.24
C GLY O 739 36.48 -78.03 50.45
N ILE O 740 37.36 -78.25 51.44
CA ILE O 740 37.60 -77.34 52.54
C ILE O 740 39.10 -77.37 52.79
N ASN O 741 39.60 -76.45 53.62
CA ASN O 741 40.94 -76.52 54.17
C ASN O 741 42.04 -76.51 53.11
N GLN O 742 41.93 -75.66 52.09
CA GLN O 742 42.99 -75.30 51.14
C GLN O 742 43.58 -76.50 50.40
N PHE O 743 43.06 -77.70 50.63
CA PHE O 743 43.41 -78.87 49.84
C PHE O 743 42.37 -79.20 48.79
N GLY O 744 41.11 -78.83 49.00
CA GLY O 744 40.11 -78.84 47.97
C GLY O 744 39.92 -77.44 47.44
N GLY O 745 40.35 -76.46 48.24
CA GLY O 745 40.32 -75.08 47.77
C GLY O 745 41.41 -74.79 46.76
N GLY O 746 42.37 -75.72 46.62
CA GLY O 746 43.38 -75.56 45.60
C GLY O 746 42.82 -75.67 44.20
N HIS O 747 41.62 -76.24 44.08
CA HIS O 747 41.00 -76.42 42.77
C HIS O 747 40.55 -75.09 42.17
N PHE O 748 40.61 -74.00 42.93
CA PHE O 748 40.22 -72.69 42.43
C PHE O 748 41.31 -71.64 42.53
N THR O 749 42.48 -71.98 43.09
CA THR O 749 43.46 -70.95 43.39
C THR O 749 44.75 -71.15 42.60
N ASP O 750 45.79 -70.43 43.00
CA ASP O 750 47.00 -70.31 42.20
C ASP O 750 47.71 -71.66 42.02
N MET O 751 47.36 -72.65 42.84
CA MET O 751 48.03 -73.95 42.76
C MET O 751 47.77 -74.62 41.42
N SER O 752 46.50 -74.64 40.98
CA SER O 752 46.15 -75.44 39.82
C SER O 752 46.46 -74.72 38.51
N ASP O 753 46.73 -73.42 38.58
CA ASP O 753 46.97 -72.65 37.37
C ASP O 753 48.36 -72.97 36.82
N PRO O 754 48.45 -73.47 35.58
CA PRO O 754 49.78 -73.78 35.05
C PRO O 754 50.53 -72.57 34.55
N THR O 755 49.84 -71.51 34.14
CA THR O 755 50.46 -70.35 33.53
C THR O 755 50.74 -69.22 34.50
N ALA O 756 50.45 -69.39 35.79
CA ALA O 756 50.63 -68.34 36.78
C ALA O 756 51.94 -68.56 37.53
N THR O 757 52.74 -67.50 37.64
CA THR O 757 54.07 -67.63 38.22
C THR O 757 54.01 -67.81 39.74
N THR O 758 53.16 -67.03 40.41
CA THR O 758 53.15 -67.02 41.86
C THR O 758 52.58 -68.33 42.41
N ALA O 759 52.77 -68.53 43.71
CA ALA O 759 52.20 -69.68 44.41
C ALA O 759 51.71 -69.34 45.81
N ASN O 760 51.39 -68.06 46.08
CA ASN O 760 50.96 -67.66 47.41
C ASN O 760 49.42 -67.67 47.52
N GLY O 761 48.82 -68.79 47.11
CA GLY O 761 47.41 -69.01 47.30
C GLY O 761 46.49 -67.93 46.76
N ALA O 762 46.76 -67.46 45.54
CA ALA O 762 46.00 -66.38 44.94
C ALA O 762 44.97 -66.93 43.97
N ILE O 763 44.02 -66.08 43.59
CA ILE O 763 42.97 -66.49 42.67
C ILE O 763 43.57 -66.69 41.28
N GLY O 764 43.22 -67.82 40.66
CA GLY O 764 43.73 -68.14 39.34
C GLY O 764 42.71 -67.90 38.24
N ARG O 765 43.16 -67.98 36.99
CA ARG O 765 42.27 -67.77 35.86
C ARG O 765 41.30 -68.93 35.73
N LYS O 766 40.02 -68.62 35.61
CA LYS O 766 38.98 -69.66 35.58
C LYS O 766 39.09 -70.53 34.33
N ASP O 767 39.83 -70.06 33.32
CA ASP O 767 39.95 -70.83 32.08
C ASP O 767 40.78 -72.09 32.30
N LYS O 768 41.93 -71.96 32.97
CA LYS O 768 42.90 -73.04 33.05
C LYS O 768 42.93 -73.73 34.41
N VAL O 769 42.08 -73.32 35.35
CA VAL O 769 42.14 -73.91 36.68
C VAL O 769 41.50 -75.29 36.67
N SER O 770 41.74 -76.06 37.73
CA SER O 770 41.35 -77.47 37.77
C SER O 770 39.83 -77.64 37.78
N ALA O 771 39.10 -76.69 38.37
CA ALA O 771 37.65 -76.80 38.42
C ALA O 771 37.05 -76.89 37.03
N SER O 772 37.69 -76.25 36.04
CA SER O 772 37.21 -76.35 34.67
C SER O 772 37.26 -77.78 34.17
N THR O 773 38.36 -78.49 34.42
CA THR O 773 38.45 -79.89 34.01
C THR O 773 37.45 -80.74 34.77
N LEU O 774 37.27 -80.46 36.06
CA LEU O 774 36.26 -81.17 36.83
C LEU O 774 34.88 -81.03 36.19
N ARG O 775 34.48 -79.80 35.89
CA ARG O 775 33.16 -79.55 35.31
C ARG O 775 33.03 -80.20 33.94
N LEU O 776 34.07 -80.09 33.11
CA LEU O 776 33.99 -80.67 31.77
C LEU O 776 33.84 -82.18 31.82
N THR O 777 34.62 -82.86 32.67
CA THR O 777 34.48 -84.31 32.79
C THR O 777 33.11 -84.69 33.33
N PHE O 778 32.63 -83.96 34.34
CA PHE O 778 31.32 -84.27 34.92
C PHE O 778 30.22 -84.14 33.87
N ALA O 779 30.25 -83.04 33.10
CA ALA O 779 29.24 -82.82 32.08
C ALA O 779 29.33 -83.84 30.96
N GLU O 780 30.55 -84.18 30.54
CA GLU O 780 30.72 -85.11 29.44
C GLU O 780 30.22 -86.50 29.82
N LYS O 781 30.52 -86.94 31.05
CA LYS O 781 30.08 -88.27 31.46
C LYS O 781 28.59 -88.29 31.76
N ALA O 782 28.08 -87.26 32.44
CA ALA O 782 26.66 -87.24 32.81
C ALA O 782 25.77 -87.01 31.59
N GLY O 783 26.27 -86.30 30.58
CA GLY O 783 25.52 -86.00 29.39
C GLY O 783 24.95 -84.60 29.32
N LEU O 784 25.09 -83.81 30.39
CA LEU O 784 24.59 -82.45 30.39
C LEU O 784 25.49 -81.54 29.57
N ARG O 785 24.99 -80.34 29.29
CA ARG O 785 25.82 -79.32 28.67
C ARG O 785 26.78 -78.74 29.70
N PRO O 786 27.99 -78.34 29.28
CA PRO O 786 28.96 -77.80 30.25
C PRO O 786 28.46 -76.58 31.00
N ILE O 787 27.59 -75.78 30.38
CA ILE O 787 27.08 -74.59 31.05
C ILE O 787 26.13 -74.96 32.19
N GLN O 788 25.59 -76.17 32.16
CA GLN O 788 24.58 -76.54 33.16
C GLN O 788 25.20 -76.94 34.49
N VAL O 789 26.52 -77.14 34.53
CA VAL O 789 27.21 -77.56 35.74
C VAL O 789 28.05 -76.40 36.25
N MET O 790 27.91 -76.07 37.53
CA MET O 790 28.60 -74.94 38.13
C MET O 790 29.31 -75.38 39.40
N PRO O 791 30.64 -75.31 39.46
CA PRO O 791 31.33 -75.56 40.74
C PRO O 791 31.36 -74.31 41.59
N VAL O 792 31.32 -74.52 42.91
CA VAL O 792 31.28 -73.44 43.88
C VAL O 792 32.41 -73.63 44.89
N ASN O 793 33.08 -72.54 45.25
CA ASN O 793 34.26 -72.58 46.11
C ASN O 793 33.87 -72.24 47.54
N VAL O 794 34.21 -73.16 48.46
CA VAL O 794 34.10 -72.93 49.89
C VAL O 794 35.39 -73.42 50.54
N ALA O 795 36.00 -72.58 51.36
CA ALA O 795 37.28 -72.93 51.95
C ALA O 795 37.61 -71.98 53.09
N ALA O 796 38.59 -72.37 53.89
CA ALA O 796 39.11 -71.53 54.97
C ALA O 796 40.56 -71.94 55.22
N ASP O 797 41.30 -71.04 55.87
CA ASP O 797 42.71 -71.27 56.12
C ASP O 797 42.90 -72.21 57.29
N SER O 798 43.53 -73.36 57.02
CA SER O 798 43.83 -74.36 58.06
C SER O 798 42.57 -74.76 58.82
N ALA O 799 41.48 -74.95 58.09
CA ALA O 799 40.21 -75.29 58.73
C ALA O 799 40.12 -76.78 59.01
N GLY O 800 39.34 -77.13 60.03
CA GLY O 800 39.10 -78.52 60.36
C GLY O 800 37.76 -78.66 61.05
N MET O 801 37.33 -79.91 61.21
CA MET O 801 36.05 -80.17 61.87
C MET O 801 36.08 -79.67 63.31
N THR O 802 37.09 -80.09 64.08
CA THR O 802 37.21 -79.66 65.46
C THR O 802 38.62 -79.16 65.77
N VAL O 803 39.62 -79.78 65.14
CA VAL O 803 41.01 -79.58 65.56
C VAL O 803 41.53 -78.21 65.13
N GLY O 804 41.18 -77.76 63.92
CA GLY O 804 41.81 -76.61 63.34
C GLY O 804 41.43 -75.32 64.04
N THR O 805 42.20 -74.26 63.72
CA THR O 805 41.91 -72.95 64.29
C THR O 805 40.59 -72.40 63.76
N HIS O 806 40.16 -72.85 62.60
CA HIS O 806 38.82 -72.59 62.08
C HIS O 806 38.03 -73.89 62.18
N LYS O 807 37.09 -73.95 63.11
CA LYS O 807 36.35 -75.16 63.41
C LYS O 807 35.03 -75.14 62.66
N TRP O 808 34.81 -76.16 61.84
CA TRP O 808 33.58 -76.22 61.07
C TRP O 808 32.40 -76.66 61.94
N TRP O 809 32.67 -77.35 63.04
CA TRP O 809 31.63 -77.73 63.98
C TRP O 809 32.12 -77.53 65.41
N ASN O 810 31.23 -77.04 66.27
CA ASN O 810 31.54 -76.78 67.68
C ASN O 810 30.88 -77.87 68.51
N THR O 811 31.70 -78.73 69.11
CA THR O 811 31.17 -79.86 69.88
C THR O 811 30.62 -79.44 71.23
N SER O 812 31.15 -78.33 71.79
CA SER O 812 30.75 -77.93 73.13
C SER O 812 29.26 -77.58 73.18
N SER O 813 28.82 -76.72 72.27
CA SER O 813 27.41 -76.32 72.22
C SER O 813 26.60 -77.13 71.23
N ASN O 814 27.23 -78.04 70.49
CA ASN O 814 26.56 -78.81 69.43
C ASN O 814 25.88 -77.86 68.44
N SER O 815 26.69 -77.05 67.76
CA SER O 815 26.19 -76.06 66.83
C SER O 815 27.27 -75.73 65.81
N PRO O 816 26.92 -75.63 64.52
CA PRO O 816 27.90 -75.32 63.47
C PRO O 816 28.94 -74.28 63.84
N GLY O 817 30.21 -74.54 63.48
CA GLY O 817 31.26 -73.61 63.79
C GLY O 817 31.21 -72.34 62.96
N ASP O 818 32.19 -71.47 63.18
CA ASP O 818 32.20 -70.16 62.53
C ASP O 818 32.32 -70.28 61.01
N ALA O 819 33.14 -71.23 60.54
CA ALA O 819 33.34 -71.38 59.10
C ALA O 819 32.04 -71.74 58.39
N LEU O 820 31.28 -72.70 58.94
CA LEU O 820 30.03 -73.09 58.32
C LEU O 820 29.00 -71.95 58.40
N LEU O 821 29.03 -71.18 59.49
CA LEU O 821 28.15 -70.02 59.59
C LEU O 821 28.45 -69.01 58.48
N ALA O 822 29.74 -68.74 58.24
CA ALA O 822 30.11 -67.80 57.19
C ALA O 822 29.72 -68.34 55.82
N ILE O 823 29.89 -69.65 55.61
CA ILE O 823 29.59 -70.25 54.31
C ILE O 823 28.09 -70.27 54.05
N ASN O 824 27.29 -70.37 55.11
CA ASN O 824 25.86 -70.61 54.97
C ASN O 824 25.14 -69.50 54.20
N ASP O 825 25.44 -68.24 54.52
CA ASP O 825 24.77 -67.13 53.85
C ASP O 825 25.04 -67.14 52.36
N MET O 826 26.31 -67.33 51.98
CA MET O 826 26.68 -67.36 50.57
C MET O 826 26.04 -68.53 49.85
N VAL O 827 25.97 -69.69 50.49
CA VAL O 827 25.35 -70.85 49.85
C VAL O 827 23.85 -70.63 49.68
N LYS O 828 23.19 -70.08 50.70
CA LYS O 828 21.75 -69.81 50.58
C LYS O 828 21.49 -68.72 49.55
N GLY O 829 22.49 -67.88 49.27
CA GLY O 829 22.33 -66.87 48.24
C GLY O 829 22.03 -67.46 46.86
N LEU O 830 22.64 -68.60 46.56
CA LEU O 830 22.39 -69.26 45.28
C LEU O 830 20.96 -69.77 45.21
N GLY O 831 20.33 -69.57 44.06
CA GLY O 831 18.96 -70.03 43.88
C GLY O 831 18.84 -71.54 43.87
N VAL O 832 19.78 -72.21 43.22
CA VAL O 832 19.69 -73.66 43.05
C VAL O 832 20.13 -74.37 44.32
N LYS O 833 19.65 -75.59 44.51
CA LYS O 833 20.00 -76.37 45.68
C LYS O 833 21.33 -77.08 45.48
N PRO O 834 22.23 -77.04 46.47
CA PRO O 834 23.50 -77.76 46.34
C PRO O 834 23.25 -79.26 46.20
N ASP O 835 24.06 -79.92 45.37
CA ASP O 835 23.88 -81.33 45.07
C ASP O 835 25.00 -82.21 45.62
N TYR O 836 26.25 -81.80 45.50
CA TYR O 836 27.39 -82.59 45.94
C TYR O 836 28.29 -81.73 46.81
N PHE O 837 28.72 -82.29 47.94
CA PHE O 837 29.68 -81.63 48.82
C PHE O 837 30.93 -82.51 48.87
N ILE O 838 32.07 -81.92 48.56
CA ILE O 838 33.33 -82.67 48.49
C ILE O 838 34.17 -82.32 49.71
N GLU O 839 34.60 -83.34 50.45
CA GLU O 839 35.41 -83.18 51.63
C GLU O 839 36.86 -83.46 51.29
N ALA O 840 37.70 -82.42 51.39
CA ALA O 840 39.11 -82.58 51.09
C ALA O 840 39.83 -83.22 52.27
N ASN O 841 41.16 -83.22 52.21
CA ASN O 841 41.94 -83.79 53.29
C ASN O 841 41.73 -82.98 54.57
N PRO O 842 41.36 -83.62 55.68
CA PRO O 842 41.14 -82.87 56.92
C PRO O 842 42.44 -82.34 57.49
N TRP O 843 42.32 -81.32 58.32
CA TRP O 843 43.47 -80.74 59.01
C TRP O 843 43.86 -81.54 60.25
N GLU O 844 43.14 -82.62 60.57
CA GLU O 844 43.45 -83.37 61.77
C GLU O 844 44.78 -84.10 61.66
N THR O 845 45.23 -84.37 60.43
CA THR O 845 46.49 -85.10 60.26
C THR O 845 47.67 -84.30 60.78
N MET O 846 47.73 -83.01 60.46
CA MET O 846 48.85 -82.19 60.91
C MET O 846 48.86 -82.07 62.44
N TYR O 847 47.70 -81.82 63.04
CA TYR O 847 47.63 -81.71 64.49
C TYR O 847 48.01 -83.03 65.15
N MET O 848 47.54 -84.15 64.59
CA MET O 848 47.88 -85.46 65.13
C MET O 848 49.38 -85.72 65.08
N LYS O 849 50.01 -85.41 63.95
CA LYS O 849 51.45 -85.67 63.84
C LYS O 849 52.24 -84.71 64.72
N ASP O 850 51.69 -83.53 64.98
CA ASP O 850 52.45 -82.53 65.73
C ASP O 850 52.39 -82.82 67.23
N VAL O 851 51.19 -82.92 67.80
CA VAL O 851 51.03 -82.89 69.24
C VAL O 851 50.22 -84.05 69.80
N ASN O 852 50.09 -85.16 69.07
CA ASN O 852 49.34 -86.30 69.55
C ASN O 852 50.14 -87.59 69.40
N SER O 853 50.07 -88.45 70.41
CA SER O 853 50.72 -89.76 70.39
C SER O 853 49.72 -90.91 70.49
N SER O 854 48.85 -90.89 71.50
CA SER O 854 47.87 -91.94 71.72
C SER O 854 46.44 -91.39 71.80
N THR O 855 46.25 -90.11 71.50
CA THR O 855 44.94 -89.47 71.51
C THR O 855 44.17 -89.74 70.22
N TRP O 856 44.81 -90.38 69.25
CA TRP O 856 44.22 -90.51 67.91
C TRP O 856 42.84 -91.16 67.88
N PRO O 857 42.56 -92.26 68.59
CA PRO O 857 41.20 -92.82 68.54
C PRO O 857 40.11 -91.85 68.99
N ALA O 858 40.40 -91.02 70.00
CA ALA O 858 39.43 -90.01 70.42
C ALA O 858 39.16 -89.02 69.31
N LEU O 859 40.20 -88.58 68.60
CA LEU O 859 40.02 -87.67 67.48
C LEU O 859 39.22 -88.33 66.37
N MET O 860 39.45 -89.62 66.11
CA MET O 860 38.68 -90.33 65.10
C MET O 860 37.20 -90.39 65.47
N THR O 861 36.90 -90.73 66.72
CA THR O 861 35.50 -90.79 67.13
C THR O 861 34.83 -89.42 67.04
N ALA O 862 35.52 -88.37 67.51
CA ALA O 862 34.97 -87.03 67.42
C ALA O 862 34.77 -86.61 65.97
N PHE O 863 35.71 -86.96 65.10
CA PHE O 863 35.61 -86.64 63.68
C PHE O 863 34.38 -87.30 63.06
N GLU O 864 34.17 -88.59 63.34
CA GLU O 864 33.02 -89.29 62.79
C GLU O 864 31.71 -88.69 63.30
N SER O 865 31.63 -88.43 64.61
CA SER O 865 30.40 -87.87 65.17
C SER O 865 30.12 -86.50 64.59
N SER O 866 31.15 -85.65 64.48
CA SER O 866 30.96 -84.32 63.93
C SER O 866 30.55 -84.37 62.47
N ASN O 867 31.14 -85.29 61.70
CA ASN O 867 30.75 -85.41 60.30
C ASN O 867 29.29 -85.82 60.16
N LYS O 868 28.83 -86.79 60.97
CA LYS O 868 27.44 -87.21 60.87
C LYS O 868 26.49 -86.08 61.28
N ALA O 869 26.81 -85.39 62.38
CA ALA O 869 25.96 -84.28 62.83
C ALA O 869 25.91 -83.17 61.78
N MET O 870 27.06 -82.86 61.18
CA MET O 870 27.12 -81.83 60.15
C MET O 870 26.30 -82.24 58.92
N LEU O 871 26.39 -83.51 58.52
CA LEU O 871 25.61 -83.96 57.37
C LEU O 871 24.12 -83.81 57.64
N ALA O 872 23.67 -84.21 58.84
CA ALA O 872 22.26 -84.04 59.18
C ALA O 872 21.86 -82.57 59.16
N TRP O 873 22.68 -81.71 59.75
CA TRP O 873 22.34 -80.29 59.81
C TRP O 873 22.28 -79.66 58.43
N MET O 874 23.23 -79.99 57.55
CA MET O 874 23.19 -79.43 56.20
C MET O 874 22.02 -79.97 55.41
N ARG O 875 21.67 -81.24 55.61
CA ARG O 875 20.50 -81.80 54.95
C ARG O 875 19.24 -81.07 55.38
N THR O 876 19.14 -80.73 56.66
CA THR O 876 17.94 -80.07 57.16
C THR O 876 17.87 -78.61 56.73
N ASN O 877 18.98 -77.87 56.80
CA ASN O 877 18.88 -76.42 56.75
C ASN O 877 18.56 -75.92 55.34
N TRP O 878 19.49 -76.07 54.40
CA TRP O 878 19.20 -75.64 53.03
C TRP O 878 18.69 -76.78 52.16
N GLY O 879 18.10 -77.80 52.75
CA GLY O 879 17.32 -78.77 51.99
C GLY O 879 18.14 -79.64 51.06
N ASN O 880 17.44 -80.19 50.08
CA ASN O 880 18.09 -81.12 49.16
C ASN O 880 18.49 -82.36 49.93
N PRO O 881 17.50 -83.14 50.40
CA PRO O 881 17.94 -84.38 51.05
C PRO O 881 18.66 -85.29 50.07
N ASN O 882 19.20 -86.38 50.60
CA ASN O 882 20.03 -87.34 49.84
C ASN O 882 21.35 -86.69 49.45
N LEU O 883 21.68 -85.55 50.06
CA LEU O 883 22.98 -84.94 49.85
C LEU O 883 24.07 -85.82 50.46
N GLU O 884 25.15 -86.01 49.71
CA GLU O 884 26.24 -86.89 50.12
C GLU O 884 27.55 -86.12 50.16
N ILE O 885 28.32 -86.34 51.22
CA ILE O 885 29.63 -85.73 51.38
C ILE O 885 30.66 -86.66 50.77
N TRP O 886 31.29 -86.24 49.68
CA TRP O 886 32.30 -87.08 49.05
C TRP O 886 33.68 -86.77 49.60
N PHE O 887 34.54 -87.77 49.59
CA PHE O 887 35.83 -87.73 50.26
C PHE O 887 36.98 -87.64 49.26
N GLN O 888 38.14 -87.25 49.76
CA GLN O 888 39.37 -87.21 49.00
C GLN O 888 40.49 -87.80 49.84
N GLY O 889 41.54 -88.30 49.19
CA GLY O 889 42.57 -89.04 49.90
C GLY O 889 43.35 -88.16 50.87
N ALA O 890 44.05 -88.82 51.78
CA ALA O 890 44.81 -88.12 52.80
C ALA O 890 46.16 -87.65 52.26
N THR O 891 46.83 -86.81 53.06
CA THR O 891 48.08 -86.17 52.65
C THR O 891 49.19 -86.50 53.64
N THR O 892 50.33 -86.91 53.10
CA THR O 892 51.54 -87.11 53.87
C THR O 892 52.41 -85.86 53.78
N VAL O 893 53.45 -85.84 54.61
CA VAL O 893 54.39 -84.72 54.67
C VAL O 893 55.79 -85.27 54.42
N TRP O 894 56.51 -84.62 53.51
CA TRP O 894 57.88 -85.02 53.18
C TRP O 894 58.80 -83.88 53.59
N PHE O 895 60.05 -84.20 53.93
CA PHE O 895 61.04 -83.18 54.28
C PHE O 895 62.43 -83.68 53.91
N GLY O 896 63.04 -83.03 52.92
CA GLY O 896 64.42 -83.31 52.60
C GLY O 896 64.71 -82.98 51.15
N VAL O 897 66.01 -83.06 50.81
CA VAL O 897 66.41 -82.99 49.41
C VAL O 897 65.90 -84.23 48.70
N ALA O 898 65.43 -84.04 47.47
CA ALA O 898 64.79 -85.13 46.74
C ALA O 898 65.78 -86.26 46.50
N PRO O 899 65.41 -87.52 46.79
CA PRO O 899 64.13 -87.94 47.39
C PRO O 899 64.04 -87.66 48.88
N PRO O 900 62.90 -87.13 49.32
CA PRO O 900 62.77 -86.68 50.71
C PRO O 900 62.44 -87.82 51.65
N ASN O 901 62.33 -87.46 52.94
CA ASN O 901 62.05 -88.40 54.02
C ASN O 901 60.60 -88.29 54.44
N ASP O 902 59.93 -89.43 54.55
CA ASP O 902 58.51 -89.46 54.90
C ASP O 902 58.29 -89.05 56.34
N LEU O 903 57.18 -88.36 56.57
CA LEU O 903 56.71 -88.07 57.92
C LEU O 903 55.27 -88.54 58.04
N ASN O 904 54.86 -88.75 59.29
CA ASN O 904 53.48 -89.10 59.70
C ASN O 904 52.78 -90.02 58.70
N SER O 905 53.47 -91.08 58.27
CA SER O 905 52.83 -92.06 57.42
C SER O 905 51.71 -92.79 58.16
N GLU O 906 51.93 -93.09 59.43
CA GLU O 906 50.92 -93.83 60.20
C GLU O 906 49.66 -93.00 60.41
N ALA O 907 49.81 -91.68 60.59
CA ALA O 907 48.66 -90.82 60.76
C ALA O 907 47.78 -90.83 59.52
N THR O 908 48.40 -90.72 58.35
CA THR O 908 47.64 -90.78 57.10
C THR O 908 47.03 -92.15 56.90
N VAL O 909 47.73 -93.20 57.32
CA VAL O 909 47.17 -94.55 57.22
C VAL O 909 45.90 -94.67 58.06
N THR O 910 45.94 -94.17 59.30
CA THR O 910 44.75 -94.23 60.15
C THR O 910 43.61 -93.40 59.58
N VAL O 911 43.91 -92.20 59.09
CA VAL O 911 42.86 -91.34 58.55
C VAL O 911 42.23 -91.97 57.32
N ARG O 912 43.06 -92.54 56.44
CA ARG O 912 42.54 -93.21 55.26
C ARG O 912 41.71 -94.44 55.62
N ASP O 913 42.13 -95.19 56.64
CA ASP O 913 41.34 -96.33 57.09
C ASP O 913 39.99 -95.89 57.62
N LYS O 914 39.95 -94.80 58.39
CA LYS O 914 38.67 -94.29 58.88
C LYS O 914 37.79 -93.84 57.71
N GLN O 915 38.38 -93.16 56.72
CA GLN O 915 37.60 -92.71 55.58
C GLN O 915 37.03 -93.89 54.80
N ILE O 916 37.83 -94.94 54.59
CA ILE O 916 37.33 -96.12 53.88
C ILE O 916 36.24 -96.81 54.67
N GLN O 917 36.40 -96.90 56.00
CA GLN O 917 35.36 -97.50 56.82
C GLN O 917 34.06 -96.71 56.73
N MET O 918 34.15 -95.37 56.77
CA MET O 918 32.96 -94.54 56.65
C MET O 918 32.31 -94.72 55.28
N ALA O 919 33.11 -94.77 54.22
CA ALA O 919 32.55 -94.88 52.88
C ALA O 919 31.89 -96.23 52.66
N THR O 920 32.45 -97.29 53.23
CA THR O 920 31.87 -98.62 53.07
C THR O 920 30.48 -98.70 53.68
N ALA O 921 30.27 -98.06 54.81
CA ALA O 921 28.94 -98.01 55.42
C ALA O 921 27.99 -97.21 54.54
N ASN O 922 26.70 -97.54 54.64
CA ASN O 922 25.67 -96.91 53.83
C ASN O 922 25.07 -95.67 54.47
N ILE O 923 25.64 -95.20 55.58
CA ILE O 923 25.18 -93.96 56.19
C ILE O 923 25.40 -92.79 55.23
N GLY O 924 26.39 -92.91 54.36
CA GLY O 924 26.75 -91.86 53.43
C GLY O 924 28.26 -91.78 53.29
N PHE O 925 28.74 -90.56 53.06
CA PHE O 925 30.17 -90.27 52.99
C PHE O 925 30.89 -91.17 52.00
N LYS O 926 30.29 -91.32 50.82
CA LYS O 926 30.93 -92.13 49.80
C LYS O 926 32.21 -91.46 49.32
N LEU O 927 33.26 -92.27 49.16
CA LEU O 927 34.60 -91.79 48.86
C LEU O 927 34.73 -91.60 47.36
N GLY O 928 35.09 -90.38 46.95
CA GLY O 928 35.20 -90.10 45.52
C GLY O 928 36.40 -90.80 44.90
N SER O 929 37.60 -90.36 45.26
CA SER O 929 38.80 -90.98 44.72
C SER O 929 39.99 -90.63 45.60
N PHE O 930 41.00 -91.47 45.54
CA PHE O 930 42.30 -91.19 46.14
C PHE O 930 43.14 -90.41 45.14
N VAL O 931 44.10 -89.66 45.66
CA VAL O 931 45.03 -88.99 44.74
C VAL O 931 45.87 -90.05 44.05
N PRO O 932 46.02 -89.99 42.72
CA PRO O 932 46.72 -91.08 42.01
C PRO O 932 48.14 -91.30 42.49
N GLY O 933 48.83 -90.26 42.94
CA GLY O 933 50.14 -90.42 43.53
C GLY O 933 50.04 -90.51 45.04
N SER O 934 50.50 -89.47 45.73
CA SER O 934 50.38 -89.27 47.17
C SER O 934 51.23 -90.24 47.97
N ASN O 935 51.92 -91.19 47.32
CA ASN O 935 52.85 -92.07 48.01
C ASN O 935 54.25 -92.10 47.39
N LEU O 936 54.42 -91.53 46.20
CA LEU O 936 55.71 -91.55 45.51
C LEU O 936 56.37 -90.20 45.43
N TYR O 937 55.98 -89.25 46.29
CA TYR O 937 56.65 -87.97 46.54
C TYR O 937 56.81 -87.12 45.29
N THR O 938 56.32 -87.59 44.15
CA THR O 938 56.45 -86.81 42.92
C THR O 938 55.36 -85.76 42.83
N ALA O 939 54.18 -86.07 43.38
CA ALA O 939 53.04 -85.16 43.33
C ALA O 939 53.06 -84.19 44.52
N TYR O 940 54.18 -83.48 44.65
CA TYR O 940 54.35 -82.51 45.71
C TYR O 940 55.34 -81.44 45.26
N ARG O 941 55.31 -80.30 45.93
CA ARG O 941 56.15 -79.16 45.60
C ARG O 941 57.19 -78.94 46.69
N ASN O 942 58.39 -78.54 46.28
CA ASN O 942 59.51 -78.43 47.23
C ASN O 942 59.26 -77.35 48.28
N VAL O 943 58.94 -76.13 47.84
CA VAL O 943 58.65 -74.98 48.70
C VAL O 943 59.66 -74.96 49.85
N GLU O 944 60.95 -74.82 49.50
CA GLU O 944 62.04 -74.81 50.49
C GLU O 944 62.01 -76.03 51.39
N SER O 945 62.10 -77.21 50.77
CA SER O 945 62.27 -78.52 51.42
C SER O 945 61.06 -78.98 52.23
N SER O 946 59.89 -78.36 52.06
CA SER O 946 58.66 -78.84 52.71
C SER O 946 57.64 -79.19 51.63
N TRP O 947 57.22 -80.44 51.62
CA TRP O 947 56.48 -81.02 50.49
C TRP O 947 55.02 -81.26 50.83
N ILE O 948 54.39 -80.28 51.50
CA ILE O 948 53.03 -80.48 51.98
C ILE O 948 52.03 -80.57 50.84
N TYR O 949 52.10 -79.64 49.89
CA TYR O 949 51.01 -79.44 48.93
C TYR O 949 51.27 -80.19 47.63
N TYR O 950 50.24 -80.24 46.79
CA TYR O 950 50.29 -80.98 45.54
C TYR O 950 50.83 -80.11 44.41
N THR O 951 50.99 -80.73 43.24
CA THR O 951 51.41 -80.08 42.02
C THR O 951 50.23 -79.91 41.09
N VAL O 952 50.45 -79.22 39.97
CA VAL O 952 49.40 -78.93 39.00
C VAL O 952 48.84 -80.21 38.40
N GLU O 953 49.74 -81.10 37.95
CA GLU O 953 49.30 -82.33 37.30
C GLU O 953 48.52 -83.21 38.26
N ALA O 954 48.94 -83.27 39.53
CA ALA O 954 48.20 -84.04 40.52
C ALA O 954 46.80 -83.47 40.70
N PHE O 955 46.68 -82.14 40.74
CA PHE O 955 45.36 -81.52 40.88
C PHE O 955 44.47 -81.86 39.69
N HIS O 956 45.02 -81.81 38.47
CA HIS O 956 44.22 -82.13 37.29
C HIS O 956 43.78 -83.60 37.29
N ALA O 957 44.69 -84.50 37.67
CA ALA O 957 44.34 -85.92 37.71
C ALA O 957 43.25 -86.19 38.75
N THR O 958 43.38 -85.58 39.93
CA THR O 958 42.35 -85.74 40.95
C THR O 958 41.02 -85.16 40.49
N ALA O 959 41.07 -84.04 39.76
CA ALA O 959 39.84 -83.46 39.24
C ALA O 959 39.15 -84.40 38.24
N ILE O 960 39.92 -85.00 37.35
CA ILE O 960 39.33 -85.93 36.39
C ILE O 960 38.72 -87.13 37.10
N GLU O 961 39.44 -87.68 38.09
CA GLU O 961 38.92 -88.82 38.84
C GLU O 961 37.65 -88.45 39.60
N LEU O 962 37.64 -87.28 40.24
CA LEU O 962 36.45 -86.84 40.96
C LEU O 962 35.27 -86.63 40.02
N GLY O 963 35.52 -86.07 38.84
CA GLY O 963 34.44 -85.89 37.88
C GLY O 963 33.84 -87.21 37.43
N GLU O 964 34.70 -88.19 37.11
CA GLU O 964 34.19 -89.49 36.70
C GLU O 964 33.45 -90.18 37.84
N ALA O 965 33.91 -89.97 39.08
CA ALA O 965 33.23 -90.59 40.21
C ALA O 965 31.88 -89.94 40.50
N LEU O 966 31.80 -88.62 40.33
CA LEU O 966 30.55 -87.92 40.62
C LEU O 966 29.51 -88.16 39.54
N ALA O 967 29.91 -88.12 38.27
CA ALA O 967 28.95 -88.23 37.18
C ALA O 967 28.27 -89.61 37.20
N LEU O 968 29.05 -90.67 37.28
CA LEU O 968 28.53 -92.03 37.39
C LEU O 968 28.79 -92.52 38.81
N ASN O 969 27.74 -92.94 39.50
CA ASN O 969 27.88 -93.32 40.90
C ASN O 969 28.83 -94.49 41.04
N ILE O 970 30.04 -94.21 41.51
CA ILE O 970 31.07 -95.22 41.72
C ILE O 970 31.70 -94.96 43.08
N ASN O 971 31.50 -95.88 44.01
CA ASN O 971 32.13 -95.81 45.32
C ASN O 971 33.43 -96.59 45.26
N ARG O 972 34.55 -95.88 45.17
CA ARG O 972 35.85 -96.50 44.96
C ARG O 972 36.40 -97.16 46.23
N ALA O 973 35.75 -96.96 47.37
CA ALA O 973 36.17 -97.65 48.57
C ALA O 973 35.92 -99.15 48.48
N THR O 974 35.04 -99.57 47.58
CA THR O 974 34.82 -101.00 47.37
C THR O 974 35.99 -101.65 46.67
N ASN O 975 36.76 -100.87 45.90
CA ASN O 975 37.91 -101.36 45.15
C ASN O 975 39.11 -100.47 45.47
N PRO O 976 39.73 -100.62 46.64
CA PRO O 976 40.93 -99.84 46.95
C PRO O 976 42.10 -100.29 46.07
N PRO O 977 43.09 -99.43 45.88
CA PRO O 977 44.23 -99.80 45.03
C PRO O 977 45.10 -100.85 45.70
N ASP O 978 46.16 -101.23 44.98
CA ASP O 978 47.10 -102.22 45.52
C ASP O 978 47.73 -101.74 46.81
N TRP O 979 48.18 -100.49 46.84
CA TRP O 979 48.66 -99.90 48.08
C TRP O 979 47.48 -99.59 49.00
N SER O 980 47.80 -99.10 50.19
CA SER O 980 46.86 -98.83 51.28
C SER O 980 46.35 -100.13 51.89
N TYR O 981 46.70 -101.27 51.27
CA TYR O 981 46.59 -102.54 51.95
C TYR O 981 47.82 -102.80 52.81
N LEU O 982 48.98 -102.34 52.34
CA LEU O 982 50.23 -102.50 53.07
C LEU O 982 50.28 -101.55 54.25
N ARG O 983 51.08 -101.92 55.24
CA ARG O 983 51.25 -101.14 56.46
C ARG O 983 52.74 -100.90 56.69
N PRO O 984 53.10 -99.87 57.44
CA PRO O 984 54.51 -99.62 57.74
C PRO O 984 55.12 -100.79 58.49
N PRO O 985 56.40 -101.09 58.25
CA PRO O 985 57.07 -102.17 58.99
C PRO O 985 57.00 -101.98 60.49
N ALA O 986 56.83 -103.09 61.22
CA ALA O 986 56.44 -103.00 62.62
C ALA O 986 57.52 -102.32 63.48
N ASN O 987 58.75 -102.80 63.39
CA ASN O 987 59.79 -102.35 64.32
C ASN O 987 61.10 -102.11 63.58
N LEU O 988 61.72 -100.96 63.86
CA LEU O 988 63.07 -100.65 63.40
C LEU O 988 63.98 -100.51 64.62
N GLN O 989 65.12 -101.19 64.58
CA GLN O 989 66.10 -101.12 65.65
C GLN O 989 67.50 -101.24 65.06
N GLY O 990 68.36 -100.29 65.38
CA GLY O 990 69.71 -100.30 64.85
C GLY O 990 70.69 -100.99 65.78
N ARG O 991 71.62 -101.72 65.16
CA ARG O 991 72.59 -102.51 65.88
C ARG O 991 73.96 -102.33 65.24
N LYS O 992 74.92 -101.85 66.00
CA LYS O 992 76.30 -101.73 65.52
C LYS O 992 77.05 -102.99 65.93
N LEU O 993 77.38 -103.83 64.96
CA LEU O 993 78.04 -105.09 65.23
C LEU O 993 79.47 -104.87 65.71
N ALA O 994 80.10 -105.97 66.12
CA ALA O 994 81.49 -105.90 66.56
C ALA O 994 82.42 -105.50 65.42
N THR O 995 82.14 -105.97 64.20
CA THR O 995 82.97 -105.64 63.05
C THR O 995 82.80 -104.21 62.57
N ARG O 996 82.13 -103.36 63.36
CA ARG O 996 81.86 -101.94 63.12
C ARG O 996 80.80 -101.73 62.04
N ASP O 997 80.16 -102.79 61.55
CA ASP O 997 79.04 -102.63 60.64
C ASP O 997 77.78 -102.26 61.42
N ILE O 998 76.75 -101.85 60.68
CA ILE O 998 75.45 -101.51 61.25
C ILE O 998 74.39 -102.39 60.58
N LYS O 999 73.52 -102.98 61.39
CA LYS O 999 72.49 -103.90 60.91
C LYS O 999 71.16 -103.53 61.54
N MET O 1000 70.08 -103.73 60.80
CA MET O 1000 68.73 -103.50 61.30
C MET O 1000 67.84 -104.72 61.09
N THR O 1001 66.83 -104.84 61.95
CA THR O 1001 65.94 -105.99 61.94
C THR O 1001 64.51 -105.50 61.81
N TRP O 1002 63.70 -106.24 61.04
CA TRP O 1002 62.32 -105.87 60.76
C TRP O 1002 61.42 -107.04 61.12
N ASP O 1003 60.29 -106.75 61.77
CA ASP O 1003 59.30 -107.78 62.00
C ASP O 1003 58.61 -108.13 60.70
N ASN O 1004 58.33 -109.43 60.52
CA ASN O 1004 57.77 -109.94 59.28
C ASN O 1004 56.29 -110.25 59.47
N ARG O 1005 55.46 -109.72 58.57
CA ARG O 1005 54.03 -109.98 58.64
C ARG O 1005 53.68 -111.34 58.03
N ALA O 1006 54.64 -111.95 57.32
CA ALA O 1006 54.53 -113.23 56.62
C ALA O 1006 53.58 -113.16 55.44
N GLY O 1007 52.94 -112.02 55.18
CA GLY O 1007 52.10 -111.90 54.01
C GLY O 1007 52.85 -111.35 52.80
N ILE O 1008 54.01 -110.75 53.04
CA ILE O 1008 54.80 -110.11 51.99
C ILE O 1008 56.21 -110.69 52.04
N THR O 1009 56.88 -110.73 50.88
CA THR O 1009 58.19 -111.37 50.83
C THR O 1009 59.30 -110.37 50.46
N HIS O 1010 58.94 -109.24 49.86
CA HIS O 1010 59.92 -108.23 49.45
C HIS O 1010 59.72 -106.94 50.24
N TRP O 1011 60.80 -106.17 50.36
CA TRP O 1011 60.79 -104.85 50.98
C TRP O 1011 61.64 -103.89 50.17
N LYS O 1012 61.38 -102.60 50.33
CA LYS O 1012 62.18 -101.55 49.71
C LYS O 1012 62.76 -100.63 50.78
N TYR O 1013 63.96 -100.13 50.52
CA TYR O 1013 64.67 -99.35 51.51
C TYR O 1013 65.30 -98.12 50.86
N ALA O 1014 65.61 -97.14 51.69
CA ALA O 1014 66.30 -95.93 51.25
C ALA O 1014 67.23 -95.47 52.37
N ASN O 1015 68.49 -95.23 52.01
CA ASN O 1015 69.50 -94.79 52.96
C ASN O 1015 70.02 -93.43 52.53
N ARG O 1016 70.13 -92.51 53.48
CA ARG O 1016 70.45 -91.12 53.18
C ARG O 1016 71.64 -90.66 54.01
N HIS O 1017 72.27 -89.59 53.53
CA HIS O 1017 73.29 -88.90 54.29
C HIS O 1017 72.66 -88.23 55.50
N VAL O 1018 73.50 -87.88 56.48
CA VAL O 1018 72.99 -87.31 57.71
C VAL O 1018 72.96 -85.78 57.62
N THR O 1019 74.09 -85.17 57.30
CA THR O 1019 74.15 -83.72 57.24
C THR O 1019 73.27 -83.17 56.12
N THR O 1020 73.29 -83.83 54.96
CA THR O 1020 72.46 -83.44 53.83
C THR O 1020 71.44 -84.54 53.55
N GLY O 1021 70.57 -84.29 52.58
CA GLY O 1021 69.59 -85.26 52.18
C GLY O 1021 70.03 -86.20 51.07
N ALA O 1022 71.31 -86.16 50.69
CA ALA O 1022 71.79 -86.98 49.60
C ALA O 1022 71.57 -88.46 49.88
N GLU O 1023 71.16 -89.19 48.86
CA GLU O 1023 70.83 -90.60 48.99
C GLU O 1023 72.06 -91.43 48.68
N ILE O 1024 72.52 -92.21 49.67
CA ILE O 1024 73.71 -93.03 49.48
C ILE O 1024 73.41 -94.22 48.57
N SER O 1025 72.33 -94.92 48.86
CA SER O 1025 71.97 -96.11 48.09
C SER O 1025 70.50 -96.43 48.28
N SER O 1026 69.95 -97.21 47.36
CA SER O 1026 68.57 -97.65 47.43
C SER O 1026 68.38 -98.88 46.57
N GLY O 1027 67.28 -99.58 46.81
CA GLY O 1027 66.99 -100.78 46.05
C GLY O 1027 65.94 -101.62 46.76
N ILE O 1028 65.78 -102.85 46.28
CA ILE O 1028 64.85 -103.81 46.85
C ILE O 1028 65.65 -105.00 47.35
N LEU O 1029 65.32 -105.46 48.56
CA LEU O 1029 66.00 -106.58 49.19
C LEU O 1029 64.96 -107.58 49.65
N THR O 1030 65.29 -108.87 49.52
CA THR O 1030 64.34 -109.96 49.76
C THR O 1030 64.42 -110.51 51.17
N SER O 1031 65.23 -109.92 52.05
CA SER O 1031 65.41 -110.41 53.41
C SER O 1031 65.13 -109.29 54.41
N PRO O 1032 64.68 -109.64 55.62
CA PRO O 1032 64.28 -108.62 56.59
C PRO O 1032 65.43 -107.89 57.27
N GLU O 1033 66.67 -108.03 56.80
CA GLU O 1033 67.79 -107.35 57.42
C GLU O 1033 68.65 -106.67 56.36
N TYR O 1034 69.28 -105.57 56.75
CA TYR O 1034 70.19 -104.82 55.89
C TYR O 1034 71.44 -104.49 56.68
N VAL O 1035 72.61 -104.74 56.07
CA VAL O 1035 73.90 -104.55 56.72
C VAL O 1035 74.64 -103.44 55.99
N PHE O 1036 74.99 -102.38 56.72
CA PHE O 1036 75.64 -101.21 56.14
C PHE O 1036 77.12 -101.25 56.52
N THR O 1037 77.95 -101.81 55.64
CA THR O 1037 79.31 -102.17 55.98
C THR O 1037 80.17 -100.94 56.24
N LEU O 1038 81.32 -101.17 56.87
CA LEU O 1038 82.22 -100.06 57.21
C LEU O 1038 82.87 -99.49 55.97
N ASN O 1039 83.02 -100.29 54.92
CA ASN O 1039 83.54 -99.76 53.66
C ASN O 1039 82.60 -98.71 53.08
N ASP O 1040 81.29 -98.94 53.15
CA ASP O 1040 80.33 -97.94 52.70
C ASP O 1040 80.37 -96.71 53.59
N GLN O 1041 80.57 -96.90 54.89
CA GLN O 1041 80.71 -95.75 55.79
C GLN O 1041 81.92 -94.92 55.43
N GLN O 1042 83.03 -95.58 55.08
CA GLN O 1042 84.24 -94.86 54.71
C GLN O 1042 84.09 -94.20 53.34
N ASN O 1043 83.30 -94.80 52.46
CA ASN O 1043 83.04 -94.18 51.17
C ASN O 1043 82.19 -92.92 51.31
N ALA O 1044 81.14 -92.99 52.13
CA ALA O 1044 80.28 -91.83 52.31
C ALA O 1044 80.91 -90.81 53.25
N TYR O 1045 81.23 -91.23 54.46
CA TYR O 1045 81.86 -90.38 55.46
C TYR O 1045 83.35 -90.69 55.52
N ASN O 1046 84.15 -89.70 55.89
CA ASN O 1046 85.59 -89.94 55.99
C ASN O 1046 85.92 -90.91 57.12
N GLY O 1047 85.00 -91.09 58.05
CA GLY O 1047 85.19 -92.05 59.14
C GLY O 1047 83.93 -92.81 59.48
N ASP O 1048 84.07 -93.90 60.25
CA ASP O 1048 82.91 -94.66 60.69
C ASP O 1048 82.02 -93.80 61.59
N THR O 1049 80.71 -94.06 61.52
CA THR O 1049 79.72 -93.21 62.16
C THR O 1049 78.89 -94.00 63.17
N LEU O 1050 78.21 -93.25 64.04
CA LEU O 1050 77.25 -93.79 64.99
C LEU O 1050 75.86 -93.23 64.73
N ASN O 1051 75.67 -92.62 63.56
CA ASN O 1051 74.43 -91.93 63.22
C ASN O 1051 73.90 -92.49 61.91
N MET O 1052 72.58 -92.52 61.77
CA MET O 1052 71.97 -93.04 60.56
C MET O 1052 70.55 -92.51 60.42
N SER O 1053 70.10 -92.37 59.17
CA SER O 1053 68.72 -92.05 58.84
C SER O 1053 68.24 -93.05 57.79
N PHE O 1054 67.29 -93.89 58.16
CA PHE O 1054 66.88 -95.03 57.35
C PHE O 1054 65.37 -95.03 57.17
N SER O 1055 64.92 -95.38 55.96
CA SER O 1055 63.50 -95.47 55.65
C SER O 1055 63.26 -96.75 54.87
N VAL O 1056 62.28 -97.54 55.31
CA VAL O 1056 61.98 -98.84 54.71
C VAL O 1056 60.49 -98.96 54.52
N SER O 1057 60.09 -99.54 53.39
CA SER O 1057 58.70 -99.81 53.07
C SER O 1057 58.59 -101.17 52.40
N GLU O 1058 57.43 -101.81 52.57
CA GLU O 1058 57.20 -103.14 52.03
C GLU O 1058 56.65 -103.04 50.60
N TYR O 1059 57.15 -103.91 49.73
CA TYR O 1059 56.99 -103.78 48.29
C TYR O 1059 56.48 -105.10 47.71
N ALA O 1060 55.67 -104.99 46.66
CA ALA O 1060 55.06 -106.15 46.01
C ALA O 1060 55.72 -106.36 44.65
N ALA O 1061 56.13 -107.60 44.37
CA ALA O 1061 56.87 -107.88 43.15
C ALA O 1061 55.96 -107.88 41.92
N ASP O 1062 54.76 -108.46 42.04
CA ASP O 1062 53.90 -108.63 40.87
C ASP O 1062 53.49 -107.28 40.27
N SER O 1063 53.11 -106.33 41.11
CA SER O 1063 52.76 -104.99 40.69
C SER O 1063 53.56 -103.99 41.51
N GLY O 1064 54.18 -103.03 40.83
CA GLY O 1064 54.97 -102.03 41.54
C GLY O 1064 54.13 -101.26 42.53
N ALA O 1065 54.33 -101.54 43.81
CA ALA O 1065 53.55 -100.91 44.87
C ALA O 1065 54.46 -100.61 46.04
N VAL O 1066 54.35 -99.40 46.58
CA VAL O 1066 55.11 -98.98 47.75
C VAL O 1066 54.12 -98.45 48.78
N GLY O 1067 54.12 -99.06 49.96
CA GLY O 1067 53.24 -98.64 51.03
C GLY O 1067 53.85 -97.57 51.89
N ALA O 1068 53.34 -97.45 53.12
CA ALA O 1068 53.90 -96.50 54.06
C ALA O 1068 55.30 -96.94 54.49
N SER O 1069 56.12 -95.97 54.86
CA SER O 1069 57.51 -96.21 55.21
C SER O 1069 57.76 -95.82 56.66
N SER O 1070 58.59 -96.60 57.32
CA SER O 1070 58.99 -96.34 58.71
C SER O 1070 60.39 -95.73 58.70
N SER O 1071 60.56 -94.64 59.44
CA SER O 1071 61.80 -93.88 59.43
C SER O 1071 62.46 -93.93 60.80
N PHE O 1072 63.77 -94.17 60.81
CA PHE O 1072 64.59 -94.17 62.02
C PHE O 1072 65.74 -93.21 61.81
N VAL O 1073 65.89 -92.23 62.70
CA VAL O 1073 66.90 -91.20 62.55
C VAL O 1073 67.83 -91.10 63.75
N GLY O 1074 67.57 -91.84 64.82
CA GLY O 1074 68.38 -91.75 66.01
C GLY O 1074 69.68 -92.51 65.91
N VAL O 1075 70.46 -92.45 67.00
CA VAL O 1075 71.71 -93.18 67.06
C VAL O 1075 71.43 -94.67 67.18
N VAL O 1076 72.40 -95.48 66.78
CA VAL O 1076 72.29 -96.93 66.89
C VAL O 1076 72.49 -97.33 68.34
N GLN O 1077 72.21 -98.60 68.66
CA GLN O 1077 72.28 -99.07 70.04
C GLN O 1077 73.68 -98.98 70.65
N ASN O 1078 74.69 -98.60 69.87
CA ASN O 1078 76.00 -98.20 70.38
C ASN O 1078 76.62 -99.36 71.14
N GLY O 1079 76.93 -99.22 72.43
CA GLY O 1079 77.68 -100.23 73.16
C GLY O 1079 79.13 -99.88 73.41
N SER O 1080 79.48 -98.58 73.40
CA SER O 1080 80.88 -98.19 73.46
C SER O 1080 81.37 -98.01 74.89
N TYR O 1081 80.49 -98.12 75.89
CA TYR O 1081 80.91 -97.91 77.26
C TYR O 1081 81.88 -98.99 77.71
N MET O 1082 81.67 -100.23 77.27
CA MET O 1082 82.65 -101.28 77.53
C MET O 1082 83.89 -101.07 76.67
N GLN O 1083 85.04 -101.50 77.19
CA GLN O 1083 86.29 -101.40 76.47
C GLN O 1083 86.47 -102.63 75.59
N THR O 1084 87.68 -102.81 75.04
CA THR O 1084 87.98 -103.91 74.15
C THR O 1084 89.25 -104.63 74.61
N PRO O 1085 89.36 -105.93 74.34
CA PRO O 1085 90.61 -106.65 74.67
C PRO O 1085 91.80 -106.02 73.97
N THR O 1086 92.92 -105.93 74.70
CA THR O 1086 94.06 -105.17 74.22
C THR O 1086 94.90 -105.98 73.24
N GLN O 1087 95.48 -107.08 73.70
CA GLN O 1087 96.40 -107.88 72.89
C GLN O 1087 95.85 -109.28 72.75
N LEU O 1088 95.94 -109.84 71.54
CA LEU O 1088 95.45 -111.17 71.25
C LEU O 1088 96.53 -111.94 70.52
N LYS O 1089 96.67 -113.23 70.84
CA LYS O 1089 97.65 -114.09 70.21
C LYS O 1089 97.05 -115.47 69.96
N ALA O 1090 97.48 -116.10 68.87
CA ALA O 1090 97.10 -117.47 68.55
C ALA O 1090 98.36 -118.27 68.28
N ALA O 1091 98.53 -119.37 69.01
CA ALA O 1091 99.75 -120.17 68.94
C ALA O 1091 99.40 -121.62 68.67
N LYS O 1092 100.09 -122.21 67.69
CA LYS O 1092 99.96 -123.63 67.43
C LYS O 1092 100.72 -124.42 68.50
N GLN O 1093 100.29 -125.67 68.71
CA GLN O 1093 100.88 -126.51 69.73
C GLN O 1093 101.30 -127.84 69.09
N LEU O 1094 102.27 -128.50 69.74
CA LEU O 1094 102.77 -129.77 69.22
C LEU O 1094 101.66 -130.81 69.17
N ASN O 1095 100.71 -130.75 70.10
CA ASN O 1095 99.55 -131.63 70.04
C ASN O 1095 98.71 -131.34 68.81
N GLY O 1096 98.75 -130.10 68.32
CA GLY O 1096 97.92 -129.67 67.22
C GLY O 1096 96.83 -128.69 67.61
N ASP O 1097 96.60 -128.48 68.91
CA ASP O 1097 95.60 -127.53 69.35
C ASP O 1097 96.11 -126.10 69.16
N ILE O 1098 95.17 -125.17 69.13
CA ILE O 1098 95.46 -123.74 69.00
C ILE O 1098 94.96 -123.03 70.25
N ILE O 1099 95.82 -122.21 70.84
CA ILE O 1099 95.53 -121.54 72.10
C ILE O 1099 95.38 -120.05 71.82
N PHE O 1100 94.19 -119.51 72.07
CA PHE O 1100 93.90 -118.09 71.93
C PHE O 1100 93.90 -117.46 73.31
N THR O 1101 94.71 -116.43 73.50
CA THR O 1101 94.81 -115.71 74.77
C THR O 1101 94.67 -114.22 74.53
N TRP O 1102 93.92 -113.56 75.40
CA TRP O 1102 93.72 -112.12 75.33
C TRP O 1102 93.68 -111.54 76.74
N VAL O 1103 93.97 -110.25 76.83
CA VAL O 1103 94.02 -109.52 78.10
C VAL O 1103 92.76 -108.67 78.20
N GLY O 1104 92.02 -108.83 79.31
CA GLY O 1104 90.80 -108.09 79.51
C GLY O 1104 90.78 -107.43 80.87
N ARG O 1105 89.80 -106.54 81.05
CA ARG O 1105 89.66 -105.84 82.31
C ARG O 1105 89.25 -106.82 83.41
N PRO O 1106 89.78 -106.67 84.62
CA PRO O 1106 89.37 -107.58 85.71
C PRO O 1106 87.88 -107.51 86.03
N SER O 1107 87.28 -106.31 85.91
CA SER O 1107 85.87 -106.16 86.24
C SER O 1107 84.99 -106.94 85.26
N TRP O 1108 85.28 -106.85 83.97
CA TRP O 1108 84.47 -107.47 82.93
C TRP O 1108 85.11 -108.78 82.50
N GLN O 1109 84.49 -109.89 82.91
CA GLN O 1109 84.94 -111.22 82.53
C GLN O 1109 83.97 -111.92 81.61
N HIS O 1110 83.08 -111.18 80.96
CA HIS O 1110 82.20 -111.77 79.95
C HIS O 1110 82.68 -111.40 78.56
N PHE O 1111 82.86 -112.41 77.71
CA PHE O 1111 83.42 -112.20 76.39
C PHE O 1111 82.60 -112.97 75.36
N TRP O 1112 82.63 -112.48 74.12
CA TRP O 1112 82.01 -113.14 72.98
C TRP O 1112 83.07 -113.41 71.93
N VAL O 1113 83.11 -114.63 71.40
CA VAL O 1113 84.15 -115.06 70.47
C VAL O 1113 83.49 -115.48 69.17
N VAL O 1114 84.11 -115.13 68.05
CA VAL O 1114 83.63 -115.47 66.71
C VAL O 1114 84.81 -116.02 65.92
N ASN O 1115 84.58 -117.12 65.22
CA ASN O 1115 85.59 -117.75 64.37
C ASN O 1115 85.04 -117.93 62.96
N THR O 1116 85.89 -117.76 61.96
CA THR O 1116 85.46 -117.85 60.57
C THR O 1116 86.42 -118.74 59.80
N SER O 1117 85.88 -119.38 58.75
CA SER O 1117 86.69 -120.25 57.91
C SER O 1117 87.66 -119.44 57.07
N VAL O 1118 88.82 -120.02 56.78
CA VAL O 1118 89.82 -119.34 55.98
C VAL O 1118 89.50 -119.49 54.49
N ASN O 1119 88.77 -120.54 54.13
CA ASN O 1119 88.47 -120.77 52.71
C ASN O 1119 87.48 -119.76 52.18
N ASP O 1120 86.40 -119.51 52.93
CA ASP O 1120 85.31 -118.65 52.46
C ASP O 1120 85.21 -117.33 53.18
N SER O 1121 85.72 -117.23 54.40
CA SER O 1121 85.69 -116.04 55.25
C SER O 1121 84.27 -115.64 55.64
N LYS O 1122 83.29 -116.54 55.52
CA LYS O 1122 81.91 -116.23 55.89
C LYS O 1122 81.23 -117.36 56.65
N THR O 1123 81.92 -118.47 56.92
CA THR O 1123 81.24 -119.64 57.47
C THR O 1123 80.83 -119.42 58.93
N VAL O 1124 81.55 -118.54 59.64
CA VAL O 1124 81.22 -118.04 60.97
C VAL O 1124 80.83 -119.17 61.93
N ILE O 1125 81.64 -120.22 61.96
CA ILE O 1125 81.47 -121.30 62.93
C ILE O 1125 81.90 -120.83 64.31
N PHE O 1126 81.60 -121.62 65.33
CA PHE O 1126 82.23 -121.47 66.65
C PHE O 1126 81.98 -120.07 67.22
N SER O 1127 80.70 -119.73 67.39
CA SER O 1127 80.29 -118.44 67.91
C SER O 1127 79.53 -118.65 69.21
N LYS O 1128 80.12 -118.19 70.31
CA LYS O 1128 79.52 -118.34 71.63
C LYS O 1128 80.25 -117.41 72.60
N GLU O 1129 79.86 -117.50 73.87
CA GLU O 1129 80.47 -116.68 74.91
C GLU O 1129 81.33 -117.54 75.81
N TRP O 1130 82.48 -117.01 76.23
CA TRP O 1130 83.39 -117.67 77.16
C TRP O 1130 83.83 -116.67 78.21
N SER O 1131 83.69 -117.05 79.48
CA SER O 1131 84.17 -116.20 80.56
C SER O 1131 85.68 -116.35 80.75
N SER O 1132 86.22 -117.52 80.45
CA SER O 1132 87.65 -117.75 80.59
C SER O 1132 88.42 -116.93 79.57
N GLU O 1133 89.54 -116.35 80.01
CA GLU O 1133 90.34 -115.52 79.12
C GLU O 1133 91.06 -116.34 78.06
N SER O 1134 91.49 -117.54 78.42
CA SER O 1134 92.22 -118.41 77.51
C SER O 1134 91.27 -119.46 76.94
N LEU O 1135 91.42 -119.76 75.66
CA LEU O 1135 90.59 -120.74 74.97
C LEU O 1135 91.46 -121.80 74.32
N THR O 1136 91.08 -123.07 74.51
CA THR O 1136 91.72 -124.21 73.86
C THR O 1136 90.74 -124.77 72.84
N TRP O 1137 91.12 -124.74 71.57
CA TRP O 1137 90.16 -125.06 70.51
C TRP O 1137 90.29 -126.52 70.06
N THR O 1138 91.30 -127.22 70.59
CA THR O 1138 91.41 -128.69 70.52
C THR O 1138 91.49 -129.11 69.06
N VAL O 1139 90.73 -130.13 68.62
CA VAL O 1139 90.91 -130.71 67.30
C VAL O 1139 89.63 -130.65 66.46
N ALA O 1140 88.77 -129.65 66.70
CA ALA O 1140 87.55 -129.53 65.90
C ALA O 1140 87.88 -129.27 64.42
N GLU O 1141 89.07 -128.74 64.15
CA GLU O 1141 89.45 -128.46 62.76
C GLU O 1141 89.49 -129.73 61.92
N GLN O 1142 90.04 -130.81 62.47
CA GLN O 1142 90.24 -132.03 61.68
C GLN O 1142 88.91 -132.73 61.42
N ASN O 1143 87.90 -132.45 62.25
CA ASN O 1143 86.66 -133.21 62.22
C ASN O 1143 85.51 -132.35 61.68
N GLU O 1144 84.87 -132.84 60.62
CA GLU O 1144 83.57 -132.35 60.16
C GLU O 1144 83.64 -130.97 59.52
N PHE O 1145 84.80 -130.31 59.57
CA PHE O 1145 84.90 -129.00 58.94
C PHE O 1145 85.88 -129.02 57.77
N TYR O 1146 87.11 -129.46 58.00
CA TYR O 1146 88.10 -129.58 56.95
C TYR O 1146 88.27 -131.05 56.60
N GLY O 1147 88.41 -131.34 55.31
CA GLY O 1147 88.62 -132.71 54.89
C GLY O 1147 89.92 -133.30 55.37
N LEU O 1148 90.84 -132.44 55.84
CA LEU O 1148 92.10 -132.92 56.39
C LEU O 1148 91.85 -133.77 57.63
N GLU O 1149 92.52 -134.93 57.69
CA GLU O 1149 92.29 -135.86 58.79
C GLU O 1149 93.19 -135.57 59.98
N GLU O 1150 94.46 -135.24 59.72
CA GLU O 1150 95.43 -135.02 60.77
C GLU O 1150 96.20 -133.71 60.66
N GLY O 1151 96.20 -133.07 59.48
CA GLY O 1151 96.97 -131.85 59.33
C GLY O 1151 96.45 -130.70 60.16
N GLY O 1152 95.14 -130.50 60.18
CA GLY O 1152 94.56 -129.35 60.83
C GLY O 1152 94.68 -128.10 59.98
N ALA O 1153 94.33 -126.96 60.58
CA ALA O 1153 94.35 -125.67 59.90
C ALA O 1153 95.42 -124.79 60.52
N THR O 1154 96.39 -124.37 59.71
CA THR O 1154 97.44 -123.47 60.20
C THR O 1154 96.92 -122.05 60.35
N HIS O 1155 96.14 -121.58 59.36
CA HIS O 1155 95.65 -120.22 59.39
C HIS O 1155 94.36 -120.12 60.19
N VAL O 1156 94.21 -119.02 60.93
CA VAL O 1156 93.05 -118.80 61.78
C VAL O 1156 92.54 -117.38 61.58
N ILE O 1157 91.25 -117.17 61.85
CA ILE O 1157 90.65 -115.84 61.95
C ILE O 1157 89.79 -115.83 63.20
N PHE O 1158 90.26 -115.12 64.22
CA PHE O 1158 89.59 -115.08 65.53
C PHE O 1158 89.26 -113.64 65.88
N MET O 1159 88.17 -113.47 66.64
CA MET O 1159 87.73 -112.14 67.05
C MET O 1159 86.97 -112.26 68.35
N VAL O 1160 87.44 -111.54 69.38
CA VAL O 1160 86.85 -111.60 70.71
C VAL O 1160 86.41 -110.20 71.08
N SER O 1161 85.37 -110.09 71.90
CA SER O 1161 84.82 -108.82 72.31
C SER O 1161 84.05 -108.97 73.61
N GLU O 1162 84.00 -107.90 74.39
CA GLU O 1162 83.25 -107.92 75.64
C GLU O 1162 81.76 -108.05 75.36
N TYR O 1163 81.07 -108.75 76.25
CA TYR O 1163 79.66 -109.07 76.06
C TYR O 1163 78.88 -108.70 77.32
N ASP O 1164 77.65 -108.23 77.12
CA ASP O 1164 76.74 -107.91 78.20
C ASP O 1164 75.64 -108.96 78.26
N PRO O 1165 75.56 -109.75 79.33
CA PRO O 1165 74.52 -110.80 79.37
C PRO O 1165 73.10 -110.24 79.30
N SER O 1166 72.85 -109.07 79.87
CA SER O 1166 71.50 -108.54 79.92
C SER O 1166 71.09 -107.88 78.61
N ASN O 1167 71.81 -106.81 78.23
CA ASN O 1167 71.44 -106.08 77.03
C ASN O 1167 71.79 -106.85 75.76
N GLY O 1168 72.92 -107.55 75.77
CA GLY O 1168 73.42 -108.17 74.56
C GLY O 1168 74.37 -107.31 73.75
N LEU O 1169 74.68 -106.10 74.22
CA LEU O 1169 75.57 -105.22 73.49
C LEU O 1169 76.98 -105.79 73.43
N VAL O 1170 77.69 -105.46 72.36
CA VAL O 1170 79.01 -106.03 72.08
C VAL O 1170 79.96 -104.90 71.70
N SER O 1171 81.16 -104.95 72.26
CA SER O 1171 82.18 -103.94 72.00
C SER O 1171 82.81 -104.17 70.62
N ILE O 1172 83.80 -103.34 70.29
CA ILE O 1172 84.41 -103.39 68.96
C ILE O 1172 85.20 -104.68 68.78
N GLY O 1173 86.04 -105.01 69.74
CA GLY O 1173 86.79 -106.25 69.69
C GLY O 1173 88.09 -106.12 68.92
N ALA O 1174 88.85 -107.22 68.94
CA ALA O 1174 90.14 -107.31 68.25
C ALA O 1174 90.19 -108.60 67.46
N GLN O 1175 91.02 -108.60 66.43
CA GLN O 1175 91.09 -109.72 65.49
C GLN O 1175 92.53 -110.17 65.30
N VAL O 1176 92.70 -111.44 64.93
CA VAL O 1176 93.98 -111.99 64.53
C VAL O 1176 93.79 -112.68 63.18
N THR O 1177 94.79 -112.54 62.30
CA THR O 1177 94.74 -113.16 61.00
C THR O 1177 96.16 -113.47 60.55
N GLY O 1178 96.36 -114.68 60.04
CA GLY O 1178 97.65 -115.08 59.53
C GLY O 1178 97.86 -116.56 59.69
N GLN O 1179 99.13 -116.94 59.80
CA GLN O 1179 99.54 -118.33 59.89
C GLN O 1179 99.58 -118.83 61.34
N ALA O 1180 99.23 -117.95 62.28
CA ALA O 1180 99.40 -118.19 63.72
C ALA O 1180 100.88 -118.33 64.04
N GLU O 1181 101.21 -119.00 65.14
CA GLU O 1181 102.59 -119.10 65.59
C GLU O 1181 103.01 -120.57 65.64
N GLN O 1182 104.01 -120.92 64.83
CA GLN O 1182 104.54 -122.27 64.86
C GLN O 1182 105.25 -122.51 66.18
N PRO O 1183 105.22 -123.73 66.71
CA PRO O 1183 105.78 -123.97 68.05
C PRO O 1183 107.29 -124.13 68.02
N SER O 1184 107.94 -123.74 69.12
CA SER O 1184 109.37 -123.88 69.24
C SER O 1184 109.76 -125.36 69.33
N ASN O 1185 110.93 -125.68 68.77
CA ASN O 1185 111.40 -127.05 68.62
C ASN O 1185 110.33 -127.92 67.93
N PRO O 1186 109.97 -127.60 66.68
CA PRO O 1186 108.89 -128.33 66.03
C PRO O 1186 109.28 -129.77 65.75
N MET O 1187 108.29 -130.66 65.81
CA MET O 1187 108.53 -132.06 65.52
C MET O 1187 108.81 -132.25 64.04
N ASN O 1188 109.70 -133.18 63.72
CA ASN O 1188 110.12 -133.41 62.35
C ASN O 1188 109.50 -134.69 61.81
N PRO O 1189 108.94 -134.67 60.60
CA PRO O 1189 108.43 -135.91 60.02
C PRO O 1189 109.54 -136.94 59.84
N VAL O 1190 109.15 -138.22 59.93
CA VAL O 1190 110.13 -139.29 59.84
C VAL O 1190 110.82 -139.24 58.47
N ALA O 1191 112.15 -139.30 58.50
CA ALA O 1191 112.96 -139.20 57.29
C ALA O 1191 113.84 -140.42 57.16
N GLY O 1192 114.32 -140.65 55.95
CA GLY O 1192 115.11 -141.85 55.68
C GLY O 1192 114.36 -143.14 55.87
N LEU O 1193 113.07 -143.17 55.55
CA LEU O 1193 112.21 -144.31 55.82
C LEU O 1193 112.08 -145.18 54.58
N TYR O 1194 112.48 -146.44 54.69
CA TYR O 1194 112.35 -147.40 53.61
C TYR O 1194 112.28 -148.80 54.19
N ALA O 1195 111.52 -149.66 53.51
CA ALA O 1195 111.37 -151.05 53.96
C ALA O 1195 112.69 -151.78 53.79
N VAL O 1196 113.27 -152.21 54.90
CA VAL O 1196 114.59 -152.85 54.92
C VAL O 1196 114.34 -154.36 54.92
N PHE O 1197 114.27 -154.94 53.73
CA PHE O 1197 114.01 -156.37 53.61
C PHE O 1197 115.22 -157.19 54.06
N THR O 1198 114.96 -158.22 54.85
CA THR O 1198 115.99 -159.16 55.27
C THR O 1198 115.94 -160.46 54.45
N GLY O 1199 115.57 -160.36 53.19
CA GLY O 1199 115.45 -161.54 52.35
C GLY O 1199 114.65 -161.21 51.10
N ASP O 1200 113.76 -162.13 50.74
CA ASP O 1200 112.85 -161.88 49.62
C ASP O 1200 111.88 -160.76 49.99
N PRO O 1201 111.52 -159.90 49.04
CA PRO O 1201 110.50 -158.88 49.33
C PRO O 1201 109.17 -159.52 49.65
N GLY O 1202 108.64 -159.22 50.83
CA GLY O 1202 107.40 -159.78 51.30
C GLY O 1202 107.54 -161.07 52.09
N ASN O 1203 108.71 -161.69 52.07
CA ASN O 1203 108.97 -162.90 52.84
C ASN O 1203 110.00 -162.68 53.94
N SER O 1204 110.21 -161.42 54.34
CA SER O 1204 111.25 -161.09 55.30
C SER O 1204 110.84 -159.87 56.11
N ASN O 1205 111.56 -159.63 57.20
CA ASN O 1205 111.26 -158.50 58.07
C ASN O 1205 111.63 -157.19 57.39
N ILE O 1206 110.98 -156.11 57.82
CA ILE O 1206 111.28 -154.76 57.37
C ILE O 1206 111.64 -153.93 58.59
N LYS O 1207 112.53 -152.95 58.40
CA LYS O 1207 113.02 -152.12 59.49
C LYS O 1207 112.62 -150.67 59.27
N ILE O 1208 112.08 -150.06 60.32
CA ILE O 1208 111.76 -148.63 60.31
C ILE O 1208 113.00 -147.87 60.74
N MET O 1209 113.64 -147.19 59.79
CA MET O 1209 114.86 -146.44 60.05
C MET O 1209 114.61 -144.95 59.94
N TRP O 1210 115.13 -144.21 60.92
CA TRP O 1210 115.06 -142.75 60.95
C TRP O 1210 116.25 -142.23 61.73
N ASP O 1211 116.56 -140.95 61.50
CA ASP O 1211 117.60 -140.30 62.28
C ASP O 1211 117.02 -139.81 63.60
N LYS O 1212 117.64 -140.20 64.70
CA LYS O 1212 117.13 -139.84 66.02
C LYS O 1212 117.20 -138.33 66.19
N PRO O 1213 116.08 -137.66 66.48
CA PRO O 1213 116.12 -136.20 66.61
C PRO O 1213 116.87 -135.77 67.86
N SER O 1214 117.37 -134.53 67.82
CA SER O 1214 118.08 -133.98 68.97
C SER O 1214 117.16 -133.87 70.18
N VAL O 1215 115.86 -133.74 69.94
CA VAL O 1215 114.91 -133.66 71.05
C VAL O 1215 114.83 -135.01 71.75
N GLY O 1216 115.00 -135.00 73.07
CA GLY O 1216 115.01 -136.25 73.81
C GLY O 1216 113.62 -136.82 74.02
N GLY O 1217 113.57 -138.08 74.39
CA GLY O 1217 112.32 -138.76 74.66
C GLY O 1217 111.39 -138.86 73.46
N ARG O 1218 111.94 -139.19 72.30
CA ARG O 1218 111.16 -139.31 71.07
C ARG O 1218 111.31 -140.71 70.50
N ASP O 1219 110.19 -141.36 70.22
CA ASP O 1219 110.15 -142.67 69.59
C ASP O 1219 109.16 -142.65 68.45
N VAL O 1220 109.34 -143.56 67.50
CA VAL O 1220 108.60 -143.58 66.25
C VAL O 1220 107.66 -144.78 66.24
N ARG O 1221 106.38 -144.53 65.97
CA ARG O 1221 105.40 -145.59 65.86
C ARG O 1221 105.69 -146.45 64.63
N ILE O 1222 105.32 -147.72 64.72
CA ILE O 1222 105.63 -148.70 63.67
C ILE O 1222 104.33 -149.10 62.98
N ARG O 1223 104.25 -148.80 61.68
CA ARG O 1223 103.12 -149.21 60.85
C ARG O 1223 103.56 -149.17 59.40
N ASN O 1224 102.76 -149.79 58.55
CA ASN O 1224 103.05 -149.89 57.13
C ASN O 1224 101.75 -149.76 56.33
N MET O 1225 101.83 -149.14 55.16
CA MET O 1225 100.66 -148.76 54.38
C MET O 1225 100.46 -149.70 53.21
N HIS O 1226 99.21 -150.04 52.94
CA HIS O 1226 98.87 -150.79 51.74
C HIS O 1226 99.04 -149.91 50.51
N VAL O 1227 99.30 -150.53 49.36
CA VAL O 1227 99.55 -149.77 48.13
C VAL O 1227 98.25 -149.11 47.65
N THR O 1228 97.13 -149.84 47.70
CA THR O 1228 95.90 -149.35 47.09
C THR O 1228 95.25 -148.26 47.95
N SER O 1229 95.19 -148.47 49.26
CA SER O 1229 94.40 -147.59 50.12
C SER O 1229 95.16 -147.11 51.36
N SER O 1230 96.44 -147.48 51.51
CA SER O 1230 97.26 -147.07 52.65
C SER O 1230 96.62 -147.47 53.98
N ALA O 1231 96.31 -148.76 54.12
CA ALA O 1231 95.77 -149.27 55.37
C ALA O 1231 96.88 -149.45 56.40
N THR O 1232 96.50 -149.39 57.68
CA THR O 1232 97.45 -149.52 58.78
C THR O 1232 97.57 -150.99 59.16
N ILE O 1233 98.82 -151.47 59.30
CA ILE O 1233 99.04 -152.87 59.62
C ILE O 1233 99.00 -153.08 61.13
N SER O 1234 99.88 -152.40 61.86
CA SER O 1234 99.98 -152.57 63.30
C SER O 1234 100.42 -151.26 63.92
N ASP O 1235 100.55 -151.26 65.25
CA ASP O 1235 100.94 -150.08 66.01
C ASP O 1235 101.73 -150.50 67.23
N GLN O 1236 103.01 -150.13 67.28
CA GLN O 1236 103.84 -150.37 68.45
C GLN O 1236 104.93 -149.31 68.50
N PHE O 1237 105.48 -149.11 69.70
CA PHE O 1237 106.50 -148.09 69.93
C PHE O 1237 107.76 -148.75 70.48
N VAL O 1238 108.87 -148.58 69.76
CA VAL O 1238 110.18 -149.08 70.18
C VAL O 1238 111.19 -147.94 69.99
N SER O 1239 112.02 -147.73 71.01
CA SER O 1239 112.96 -146.60 70.98
C SER O 1239 114.11 -146.85 70.01
N ASP O 1240 114.37 -148.10 69.68
CA ASP O 1240 115.51 -148.44 68.82
C ASP O 1240 115.34 -147.79 67.44
N ASN O 1241 116.44 -147.23 66.93
CA ASN O 1241 116.37 -146.49 65.67
C ASN O 1241 116.01 -147.40 64.50
N ASN O 1242 116.54 -148.62 64.49
CA ASN O 1242 116.20 -149.62 63.48
C ASN O 1242 115.71 -150.88 64.17
N LEU O 1243 114.58 -151.40 63.73
CA LEU O 1243 113.91 -152.49 64.42
C LEU O 1243 113.22 -153.40 63.42
N VAL O 1244 113.30 -154.71 63.66
CA VAL O 1244 112.69 -155.68 62.77
C VAL O 1244 111.18 -155.71 63.01
N PHE O 1245 110.43 -155.98 61.94
CA PHE O 1245 108.97 -156.05 62.00
C PHE O 1245 108.54 -157.42 61.47
N THR O 1246 107.56 -158.02 62.14
CA THR O 1246 107.12 -159.37 61.79
C THR O 1246 106.55 -159.41 60.38
N ARG O 1247 107.00 -160.40 59.60
CA ARG O 1247 106.52 -160.55 58.23
C ARG O 1247 105.10 -161.11 58.20
N GLU O 1248 104.76 -161.99 59.15
CA GLU O 1248 103.45 -162.59 59.16
C GLU O 1248 102.35 -161.54 59.31
N GLU O 1249 102.59 -160.54 60.16
CA GLU O 1249 101.59 -159.50 60.37
C GLU O 1249 101.35 -158.68 59.10
N GLN O 1250 102.43 -158.29 58.42
CA GLN O 1250 102.26 -157.49 57.21
C GLN O 1250 101.61 -158.30 56.10
N VAL O 1251 101.94 -159.60 55.99
CA VAL O 1251 101.29 -160.43 54.97
C VAL O 1251 99.82 -160.61 55.29
N ALA O 1252 99.48 -160.81 56.57
CA ALA O 1252 98.08 -160.97 56.95
C ALA O 1252 97.29 -159.69 56.69
N ALA O 1253 97.87 -158.54 57.00
CA ALA O 1253 97.16 -157.28 56.77
C ALA O 1253 97.01 -157.00 55.27
N TYR O 1254 98.06 -157.24 54.49
CA TYR O 1254 97.95 -157.07 53.04
C TYR O 1254 97.05 -158.13 52.42
N GLY O 1255 97.17 -159.38 52.86
CA GLY O 1255 96.53 -160.49 52.20
C GLY O 1255 97.34 -161.10 51.08
N PHE O 1256 98.51 -160.53 50.76
CA PHE O 1256 99.37 -161.05 49.72
C PHE O 1256 100.81 -160.66 50.05
N THR O 1257 101.74 -161.13 49.23
CA THR O 1257 103.15 -160.88 49.47
C THR O 1257 103.46 -159.40 49.35
N ALA O 1258 104.35 -158.91 50.22
CA ALA O 1258 104.69 -157.48 50.26
C ALA O 1258 105.82 -157.17 49.28
N SER O 1259 105.52 -157.35 47.99
CA SER O 1259 106.49 -157.02 46.96
C SER O 1259 106.69 -155.51 46.84
N SER O 1260 105.58 -154.75 46.81
CA SER O 1260 105.62 -153.30 46.78
C SER O 1260 104.92 -152.76 48.03
N VAL O 1261 105.59 -151.86 48.74
CA VAL O 1261 105.06 -151.29 49.97
C VAL O 1261 105.33 -149.79 50.00
N SER O 1262 104.52 -149.09 50.79
CA SER O 1262 104.78 -147.71 51.17
C SER O 1262 104.60 -147.62 52.69
N VAL O 1263 105.51 -146.90 53.35
CA VAL O 1263 105.65 -146.99 54.80
C VAL O 1263 105.25 -145.67 55.43
N ARG O 1264 104.47 -145.74 56.50
CA ARG O 1264 104.08 -144.59 57.31
C ARG O 1264 104.66 -144.75 58.70
N ALA O 1265 105.12 -143.65 59.29
CA ALA O 1265 105.68 -143.66 60.63
C ALA O 1265 105.29 -142.38 61.35
N GLN O 1266 104.95 -142.53 62.63
CA GLN O 1266 104.54 -141.40 63.47
C GLN O 1266 105.50 -141.30 64.64
N GLU O 1267 106.05 -140.10 64.84
CA GLU O 1267 107.02 -139.86 65.91
C GLU O 1267 106.28 -139.26 67.11
N HIS O 1268 106.55 -139.80 68.29
CA HIS O 1268 105.88 -139.40 69.52
C HIS O 1268 106.90 -138.88 70.52
N ASP O 1269 106.56 -137.79 71.20
CA ASP O 1269 107.38 -137.25 72.27
C ASP O 1269 106.84 -137.73 73.61
N ILE O 1270 107.68 -138.44 74.37
CA ILE O 1270 107.20 -139.07 75.60
C ILE O 1270 106.87 -138.02 76.65
N GLU O 1271 107.76 -137.02 76.82
CA GLU O 1271 107.56 -136.04 77.88
C GLU O 1271 106.30 -135.21 77.64
N SER O 1272 106.12 -134.72 76.42
CA SER O 1272 104.93 -133.94 76.13
C SER O 1272 103.69 -134.83 75.99
N GLY O 1273 103.88 -136.06 75.51
CA GLY O 1273 102.77 -136.96 75.29
C GLY O 1273 101.92 -136.63 74.08
N ALA O 1274 102.44 -135.89 73.12
CA ALA O 1274 101.69 -135.47 71.95
C ALA O 1274 102.11 -136.31 70.75
N LEU O 1275 101.13 -136.94 70.11
CA LEU O 1275 101.41 -137.71 68.90
C LEU O 1275 101.58 -136.78 67.71
N GLY O 1276 102.66 -136.99 66.96
CA GLY O 1276 102.99 -136.10 65.87
C GLY O 1276 102.23 -136.39 64.60
N LEU O 1277 102.51 -135.58 63.59
CA LEU O 1277 101.87 -135.74 62.28
C LEU O 1277 102.30 -137.04 61.65
N THR O 1278 101.33 -137.82 61.17
CA THR O 1278 101.64 -139.07 60.49
C THR O 1278 102.31 -138.77 59.16
N THR O 1279 103.37 -139.53 58.85
CA THR O 1279 104.18 -139.31 57.66
C THR O 1279 104.20 -140.58 56.83
N GLU O 1280 103.50 -140.56 55.69
CA GLU O 1280 103.47 -141.67 54.75
C GLU O 1280 104.37 -141.35 53.57
N TYR O 1281 105.31 -142.24 53.28
CA TYR O 1281 106.26 -142.05 52.20
C TYR O 1281 106.33 -143.30 51.34
N VAL O 1282 106.56 -143.10 50.05
CA VAL O 1282 106.70 -144.24 49.14
C VAL O 1282 108.00 -144.98 49.46
N ALA O 1283 107.93 -146.30 49.43
CA ALA O 1283 109.06 -147.16 49.76
C ALA O 1283 109.39 -148.05 48.56
N VAL O 1284 110.68 -148.21 48.29
CA VAL O 1284 111.14 -149.09 47.23
C VAL O 1284 111.91 -150.24 47.86
N PRO O 1285 111.94 -151.43 47.24
CA PRO O 1285 112.74 -152.52 47.79
C PRO O 1285 114.21 -152.14 47.82
N GLU O 1286 114.88 -152.53 48.91
CA GLU O 1286 116.29 -152.26 49.09
C GLU O 1286 117.09 -153.55 48.93
N THR O 1287 118.13 -153.50 48.12
CA THR O 1287 118.96 -154.65 47.83
C THR O 1287 120.35 -154.46 48.43
N ALA O 1288 120.87 -155.51 49.05
CA ALA O 1288 122.20 -155.44 49.64
C ALA O 1288 123.27 -155.44 48.55
N GLY O 1289 124.49 -155.06 48.96
CA GLY O 1289 125.58 -155.03 48.02
C GLY O 1289 125.91 -156.41 47.49
N THR O 1290 126.57 -156.44 46.33
CA THR O 1290 126.91 -157.70 45.69
C THR O 1290 127.81 -158.53 46.58
N VAL O 1291 127.50 -159.83 46.69
CA VAL O 1291 128.30 -160.73 47.49
C VAL O 1291 129.69 -160.87 46.87
N GLY O 1292 130.69 -160.99 47.73
CA GLY O 1292 132.02 -161.32 47.23
C GLY O 1292 132.00 -162.64 46.48
N GLN O 1293 132.70 -162.67 45.35
CA GLN O 1293 132.70 -163.85 44.49
C GLN O 1293 133.24 -165.06 45.24
N GLY O 1294 132.37 -166.04 45.48
CA GLY O 1294 132.76 -167.17 46.30
C GLY O 1294 133.82 -168.01 45.63
N PHE O 1295 134.77 -168.50 46.44
CA PHE O 1295 135.83 -169.37 45.99
C PHE O 1295 135.73 -170.70 46.72
N ALA O 1296 135.70 -171.78 45.96
CA ALA O 1296 135.62 -173.14 46.51
C ALA O 1296 137.00 -173.78 46.42
N LYS O 1297 137.53 -174.20 47.56
CA LYS O 1297 138.84 -174.85 47.61
C LYS O 1297 138.79 -176.02 48.59
N LYS O 1298 139.67 -176.99 48.36
CA LYS O 1298 139.80 -178.15 49.23
C LYS O 1298 141.25 -178.24 49.69
N ASP O 1299 141.44 -178.47 51.00
CA ASP O 1299 142.77 -178.52 51.56
C ASP O 1299 143.31 -179.96 51.56
N SER O 1300 144.57 -180.09 51.97
CA SER O 1300 145.19 -181.41 52.03
C SER O 1300 144.54 -182.28 53.10
N VAL O 1301 144.04 -181.66 54.17
CA VAL O 1301 143.37 -182.42 55.22
C VAL O 1301 142.09 -183.06 54.69
N GLY O 1302 141.39 -182.38 53.78
CA GLY O 1302 140.15 -182.88 53.23
C GLY O 1302 138.96 -181.98 53.46
N ASN O 1303 139.12 -180.90 54.21
CA ASN O 1303 138.01 -179.97 54.44
C ASN O 1303 137.70 -179.20 53.16
N CYS O 1304 136.42 -179.10 52.84
CA CYS O 1304 135.96 -178.30 51.71
C CYS O 1304 135.68 -176.89 52.19
N THR O 1305 136.60 -175.98 51.90
CA THR O 1305 136.55 -174.61 52.40
C THR O 1305 135.92 -173.71 51.35
N MET O 1306 134.80 -173.10 51.70
CA MET O 1306 134.09 -172.17 50.83
C MET O 1306 134.32 -170.76 51.36
N SER O 1307 135.05 -169.95 50.59
CA SER O 1307 135.48 -168.64 51.04
C SER O 1307 135.05 -167.57 50.05
N TRP O 1308 134.24 -166.62 50.52
CA TRP O 1308 133.90 -165.42 49.76
C TRP O 1308 134.27 -164.20 50.60
N GLU O 1309 134.89 -163.22 49.96
CA GLU O 1309 135.36 -162.04 50.67
C GLU O 1309 134.19 -161.25 51.25
N VAL O 1310 134.47 -160.51 52.32
CA VAL O 1310 133.43 -159.77 53.03
C VAL O 1310 132.80 -158.73 52.11
N GLY O 1311 133.62 -157.95 51.43
CA GLY O 1311 133.10 -156.90 50.57
C GLY O 1311 132.30 -155.88 51.36
N ASP O 1312 131.10 -155.58 50.88
CA ASP O 1312 130.21 -154.63 51.51
C ASP O 1312 129.05 -155.28 52.25
N ALA O 1313 129.09 -156.60 52.45
CA ALA O 1313 128.04 -157.33 53.15
C ALA O 1313 128.63 -157.93 54.43
N VAL O 1314 127.86 -157.89 55.51
CA VAL O 1314 128.37 -158.37 56.80
C VAL O 1314 128.01 -159.85 57.00
N GLN O 1315 126.79 -160.24 56.65
CA GLN O 1315 126.35 -161.62 56.82
C GLN O 1315 125.60 -162.05 55.56
N TRP O 1316 125.45 -163.36 55.41
CA TRP O 1316 124.83 -163.93 54.22
C TRP O 1316 123.95 -165.11 54.60
N GLN O 1317 122.85 -165.27 53.87
CA GLN O 1317 122.02 -166.46 53.96
C GLN O 1317 122.47 -167.45 52.91
N VAL O 1318 122.99 -168.60 53.36
CA VAL O 1318 123.66 -169.56 52.49
C VAL O 1318 122.96 -170.90 52.58
N GLU O 1319 122.62 -171.47 51.42
CA GLU O 1319 122.15 -172.84 51.32
C GLU O 1319 123.22 -173.66 50.60
N ILE O 1320 123.69 -174.72 51.25
CA ILE O 1320 124.84 -175.48 50.79
C ILE O 1320 124.35 -176.81 50.25
N LEU O 1321 124.62 -177.06 48.97
CA LEU O 1321 124.26 -178.31 48.31
C LEU O 1321 125.48 -178.87 47.60
N ASN O 1322 125.76 -180.16 47.82
CA ASN O 1322 126.85 -180.81 47.11
C ASN O 1322 126.40 -181.19 45.71
N ALA O 1323 127.29 -181.05 44.73
CA ALA O 1323 126.92 -181.35 43.35
C ALA O 1323 126.75 -182.84 43.11
N GLU O 1324 127.50 -183.66 43.85
CA GLU O 1324 127.44 -185.11 43.63
C GLU O 1324 126.05 -185.66 43.95
N ASN O 1325 125.45 -185.25 45.06
CA ASN O 1325 124.13 -185.71 45.43
C ASN O 1325 123.02 -184.74 45.06
N SER O 1326 123.36 -183.48 44.74
CA SER O 1326 122.39 -182.46 44.35
C SER O 1326 121.30 -182.28 45.40
N THR O 1327 121.70 -182.29 46.67
CA THR O 1327 120.78 -182.06 47.78
C THR O 1327 121.40 -181.06 48.74
N VAL O 1328 120.53 -180.24 49.35
CA VAL O 1328 120.97 -179.20 50.29
C VAL O 1328 121.05 -179.86 51.66
N VAL O 1329 122.22 -180.44 51.96
CA VAL O 1329 122.40 -181.14 53.22
C VAL O 1329 122.39 -180.16 54.39
N LYS O 1330 123.14 -179.07 54.27
CA LYS O 1330 123.29 -178.09 55.35
C LYS O 1330 122.77 -176.74 54.89
N THR O 1331 121.88 -176.15 55.68
CA THR O 1331 121.35 -174.82 55.44
C THR O 1331 121.53 -173.99 56.70
N GLU O 1332 122.19 -172.83 56.57
CA GLU O 1332 122.43 -171.97 57.70
C GLU O 1332 122.78 -170.57 57.21
N ILE O 1333 122.32 -169.57 57.97
CA ILE O 1333 122.68 -168.18 57.74
C ILE O 1333 123.88 -167.87 58.61
N VAL O 1334 125.04 -167.67 57.98
CA VAL O 1334 126.31 -167.52 58.68
C VAL O 1334 126.82 -166.10 58.52
N VAL O 1335 127.32 -165.52 59.61
CA VAL O 1335 127.94 -164.21 59.53
C VAL O 1335 129.39 -164.34 59.06
N ALA O 1336 129.97 -165.52 59.20
CA ALA O 1336 131.36 -165.71 58.82
C ALA O 1336 131.51 -165.62 57.30
N PRO O 1337 132.48 -164.86 56.80
CA PRO O 1337 132.67 -164.78 55.35
C PRO O 1337 133.04 -166.11 54.71
N THR O 1338 133.68 -167.00 55.46
CA THR O 1338 134.13 -168.28 54.94
C THR O 1338 133.36 -169.42 55.63
N ILE O 1339 133.04 -170.46 54.86
CA ILE O 1339 132.40 -171.66 55.37
C ILE O 1339 133.34 -172.83 55.13
N THR O 1340 133.64 -173.57 56.20
CA THR O 1340 134.49 -174.75 56.13
C THR O 1340 133.72 -175.95 56.65
N TRP O 1341 133.70 -177.03 55.86
CA TRP O 1341 133.06 -178.28 56.25
C TRP O 1341 134.15 -179.26 56.66
N MET O 1342 133.99 -179.86 57.84
CA MET O 1342 135.00 -180.76 58.36
C MET O 1342 135.15 -182.00 57.47
N ALA O 1343 136.38 -182.48 57.34
CA ALA O 1343 136.63 -183.68 56.55
C ALA O 1343 135.94 -184.89 57.17
N GLU O 1344 135.89 -184.96 58.50
CA GLU O 1344 135.22 -186.06 59.18
C GLU O 1344 133.74 -186.09 58.84
N GLU O 1345 133.08 -184.93 58.87
CA GLU O 1345 131.66 -184.87 58.56
C GLU O 1345 131.41 -185.24 57.10
N ILE O 1346 132.26 -184.77 56.18
CA ILE O 1346 132.10 -185.10 54.77
C ILE O 1346 132.27 -186.60 54.55
N THR O 1347 133.27 -187.19 55.20
CA THR O 1347 133.49 -188.63 55.09
C THR O 1347 132.32 -189.41 55.65
N ALA O 1348 131.76 -188.96 56.77
CA ALA O 1348 130.58 -189.63 57.33
C ALA O 1348 129.39 -189.51 56.40
N GLU O 1349 129.22 -188.35 55.77
CA GLU O 1349 128.04 -188.14 54.93
C GLU O 1349 128.13 -188.91 53.62
N TYR O 1350 129.29 -188.87 52.95
CA TYR O 1350 129.43 -189.46 51.63
C TYR O 1350 130.42 -190.61 51.53
N GLY O 1351 131.41 -190.69 52.42
CA GLY O 1351 132.45 -191.68 52.30
C GLY O 1351 133.68 -191.23 51.55
N TYR O 1352 133.63 -190.07 50.88
CA TYR O 1352 134.77 -189.54 50.17
C TYR O 1352 134.56 -188.05 49.96
N LEU O 1353 135.65 -187.34 49.73
CA LEU O 1353 135.58 -185.90 49.53
C LEU O 1353 134.90 -185.56 48.20
N THR O 1354 134.17 -184.45 48.20
CA THR O 1354 133.45 -183.99 47.03
C THR O 1354 134.34 -183.06 46.21
N ASP O 1355 134.35 -183.26 44.90
CA ASP O 1355 135.18 -182.43 44.03
C ASP O 1355 134.46 -181.15 43.62
N HIS O 1356 133.18 -181.24 43.27
CA HIS O 1356 132.38 -180.09 42.88
C HIS O 1356 131.24 -179.93 43.87
N MET O 1357 130.99 -178.68 44.27
CA MET O 1357 129.98 -178.37 45.27
C MET O 1357 129.47 -176.96 45.01
N VAL O 1358 128.15 -176.77 45.08
CA VAL O 1358 127.48 -175.54 44.66
C VAL O 1358 126.92 -174.86 45.90
N TRP O 1359 126.73 -173.55 45.82
CA TRP O 1359 126.21 -172.77 46.93
C TRP O 1359 125.41 -171.59 46.41
N ARG O 1360 124.49 -171.11 47.24
CA ARG O 1360 123.72 -169.90 46.97
C ARG O 1360 123.86 -168.98 48.18
N VAL O 1361 124.12 -167.70 47.92
CA VAL O 1361 124.36 -166.71 48.97
C VAL O 1361 123.37 -165.56 48.81
N ARG O 1362 122.80 -165.12 49.92
CA ARG O 1362 121.91 -163.97 49.95
C ARG O 1362 122.56 -162.84 50.73
N PRO O 1363 122.87 -161.71 50.11
CA PRO O 1363 123.65 -160.68 50.80
C PRO O 1363 122.85 -159.96 51.88
N TYR O 1364 123.56 -159.45 52.87
CA TYR O 1364 122.99 -158.60 53.92
C TYR O 1364 123.99 -157.50 54.23
N ARG O 1365 123.57 -156.25 54.09
CA ARG O 1365 124.44 -155.13 54.42
C ARG O 1365 124.47 -154.91 55.93
N ALA O 1366 125.26 -153.92 56.35
CA ALA O 1366 125.37 -153.62 57.78
C ALA O 1366 124.05 -153.19 58.37
N ASP O 1367 123.29 -152.36 57.64
CA ASP O 1367 121.98 -151.92 58.11
C ASP O 1367 120.95 -153.04 58.11
N GLY O 1368 121.22 -154.17 57.47
CA GLY O 1368 120.29 -155.26 57.41
C GLY O 1368 119.53 -155.39 56.11
N ALA O 1369 119.78 -154.53 55.12
CA ALA O 1369 119.16 -154.67 53.82
C ALA O 1369 119.63 -155.95 53.15
N SER O 1370 118.75 -156.57 52.37
CA SER O 1370 119.06 -157.85 51.74
C SER O 1370 118.50 -157.87 50.33
N ASN O 1371 119.11 -158.72 49.50
CA ASN O 1371 118.73 -158.88 48.10
C ASN O 1371 118.33 -160.33 47.85
N VAL O 1372 117.64 -160.54 46.73
CA VAL O 1372 117.28 -161.89 46.32
C VAL O 1372 118.55 -162.72 46.16
N ALA O 1373 118.44 -164.02 46.46
CA ALA O 1373 119.62 -164.88 46.48
C ALA O 1373 120.34 -164.88 45.14
N LYS O 1374 121.64 -164.66 45.18
CA LYS O 1374 122.50 -164.66 44.00
C LYS O 1374 123.44 -165.86 44.07
N GLN O 1375 123.49 -166.64 43.00
CA GLN O 1375 124.17 -167.94 43.02
C GLN O 1375 125.52 -167.84 42.33
N PHE O 1376 126.56 -168.30 43.03
CA PHE O 1376 127.90 -168.48 42.46
C PHE O 1376 128.24 -169.96 42.52
N ASP O 1377 128.79 -170.47 41.42
CA ASP O 1377 129.17 -171.88 41.33
C ASP O 1377 130.59 -171.99 40.81
N MET O 1378 131.42 -172.76 41.51
CA MET O 1378 132.80 -172.99 41.12
C MET O 1378 133.28 -174.30 41.72
N THR O 1379 134.04 -175.05 40.91
CA THR O 1379 134.59 -176.32 41.35
C THR O 1379 135.68 -176.09 42.39
N ALA O 1380 135.73 -176.96 43.40
CA ALA O 1380 136.77 -176.86 44.42
C ALA O 1380 138.15 -177.12 43.81
N THR O 1381 139.11 -176.31 44.20
CA THR O 1381 140.48 -176.41 43.70
C THR O 1381 141.41 -176.76 44.85
N LEU O 1382 142.26 -177.76 44.64
CA LEU O 1382 143.19 -178.22 45.67
C LEU O 1382 144.31 -177.21 45.88
N SER P 2 -36.15 81.79 -26.51
CA SER P 2 -35.57 83.13 -26.54
C SER P 2 -36.65 84.18 -26.76
N ILE P 3 -37.91 83.79 -26.54
CA ILE P 3 -38.99 84.76 -26.56
C ILE P 3 -38.87 85.73 -25.39
N GLU P 4 -38.41 85.23 -24.24
CA GLU P 4 -38.20 86.10 -23.08
C GLU P 4 -37.17 87.18 -23.39
N ASP P 5 -36.11 86.82 -24.12
CA ASP P 5 -35.13 87.82 -24.53
C ASP P 5 -35.76 88.84 -25.46
N TYR P 6 -36.70 88.41 -26.30
CA TYR P 6 -37.38 89.35 -27.18
C TYR P 6 -38.20 90.35 -26.39
N LEU P 7 -38.91 89.88 -25.36
CA LEU P 7 -39.74 90.79 -24.57
C LEU P 7 -38.90 91.82 -23.81
N LYS P 8 -37.88 91.37 -23.10
CA LYS P 8 -37.05 92.27 -22.29
C LYS P 8 -35.84 92.81 -23.05
N GLY P 9 -36.05 93.38 -24.23
CA GLY P 9 -34.94 93.84 -25.04
C GLY P 9 -35.26 95.16 -25.70
N LYS P 10 -34.19 95.92 -25.99
CA LYS P 10 -34.35 97.17 -26.73
C LYS P 10 -34.76 96.90 -28.17
N ASN P 11 -34.05 95.99 -28.84
CA ASN P 11 -34.38 95.54 -30.19
C ASN P 11 -34.48 96.72 -31.16
N CYS P 12 -33.54 97.66 -31.04
CA CYS P 12 -33.49 98.82 -31.91
C CYS P 12 -32.35 98.63 -32.90
N LEU P 13 -32.66 98.79 -34.19
CA LEU P 13 -31.67 98.53 -35.23
C LEU P 13 -30.52 99.53 -35.15
N ALA P 14 -30.83 100.81 -34.96
CA ALA P 14 -29.78 101.82 -34.89
C ALA P 14 -28.89 101.58 -33.68
N SER P 15 -27.61 101.33 -33.94
CA SER P 15 -26.67 101.00 -32.89
C SER P 15 -25.33 101.66 -33.22
N PRO P 16 -24.52 101.95 -32.20
CA PRO P 16 -23.20 102.55 -32.44
C PRO P 16 -22.08 101.54 -32.66
N ASN P 17 -22.33 100.26 -32.47
CA ASN P 17 -21.31 99.23 -32.62
C ASN P 17 -21.26 98.75 -34.07
N TYR P 18 -20.05 98.61 -34.61
CA TYR P 18 -19.86 98.23 -35.99
C TYR P 18 -18.40 97.89 -36.20
N ASP P 19 -18.14 96.73 -36.81
CA ASP P 19 -16.78 96.26 -37.01
C ASP P 19 -16.37 96.48 -38.45
N PRO P 20 -15.47 97.42 -38.75
CA PRO P 20 -15.11 97.66 -40.16
C PRO P 20 -14.45 96.47 -40.84
N ASP P 21 -13.76 95.62 -40.07
CA ASP P 21 -13.06 94.48 -40.66
C ASP P 21 -14.04 93.47 -41.24
N ASP P 22 -15.29 93.48 -40.75
CA ASP P 22 -16.32 92.57 -41.23
C ASP P 22 -17.51 93.42 -41.69
N GLN P 23 -17.47 93.87 -42.93
CA GLN P 23 -18.56 94.62 -43.55
C GLN P 23 -19.11 93.79 -44.70
N HIS P 24 -20.42 93.55 -44.69
CA HIS P 24 -21.03 92.67 -45.67
C HIS P 24 -22.41 93.20 -46.02
N SER P 25 -22.93 92.73 -47.16
CA SER P 25 -24.28 93.05 -47.56
C SER P 25 -25.24 92.01 -46.99
N SER P 26 -26.49 92.04 -47.45
CA SER P 26 -27.46 91.05 -47.03
C SER P 26 -27.21 89.69 -47.65
N TRP P 27 -26.37 89.63 -48.69
CA TRP P 27 -26.14 88.38 -49.40
C TRP P 27 -25.30 87.41 -48.59
N ARG P 28 -24.35 87.91 -47.82
CA ARG P 28 -23.36 87.06 -47.18
C ARG P 28 -23.98 86.32 -45.99
N GLU P 29 -23.77 84.99 -45.96
CA GLU P 29 -24.15 84.17 -44.82
C GLU P 29 -22.95 83.33 -44.42
N ASP P 30 -22.61 83.34 -43.14
CA ASP P 30 -21.40 82.70 -42.64
C ASP P 30 -21.68 82.10 -41.28
N LEU P 31 -21.32 80.84 -41.10
CA LEU P 31 -21.37 80.24 -39.77
C LEU P 31 -20.14 80.67 -38.96
N PRO P 32 -20.31 80.93 -37.67
CA PRO P 32 -19.17 81.35 -36.86
C PRO P 32 -18.14 80.24 -36.73
N GLN P 33 -16.88 80.65 -36.62
CA GLN P 33 -15.79 79.72 -36.40
C GLN P 33 -15.73 79.20 -34.97
N PHE P 34 -16.28 79.94 -34.02
CA PHE P 34 -16.25 79.56 -32.61
C PHE P 34 -17.47 78.68 -32.31
N LYS P 35 -17.28 77.38 -32.51
CA LYS P 35 -18.34 76.42 -32.21
C LYS P 35 -18.52 76.31 -30.70
N LYS P 36 -19.77 76.23 -30.27
CA LYS P 36 -20.11 76.05 -28.86
C LYS P 36 -20.68 74.65 -28.67
N ASP P 37 -20.02 73.85 -27.83
CA ASP P 37 -20.42 72.47 -27.61
C ASP P 37 -19.91 72.00 -26.25
N ARG P 38 -20.80 71.36 -25.49
CA ARG P 38 -20.44 70.82 -24.19
C ARG P 38 -19.79 69.45 -24.34
N GLU P 39 -19.34 68.90 -23.22
CA GLU P 39 -18.79 67.55 -23.17
C GLU P 39 -19.69 66.68 -22.32
N HIS P 40 -20.11 65.54 -22.86
CA HIS P 40 -21.03 64.64 -22.19
C HIS P 40 -20.30 63.36 -21.77
N LEU P 41 -20.93 62.60 -20.88
CA LEU P 41 -20.39 61.34 -20.40
C LEU P 41 -20.81 60.23 -21.35
N THR P 42 -19.85 59.43 -21.78
CA THR P 42 -20.13 58.26 -22.63
C THR P 42 -19.23 57.13 -22.18
N LEU P 43 -19.80 55.92 -22.15
CA LEU P 43 -19.00 54.76 -21.80
C LEU P 43 -18.13 54.34 -22.97
N VAL P 44 -16.90 53.93 -22.66
CA VAL P 44 -15.97 53.50 -23.70
C VAL P 44 -16.52 52.23 -24.35
N ASN P 45 -16.28 52.09 -25.65
CA ASN P 45 -16.93 51.04 -26.43
C ASN P 45 -16.48 49.65 -26.00
N THR P 46 -15.18 49.44 -25.89
CA THR P 46 -14.54 48.17 -25.54
C THR P 46 -14.74 47.12 -26.63
N ARG P 47 -15.48 47.46 -27.68
CA ARG P 47 -15.49 46.63 -28.88
C ARG P 47 -14.42 47.09 -29.86
N ARG P 48 -14.22 48.40 -29.95
CA ARG P 48 -13.15 48.98 -30.73
C ARG P 48 -11.87 48.85 -29.92
N ASN P 49 -11.12 47.77 -30.15
CA ASN P 49 -9.87 47.56 -29.45
C ASN P 49 -8.84 48.59 -29.89
N ARG P 50 -8.14 49.15 -28.91
CA ARG P 50 -7.16 50.20 -29.13
C ARG P 50 -5.76 49.63 -28.90
N THR P 51 -4.85 49.92 -29.83
CA THR P 51 -3.54 49.29 -29.81
C THR P 51 -2.72 49.77 -28.62
N TYR P 52 -1.89 48.87 -28.10
CA TYR P 52 -0.97 49.23 -27.02
C TYR P 52 0.12 50.14 -27.56
N ASN P 53 0.46 51.18 -26.79
CA ASN P 53 1.48 52.14 -27.20
C ASN P 53 2.60 52.28 -26.18
N THR P 54 2.59 51.51 -25.11
CA THR P 54 3.61 51.58 -24.08
C THR P 54 3.91 50.17 -23.60
N LYS P 55 5.14 49.96 -23.13
CA LYS P 55 5.59 48.64 -22.67
C LYS P 55 5.79 48.67 -21.16
N LEU P 56 5.30 47.63 -20.49
CA LEU P 56 5.37 47.50 -19.04
C LEU P 56 6.22 46.30 -18.70
N ASN P 57 7.16 46.47 -17.77
CA ASN P 57 7.95 45.35 -17.29
C ASN P 57 7.08 44.39 -16.48
N ARG P 58 7.31 43.10 -16.66
CA ARG P 58 6.63 42.13 -15.81
C ARG P 58 7.11 42.27 -14.37
N PHE P 59 6.22 41.94 -13.44
CA PHE P 59 6.52 41.99 -12.01
C PHE P 59 7.01 43.37 -11.59
N ASP P 60 6.33 44.41 -12.09
CA ASP P 60 6.61 45.78 -11.72
C ASP P 60 6.09 46.07 -10.31
N PRO P 61 6.88 46.75 -9.49
CA PRO P 61 6.46 46.96 -8.09
C PRO P 61 5.15 47.73 -7.92
N GLU P 62 4.77 48.54 -8.91
CA GLU P 62 3.58 49.37 -8.73
C GLU P 62 2.30 48.60 -9.00
N TYR P 63 2.37 47.43 -9.63
CA TYR P 63 1.18 46.74 -10.09
C TYR P 63 0.91 45.44 -9.32
N TRP P 64 1.37 45.33 -8.08
CA TRP P 64 0.96 44.20 -7.26
C TRP P 64 -0.27 44.57 -6.44
N VAL P 65 -1.01 43.55 -6.02
CA VAL P 65 -2.23 43.74 -5.23
C VAL P 65 -2.19 42.78 -4.05
N VAL P 66 -2.96 43.10 -3.02
CA VAL P 66 -3.00 42.34 -1.79
C VAL P 66 -4.45 41.93 -1.51
N ASP P 67 -4.66 40.66 -1.19
CA ASP P 67 -5.97 40.14 -0.82
C ASP P 67 -5.83 39.34 0.46
N TYR P 68 -6.70 39.61 1.43
CA TYR P 68 -6.61 38.95 2.73
C TYR P 68 -8.00 38.79 3.32
N ASN P 69 -8.07 37.97 4.37
CA ASN P 69 -9.32 37.66 5.04
C ASN P 69 -9.85 38.88 5.79
N ALA P 70 -11.01 38.72 6.41
CA ALA P 70 -11.47 39.70 7.37
C ALA P 70 -10.63 39.61 8.63
N LEU P 71 -10.92 40.50 9.58
CA LEU P 71 -10.21 40.56 10.86
C LEU P 71 -8.73 40.85 10.70
N MET P 72 -8.35 41.56 9.64
CA MET P 72 -6.95 41.93 9.42
C MET P 72 -6.91 43.20 8.60
N VAL P 73 -5.86 44.00 8.82
CA VAL P 73 -5.64 45.23 8.07
C VAL P 73 -4.23 45.20 7.50
N ALA P 74 -4.10 45.48 6.20
CA ALA P 74 -2.80 45.54 5.56
C ALA P 74 -2.91 46.35 4.28
N THR P 75 -1.80 46.97 3.88
CA THR P 75 -1.75 47.79 2.68
C THR P 75 -0.40 47.58 2.00
N ILE P 76 -0.30 48.03 0.76
CA ILE P 76 0.91 47.85 -0.06
C ILE P 76 1.45 49.22 -0.43
N ILE P 77 2.77 49.40 -0.29
CA ILE P 77 3.43 50.67 -0.55
C ILE P 77 4.82 50.42 -1.15
N PRO P 78 5.09 50.88 -2.37
CA PRO P 78 6.44 50.74 -2.92
C PRO P 78 7.37 51.81 -2.34
N TYR P 79 8.67 51.51 -2.32
CA TYR P 79 9.66 52.48 -1.86
C TYR P 79 10.91 52.54 -2.72
N GLY P 80 10.93 51.89 -3.87
CA GLY P 80 12.12 51.94 -4.70
C GLY P 80 11.80 51.50 -6.11
N SER P 81 12.86 51.35 -6.91
CA SER P 81 12.69 50.94 -8.30
C SER P 81 12.39 49.44 -8.40
N LYS P 82 12.69 48.68 -7.36
CA LYS P 82 12.52 47.23 -7.39
C LYS P 82 11.85 46.67 -6.15
N SER P 83 11.27 47.49 -5.29
CA SER P 83 10.87 47.01 -3.98
C SER P 83 9.54 47.60 -3.55
N PHE P 84 8.92 46.96 -2.56
CA PHE P 84 7.71 47.48 -1.94
C PHE P 84 7.59 46.91 -0.53
N LYS P 85 6.64 47.45 0.24
CA LYS P 85 6.43 47.08 1.63
C LYS P 85 4.95 46.80 1.87
N VAL P 86 4.66 45.88 2.77
CA VAL P 86 3.31 45.49 3.11
C VAL P 86 3.15 45.51 4.62
N PRO P 87 2.89 46.66 5.22
CA PRO P 87 2.62 46.70 6.66
C PRO P 87 1.39 45.87 7.01
N CYS P 88 1.45 45.20 8.16
CA CYS P 88 0.43 44.24 8.55
C CYS P 88 0.01 44.45 9.99
N GLN P 89 -1.18 43.96 10.33
CA GLN P 89 -1.68 43.93 11.70
C GLN P 89 -2.47 42.65 11.90
N TRP P 90 -1.97 41.77 12.78
CA TRP P 90 -2.52 40.44 12.96
C TRP P 90 -3.37 40.40 14.22
N ARG P 91 -4.46 39.63 14.18
CA ARG P 91 -5.37 39.53 15.32
C ARG P 91 -5.79 38.11 15.67
N THR P 92 -5.74 37.15 14.75
CA THR P 92 -6.24 35.81 14.98
C THR P 92 -5.32 34.78 14.37
N ASN P 93 -5.68 33.50 14.55
CA ASN P 93 -4.93 32.41 13.94
C ASN P 93 -5.21 32.32 12.45
N LYS P 94 -6.47 32.49 12.04
CA LYS P 94 -6.86 32.27 10.66
C LYS P 94 -6.38 33.37 9.72
N ASP P 95 -5.61 34.34 10.21
CA ASP P 95 -5.11 35.41 9.35
C ASP P 95 -4.24 34.83 8.25
N PHE P 96 -4.48 35.28 7.02
CA PHE P 96 -3.78 34.77 5.85
C PHE P 96 -3.80 35.84 4.77
N LEU P 97 -2.61 36.26 4.35
CA LEU P 97 -2.44 37.35 3.41
C LEU P 97 -1.79 36.84 2.13
N GLY P 98 -2.16 37.45 1.01
CA GLY P 98 -1.57 37.09 -0.26
C GLY P 98 -1.16 38.28 -1.08
N VAL P 99 0.10 38.31 -1.54
CA VAL P 99 0.60 39.34 -2.43
C VAL P 99 0.62 38.75 -3.83
N ARG P 100 -0.22 39.28 -4.72
CA ARG P 100 -0.51 38.64 -5.98
C ARG P 100 -0.06 39.47 -7.17
N TRP P 101 0.31 38.78 -8.24
CA TRP P 101 0.51 39.36 -9.56
C TRP P 101 -0.44 38.68 -10.52
N MET P 102 -1.46 39.41 -10.97
CA MET P 102 -2.52 38.85 -11.78
C MET P 102 -2.27 39.14 -13.26
N THR P 103 -2.37 38.10 -14.08
CA THR P 103 -2.18 38.28 -15.52
C THR P 103 -3.26 39.17 -16.12
N GLU P 104 -4.51 38.96 -15.74
CA GLU P 104 -5.63 39.72 -16.27
C GLU P 104 -5.82 41.00 -15.48
N ASP P 105 -5.89 42.12 -16.18
CA ASP P 105 -6.01 43.43 -15.55
C ASP P 105 -7.50 43.75 -15.37
N THR P 106 -7.94 43.85 -14.12
CA THR P 106 -9.33 44.12 -13.80
C THR P 106 -9.53 45.45 -13.08
N PHE P 107 -8.48 45.98 -12.46
CA PHE P 107 -8.60 47.17 -11.60
C PHE P 107 -8.22 48.46 -12.32
N ASP P 108 -8.10 48.42 -13.64
CA ASP P 108 -7.65 49.58 -14.41
C ASP P 108 -8.75 50.02 -15.37
N HIS P 109 -8.71 51.31 -15.71
CA HIS P 109 -9.61 51.85 -16.71
C HIS P 109 -9.26 51.26 -18.08
N HIS P 110 -10.26 51.21 -18.95
CA HIS P 110 -10.08 50.54 -20.24
C HIS P 110 -8.98 51.19 -21.06
N LEU P 111 -8.66 52.45 -20.77
CA LEU P 111 -7.61 53.14 -21.52
C LEU P 111 -6.25 53.04 -20.84
N TYR P 112 -6.14 52.25 -19.77
CA TYR P 112 -4.88 52.11 -19.05
C TYR P 112 -4.51 50.66 -18.76
N ARG P 113 -5.23 49.71 -19.35
CA ARG P 113 -5.00 48.30 -19.08
C ARG P 113 -3.75 47.80 -19.79
N TYR P 114 -3.28 46.63 -19.38
CA TYR P 114 -2.10 46.01 -19.97
C TYR P 114 -2.43 44.62 -20.48
N GLU P 115 -1.52 44.08 -21.29
CA GLU P 115 -1.77 42.83 -22.02
C GLU P 115 -1.84 41.64 -21.06
N THR P 116 -2.50 40.57 -21.52
CA THR P 116 -2.64 39.35 -20.74
C THR P 116 -1.96 38.20 -21.49
N ASP P 117 -0.74 37.87 -21.08
CA ASP P 117 0.00 36.76 -21.66
C ASP P 117 0.22 35.68 -20.61
N PRO P 118 -0.50 34.56 -20.68
CA PRO P 118 -0.36 33.52 -19.65
C PRO P 118 0.89 32.66 -19.75
N ASN P 119 1.83 33.00 -20.62
CA ASN P 119 3.00 32.15 -20.86
C ASN P 119 4.19 32.66 -20.07
N TYR P 120 4.61 31.88 -19.06
CA TYR P 120 5.80 32.19 -18.27
C TYR P 120 6.82 31.08 -18.52
N LEU P 121 7.60 31.21 -19.58
CA LEU P 121 8.57 30.19 -19.95
C LEU P 121 9.96 30.79 -19.97
N GLY P 122 10.89 30.14 -19.28
CA GLY P 122 12.24 30.66 -19.19
C GLY P 122 12.33 31.99 -18.46
N LEU P 123 11.66 32.10 -17.31
CA LEU P 123 11.71 33.29 -16.49
C LEU P 123 12.16 32.89 -15.08
N ILE P 124 13.03 33.70 -14.48
CA ILE P 124 13.52 33.47 -13.13
C ILE P 124 13.31 34.76 -12.33
N LEU P 125 12.75 34.63 -11.14
CA LEU P 125 12.51 35.77 -10.25
C LEU P 125 13.16 35.48 -8.90
N ALA P 126 14.06 36.36 -8.47
CA ALA P 126 14.76 36.22 -7.20
C ALA P 126 14.56 37.49 -6.38
N PHE P 127 14.41 37.34 -5.07
CA PHE P 127 14.09 38.48 -4.21
C PHE P 127 14.45 38.15 -2.77
N ARG P 128 14.19 39.11 -1.89
CA ARG P 128 14.43 38.97 -0.46
C ARG P 128 13.11 39.14 0.30
N HIS P 129 12.98 38.47 1.44
CA HIS P 129 11.73 38.52 2.18
C HIS P 129 12.01 38.30 3.66
N ASN P 130 10.95 38.38 4.48
CA ASN P 130 11.05 38.30 5.93
C ASN P 130 10.07 37.28 6.49
N PRO P 131 10.21 36.00 6.13
CA PRO P 131 9.28 35.00 6.64
C PRO P 131 9.45 34.82 8.13
N ASP P 132 8.35 34.53 8.81
CA ASP P 132 8.43 34.15 10.22
C ASP P 132 8.88 32.69 10.36
N GLU P 133 8.61 31.87 9.34
CA GLU P 133 9.16 30.52 9.27
C GLU P 133 9.89 30.39 7.95
N PRO P 134 11.18 30.73 7.90
CA PRO P 134 11.89 30.77 6.60
C PRO P 134 11.93 29.43 5.89
N ASP P 135 11.89 28.33 6.63
CA ASP P 135 12.02 27.02 6.00
C ASP P 135 10.73 26.62 5.29
N LYS P 136 9.59 27.09 5.78
CA LYS P 136 8.28 26.74 5.22
C LYS P 136 7.67 27.99 4.60
N PHE P 137 8.00 28.26 3.35
CA PHE P 137 7.47 29.40 2.61
C PHE P 137 6.97 28.90 1.26
N THR P 138 5.72 29.22 0.94
CA THR P 138 5.05 28.62 -0.21
C THR P 138 4.50 29.70 -1.13
N VAL P 139 4.22 29.28 -2.36
CA VAL P 139 3.61 30.14 -3.38
C VAL P 139 2.45 29.37 -4.00
N THR P 140 1.32 30.04 -4.18
CA THR P 140 0.14 29.44 -4.76
C THR P 140 0.02 29.84 -6.23
N ILE P 141 0.37 28.91 -7.12
CA ILE P 141 0.32 29.15 -8.55
C ILE P 141 -0.95 28.53 -9.10
N GLN P 142 -1.79 29.35 -9.72
CA GLN P 142 -3.11 28.91 -10.15
C GLN P 142 -3.15 28.75 -11.66
N THR P 143 -3.40 27.53 -12.10
CA THR P 143 -3.66 27.19 -13.49
C THR P 143 -5.16 27.03 -13.67
N PRO P 144 -5.67 27.10 -14.91
CA PRO P 144 -7.12 26.96 -15.09
C PRO P 144 -7.69 25.65 -14.58
N GLU P 145 -6.89 24.58 -14.53
CA GLU P 145 -7.42 23.30 -14.07
C GLU P 145 -7.40 23.17 -12.55
N LYS P 146 -6.39 23.74 -11.89
CA LYS P 146 -6.21 23.51 -10.46
C LYS P 146 -5.31 24.61 -9.90
N ALA P 147 -5.28 24.71 -8.57
CA ALA P 147 -4.41 25.63 -7.86
C ALA P 147 -3.33 24.84 -7.13
N TYR P 148 -2.08 25.06 -7.52
CA TYR P 148 -0.94 24.32 -7.00
C TYR P 148 -0.22 25.13 -5.94
N THR P 149 0.51 24.44 -5.06
CA THR P 149 1.32 25.08 -4.04
C THR P 149 2.77 24.62 -4.19
N TYR P 150 3.68 25.59 -4.34
CA TYR P 150 5.09 25.34 -4.57
C TYR P 150 5.90 25.92 -3.44
N ARG P 151 6.82 25.13 -2.89
CA ARG P 151 7.58 25.54 -1.72
C ARG P 151 8.89 26.21 -2.13
N LEU P 152 9.14 27.40 -1.59
CA LEU P 152 10.36 28.15 -1.86
C LEU P 152 11.38 27.86 -0.76
N ALA P 153 12.60 27.49 -1.16
CA ALA P 153 13.65 27.20 -0.20
C ALA P 153 14.72 28.28 -0.23
N PRO P 154 15.35 28.57 0.90
CA PRO P 154 16.39 29.62 0.91
C PRO P 154 17.62 29.21 0.14
N TYR P 155 18.30 30.19 -0.44
CA TYR P 155 19.51 29.99 -1.22
C TYR P 155 20.62 30.86 -0.65
N GLY P 156 21.82 30.30 -0.52
CA GLY P 156 22.93 31.02 0.07
C GLY P 156 24.17 30.96 -0.79
N PHE P 157 24.90 32.07 -0.80
CA PHE P 157 26.07 32.19 -1.66
C PHE P 157 27.22 31.36 -1.11
N ASN P 158 27.94 30.70 -2.01
CA ASN P 158 29.10 29.88 -1.67
C ASN P 158 30.35 30.56 -2.19
N ASN P 159 31.17 31.10 -1.29
CA ASN P 159 32.32 31.90 -1.71
C ASN P 159 33.38 31.05 -2.41
N LYS P 160 33.44 29.76 -2.10
CA LYS P 160 34.47 28.91 -2.71
C LYS P 160 34.13 28.59 -4.17
N THR P 161 32.86 28.32 -4.47
CA THR P 161 32.45 27.98 -5.82
C THR P 161 31.74 29.12 -6.54
N ARG P 162 31.33 30.16 -5.81
CA ARG P 162 30.71 31.36 -6.40
C ARG P 162 29.42 31.01 -7.13
N ARG P 163 28.51 30.30 -6.44
CA ARG P 163 27.20 29.96 -6.96
C ARG P 163 26.19 30.00 -5.83
N TRP P 164 24.95 30.32 -6.17
CA TRP P 164 23.87 30.35 -5.19
C TRP P 164 23.38 28.93 -4.94
N GLU P 165 23.93 28.27 -3.92
CA GLU P 165 23.56 26.91 -3.59
C GLU P 165 22.54 26.93 -2.46
N CYS P 166 21.56 26.05 -2.56
CA CYS P 166 20.48 26.02 -1.59
C CYS P 166 20.97 25.49 -0.24
N LEU P 167 20.31 25.94 0.81
CA LEU P 167 20.43 25.33 2.12
C LEU P 167 19.43 24.17 2.16
N ASP P 168 19.23 23.59 3.35
CA ASP P 168 18.30 22.48 3.52
C ASP P 168 18.69 21.31 2.62
N THR P 169 19.85 20.72 2.93
CA THR P 169 20.41 19.68 2.07
C THR P 169 19.54 18.42 2.06
N LYS P 170 18.94 18.07 3.19
CA LYS P 170 18.24 16.79 3.29
C LYS P 170 17.03 16.74 2.37
N TYR P 171 16.14 17.73 2.46
CA TYR P 171 14.91 17.78 1.65
C TYR P 171 14.87 19.15 0.97
N GLY P 172 15.36 19.22 -0.27
CA GLY P 172 15.30 20.45 -1.02
C GLY P 172 15.66 20.21 -2.46
N THR P 173 15.55 21.28 -3.26
CA THR P 173 16.01 21.22 -4.63
C THR P 173 17.52 20.99 -4.64
N LYS P 174 18.01 20.34 -5.69
CA LYS P 174 19.44 20.15 -5.86
C LYS P 174 20.01 20.97 -7.01
N ARG P 175 19.42 22.13 -7.28
CA ARG P 175 19.94 23.02 -8.31
C ARG P 175 20.75 24.16 -7.69
N THR P 176 21.78 24.58 -8.43
CA THR P 176 22.62 25.71 -8.04
C THR P 176 22.61 26.73 -9.18
N TYR P 177 22.48 28.00 -8.83
CA TYR P 177 22.34 29.06 -9.81
C TYR P 177 23.56 29.96 -9.78
N GLN P 178 23.84 30.57 -10.93
CA GLN P 178 24.98 31.46 -11.05
C GLN P 178 24.76 32.72 -10.21
N ALA P 179 25.84 33.47 -10.03
CA ALA P 179 25.68 34.85 -9.63
C ALA P 179 25.04 35.63 -10.77
N ASP P 180 24.70 36.88 -10.50
CA ASP P 180 24.02 37.81 -11.41
C ASP P 180 22.53 37.45 -11.53
N ILE P 181 22.08 36.36 -10.93
CA ILE P 181 20.64 36.14 -10.79
C ILE P 181 20.04 37.23 -9.91
N PHE P 182 20.71 37.57 -8.83
CA PHE P 182 20.24 38.56 -7.87
C PHE P 182 21.17 39.75 -7.91
N VAL P 183 20.64 40.92 -8.26
CA VAL P 183 21.39 42.17 -8.33
C VAL P 183 20.73 43.17 -7.40
N ALA P 184 21.49 43.65 -6.41
CA ALA P 184 20.95 44.50 -5.36
C ALA P 184 21.30 45.96 -5.64
N THR P 185 20.29 46.82 -5.69
CA THR P 185 20.47 48.24 -5.87
C THR P 185 19.69 49.09 -4.87
N ASP P 186 18.80 48.50 -4.08
CA ASP P 186 18.04 49.23 -3.07
C ASP P 186 18.62 48.95 -1.69
N GLU P 187 18.07 49.64 -0.69
CA GLU P 187 18.50 49.39 0.67
C GLU P 187 18.03 48.02 1.14
N ASP P 188 18.90 47.31 1.85
CA ASP P 188 18.63 45.94 2.24
C ASP P 188 17.68 45.91 3.44
N ILE P 189 17.18 44.71 3.73
CA ILE P 189 16.29 44.54 4.89
C ILE P 189 17.11 44.65 6.17
N PRO P 190 16.64 45.36 7.18
CA PRO P 190 17.40 45.44 8.44
C PRO P 190 17.59 44.05 9.05
N GLU P 191 18.75 43.86 9.68
CA GLU P 191 19.09 42.56 10.24
C GLU P 191 18.18 42.20 11.40
N SER P 192 17.62 43.20 12.08
CA SER P 192 16.76 42.93 13.22
C SER P 192 15.45 42.27 12.78
N GLU P 193 14.94 42.65 11.61
CA GLU P 193 13.66 42.11 11.15
C GLU P 193 13.81 40.70 10.59
N MET P 194 14.93 40.40 9.97
CA MET P 194 15.14 39.09 9.36
C MET P 194 15.17 38.00 10.41
N THR P 195 14.66 36.82 10.05
CA THR P 195 14.68 35.65 10.91
C THR P 195 15.76 34.68 10.43
N GLU P 196 16.47 34.08 11.39
CA GLU P 196 17.64 33.26 11.12
C GLU P 196 17.22 31.82 10.85
N VAL P 197 17.76 31.23 9.78
CA VAL P 197 17.56 29.83 9.47
C VAL P 197 18.90 29.23 9.05
N TYR P 198 19.18 28.02 9.53
CA TYR P 198 20.42 27.30 9.21
C TYR P 198 21.64 28.16 9.52
N GLY P 199 21.57 28.93 10.60
CA GLY P 199 22.70 29.69 11.07
C GLY P 199 23.09 30.89 10.23
N THR P 200 22.20 31.39 9.36
CA THR P 200 22.52 32.54 8.53
C THR P 200 21.30 33.44 8.42
N LYS P 201 21.54 34.70 8.05
CA LYS P 201 20.48 35.67 7.82
C LYS P 201 20.54 36.30 6.44
N ASP P 202 21.40 35.81 5.56
CA ASP P 202 21.53 36.33 4.20
C ASP P 202 21.15 35.22 3.21
N TYR P 203 19.86 35.13 2.90
CA TYR P 203 19.39 34.10 2.00
C TYR P 203 18.43 34.72 0.98
N ILE P 204 18.29 34.03 -0.14
CA ILE P 204 17.48 34.50 -1.27
C ILE P 204 16.42 33.43 -1.57
N PHE P 205 15.29 33.88 -2.08
CA PHE P 205 14.24 32.99 -2.54
C PHE P 205 14.16 33.08 -4.06
N ILE P 206 14.36 31.97 -4.74
CA ILE P 206 14.45 31.94 -6.19
C ILE P 206 13.29 31.13 -6.74
N LEU P 207 12.48 31.76 -7.58
CA LEU P 207 11.34 31.13 -8.23
C LEU P 207 11.68 30.90 -9.70
N ASP P 208 11.93 29.64 -10.06
CA ASP P 208 12.28 29.26 -11.42
C ASP P 208 11.05 28.65 -12.08
N PHE P 209 10.62 29.23 -13.20
CA PHE P 209 9.40 28.78 -13.85
C PHE P 209 9.65 27.53 -14.68
N ALA P 210 10.90 27.20 -14.91
CA ALA P 210 11.24 25.84 -15.32
C ALA P 210 11.61 25.03 -14.08
N ASP P 211 11.25 23.75 -14.10
CA ASP P 211 11.40 22.87 -12.93
C ASP P 211 10.61 23.41 -11.74
N LEU P 212 9.29 23.52 -11.90
CA LEU P 212 8.37 23.79 -10.80
C LEU P 212 7.81 22.45 -10.35
N ARG P 213 8.38 21.89 -9.28
CA ARG P 213 7.93 20.62 -8.74
C ARG P 213 7.13 20.89 -7.47
N THR P 214 5.89 20.41 -7.43
CA THR P 214 4.97 20.71 -6.34
C THR P 214 5.09 19.61 -5.30
N GLY P 215 5.64 19.96 -4.14
CA GLY P 215 5.69 19.03 -3.03
C GLY P 215 6.39 19.65 -1.84
N VAL P 216 6.20 19.02 -0.69
CA VAL P 216 6.95 19.40 0.50
C VAL P 216 8.42 19.05 0.35
N ALA P 217 8.69 17.90 -0.29
CA ALA P 217 10.05 17.45 -0.56
C ALA P 217 10.37 17.46 -2.05
N PHE P 218 9.59 18.19 -2.85
CA PHE P 218 9.81 18.32 -4.29
C PHE P 218 9.66 16.97 -5.00
N ASN P 219 8.60 16.24 -4.66
CA ASN P 219 8.26 14.97 -5.29
C ASN P 219 6.78 15.02 -5.63
N GLY P 220 6.46 15.51 -6.84
CA GLY P 220 5.07 15.64 -7.22
C GLY P 220 4.95 16.06 -8.66
N VAL P 221 3.72 16.32 -9.08
CA VAL P 221 3.47 16.75 -10.44
C VAL P 221 4.08 18.11 -10.68
N THR P 222 4.44 18.38 -11.92
CA THR P 222 5.08 19.64 -12.29
C THR P 222 4.07 20.55 -12.98
N ILE P 223 4.01 21.80 -12.53
CA ILE P 223 3.11 22.76 -13.14
C ILE P 223 3.54 23.04 -14.58
N ASN P 224 2.55 23.19 -15.46
CA ASN P 224 2.83 23.58 -16.84
C ASN P 224 2.97 25.09 -16.90
N PRO P 225 4.14 25.62 -17.25
CA PRO P 225 4.33 27.07 -17.21
C PRO P 225 3.58 27.82 -18.29
N ARG P 226 2.93 27.12 -19.21
CA ARG P 226 2.38 27.78 -20.38
C ARG P 226 0.97 28.29 -20.14
N ASN P 227 0.44 28.11 -18.93
CA ASN P 227 -0.87 28.64 -18.55
C ASN P 227 -0.90 28.86 -17.05
N ILE P 228 -0.73 30.11 -16.62
CA ILE P 228 -0.77 30.48 -15.21
C ILE P 228 -1.63 31.73 -15.10
N THR P 229 -2.56 31.74 -14.13
CA THR P 229 -3.48 32.86 -14.00
C THR P 229 -2.99 33.88 -12.96
N MET P 230 -2.40 33.41 -11.87
CA MET P 230 -1.91 34.32 -10.84
C MET P 230 -0.79 33.65 -10.07
N ILE P 231 -0.03 34.48 -9.35
CA ILE P 231 1.09 34.04 -8.52
C ILE P 231 0.99 34.80 -7.21
N SER P 232 0.47 34.16 -6.17
CA SER P 232 0.23 34.81 -4.89
C SER P 232 1.12 34.18 -3.82
N PHE P 233 1.98 34.98 -3.21
CA PHE P 233 2.81 34.50 -2.12
C PHE P 233 1.97 34.30 -0.87
N ASP P 234 2.28 33.27 -0.10
CA ASP P 234 1.53 32.93 1.11
C ASP P 234 2.28 33.48 2.31
N CYS P 235 1.71 34.53 2.93
CA CYS P 235 2.33 35.19 4.08
C CYS P 235 1.49 34.91 5.31
N THR P 236 2.13 34.39 6.37
CA THR P 236 1.47 34.11 7.63
C THR P 236 2.38 34.53 8.77
N GLU P 237 1.86 34.38 9.99
CA GLU P 237 2.61 34.69 11.20
C GLU P 237 3.17 33.40 11.81
N ALA P 238 3.99 33.56 12.84
CA ALA P 238 4.54 32.40 13.54
C ALA P 238 3.46 31.65 14.30
N HIS P 239 2.50 32.36 14.87
CA HIS P 239 1.44 31.74 15.67
C HIS P 239 0.23 31.33 14.85
N HIS P 240 0.33 31.34 13.52
CA HIS P 240 -0.80 30.96 12.69
C HIS P 240 -1.11 29.47 12.83
N GLY P 241 -2.19 29.16 13.53
CA GLY P 241 -2.66 27.79 13.63
C GLY P 241 -1.66 26.82 14.21
N LEU P 242 -1.35 26.92 15.50
CA LEU P 242 -0.42 26.03 16.20
C LEU P 242 0.92 25.95 15.47
N GLY P 243 1.44 27.10 15.03
CA GLY P 243 2.39 27.09 13.93
C GLY P 243 3.77 26.62 14.29
N LYS P 244 4.47 27.38 15.14
CA LYS P 244 5.92 27.25 15.20
C LYS P 244 6.37 25.97 15.90
N ASP P 245 5.73 25.60 17.00
CA ASP P 245 6.31 24.64 17.93
C ASP P 245 5.66 23.27 17.90
N ALA P 246 4.83 22.95 16.91
CA ALA P 246 4.20 21.65 16.85
C ALA P 246 5.20 20.57 16.41
N TYR P 247 4.99 19.35 16.89
CA TYR P 247 5.80 18.20 16.48
C TYR P 247 5.03 16.92 16.77
N ILE P 248 5.23 15.91 15.91
CA ILE P 248 4.32 14.78 15.85
C ILE P 248 4.37 13.93 17.12
N ALA P 249 5.57 13.65 17.62
CA ALA P 249 5.78 12.65 18.69
C ALA P 249 5.45 11.29 18.09
N ALA P 250 4.33 10.64 18.46
CA ALA P 250 4.06 9.26 18.07
C ALA P 250 2.94 9.16 17.05
N MET P 251 2.97 8.08 16.26
CA MET P 251 1.88 7.67 15.38
C MET P 251 1.77 6.16 15.38
N TYR P 252 0.54 5.65 15.40
CA TYR P 252 0.33 4.20 15.35
C TYR P 252 -1.07 3.91 14.83
N ASN P 253 -1.27 2.68 14.38
CA ASN P 253 -2.54 2.26 13.79
C ASN P 253 -3.56 1.94 14.87
N ASN P 254 -4.79 1.71 14.43
CA ASN P 254 -5.88 1.33 15.31
C ASN P 254 -6.52 0.04 14.83
N ASP P 255 -7.28 -0.59 15.72
CA ASP P 255 -7.96 -1.83 15.37
C ASP P 255 -9.16 -1.57 14.48
N ASP P 256 -9.55 -0.31 14.34
CA ASP P 256 -10.67 0.03 13.47
C ASP P 256 -10.33 -0.24 12.01
N GLY P 257 -11.35 -0.27 11.17
CA GLY P 257 -11.13 -0.44 9.75
C GLY P 257 -10.57 0.80 9.08
N ALA P 258 -10.88 1.99 9.62
CA ALA P 258 -10.58 3.21 8.90
C ALA P 258 -9.38 3.95 9.49
N THR P 259 -9.43 4.29 10.77
CA THR P 259 -8.64 5.38 11.32
C THR P 259 -7.31 4.92 11.91
N PHE P 260 -6.51 5.91 12.29
CA PHE P 260 -5.27 5.70 13.04
C PHE P 260 -5.05 6.90 13.95
N GLN P 261 -4.17 6.73 14.94
CA GLN P 261 -4.02 7.68 16.03
C GLN P 261 -2.73 8.47 15.86
N MET P 262 -2.75 9.75 16.22
CA MET P 262 -1.61 10.65 16.07
C MET P 262 -1.62 11.70 17.17
N GLU P 263 -0.49 11.85 17.86
CA GLU P 263 -0.27 12.97 18.76
C GLU P 263 0.29 14.16 18.00
N ILE P 264 0.23 15.34 18.62
CA ILE P 264 0.59 16.58 17.94
C ILE P 264 1.59 17.43 18.73
N GLY P 265 1.78 17.15 20.01
CA GLY P 265 2.90 17.83 20.66
C GLY P 265 2.62 19.27 21.07
N GLY P 266 3.71 20.03 21.22
CA GLY P 266 3.63 21.36 21.77
C GLY P 266 2.81 22.31 20.93
N ILE P 267 1.75 22.87 21.50
CA ILE P 267 0.78 23.71 20.81
C ILE P 267 0.42 24.87 21.73
N HIS P 268 0.32 26.07 21.16
CA HIS P 268 -0.12 27.18 21.98
C HIS P 268 -1.58 26.98 22.40
N THR P 269 -1.92 27.55 23.56
CA THR P 269 -3.18 27.18 24.21
C THR P 269 -4.38 27.55 23.36
N ASN P 270 -4.35 28.70 22.70
CA ASN P 270 -5.50 29.20 21.92
C ASN P 270 -5.49 28.56 20.53
N ALA P 271 -5.84 27.28 20.49
CA ALA P 271 -5.89 26.54 19.24
C ALA P 271 -6.86 25.39 19.36
N ALA P 272 -7.54 25.08 18.25
CA ALA P 272 -8.50 23.98 18.21
C ALA P 272 -8.54 23.39 16.81
N LEU P 273 -8.98 22.14 16.73
CA LEU P 273 -9.07 21.41 15.47
C LEU P 273 -10.50 20.99 15.21
N ALA P 274 -10.93 21.06 13.96
CA ALA P 274 -12.24 20.60 13.55
C ALA P 274 -12.07 19.46 12.56
N ALA P 275 -13.11 18.62 12.46
CA ALA P 275 -13.06 17.50 11.54
C ALA P 275 -12.95 17.99 10.10
N GLY P 276 -12.14 17.29 9.30
CA GLY P 276 -11.87 17.69 7.95
C GLY P 276 -10.59 18.47 7.75
N ASP P 277 -9.90 18.87 8.83
CA ASP P 277 -8.64 19.56 8.70
C ASP P 277 -7.57 18.63 8.16
N LYS P 278 -6.62 19.19 7.42
CA LYS P 278 -5.57 18.42 6.77
C LYS P 278 -4.21 18.82 7.31
N LEU P 279 -3.39 17.82 7.61
CA LEU P 279 -2.05 18.02 8.16
C LEU P 279 -1.04 17.29 7.27
N GLN P 280 0.11 17.92 7.05
CA GLN P 280 1.17 17.36 6.23
C GLN P 280 2.42 17.15 7.09
N CYS P 281 3.16 16.09 6.79
CA CYS P 281 4.37 15.81 7.56
C CYS P 281 5.32 14.96 6.72
N ILE P 282 6.60 15.04 7.07
CA ILE P 282 7.64 14.18 6.51
C ILE P 282 8.20 13.32 7.63
N TRP P 283 7.91 12.02 7.58
CA TRP P 283 8.23 11.14 8.69
C TRP P 283 9.00 9.94 8.16
N ARG P 284 9.70 9.27 9.08
CA ARG P 284 10.50 8.10 8.76
C ARG P 284 9.92 6.87 9.44
N TYR P 285 9.86 5.77 8.72
CA TYR P 285 9.30 4.53 9.25
C TYR P 285 10.22 3.35 8.95
N LEU P 286 9.90 2.22 9.58
CA LEU P 286 10.63 0.97 9.38
C LEU P 286 9.83 0.09 8.43
N ASP P 287 10.45 -0.29 7.31
CA ASP P 287 9.81 -1.19 6.38
C ASP P 287 9.63 -2.57 7.01
N VAL P 288 8.90 -3.43 6.31
CA VAL P 288 8.71 -4.80 6.78
C VAL P 288 10.03 -5.54 6.81
N ASN P 289 10.88 -5.30 5.82
CA ASN P 289 12.18 -5.97 5.73
C ASN P 289 13.16 -5.50 6.78
N GLY P 290 12.86 -4.43 7.51
CA GLY P 290 13.75 -3.91 8.52
C GLY P 290 14.64 -2.77 8.09
N ASN P 291 14.34 -2.12 6.97
CA ASN P 291 15.13 -1.01 6.47
C ASN P 291 14.36 0.29 6.62
N ALA P 292 15.04 1.33 7.08
CA ALA P 292 14.39 2.62 7.29
C ALA P 292 14.07 3.29 5.96
N GLN P 293 12.93 3.97 5.91
CA GLN P 293 12.52 4.71 4.73
C GLN P 293 12.00 6.07 5.17
N ALA P 294 11.70 6.92 4.19
CA ALA P 294 11.13 8.23 4.42
C ALA P 294 9.94 8.44 3.48
N ALA P 295 8.93 9.15 3.96
CA ALA P 295 7.73 9.39 3.18
C ALA P 295 7.06 10.69 3.62
N GLU P 296 6.24 11.25 2.74
CA GLU P 296 5.44 12.43 3.03
C GLU P 296 3.99 12.11 2.72
N ASN P 297 3.07 12.72 3.48
CA ASN P 297 1.67 12.35 3.37
C ASN P 297 0.80 13.51 3.83
N GLU P 298 -0.50 13.40 3.54
CA GLU P 298 -1.51 14.35 3.99
C GLU P 298 -2.64 13.57 4.64
N PHE P 299 -3.01 13.97 5.86
CA PHE P 299 -3.97 13.23 6.67
C PHE P 299 -5.16 14.12 7.01
N GLU P 300 -6.36 13.56 6.91
CA GLU P 300 -7.55 14.21 7.45
C GLU P 300 -7.72 13.84 8.91
N VAL P 301 -8.61 14.55 9.60
CA VAL P 301 -8.88 14.30 11.01
C VAL P 301 -10.36 14.02 11.18
N VAL P 302 -10.71 13.25 12.20
CA VAL P 302 -12.11 12.96 12.51
C VAL P 302 -12.47 13.51 13.89
N SER P 303 -11.54 13.44 14.84
CA SER P 303 -11.79 13.92 16.19
C SER P 303 -10.46 14.08 16.92
N TYR P 304 -10.51 14.75 18.07
CA TYR P 304 -9.33 14.96 18.89
C TYR P 304 -9.73 15.14 20.34
N GLU P 305 -8.74 15.21 21.21
CA GLU P 305 -8.95 15.43 22.63
C GLU P 305 -7.81 16.27 23.20
N GLY P 306 -8.14 17.12 24.15
CA GLY P 306 -7.15 17.91 24.86
C GLY P 306 -7.11 19.39 24.56
N PHE P 307 -8.26 20.05 24.40
CA PHE P 307 -8.24 21.49 24.17
C PHE P 307 -7.76 22.22 25.41
N GLY P 308 -6.83 23.16 25.21
CA GLY P 308 -6.33 24.00 26.28
C GLY P 308 -5.20 23.43 27.09
N THR P 309 -4.89 22.13 26.95
CA THR P 309 -3.79 21.53 27.70
C THR P 309 -2.49 21.54 26.93
N SER P 310 -2.47 22.06 25.70
CA SER P 310 -1.32 22.22 24.83
C SER P 310 -0.77 20.90 24.29
N ASN P 311 -1.48 19.78 24.47
CA ASN P 311 -1.08 18.50 23.90
C ASN P 311 -2.33 17.81 23.36
N PHE P 312 -2.31 17.44 22.07
CA PHE P 312 -3.45 16.83 21.43
C PHE P 312 -3.14 15.38 21.11
N SER P 313 -4.20 14.58 21.00
CA SER P 313 -4.14 13.23 20.45
C SER P 313 -5.27 13.07 19.46
N VAL P 314 -4.93 13.12 18.17
CA VAL P 314 -5.90 13.24 17.09
C VAL P 314 -6.09 11.89 16.42
N LYS P 315 -7.34 11.55 16.13
CA LYS P 315 -7.67 10.37 15.34
C LYS P 315 -7.77 10.79 13.88
N CYS P 316 -7.02 10.12 13.02
CA CYS P 316 -6.92 10.50 11.62
C CYS P 316 -7.23 9.31 10.72
N LYS P 317 -7.65 9.61 9.49
CA LYS P 317 -8.00 8.57 8.54
C LYS P 317 -6.76 8.06 7.81
N GLY P 318 -6.81 6.80 7.38
CA GLY P 318 -5.74 6.23 6.58
C GLY P 318 -4.97 5.15 7.31
N MET P 319 -4.18 4.42 6.55
CA MET P 319 -3.35 3.35 7.07
C MET P 319 -1.88 3.76 7.05
N LEU P 320 -1.08 3.12 7.90
CA LEU P 320 0.33 3.46 7.99
C LEU P 320 1.19 2.32 7.43
N PRO P 321 2.16 2.64 6.58
CA PRO P 321 2.94 1.58 5.94
C PRO P 321 3.92 0.87 6.88
N GLY P 322 4.26 1.45 8.03
CA GLY P 322 5.24 0.79 8.87
C GLY P 322 5.29 1.38 10.26
N LYS P 323 6.25 0.88 11.03
CA LYS P 323 6.45 1.35 12.39
C LYS P 323 7.11 2.72 12.42
N PHE P 324 6.63 3.59 13.30
CA PHE P 324 7.13 4.96 13.38
C PHE P 324 8.56 4.99 13.87
N ILE P 325 9.33 5.96 13.39
CA ILE P 325 10.67 6.26 13.89
C ILE P 325 10.80 7.72 14.32
N GLY P 326 10.58 8.65 13.40
CA GLY P 326 10.71 10.06 13.71
C GLY P 326 10.06 10.91 12.64
N CYS P 327 9.96 12.20 12.93
CA CYS P 327 9.35 13.18 12.02
C CYS P 327 10.32 14.34 11.84
N ASP P 328 10.43 14.82 10.60
CA ASP P 328 11.40 15.87 10.31
C ASP P 328 10.74 17.21 10.02
N ALA P 329 9.54 17.21 9.44
CA ALA P 329 8.82 18.44 9.17
C ALA P 329 7.33 18.24 9.43
N PHE P 330 6.67 19.29 9.88
CA PHE P 330 5.25 19.25 10.20
C PHE P 330 4.59 20.54 9.74
N TYR P 331 3.40 20.41 9.15
CA TYR P 331 2.65 21.55 8.64
C TYR P 331 1.25 21.51 9.22
N GLY P 332 0.94 22.46 10.10
CA GLY P 332 -0.37 22.56 10.71
C GLY P 332 -1.15 23.82 10.42
N LYS P 333 -1.15 24.30 9.18
CA LYS P 333 -1.74 25.59 8.87
C LYS P 333 -3.15 25.41 8.30
N TYR P 334 -3.84 26.54 8.15
CA TYR P 334 -5.16 26.61 7.53
C TYR P 334 -6.20 25.75 8.25
N LEU P 335 -6.51 26.10 9.50
CA LEU P 335 -7.55 25.42 10.26
C LEU P 335 -8.86 26.16 10.10
N GLN P 336 -9.94 25.55 10.59
CA GLN P 336 -11.27 26.13 10.40
C GLN P 336 -11.66 27.04 11.58
N THR P 337 -11.37 26.64 12.81
CA THR P 337 -11.87 27.33 13.99
C THR P 337 -11.01 28.55 14.31
N ASP P 338 -11.66 29.61 14.78
CA ASP P 338 -10.97 30.83 15.13
C ASP P 338 -10.28 30.71 16.48
N GLY P 339 -9.29 31.57 16.70
CA GLY P 339 -8.62 31.65 17.97
C GLY P 339 -7.86 32.95 18.11
N PRO P 340 -7.92 33.57 19.28
CA PRO P 340 -7.26 34.85 19.49
C PRO P 340 -5.80 34.70 19.86
N ILE P 341 -5.02 35.71 19.48
CA ILE P 341 -3.61 35.80 19.83
C ILE P 341 -3.31 37.24 20.25
N LYS P 342 -2.16 37.43 20.89
CA LYS P 342 -1.72 38.78 21.21
C LYS P 342 -1.48 39.55 19.92
N GLN P 343 -1.99 40.79 19.88
CA GLN P 343 -1.93 41.57 18.66
C GLN P 343 -0.49 41.98 18.36
N VAL P 344 -0.08 41.77 17.10
CA VAL P 344 1.28 42.05 16.67
C VAL P 344 1.21 42.87 15.38
N ASP P 345 2.10 43.86 15.28
CA ASP P 345 2.27 44.64 14.06
C ASP P 345 3.63 44.34 13.46
N SER P 346 3.65 43.97 12.19
CA SER P 346 4.88 43.61 11.51
C SER P 346 4.85 44.14 10.09
N VAL P 347 6.02 44.29 9.50
CA VAL P 347 6.18 44.81 8.14
C VAL P 347 6.86 43.74 7.30
N LYS P 348 6.29 43.45 6.13
CA LYS P 348 6.87 42.50 5.20
C LYS P 348 7.60 43.26 4.09
N TRP P 349 8.83 42.86 3.80
CA TRP P 349 9.64 43.51 2.79
C TRP P 349 9.80 42.58 1.59
N PHE P 350 9.61 43.12 0.39
CA PHE P 350 9.91 42.44 -0.86
C PHE P 350 10.91 43.32 -1.60
N THR P 351 12.19 43.02 -1.48
CA THR P 351 13.24 43.90 -1.96
C THR P 351 13.99 43.27 -3.13
N ASN P 352 14.36 44.12 -4.08
CA ASN P 352 15.26 43.76 -5.18
C ASN P 352 14.69 42.63 -6.03
N LEU P 353 13.48 42.86 -6.55
CA LEU P 353 12.88 41.93 -7.49
C LEU P 353 13.62 42.00 -8.82
N THR P 354 14.33 40.93 -9.18
CA THR P 354 15.14 40.90 -10.39
C THR P 354 14.63 39.78 -11.30
N VAL P 355 14.05 40.16 -12.43
CA VAL P 355 13.56 39.19 -13.40
C VAL P 355 14.66 38.92 -14.42
N SER P 356 15.03 37.66 -14.56
CA SER P 356 16.03 37.25 -15.54
C SER P 356 15.55 35.99 -16.23
N GLY P 357 16.03 35.76 -17.44
CA GLY P 357 15.64 34.64 -18.24
C GLY P 357 15.77 34.97 -19.71
N SER P 358 14.96 34.31 -20.54
CA SER P 358 15.00 34.53 -21.97
C SER P 358 13.63 34.54 -22.63
N GLY P 359 12.58 34.95 -21.93
CA GLY P 359 11.28 35.02 -22.57
C GLY P 359 10.33 36.09 -22.07
N ARG P 360 9.89 36.97 -22.97
CA ARG P 360 8.73 37.84 -22.75
C ARG P 360 8.84 38.61 -21.44
N LYS P 361 9.82 39.50 -21.35
CA LYS P 361 10.04 40.22 -20.10
C LYS P 361 9.18 41.48 -20.02
N GLN P 362 8.58 41.92 -21.13
CA GLN P 362 7.83 43.17 -21.16
C GLN P 362 6.43 42.93 -21.72
N LEU P 363 5.44 43.48 -21.03
CA LEU P 363 4.07 43.46 -21.55
C LEU P 363 3.71 44.80 -22.17
N GLY P 364 2.72 44.77 -23.07
CA GLY P 364 2.21 46.00 -23.63
C GLY P 364 1.21 46.68 -22.70
N GLN P 365 1.04 47.98 -22.88
CA GLN P 365 0.14 48.76 -22.05
C GLN P 365 -0.41 49.93 -22.85
N ARG P 366 -1.61 50.36 -22.49
CA ARG P 366 -2.23 51.55 -23.07
C ARG P 366 -2.06 52.72 -22.11
N LYS P 367 -1.73 53.88 -22.66
CA LYS P 367 -1.64 55.12 -21.88
C LYS P 367 -2.12 56.25 -22.76
N TYR P 368 -3.38 56.65 -22.60
CA TYR P 368 -4.00 57.69 -23.41
C TYR P 368 -4.49 58.83 -22.53
N PRO P 369 -3.65 59.81 -22.24
CA PRO P 369 -4.12 60.95 -21.44
C PRO P 369 -5.20 61.72 -22.17
N GLN P 370 -6.11 62.30 -21.39
CA GLN P 370 -7.26 63.00 -21.94
C GLN P 370 -7.28 64.43 -21.44
N VAL P 371 -8.03 65.27 -22.16
CA VAL P 371 -8.06 66.70 -21.85
C VAL P 371 -8.87 66.95 -20.58
N VAL P 372 -8.67 68.12 -19.98
CA VAL P 372 -9.24 68.42 -18.68
C VAL P 372 -10.74 68.70 -18.81
N MET P 373 -11.48 68.32 -17.79
CA MET P 373 -12.89 68.66 -17.65
C MET P 373 -13.12 69.31 -16.29
N GLY P 374 -14.35 69.76 -16.05
CA GLY P 374 -14.62 70.53 -14.86
C GLY P 374 -14.67 69.71 -13.58
N MET P 375 -14.86 68.41 -13.68
CA MET P 375 -15.15 67.60 -12.51
C MET P 375 -13.89 67.37 -11.67
N GLY P 376 -14.12 66.84 -10.46
CA GLY P 376 -13.04 66.42 -9.59
C GLY P 376 -13.37 65.09 -8.96
N MET P 377 -12.33 64.34 -8.62
CA MET P 377 -12.47 62.94 -8.23
C MET P 377 -12.69 62.81 -6.73
N THR P 378 -13.49 61.77 -6.38
CA THR P 378 -13.82 61.46 -4.99
C THR P 378 -13.87 59.95 -4.85
N SER P 379 -13.37 59.36 -3.76
CA SER P 379 -13.28 57.91 -3.63
C SER P 379 -13.58 57.50 -2.19
N GLY P 380 -13.36 56.21 -1.92
CA GLY P 380 -13.52 55.64 -0.60
C GLY P 380 -12.37 54.70 -0.26
N PHE P 381 -12.07 54.55 1.04
CA PHE P 381 -10.88 53.79 1.42
C PHE P 381 -11.11 52.29 1.32
N ASP P 382 -12.31 51.80 1.66
CA ASP P 382 -12.55 50.36 1.65
C ASP P 382 -12.43 49.78 0.24
N ASP P 383 -12.70 50.60 -0.78
CA ASP P 383 -12.60 50.10 -2.15
C ASP P 383 -11.14 50.07 -2.62
N GLY P 384 -10.35 51.04 -2.19
CA GLY P 384 -9.00 51.23 -2.71
C GLY P 384 -7.86 50.80 -1.83
N TYR P 385 -8.08 49.93 -0.84
CA TYR P 385 -6.96 49.48 -0.02
C TYR P 385 -6.11 48.46 -0.75
N ASN P 386 -6.66 47.81 -1.78
CA ASN P 386 -5.92 46.80 -2.53
C ASN P 386 -4.72 47.41 -3.26
N LEU P 387 -4.96 48.45 -4.04
CA LEU P 387 -3.97 48.95 -4.97
C LEU P 387 -2.94 49.83 -4.27
N THR P 388 -1.79 49.97 -4.91
CA THR P 388 -0.81 50.91 -4.42
C THR P 388 -1.33 52.33 -4.57
N PRO P 389 -0.94 53.25 -3.68
CA PRO P 389 -1.44 54.63 -3.78
C PRO P 389 -1.03 55.32 -5.08
N GLU P 390 0.03 54.85 -5.73
CA GLU P 390 0.48 55.50 -6.97
C GLU P 390 -0.46 55.22 -8.12
N ARG P 391 -0.95 53.98 -8.24
CA ARG P 391 -1.83 53.63 -9.35
C ARG P 391 -3.05 54.53 -9.40
N GLN P 392 -3.75 54.66 -8.27
CA GLN P 392 -4.99 55.43 -8.25
C GLN P 392 -4.75 56.88 -8.61
N VAL P 393 -3.74 57.50 -7.99
CA VAL P 393 -3.51 58.93 -8.21
C VAL P 393 -3.08 59.19 -9.64
N LYS P 394 -2.15 58.39 -10.17
CA LYS P 394 -1.67 58.63 -11.53
C LYS P 394 -2.77 58.36 -12.55
N MET P 395 -3.59 57.34 -12.31
CA MET P 395 -4.71 57.07 -13.22
C MET P 395 -5.71 58.22 -13.21
N ALA P 396 -6.07 58.70 -12.02
CA ALA P 396 -7.07 59.77 -11.92
C ALA P 396 -6.55 61.08 -12.50
N TYR P 397 -5.28 61.39 -12.27
CA TYR P 397 -4.70 62.59 -12.85
C TYR P 397 -4.59 62.47 -14.37
N GLY P 398 -4.28 61.28 -14.87
CA GLY P 398 -4.17 61.10 -16.30
C GLY P 398 -5.46 61.35 -17.05
N LEU P 399 -6.59 60.98 -16.43
CA LEU P 399 -7.89 61.11 -17.09
C LEU P 399 -8.46 62.52 -17.02
N GLY P 400 -7.87 63.43 -16.24
CA GLY P 400 -8.24 64.82 -16.27
C GLY P 400 -8.95 65.34 -15.03
N TYR P 401 -9.12 64.53 -13.99
CA TYR P 401 -9.73 65.04 -12.76
C TYR P 401 -8.73 65.90 -11.99
N ARG P 402 -9.17 67.09 -11.59
CA ARG P 402 -8.25 68.08 -11.05
C ARG P 402 -8.84 68.79 -9.85
N ASP P 403 -7.95 69.24 -8.96
CA ASP P 403 -8.18 70.30 -7.98
C ASP P 403 -9.00 69.92 -6.75
N TRP P 404 -9.56 68.72 -6.67
CA TRP P 404 -10.35 68.34 -5.51
C TRP P 404 -10.36 66.84 -5.31
N TRP P 405 -10.31 66.42 -4.05
CA TRP P 405 -10.48 65.03 -3.65
C TRP P 405 -11.19 64.99 -2.31
N THR P 406 -12.23 64.17 -2.20
CA THR P 406 -12.88 63.89 -0.92
C THR P 406 -12.89 62.39 -0.71
N THR P 407 -12.34 61.95 0.41
CA THR P 407 -12.21 60.53 0.72
C THR P 407 -12.99 60.19 1.97
N TYR P 408 -13.79 59.14 1.91
CA TYR P 408 -14.57 58.66 3.04
C TYR P 408 -13.88 57.44 3.63
N ILE P 409 -13.33 57.60 4.84
CA ILE P 409 -12.64 56.51 5.51
C ILE P 409 -13.65 55.43 5.86
N GLY P 410 -13.30 54.17 5.57
CA GLY P 410 -14.23 53.09 5.77
C GLY P 410 -14.50 52.80 7.23
N MET P 411 -15.56 52.03 7.47
CA MET P 411 -15.92 51.66 8.83
C MET P 411 -15.02 50.55 9.35
N SER P 412 -14.36 49.81 8.46
CA SER P 412 -13.91 48.47 8.82
C SER P 412 -12.41 48.41 9.11
N HIS P 413 -11.62 49.35 8.59
CA HIS P 413 -10.18 49.16 8.57
C HIS P 413 -9.38 50.15 9.40
N TYR P 414 -9.86 51.38 9.61
CA TYR P 414 -8.98 52.42 10.11
C TYR P 414 -8.65 52.23 11.60
N TRP P 415 -9.55 51.64 12.36
CA TRP P 415 -9.33 51.56 13.81
C TRP P 415 -8.46 50.35 14.17
N LYS P 416 -7.99 50.35 15.42
CA LYS P 416 -7.27 49.21 15.99
C LYS P 416 -8.26 48.26 16.64
N GLY P 417 -7.77 47.08 17.02
CA GLY P 417 -8.67 46.10 17.59
C GLY P 417 -7.95 44.93 18.25
N LEU P 418 -8.76 44.06 18.85
CA LEU P 418 -8.29 42.87 19.52
C LEU P 418 -9.35 41.78 19.40
N THR P 419 -8.95 40.56 19.71
CA THR P 419 -9.87 39.44 19.83
C THR P 419 -9.55 38.68 21.10
N ALA P 420 -10.58 38.10 21.73
CA ALA P 420 -10.37 37.40 22.99
C ALA P 420 -11.52 36.43 23.24
N PHE P 421 -11.22 35.44 24.08
CA PHE P 421 -12.23 34.55 24.64
C PHE P 421 -12.89 35.22 25.84
N GLN P 422 -14.20 35.09 25.95
CA GLN P 422 -14.95 35.58 27.10
C GLN P 422 -15.72 34.43 27.72
N ASP P 423 -15.39 34.10 28.97
CA ASP P 423 -16.08 33.02 29.65
C ASP P 423 -17.54 33.40 29.89
N LYS P 424 -18.42 32.41 29.77
CA LYS P 424 -19.85 32.68 29.91
C LYS P 424 -20.24 32.90 31.37
N GLU P 425 -19.62 32.17 32.29
CA GLU P 425 -19.95 32.34 33.71
C GLU P 425 -19.46 33.69 34.23
N THR P 426 -18.22 34.06 33.93
CA THR P 426 -17.65 35.32 34.38
C THR P 426 -16.97 36.02 33.22
N GLY P 427 -17.09 37.34 33.19
CA GLY P 427 -16.52 38.12 32.11
C GLY P 427 -15.01 38.25 32.18
N GLU P 428 -14.30 37.15 31.98
CA GLU P 428 -12.84 37.13 31.99
C GLU P 428 -12.35 37.01 30.56
N LEU P 429 -11.43 37.90 30.18
CA LEU P 429 -10.91 37.95 28.83
C LEU P 429 -9.53 37.35 28.78
N ILE P 430 -9.31 36.42 27.86
CA ILE P 430 -8.03 35.78 27.65
C ILE P 430 -7.57 36.17 26.26
N THR P 431 -6.45 36.91 26.18
CA THR P 431 -5.94 37.39 24.91
C THR P 431 -4.57 36.84 24.56
N GLU P 432 -3.84 36.28 25.53
CA GLU P 432 -2.48 35.84 25.31
C GLU P 432 -2.42 34.31 25.30
N GLN P 433 -1.34 33.79 24.71
CA GLN P 433 -1.17 32.37 24.53
C GLN P 433 0.17 31.94 25.10
N THR P 434 0.28 30.65 25.41
CA THR P 434 1.48 30.10 26.02
C THR P 434 1.68 28.68 25.53
N VAL P 435 2.92 28.20 25.57
CA VAL P 435 3.28 26.84 25.21
C VAL P 435 3.73 26.12 26.47
N LEU P 436 3.06 25.03 26.82
CA LEU P 436 3.40 24.22 27.98
C LEU P 436 4.08 22.94 27.50
N ASP P 437 5.35 22.78 27.86
CA ASP P 437 6.10 21.60 27.44
C ASP P 437 7.20 21.38 28.45
N TYR P 438 7.64 20.12 28.56
CA TYR P 438 8.58 19.69 29.61
C TYR P 438 9.76 18.95 28.98
N PRO P 439 10.65 19.66 28.31
CA PRO P 439 11.81 18.99 27.71
C PRO P 439 12.74 18.44 28.78
N ILE P 440 13.39 17.32 28.47
CA ILE P 440 14.38 16.70 29.34
C ILE P 440 15.59 16.35 28.48
N LEU P 441 16.78 16.73 28.95
CA LEU P 441 17.99 16.60 28.17
C LEU P 441 18.76 15.36 28.57
N PHE P 442 19.07 14.51 27.59
CA PHE P 442 19.88 13.32 27.79
C PHE P 442 21.28 13.59 27.26
N ALA P 443 22.27 13.57 28.15
CA ALA P 443 23.65 13.84 27.78
C ALA P 443 24.56 12.78 28.38
N GLY P 444 25.62 12.44 27.65
CA GLY P 444 26.57 11.46 28.15
C GLY P 444 27.32 10.67 27.09
N GLU P 445 27.40 9.37 27.28
CA GLU P 445 28.21 8.49 26.44
C GLU P 445 27.27 7.46 25.79
N SER P 446 27.77 6.44 25.10
CA SER P 446 26.91 5.54 24.34
C SER P 446 25.93 4.79 25.23
N GLN P 447 26.27 4.62 26.51
CA GLN P 447 25.36 3.93 27.43
C GLN P 447 24.03 4.65 27.54
N VAL P 448 24.04 5.98 27.43
CA VAL P 448 22.78 6.72 27.36
C VAL P 448 22.22 6.68 25.94
N ALA P 449 23.10 6.60 24.94
CA ALA P 449 22.65 6.59 23.55
C ALA P 449 21.89 5.32 23.21
N ILE P 450 22.05 4.27 24.01
CA ILE P 450 21.34 3.02 23.74
C ILE P 450 19.84 3.22 23.80
N HIS P 451 19.37 4.12 24.68
CA HIS P 451 17.94 4.35 24.82
C HIS P 451 17.33 4.88 23.52
N PHE P 452 18.14 5.55 22.71
CA PHE P 452 17.61 6.16 21.48
C PHE P 452 17.94 5.33 20.25
N MET P 453 19.06 4.59 20.28
CA MET P 453 19.59 4.01 19.04
C MET P 453 18.74 2.84 18.56
N SER P 454 17.94 2.24 19.43
CA SER P 454 17.11 1.11 19.04
C SER P 454 16.04 1.55 18.04
N GLY P 455 15.56 0.61 17.24
CA GLY P 455 14.57 0.94 16.23
C GLY P 455 13.15 0.79 16.74
N ALA P 456 12.20 1.19 15.87
CA ALA P 456 10.76 0.97 16.05
C ALA P 456 10.17 1.92 17.09
N TYR P 457 8.84 2.10 17.04
CA TYR P 457 8.20 3.01 17.99
C TYR P 457 8.07 2.42 19.39
N PRO P 458 7.34 1.32 19.62
CA PRO P 458 7.09 0.93 21.01
C PRO P 458 8.31 0.33 21.70
N ASP P 459 9.27 -0.18 20.93
CA ASP P 459 10.30 -1.04 21.50
C ASP P 459 11.47 -0.23 22.04
N ARG P 460 11.52 1.06 21.73
CA ARG P 460 12.67 1.87 22.11
C ARG P 460 12.71 2.09 23.62
N GLY P 461 13.90 2.38 24.13
CA GLY P 461 14.06 2.53 25.57
C GLY P 461 13.32 3.72 26.14
N TYR P 462 13.48 4.89 25.52
CA TYR P 462 12.92 6.11 26.10
C TYR P 462 11.41 6.18 25.94
N ASP P 463 10.84 5.31 25.12
CA ASP P 463 9.39 5.26 25.01
C ASP P 463 8.75 4.83 26.33
N VAL P 464 9.38 3.88 27.03
CA VAL P 464 8.88 3.47 28.34
C VAL P 464 8.94 4.63 29.32
N PHE P 465 10.06 5.35 29.32
CA PHE P 465 10.22 6.53 30.16
C PHE P 465 9.10 7.53 29.93
N GLN P 466 8.88 7.90 28.67
CA GLN P 466 7.88 8.92 28.36
C GLN P 466 6.47 8.42 28.68
N LYS P 467 6.18 7.15 28.37
CA LYS P 467 4.86 6.60 28.67
C LYS P 467 4.57 6.60 30.16
N TYR P 468 5.54 6.16 30.97
CA TYR P 468 5.34 6.14 32.41
C TYR P 468 5.12 7.55 32.95
N MET P 469 5.97 8.50 32.54
CA MET P 469 5.85 9.85 33.06
C MET P 469 4.53 10.49 32.66
N THR P 470 4.07 10.26 31.42
CA THR P 470 2.81 10.84 30.99
C THR P 470 1.62 10.17 31.68
N GLU P 471 1.66 8.85 31.84
CA GLU P 471 0.53 8.17 32.48
C GLU P 471 0.38 8.57 33.93
N THR P 472 1.49 8.65 34.67
CA THR P 472 1.38 8.99 36.09
C THR P 472 0.86 10.42 36.27
N TRP P 473 1.36 11.37 35.49
CA TRP P 473 0.93 12.75 35.60
C TRP P 473 -0.48 12.99 35.06
N GLY P 474 -1.08 12.01 34.39
CA GLY P 474 -2.41 12.19 33.84
C GLY P 474 -2.50 13.21 32.73
N ILE P 475 -1.53 13.19 31.81
CA ILE P 475 -1.54 14.07 30.65
C ILE P 475 -1.38 13.22 29.40
N ASN P 476 -1.54 13.86 28.24
CA ASN P 476 -1.43 13.16 26.97
C ASN P 476 0.02 12.75 26.71
N TYR P 477 0.20 11.96 25.64
CA TYR P 477 1.48 11.31 25.41
C TYR P 477 2.61 12.29 25.13
N ALA P 478 2.31 13.50 24.66
CA ALA P 478 3.36 14.43 24.26
C ALA P 478 3.76 15.39 25.36
N GLY P 479 3.47 15.07 26.62
CA GLY P 479 3.82 15.97 27.70
C GLY P 479 5.32 16.11 27.90
N VAL P 480 6.04 15.00 27.81
CA VAL P 480 7.48 14.97 28.05
C VAL P 480 8.19 14.79 26.71
N HIS P 481 9.27 15.56 26.51
CA HIS P 481 9.98 15.60 25.24
C HIS P 481 11.47 15.34 25.49
N PRO P 482 11.90 14.07 25.50
CA PRO P 482 13.32 13.78 25.63
C PRO P 482 14.12 14.37 24.48
N ILE P 483 15.33 14.81 24.78
CA ILE P 483 16.25 15.38 23.80
C ILE P 483 17.53 14.55 23.81
N ASN P 484 18.07 14.28 22.63
CA ASN P 484 19.28 13.47 22.48
C ASN P 484 20.48 14.40 22.35
N GLY P 485 21.36 14.38 23.35
CA GLY P 485 22.60 15.13 23.27
C GLY P 485 23.82 14.24 23.34
N THR P 486 23.59 12.94 23.48
CA THR P 486 24.69 12.00 23.70
C THR P 486 25.58 11.88 22.47
N THR P 487 26.86 11.64 22.71
CA THR P 487 27.83 11.34 21.65
C THR P 487 28.67 10.15 22.10
N GLY P 488 28.95 9.25 21.16
CA GLY P 488 29.63 8.02 21.53
C GLY P 488 31.11 8.21 21.79
N SER P 489 31.58 7.57 22.86
CA SER P 489 33.00 7.52 23.22
C SER P 489 33.60 8.92 23.38
N THR P 490 33.05 9.69 24.30
CA THR P 490 33.56 11.02 24.63
C THR P 490 34.01 11.05 26.08
N ALA P 491 35.10 11.76 26.36
CA ALA P 491 35.62 11.91 27.70
C ALA P 491 35.47 13.35 28.16
N VAL P 492 35.23 13.53 29.46
CA VAL P 492 35.05 14.88 30.00
C VAL P 492 36.36 15.66 29.91
N ASP P 493 37.48 14.98 30.08
CA ASP P 493 38.79 15.64 30.06
C ASP P 493 39.44 15.49 28.69
N ARG P 494 40.16 16.53 28.28
CA ARG P 494 40.89 16.46 27.01
C ARG P 494 41.98 15.40 27.06
N ALA P 495 42.69 15.30 28.19
CA ALA P 495 43.80 14.36 28.29
C ALA P 495 43.33 12.92 28.15
N CYS P 496 42.20 12.58 28.76
CA CYS P 496 41.71 11.21 28.70
C CYS P 496 41.07 10.90 27.34
N ALA P 497 40.82 11.93 26.53
CA ALA P 497 40.12 11.74 25.26
C ALA P 497 41.00 10.99 24.27
N VAL P 498 40.34 10.36 23.29
CA VAL P 498 41.06 9.69 22.21
C VAL P 498 41.57 10.75 21.23
N ASN P 499 42.87 10.69 20.95
CA ASN P 499 43.52 11.61 20.02
C ASN P 499 43.33 13.07 20.44
N PRO P 500 43.94 13.49 21.55
CA PRO P 500 43.81 14.88 22.03
C PRO P 500 44.79 15.86 21.37
N ASN P 501 44.88 15.78 20.05
CA ASN P 501 45.82 16.63 19.32
C ASN P 501 45.10 17.52 18.30
N SER P 502 43.97 17.03 17.77
CA SER P 502 43.22 17.74 16.75
C SER P 502 41.83 18.07 17.30
N GLU P 503 41.40 19.31 17.13
CA GLU P 503 40.09 19.73 17.62
C GLU P 503 38.98 19.51 16.60
N VAL P 504 39.28 18.90 15.46
CA VAL P 504 38.24 18.61 14.48
C VAL P 504 37.29 17.57 15.05
N PHE P 505 35.99 17.78 14.88
CA PHE P 505 34.97 16.90 15.41
C PHE P 505 34.71 15.77 14.42
N ASP P 506 34.96 14.53 14.86
CA ASP P 506 34.70 13.33 14.05
C ASP P 506 33.94 12.33 14.90
N PRO P 507 32.64 12.57 15.12
CA PRO P 507 31.88 11.67 16.00
C PRO P 507 31.79 10.24 15.47
N THR P 508 31.69 10.07 14.15
CA THR P 508 31.51 8.73 13.60
C THR P 508 32.82 7.95 13.60
N GLN P 509 33.95 8.65 13.64
CA GLN P 509 35.28 8.04 13.56
C GLN P 509 35.46 7.36 12.21
N SER P 510 36.59 6.66 12.03
CA SER P 510 36.98 5.96 10.81
C SER P 510 37.23 6.90 9.65
N SER P 511 37.03 8.21 9.82
CA SER P 511 37.35 9.20 8.81
C SER P 511 38.61 10.00 9.13
N GLY P 512 39.17 9.85 10.32
CA GLY P 512 40.34 10.59 10.70
C GLY P 512 40.41 10.72 12.21
N ALA P 513 41.28 11.60 12.65
CA ALA P 513 41.36 11.92 14.07
C ALA P 513 40.10 12.63 14.52
N GLY P 514 39.64 12.30 15.72
CA GLY P 514 38.44 12.89 16.28
C GLY P 514 38.75 13.71 17.51
N GLY P 515 38.12 14.88 17.61
CA GLY P 515 38.21 15.68 18.81
C GLY P 515 36.96 15.54 19.65
N LEU P 516 37.02 14.73 20.71
CA LEU P 516 35.87 14.38 21.52
C LEU P 516 36.21 14.59 23.00
N TRP P 517 36.02 15.82 23.49
CA TRP P 517 36.17 16.12 24.90
C TRP P 517 35.12 17.13 25.31
N TRP P 518 34.46 16.88 26.44
CA TRP P 518 33.45 17.81 26.93
C TRP P 518 34.09 19.10 27.44
N TRP P 519 35.26 19.01 28.04
CA TRP P 519 35.90 20.18 28.63
C TRP P 519 37.42 20.03 28.56
N ASP P 520 38.12 21.16 28.50
CA ASP P 520 39.57 21.19 28.59
C ASP P 520 39.95 22.10 29.75
N LEU P 521 40.69 21.54 30.72
CA LEU P 521 41.01 22.28 31.94
C LEU P 521 41.89 23.48 31.64
N GLU P 522 42.88 23.32 30.76
CA GLU P 522 43.74 24.43 30.39
C GLU P 522 43.00 25.36 29.44
N ALA P 523 42.95 26.65 29.80
CA ALA P 523 42.26 27.66 28.99
C ALA P 523 40.80 27.27 28.78
N ASP P 524 40.05 27.32 29.88
CA ASP P 524 38.68 26.81 29.93
C ASP P 524 37.86 27.24 28.73
N LYS P 525 37.45 26.26 27.93
CA LYS P 525 36.59 26.48 26.78
C LYS P 525 35.45 25.49 26.85
N PRO P 526 34.32 25.80 26.21
CA PRO P 526 33.17 24.88 26.28
C PRO P 526 33.45 23.49 25.76
N GLY P 527 34.32 23.35 24.75
CA GLY P 527 34.62 22.05 24.18
C GLY P 527 33.63 21.67 23.09
N PRO P 528 34.06 20.79 22.19
CA PRO P 528 33.19 20.46 21.03
C PRO P 528 31.93 19.70 21.39
N ALA P 529 32.01 18.74 22.30
CA ALA P 529 30.83 17.93 22.63
C ALA P 529 29.74 18.76 23.28
N LEU P 530 30.12 19.69 24.17
CA LEU P 530 29.14 20.58 24.77
C LEU P 530 28.48 21.45 23.70
N LEU P 531 29.26 21.92 22.74
CA LEU P 531 28.69 22.68 21.63
C LEU P 531 27.71 21.83 20.83
N HIS P 532 28.03 20.55 20.66
CA HIS P 532 27.11 19.64 19.98
C HIS P 532 25.81 19.50 20.76
N CYS P 533 25.89 19.38 22.08
CA CYS P 533 24.68 19.30 22.89
C CYS P 533 23.84 20.56 22.76
N VAL P 534 24.48 21.73 22.85
CA VAL P 534 23.74 22.99 22.74
C VAL P 534 23.11 23.11 21.36
N GLY P 535 23.79 22.62 20.33
CA GLY P 535 23.19 22.63 19.00
C GLY P 535 21.99 21.71 18.91
N GLN P 536 22.07 20.53 19.54
CA GLN P 536 20.95 19.59 19.49
C GLN P 536 19.75 20.12 20.26
N VAL P 537 19.99 20.86 21.34
CA VAL P 537 18.88 21.48 22.06
C VAL P 537 18.15 22.49 21.18
N GLY P 538 18.87 23.28 20.41
CA GLY P 538 18.21 24.26 19.56
C GLY P 538 17.67 25.41 20.39
N LYS P 539 16.37 25.66 20.27
CA LYS P 539 15.69 26.69 21.04
C LYS P 539 14.60 26.04 21.88
N LEU P 540 14.99 25.57 23.06
CA LEU P 540 14.10 24.88 23.98
C LEU P 540 14.57 25.13 25.41
N LYS P 541 13.66 24.93 26.35
CA LYS P 541 13.98 25.14 27.76
C LYS P 541 13.89 23.82 28.50
N PRO P 542 15.00 23.12 28.72
CA PRO P 542 14.93 21.84 29.43
C PRO P 542 14.70 22.01 30.92
N LYS P 543 13.91 21.11 31.51
CA LYS P 543 13.62 21.20 32.94
C LYS P 543 14.52 20.27 33.75
N ALA P 544 15.01 19.20 33.14
CA ALA P 544 15.88 18.25 33.83
C ALA P 544 17.00 17.81 32.89
N ILE P 545 18.08 17.29 33.48
CA ILE P 545 19.20 16.79 32.72
C ILE P 545 19.57 15.38 33.19
N ILE P 546 19.61 14.43 32.27
CA ILE P 546 20.11 13.10 32.59
C ILE P 546 21.56 13.00 32.14
N TRP P 547 22.43 12.56 33.05
CA TRP P 547 23.86 12.52 32.79
C TRP P 547 24.41 11.16 33.15
N GLY P 548 25.07 10.51 32.19
CA GLY P 548 25.79 9.27 32.45
C GLY P 548 27.00 9.14 31.57
N GLN P 549 28.19 8.99 32.16
CA GLN P 549 29.42 9.02 31.41
C GLN P 549 30.55 8.55 32.33
N GLY P 550 31.64 8.09 31.71
CA GLY P 550 32.82 7.70 32.45
C GLY P 550 33.48 6.41 32.02
N ASP P 551 33.10 5.83 30.89
CA ASP P 551 33.80 4.64 30.41
C ASP P 551 35.17 5.00 29.83
N GLN P 552 35.22 6.07 29.03
CA GLN P 552 36.48 6.45 28.41
C GLN P 552 37.51 6.90 29.44
N ASP P 553 37.05 7.55 30.52
CA ASP P 553 37.97 7.93 31.58
C ASP P 553 38.59 6.71 32.24
N ALA P 554 37.77 5.67 32.48
CA ALA P 554 38.31 4.43 33.05
C ALA P 554 39.30 3.78 32.10
N THR P 555 38.99 3.77 30.80
CA THR P 555 39.92 3.20 29.83
C THR P 555 41.23 3.97 29.81
N ALA P 556 41.17 5.30 29.89
CA ALA P 556 42.39 6.11 29.92
C ALA P 556 43.19 5.85 31.18
N LEU P 557 42.52 5.72 32.33
CA LEU P 557 43.24 5.42 33.57
C LEU P 557 43.88 4.03 33.51
N ALA P 558 43.29 3.12 32.73
CA ALA P 558 43.87 1.78 32.62
C ALA P 558 45.25 1.82 31.99
N TYR P 559 45.44 2.61 30.94
CA TYR P 559 46.70 2.68 30.19
C TYR P 559 47.09 4.13 29.97
N PRO P 560 47.61 4.80 31.01
CA PRO P 560 47.93 6.23 30.89
C PRO P 560 49.37 6.56 30.50
N GLY P 561 50.14 5.57 30.04
CA GLY P 561 51.58 5.79 29.88
C GLY P 561 51.92 6.83 28.82
N ASP P 562 51.29 6.75 27.66
CA ASP P 562 51.75 7.55 26.52
C ASP P 562 51.35 9.02 26.66
N ARG P 563 50.17 9.29 27.22
CA ARG P 563 49.63 10.64 27.22
C ARG P 563 50.47 11.57 28.09
N ASN P 564 50.80 12.74 27.54
CA ASN P 564 51.66 13.68 28.27
C ASN P 564 50.99 14.22 29.53
N PRO P 565 49.74 14.74 29.50
CA PRO P 565 49.08 15.04 30.78
C PRO P 565 48.60 13.77 31.45
N ALA P 566 49.01 13.53 32.68
CA ALA P 566 48.66 12.28 33.34
C ALA P 566 47.19 12.29 33.73
N PRO P 567 46.40 11.32 33.27
CA PRO P 567 45.01 11.23 33.73
C PRO P 567 44.94 10.98 35.22
N SER P 568 43.99 11.65 35.88
CA SER P 568 43.81 11.52 37.32
C SER P 568 42.33 11.72 37.65
N LEU P 569 41.94 11.26 38.85
CA LEU P 569 40.54 11.35 39.24
C LEU P 569 40.12 12.80 39.46
N THR P 570 40.97 13.61 40.10
CA THR P 570 40.58 14.97 40.46
C THR P 570 40.36 15.83 39.22
N ARG P 571 41.11 15.58 38.15
CA ARG P 571 40.89 16.33 36.92
C ARG P 571 39.54 15.99 36.30
N THR P 572 39.16 14.71 36.37
CA THR P 572 37.83 14.33 35.90
C THR P 572 36.74 14.98 36.74
N LYS P 573 36.93 15.03 38.06
CA LYS P 573 35.96 15.71 38.91
C LYS P 573 35.83 17.18 38.53
N GLN P 574 36.97 17.85 38.32
CA GLN P 574 36.92 19.27 37.96
C GLN P 574 36.23 19.47 36.63
N ALA P 575 36.52 18.60 35.65
CA ALA P 575 35.87 18.72 34.34
C ALA P 575 34.37 18.53 34.44
N THR P 576 33.92 17.53 35.20
CA THR P 576 32.49 17.29 35.34
C THR P 576 31.81 18.46 36.05
N LYS P 577 32.45 19.01 37.08
CA LYS P 577 31.86 20.15 37.77
C LYS P 577 31.77 21.37 36.85
N LYS P 578 32.80 21.58 36.03
CA LYS P 578 32.74 22.69 35.06
C LYS P 578 31.62 22.47 34.05
N VAL P 579 31.43 21.23 33.58
CA VAL P 579 30.35 20.97 32.64
C VAL P 579 28.99 21.25 33.26
N PHE P 580 28.80 20.78 34.51
CA PHE P 580 27.54 21.03 35.20
C PHE P 580 27.30 22.53 35.39
N GLU P 581 28.34 23.26 35.78
CA GLU P 581 28.20 24.71 35.96
C GLU P 581 27.90 25.42 34.65
N TYR P 582 28.51 25.01 33.53
CA TYR P 582 28.19 25.64 32.26
C TYR P 582 26.75 25.38 31.85
N LEU P 583 26.29 24.12 31.98
CA LEU P 583 24.92 23.81 31.62
C LEU P 583 23.92 24.56 32.50
N ARG P 584 24.22 24.68 33.80
CA ARG P 584 23.32 25.44 34.67
C ARG P 584 23.50 26.94 34.48
N SER P 585 24.58 27.38 33.83
CA SER P 585 24.71 28.77 33.47
C SER P 585 23.81 29.12 32.29
N LEU P 586 23.74 28.23 31.31
CA LEU P 586 22.81 28.45 30.20
C LEU P 586 21.37 28.44 30.67
N TYR P 587 21.02 27.54 31.60
CA TYR P 587 19.63 27.36 32.03
C TYR P 587 19.63 27.32 33.55
N GLY P 588 18.68 28.03 34.16
CA GLY P 588 18.88 28.49 35.53
C GLY P 588 19.06 27.37 36.54
N GLN P 589 18.00 26.63 36.85
CA GLN P 589 17.98 25.76 38.00
C GLN P 589 17.63 24.31 37.67
N ILE P 590 18.26 23.75 36.64
CA ILE P 590 17.93 22.37 36.27
C ILE P 590 18.41 21.41 37.35
N PRO P 591 17.56 20.55 37.90
CA PRO P 591 18.06 19.42 38.68
C PRO P 591 18.71 18.40 37.76
N ILE P 592 19.77 17.76 38.26
CA ILE P 592 20.58 16.85 37.46
C ILE P 592 20.49 15.46 38.06
N PHE P 593 20.21 14.46 37.22
CA PHE P 593 20.17 13.07 37.62
C PHE P 593 21.35 12.34 36.98
N ILE P 594 22.07 11.56 37.79
CA ILE P 594 23.28 10.87 37.36
C ILE P 594 22.99 9.38 37.27
N GLN P 595 23.48 8.76 36.20
CA GLN P 595 23.34 7.32 35.98
C GLN P 595 24.67 6.63 36.28
N GLU P 596 24.61 5.61 37.13
CA GLU P 596 25.83 4.92 37.57
C GLU P 596 26.47 4.15 36.43
N LEU P 597 27.78 4.04 36.48
CA LEU P 597 28.52 3.30 35.45
C LEU P 597 28.21 1.81 35.51
N SER P 598 28.18 1.18 34.34
CA SER P 598 28.09 -0.26 34.25
C SER P 598 29.48 -0.86 34.06
N TYR P 599 29.52 -2.16 33.77
CA TYR P 599 30.76 -2.89 33.59
C TYR P 599 30.99 -3.19 32.12
N ALA P 600 32.27 -3.23 31.72
CA ALA P 600 32.67 -3.61 30.38
C ALA P 600 33.75 -4.68 30.48
N TRP P 601 33.68 -5.68 29.61
CA TRP P 601 34.55 -6.84 29.75
C TRP P 601 35.46 -7.10 28.55
N GLY P 602 35.07 -6.68 27.36
CA GLY P 602 35.93 -6.99 26.23
C GLY P 602 35.88 -8.46 25.89
N ILE P 603 36.94 -8.93 25.23
CA ILE P 603 37.06 -10.31 24.76
C ILE P 603 38.23 -10.97 25.49
N THR P 604 38.03 -12.22 25.87
CA THR P 604 39.07 -13.00 26.55
C THR P 604 40.29 -13.19 25.65
N ASN P 605 40.11 -13.88 24.53
CA ASN P 605 41.19 -14.22 23.61
C ASN P 605 41.11 -13.33 22.38
N THR P 606 42.20 -12.63 22.08
CA THR P 606 42.25 -11.83 20.85
C THR P 606 42.36 -12.71 19.62
N ASP P 607 42.88 -13.93 19.79
CA ASP P 607 43.01 -14.85 18.66
C ASP P 607 41.65 -15.26 18.11
N ALA P 608 40.68 -15.52 18.99
CA ALA P 608 39.36 -15.92 18.55
C ALA P 608 38.38 -14.79 18.83
N PRO P 609 38.01 -13.99 17.83
CA PRO P 609 37.12 -12.85 18.11
C PRO P 609 35.67 -13.24 18.32
N ASN P 610 35.26 -14.42 17.86
CA ASN P 610 33.85 -14.79 17.89
C ASN P 610 33.48 -15.71 19.04
N VAL P 611 34.19 -15.64 20.16
CA VAL P 611 33.87 -16.43 21.35
C VAL P 611 33.41 -15.46 22.44
N PRO P 612 32.19 -15.60 22.94
CA PRO P 612 31.72 -14.73 24.02
C PRO P 612 32.17 -15.27 25.39
N ILE P 613 31.78 -14.54 26.43
CA ILE P 613 32.00 -15.02 27.78
C ILE P 613 30.98 -16.09 28.10
N ARG P 614 31.44 -17.34 28.21
CA ARG P 614 30.57 -18.48 28.39
C ARG P 614 30.85 -19.12 29.73
N THR P 615 30.00 -20.07 30.11
CA THR P 615 30.06 -20.67 31.44
C THR P 615 31.34 -21.49 31.60
N GLY P 616 31.74 -21.69 32.84
CA GLY P 616 32.96 -22.43 33.13
C GLY P 616 34.23 -21.75 32.67
N LEU P 617 34.32 -20.45 32.88
CA LEU P 617 35.50 -19.71 32.45
C LEU P 617 36.41 -19.45 33.63
N PRO P 618 37.64 -19.97 33.62
CA PRO P 618 38.62 -19.71 34.71
C PRO P 618 39.28 -18.35 34.58
N SER P 619 38.62 -17.33 35.15
CA SER P 619 39.01 -15.95 34.85
C SER P 619 40.22 -15.50 35.66
N PHE P 620 40.10 -15.49 36.99
CA PHE P 620 41.13 -14.88 37.85
C PHE P 620 42.34 -15.80 37.92
N LEU P 621 43.39 -15.45 37.17
CA LEU P 621 44.62 -16.22 37.16
C LEU P 621 45.71 -15.52 37.96
N ALA P 622 46.43 -16.29 38.77
CA ALA P 622 47.54 -15.77 39.56
C ALA P 622 48.47 -16.92 39.93
N ALA P 623 49.69 -16.56 40.30
CA ALA P 623 50.70 -17.54 40.66
C ALA P 623 51.70 -16.95 41.65
N ARG P 624 52.39 -17.83 42.38
CA ARG P 624 53.41 -17.40 43.34
C ARG P 624 54.34 -18.57 43.60
N ARG P 625 55.46 -18.29 44.28
CA ARG P 625 56.52 -19.26 44.50
C ARG P 625 57.16 -19.05 45.86
N ASN P 626 57.85 -20.09 46.33
CA ASN P 626 58.62 -20.04 47.57
C ASN P 626 60.00 -19.45 47.33
N THR P 627 60.80 -19.40 48.40
CA THR P 627 62.25 -19.28 48.21
C THR P 627 62.78 -20.52 47.53
N TRP P 628 62.26 -21.69 47.92
CA TRP P 628 62.42 -22.91 47.13
C TRP P 628 61.74 -22.72 45.78
N GLY P 629 62.17 -23.51 44.79
CA GLY P 629 61.78 -23.25 43.42
C GLY P 629 60.33 -23.56 43.09
N ASP P 630 59.62 -24.24 43.98
CA ASP P 630 58.27 -24.72 43.66
C ASP P 630 57.29 -23.58 43.45
N ILE P 631 56.27 -23.84 42.64
CA ILE P 631 55.31 -22.84 42.18
C ILE P 631 53.89 -23.38 42.36
N GLU P 632 52.94 -22.50 42.66
CA GLU P 632 51.54 -22.85 42.76
C GLU P 632 50.71 -21.97 41.86
N PHE P 633 49.67 -22.55 41.26
CA PHE P 633 48.75 -21.83 40.38
C PHE P 633 47.39 -21.72 41.04
N ARG P 634 46.70 -20.62 40.81
CA ARG P 634 45.34 -20.41 41.34
C ARG P 634 44.46 -19.81 40.26
N TRP P 635 43.23 -20.33 40.17
CA TRP P 635 42.24 -19.76 39.27
C TRP P 635 40.86 -19.87 39.91
N LYS P 636 39.89 -19.22 39.28
CA LYS P 636 38.55 -19.06 39.82
C LYS P 636 37.54 -19.12 38.68
N SER P 637 36.59 -20.04 38.78
CA SER P 637 35.69 -20.32 37.67
C SER P 637 34.53 -19.33 37.63
N TYR P 638 34.00 -19.12 36.43
CA TYR P 638 32.96 -18.13 36.20
C TYR P 638 31.56 -18.64 36.52
N GLY P 639 31.07 -19.63 35.77
CA GLY P 639 29.71 -20.06 35.95
C GLY P 639 29.60 -21.41 36.66
N LEU P 640 30.44 -22.36 36.28
CA LEU P 640 30.35 -23.71 36.80
C LEU P 640 31.07 -23.83 38.13
N ASP P 641 30.50 -24.60 39.04
CA ASP P 641 31.22 -24.95 40.26
C ASP P 641 32.40 -25.87 39.94
N PRO P 642 33.57 -25.62 40.50
CA PRO P 642 34.75 -26.39 40.09
C PRO P 642 34.66 -27.87 40.42
N ALA P 643 33.77 -28.26 41.34
CA ALA P 643 33.72 -29.65 41.77
C ALA P 643 33.40 -30.60 40.62
N LEU P 644 32.45 -30.24 39.78
CA LEU P 644 32.04 -31.09 38.66
C LEU P 644 32.79 -30.69 37.37
N ALA P 645 34.12 -30.65 37.47
CA ALA P 645 34.91 -30.24 36.33
C ALA P 645 36.34 -30.75 36.47
N GLN P 646 37.05 -30.74 35.34
CA GLN P 646 38.46 -31.07 35.29
C GLN P 646 39.19 -29.96 34.55
N TYR P 647 40.39 -29.63 35.02
CA TYR P 647 41.14 -28.51 34.46
C TYR P 647 42.49 -28.99 33.95
N ARG P 648 42.97 -28.35 32.89
CA ARG P 648 44.26 -28.64 32.29
C ARG P 648 45.08 -27.35 32.21
N ILE P 649 46.32 -27.40 32.69
CA ILE P 649 47.21 -26.26 32.68
C ILE P 649 48.23 -26.44 31.58
N GLU P 650 48.42 -25.40 30.75
CA GLU P 650 49.36 -25.43 29.65
C GLU P 650 50.45 -24.39 29.89
N ILE P 651 51.70 -24.77 29.71
CA ILE P 651 52.86 -23.90 29.93
C ILE P 651 53.62 -23.78 28.62
N TYR P 652 53.97 -22.56 28.25
CA TYR P 652 54.51 -22.30 26.93
C TYR P 652 56.04 -22.25 26.96
N ASN P 653 56.63 -22.52 25.81
CA ASN P 653 58.09 -22.56 25.68
C ASN P 653 58.68 -21.17 25.88
N PRO P 654 59.76 -21.04 26.66
CA PRO P 654 60.38 -19.72 26.83
C PRO P 654 60.93 -19.13 25.55
N SER P 655 61.56 -19.94 24.70
CA SER P 655 62.13 -19.41 23.45
C SER P 655 61.03 -19.10 22.44
N ASN P 656 60.10 -20.04 22.25
CA ASN P 656 58.96 -19.84 21.36
C ASN P 656 57.71 -19.71 22.21
N LEU P 657 57.22 -18.48 22.36
CA LEU P 657 56.11 -18.25 23.29
C LEU P 657 54.82 -18.88 22.79
N ASN P 658 54.79 -19.31 21.53
CA ASN P 658 53.58 -19.91 20.98
C ASN P 658 53.50 -21.40 21.31
N GLN P 659 54.62 -22.10 21.28
CA GLN P 659 54.61 -23.55 21.50
C GLN P 659 54.41 -23.87 22.97
N ILE P 660 54.06 -25.13 23.24
CA ILE P 660 53.71 -25.59 24.58
C ILE P 660 54.73 -26.63 25.03
N LEU P 661 55.28 -26.44 26.23
CA LEU P 661 56.21 -27.43 26.78
C LEU P 661 55.46 -28.56 27.48
N HIS P 662 54.74 -28.23 28.55
CA HIS P 662 54.23 -29.25 29.47
C HIS P 662 52.78 -28.96 29.79
N SER P 663 52.05 -30.01 30.17
CA SER P 663 50.65 -29.90 30.53
C SER P 663 50.26 -31.03 31.46
N PHE P 664 49.55 -30.71 32.53
CA PHE P 664 49.07 -31.71 33.46
C PHE P 664 47.64 -31.38 33.87
N VAL P 665 46.88 -32.43 34.18
CA VAL P 665 45.46 -32.32 34.49
C VAL P 665 45.28 -32.44 36.00
N VAL P 666 44.49 -31.54 36.57
CA VAL P 666 44.19 -31.55 38.00
C VAL P 666 42.68 -31.61 38.18
N SER P 667 42.23 -32.33 39.19
CA SER P 667 40.81 -32.40 39.48
C SER P 667 40.31 -31.09 40.08
N GLY P 668 39.02 -30.84 39.93
CA GLY P 668 38.43 -29.61 40.41
C GLY P 668 38.09 -29.62 41.89
N THR P 669 38.27 -30.75 42.58
CA THR P 669 37.91 -30.81 43.99
C THR P 669 38.91 -30.04 44.84
N GLN P 670 40.11 -29.81 44.33
CA GLN P 670 41.15 -29.13 45.10
C GLN P 670 40.82 -27.64 45.22
N GLU P 671 40.37 -27.23 46.41
CA GLU P 671 40.08 -25.82 46.65
C GLU P 671 40.61 -25.44 48.03
N ALA P 672 41.21 -24.25 48.13
CA ALA P 672 41.71 -23.73 49.38
C ALA P 672 41.47 -22.23 49.43
N ASN P 673 40.75 -21.79 50.47
CA ASN P 673 40.43 -20.38 50.68
C ASN P 673 39.66 -19.79 49.49
N GLY P 674 38.71 -20.56 48.96
CA GLY P 674 37.90 -20.11 47.86
C GLY P 674 38.58 -20.07 46.52
N TYR P 675 39.77 -20.67 46.40
CA TYR P 675 40.54 -20.67 45.16
C TYR P 675 40.78 -22.10 44.74
N VAL P 676 40.73 -22.36 43.44
CA VAL P 676 41.17 -23.65 42.91
C VAL P 676 42.68 -23.59 42.71
N TYR P 677 43.37 -24.64 43.12
CA TYR P 677 44.83 -24.64 43.11
C TYR P 677 45.37 -25.87 42.40
N ALA P 678 46.58 -25.70 41.86
CA ALA P 678 47.33 -26.81 41.28
C ALA P 678 48.79 -26.60 41.64
N ASP P 679 49.41 -27.63 42.22
CA ASP P 679 50.77 -27.53 42.75
C ASP P 679 51.75 -27.98 41.68
N PHE P 680 52.74 -27.14 41.43
CA PHE P 680 53.77 -27.40 40.42
C PHE P 680 55.11 -27.35 41.14
N THR P 681 55.49 -28.48 41.73
CA THR P 681 56.63 -28.54 42.65
C THR P 681 57.94 -28.56 41.88
N VAL P 682 59.03 -28.47 42.64
CA VAL P 682 60.37 -28.44 42.05
C VAL P 682 60.69 -29.77 41.40
N GLU P 683 60.26 -30.88 42.01
CA GLU P 683 60.54 -32.20 41.46
C GLU P 683 59.91 -32.37 40.08
N ASP P 684 58.92 -31.54 39.76
CA ASP P 684 58.23 -31.67 38.48
C ASP P 684 58.86 -30.79 37.41
N TRP P 685 59.35 -29.61 37.79
CA TRP P 685 59.79 -28.67 36.77
C TRP P 685 61.30 -28.70 36.57
N ILE P 686 62.06 -29.35 37.46
CA ILE P 686 63.48 -29.60 37.17
C ILE P 686 63.66 -30.48 35.95
N PRO P 687 62.97 -31.62 35.79
CA PRO P 687 63.14 -32.40 34.55
C PRO P 687 62.74 -31.64 33.30
N VAL P 688 61.73 -30.77 33.38
CA VAL P 688 61.28 -30.03 32.20
C VAL P 688 62.38 -29.11 31.69
N MET P 689 63.02 -28.36 32.59
CA MET P 689 64.12 -27.49 32.16
C MET P 689 65.37 -28.30 31.86
N MET P 690 65.49 -29.50 32.45
CA MET P 690 66.57 -30.40 32.08
C MET P 690 66.46 -30.78 30.60
N GLU P 691 65.25 -31.09 30.15
CA GLU P 691 65.04 -31.38 28.74
C GLU P 691 65.18 -30.12 27.88
N ALA P 692 64.65 -29.00 28.36
CA ALA P 692 64.66 -27.77 27.58
C ALA P 692 66.08 -27.24 27.37
N VAL P 693 66.85 -27.10 28.46
CA VAL P 693 68.18 -26.52 28.40
C VAL P 693 69.15 -27.44 29.13
N GLY P 694 70.44 -27.12 29.01
CA GLY P 694 71.47 -28.01 29.55
C GLY P 694 71.47 -28.08 31.06
N SER P 695 71.28 -26.94 31.72
CA SER P 695 71.41 -26.94 33.18
C SER P 695 70.13 -26.41 33.83
N PRO P 696 69.81 -26.86 35.05
CA PRO P 696 68.66 -26.30 35.76
C PRO P 696 68.89 -24.83 36.10
N ASN P 697 67.84 -24.05 35.93
CA ASN P 697 67.90 -22.61 36.19
C ASN P 697 66.65 -22.19 36.94
N PRO P 698 66.75 -21.14 37.76
CA PRO P 698 65.54 -20.59 38.39
C PRO P 698 64.56 -20.11 37.31
N TRP P 699 63.27 -20.32 37.57
CA TRP P 699 62.24 -20.10 36.58
C TRP P 699 61.40 -18.89 36.95
N GLU P 700 61.49 -17.84 36.11
CA GLU P 700 60.68 -16.65 36.26
C GLU P 700 60.11 -16.31 34.88
N PHE P 701 59.17 -15.36 34.86
CA PHE P 701 58.53 -14.92 33.62
C PHE P 701 57.91 -16.10 32.89
N MET P 702 56.88 -16.69 33.49
CA MET P 702 56.22 -17.84 32.89
C MET P 702 54.88 -17.43 32.29
N LYS P 703 54.55 -18.04 31.16
CA LYS P 703 53.28 -17.82 30.48
C LYS P 703 52.48 -19.11 30.51
N TRP P 704 51.22 -19.03 30.95
CA TRP P 704 50.41 -20.23 31.12
C TRP P 704 48.94 -19.92 30.91
N ARG P 705 48.15 -20.98 30.80
CA ARG P 705 46.71 -20.90 30.60
C ARG P 705 46.03 -22.00 31.39
N VAL P 706 44.71 -21.97 31.41
CA VAL P 706 43.89 -23.02 32.00
C VAL P 706 42.74 -23.31 31.04
N VAL P 707 42.50 -24.60 30.81
CA VAL P 707 41.41 -25.05 29.94
C VAL P 707 40.49 -25.93 30.79
N CYS P 708 39.24 -25.49 30.97
CA CYS P 708 38.30 -26.27 31.74
C CYS P 708 37.67 -27.36 30.88
N LEU P 709 37.60 -28.57 31.44
CA LEU P 709 37.03 -29.73 30.76
C LEU P 709 35.71 -30.08 31.42
N TYR P 710 34.63 -30.07 30.64
CA TYR P 710 33.29 -30.30 31.18
C TYR P 710 32.35 -30.68 30.05
N GLN P 711 31.73 -31.85 30.18
CA GLN P 711 30.77 -32.35 29.20
C GLN P 711 31.39 -32.39 27.79
N GLU P 712 32.63 -32.86 27.71
CA GLU P 712 33.37 -32.95 26.46
C GLU P 712 33.47 -31.59 25.76
N ARG P 713 33.71 -30.55 26.54
CA ARG P 713 33.90 -29.20 26.01
C ARG P 713 35.12 -28.57 26.65
N GLU P 714 35.82 -27.75 25.86
CA GLU P 714 37.00 -27.04 26.32
C GLU P 714 36.72 -25.54 26.28
N ILE P 715 36.91 -24.88 27.42
CA ILE P 715 36.71 -23.44 27.53
C ILE P 715 38.01 -22.83 28.04
N PRO P 716 38.93 -22.42 27.16
CA PRO P 716 40.21 -21.86 27.61
C PRO P 716 40.02 -20.47 28.17
N SER P 717 41.07 -20.00 28.86
CA SER P 717 41.09 -18.68 29.47
C SER P 717 42.18 -17.84 28.84
N ALA P 718 42.19 -16.56 29.20
CA ALA P 718 43.19 -15.64 28.65
C ALA P 718 44.57 -15.99 29.18
N PRO P 719 45.61 -15.82 28.38
CA PRO P 719 46.97 -16.14 28.85
C PRO P 719 47.42 -15.19 29.96
N TRP P 720 48.31 -15.68 30.81
CA TRP P 720 48.87 -14.93 31.91
C TRP P 720 50.39 -14.92 31.75
N SER P 721 50.98 -13.74 31.65
CA SER P 721 52.42 -13.61 31.43
C SER P 721 52.96 -12.46 32.28
N ASP P 722 53.66 -12.80 33.36
CA ASP P 722 54.26 -11.81 34.23
C ASP P 722 55.29 -12.49 35.12
N ASN P 723 56.18 -11.70 35.71
CA ASN P 723 57.16 -12.23 36.63
C ASN P 723 56.48 -12.81 37.86
N ILE P 724 56.92 -13.98 38.30
CA ILE P 724 56.25 -14.65 39.41
C ILE P 724 56.71 -14.03 40.72
N PRO P 725 55.81 -13.49 41.54
CA PRO P 725 56.21 -13.00 42.86
C PRO P 725 56.42 -14.13 43.84
N LEU P 726 57.25 -13.88 44.84
CA LEU P 726 57.53 -14.85 45.89
C LEU P 726 56.80 -14.44 47.16
N ASP P 727 56.06 -15.37 47.76
CA ASP P 727 55.28 -15.12 48.97
C ASP P 727 55.44 -16.33 49.89
N ASN P 728 56.44 -16.26 50.78
CA ASN P 728 56.64 -17.34 51.74
C ASN P 728 55.49 -17.44 52.72
N ALA P 729 55.00 -16.29 53.20
CA ALA P 729 53.97 -16.29 54.24
C ALA P 729 52.69 -16.95 53.75
N GLY P 730 52.30 -16.67 52.51
CA GLY P 730 51.06 -17.24 51.99
C GLY P 730 51.15 -18.74 51.77
N LEU P 731 52.30 -19.20 51.26
CA LEU P 731 52.37 -20.59 50.79
C LEU P 731 52.73 -21.55 51.90
N VAL P 732 53.90 -21.38 52.52
CA VAL P 732 54.49 -22.39 53.38
C VAL P 732 53.88 -22.31 54.77
N LYS P 733 53.71 -23.46 55.42
CA LYS P 733 53.22 -23.50 56.79
C LYS P 733 54.37 -23.69 57.77
N LYS P 734 55.15 -24.75 57.60
CA LYS P 734 56.20 -25.12 58.53
C LYS P 734 57.55 -25.03 57.85
N THR P 735 58.51 -24.42 58.53
CA THR P 735 59.85 -24.20 58.01
C THR P 735 60.86 -25.00 58.82
N ILE P 736 61.77 -25.69 58.13
CA ILE P 736 62.78 -26.53 58.76
C ILE P 736 64.15 -26.00 58.39
N LEU P 737 64.91 -25.56 59.39
CA LEU P 737 66.32 -25.23 59.23
C LEU P 737 67.13 -26.40 59.75
N VAL P 738 67.98 -26.97 58.91
CA VAL P 738 68.61 -28.25 59.20
C VAL P 738 70.13 -28.07 59.22
N GLY P 739 70.75 -28.59 60.27
CA GLY P 739 72.17 -28.90 60.27
C GLY P 739 73.08 -27.68 60.35
N ILE P 740 74.29 -27.96 60.84
CA ILE P 740 75.44 -27.07 60.75
C ILE P 740 76.66 -27.96 60.48
N ASN P 741 77.79 -27.34 60.16
CA ASN P 741 79.10 -28.00 60.16
C ASN P 741 79.21 -29.12 59.12
N GLN P 742 78.69 -28.92 57.91
CA GLN P 742 78.90 -29.80 56.76
C GLN P 742 78.31 -31.20 56.95
N PHE P 743 77.74 -31.50 58.12
CA PHE P 743 77.13 -32.79 58.36
C PHE P 743 75.61 -32.74 58.28
N GLY P 744 75.01 -31.57 58.48
CA GLY P 744 73.62 -31.35 58.12
C GLY P 744 73.58 -30.52 56.86
N GLY P 745 74.68 -29.82 56.60
CA GLY P 745 74.77 -29.04 55.38
C GLY P 745 75.02 -29.91 54.15
N GLY P 746 75.36 -31.17 54.37
CA GLY P 746 75.48 -32.09 53.24
C GLY P 746 74.15 -32.46 52.64
N HIS P 747 73.06 -32.16 53.36
CA HIS P 747 71.72 -32.44 52.85
C HIS P 747 71.35 -31.52 51.68
N PHE P 748 72.28 -30.67 51.25
CA PHE P 748 72.05 -29.77 50.14
C PHE P 748 73.20 -29.74 49.13
N THR P 749 74.19 -30.61 49.29
CA THR P 749 75.39 -30.55 48.45
C THR P 749 75.57 -31.83 47.65
N ASP P 750 76.74 -31.96 47.01
CA ASP P 750 77.00 -33.11 46.14
C ASP P 750 76.95 -34.42 46.90
N MET P 751 77.07 -34.36 48.23
CA MET P 751 77.09 -35.59 49.03
C MET P 751 75.80 -36.37 48.87
N SER P 752 74.66 -35.69 48.89
CA SER P 752 73.39 -36.39 48.81
C SER P 752 72.97 -36.63 47.36
N ASP P 753 73.59 -35.94 46.42
CA ASP P 753 73.18 -36.05 45.04
C ASP P 753 73.71 -37.35 44.43
N PRO P 754 72.84 -38.24 43.95
CA PRO P 754 73.35 -39.49 43.39
C PRO P 754 73.97 -39.33 42.00
N THR P 755 73.51 -38.37 41.21
CA THR P 755 73.95 -38.22 39.83
C THR P 755 75.07 -37.20 39.66
N ALA P 756 75.58 -36.63 40.74
CA ALA P 756 76.61 -35.60 40.66
C ALA P 756 77.98 -36.27 40.77
N THR P 757 78.83 -36.03 39.77
CA THR P 757 80.15 -36.66 39.76
C THR P 757 81.08 -36.04 40.79
N THR P 758 81.09 -34.72 40.88
CA THR P 758 82.00 -34.04 41.79
C THR P 758 81.57 -34.24 43.24
N ALA P 759 82.52 -34.06 44.16
CA ALA P 759 82.26 -34.18 45.59
C ALA P 759 82.95 -33.09 46.40
N ASN P 760 83.23 -31.93 45.81
CA ASN P 760 83.88 -30.85 46.54
C ASN P 760 82.86 -29.87 47.10
N GLY P 761 81.86 -30.43 47.79
CA GLY P 761 80.89 -29.64 48.55
C GLY P 761 80.21 -28.51 47.79
N ALA P 762 79.72 -28.78 46.58
CA ALA P 762 79.07 -27.77 45.77
C ALA P 762 77.56 -28.00 45.76
N ILE P 763 76.84 -27.01 45.22
CA ILE P 763 75.39 -27.08 45.22
C ILE P 763 74.92 -28.13 44.22
N GLY P 764 73.95 -28.94 44.64
CA GLY P 764 73.40 -29.97 43.78
C GLY P 764 71.96 -29.70 43.36
N ARG P 765 71.45 -30.51 42.43
CA ARG P 765 70.08 -30.35 41.97
C ARG P 765 69.09 -30.56 43.10
N LYS P 766 68.13 -29.64 43.22
CA LYS P 766 67.16 -29.71 44.30
C LYS P 766 66.19 -30.88 44.12
N ASP P 767 66.17 -31.47 42.92
CA ASP P 767 65.24 -32.57 42.67
C ASP P 767 65.67 -33.82 43.42
N LYS P 768 66.94 -34.20 43.34
CA LYS P 768 67.41 -35.48 43.84
C LYS P 768 68.15 -35.39 45.16
N VAL P 769 68.26 -34.19 45.75
CA VAL P 769 69.01 -34.06 46.99
C VAL P 769 68.18 -34.58 48.16
N SER P 770 68.87 -34.81 49.29
CA SER P 770 68.23 -35.47 50.44
C SER P 770 67.12 -34.64 51.05
N ALA P 771 67.23 -33.30 51.00
CA ALA P 771 66.21 -32.45 51.59
C ALA P 771 64.84 -32.69 50.95
N SER P 772 64.83 -33.08 49.68
CA SER P 772 63.57 -33.42 49.02
C SER P 772 62.89 -34.59 49.69
N THR P 773 63.65 -35.66 49.96
CA THR P 773 63.08 -36.81 50.68
C THR P 773 62.66 -36.41 52.08
N LEU P 774 63.44 -35.56 52.74
CA LEU P 774 63.08 -35.08 54.07
C LEU P 774 61.70 -34.41 54.06
N ARG P 775 61.51 -33.44 53.17
CA ARG P 775 60.25 -32.71 53.15
C ARG P 775 59.10 -33.58 52.68
N LEU P 776 59.35 -34.48 51.73
CA LEU P 776 58.28 -35.37 51.28
C LEU P 776 57.80 -36.27 52.40
N THR P 777 58.73 -36.86 53.16
CA THR P 777 58.31 -37.70 54.29
C THR P 777 57.60 -36.88 55.36
N PHE P 778 58.11 -35.67 55.64
CA PHE P 778 57.48 -34.82 56.66
C PHE P 778 56.04 -34.49 56.26
N ALA P 779 55.84 -34.09 55.00
CA ALA P 779 54.49 -33.76 54.55
C ALA P 779 53.59 -34.98 54.52
N GLU P 780 54.12 -36.13 54.08
CA GLU P 780 53.30 -37.32 54.01
C GLU P 780 52.81 -37.76 55.38
N LYS P 781 53.70 -37.73 56.38
CA LYS P 781 53.30 -38.15 57.72
C LYS P 781 52.43 -37.10 58.41
N ALA P 782 52.77 -35.82 58.23
CA ALA P 782 52.02 -34.76 58.91
C ALA P 782 50.65 -34.56 58.27
N GLY P 783 50.53 -34.84 56.98
CA GLY P 783 49.29 -34.66 56.26
C GLY P 783 49.22 -33.40 55.41
N LEU P 784 50.24 -32.54 55.47
CA LEU P 784 50.24 -31.32 54.68
C LEU P 784 50.59 -31.62 53.23
N ARG P 785 50.38 -30.62 52.37
CA ARG P 785 50.82 -30.71 51.00
C ARG P 785 52.34 -30.53 50.93
N PRO P 786 53.01 -31.19 49.99
CA PRO P 786 54.47 -31.05 49.90
C PRO P 786 54.93 -29.63 49.65
N ILE P 787 54.10 -28.80 49.01
CA ILE P 787 54.49 -27.42 48.75
C ILE P 787 54.48 -26.60 50.03
N GLN P 788 53.78 -27.06 51.07
CA GLN P 788 53.63 -26.26 52.27
C GLN P 788 54.85 -26.38 53.19
N VAL P 789 55.74 -27.33 52.93
CA VAL P 789 56.93 -27.54 53.76
C VAL P 789 58.15 -27.06 52.99
N MET P 790 58.95 -26.21 53.62
CA MET P 790 60.13 -25.64 52.98
C MET P 790 61.35 -25.84 53.86
N PRO P 791 62.34 -26.64 53.44
CA PRO P 791 63.59 -26.71 54.18
C PRO P 791 64.49 -25.53 53.84
N VAL P 792 65.25 -25.08 54.85
CA VAL P 792 66.14 -23.94 54.72
C VAL P 792 67.54 -24.36 55.15
N ASN P 793 68.54 -23.95 54.39
CA ASN P 793 69.92 -24.38 54.57
C ASN P 793 70.71 -23.33 55.33
N VAL P 794 71.26 -23.71 56.47
CA VAL P 794 72.22 -22.90 57.22
C VAL P 794 73.42 -23.78 57.54
N ALA P 795 74.62 -23.24 57.34
CA ALA P 795 75.83 -24.03 57.53
C ALA P 795 77.05 -23.11 57.51
N ALA P 796 78.17 -23.67 57.94
CA ALA P 796 79.45 -22.98 57.88
C ALA P 796 80.56 -24.02 57.83
N ASP P 797 81.73 -23.59 57.38
CA ASP P 797 82.85 -24.51 57.18
C ASP P 797 83.53 -24.80 58.51
N SER P 798 83.49 -26.07 58.92
CA SER P 798 84.14 -26.53 60.15
C SER P 798 83.66 -25.72 61.35
N ALA P 799 82.35 -25.46 61.41
CA ALA P 799 81.79 -24.66 62.48
C ALA P 799 81.49 -25.50 63.71
N GLY P 800 81.60 -24.87 64.88
CA GLY P 800 81.25 -25.51 66.13
C GLY P 800 80.69 -24.49 67.09
N MET P 801 80.19 -24.97 68.22
CA MET P 801 79.65 -24.06 69.23
C MET P 801 80.72 -23.13 69.78
N THR P 802 81.83 -23.70 70.24
CA THR P 802 82.90 -22.90 70.82
C THR P 802 84.27 -23.28 70.25
N VAL P 803 84.43 -24.54 69.85
CA VAL P 803 85.76 -25.06 69.56
C VAL P 803 86.18 -24.75 68.13
N GLY P 804 85.24 -24.72 67.20
CA GLY P 804 85.58 -24.59 65.80
C GLY P 804 86.10 -23.21 65.45
N THR P 805 86.68 -23.11 64.25
CA THR P 805 87.14 -21.81 63.78
C THR P 805 85.97 -20.87 63.50
N HIS P 806 84.79 -21.42 63.27
CA HIS P 806 83.56 -20.64 63.18
C HIS P 806 82.69 -21.01 64.38
N LYS P 807 82.58 -20.09 65.34
CA LYS P 807 81.90 -20.34 66.60
C LYS P 807 80.49 -19.78 66.54
N TRP P 808 79.51 -20.61 66.87
CA TRP P 808 78.13 -20.13 66.91
C TRP P 808 77.85 -19.29 68.15
N TRP P 809 78.63 -19.48 69.21
CA TRP P 809 78.46 -18.71 70.43
C TRP P 809 79.81 -18.29 70.97
N ASN P 810 79.87 -17.06 71.49
CA ASN P 810 81.10 -16.50 72.05
C ASN P 810 80.95 -16.45 73.56
N THR P 811 81.68 -17.32 74.26
CA THR P 811 81.51 -17.45 75.70
C THR P 811 82.16 -16.28 76.44
N SER P 812 83.19 -15.66 75.85
CA SER P 812 83.88 -14.58 76.53
C SER P 812 82.96 -13.38 76.77
N SER P 813 82.19 -12.99 75.75
CA SER P 813 81.28 -11.86 75.86
C SER P 813 79.83 -12.27 76.07
N ASN P 814 79.54 -13.58 76.09
CA ASN P 814 78.17 -14.09 76.22
C ASN P 814 77.26 -13.51 75.15
N SER P 815 77.70 -13.62 73.90
CA SER P 815 76.98 -13.11 72.75
C SER P 815 77.12 -14.07 71.59
N PRO P 816 76.12 -14.15 70.69
CA PRO P 816 76.20 -15.06 69.54
C PRO P 816 77.48 -14.92 68.73
N GLY P 817 78.06 -16.04 68.31
CA GLY P 817 79.24 -15.99 67.48
C GLY P 817 78.94 -15.52 66.08
N ASP P 818 80.02 -15.37 65.29
CA ASP P 818 79.91 -14.70 63.99
C ASP P 818 78.98 -15.45 63.04
N ALA P 819 79.02 -16.80 63.09
CA ALA P 819 78.17 -17.59 62.21
C ALA P 819 76.69 -17.31 62.48
N LEU P 820 76.32 -17.19 63.76
CA LEU P 820 74.93 -16.93 64.09
C LEU P 820 74.49 -15.57 63.57
N LEU P 821 75.34 -14.55 63.69
CA LEU P 821 75.00 -13.23 63.12
C LEU P 821 74.86 -13.30 61.61
N ALA P 822 75.75 -14.04 60.95
CA ALA P 822 75.65 -14.17 59.50
C ALA P 822 74.35 -14.85 59.08
N ILE P 823 73.92 -15.85 59.85
CA ILE P 823 72.71 -16.58 59.52
C ILE P 823 71.46 -15.78 59.88
N ASN P 824 71.56 -14.90 60.88
CA ASN P 824 70.39 -14.25 61.46
C ASN P 824 69.66 -13.37 60.46
N ASP P 825 70.39 -12.58 59.68
CA ASP P 825 69.75 -11.69 58.72
C ASP P 825 68.96 -12.48 57.68
N MET P 826 69.56 -13.55 57.16
CA MET P 826 68.87 -14.36 56.16
C MET P 826 67.66 -15.06 56.76
N VAL P 827 67.75 -15.50 58.02
CA VAL P 827 66.59 -16.13 58.64
C VAL P 827 65.47 -15.12 58.86
N LYS P 828 65.81 -13.92 59.32
CA LYS P 828 64.78 -12.89 59.50
C LYS P 828 64.20 -12.44 58.17
N GLY P 829 64.94 -12.64 57.08
CA GLY P 829 64.42 -12.29 55.76
C GLY P 829 63.15 -13.03 55.41
N LEU P 830 63.05 -14.30 55.81
CA LEU P 830 61.85 -15.08 55.54
C LEU P 830 60.67 -14.52 56.35
N GLY P 831 59.52 -14.43 55.69
CA GLY P 831 58.34 -13.93 56.39
C GLY P 831 57.83 -14.88 57.45
N VAL P 832 57.86 -16.19 57.16
CA VAL P 832 57.29 -17.18 58.06
C VAL P 832 58.24 -17.41 59.23
N LYS P 833 57.68 -17.82 60.37
CA LYS P 833 58.48 -18.05 61.55
C LYS P 833 59.12 -19.43 61.52
N PRO P 834 60.40 -19.55 61.89
CA PRO P 834 61.04 -20.86 61.95
C PRO P 834 60.35 -21.79 62.94
N ASP P 835 60.28 -23.07 62.59
CA ASP P 835 59.60 -24.07 63.42
C ASP P 835 60.53 -25.10 64.01
N TYR P 836 61.50 -25.61 63.23
CA TYR P 836 62.39 -26.66 63.68
C TYR P 836 63.82 -26.28 63.35
N PHE P 837 64.73 -26.53 64.29
CA PHE P 837 66.16 -26.34 64.07
C PHE P 837 66.84 -27.67 64.32
N ILE P 838 67.63 -28.14 63.34
CA ILE P 838 68.27 -29.44 63.42
C ILE P 838 69.76 -29.24 63.68
N GLU P 839 70.26 -29.92 64.71
CA GLU P 839 71.67 -29.87 65.08
C GLU P 839 72.38 -31.11 64.55
N ALA P 840 73.33 -30.91 63.66
CA ALA P 840 74.10 -32.02 63.12
C ALA P 840 75.20 -32.43 64.09
N ASN P 841 76.12 -33.25 63.60
CA ASN P 841 77.23 -33.68 64.43
C ASN P 841 78.12 -32.48 64.76
N PRO P 842 78.39 -32.21 66.03
CA PRO P 842 79.23 -31.06 66.37
C PRO P 842 80.68 -31.29 65.94
N TRP P 843 81.38 -30.18 65.74
CA TRP P 843 82.79 -30.23 65.39
C TRP P 843 83.68 -30.49 66.60
N GLU P 844 83.12 -30.54 67.80
CA GLU P 844 83.94 -30.70 69.00
C GLU P 844 84.61 -32.07 69.03
N THR P 845 84.03 -33.07 68.34
CA THR P 845 84.60 -34.41 68.36
C THR P 845 85.99 -34.43 67.75
N MET P 846 86.17 -33.73 66.63
CA MET P 846 87.49 -33.70 65.99
C MET P 846 88.51 -33.01 66.88
N TYR P 847 88.13 -31.91 67.53
CA TYR P 847 89.06 -31.23 68.43
C TYR P 847 89.45 -32.12 69.60
N MET P 848 88.45 -32.80 70.19
CA MET P 848 88.73 -33.70 71.31
C MET P 848 89.66 -34.83 70.90
N LYS P 849 89.44 -35.42 69.73
CA LYS P 849 90.29 -36.52 69.31
C LYS P 849 91.69 -36.03 68.96
N ASP P 850 91.80 -34.78 68.50
CA ASP P 850 93.09 -34.30 68.02
C ASP P 850 93.98 -33.85 69.16
N VAL P 851 93.50 -32.89 69.97
CA VAL P 851 94.38 -32.19 70.90
C VAL P 851 93.90 -32.21 72.33
N ASN P 852 92.99 -33.11 72.69
CA ASN P 852 92.43 -33.15 74.04
C ASN P 852 92.53 -34.55 74.62
N SER P 853 92.94 -34.64 75.88
CA SER P 853 93.08 -35.91 76.57
C SER P 853 92.19 -36.03 77.80
N SER P 854 92.25 -35.07 78.72
CA SER P 854 91.51 -35.14 79.97
C SER P 854 90.63 -33.91 80.20
N THR P 855 90.54 -33.02 79.22
CA THR P 855 89.71 -31.82 79.33
C THR P 855 88.30 -32.04 78.77
N TRP P 856 87.97 -33.25 78.37
CA TRP P 856 86.68 -33.50 77.73
C TRP P 856 85.47 -33.09 78.57
N PRO P 857 85.40 -33.35 79.89
CA PRO P 857 84.24 -32.87 80.65
C PRO P 857 84.07 -31.36 80.60
N ALA P 858 85.17 -30.60 80.56
CA ALA P 858 85.06 -29.16 80.45
C ALA P 858 84.39 -28.75 79.14
N LEU P 859 84.79 -29.38 78.03
CA LEU P 859 84.15 -29.11 76.76
C LEU P 859 82.68 -29.52 76.78
N MET P 860 82.37 -30.63 77.44
CA MET P 860 80.97 -31.05 77.53
C MET P 860 80.12 -30.04 78.27
N THR P 861 80.62 -29.54 79.41
CA THR P 861 79.87 -28.55 80.18
C THR P 861 79.72 -27.25 79.39
N ALA P 862 80.80 -26.80 78.74
CA ALA P 862 80.71 -25.60 77.93
C ALA P 862 79.74 -25.77 76.78
N PHE P 863 79.73 -26.95 76.17
CA PHE P 863 78.80 -27.26 75.08
C PHE P 863 77.36 -27.17 75.57
N GLU P 864 77.06 -27.76 76.73
CA GLU P 864 75.70 -27.72 77.25
C GLU P 864 75.27 -26.29 77.56
N SER P 865 76.14 -25.52 78.22
CA SER P 865 75.80 -24.14 78.56
C SER P 865 75.59 -23.30 77.29
N SER P 866 76.47 -23.46 76.31
CA SER P 866 76.35 -22.71 75.07
C SER P 866 75.07 -23.07 74.32
N ASN P 867 74.73 -24.36 74.29
CA ASN P 867 73.50 -24.77 73.62
C ASN P 867 72.28 -24.17 74.29
N LYS P 868 72.24 -24.19 75.62
CA LYS P 868 71.08 -23.62 76.31
C LYS P 868 70.98 -22.12 76.09
N ALA P 869 72.11 -21.41 76.18
CA ALA P 869 72.08 -19.96 75.96
C ALA P 869 71.66 -19.62 74.53
N MET P 870 72.18 -20.35 73.55
CA MET P 870 71.82 -20.08 72.16
C MET P 870 70.36 -20.40 71.88
N LEU P 871 69.84 -21.48 72.48
CA LEU P 871 68.43 -21.78 72.34
C LEU P 871 67.57 -20.66 72.90
N ALA P 872 67.91 -20.16 74.09
CA ALA P 872 67.14 -19.06 74.67
C ALA P 872 67.22 -17.82 73.79
N TRP P 873 68.40 -17.51 73.28
CA TRP P 873 68.55 -16.32 72.45
C TRP P 873 67.75 -16.42 71.16
N MET P 874 67.76 -17.60 70.53
CA MET P 874 66.96 -17.78 69.31
C MET P 874 65.47 -17.70 69.61
N ARG P 875 65.04 -18.27 70.75
CA ARG P 875 63.63 -18.18 71.12
C ARG P 875 63.22 -16.73 71.30
N THR P 876 64.10 -15.92 71.89
CA THR P 876 63.75 -14.52 72.14
C THR P 876 63.77 -13.69 70.86
N ASN P 877 64.80 -13.87 70.01
CA ASN P 877 65.08 -12.83 69.02
C ASN P 877 64.07 -12.86 67.87
N TRP P 878 64.05 -13.91 67.06
CA TRP P 878 63.06 -14.01 65.99
C TRP P 878 61.83 -14.78 66.42
N GLY P 879 61.53 -14.84 67.71
CA GLY P 879 60.24 -15.31 68.17
C GLY P 879 59.99 -16.78 67.90
N ASN P 880 58.70 -17.09 67.82
CA ASN P 880 58.16 -18.45 67.77
C ASN P 880 58.73 -19.21 68.96
N PRO P 881 58.14 -19.05 70.14
CA PRO P 881 58.54 -19.89 71.28
C PRO P 881 58.25 -21.35 71.00
N ASN P 882 58.65 -22.20 71.95
CA ASN P 882 58.51 -23.65 71.85
C ASN P 882 59.39 -24.21 70.74
N LEU P 883 60.36 -23.41 70.28
CA LEU P 883 61.34 -23.90 69.33
C LEU P 883 62.21 -24.96 69.97
N GLU P 884 62.47 -26.04 69.23
CA GLU P 884 63.24 -27.17 69.73
C GLU P 884 64.40 -27.46 68.80
N ILE P 885 65.58 -27.66 69.38
CA ILE P 885 66.78 -28.00 68.61
C ILE P 885 66.86 -29.52 68.54
N TRP P 886 66.69 -30.07 67.35
CA TRP P 886 66.75 -31.51 67.20
C TRP P 886 68.17 -31.96 66.86
N PHE P 887 68.49 -33.18 67.26
CA PHE P 887 69.86 -33.68 67.25
C PHE P 887 70.05 -34.75 66.18
N GLN P 888 71.31 -35.02 65.87
CA GLN P 888 71.70 -36.10 64.98
C GLN P 888 72.87 -36.85 65.60
N GLY P 889 73.05 -38.10 65.20
CA GLY P 889 74.05 -38.95 65.83
C GLY P 889 75.46 -38.45 65.58
N ALA P 890 76.40 -38.95 66.39
CA ALA P 890 77.79 -38.56 66.29
C ALA P 890 78.49 -39.33 65.18
N THR P 891 79.70 -38.88 64.84
CA THR P 891 80.47 -39.41 63.74
C THR P 891 81.83 -39.90 64.22
N THR P 892 82.19 -41.11 63.79
CA THR P 892 83.51 -41.65 64.02
C THR P 892 84.40 -41.38 62.82
N VAL P 893 85.70 -41.61 62.99
CA VAL P 893 86.68 -41.42 61.93
C VAL P 893 87.42 -42.73 61.73
N TRP P 894 87.48 -43.18 60.48
CA TRP P 894 88.14 -44.42 60.10
C TRP P 894 89.34 -44.09 59.22
N PHE P 895 90.38 -44.92 59.27
CA PHE P 895 91.58 -44.71 58.47
C PHE P 895 92.20 -46.06 58.12
N GLY P 896 92.10 -46.44 56.85
CA GLY P 896 92.80 -47.62 56.38
C GLY P 896 92.15 -48.20 55.15
N VAL P 897 92.81 -49.20 54.57
CA VAL P 897 92.21 -49.99 53.50
C VAL P 897 91.05 -50.78 54.07
N ALA P 898 89.98 -50.87 53.28
CA ALA P 898 88.76 -51.50 53.77
C ALA P 898 89.01 -52.97 54.09
N PRO P 899 88.60 -53.45 55.28
CA PRO P 899 87.96 -52.72 56.37
C PRO P 899 88.94 -51.83 57.15
N PRO P 900 88.55 -50.59 57.41
CA PRO P 900 89.48 -49.64 58.02
C PRO P 900 89.58 -49.82 59.53
N ASN P 901 90.43 -48.98 60.12
CA ASN P 901 90.68 -49.00 61.56
C ASN P 901 89.95 -47.83 62.21
N ASP P 902 89.16 -48.13 63.24
CA ASP P 902 88.40 -47.10 63.93
C ASP P 902 89.32 -46.17 64.71
N LEU P 903 88.91 -44.91 64.79
CA LEU P 903 89.57 -43.93 65.63
C LEU P 903 88.53 -43.23 66.49
N ASN P 904 89.01 -42.58 67.55
CA ASN P 904 88.22 -41.74 68.47
C ASN P 904 86.82 -42.29 68.75
N SER P 905 86.73 -43.59 68.96
CA SER P 905 85.46 -44.20 69.32
C SER P 905 84.95 -43.66 70.66
N GLU P 906 85.86 -43.49 71.62
CA GLU P 906 85.46 -43.04 72.95
C GLU P 906 84.92 -41.61 72.92
N ALA P 907 85.50 -40.75 72.07
CA ALA P 907 85.01 -39.39 71.96
C ALA P 907 83.57 -39.36 71.47
N THR P 908 83.27 -40.14 70.43
CA THR P 908 81.91 -40.23 69.93
C THR P 908 80.99 -40.83 70.98
N VAL P 909 81.49 -41.79 71.75
CA VAL P 909 80.68 -42.37 72.83
C VAL P 909 80.30 -41.30 73.84
N THR P 910 81.27 -40.49 74.26
CA THR P 910 80.97 -39.43 75.23
C THR P 910 80.00 -38.41 74.65
N VAL P 911 80.19 -38.02 73.40
CA VAL P 911 79.32 -37.01 72.80
C VAL P 911 77.89 -37.55 72.67
N ARG P 912 77.76 -38.80 72.25
CA ARG P 912 76.44 -39.42 72.13
C ARG P 912 75.78 -39.56 73.49
N ASP P 913 76.54 -39.91 74.53
CA ASP P 913 75.98 -39.98 75.87
C ASP P 913 75.48 -38.64 76.33
N LYS P 914 76.25 -37.57 76.07
CA LYS P 914 75.79 -36.23 76.43
C LYS P 914 74.53 -35.85 75.67
N GLN P 915 74.47 -36.19 74.38
CA GLN P 915 73.28 -35.87 73.59
C GLN P 915 72.06 -36.61 74.11
N ILE P 916 72.21 -37.89 74.46
CA ILE P 916 71.09 -38.65 75.00
C ILE P 916 70.66 -38.08 76.34
N GLN P 917 71.62 -37.68 77.18
CA GLN P 917 71.28 -37.09 78.46
C GLN P 917 70.51 -35.78 78.28
N MET P 918 70.93 -34.94 77.33
CA MET P 918 70.21 -33.71 77.06
C MET P 918 68.80 -33.99 76.57
N ALA P 919 68.66 -34.96 75.65
CA ALA P 919 67.35 -35.24 75.07
C ALA P 919 66.40 -35.81 76.10
N THR P 920 66.91 -36.63 77.03
CA THR P 920 66.05 -37.21 78.05
C THR P 920 65.43 -36.14 78.94
N ALA P 921 66.20 -35.11 79.27
CA ALA P 921 65.65 -34.00 80.05
C ALA P 921 64.63 -33.23 79.23
N ASN P 922 63.68 -32.60 79.92
CA ASN P 922 62.59 -31.88 79.27
C ASN P 922 62.91 -30.41 79.03
N ILE P 923 64.16 -30.00 79.23
CA ILE P 923 64.56 -28.63 78.90
C ILE P 923 64.41 -28.39 77.40
N GLY P 924 64.50 -29.45 76.61
CA GLY P 924 64.43 -29.34 75.16
C GLY P 924 65.42 -30.31 74.52
N PHE P 925 65.92 -29.90 73.37
CA PHE P 925 66.96 -30.64 72.65
C PHE P 925 66.57 -32.10 72.43
N LYS P 926 65.34 -32.30 71.98
CA LYS P 926 64.91 -33.66 71.69
C LYS P 926 65.68 -34.23 70.51
N LEU P 927 66.08 -35.49 70.64
CA LEU P 927 66.97 -36.14 69.68
C LEU P 927 66.14 -36.71 68.55
N GLY P 928 66.44 -36.29 67.32
CA GLY P 928 65.67 -36.75 66.18
C GLY P 928 65.91 -38.22 65.87
N SER P 929 67.12 -38.55 65.43
CA SER P 929 67.45 -39.93 65.11
C SER P 929 68.96 -40.08 65.05
N PHE P 930 69.41 -41.32 65.24
CA PHE P 930 70.79 -41.70 65.01
C PHE P 930 70.93 -42.12 63.55
N VAL P 931 72.15 -42.05 63.05
CA VAL P 931 72.40 -42.55 61.70
C VAL P 931 72.24 -44.06 61.71
N PRO P 932 71.50 -44.66 60.78
CA PRO P 932 71.24 -46.11 60.86
C PRO P 932 72.51 -46.96 60.87
N GLY P 933 73.55 -46.54 60.18
CA GLY P 933 74.83 -47.22 60.26
C GLY P 933 75.73 -46.60 61.29
N SER P 934 76.78 -45.91 60.84
CA SER P 934 77.70 -45.11 61.63
C SER P 934 78.57 -45.94 62.56
N ASN P 935 78.38 -47.27 62.61
CA ASN P 935 79.26 -48.15 63.37
C ASN P 935 79.83 -49.30 62.56
N LEU P 936 79.36 -49.50 61.32
CA LEU P 936 79.83 -50.60 60.50
C LEU P 936 80.60 -50.13 59.26
N TYR P 937 81.13 -48.92 59.28
CA TYR P 937 82.11 -48.39 58.32
C TYR P 937 81.63 -48.43 56.88
N THR P 938 80.40 -48.91 56.64
CA THR P 938 79.89 -48.97 55.28
C THR P 938 79.33 -47.63 54.84
N ALA P 939 78.78 -46.87 55.79
CA ALA P 939 78.17 -45.57 55.48
C ALA P 939 79.22 -44.46 55.54
N TYR P 940 80.28 -44.65 54.76
CA TYR P 940 81.35 -43.66 54.69
C TYR P 940 82.02 -43.77 53.33
N ARG P 941 82.74 -42.72 52.94
CA ARG P 941 83.43 -42.67 51.66
C ARG P 941 84.93 -42.70 51.88
N ASN P 942 85.64 -43.35 50.95
CA ASN P 942 87.07 -43.57 51.13
C ASN P 942 87.85 -42.25 51.13
N VAL P 943 87.66 -41.43 50.10
CA VAL P 943 88.33 -40.15 49.94
C VAL P 943 89.81 -40.30 50.31
N GLU P 944 90.52 -41.15 49.58
CA GLU P 944 91.94 -41.42 49.82
C GLU P 944 92.17 -41.88 51.26
N SER P 945 91.51 -42.97 51.65
CA SER P 945 91.71 -43.70 52.91
C SER P 945 91.29 -42.93 54.15
N SER P 946 90.52 -41.85 54.03
CA SER P 946 89.98 -41.15 55.18
C SER P 946 88.45 -41.13 55.09
N TRP P 947 87.79 -41.70 56.08
CA TRP P 947 86.39 -42.08 56.01
C TRP P 947 85.50 -41.16 56.85
N ILE P 948 85.74 -39.85 56.80
CA ILE P 948 85.05 -38.92 57.68
C ILE P 948 83.57 -38.84 57.34
N TYR P 949 83.25 -38.65 56.07
CA TYR P 949 81.90 -38.23 55.68
C TYR P 949 81.01 -39.42 55.30
N TYR P 950 79.72 -39.15 55.15
CA TYR P 950 78.73 -40.18 54.87
C TYR P 950 78.62 -40.44 53.37
N THR P 951 77.78 -41.42 53.03
CA THR P 951 77.46 -41.77 51.66
C THR P 951 76.04 -41.31 51.33
N VAL P 952 75.66 -41.47 50.06
CA VAL P 952 74.36 -41.01 49.59
C VAL P 952 73.23 -41.77 50.28
N GLU P 953 73.34 -43.10 50.33
CA GLU P 953 72.29 -43.90 50.93
C GLU P 953 72.13 -43.60 52.42
N ALA P 954 73.25 -43.36 53.10
CA ALA P 954 73.18 -42.97 54.51
C ALA P 954 72.44 -41.65 54.68
N PHE P 955 72.72 -40.68 53.82
CA PHE P 955 72.01 -39.41 53.90
C PHE P 955 70.52 -39.58 53.67
N HIS P 956 70.13 -40.40 52.68
CA HIS P 956 68.71 -40.61 52.42
C HIS P 956 68.03 -41.30 53.60
N ALA P 957 68.68 -42.31 54.19
CA ALA P 957 68.10 -43.00 55.33
C ALA P 957 67.94 -42.06 56.52
N THR P 958 68.97 -41.25 56.79
CA THR P 958 68.87 -40.29 57.88
C THR P 958 67.78 -39.26 57.61
N ALA P 959 67.61 -38.85 56.35
CA ALA P 959 66.54 -37.92 56.02
C ALA P 959 65.18 -38.52 56.29
N ILE P 960 64.97 -39.78 55.91
CA ILE P 960 63.68 -40.42 56.16
C ILE P 960 63.42 -40.53 57.66
N GLU P 961 64.45 -40.92 58.42
CA GLU P 961 64.28 -41.03 59.86
C GLU P 961 63.97 -39.67 60.49
N LEU P 962 64.66 -38.62 60.06
CA LEU P 962 64.42 -37.29 60.59
C LEU P 962 63.02 -36.81 60.23
N GLY P 963 62.56 -37.09 59.01
CA GLY P 963 61.21 -36.70 58.64
C GLY P 963 60.16 -37.38 59.50
N GLU P 964 60.30 -38.70 59.70
CA GLU P 964 59.33 -39.40 60.55
C GLU P 964 59.40 -38.91 61.99
N ALA P 965 60.59 -38.53 62.46
CA ALA P 965 60.71 -38.04 63.82
C ALA P 965 60.09 -36.66 63.98
N LEU P 966 60.26 -35.80 62.97
CA LEU P 966 59.74 -34.44 63.08
C LEU P 966 58.23 -34.40 62.90
N ALA P 967 57.70 -35.14 61.93
CA ALA P 967 56.28 -35.04 61.62
C ALA P 967 55.43 -35.52 62.80
N LEU P 968 55.78 -36.65 63.38
CA LEU P 968 55.12 -37.19 64.56
C LEU P 968 56.10 -37.08 65.73
N ASN P 969 55.68 -36.42 66.81
CA ASN P 969 56.61 -36.16 67.89
C ASN P 969 57.06 -37.48 68.52
N ILE P 970 58.29 -37.87 68.22
CA ILE P 970 58.91 -39.08 68.74
C ILE P 970 60.30 -38.72 69.22
N ASN P 971 60.54 -38.92 70.51
CA ASN P 971 61.88 -38.71 71.07
C ASN P 971 62.56 -40.07 71.15
N ARG P 972 63.51 -40.31 70.26
CA ARG P 972 64.13 -41.62 70.14
C ARG P 972 65.18 -41.87 71.21
N ALA P 973 65.52 -40.87 72.01
CA ALA P 973 66.42 -41.09 73.14
C ALA P 973 65.76 -41.98 74.20
N THR P 974 64.44 -42.06 74.20
CA THR P 974 63.76 -42.94 75.14
C THR P 974 63.94 -44.41 74.77
N ASN P 975 64.19 -44.68 73.49
CA ASN P 975 64.40 -46.05 72.99
C ASN P 975 65.68 -46.08 72.17
N PRO P 976 66.84 -46.06 72.81
CA PRO P 976 68.10 -46.18 72.06
C PRO P 976 68.25 -47.56 71.46
N PRO P 977 69.06 -47.71 70.42
CA PRO P 977 69.23 -49.04 69.80
C PRO P 977 69.99 -49.97 70.71
N ASP P 978 70.14 -51.23 70.24
CA ASP P 978 70.87 -52.22 71.01
C ASP P 978 72.32 -51.81 71.22
N TRP P 979 72.95 -51.29 70.18
CA TRP P 979 74.28 -50.71 70.34
C TRP P 979 74.18 -49.36 71.04
N SER P 980 75.34 -48.80 71.35
CA SER P 980 75.50 -47.57 72.14
C SER P 980 75.19 -47.84 73.62
N TYR P 981 74.69 -49.04 73.92
CA TYR P 981 74.70 -49.53 75.30
C TYR P 981 76.05 -50.12 75.63
N LEU P 982 76.68 -50.77 74.66
CA LEU P 982 77.99 -51.37 74.86
C LEU P 982 79.06 -50.28 74.92
N ARG P 983 80.19 -50.63 75.52
CA ARG P 983 81.31 -49.71 75.70
C ARG P 983 82.56 -50.38 75.17
N PRO P 984 83.58 -49.60 74.79
CA PRO P 984 84.83 -50.18 74.33
C PRO P 984 85.47 -51.03 75.41
N PRO P 985 86.16 -52.12 75.03
CA PRO P 985 86.84 -52.95 76.03
C PRO P 985 87.83 -52.16 76.86
N ALA P 986 87.92 -52.47 78.16
CA ALA P 986 88.59 -51.59 79.11
C ALA P 986 90.08 -51.47 78.82
N ASN P 987 90.77 -52.59 78.70
CA ASN P 987 92.23 -52.56 78.64
C ASN P 987 92.75 -53.52 77.58
N LEU P 988 93.70 -53.05 76.78
CA LEU P 988 94.43 -53.87 75.82
C LEU P 988 95.90 -53.87 76.19
N GLN P 989 96.49 -55.06 76.27
CA GLN P 989 97.90 -55.20 76.58
C GLN P 989 98.47 -56.38 75.80
N GLY P 990 99.51 -56.13 75.01
CA GLY P 990 100.13 -57.18 74.25
C GLY P 990 101.23 -57.88 75.02
N ARG P 991 101.29 -59.20 74.85
CA ARG P 991 102.24 -60.03 75.57
C ARG P 991 102.82 -61.06 74.62
N LYS P 992 104.14 -61.02 74.43
CA LYS P 992 104.83 -62.00 73.60
C LYS P 992 105.32 -63.13 74.49
N LEU P 993 104.70 -64.30 74.34
CA LEU P 993 105.03 -65.45 75.17
C LEU P 993 106.42 -65.99 74.84
N ALA P 994 106.86 -66.95 75.66
CA ALA P 994 108.15 -67.58 75.41
C ALA P 994 108.14 -68.37 74.12
N THR P 995 107.01 -68.99 73.78
CA THR P 995 106.90 -69.78 72.56
C THR P 995 106.84 -68.92 71.31
N ARG P 996 107.10 -67.61 71.42
CA ARG P 996 107.10 -66.60 70.38
C ARG P 996 105.69 -66.25 69.92
N ASP P 997 104.65 -66.72 70.60
CA ASP P 997 103.30 -66.30 70.32
C ASP P 997 103.02 -64.94 70.94
N ILE P 998 101.93 -64.31 70.50
CA ILE P 998 101.49 -63.03 71.03
C ILE P 998 100.07 -63.20 71.57
N LYS P 999 99.83 -62.67 72.76
CA LYS P 999 98.55 -62.83 73.46
C LYS P 999 98.04 -61.48 73.93
N MET P 1000 96.73 -61.28 73.85
CA MET P 1000 96.07 -60.08 74.33
C MET P 1000 95.11 -60.42 75.47
N THR P 1001 94.95 -59.47 76.39
CA THR P 1001 94.14 -59.68 77.59
C THR P 1001 93.11 -58.56 77.68
N TRP P 1002 91.88 -58.94 78.07
CA TRP P 1002 90.73 -58.05 78.02
C TRP P 1002 90.06 -58.05 79.39
N ASP P 1003 89.76 -56.87 79.91
CA ASP P 1003 88.95 -56.79 81.12
C ASP P 1003 87.49 -57.13 80.78
N ASN P 1004 86.84 -57.84 81.68
CA ASN P 1004 85.49 -58.35 81.47
C ASN P 1004 84.51 -57.55 82.31
N ARG P 1005 83.43 -57.07 81.68
CA ARG P 1005 82.42 -56.31 82.40
C ARG P 1005 81.41 -57.22 83.07
N ALA P 1006 81.48 -58.53 82.79
CA ALA P 1006 80.61 -59.59 83.31
C ALA P 1006 79.17 -59.45 82.81
N GLY P 1007 78.87 -58.45 82.00
CA GLY P 1007 77.52 -58.34 81.46
C GLY P 1007 77.42 -58.94 80.07
N ILE P 1008 78.55 -59.26 79.46
CA ILE P 1008 78.61 -59.74 78.08
C ILE P 1008 79.38 -61.05 78.06
N THR P 1009 79.14 -61.88 77.04
CA THR P 1009 79.79 -63.18 76.98
C THR P 1009 80.62 -63.35 75.71
N HIS P 1010 80.31 -62.59 74.67
CA HIS P 1010 81.00 -62.71 73.39
C HIS P 1010 81.71 -61.41 73.04
N TRP P 1011 82.77 -61.52 72.22
CA TRP P 1011 83.50 -60.37 71.71
C TRP P 1011 83.79 -60.59 70.22
N LYS P 1012 84.09 -59.50 69.53
CA LYS P 1012 84.51 -59.55 68.13
C LYS P 1012 85.86 -58.86 67.97
N TYR P 1013 86.64 -59.35 67.02
CA TYR P 1013 88.01 -58.88 66.84
C TYR P 1013 88.34 -58.77 65.36
N ALA P 1014 89.41 -58.03 65.08
CA ALA P 1014 89.94 -57.91 63.73
C ALA P 1014 91.44 -57.69 63.80
N ASN P 1015 92.18 -58.47 63.03
CA ASN P 1015 93.64 -58.39 62.98
C ASN P 1015 94.07 -57.97 61.58
N ARG P 1016 94.99 -57.01 61.53
CA ARG P 1016 95.38 -56.40 60.27
C ARG P 1016 96.88 -56.50 60.06
N HIS P 1017 97.29 -56.37 58.80
CA HIS P 1017 98.70 -56.24 58.46
C HIS P 1017 99.23 -54.90 58.96
N VAL P 1018 100.55 -54.81 59.06
CA VAL P 1018 101.16 -53.59 59.59
C VAL P 1018 101.48 -52.61 58.47
N THR P 1019 102.24 -53.06 57.46
CA THR P 1019 102.63 -52.17 56.37
C THR P 1019 101.42 -51.72 55.57
N THR P 1020 100.50 -52.64 55.29
CA THR P 1020 99.27 -52.32 54.57
C THR P 1020 98.08 -52.54 55.50
N GLY P 1021 96.90 -52.21 55.00
CA GLY P 1021 95.67 -52.39 55.76
C GLY P 1021 95.00 -53.72 55.59
N ALA P 1022 95.65 -54.67 54.90
CA ALA P 1022 95.03 -55.96 54.64
C ALA P 1022 94.70 -56.66 55.95
N GLU P 1023 93.53 -57.30 55.99
CA GLU P 1023 93.06 -57.97 57.20
C GLU P 1023 93.48 -59.43 57.16
N ILE P 1024 94.24 -59.86 58.17
CA ILE P 1024 94.74 -61.23 58.21
C ILE P 1024 93.60 -62.18 58.55
N SER P 1025 92.83 -61.87 59.59
CA SER P 1025 91.76 -62.75 60.05
C SER P 1025 90.78 -61.95 60.87
N SER P 1026 89.56 -62.50 61.00
CA SER P 1026 88.52 -61.88 61.80
C SER P 1026 87.50 -62.94 62.19
N GLY P 1027 86.70 -62.62 63.20
CA GLY P 1027 85.68 -63.54 63.66
C GLY P 1027 85.21 -63.15 65.05
N ILE P 1028 84.46 -64.08 65.66
CA ILE P 1028 83.95 -63.90 67.02
C ILE P 1028 84.57 -64.96 67.91
N LEU P 1029 84.96 -64.55 69.11
CA LEU P 1029 85.58 -65.45 70.08
C LEU P 1029 84.88 -65.28 71.43
N THR P 1030 84.69 -66.38 72.13
CA THR P 1030 83.90 -66.41 73.36
C THR P 1030 84.73 -66.24 74.62
N SER P 1031 86.03 -65.99 74.50
CA SER P 1031 86.92 -65.86 75.63
C SER P 1031 87.67 -64.54 75.56
N PRO P 1032 88.06 -63.97 76.71
CA PRO P 1032 88.68 -62.63 76.72
C PRO P 1032 90.13 -62.60 76.26
N GLU P 1033 90.66 -63.66 75.66
CA GLU P 1033 92.04 -63.67 75.19
C GLU P 1033 92.12 -64.19 73.77
N TYR P 1034 93.10 -63.69 73.03
CA TYR P 1034 93.38 -64.12 71.67
C TYR P 1034 94.87 -64.36 71.52
N VAL P 1035 95.24 -65.47 70.89
CA VAL P 1035 96.63 -65.90 70.78
C VAL P 1035 97.03 -65.89 69.31
N PHE P 1036 98.07 -65.12 68.99
CA PHE P 1036 98.59 -65.01 67.63
C PHE P 1036 99.78 -65.95 67.49
N THR P 1037 99.54 -67.14 66.97
CA THR P 1037 100.57 -68.17 66.91
C THR P 1037 101.68 -67.77 65.93
N LEU P 1038 102.84 -68.40 66.11
CA LEU P 1038 103.99 -68.06 65.25
C LEU P 1038 103.78 -68.60 63.85
N ASN P 1039 102.99 -69.64 63.69
CA ASN P 1039 102.67 -70.14 62.36
C ASN P 1039 101.90 -69.09 61.55
N ASP P 1040 100.95 -68.41 62.19
CA ASP P 1040 100.21 -67.36 61.50
C ASP P 1040 101.13 -66.19 61.18
N GLN P 1041 102.05 -65.86 62.08
CA GLN P 1041 103.01 -64.79 61.80
C GLN P 1041 103.88 -65.15 60.62
N GLN P 1042 104.30 -66.42 60.52
CA GLN P 1042 105.13 -66.84 59.40
C GLN P 1042 104.33 -66.89 58.11
N ASN P 1043 103.02 -67.16 58.21
CA ASN P 1043 102.17 -67.13 57.02
C ASN P 1043 102.01 -65.70 56.51
N ALA P 1044 101.77 -64.75 57.42
CA ALA P 1044 101.58 -63.37 57.00
C ALA P 1044 102.91 -62.69 56.68
N TYR P 1045 103.83 -62.70 57.64
CA TYR P 1045 105.16 -62.11 57.48
C TYR P 1045 106.16 -63.23 57.25
N ASN P 1046 107.24 -62.93 56.52
CA ASN P 1046 108.25 -63.94 56.27
C ASN P 1046 108.97 -64.34 57.55
N GLY P 1047 108.89 -63.51 58.59
CA GLY P 1047 109.49 -63.85 59.87
C GLY P 1047 108.61 -63.43 61.04
N ASP P 1048 108.97 -63.87 62.25
CA ASP P 1048 108.22 -63.48 63.43
C ASP P 1048 108.36 -61.97 63.67
N THR P 1049 107.34 -61.38 64.26
CA THR P 1049 107.25 -59.94 64.40
C THR P 1049 107.11 -59.53 65.85
N LEU P 1050 107.47 -58.28 66.12
CA LEU P 1050 107.31 -57.65 67.43
C LEU P 1050 106.28 -56.52 67.36
N ASN P 1051 105.52 -56.47 66.27
CA ASN P 1051 104.57 -55.39 66.01
C ASN P 1051 103.17 -55.96 65.87
N MET P 1052 102.17 -55.15 66.23
CA MET P 1052 100.80 -55.62 66.19
C MET P 1052 99.87 -54.44 65.98
N SER P 1053 98.77 -54.67 65.27
CA SER P 1053 97.68 -53.72 65.12
C SER P 1053 96.36 -54.48 65.30
N PHE P 1054 95.73 -54.27 66.45
CA PHE P 1054 94.59 -55.09 66.86
C PHE P 1054 93.41 -54.19 67.21
N SER P 1055 92.21 -54.62 66.81
CA SER P 1055 90.97 -53.91 67.13
C SER P 1055 89.95 -54.92 67.62
N VAL P 1056 89.35 -54.65 68.77
CA VAL P 1056 88.38 -55.54 69.40
C VAL P 1056 87.13 -54.77 69.74
N SER P 1057 85.97 -55.40 69.56
CA SER P 1057 84.68 -54.80 69.84
C SER P 1057 83.81 -55.78 70.61
N GLU P 1058 82.85 -55.23 71.34
CA GLU P 1058 81.94 -56.00 72.18
C GLU P 1058 80.72 -56.39 71.36
N TYR P 1059 80.37 -57.67 71.38
CA TYR P 1059 79.39 -58.24 70.47
C TYR P 1059 78.33 -59.02 71.24
N ALA P 1060 77.10 -58.98 70.73
CA ALA P 1060 75.97 -59.65 71.35
C ALA P 1060 75.45 -60.74 70.42
N ALA P 1061 75.20 -61.93 70.97
CA ALA P 1061 74.83 -63.07 70.14
C ALA P 1061 73.39 -62.98 69.65
N ASP P 1062 72.46 -62.58 70.52
CA ASP P 1062 71.04 -62.64 70.17
C ASP P 1062 70.71 -61.74 68.99
N SER P 1063 71.23 -60.52 68.98
CA SER P 1063 71.05 -59.59 67.88
C SER P 1063 72.42 -59.12 67.42
N GLY P 1064 72.64 -59.12 66.11
CA GLY P 1064 73.91 -58.66 65.58
C GLY P 1064 74.19 -57.23 65.98
N ALA P 1065 75.12 -57.05 66.92
CA ALA P 1065 75.42 -55.73 67.45
C ALA P 1065 76.93 -55.62 67.63
N VAL P 1066 77.49 -54.50 67.19
CA VAL P 1066 78.91 -54.21 67.37
C VAL P 1066 79.02 -52.81 67.97
N GLY P 1067 79.64 -52.73 69.14
CA GLY P 1067 79.83 -51.47 69.83
C GLY P 1067 81.10 -50.77 69.41
N ALA P 1068 81.58 -49.88 70.27
CA ALA P 1068 82.83 -49.20 70.02
C ALA P 1068 84.00 -50.19 70.09
N SER P 1069 85.07 -49.87 69.39
CA SER P 1069 86.23 -50.74 69.28
C SER P 1069 87.46 -50.06 69.87
N SER P 1070 88.29 -50.85 70.52
CA SER P 1070 89.55 -50.39 71.10
C SER P 1070 90.70 -50.86 70.22
N SER P 1071 91.59 -49.94 69.87
CA SER P 1071 92.68 -50.21 68.94
C SER P 1071 94.02 -50.05 69.64
N PHE P 1072 94.92 -50.99 69.37
CA PHE P 1072 96.28 -50.98 69.90
C PHE P 1072 97.22 -51.24 68.74
N VAL P 1073 98.15 -50.31 68.49
CA VAL P 1073 99.03 -50.38 67.33
C VAL P 1073 100.50 -50.39 67.69
N GLY P 1074 100.84 -50.26 68.96
CA GLY P 1074 102.24 -50.21 69.35
C GLY P 1074 102.88 -51.58 69.42
N VAL P 1075 104.15 -51.57 69.85
CA VAL P 1075 104.87 -52.82 70.01
C VAL P 1075 104.37 -53.55 71.25
N VAL P 1076 104.54 -54.87 71.27
CA VAL P 1076 104.14 -55.69 72.40
C VAL P 1076 105.16 -55.51 73.52
N GLN P 1077 104.84 -56.03 74.71
CA GLN P 1077 105.68 -55.83 75.89
C GLN P 1077 107.09 -56.38 75.75
N ASN P 1078 107.39 -57.09 74.67
CA ASN P 1078 108.77 -57.42 74.27
C ASN P 1078 109.40 -58.27 75.36
N GLY P 1079 110.51 -57.85 75.97
CA GLY P 1079 111.24 -58.69 76.89
C GLY P 1079 112.52 -59.28 76.33
N SER P 1080 113.11 -58.66 75.30
CA SER P 1080 114.25 -59.27 74.63
C SER P 1080 115.59 -58.87 75.25
N TYR P 1081 115.57 -57.95 76.23
CA TYR P 1081 116.83 -57.50 76.82
C TYR P 1081 117.52 -58.64 77.56
N MET P 1082 116.76 -59.51 78.22
CA MET P 1082 117.33 -60.72 78.79
C MET P 1082 117.69 -61.71 77.70
N GLN P 1083 118.73 -62.50 77.96
CA GLN P 1083 119.16 -63.53 77.02
C GLN P 1083 118.40 -64.83 77.28
N THR P 1084 118.84 -65.91 76.66
CA THR P 1084 118.18 -67.20 76.78
C THR P 1084 119.18 -68.29 77.15
N PRO P 1085 118.76 -69.33 77.85
CA PRO P 1085 119.67 -70.45 78.15
C PRO P 1085 120.20 -71.08 76.86
N THR P 1086 121.48 -71.44 76.88
CA THR P 1086 122.13 -71.89 75.64
C THR P 1086 122.00 -73.39 75.45
N GLN P 1087 122.49 -74.18 76.40
CA GLN P 1087 122.53 -75.63 76.28
C GLN P 1087 121.57 -76.23 77.28
N LEU P 1088 120.70 -77.14 76.82
CA LEU P 1088 119.72 -77.78 77.67
C LEU P 1088 119.70 -79.27 77.36
N LYS P 1089 119.67 -80.10 78.41
CA LYS P 1089 119.71 -81.54 78.27
C LYS P 1089 118.76 -82.19 79.27
N ALA P 1090 118.25 -83.36 78.92
CA ALA P 1090 117.43 -84.18 79.79
C ALA P 1090 117.96 -85.61 79.78
N ALA P 1091 118.23 -86.15 80.96
CA ALA P 1091 118.85 -87.47 81.08
C ALA P 1091 118.05 -88.34 82.04
N LYS P 1092 117.74 -89.56 81.62
CA LYS P 1092 117.13 -90.54 82.49
C LYS P 1092 118.17 -91.08 83.47
N GLN P 1093 117.69 -91.58 84.61
CA GLN P 1093 118.57 -92.07 85.66
C GLN P 1093 118.16 -93.49 86.04
N LEU P 1094 119.07 -94.18 86.73
CA LEU P 1094 118.81 -95.55 87.17
C LEU P 1094 117.60 -95.59 88.11
N ASN P 1095 117.51 -94.62 89.03
CA ASN P 1095 116.36 -94.56 89.92
C ASN P 1095 115.07 -94.32 89.14
N GLY P 1096 115.17 -93.65 88.00
CA GLY P 1096 114.00 -93.28 87.22
C GLY P 1096 113.74 -91.79 87.15
N ASP P 1097 114.46 -90.99 87.94
CA ASP P 1097 114.30 -89.55 87.88
C ASP P 1097 114.91 -88.99 86.60
N ILE P 1098 114.46 -87.81 86.20
CA ILE P 1098 114.95 -87.11 85.02
C ILE P 1098 115.60 -85.82 85.47
N ILE P 1099 116.82 -85.58 85.01
CA ILE P 1099 117.62 -84.44 85.44
C ILE P 1099 117.71 -83.46 84.27
N PHE P 1100 117.16 -82.27 84.45
CA PHE P 1100 117.24 -81.20 83.46
C PHE P 1100 118.31 -80.21 83.90
N THR P 1101 119.29 -79.99 83.04
CA THR P 1101 120.39 -79.06 83.32
C THR P 1101 120.53 -78.09 82.16
N TRP P 1102 120.76 -76.82 82.48
CA TRP P 1102 120.95 -75.79 81.47
C TRP P 1102 121.96 -74.77 81.95
N VAL P 1103 122.58 -74.07 80.99
CA VAL P 1103 123.62 -73.09 81.26
C VAL P 1103 123.00 -71.70 81.11
N GLY P 1104 123.17 -70.87 82.14
CA GLY P 1104 122.63 -69.53 82.13
C GLY P 1104 123.68 -68.51 82.54
N ARG P 1105 123.33 -67.25 82.34
CA ARG P 1105 124.24 -66.17 82.72
C ARG P 1105 124.40 -66.12 84.23
N PRO P 1106 125.62 -65.87 84.73
CA PRO P 1106 125.80 -65.76 86.19
C PRO P 1106 125.00 -64.62 86.79
N SER P 1107 124.84 -63.52 86.06
CA SER P 1107 124.13 -62.37 86.60
C SER P 1107 122.65 -62.68 86.84
N TRP P 1108 122.01 -63.36 85.90
CA TRP P 1108 120.59 -63.64 85.96
C TRP P 1108 120.37 -65.08 86.41
N GLN P 1109 119.86 -65.25 87.63
CA GLN P 1109 119.61 -66.57 88.19
C GLN P 1109 118.13 -66.85 88.42
N HIS P 1110 117.24 -66.07 87.81
CA HIS P 1110 115.82 -66.33 87.91
C HIS P 1110 115.31 -66.94 86.60
N PHE P 1111 114.66 -68.10 86.72
CA PHE P 1111 114.26 -68.88 85.56
C PHE P 1111 112.82 -69.31 85.70
N TRP P 1112 112.17 -69.55 84.57
CA TRP P 1112 110.81 -70.07 84.50
C TRP P 1112 110.83 -71.35 83.69
N VAL P 1113 110.11 -72.38 84.17
CA VAL P 1113 110.13 -73.70 83.57
C VAL P 1113 108.70 -74.11 83.24
N VAL P 1114 108.51 -74.73 82.07
CA VAL P 1114 107.21 -75.21 81.61
C VAL P 1114 107.38 -76.63 81.12
N ASN P 1115 106.46 -77.51 81.52
CA ASN P 1115 106.47 -78.91 81.10
C ASN P 1115 105.10 -79.28 80.54
N THR P 1116 105.10 -80.13 79.52
CA THR P 1116 103.85 -80.53 78.86
C THR P 1116 103.84 -82.04 78.66
N SER P 1117 102.64 -82.60 78.57
CA SER P 1117 102.49 -84.03 78.33
C SER P 1117 102.83 -84.37 76.89
N VAL P 1118 103.14 -85.65 76.66
CA VAL P 1118 103.43 -86.09 75.30
C VAL P 1118 102.16 -86.62 74.64
N ASN P 1119 101.17 -87.02 75.43
CA ASN P 1119 99.93 -87.55 74.87
C ASN P 1119 99.13 -86.46 74.18
N ASP P 1120 98.95 -85.31 74.85
CA ASP P 1120 98.11 -84.24 74.34
C ASP P 1120 98.88 -82.99 73.94
N SER P 1121 100.06 -82.77 74.51
CA SER P 1121 100.93 -81.62 74.24
C SER P 1121 100.31 -80.30 74.68
N LYS P 1122 99.33 -80.32 75.60
CA LYS P 1122 98.69 -79.10 76.06
C LYS P 1122 98.43 -79.06 77.55
N THR P 1123 98.90 -80.05 78.33
CA THR P 1123 98.54 -80.13 79.74
C THR P 1123 99.23 -79.04 80.55
N VAL P 1124 100.37 -78.54 80.07
CA VAL P 1124 101.14 -77.43 80.65
C VAL P 1124 101.28 -77.60 82.17
N ILE P 1125 101.57 -78.82 82.62
CA ILE P 1125 101.81 -79.09 84.02
C ILE P 1125 103.17 -78.53 84.44
N PHE P 1126 103.43 -78.51 85.74
CA PHE P 1126 104.78 -78.28 86.25
C PHE P 1126 105.30 -76.90 85.84
N SER P 1127 104.43 -75.89 85.90
CA SER P 1127 104.78 -74.53 85.51
C SER P 1127 105.07 -73.72 86.78
N LYS P 1128 106.31 -73.28 86.93
CA LYS P 1128 106.74 -72.51 88.09
C LYS P 1128 108.11 -71.91 87.79
N GLU P 1129 108.70 -71.31 88.82
CA GLU P 1129 110.02 -70.71 88.71
C GLU P 1129 111.00 -71.46 89.60
N TRP P 1130 112.24 -71.58 89.13
CA TRP P 1130 113.33 -72.20 89.88
C TRP P 1130 114.59 -71.38 89.69
N SER P 1131 115.22 -70.98 90.80
CA SER P 1131 116.49 -70.28 90.72
C SER P 1131 117.64 -71.26 90.46
N SER P 1132 117.51 -72.50 90.93
CA SER P 1132 118.55 -73.49 90.71
C SER P 1132 118.63 -73.85 89.23
N GLU P 1133 119.87 -74.00 88.74
CA GLU P 1133 120.06 -74.30 87.32
C GLU P 1133 119.67 -75.73 86.99
N SER P 1134 119.86 -76.65 87.93
CA SER P 1134 119.53 -78.05 87.73
C SER P 1134 118.19 -78.36 88.38
N LEU P 1135 117.33 -79.07 87.66
CA LEU P 1135 116.03 -79.49 88.17
C LEU P 1135 115.96 -81.01 88.20
N THR P 1136 115.44 -81.55 89.30
CA THR P 1136 115.22 -82.98 89.44
C THR P 1136 113.73 -83.22 89.52
N TRP P 1137 113.19 -83.95 88.55
CA TRP P 1137 111.74 -84.12 88.48
C TRP P 1137 111.27 -85.18 89.45
N THR P 1138 112.21 -85.98 89.97
CA THR P 1138 111.98 -86.94 91.06
C THR P 1138 111.01 -88.00 90.56
N VAL P 1139 109.97 -88.34 91.32
CA VAL P 1139 109.20 -89.56 91.06
C VAL P 1139 107.73 -89.27 90.78
N ALA P 1140 107.38 -88.01 90.51
CA ALA P 1140 105.97 -87.64 90.42
C ALA P 1140 105.32 -88.23 89.17
N GLU P 1141 106.11 -88.61 88.18
CA GLU P 1141 105.56 -88.82 86.84
C GLU P 1141 104.53 -89.93 86.81
N GLN P 1142 104.78 -91.06 87.49
CA GLN P 1142 103.82 -92.15 87.41
C GLN P 1142 102.60 -91.85 88.28
N ASN P 1143 102.69 -90.88 89.17
CA ASN P 1143 101.62 -90.58 90.10
C ASN P 1143 100.69 -89.51 89.53
N GLU P 1144 99.41 -89.86 89.44
CA GLU P 1144 98.32 -88.90 89.26
C GLU P 1144 98.32 -88.30 87.85
N PHE P 1145 99.33 -88.62 87.04
CA PHE P 1145 99.37 -88.08 85.69
C PHE P 1145 99.32 -89.19 84.65
N TYR P 1146 100.22 -90.16 84.73
CA TYR P 1146 100.24 -91.31 83.85
C TYR P 1146 99.74 -92.53 84.60
N GLY P 1147 98.95 -93.36 83.92
CA GLY P 1147 98.44 -94.57 84.55
C GLY P 1147 99.53 -95.56 84.92
N LEU P 1148 100.71 -95.40 84.35
CA LEU P 1148 101.84 -96.28 84.64
C LEU P 1148 102.21 -96.19 86.11
N GLU P 1149 102.57 -97.33 86.70
CA GLU P 1149 102.86 -97.38 88.13
C GLU P 1149 104.36 -97.26 88.41
N GLU P 1150 105.20 -97.83 87.55
CA GLU P 1150 106.64 -97.82 87.78
C GLU P 1150 107.46 -97.46 86.55
N GLY P 1151 106.91 -97.57 85.35
CA GLY P 1151 107.69 -97.29 84.16
C GLY P 1151 108.10 -95.84 84.04
N GLY P 1152 107.17 -94.93 84.31
CA GLY P 1152 107.44 -93.51 84.10
C GLY P 1152 107.29 -93.14 82.63
N ALA P 1153 107.74 -91.92 82.33
CA ALA P 1153 107.66 -91.39 80.97
C ALA P 1153 109.06 -91.25 80.40
N THR P 1154 109.32 -91.92 79.28
CA THR P 1154 110.61 -91.79 78.61
C THR P 1154 110.71 -90.46 77.88
N HIS P 1155 109.65 -90.06 77.20
CA HIS P 1155 109.68 -88.83 76.42
C HIS P 1155 109.30 -87.63 77.27
N VAL P 1156 109.96 -86.50 77.02
CA VAL P 1156 109.73 -85.27 77.77
C VAL P 1156 109.64 -84.09 76.80
N ILE P 1157 108.94 -83.05 77.23
CA ILE P 1157 108.91 -81.76 76.54
C ILE P 1157 109.11 -80.68 77.60
N PHE P 1158 110.24 -80.00 77.55
CA PHE P 1158 110.63 -79.08 78.61
C PHE P 1158 111.06 -77.75 78.00
N MET P 1159 110.81 -76.66 78.72
CA MET P 1159 111.13 -75.31 78.26
C MET P 1159 111.65 -74.49 79.41
N VAL P 1160 112.81 -73.85 79.22
CA VAL P 1160 113.46 -73.04 80.24
C VAL P 1160 113.72 -71.66 79.66
N SER P 1161 113.23 -70.63 80.34
CA SER P 1161 113.41 -69.25 79.92
C SER P 1161 113.63 -68.36 81.14
N GLU P 1162 114.39 -67.28 80.96
CA GLU P 1162 114.64 -66.36 82.05
C GLU P 1162 113.36 -65.63 82.43
N TYR P 1163 113.21 -65.36 83.73
CA TYR P 1163 112.01 -64.74 84.28
C TYR P 1163 112.40 -63.54 85.12
N ASP P 1164 111.60 -62.48 85.01
CA ASP P 1164 111.83 -61.26 85.77
C ASP P 1164 110.83 -61.18 86.91
N PRO P 1165 111.27 -61.23 88.17
CA PRO P 1165 110.30 -61.23 89.28
C PRO P 1165 109.42 -59.99 89.32
N SER P 1166 109.96 -58.82 88.94
CA SER P 1166 109.19 -57.59 89.06
C SER P 1166 108.24 -57.40 87.89
N ASN P 1167 108.78 -57.28 86.68
CA ASN P 1167 107.94 -57.03 85.51
C ASN P 1167 107.11 -58.25 85.14
N GLY P 1168 107.68 -59.44 85.27
CA GLY P 1168 107.04 -60.65 84.78
C GLY P 1168 107.38 -61.03 83.37
N LEU P 1169 108.21 -60.25 82.69
CA LEU P 1169 108.59 -60.55 81.32
C LEU P 1169 109.44 -61.82 81.25
N VAL P 1170 109.33 -62.52 80.13
CA VAL P 1170 109.98 -63.80 79.93
C VAL P 1170 110.73 -63.76 78.60
N SER P 1171 111.88 -64.43 78.55
CA SER P 1171 112.68 -64.50 77.34
C SER P 1171 112.17 -65.63 76.45
N ILE P 1172 112.86 -65.83 75.32
CA ILE P 1172 112.40 -66.80 74.33
C ILE P 1172 112.47 -68.22 74.87
N GLY P 1173 113.61 -68.58 75.46
CA GLY P 1173 113.76 -69.90 76.05
C GLY P 1173 114.23 -70.95 75.05
N ALA P 1174 114.46 -72.14 75.59
CA ALA P 1174 114.93 -73.27 74.81
C ALA P 1174 114.09 -74.50 75.13
N GLN P 1175 114.05 -75.45 74.19
CA GLN P 1175 113.21 -76.62 74.31
C GLN P 1175 114.01 -77.88 74.09
N VAL P 1176 113.58 -78.97 74.71
CA VAL P 1176 114.11 -80.31 74.48
C VAL P 1176 112.95 -81.23 74.15
N THR P 1177 113.13 -82.10 73.16
CA THR P 1177 112.10 -83.03 72.76
C THR P 1177 112.77 -84.33 72.29
N GLY P 1178 112.20 -85.45 72.70
CA GLY P 1178 112.72 -86.74 72.37
C GLY P 1178 112.44 -87.73 73.47
N GLN P 1179 113.25 -88.78 73.52
CA GLN P 1179 113.12 -89.83 74.53
C GLN P 1179 114.06 -89.61 75.71
N ALA P 1180 114.58 -88.39 75.87
CA ALA P 1180 115.64 -88.09 76.83
C ALA P 1180 116.87 -88.93 76.52
N GLU P 1181 117.69 -89.21 77.53
CA GLU P 1181 118.93 -89.97 77.34
C GLU P 1181 118.90 -91.19 78.22
N GLN P 1182 119.00 -92.37 77.61
CA GLN P 1182 118.97 -93.60 78.37
C GLN P 1182 120.24 -93.73 79.22
N PRO P 1183 120.12 -94.19 80.47
CA PRO P 1183 121.29 -94.28 81.33
C PRO P 1183 122.24 -95.38 80.91
N SER P 1184 123.52 -95.19 81.24
CA SER P 1184 124.52 -96.20 80.95
C SER P 1184 124.39 -97.38 81.90
N ASN P 1185 124.54 -98.58 81.34
CA ASN P 1185 124.43 -99.83 82.08
C ASN P 1185 123.09 -99.94 82.84
N PRO P 1186 121.97 -100.01 82.14
CA PRO P 1186 120.69 -100.09 82.83
C PRO P 1186 120.46 -101.46 83.44
N MET P 1187 119.65 -101.49 84.49
CA MET P 1187 119.28 -102.75 85.12
C MET P 1187 118.40 -103.57 84.18
N ASN P 1188 118.60 -104.88 84.19
CA ASN P 1188 117.86 -105.74 83.28
C ASN P 1188 116.90 -106.65 84.04
N PRO P 1189 115.72 -106.92 83.49
CA PRO P 1189 114.79 -107.85 84.15
C PRO P 1189 115.41 -109.23 84.27
N VAL P 1190 115.07 -109.91 85.36
CA VAL P 1190 115.60 -111.23 85.67
C VAL P 1190 114.47 -112.24 85.61
N ALA P 1191 114.74 -113.40 85.00
CA ALA P 1191 113.74 -114.44 84.87
C ALA P 1191 114.40 -115.81 84.73
N MET Q 1 -48.21 58.86 -35.33
CA MET Q 1 -47.16 59.75 -34.87
C MET Q 1 -46.33 59.06 -33.79
N TYR Q 2 -45.37 58.26 -34.21
CA TYR Q 2 -44.58 57.43 -33.31
C TYR Q 2 -43.18 58.00 -33.16
N TYR Q 3 -42.54 57.69 -32.03
CA TYR Q 3 -41.22 58.20 -31.74
C TYR Q 3 -40.16 57.42 -32.50
N ILE Q 4 -38.90 57.83 -32.31
CA ILE Q 4 -37.79 57.19 -33.00
C ILE Q 4 -37.56 55.78 -32.47
N GLU Q 5 -37.89 55.54 -31.20
CA GLU Q 5 -37.70 54.21 -30.63
C GLU Q 5 -38.60 53.18 -31.30
N GLU Q 6 -39.82 53.58 -31.65
CA GLU Q 6 -40.70 52.68 -32.38
C GLU Q 6 -40.13 52.35 -33.75
N LEU Q 7 -39.52 53.32 -34.42
CA LEU Q 7 -38.86 53.05 -35.69
C LEU Q 7 -37.72 52.06 -35.51
N PHE Q 8 -36.90 52.24 -34.47
CA PHE Q 8 -35.80 51.33 -34.24
C PHE Q 8 -36.30 49.92 -33.97
N CYS Q 9 -37.36 49.79 -33.16
CA CYS Q 9 -37.92 48.47 -32.88
C CYS Q 9 -38.50 47.83 -34.14
N ARG Q 10 -39.22 48.60 -34.94
CA ARG Q 10 -39.85 48.06 -36.14
C ARG Q 10 -38.79 47.61 -37.15
N LEU Q 11 -37.69 48.35 -37.25
CA LEU Q 11 -36.57 47.87 -38.06
C LEU Q 11 -35.95 46.61 -37.46
N ALA Q 12 -35.79 46.57 -36.14
CA ALA Q 12 -35.20 45.39 -35.52
C ALA Q 12 -36.05 44.16 -35.76
N ASN Q 13 -37.35 44.35 -35.99
CA ASN Q 13 -38.23 43.20 -36.21
C ASN Q 13 -38.43 42.90 -37.68
N GLY Q 14 -38.50 43.92 -38.52
CA GLY Q 14 -38.85 43.73 -39.92
C GLY Q 14 -37.65 43.45 -40.81
N VAL Q 15 -37.36 44.34 -41.75
CA VAL Q 15 -36.12 44.21 -42.51
C VAL Q 15 -34.96 44.37 -41.56
N LEU Q 16 -33.76 43.99 -42.00
CA LEU Q 16 -32.57 44.03 -41.16
C LEU Q 16 -32.69 43.11 -39.96
N ASN Q 17 -33.65 42.17 -40.01
CA ASN Q 17 -33.76 41.20 -38.92
C ASN Q 17 -32.58 40.26 -38.90
N ASN Q 18 -32.08 39.87 -40.07
CA ASN Q 18 -31.05 38.85 -40.15
C ASN Q 18 -29.65 39.43 -40.03
N THR Q 19 -29.54 40.75 -39.97
CA THR Q 19 -28.23 41.41 -40.00
C THR Q 19 -27.58 41.41 -38.62
N GLY Q 20 -26.33 41.85 -38.59
CA GLY Q 20 -25.56 41.93 -37.35
C GLY Q 20 -25.69 43.22 -36.59
N ILE Q 21 -26.47 44.18 -37.11
CA ILE Q 21 -26.72 45.42 -36.38
C ILE Q 21 -27.56 45.15 -35.15
N VAL Q 22 -28.58 44.31 -35.30
CA VAL Q 22 -29.59 44.12 -34.27
C VAL Q 22 -28.97 43.48 -33.03
N THR Q 23 -29.47 43.86 -31.85
CA THR Q 23 -29.01 43.27 -30.60
C THR Q 23 -29.36 41.79 -30.53
N ASP Q 24 -28.91 41.14 -29.46
CA ASP Q 24 -29.08 39.70 -29.33
C ASP Q 24 -30.56 39.33 -29.17
N ASP Q 25 -31.32 40.11 -28.41
CA ASP Q 25 -32.71 39.77 -28.14
C ASP Q 25 -33.66 40.24 -29.25
N ARG Q 26 -33.13 40.83 -30.33
CA ARG Q 26 -33.89 41.36 -31.45
C ARG Q 26 -34.85 42.44 -31.02
N GLY Q 27 -34.48 43.28 -30.06
CA GLY Q 27 -35.40 44.30 -29.58
C GLY Q 27 -35.14 45.67 -30.18
N ASP Q 28 -33.86 46.01 -30.40
CA ASP Q 28 -33.51 47.37 -30.76
C ASP Q 28 -32.18 47.37 -31.50
N ILE Q 29 -31.92 48.46 -32.21
CA ILE Q 29 -30.66 48.63 -32.91
C ILE Q 29 -29.54 48.93 -31.90
N GLU Q 30 -28.34 48.42 -32.18
CA GLU Q 30 -27.21 48.65 -31.30
C GLU Q 30 -26.82 50.13 -31.31
N ASP Q 31 -26.17 50.54 -30.22
CA ASP Q 31 -25.93 51.97 -30.00
C ASP Q 31 -24.99 52.56 -31.05
N ASP Q 32 -23.95 51.83 -31.44
CA ASP Q 32 -22.95 52.40 -32.33
C ASP Q 32 -23.46 52.52 -33.76
N SER Q 33 -24.53 51.82 -34.10
CA SER Q 33 -25.10 51.85 -35.44
C SER Q 33 -26.34 52.71 -35.57
N LYS Q 34 -26.63 53.56 -34.58
CA LYS Q 34 -27.81 54.42 -34.67
C LYS Q 34 -27.62 55.63 -35.58
N PRO Q 35 -26.46 56.33 -35.60
CA PRO Q 35 -26.34 57.47 -36.52
C PRO Q 35 -26.53 57.10 -37.98
N PHE Q 36 -26.10 55.90 -38.38
CA PHE Q 36 -26.30 55.45 -39.75
C PHE Q 36 -27.79 55.39 -40.08
N ILE Q 37 -28.59 54.81 -39.18
CA ILE Q 37 -30.02 54.71 -39.41
C ILE Q 37 -30.67 56.08 -39.40
N ILE Q 38 -30.19 56.99 -38.54
CA ILE Q 38 -30.75 58.33 -38.49
C ILE Q 38 -30.50 59.06 -39.81
N VAL Q 39 -29.28 58.97 -40.34
CA VAL Q 39 -28.96 59.62 -41.61
C VAL Q 39 -29.82 59.05 -42.73
N ALA Q 40 -29.94 57.72 -42.79
CA ALA Q 40 -30.76 57.11 -43.83
C ALA Q 40 -32.22 57.53 -43.72
N ALA Q 41 -32.75 57.60 -42.50
CA ALA Q 41 -34.14 57.99 -42.30
C ALA Q 41 -34.37 59.44 -42.73
N ASN Q 42 -33.43 60.33 -42.40
CA ASN Q 42 -33.58 61.72 -42.82
C ASN Q 42 -33.57 61.84 -44.34
N GLU Q 43 -32.67 61.10 -45.00
CA GLU Q 43 -32.64 61.14 -46.47
C GLU Q 43 -33.95 60.63 -47.06
N ALA Q 44 -34.49 59.54 -46.51
CA ALA Q 44 -35.73 59.00 -47.03
C ALA Q 44 -36.89 59.97 -46.83
N LEU Q 45 -36.96 60.61 -45.66
CA LEU Q 45 -38.03 61.57 -45.41
C LEU Q 45 -37.94 62.76 -46.35
N THR Q 46 -36.73 63.25 -46.61
CA THR Q 46 -36.59 64.34 -47.57
C THR Q 46 -37.03 63.92 -48.96
N ARG Q 47 -36.67 62.70 -49.38
CA ARG Q 47 -37.12 62.21 -50.68
C ARG Q 47 -38.64 62.19 -50.79
N LEU Q 48 -39.30 61.59 -49.79
CA LEU Q 48 -40.76 61.47 -49.85
C LEU Q 48 -41.44 62.83 -49.82
N HIS Q 49 -40.96 63.73 -48.96
CA HIS Q 49 -41.61 65.04 -48.85
C HIS Q 49 -41.36 65.90 -50.08
N GLY Q 50 -40.24 65.67 -50.77
CA GLY Q 50 -40.05 66.31 -52.07
C GLY Q 50 -40.99 65.76 -53.11
N ARG Q 51 -41.19 64.45 -53.13
CA ARG Q 51 -42.03 63.84 -54.16
C ARG Q 51 -43.50 64.22 -54.01
N PHE Q 52 -44.05 64.11 -52.80
CA PHE Q 52 -45.50 63.95 -52.65
C PHE Q 52 -46.26 65.23 -52.31
N ASN Q 53 -45.60 66.28 -51.82
CA ASN Q 53 -46.30 67.50 -51.40
C ASN Q 53 -47.31 67.19 -50.29
N MET Q 54 -46.84 66.55 -49.22
CA MET Q 54 -47.73 66.17 -48.13
C MET Q 54 -47.92 67.31 -47.13
N ARG Q 55 -46.88 68.10 -46.90
CA ARG Q 55 -46.90 69.14 -45.87
C ARG Q 55 -46.98 70.51 -46.53
N ASN Q 56 -47.88 71.35 -46.01
CA ASN Q 56 -47.95 72.76 -46.38
C ASN Q 56 -47.85 73.59 -45.11
N ASN Q 57 -46.84 74.46 -45.04
CA ASN Q 57 -46.57 75.24 -43.85
C ASN Q 57 -46.60 76.72 -44.20
N ASN Q 58 -46.35 77.55 -43.20
CA ASN Q 58 -46.40 79.00 -43.35
C ASN Q 58 -45.38 79.64 -42.43
N VAL Q 59 -44.97 80.86 -42.78
CA VAL Q 59 -44.03 81.64 -41.99
C VAL Q 59 -44.34 83.12 -42.21
N VAL Q 60 -44.06 83.94 -41.19
CA VAL Q 60 -44.31 85.38 -41.23
C VAL Q 60 -42.98 86.10 -41.16
N VAL Q 61 -42.76 87.02 -42.11
CA VAL Q 61 -41.51 87.75 -42.22
C VAL Q 61 -41.82 89.24 -42.14
N GLU Q 62 -41.14 89.94 -41.23
CA GLU Q 62 -41.28 91.39 -41.10
C GLU Q 62 -40.10 92.08 -41.77
N MET Q 63 -40.35 93.28 -42.28
CA MET Q 63 -39.42 93.95 -43.18
C MET Q 63 -38.63 95.01 -42.42
N GLN Q 64 -37.31 94.92 -42.49
CA GLN Q 64 -36.44 95.91 -41.88
C GLN Q 64 -36.05 96.98 -42.91
N GLU Q 65 -35.50 98.08 -42.41
CA GLU Q 65 -35.34 99.27 -43.23
C GLU Q 65 -34.23 99.11 -44.27
N GLY Q 66 -33.09 98.55 -43.87
CA GLY Q 66 -31.94 98.46 -44.74
C GLY Q 66 -31.66 97.11 -45.35
N ARG Q 67 -32.50 96.11 -45.12
CA ARG Q 67 -32.27 94.76 -45.59
C ARG Q 67 -33.18 94.44 -46.78
N THR Q 68 -32.60 93.87 -47.84
CA THR Q 68 -33.37 93.45 -49.00
C THR Q 68 -33.48 91.94 -49.15
N ASN Q 69 -32.43 91.20 -48.84
CA ASN Q 69 -32.46 89.74 -48.89
C ASN Q 69 -32.83 89.20 -47.53
N TYR Q 70 -33.89 88.40 -47.46
CA TYR Q 70 -34.39 87.86 -46.21
C TYR Q 70 -34.25 86.34 -46.20
N PRO Q 71 -33.08 85.80 -45.92
CA PRO Q 71 -32.93 84.34 -45.89
C PRO Q 71 -33.81 83.74 -44.81
N LEU Q 72 -34.41 82.60 -45.13
CA LEU Q 72 -35.33 81.93 -44.21
C LEU Q 72 -34.55 80.86 -43.44
N LEU Q 73 -33.93 81.27 -42.35
CA LEU Q 73 -33.16 80.38 -41.50
C LEU Q 73 -33.63 80.48 -40.07
N ALA Q 74 -33.19 79.53 -39.24
CA ALA Q 74 -33.54 79.55 -37.83
C ALA Q 74 -32.73 80.58 -37.04
N LYS Q 75 -31.70 81.17 -37.64
CA LYS Q 75 -30.93 82.20 -36.95
C LYS Q 75 -31.77 83.42 -36.64
N TYR Q 76 -32.70 83.77 -37.53
CA TYR Q 76 -33.50 84.98 -37.39
C TYR Q 76 -34.89 84.71 -36.82
N ALA Q 77 -35.12 83.55 -36.22
CA ALA Q 77 -36.39 83.28 -35.58
C ALA Q 77 -36.38 83.74 -34.13
N VAL Q 78 -37.56 84.11 -33.64
CA VAL Q 78 -37.67 84.61 -32.27
C VAL Q 78 -37.30 83.52 -31.27
N GLN Q 79 -37.76 82.29 -31.51
CA GLN Q 79 -37.58 81.23 -30.52
C GLN Q 79 -36.17 80.67 -30.52
N SER Q 80 -35.33 81.08 -31.48
CA SER Q 80 -34.04 80.44 -31.68
C SER Q 80 -32.88 81.40 -31.86
N TYR Q 81 -33.12 82.71 -31.92
CA TYR Q 81 -32.03 83.63 -32.25
C TYR Q 81 -31.11 83.83 -31.06
N ASP Q 82 -29.86 84.18 -31.35
CA ASP Q 82 -28.87 84.49 -30.33
C ASP Q 82 -28.81 86.00 -30.15
N PRO Q 83 -29.13 86.51 -28.96
CA PRO Q 83 -29.21 87.98 -28.80
C PRO Q 83 -27.92 88.70 -29.12
N ASN Q 84 -26.76 88.05 -28.90
CA ASN Q 84 -25.48 88.71 -29.14
C ASN Q 84 -25.24 88.94 -30.63
N GLU Q 85 -25.50 87.91 -31.45
CA GLU Q 85 -25.17 88.01 -32.87
C GLU Q 85 -26.23 88.78 -33.64
N VAL Q 86 -27.50 88.42 -33.46
CA VAL Q 86 -28.60 89.02 -34.20
C VAL Q 86 -29.33 89.97 -33.26
N LYS Q 87 -29.34 91.26 -33.59
CA LYS Q 87 -29.98 92.24 -32.71
C LYS Q 87 -31.50 92.12 -32.77
N CYS Q 88 -32.06 92.00 -33.97
CA CYS Q 88 -33.50 91.94 -34.13
C CYS Q 88 -33.88 90.84 -35.10
N PRO Q 89 -34.70 89.88 -34.68
CA PRO Q 89 -35.14 88.83 -35.61
C PRO Q 89 -36.38 89.24 -36.39
N PHE Q 90 -36.54 88.73 -37.62
CA PHE Q 90 -37.67 89.09 -38.47
C PHE Q 90 -38.59 87.93 -38.78
N ILE Q 91 -38.40 86.77 -38.17
CA ILE Q 91 -39.29 85.63 -38.33
C ILE Q 91 -39.95 85.36 -36.99
N MET Q 92 -41.28 85.41 -36.96
CA MET Q 92 -42.04 85.37 -35.72
C MET Q 92 -42.57 83.96 -35.46
N ASP Q 93 -42.18 83.42 -34.30
CA ASP Q 93 -42.65 82.12 -33.82
C ASP Q 93 -43.36 82.25 -32.47
N LEU Q 94 -44.24 83.25 -32.34
CA LEU Q 94 -44.79 83.60 -31.04
C LEU Q 94 -45.66 82.48 -30.47
N ALA Q 95 -46.48 81.85 -31.32
CA ALA Q 95 -47.51 80.97 -30.80
C ALA Q 95 -46.95 79.59 -30.45
N GLY Q 96 -46.44 78.87 -31.44
CA GLY Q 96 -46.01 77.50 -31.21
C GLY Q 96 -45.02 77.06 -32.26
N GLU Q 97 -44.45 75.87 -32.03
CA GLU Q 97 -43.40 75.31 -32.88
C GLU Q 97 -42.17 76.21 -32.91
N LYS Q 98 -41.11 75.77 -33.59
CA LYS Q 98 -39.85 76.48 -33.55
C LYS Q 98 -39.34 76.88 -34.93
N PHE Q 99 -40.09 76.59 -35.99
CA PHE Q 99 -39.66 76.86 -37.36
C PHE Q 99 -38.31 76.20 -37.66
N ALA Q 100 -38.32 74.88 -37.69
CA ALA Q 100 -37.17 74.16 -38.21
C ALA Q 100 -36.98 74.53 -39.67
N GLU Q 101 -35.73 74.61 -40.11
CA GLU Q 101 -35.43 75.06 -41.46
C GLU Q 101 -35.89 74.00 -42.45
N ASP Q 102 -37.08 74.18 -43.02
CA ASP Q 102 -37.68 73.16 -43.87
C ASP Q 102 -38.35 73.78 -45.10
N VAL Q 103 -37.66 74.70 -45.77
CA VAL Q 103 -38.21 75.37 -46.94
C VAL Q 103 -37.72 74.63 -48.18
N ILE Q 104 -38.64 73.99 -48.89
CA ILE Q 104 -38.29 73.36 -50.16
C ILE Q 104 -38.63 74.27 -51.33
N ARG Q 105 -39.87 74.78 -51.36
CA ARG Q 105 -40.33 75.60 -52.47
C ARG Q 105 -41.36 76.58 -51.94
N ILE Q 106 -41.34 77.79 -52.49
CA ILE Q 106 -42.23 78.87 -52.08
C ILE Q 106 -43.37 78.94 -53.09
N LEU Q 107 -44.61 78.95 -52.59
CA LEU Q 107 -45.76 78.91 -53.49
C LEU Q 107 -46.45 80.28 -53.57
N GLU Q 108 -46.83 80.84 -52.43
CA GLU Q 108 -47.58 82.08 -52.42
C GLU Q 108 -46.97 83.04 -51.40
N VAL Q 109 -47.05 84.33 -51.71
CA VAL Q 109 -46.64 85.39 -50.78
C VAL Q 109 -47.74 86.44 -50.76
N TYR Q 110 -48.27 86.72 -49.56
CA TYR Q 110 -49.36 87.67 -49.39
C TYR Q 110 -48.93 88.82 -48.50
N ASP Q 111 -49.34 90.03 -48.87
CA ASP Q 111 -49.05 91.22 -48.10
C ASP Q 111 -49.88 91.24 -46.82
N ASP Q 112 -49.51 92.14 -45.91
CA ASP Q 112 -50.27 92.28 -44.67
C ASP Q 112 -51.65 92.89 -44.90
N LYS Q 113 -51.88 93.52 -46.05
CA LYS Q 113 -53.15 94.13 -46.37
C LYS Q 113 -54.07 93.21 -47.15
N GLY Q 114 -53.65 91.99 -47.43
CA GLY Q 114 -54.48 91.03 -48.14
C GLY Q 114 -54.28 90.98 -49.64
N ARG Q 115 -53.25 91.62 -50.18
CA ARG Q 115 -52.99 91.63 -51.61
C ARG Q 115 -51.85 90.68 -51.94
N ARG Q 116 -51.98 89.97 -53.05
CA ARG Q 116 -50.96 89.02 -53.45
C ARG Q 116 -49.77 89.72 -54.07
N ARG Q 117 -48.57 89.15 -53.86
CA ARG Q 117 -47.34 89.69 -54.42
C ARG Q 117 -46.75 88.71 -55.42
N PRO Q 118 -46.58 89.11 -56.69
CA PRO Q 118 -46.05 88.17 -57.69
C PRO Q 118 -44.64 87.72 -57.34
N LEU Q 119 -44.33 86.49 -57.72
CA LEU Q 119 -43.00 85.91 -57.50
C LEU Q 119 -42.29 85.71 -58.82
N ASN Q 120 -41.03 86.12 -58.88
CA ASN Q 120 -40.14 85.81 -60.00
C ASN Q 120 -40.73 86.28 -61.34
N ASP Q 121 -41.32 87.45 -61.33
CA ASP Q 121 -41.92 88.04 -62.52
C ASP Q 121 -41.09 89.24 -62.94
N ARG Q 122 -40.31 89.09 -64.02
CA ARG Q 122 -39.39 90.14 -64.42
C ARG Q 122 -40.12 91.40 -64.87
N ASN Q 123 -41.21 91.24 -65.61
CA ASN Q 123 -41.88 92.39 -66.21
C ASN Q 123 -42.82 93.11 -65.26
N ASN Q 124 -42.99 92.62 -64.04
CA ASN Q 124 -43.81 93.31 -63.06
C ASN Q 124 -42.92 94.00 -62.03
N PRO Q 125 -42.92 95.34 -61.97
CA PRO Q 125 -42.02 96.03 -61.03
C PRO Q 125 -42.28 95.69 -59.57
N CYS Q 126 -43.54 95.45 -59.19
CA CYS Q 126 -43.87 95.13 -57.80
C CYS Q 126 -43.94 93.61 -57.61
N SER Q 127 -42.79 92.97 -57.79
CA SER Q 127 -42.68 91.53 -57.66
C SER Q 127 -41.56 91.19 -56.70
N LEU Q 128 -41.57 89.95 -56.22
CA LEU Q 128 -40.58 89.44 -55.29
C LEU Q 128 -39.74 88.37 -55.97
N PHE Q 129 -38.45 88.37 -55.69
CA PHE Q 129 -37.51 87.48 -56.33
C PHE Q 129 -36.84 86.58 -55.31
N THR Q 130 -36.32 85.45 -55.78
CA THR Q 130 -35.58 84.51 -54.94
C THR Q 130 -34.24 84.22 -55.57
N PRO Q 131 -33.19 84.98 -55.24
CA PRO Q 131 -31.87 84.67 -55.81
C PRO Q 131 -31.38 83.28 -55.46
N ARG Q 132 -31.76 82.76 -54.31
CA ARG Q 132 -31.47 81.40 -53.87
C ARG Q 132 -32.78 80.74 -53.51
N PRO Q 133 -32.84 79.40 -53.52
CA PRO Q 133 -34.14 78.74 -53.37
C PRO Q 133 -34.87 79.06 -52.08
N ASN Q 134 -34.17 79.45 -51.01
CA ASN Q 134 -34.85 79.84 -49.78
C ASN Q 134 -34.70 81.31 -49.43
N VAL Q 135 -33.85 82.05 -50.15
CA VAL Q 135 -33.71 83.48 -49.91
C VAL Q 135 -34.82 84.23 -50.65
N LEU Q 136 -35.33 85.28 -50.02
CA LEU Q 136 -36.41 86.09 -50.57
C LEU Q 136 -35.98 87.55 -50.61
N GLN Q 137 -36.32 88.24 -51.71
CA GLN Q 137 -36.00 89.65 -51.85
C GLN Q 137 -37.25 90.49 -51.95
N ASN Q 138 -37.20 91.67 -51.36
CA ASN Q 138 -38.09 92.78 -51.71
C ASN Q 138 -37.21 94.02 -51.86
N ASN Q 139 -37.28 94.66 -53.03
CA ASN Q 139 -36.36 95.74 -53.35
C ASN Q 139 -36.80 97.09 -52.83
N ALA Q 140 -38.00 97.20 -52.27
CA ALA Q 140 -38.51 98.45 -51.70
C ALA Q 140 -39.15 98.18 -50.35
N PRO Q 141 -38.35 97.91 -49.32
CA PRO Q 141 -38.91 97.75 -47.98
C PRO Q 141 -39.58 99.03 -47.52
N LYS Q 142 -40.67 98.88 -46.77
CA LYS Q 142 -41.44 100.01 -46.30
C LYS Q 142 -41.70 99.86 -44.80
N ALA Q 143 -42.13 100.95 -44.19
CA ALA Q 143 -42.49 100.94 -42.78
C ALA Q 143 -43.83 100.23 -42.57
N TRP Q 144 -43.93 99.47 -41.48
CA TRP Q 144 -45.14 98.73 -41.13
C TRP Q 144 -45.55 97.77 -42.25
N GLU Q 145 -44.57 97.10 -42.85
CA GLU Q 145 -44.82 96.12 -43.91
C GLU Q 145 -44.46 94.74 -43.42
N VAL Q 146 -45.37 93.78 -43.62
CA VAL Q 146 -45.17 92.39 -43.25
C VAL Q 146 -45.66 91.51 -44.38
N LEU Q 147 -44.92 90.43 -44.64
CA LEU Q 147 -45.26 89.49 -45.70
C LEU Q 147 -45.48 88.11 -45.10
N ASN Q 148 -46.49 87.42 -45.62
CA ASN Q 148 -46.76 86.03 -45.26
C ASN Q 148 -46.34 85.13 -46.40
N VAL Q 149 -45.50 84.14 -46.11
CA VAL Q 149 -44.93 83.25 -47.10
C VAL Q 149 -45.52 81.87 -46.92
N MET Q 150 -46.22 81.38 -47.95
CA MET Q 150 -46.77 80.03 -47.95
C MET Q 150 -45.85 79.15 -48.78
N TYR Q 151 -45.28 78.13 -48.16
CA TYR Q 151 -44.26 77.32 -48.80
C TYR Q 151 -44.53 75.84 -48.58
N GLN Q 152 -43.96 75.01 -49.44
CA GLN Q 152 -43.94 73.57 -49.25
C GLN Q 152 -42.83 73.22 -48.28
N ALA Q 153 -43.12 72.31 -47.34
CA ALA Q 153 -42.21 72.02 -46.24
C ALA Q 153 -41.80 70.57 -46.27
N LYS Q 154 -40.68 70.29 -45.60
CA LYS Q 154 -40.16 68.94 -45.42
C LYS Q 154 -40.14 68.58 -43.94
N HIS Q 155 -39.94 67.31 -43.66
CA HIS Q 155 -40.02 66.84 -42.29
C HIS Q 155 -38.85 67.37 -41.48
N PRO Q 156 -39.08 67.86 -40.26
CA PRO Q 156 -37.97 68.41 -39.46
C PRO Q 156 -36.93 67.34 -39.12
N LYS Q 157 -35.70 67.81 -38.91
CA LYS Q 157 -34.57 66.92 -38.70
C LYS Q 157 -34.74 66.08 -37.45
N LEU Q 158 -34.33 64.82 -37.54
CA LEU Q 158 -34.31 63.90 -36.40
C LEU Q 158 -32.88 63.78 -35.89
N SER Q 159 -32.68 63.95 -34.60
CA SER Q 159 -31.33 64.00 -34.04
C SER Q 159 -31.10 63.03 -32.89
N THR Q 160 -32.10 62.77 -32.06
CA THR Q 160 -31.96 61.90 -30.89
C THR Q 160 -30.81 62.38 -29.98
N ALA Q 161 -30.74 63.69 -29.77
CA ALA Q 161 -29.70 64.28 -28.95
C ALA Q 161 -30.26 65.02 -27.73
N GLU Q 162 -31.41 64.61 -27.21
CA GLU Q 162 -32.13 65.16 -26.07
C GLU Q 162 -32.70 66.54 -26.38
N ASP Q 163 -32.47 67.10 -27.55
CA ASP Q 163 -33.08 68.36 -27.95
C ASP Q 163 -33.67 68.33 -29.36
N GLY Q 164 -33.37 67.31 -30.15
CA GLY Q 164 -33.92 67.20 -31.49
C GLY Q 164 -35.31 66.62 -31.50
N TYR Q 165 -35.83 66.43 -32.71
CA TYR Q 165 -37.19 65.95 -32.90
C TYR Q 165 -37.19 64.42 -32.84
N ASN Q 166 -37.88 63.87 -31.83
CA ASN Q 166 -38.00 62.43 -31.73
C ASN Q 166 -39.09 61.89 -32.65
N GLU Q 167 -40.19 62.63 -32.80
CA GLU Q 167 -41.38 62.09 -33.44
C GLU Q 167 -41.26 62.08 -34.95
N ILE Q 168 -41.95 61.12 -35.57
CA ILE Q 168 -42.04 61.00 -37.02
C ILE Q 168 -43.50 61.13 -37.41
N ASP Q 169 -43.80 62.06 -38.30
CA ASP Q 169 -45.14 62.29 -38.81
C ASP Q 169 -45.17 62.01 -40.31
N ILE Q 170 -45.70 60.87 -40.69
CA ILE Q 170 -45.72 60.43 -42.08
C ILE Q 170 -47.03 59.67 -42.29
N PRO Q 171 -47.63 59.72 -43.49
CA PRO Q 171 -48.83 58.91 -43.74
C PRO Q 171 -48.55 57.43 -43.54
N ASP Q 172 -49.56 56.74 -43.02
CA ASP Q 172 -49.39 55.34 -42.63
C ASP Q 172 -49.10 54.44 -43.82
N THR Q 173 -49.50 54.85 -45.03
CA THR Q 173 -49.27 54.01 -46.20
C THR Q 173 -47.84 54.07 -46.70
N LEU Q 174 -47.06 55.04 -46.22
CA LEU Q 174 -45.71 55.25 -46.71
C LEU Q 174 -44.63 54.74 -45.77
N ASP Q 175 -44.98 54.00 -44.72
CA ASP Q 175 -43.96 53.38 -43.88
C ASP Q 175 -43.10 52.36 -44.63
N PRO Q 176 -43.66 51.42 -45.41
CA PRO Q 176 -42.78 50.47 -46.11
C PRO Q 176 -41.83 51.12 -47.08
N ALA Q 177 -42.19 52.26 -47.69
CA ALA Q 177 -41.25 52.95 -48.55
C ALA Q 177 -40.03 53.44 -47.77
N LEU Q 178 -40.26 54.03 -46.59
CA LEU Q 178 -39.15 54.48 -45.76
C LEU Q 178 -38.28 53.31 -45.32
N ASP Q 179 -38.90 52.22 -44.89
CA ASP Q 179 -38.12 51.06 -44.46
C ASP Q 179 -37.33 50.46 -45.61
N ALA Q 180 -37.92 50.42 -46.80
CA ALA Q 180 -37.23 49.90 -47.97
C ALA Q 180 -36.03 50.78 -48.32
N TYR Q 181 -36.19 52.11 -48.24
CA TYR Q 181 -35.06 52.98 -48.52
C TYR Q 181 -33.92 52.78 -47.52
N ILE Q 182 -34.26 52.64 -46.23
CA ILE Q 182 -33.20 52.41 -45.24
C ILE Q 182 -32.49 51.09 -45.52
N ALA Q 183 -33.25 50.03 -45.83
CA ALA Q 183 -32.64 48.74 -46.11
C ALA Q 183 -31.76 48.81 -47.36
N TYR Q 184 -32.20 49.55 -48.37
CA TYR Q 184 -31.39 49.74 -49.56
C TYR Q 184 -30.07 50.40 -49.22
N ARG Q 185 -30.11 51.47 -48.43
CA ARG Q 185 -28.88 52.15 -48.05
C ARG Q 185 -27.92 51.19 -47.33
N TYR Q 186 -28.42 50.42 -46.37
CA TYR Q 186 -27.55 49.53 -45.62
C TYR Q 186 -26.94 48.46 -46.51
N TYR Q 187 -27.78 47.77 -47.28
CA TYR Q 187 -27.29 46.65 -48.09
C TYR Q 187 -26.37 47.12 -49.20
N THR Q 188 -26.58 48.35 -49.71
CA THR Q 188 -25.62 48.92 -50.64
C THR Q 188 -24.28 49.18 -49.94
N SER Q 189 -24.31 49.73 -48.73
CA SER Q 189 -23.07 50.05 -48.04
C SER Q 189 -22.29 48.80 -47.66
N LEU Q 190 -22.94 47.63 -47.62
CA LEU Q 190 -22.21 46.40 -47.27
C LEU Q 190 -21.07 46.07 -48.24
N ASN Q 191 -21.20 46.43 -49.52
CA ASN Q 191 -20.15 46.21 -50.52
C ASN Q 191 -19.88 44.72 -50.77
N THR Q 192 -20.92 43.95 -51.05
CA THR Q 192 -20.81 42.59 -51.54
C THR Q 192 -21.83 42.40 -52.66
N PRO Q 193 -21.62 41.44 -53.55
CA PRO Q 193 -22.56 41.27 -54.67
C PRO Q 193 -23.95 40.84 -54.25
N GLU Q 194 -24.07 39.87 -53.34
CA GLU Q 194 -25.39 39.45 -52.89
C GLU Q 194 -26.15 40.60 -52.23
N SER Q 195 -25.46 41.34 -51.37
CA SER Q 195 -26.07 42.52 -50.76
C SER Q 195 -26.45 43.55 -51.80
N SER Q 196 -25.67 43.66 -52.88
CA SER Q 196 -26.02 44.58 -53.95
C SER Q 196 -27.32 44.17 -54.63
N ALA Q 197 -27.50 42.86 -54.87
CA ALA Q 197 -28.75 42.39 -55.45
C ALA Q 197 -29.93 42.66 -54.52
N LYS Q 198 -29.73 42.44 -53.22
CA LYS Q 198 -30.79 42.72 -52.26
C LYS Q 198 -31.13 44.21 -52.24
N ALA Q 199 -30.12 45.06 -52.34
CA ALA Q 199 -30.36 46.50 -52.40
C ALA Q 199 -31.16 46.88 -53.64
N ALA Q 200 -30.85 46.26 -54.78
CA ALA Q 200 -31.63 46.53 -55.98
C ALA Q 200 -33.08 46.14 -55.78
N GLU Q 201 -33.32 44.97 -55.16
CA GLU Q 201 -34.69 44.56 -54.87
C GLU Q 201 -35.41 45.58 -53.99
N TYR Q 202 -34.76 46.07 -52.94
CA TYR Q 202 -35.42 47.00 -52.03
C TYR Q 202 -35.71 48.34 -52.70
N LEU Q 203 -34.78 48.84 -53.51
CA LEU Q 203 -35.04 50.09 -54.21
C LEU Q 203 -36.21 49.96 -55.18
N SER Q 204 -36.27 48.84 -55.90
CA SER Q 204 -37.41 48.63 -56.80
C SER Q 204 -38.72 48.57 -56.03
N PHE Q 205 -38.70 47.94 -54.85
CA PHE Q 205 -39.90 47.90 -54.02
C PHE Q 205 -40.33 49.29 -53.59
N TYR Q 206 -39.38 50.13 -53.19
CA TYR Q 206 -39.68 51.53 -52.86
C TYR Q 206 -40.36 52.25 -54.01
N ASP Q 207 -39.78 52.14 -55.22
CA ASP Q 207 -40.36 52.82 -56.37
C ASP Q 207 -41.77 52.31 -56.67
N SER Q 208 -41.97 50.99 -56.60
CA SER Q 208 -43.29 50.45 -56.91
C SER Q 208 -44.34 50.90 -55.90
N ILE Q 209 -43.98 50.96 -54.61
CA ILE Q 209 -44.93 51.44 -53.63
C ILE Q 209 -45.29 52.90 -53.87
N CYS Q 210 -44.28 53.73 -54.17
CA CYS Q 210 -44.59 55.14 -54.44
C CYS Q 210 -45.49 55.29 -55.66
N ARG Q 211 -45.24 54.50 -56.70
CA ARG Q 211 -46.08 54.58 -57.89
C ARG Q 211 -47.50 54.12 -57.62
N GLU Q 212 -47.66 53.09 -56.78
CA GLU Q 212 -49.01 52.65 -56.41
C GLU Q 212 -49.76 53.74 -55.65
N VAL Q 213 -49.08 54.38 -54.70
CA VAL Q 213 -49.70 55.47 -53.95
C VAL Q 213 -50.11 56.59 -54.88
N VAL Q 214 -49.28 56.89 -55.88
CA VAL Q 214 -49.66 57.90 -56.87
C VAL Q 214 -50.88 57.44 -57.66
N GLU Q 215 -50.93 56.15 -58.01
CA GLU Q 215 -52.03 55.63 -58.80
C GLU Q 215 -53.36 55.80 -58.09
N TYR Q 216 -53.43 55.44 -56.81
CA TYR Q 216 -54.69 55.47 -56.09
C TYR Q 216 -54.96 56.79 -55.39
N ASP Q 217 -54.02 57.74 -55.45
CA ASP Q 217 -54.22 59.10 -54.93
C ASP Q 217 -54.58 59.08 -53.45
N LEU Q 218 -53.82 58.34 -52.66
CA LEU Q 218 -54.16 58.19 -51.25
C LEU Q 218 -53.78 59.41 -50.43
N THR Q 219 -52.93 60.29 -50.96
CA THR Q 219 -52.55 61.51 -50.26
C THR Q 219 -53.36 62.72 -50.72
N SER Q 220 -54.38 62.53 -51.55
CA SER Q 220 -55.22 63.62 -52.05
C SER Q 220 -54.37 64.70 -52.71
N ASP Q 221 -53.40 64.29 -53.52
CA ASP Q 221 -52.49 65.23 -54.14
C ASP Q 221 -53.18 66.03 -55.25
N THR Q 222 -54.08 65.39 -56.00
CA THR Q 222 -54.77 66.09 -57.08
C THR Q 222 -55.67 67.18 -56.53
N GLU Q 223 -55.65 68.34 -57.18
CA GLU Q 223 -56.43 69.49 -56.74
C GLU Q 223 -57.17 70.08 -57.92
N VAL Q 224 -58.45 70.39 -57.73
CA VAL Q 224 -59.30 70.97 -58.75
C VAL Q 224 -60.13 72.07 -58.11
N ASP Q 225 -60.23 73.21 -58.80
CA ASP Q 225 -60.89 74.39 -58.25
C ASP Q 225 -61.94 74.89 -59.23
N THR Q 226 -62.83 75.75 -58.72
CA THR Q 226 -63.89 76.32 -59.53
C THR Q 226 -63.33 77.31 -60.55
N ASN Q 227 -63.94 77.32 -61.73
CA ASN Q 227 -63.48 78.18 -62.82
C ASN Q 227 -63.78 79.64 -62.50
N THR Q 228 -62.80 80.51 -62.70
CA THR Q 228 -62.96 81.95 -62.49
C THR Q 228 -62.69 82.78 -63.71
N LEU Q 229 -62.07 82.22 -64.75
CA LEU Q 229 -61.76 82.96 -65.97
C LEU Q 229 -62.97 83.12 -66.89
N PHE Q 230 -64.07 82.42 -66.61
CA PHE Q 230 -65.26 82.58 -67.43
C PHE Q 230 -65.82 83.99 -67.32
N ARG Q 231 -65.75 84.57 -66.12
CA ARG Q 231 -66.31 85.91 -65.93
C ARG Q 231 -65.29 86.99 -66.28
N LYS Q 232 -64.00 86.74 -66.03
CA LYS Q 232 -62.99 87.76 -66.32
C LYS Q 232 -62.93 88.10 -67.80
N ARG Q 233 -63.02 87.08 -68.66
CA ARG Q 233 -62.87 87.30 -70.09
C ARG Q 233 -64.07 87.99 -70.72
N GLY Q 234 -65.17 88.14 -69.98
CA GLY Q 234 -66.33 88.85 -70.49
C GLY Q 234 -67.43 87.99 -71.07
N TRP Q 235 -67.37 86.67 -70.88
CA TRP Q 235 -68.42 85.80 -71.40
C TRP Q 235 -69.73 86.03 -70.66
N ARG Q 236 -70.83 85.72 -71.33
CA ARG Q 236 -72.16 85.83 -70.74
C ARG Q 236 -72.94 84.53 -70.92
N MET R 1 -27.65 74.88 -44.36
CA MET R 1 -26.30 75.43 -44.29
C MET R 1 -25.56 74.84 -43.09
N TYR R 2 -24.50 74.07 -43.38
CA TYR R 2 -23.83 73.29 -42.36
C TYR R 2 -22.33 73.28 -42.61
N TYR R 3 -21.58 72.95 -41.56
CA TYR R 3 -20.12 72.97 -41.63
C TYR R 3 -19.60 71.87 -42.54
N ILE R 4 -18.29 71.93 -42.81
CA ILE R 4 -17.62 70.88 -43.56
C ILE R 4 -17.49 69.61 -42.71
N GLU R 5 -17.37 69.78 -41.39
CA GLU R 5 -17.27 68.61 -40.51
C GLU R 5 -18.53 67.78 -40.52
N GLU R 6 -19.69 68.42 -40.74
CA GLU R 6 -20.91 67.65 -40.91
C GLU R 6 -20.85 66.81 -42.17
N LEU R 7 -20.27 67.34 -43.23
CA LEU R 7 -20.09 66.55 -44.45
C LEU R 7 -19.16 65.37 -44.20
N PHE R 8 -18.07 65.59 -43.48
CA PHE R 8 -17.15 64.49 -43.20
C PHE R 8 -17.82 63.42 -42.35
N CYS R 9 -18.68 63.80 -41.43
CA CYS R 9 -19.28 62.78 -40.59
C CYS R 9 -20.45 62.14 -41.29
N ARG R 10 -21.05 62.81 -42.25
CA ARG R 10 -22.09 62.17 -43.04
C ARG R 10 -21.51 61.17 -44.01
N LEU R 11 -20.32 61.46 -44.57
CA LEU R 11 -19.66 60.48 -45.42
C LEU R 11 -19.02 59.38 -44.60
N ALA R 12 -18.75 59.64 -43.32
CA ALA R 12 -18.20 58.59 -42.46
C ALA R 12 -19.30 57.65 -41.97
N ASN R 13 -20.53 58.13 -41.91
CA ASN R 13 -21.65 57.36 -41.38
C ASN R 13 -22.71 57.04 -42.43
N GLY R 14 -22.43 57.25 -43.70
CA GLY R 14 -23.38 56.91 -44.75
C GLY R 14 -22.78 55.91 -45.70
N VAL R 15 -22.52 56.33 -46.94
CA VAL R 15 -21.61 55.59 -47.81
C VAL R 15 -20.23 55.60 -47.19
N LEU R 16 -19.33 54.77 -47.70
CA LEU R 16 -17.95 54.73 -47.23
C LEU R 16 -17.82 54.25 -45.79
N ASN R 17 -18.84 53.60 -45.24
CA ASN R 17 -18.65 52.91 -43.96
C ASN R 17 -17.64 51.79 -44.09
N ASN R 18 -17.74 50.99 -45.16
CA ASN R 18 -16.99 49.75 -45.23
C ASN R 18 -15.58 49.98 -45.75
N THR R 19 -15.24 51.21 -46.11
CA THR R 19 -13.92 51.50 -46.65
C THR R 19 -12.91 51.74 -45.55
N GLY R 20 -11.63 51.79 -45.92
CA GLY R 20 -10.55 51.98 -44.99
C GLY R 20 -10.13 53.41 -44.75
N ILE R 21 -10.84 54.38 -45.34
CA ILE R 21 -10.53 55.79 -45.09
C ILE R 21 -10.95 56.19 -43.69
N VAL R 22 -12.14 55.77 -43.27
CA VAL R 22 -12.72 56.26 -42.03
C VAL R 22 -11.89 55.83 -40.83
N THR R 23 -11.98 56.59 -39.75
CA THR R 23 -11.26 56.27 -38.53
C THR R 23 -11.89 55.05 -37.85
N ASP R 24 -11.25 54.62 -36.75
CA ASP R 24 -11.70 53.41 -36.07
C ASP R 24 -13.10 53.57 -35.51
N ASP R 25 -13.41 54.74 -34.94
CA ASP R 25 -14.74 54.98 -34.42
C ASP R 25 -15.77 55.25 -35.52
N ARG R 26 -15.33 55.36 -36.78
CA ARG R 26 -16.21 55.64 -37.92
C ARG R 26 -17.00 56.92 -37.68
N GLY R 27 -16.33 57.95 -37.20
CA GLY R 27 -16.96 59.22 -36.96
C GLY R 27 -16.41 60.34 -37.80
N ASP R 28 -15.26 60.12 -38.44
CA ASP R 28 -14.64 61.16 -39.24
C ASP R 28 -13.60 60.52 -40.16
N ILE R 29 -13.21 61.27 -41.18
CA ILE R 29 -12.20 60.84 -42.14
C ILE R 29 -10.81 61.17 -41.63
N GLU R 30 -9.86 60.28 -41.90
CA GLU R 30 -8.49 60.47 -41.46
C GLU R 30 -7.86 61.68 -42.15
N ASP R 31 -6.81 62.21 -41.51
CA ASP R 31 -6.18 63.43 -42.02
C ASP R 31 -5.53 63.22 -43.37
N ASP R 32 -5.15 61.98 -43.68
CA ASP R 32 -4.46 61.70 -44.94
C ASP R 32 -5.39 61.86 -46.14
N SER R 33 -6.67 61.53 -46.01
CA SER R 33 -7.58 61.47 -47.13
C SER R 33 -8.56 62.62 -47.20
N LYS R 34 -8.30 63.72 -46.49
CA LYS R 34 -9.19 64.88 -46.61
C LYS R 34 -8.98 65.68 -47.89
N PRO R 35 -7.76 65.90 -48.41
CA PRO R 35 -7.65 66.62 -49.69
C PRO R 35 -8.41 65.95 -50.83
N PHE R 36 -8.40 64.62 -50.87
CA PHE R 36 -9.14 63.90 -51.90
C PHE R 36 -10.64 64.21 -51.82
N ILE R 37 -11.19 64.19 -50.61
CA ILE R 37 -12.61 64.46 -50.43
C ILE R 37 -12.93 65.90 -50.78
N ILE R 38 -12.03 66.82 -50.45
CA ILE R 38 -12.26 68.23 -50.76
C ILE R 38 -12.27 68.46 -52.27
N VAL R 39 -11.33 67.83 -52.99
CA VAL R 39 -11.31 67.97 -54.44
C VAL R 39 -12.60 67.41 -55.04
N ALA R 40 -13.01 66.22 -54.60
CA ALA R 40 -14.24 65.63 -55.11
C ALA R 40 -15.45 66.51 -54.81
N ALA R 41 -15.52 67.09 -53.60
CA ALA R 41 -16.65 67.93 -53.24
C ALA R 41 -16.71 69.19 -54.09
N ASN R 42 -15.56 69.81 -54.34
CA ASN R 42 -15.54 70.99 -55.21
C ASN R 42 -16.00 70.65 -56.61
N GLU R 43 -15.55 69.50 -57.14
CA GLU R 43 -15.97 69.11 -58.48
C GLU R 43 -17.49 68.87 -58.53
N ALA R 44 -18.03 68.21 -57.50
CA ALA R 44 -19.47 67.95 -57.46
C ALA R 44 -20.28 69.23 -57.38
N LEU R 45 -19.82 70.18 -56.55
CA LEU R 45 -20.53 71.45 -56.43
C LEU R 45 -20.51 72.22 -57.75
N THR R 46 -19.37 72.22 -58.44
CA THR R 46 -19.32 72.86 -59.75
C THR R 46 -20.30 72.22 -60.72
N ARG R 47 -20.36 70.87 -60.73
CA ARG R 47 -21.30 70.19 -61.60
C ARG R 47 -22.74 70.61 -61.32
N LEU R 48 -23.15 70.56 -60.05
CA LEU R 48 -24.53 70.86 -59.71
C LEU R 48 -24.88 72.31 -60.00
N HIS R 49 -23.99 73.25 -59.67
CA HIS R 49 -24.29 74.65 -59.89
C HIS R 49 -24.28 75.00 -61.38
N GLY R 50 -23.49 74.27 -62.17
CA GLY R 50 -23.59 74.43 -63.61
C GLY R 50 -24.92 73.92 -64.16
N ARG R 51 -25.38 72.79 -63.65
CA ARG R 51 -26.63 72.22 -64.17
C ARG R 51 -27.85 73.04 -63.79
N PHE R 52 -27.97 73.45 -62.53
CA PHE R 52 -29.28 73.80 -61.99
C PHE R 52 -29.61 75.28 -61.91
N ASN R 53 -28.63 76.18 -62.04
CA ASN R 53 -28.88 77.62 -61.96
C ASN R 53 -29.48 78.02 -60.61
N MET R 54 -28.73 77.78 -59.54
CA MET R 54 -29.23 78.08 -58.19
C MET R 54 -28.92 79.52 -57.80
N ARG R 55 -27.64 79.88 -57.78
CA ARG R 55 -27.18 81.17 -57.27
C ARG R 55 -27.13 82.20 -58.39
N ASN R 56 -27.60 83.41 -58.09
CA ASN R 56 -27.46 84.55 -58.97
C ASN R 56 -26.80 85.68 -58.18
N ASN R 57 -25.65 86.14 -58.66
CA ASN R 57 -24.84 87.10 -57.92
C ASN R 57 -24.58 88.33 -58.78
N ASN R 58 -23.77 89.24 -58.27
CA ASN R 58 -23.59 90.55 -58.88
C ASN R 58 -22.19 91.09 -58.61
N VAL R 59 -21.68 91.89 -59.55
CA VAL R 59 -20.41 92.60 -59.43
C VAL R 59 -20.60 94.03 -59.92
N VAL R 60 -19.86 94.95 -59.31
CA VAL R 60 -19.84 96.34 -59.73
C VAL R 60 -18.46 96.63 -60.31
N VAL R 61 -18.42 97.07 -61.57
CA VAL R 61 -17.18 97.36 -62.28
C VAL R 61 -17.25 98.80 -62.79
N GLU R 62 -16.26 99.61 -62.42
CA GLU R 62 -16.14 100.97 -62.92
C GLU R 62 -15.07 101.05 -63.99
N MET R 63 -15.22 102.01 -64.90
CA MET R 63 -14.50 102.02 -66.15
C MET R 63 -13.37 103.05 -66.08
N GLN R 64 -12.16 102.64 -66.44
CA GLN R 64 -11.04 103.55 -66.46
C GLN R 64 -10.90 104.18 -67.85
N GLU R 65 -9.97 105.14 -67.96
CA GLU R 65 -9.89 105.94 -69.17
C GLU R 65 -9.33 105.15 -70.34
N GLY R 66 -8.27 104.38 -70.11
CA GLY R 66 -7.57 103.69 -71.19
C GLY R 66 -7.74 102.19 -71.24
N ARG R 67 -8.78 101.62 -70.63
CA ARG R 67 -8.98 100.18 -70.59
C ARG R 67 -10.23 99.83 -71.38
N THR R 68 -10.14 98.77 -72.19
CA THR R 68 -11.33 98.24 -72.85
C THR R 68 -11.62 96.82 -72.37
N ASN R 69 -10.59 96.03 -72.08
CA ASN R 69 -10.75 94.69 -71.56
C ASN R 69 -10.73 94.72 -70.04
N TYR R 70 -11.74 94.15 -69.42
CA TYR R 70 -11.88 94.14 -67.96
C TYR R 70 -12.03 92.73 -67.45
N PRO R 71 -10.94 91.97 -67.32
CA PRO R 71 -11.05 90.61 -66.78
C PRO R 71 -11.59 90.65 -65.36
N LEU R 72 -12.43 89.66 -65.04
CA LEU R 72 -13.06 89.58 -63.72
C LEU R 72 -12.23 88.64 -62.85
N LEU R 73 -11.14 89.19 -62.31
CA LEU R 73 -10.22 88.45 -61.48
C LEU R 73 -9.97 89.20 -60.18
N ALA R 74 -9.52 88.46 -59.17
CA ALA R 74 -9.26 89.07 -57.86
C ALA R 74 -8.04 89.98 -57.87
N LYS R 75 -7.17 89.88 -58.89
CA LYS R 75 -6.01 90.76 -58.95
C LYS R 75 -6.41 92.22 -59.04
N TYR R 76 -7.60 92.50 -59.59
CA TYR R 76 -8.08 93.86 -59.74
C TYR R 76 -9.16 94.23 -58.72
N ALA R 77 -9.40 93.38 -57.72
CA ALA R 77 -10.32 93.73 -56.66
C ALA R 77 -9.63 94.60 -55.61
N VAL R 78 -10.40 95.48 -54.98
CA VAL R 78 -9.82 96.43 -54.03
C VAL R 78 -9.26 95.70 -52.82
N GLN R 79 -9.93 94.65 -52.37
CA GLN R 79 -9.49 93.98 -51.16
C GLN R 79 -8.32 93.04 -51.42
N SER R 80 -8.08 92.67 -52.68
CA SER R 80 -7.09 91.65 -52.99
C SER R 80 -6.00 92.10 -53.95
N TYR R 81 -5.97 93.37 -54.36
CA TYR R 81 -4.98 93.78 -55.34
C TYR R 81 -3.64 94.07 -54.67
N ASP R 82 -2.57 93.96 -55.48
CA ASP R 82 -1.21 94.28 -55.09
C ASP R 82 -0.87 95.68 -55.55
N PRO R 83 -0.61 96.61 -54.63
CA PRO R 83 -0.47 98.02 -55.03
C PRO R 83 0.63 98.29 -56.04
N ASN R 84 1.73 97.54 -55.99
CA ASN R 84 2.83 97.79 -56.92
C ASN R 84 2.52 97.24 -58.32
N GLU R 85 1.87 96.08 -58.39
CA GLU R 85 1.51 95.51 -59.69
C GLU R 85 0.40 96.32 -60.36
N VAL R 86 -0.66 96.62 -59.63
CA VAL R 86 -1.84 97.28 -60.17
C VAL R 86 -1.93 98.66 -59.54
N LYS R 87 -1.95 99.70 -60.38
CA LYS R 87 -2.02 101.07 -59.87
C LYS R 87 -3.38 101.35 -59.25
N CYS R 88 -4.46 101.02 -59.96
CA CYS R 88 -5.81 101.33 -59.48
C CYS R 88 -6.75 100.18 -59.81
N PRO R 89 -7.40 99.59 -58.81
CA PRO R 89 -8.37 98.53 -59.07
C PRO R 89 -9.69 99.10 -59.59
N PHE R 90 -10.48 98.22 -60.21
CA PHE R 90 -11.76 98.63 -60.76
C PHE R 90 -12.94 97.78 -60.30
N ILE R 91 -12.71 96.70 -59.56
CA ILE R 91 -13.79 95.89 -59.01
C ILE R 91 -13.93 96.20 -57.53
N MET R 92 -15.09 96.69 -57.12
CA MET R 92 -15.34 97.07 -55.73
C MET R 92 -15.88 95.89 -54.93
N ASP R 93 -15.28 95.68 -53.76
CA ASP R 93 -15.62 94.60 -52.84
C ASP R 93 -15.99 95.20 -51.50
N LEU R 94 -16.22 94.32 -50.53
CA LEU R 94 -16.38 94.70 -49.13
C LEU R 94 -15.47 93.82 -48.28
N ALA R 95 -15.13 94.31 -47.08
CA ALA R 95 -14.19 93.58 -46.24
C ALA R 95 -14.72 92.20 -45.87
N GLY R 96 -16.04 92.02 -45.92
CA GLY R 96 -16.61 90.71 -45.65
C GLY R 96 -16.79 89.86 -46.90
N GLU R 97 -17.08 90.50 -48.03
CA GLU R 97 -17.30 89.83 -49.31
C GLU R 97 -16.15 90.18 -50.25
N LYS R 98 -15.24 89.23 -50.46
CA LYS R 98 -13.98 89.52 -51.13
C LYS R 98 -13.94 89.02 -52.57
N PHE R 99 -15.07 88.62 -53.13
CA PHE R 99 -15.20 88.33 -54.56
C PHE R 99 -14.24 87.24 -55.02
N ALA R 100 -14.48 86.01 -54.55
CA ALA R 100 -13.84 84.86 -55.17
C ALA R 100 -14.38 84.65 -56.57
N GLU R 101 -13.51 84.25 -57.48
CA GLU R 101 -13.90 84.06 -58.88
C GLU R 101 -14.91 82.93 -58.96
N ASP R 102 -16.19 83.27 -59.16
CA ASP R 102 -17.26 82.28 -59.26
C ASP R 102 -18.20 82.64 -60.42
N VAL R 103 -17.63 82.95 -61.58
CA VAL R 103 -18.40 83.39 -62.73
C VAL R 103 -18.51 82.20 -63.68
N ILE R 104 -19.74 81.72 -63.90
CA ILE R 104 -19.97 80.71 -64.93
C ILE R 104 -20.50 81.34 -66.21
N ARG R 105 -21.53 82.17 -66.09
CA ARG R 105 -22.18 82.76 -67.25
C ARG R 105 -22.69 84.15 -66.88
N ILE R 106 -22.63 85.06 -67.85
CA ILE R 106 -23.06 86.44 -67.65
C ILE R 106 -24.43 86.59 -68.30
N LEU R 107 -25.40 87.05 -67.50
CA LEU R 107 -26.78 87.13 -68.01
C LEU R 107 -27.15 88.57 -68.39
N GLU R 108 -27.02 89.50 -67.45
CA GLU R 108 -27.46 90.87 -67.69
C GLU R 108 -26.38 91.84 -67.28
N VAL R 109 -26.27 92.95 -68.01
CA VAL R 109 -25.37 94.04 -67.70
C VAL R 109 -26.14 95.35 -67.77
N TYR R 110 -26.11 96.11 -66.68
CA TYR R 110 -26.88 97.34 -66.57
C TYR R 110 -25.97 98.53 -66.30
N ASP R 111 -26.29 99.65 -66.92
CA ASP R 111 -25.54 100.88 -66.75
C ASP R 111 -25.80 101.47 -65.37
N ASP R 112 -24.98 102.46 -64.99
CA ASP R 112 -25.20 103.15 -63.73
C ASP R 112 -26.40 104.08 -63.78
N LYS R 113 -26.90 104.39 -64.97
CA LYS R 113 -28.06 105.25 -65.14
C LYS R 113 -29.37 104.48 -65.25
N GLY R 114 -29.31 103.15 -65.13
CA GLY R 114 -30.51 102.34 -65.16
C GLY R 114 -30.93 101.84 -66.53
N ARG R 115 -30.09 101.98 -67.55
CA ARG R 115 -30.41 101.54 -68.90
C ARG R 115 -29.67 100.26 -69.22
N ARG R 116 -30.34 99.35 -69.93
CA ARG R 116 -29.75 98.05 -70.25
C ARG R 116 -28.75 98.17 -71.38
N ARG R 117 -27.71 97.35 -71.33
CA ARG R 117 -26.67 97.33 -72.36
C ARG R 117 -26.70 96.00 -73.11
N PRO R 118 -26.92 96.01 -74.42
CA PRO R 118 -26.91 94.75 -75.17
C PRO R 118 -25.57 94.06 -75.08
N LEU R 119 -25.61 92.73 -75.03
CA LEU R 119 -24.42 91.91 -74.84
C LEU R 119 -24.22 91.02 -76.06
N ASN R 120 -22.99 91.01 -76.59
CA ASN R 120 -22.62 90.15 -77.70
C ASN R 120 -23.52 90.34 -78.92
N ASP R 121 -23.79 91.60 -79.27
CA ASP R 121 -24.58 91.92 -80.46
C ASP R 121 -23.65 92.53 -81.49
N ARG R 122 -23.47 91.84 -82.62
CA ARG R 122 -22.48 92.25 -83.60
C ARG R 122 -22.90 93.53 -84.33
N ASN R 123 -24.19 93.65 -84.65
CA ASN R 123 -24.67 94.75 -85.47
C ASN R 123 -25.07 95.98 -84.65
N ASN R 124 -24.83 95.98 -83.35
CA ASN R 124 -25.15 97.13 -82.51
C ASN R 124 -23.88 97.82 -82.07
N PRO R 125 -23.63 99.06 -82.51
CA PRO R 125 -22.39 99.75 -82.08
C PRO R 125 -22.27 99.94 -80.59
N CYS R 126 -23.39 100.16 -79.89
CA CYS R 126 -23.38 100.40 -78.46
C CYS R 126 -23.71 99.12 -77.68
N SER R 127 -22.83 98.13 -77.84
CA SER R 127 -22.99 96.83 -77.18
C SER R 127 -21.67 96.42 -76.54
N LEU R 128 -21.76 95.46 -75.65
CA LEU R 128 -20.62 94.92 -74.93
C LEU R 128 -20.32 93.52 -75.43
N PHE R 129 -19.03 93.19 -75.55
CA PHE R 129 -18.60 91.88 -76.02
C PHE R 129 -17.81 91.18 -74.94
N THR R 130 -17.82 89.86 -74.97
CA THR R 130 -17.02 89.04 -74.06
C THR R 130 -16.08 88.17 -74.87
N PRO R 131 -14.81 88.58 -75.07
CA PRO R 131 -13.88 87.70 -75.79
C PRO R 131 -13.71 86.35 -75.12
N ARG R 132 -13.75 86.32 -73.79
CA ARG R 132 -13.62 85.12 -72.99
C ARG R 132 -14.75 85.09 -71.98
N PRO R 133 -15.09 83.91 -71.46
CA PRO R 133 -16.26 83.82 -70.57
C PRO R 133 -16.16 84.68 -69.32
N ASN R 134 -14.95 85.09 -68.91
CA ASN R 134 -14.77 85.91 -67.73
C ASN R 134 -14.15 87.26 -68.03
N VAL R 135 -14.26 87.75 -69.26
CA VAL R 135 -13.70 89.05 -69.65
C VAL R 135 -14.80 89.85 -70.33
N LEU R 136 -14.85 91.15 -70.02
CA LEU R 136 -15.78 92.07 -70.66
C LEU R 136 -15.02 93.01 -71.58
N GLN R 137 -15.73 93.57 -72.55
CA GLN R 137 -15.20 94.60 -73.42
C GLN R 137 -16.17 95.77 -73.49
N ASN R 138 -15.63 96.97 -73.43
CA ASN R 138 -16.37 98.19 -73.74
C ASN R 138 -15.46 99.07 -74.58
N ASN R 139 -15.87 99.33 -75.82
CA ASN R 139 -15.01 100.00 -76.78
C ASN R 139 -14.99 101.50 -76.64
N ALA R 140 -15.92 102.09 -75.88
CA ALA R 140 -15.99 103.54 -75.67
C ALA R 140 -16.22 103.84 -74.19
N PRO R 141 -15.19 103.71 -73.37
CA PRO R 141 -15.33 104.12 -71.96
C PRO R 141 -15.56 105.63 -71.86
N LYS R 142 -16.26 106.03 -70.82
CA LYS R 142 -16.59 107.44 -70.60
C LYS R 142 -16.44 107.79 -69.12
N ALA R 143 -16.44 109.09 -68.85
CA ALA R 143 -16.26 109.57 -67.49
C ALA R 143 -17.50 109.28 -66.65
N TRP R 144 -17.28 108.94 -65.38
CA TRP R 144 -18.35 108.64 -64.43
C TRP R 144 -19.25 107.51 -64.93
N GLU R 145 -18.66 106.52 -65.59
CA GLU R 145 -19.40 105.38 -66.12
C GLU R 145 -19.08 104.14 -65.30
N VAL R 146 -20.13 103.48 -64.79
CA VAL R 146 -19.99 102.26 -64.01
C VAL R 146 -21.00 101.25 -64.52
N LEU R 147 -20.64 99.97 -64.45
CA LEU R 147 -21.48 98.90 -64.96
C LEU R 147 -21.76 97.88 -63.86
N ASN R 148 -22.96 97.31 -63.91
CA ASN R 148 -23.37 96.24 -63.01
C ASN R 148 -23.52 94.96 -63.82
N VAL R 149 -22.87 93.89 -63.35
CA VAL R 149 -22.86 92.61 -64.05
C VAL R 149 -23.70 91.62 -63.26
N MET R 150 -24.76 91.11 -63.89
CA MET R 150 -25.61 90.09 -63.29
C MET R 150 -25.27 88.75 -63.91
N TYR R 151 -24.72 87.85 -63.11
CA TYR R 151 -24.15 86.62 -63.65
C TYR R 151 -24.55 85.43 -62.79
N GLN R 152 -24.56 84.26 -63.42
CA GLN R 152 -24.76 83.01 -62.70
C GLN R 152 -23.47 82.61 -62.01
N ALA R 153 -23.58 82.13 -60.77
CA ALA R 153 -22.40 81.91 -59.94
C ALA R 153 -22.34 80.46 -59.47
N LYS R 154 -21.14 80.05 -59.10
CA LYS R 154 -20.88 78.74 -58.53
C LYS R 154 -20.54 78.86 -57.05
N HIS R 155 -20.45 77.72 -56.38
CA HIS R 155 -20.23 77.70 -54.95
C HIS R 155 -18.79 78.12 -54.63
N PRO R 156 -18.58 78.86 -53.54
CA PRO R 156 -17.22 79.23 -53.15
C PRO R 156 -16.39 78.01 -52.79
N LYS R 157 -15.07 78.21 -52.82
CA LYS R 157 -14.12 77.12 -52.72
C LYS R 157 -13.99 76.66 -51.27
N LEU R 158 -14.12 75.35 -51.05
CA LEU R 158 -13.89 74.78 -49.72
C LEU R 158 -12.41 74.51 -49.51
N SER R 159 -11.86 74.98 -48.40
CA SER R 159 -10.41 74.87 -48.22
C SER R 159 -10.03 74.25 -46.89
N THR R 160 -10.84 74.48 -45.84
CA THR R 160 -10.57 73.98 -44.49
C THR R 160 -9.17 74.38 -44.00
N ALA R 161 -8.76 75.60 -44.26
CA ALA R 161 -7.44 76.09 -43.86
C ALA R 161 -7.50 77.27 -42.91
N GLU R 162 -8.60 77.44 -42.18
CA GLU R 162 -8.88 78.51 -41.21
C GLU R 162 -9.12 79.84 -41.88
N ASP R 163 -8.95 79.94 -43.20
CA ASP R 163 -9.34 81.13 -43.95
C ASP R 163 -10.33 80.82 -45.06
N GLY R 164 -10.40 79.57 -45.52
CA GLY R 164 -11.36 79.20 -46.53
C GLY R 164 -12.75 79.06 -45.96
N TYR R 165 -13.70 78.79 -46.84
CA TYR R 165 -15.11 78.71 -46.47
C TYR R 165 -15.41 77.31 -45.96
N ASN R 166 -15.88 77.23 -44.71
CA ASN R 166 -16.21 75.94 -44.12
C ASN R 166 -17.62 75.50 -44.51
N GLU R 167 -18.53 76.45 -44.71
CA GLU R 167 -19.94 76.13 -44.86
C GLU R 167 -20.24 75.59 -46.25
N ILE R 168 -21.38 74.91 -46.37
CA ILE R 168 -21.90 74.44 -47.64
C ILE R 168 -23.34 74.92 -47.78
N ASP R 169 -23.62 75.64 -48.87
CA ASP R 169 -24.96 76.11 -49.18
C ASP R 169 -25.51 75.30 -50.34
N ILE R 170 -26.47 74.43 -50.06
CA ILE R 170 -27.04 73.55 -51.08
C ILE R 170 -28.44 73.17 -50.60
N PRO R 171 -29.42 73.08 -51.49
CA PRO R 171 -30.75 72.63 -51.07
C PRO R 171 -30.71 71.19 -50.57
N ASP R 172 -31.58 70.91 -49.60
CA ASP R 172 -31.52 69.63 -48.91
C ASP R 172 -31.97 68.47 -49.80
N THR R 173 -32.54 68.76 -50.96
CA THR R 173 -32.92 67.69 -51.87
C THR R 173 -31.73 67.16 -52.67
N LEU R 174 -30.61 67.86 -52.67
CA LEU R 174 -29.46 67.48 -53.48
C LEU R 174 -28.24 67.08 -52.66
N ASP R 175 -28.41 66.76 -51.38
CA ASP R 175 -27.31 66.13 -50.65
C ASP R 175 -26.97 64.74 -51.18
N PRO R 176 -27.93 63.84 -51.43
CA PRO R 176 -27.55 62.51 -51.95
C PRO R 176 -26.84 62.57 -53.29
N ALA R 177 -27.12 63.56 -54.14
CA ALA R 177 -26.38 63.67 -55.39
C ALA R 177 -24.91 63.95 -55.14
N LEU R 178 -24.62 64.87 -54.22
CA LEU R 178 -23.23 65.18 -53.87
C LEU R 178 -22.54 63.96 -53.28
N ASP R 179 -23.21 63.27 -52.36
CA ASP R 179 -22.61 62.08 -51.75
C ASP R 179 -22.36 60.99 -52.79
N ALA R 180 -23.30 60.79 -53.71
CA ALA R 180 -23.14 59.78 -54.74
C ALA R 180 -21.99 60.12 -55.68
N TYR R 181 -21.83 61.40 -56.02
CA TYR R 181 -20.72 61.78 -56.88
C TYR R 181 -19.38 61.55 -56.19
N ILE R 182 -19.28 61.91 -54.90
CA ILE R 182 -18.02 61.66 -54.18
C ILE R 182 -17.72 60.16 -54.13
N ALA R 183 -18.75 59.35 -53.84
CA ALA R 183 -18.54 57.91 -53.80
C ALA R 183 -18.13 57.36 -55.15
N TYR R 184 -18.71 57.89 -56.23
CA TYR R 184 -18.32 57.47 -57.57
C TYR R 184 -16.85 57.72 -57.82
N ARG R 185 -16.40 58.94 -57.51
CA ARG R 185 -14.98 59.26 -57.71
C ARG R 185 -14.09 58.32 -56.90
N TYR R 186 -14.42 58.12 -55.62
CA TYR R 186 -13.56 57.30 -54.77
C TYR R 186 -13.52 55.86 -55.25
N TYR R 187 -14.65 55.33 -55.71
CA TYR R 187 -14.68 53.92 -56.09
C TYR R 187 -14.07 53.69 -57.46
N THR R 188 -14.13 54.69 -58.36
CA THR R 188 -13.37 54.56 -59.60
C THR R 188 -11.88 54.57 -59.35
N SER R 189 -11.42 55.37 -58.39
CA SER R 189 -9.97 55.52 -58.21
C SER R 189 -9.30 54.24 -57.73
N LEU R 190 -10.07 53.23 -57.30
CA LEU R 190 -9.46 52.03 -56.72
C LEU R 190 -8.84 51.12 -57.75
N ASN R 191 -9.36 51.11 -58.98
CA ASN R 191 -8.83 50.29 -60.08
C ASN R 191 -8.96 48.80 -59.80
N THR R 192 -10.16 48.35 -59.45
CA THR R 192 -10.48 46.94 -59.34
C THR R 192 -11.80 46.66 -60.04
N PRO R 193 -12.02 45.43 -60.52
CA PRO R 193 -13.27 45.16 -61.25
C PRO R 193 -14.54 45.37 -60.44
N GLU R 194 -14.53 45.09 -59.14
CA GLU R 194 -15.75 45.24 -58.34
C GLU R 194 -16.02 46.71 -58.02
N SER R 195 -14.97 47.48 -57.75
CA SER R 195 -15.14 48.89 -57.43
C SER R 195 -15.74 49.66 -58.60
N SER R 196 -15.33 49.33 -59.82
CA SER R 196 -15.92 49.98 -60.99
C SER R 196 -17.40 49.67 -61.11
N ALA R 197 -17.79 48.44 -60.82
CA ALA R 197 -19.20 48.07 -60.85
C ALA R 197 -20.00 48.85 -59.81
N LYS R 198 -19.43 49.08 -58.64
CA LYS R 198 -20.10 49.91 -57.64
C LYS R 198 -20.16 51.38 -58.08
N ALA R 199 -19.10 51.86 -58.71
CA ALA R 199 -19.06 53.26 -59.14
C ALA R 199 -20.09 53.55 -60.22
N ALA R 200 -20.32 52.58 -61.11
CA ALA R 200 -21.36 52.76 -62.12
C ALA R 200 -22.73 52.95 -61.46
N GLU R 201 -23.01 52.15 -60.43
CA GLU R 201 -24.25 52.30 -59.68
C GLU R 201 -24.36 53.69 -59.06
N TYR R 202 -23.28 54.16 -58.44
CA TYR R 202 -23.34 55.47 -57.78
C TYR R 202 -23.55 56.60 -58.78
N LEU R 203 -22.87 56.54 -59.92
CA LEU R 203 -23.07 57.59 -60.93
C LEU R 203 -24.49 57.56 -61.48
N SER R 204 -25.04 56.37 -61.73
CA SER R 204 -26.41 56.30 -62.22
C SER R 204 -27.38 56.84 -61.18
N PHE R 205 -27.12 56.59 -59.90
CA PHE R 205 -27.96 57.15 -58.85
C PHE R 205 -27.92 58.67 -58.85
N TYR R 206 -26.73 59.25 -59.00
CA TYR R 206 -26.61 60.70 -59.13
C TYR R 206 -27.45 61.24 -60.29
N ASP R 207 -27.32 60.60 -61.46
CA ASP R 207 -28.08 61.05 -62.62
C ASP R 207 -29.58 60.95 -62.39
N SER R 208 -30.04 59.85 -61.78
CA SER R 208 -31.48 59.67 -61.58
C SER R 208 -32.03 60.69 -60.60
N ILE R 209 -31.28 61.00 -59.53
CA ILE R 209 -31.74 62.00 -58.58
C ILE R 209 -31.81 63.38 -59.25
N CYS R 210 -30.80 63.73 -60.05
CA CYS R 210 -30.85 65.02 -60.73
C CYS R 210 -32.03 65.10 -61.69
N ARG R 211 -32.31 64.01 -62.41
CA ARG R 211 -33.45 64.00 -63.33
C ARG R 211 -34.77 64.12 -62.57
N GLU R 212 -34.89 63.46 -61.42
CA GLU R 212 -36.10 63.59 -60.62
C GLU R 212 -36.30 65.02 -60.13
N VAL R 213 -35.23 65.65 -59.65
CA VAL R 213 -35.34 67.04 -59.18
C VAL R 213 -35.75 67.96 -60.32
N VAL R 214 -35.24 67.70 -61.53
CA VAL R 214 -35.70 68.47 -62.68
C VAL R 214 -37.17 68.19 -62.95
N GLU R 215 -37.60 66.94 -62.81
CA GLU R 215 -38.95 66.54 -63.14
C GLU R 215 -39.97 67.25 -62.25
N TYR R 216 -39.72 67.31 -60.94
CA TYR R 216 -40.66 67.94 -60.02
C TYR R 216 -40.39 69.42 -59.82
N ASP R 217 -39.30 69.95 -60.39
CA ASP R 217 -39.00 71.38 -60.38
C ASP R 217 -38.93 71.92 -58.96
N LEU R 218 -38.10 71.26 -58.14
CA LEU R 218 -38.03 71.62 -56.72
C LEU R 218 -37.23 72.89 -56.50
N THR R 219 -36.36 73.24 -57.44
CA THR R 219 -35.56 74.45 -57.33
C THR R 219 -36.21 75.66 -58.01
N SER R 220 -37.43 75.51 -58.50
CA SER R 220 -38.15 76.60 -59.19
C SER R 220 -37.33 77.14 -60.35
N ASP R 221 -36.71 76.24 -61.12
CA ASP R 221 -35.87 76.67 -62.23
C ASP R 221 -36.68 77.32 -63.33
N THR R 222 -37.87 76.80 -63.63
CA THR R 222 -38.71 77.37 -64.67
C THR R 222 -39.16 78.77 -64.29
N GLU R 223 -39.09 79.69 -65.25
CA GLU R 223 -39.46 81.08 -65.00
C GLU R 223 -40.37 81.56 -66.13
N VAL R 224 -41.46 82.24 -65.77
CA VAL R 224 -42.41 82.78 -66.73
C VAL R 224 -42.71 84.22 -66.34
N ASP R 225 -42.93 85.06 -67.34
CA ASP R 225 -43.17 86.48 -67.13
C ASP R 225 -44.35 86.93 -67.97
N THR R 226 -44.87 88.11 -67.63
CA THR R 226 -46.01 88.65 -68.36
C THR R 226 -45.60 89.09 -69.76
N ASN R 227 -46.58 89.14 -70.66
CA ASN R 227 -46.32 89.43 -72.06
C ASN R 227 -46.35 90.94 -72.30
N THR R 228 -45.25 91.46 -72.84
CA THR R 228 -45.16 92.88 -73.17
C THR R 228 -45.03 93.15 -74.66
N LEU R 229 -44.83 92.11 -75.48
CA LEU R 229 -44.75 92.31 -76.92
C LEU R 229 -46.10 92.62 -77.53
N PHE R 230 -47.19 92.41 -76.80
CA PHE R 230 -48.52 92.71 -77.32
C PHE R 230 -48.67 94.21 -77.60
N ARG R 231 -48.14 95.05 -76.71
CA ARG R 231 -48.27 96.49 -76.89
C ARG R 231 -47.24 97.02 -77.88
N LYS R 232 -46.02 96.46 -77.86
CA LYS R 232 -44.96 96.98 -78.74
C LYS R 232 -45.31 96.79 -80.20
N ARG R 233 -45.88 95.65 -80.56
CA ARG R 233 -46.16 95.35 -81.96
C ARG R 233 -47.32 96.17 -82.52
N GLY R 234 -48.06 96.89 -81.68
CA GLY R 234 -49.13 97.73 -82.15
C GLY R 234 -50.51 97.12 -82.10
N TRP R 235 -50.68 95.99 -81.42
CA TRP R 235 -51.99 95.35 -81.35
C TRP R 235 -52.93 96.18 -80.48
N ARG R 236 -54.23 95.94 -80.67
CA ARG R 236 -55.25 96.59 -79.85
C ARG R 236 -56.23 95.56 -79.30
N MET S 1 -71.40 16.01 -53.28
CA MET S 1 -72.37 15.51 -52.31
C MET S 1 -71.77 14.38 -51.50
N TYR S 2 -70.44 14.33 -51.47
CA TYR S 2 -69.70 13.30 -50.76
C TYR S 2 -69.04 13.89 -49.52
N TYR S 3 -68.76 13.04 -48.54
CA TYR S 3 -68.20 13.49 -47.28
C TYR S 3 -66.72 13.80 -47.43
N ILE S 4 -66.11 14.24 -46.32
CA ILE S 4 -64.71 14.63 -46.33
C ILE S 4 -63.80 13.40 -46.45
N GLU S 5 -64.26 12.25 -45.95
CA GLU S 5 -63.45 11.04 -46.02
C GLU S 5 -63.24 10.59 -47.46
N GLU S 6 -64.25 10.78 -48.31
CA GLU S 6 -64.07 10.48 -49.72
C GLU S 6 -63.02 11.38 -50.34
N LEU S 7 -62.99 12.65 -49.93
CA LEU S 7 -61.94 13.55 -50.41
C LEU S 7 -60.56 13.08 -49.97
N PHE S 8 -60.43 12.66 -48.71
CA PHE S 8 -59.14 12.18 -48.24
C PHE S 8 -58.70 10.93 -49.00
N CYS S 9 -59.62 10.01 -49.25
CA CYS S 9 -59.28 8.81 -50.02
C CYS S 9 -58.90 9.15 -51.47
N ARG S 10 -59.66 10.06 -52.09
CA ARG S 10 -59.37 10.44 -53.47
C ARG S 10 -58.03 11.12 -53.59
N LEU S 11 -57.64 11.89 -52.58
CA LEU S 11 -56.29 12.45 -52.58
C LEU S 11 -55.25 11.38 -52.31
N ALA S 12 -55.57 10.40 -51.47
CA ALA S 12 -54.60 9.34 -51.19
C ALA S 12 -54.35 8.48 -52.43
N ASN S 13 -55.31 8.43 -53.35
CA ASN S 13 -55.16 7.56 -54.51
C ASN S 13 -54.71 8.32 -55.75
N GLY S 14 -55.00 9.61 -55.82
CA GLY S 14 -54.68 10.38 -57.01
C GLY S 14 -53.33 11.08 -56.94
N VAL S 15 -53.35 12.41 -56.88
CA VAL S 15 -52.14 13.18 -56.60
C VAL S 15 -51.68 12.84 -55.19
N LEU S 16 -50.47 13.29 -54.83
CA LEU S 16 -49.95 13.06 -53.49
C LEU S 16 -49.77 11.59 -53.19
N ASN S 17 -49.54 10.78 -54.22
CA ASN S 17 -49.41 9.34 -54.01
C ASN S 17 -48.03 8.97 -53.47
N ASN S 18 -46.97 9.60 -53.99
CA ASN S 18 -45.62 9.30 -53.53
C ASN S 18 -45.31 9.94 -52.19
N THR S 19 -46.03 11.00 -51.83
CA THR S 19 -45.67 11.79 -50.66
C THR S 19 -45.78 10.99 -49.39
N GLY S 20 -45.04 11.41 -48.37
CA GLY S 20 -45.02 10.72 -47.09
C GLY S 20 -46.20 11.03 -46.20
N ILE S 21 -47.11 11.90 -46.65
CA ILE S 21 -48.33 12.17 -45.90
C ILE S 21 -49.20 10.92 -45.82
N VAL S 22 -49.31 10.19 -46.94
CA VAL S 22 -50.22 9.08 -47.03
C VAL S 22 -49.78 7.93 -46.13
N THR S 23 -50.75 7.23 -45.55
CA THR S 23 -50.46 6.07 -44.72
C THR S 23 -49.83 4.95 -45.54
N ASP S 24 -49.41 3.90 -44.84
CA ASP S 24 -48.68 2.81 -45.49
C ASP S 24 -49.55 2.07 -46.50
N ASP S 25 -50.82 1.82 -46.17
CA ASP S 25 -51.68 1.05 -47.05
C ASP S 25 -52.29 1.90 -48.16
N ARG S 26 -51.95 3.18 -48.26
CA ARG S 26 -52.45 4.13 -49.24
C ARG S 26 -53.96 4.30 -49.14
N GLY S 27 -54.52 4.20 -47.94
CA GLY S 27 -55.97 4.30 -47.81
C GLY S 27 -56.44 5.72 -47.54
N ASP S 28 -55.73 6.44 -46.68
CA ASP S 28 -56.25 7.72 -46.20
C ASP S 28 -55.08 8.55 -45.69
N ILE S 29 -55.31 9.86 -45.56
CA ILE S 29 -54.28 10.78 -45.11
C ILE S 29 -53.97 10.54 -43.64
N GLU S 30 -52.70 10.73 -43.25
CA GLU S 30 -52.33 10.56 -41.86
C GLU S 30 -52.96 11.64 -40.99
N ASP S 31 -53.13 11.33 -39.71
CA ASP S 31 -53.93 12.17 -38.83
C ASP S 31 -53.32 13.54 -38.62
N ASP S 32 -51.99 13.61 -38.48
CA ASP S 32 -51.36 14.89 -38.14
C ASP S 32 -51.30 15.84 -39.32
N SER S 33 -51.56 15.34 -40.53
CA SER S 33 -51.51 16.15 -41.74
C SER S 33 -52.89 16.53 -42.25
N LYS S 34 -53.95 16.30 -41.48
CA LYS S 34 -55.29 16.63 -41.95
C LYS S 34 -55.62 18.12 -41.90
N PRO S 35 -55.25 18.89 -40.86
CA PRO S 35 -55.56 20.33 -40.89
C PRO S 35 -54.98 21.05 -42.10
N PHE S 36 -53.80 20.64 -42.55
CA PHE S 36 -53.21 21.23 -43.75
C PHE S 36 -54.13 21.05 -44.95
N ILE S 37 -54.64 19.84 -45.15
CA ILE S 37 -55.51 19.56 -46.28
C ILE S 37 -56.83 20.30 -46.14
N ILE S 38 -57.34 20.41 -44.90
CA ILE S 38 -58.59 21.13 -44.70
C ILE S 38 -58.44 22.61 -45.04
N VAL S 39 -57.34 23.23 -44.62
CA VAL S 39 -57.11 24.63 -44.93
C VAL S 39 -56.99 24.83 -46.45
N ALA S 40 -56.23 23.95 -47.11
CA ALA S 40 -56.07 24.06 -48.56
C ALA S 40 -57.41 23.89 -49.27
N ALA S 41 -58.24 22.95 -48.81
CA ALA S 41 -59.54 22.72 -49.44
C ALA S 41 -60.45 23.92 -49.27
N ASN S 42 -60.46 24.52 -48.08
CA ASN S 42 -61.27 25.72 -47.87
C ASN S 42 -60.83 26.84 -48.79
N GLU S 43 -59.52 27.04 -48.93
CA GLU S 43 -59.04 28.10 -49.83
C GLU S 43 -59.46 27.83 -51.27
N ALA S 44 -59.34 26.59 -51.72
CA ALA S 44 -59.72 26.26 -53.10
C ALA S 44 -61.21 26.47 -53.33
N LEU S 45 -62.04 26.06 -52.37
CA LEU S 45 -63.48 26.24 -52.53
C LEU S 45 -63.86 27.71 -52.57
N THR S 46 -63.21 28.53 -51.73
CA THR S 46 -63.48 29.96 -51.80
C THR S 46 -63.08 30.54 -53.14
N ARG S 47 -61.93 30.13 -53.68
CA ARG S 47 -61.50 30.60 -54.99
C ARG S 47 -62.54 30.26 -56.07
N LEU S 48 -62.95 28.99 -56.12
CA LEU S 48 -63.87 28.56 -57.17
C LEU S 48 -65.23 29.25 -57.03
N HIS S 49 -65.74 29.36 -55.80
CA HIS S 49 -67.07 29.95 -55.62
C HIS S 49 -67.04 31.46 -55.87
N GLY S 50 -65.90 32.11 -55.65
CA GLY S 50 -65.76 33.49 -56.07
C GLY S 50 -65.74 33.63 -57.58
N ARG S 51 -65.05 32.72 -58.27
CA ARG S 51 -64.93 32.82 -59.72
C ARG S 51 -66.27 32.58 -60.42
N PHE S 52 -66.96 31.49 -60.07
CA PHE S 52 -67.92 30.90 -61.01
C PHE S 52 -69.38 31.30 -60.77
N ASN S 53 -69.74 31.84 -59.62
CA ASN S 53 -71.13 32.18 -59.31
C ASN S 53 -72.03 30.94 -59.38
N MET S 54 -71.71 29.94 -58.54
CA MET S 54 -72.49 28.71 -58.53
C MET S 54 -73.73 28.85 -57.66
N ARG S 55 -73.54 29.30 -56.42
CA ARG S 55 -74.58 29.29 -55.40
C ARG S 55 -75.26 30.65 -55.33
N ASN S 56 -76.58 30.65 -55.32
CA ASN S 56 -77.37 31.85 -55.06
C ASN S 56 -78.26 31.58 -53.85
N ASN S 57 -78.04 32.31 -52.77
CA ASN S 57 -78.71 32.06 -51.50
C ASN S 57 -79.51 33.29 -51.09
N ASN S 58 -80.39 33.08 -50.12
CA ASN S 58 -81.29 34.12 -49.63
C ASN S 58 -81.25 34.15 -48.11
N VAL S 59 -81.44 35.34 -47.53
CA VAL S 59 -81.54 35.51 -46.09
C VAL S 59 -82.60 36.57 -45.80
N VAL S 60 -83.22 36.47 -44.64
CA VAL S 60 -84.29 37.37 -44.21
C VAL S 60 -83.80 38.15 -42.99
N VAL S 61 -83.88 39.48 -43.07
CA VAL S 61 -83.41 40.36 -42.01
C VAL S 61 -84.57 41.20 -41.52
N GLU S 62 -84.82 41.17 -40.21
CA GLU S 62 -85.88 41.96 -39.59
C GLU S 62 -85.27 43.19 -38.94
N MET S 63 -86.01 44.29 -38.92
CA MET S 63 -85.47 45.60 -38.61
C MET S 63 -85.86 46.00 -37.20
N GLN S 64 -84.85 46.35 -36.39
CA GLN S 64 -85.10 46.82 -35.04
C GLN S 64 -85.15 48.34 -35.01
N GLU S 65 -85.63 48.88 -33.89
CA GLU S 65 -86.00 50.29 -33.85
C GLU S 65 -84.77 51.20 -33.82
N GLY S 66 -83.77 50.84 -33.03
CA GLY S 66 -82.61 51.70 -32.84
C GLY S 66 -81.35 51.34 -33.59
N ARG S 67 -81.39 50.30 -34.42
CA ARG S 67 -80.21 49.81 -35.13
C ARG S 67 -80.26 50.23 -36.59
N THR S 68 -79.12 50.68 -37.12
CA THR S 68 -79.00 51.01 -38.53
C THR S 68 -78.05 50.11 -39.29
N ASN S 69 -76.98 49.63 -38.64
CA ASN S 69 -76.03 48.72 -39.27
C ASN S 69 -76.44 47.29 -38.92
N TYR S 70 -76.68 46.48 -39.93
CA TYR S 70 -77.10 45.09 -39.74
C TYR S 70 -76.06 44.15 -40.31
N PRO S 71 -74.96 43.88 -39.61
CA PRO S 71 -73.97 42.93 -40.11
C PRO S 71 -74.58 41.54 -40.23
N LEU S 72 -74.20 40.83 -41.30
CA LEU S 72 -74.75 39.51 -41.59
C LEU S 72 -73.80 38.47 -41.02
N LEU S 73 -73.93 38.21 -39.72
CA LEU S 73 -73.09 37.24 -39.02
C LEU S 73 -73.98 36.18 -38.39
N ALA S 74 -73.34 35.09 -37.94
CA ALA S 74 -74.08 34.01 -37.31
C ALA S 74 -74.44 34.32 -35.86
N LYS S 75 -73.88 35.37 -35.27
CA LYS S 75 -74.23 35.73 -33.90
C LYS S 75 -75.69 36.14 -33.78
N TYR S 76 -76.25 36.75 -34.82
CA TYR S 76 -77.60 37.26 -34.79
C TYR S 76 -78.61 36.33 -35.47
N ALA S 77 -78.26 35.07 -35.68
CA ALA S 77 -79.20 34.13 -36.26
C ALA S 77 -79.92 33.36 -35.16
N VAL S 78 -81.16 32.95 -35.46
CA VAL S 78 -81.99 32.27 -34.47
C VAL S 78 -81.35 30.96 -34.05
N GLN S 79 -80.83 30.20 -35.01
CA GLN S 79 -80.35 28.85 -34.70
C GLN S 79 -79.00 28.87 -33.99
N SER S 80 -78.35 30.02 -33.90
CA SER S 80 -76.98 30.08 -33.42
C SER S 80 -76.72 31.18 -32.39
N TYR S 81 -77.73 31.98 -32.04
CA TYR S 81 -77.48 33.11 -31.16
C TYR S 81 -77.34 32.65 -29.71
N ASP S 82 -76.56 33.41 -28.94
CA ASP S 82 -76.39 33.16 -27.52
C ASP S 82 -77.33 34.06 -26.73
N PRO S 83 -78.27 33.51 -25.97
CA PRO S 83 -79.26 34.38 -25.30
C PRO S 83 -78.65 35.39 -24.34
N ASN S 84 -77.50 35.08 -23.75
CA ASN S 84 -76.89 35.99 -22.79
C ASN S 84 -76.36 37.24 -23.48
N GLU S 85 -75.71 37.08 -24.64
CA GLU S 85 -75.05 38.21 -25.28
C GLU S 85 -76.04 39.07 -26.07
N VAL S 86 -76.76 38.45 -27.01
CA VAL S 86 -77.72 39.18 -27.85
C VAL S 86 -79.12 38.86 -27.34
N LYS S 87 -79.89 39.91 -27.08
CA LYS S 87 -81.25 39.71 -26.56
C LYS S 87 -82.20 39.23 -27.65
N CYS S 88 -82.13 39.83 -28.83
CA CYS S 88 -83.05 39.50 -29.92
C CYS S 88 -82.28 39.36 -31.22
N PRO S 89 -82.40 38.22 -31.92
CA PRO S 89 -81.75 38.07 -33.21
C PRO S 89 -82.61 38.60 -34.35
N PHE S 90 -81.99 39.07 -35.43
CA PHE S 90 -82.73 39.62 -36.56
C PHE S 90 -82.55 38.84 -37.85
N ILE S 91 -81.90 37.68 -37.80
CA ILE S 91 -81.78 36.79 -38.95
C ILE S 91 -82.52 35.50 -38.64
N MET S 92 -83.48 35.15 -39.48
CA MET S 92 -84.42 34.07 -39.19
C MET S 92 -83.99 32.81 -39.93
N ASP S 93 -83.80 31.72 -39.18
CA ASP S 93 -83.43 30.41 -39.72
C ASP S 93 -84.39 29.33 -39.25
N LEU S 94 -85.69 29.60 -39.28
CA LEU S 94 -86.65 28.71 -38.64
C LEU S 94 -86.79 27.39 -39.39
N ALA S 95 -86.76 27.45 -40.73
CA ALA S 95 -87.13 26.26 -41.50
C ALA S 95 -86.01 25.24 -41.54
N GLY S 96 -84.86 25.62 -42.11
CA GLY S 96 -83.78 24.68 -42.29
C GLY S 96 -82.45 25.37 -42.45
N GLU S 97 -81.39 24.58 -42.42
CA GLU S 97 -80.00 25.07 -42.48
C GLU S 97 -79.70 26.01 -41.32
N LYS S 98 -78.45 26.47 -41.21
CA LYS S 98 -78.03 27.25 -40.06
C LYS S 98 -77.46 28.61 -40.44
N PHE S 99 -77.44 28.96 -41.73
CA PHE S 99 -76.87 30.22 -42.20
C PHE S 99 -75.41 30.35 -41.76
N ALA S 100 -74.57 29.48 -42.33
CA ALA S 100 -73.13 29.69 -42.20
C ALA S 100 -72.75 31.01 -42.84
N GLU S 101 -71.77 31.69 -42.26
CA GLU S 101 -71.40 33.02 -42.74
C GLU S 101 -70.74 32.90 -44.11
N ASP S 102 -71.51 33.11 -45.17
CA ASP S 102 -71.03 32.87 -46.53
C ASP S 102 -71.49 33.98 -47.48
N VAL S 103 -71.34 35.23 -47.08
CA VAL S 103 -71.78 36.36 -47.90
C VAL S 103 -70.55 36.87 -48.66
N ILE S 104 -70.59 36.74 -49.98
CA ILE S 104 -69.52 37.30 -50.82
C ILE S 104 -69.95 38.64 -51.41
N ARG S 105 -71.14 38.68 -52.02
CA ARG S 105 -71.61 39.87 -52.69
C ARG S 105 -73.14 39.89 -52.64
N ILE S 106 -73.70 41.07 -52.45
CA ILE S 106 -75.15 41.25 -52.31
C ILE S 106 -75.68 41.72 -53.66
N LEU S 107 -76.71 41.04 -54.16
CA LEU S 107 -77.22 41.34 -55.50
C LEU S 107 -78.53 42.11 -55.44
N GLU S 108 -79.53 41.58 -54.74
CA GLU S 108 -80.85 42.20 -54.72
C GLU S 108 -81.36 42.28 -53.29
N VAL S 109 -82.12 43.33 -53.01
CA VAL S 109 -82.79 43.49 -51.72
C VAL S 109 -84.23 43.90 -51.99
N TYR S 110 -85.18 43.10 -51.49
CA TYR S 110 -86.60 43.34 -51.70
C TYR S 110 -87.30 43.56 -50.37
N ASP S 111 -88.22 44.53 -50.36
CA ASP S 111 -89.01 44.83 -49.18
C ASP S 111 -90.01 43.72 -48.92
N ASP S 112 -90.62 43.75 -47.73
CA ASP S 112 -91.64 42.76 -47.39
C ASP S 112 -92.93 42.97 -48.18
N LYS S 113 -93.09 44.10 -48.85
CA LYS S 113 -94.27 44.39 -49.66
C LYS S 113 -94.08 44.05 -51.13
N GLY S 114 -92.95 43.45 -51.50
CA GLY S 114 -92.69 43.11 -52.88
C GLY S 114 -92.07 44.21 -53.71
N ARG S 115 -91.56 45.25 -53.09
CA ARG S 115 -90.99 46.40 -53.79
C ARG S 115 -89.47 46.39 -53.64
N ARG S 116 -88.77 46.60 -54.75
CA ARG S 116 -87.31 46.53 -54.74
C ARG S 116 -86.72 47.77 -54.07
N ARG S 117 -85.58 47.59 -53.41
CA ARG S 117 -84.87 48.67 -52.76
C ARG S 117 -83.51 48.88 -53.41
N PRO S 118 -83.22 50.09 -53.90
CA PRO S 118 -81.92 50.32 -54.56
C PRO S 118 -80.76 50.13 -53.59
N LEU S 119 -79.64 49.66 -54.13
CA LEU S 119 -78.42 49.47 -53.36
C LEU S 119 -77.36 50.45 -53.82
N ASN S 120 -76.71 51.11 -52.85
CA ASN S 120 -75.51 51.91 -53.11
C ASN S 120 -75.78 53.01 -54.15
N ASP S 121 -76.93 53.66 -54.02
CA ASP S 121 -77.32 54.75 -54.91
C ASP S 121 -77.32 56.04 -54.10
N ARG S 122 -76.37 56.94 -54.40
CA ARG S 122 -76.23 58.15 -53.60
C ARG S 122 -77.38 59.11 -53.83
N ASN S 123 -77.84 59.25 -55.08
CA ASN S 123 -78.85 60.25 -55.40
C ASN S 123 -80.27 59.78 -55.10
N ASN S 124 -80.45 58.56 -54.66
CA ASN S 124 -81.79 58.08 -54.29
C ASN S 124 -81.91 58.01 -52.77
N PRO S 125 -82.75 58.83 -52.15
CA PRO S 125 -82.85 58.81 -50.68
C PRO S 125 -83.30 57.48 -50.11
N CYS S 126 -84.16 56.75 -50.81
CA CYS S 126 -84.64 55.45 -50.34
C CYS S 126 -83.76 54.34 -50.91
N SER S 127 -82.48 54.37 -50.50
CA SER S 127 -81.51 53.40 -50.95
C SER S 127 -80.81 52.79 -49.73
N LEU S 128 -80.24 51.61 -49.94
CA LEU S 128 -79.54 50.88 -48.89
C LEU S 128 -78.06 50.86 -49.21
N PHE S 129 -77.23 51.11 -48.19
CA PHE S 129 -75.80 51.22 -48.36
C PHE S 129 -75.10 50.07 -47.64
N THR S 130 -73.88 49.78 -48.06
CA THR S 130 -73.04 48.76 -47.44
C THR S 130 -71.70 49.35 -47.07
N PRO S 131 -71.52 49.88 -45.86
CA PRO S 131 -70.20 50.42 -45.49
C PRO S 131 -69.11 49.37 -45.54
N ARG S 132 -69.44 48.11 -45.27
CA ARG S 132 -68.53 46.98 -45.38
C ARG S 132 -69.18 45.94 -46.28
N PRO S 133 -68.38 45.05 -46.88
CA PRO S 133 -68.95 44.16 -47.90
C PRO S 133 -70.11 43.30 -47.43
N ASN S 134 -70.20 43.02 -46.12
CA ASN S 134 -71.32 42.23 -45.62
C ASN S 134 -72.26 43.03 -44.71
N VAL S 135 -71.86 44.21 -44.25
CA VAL S 135 -72.74 45.03 -43.43
C VAL S 135 -73.75 45.76 -44.31
N LEU S 136 -74.97 45.90 -43.81
CA LEU S 136 -76.05 46.53 -44.54
C LEU S 136 -76.66 47.64 -43.70
N GLN S 137 -76.98 48.76 -44.34
CA GLN S 137 -77.59 49.89 -43.65
C GLN S 137 -78.99 50.17 -44.18
N ASN S 138 -79.87 50.60 -43.28
CA ASN S 138 -81.07 51.32 -43.64
C ASN S 138 -81.23 52.46 -42.64
N ASN S 139 -81.25 53.69 -43.12
CA ASN S 139 -81.17 54.86 -42.26
C ASN S 139 -82.52 55.27 -41.67
N ALA S 140 -83.61 54.62 -42.08
CA ALA S 140 -84.94 54.90 -41.53
C ALA S 140 -85.65 53.59 -41.23
N PRO S 141 -85.26 52.89 -40.17
CA PRO S 141 -86.01 51.68 -39.77
C PRO S 141 -87.43 52.02 -39.40
N LYS S 142 -88.35 51.12 -39.74
CA LYS S 142 -89.76 51.32 -39.50
C LYS S 142 -90.34 50.11 -38.79
N ALA S 143 -91.51 50.30 -38.19
CA ALA S 143 -92.21 49.20 -37.54
C ALA S 143 -92.78 48.24 -38.58
N TRP S 144 -92.71 46.95 -38.27
CA TRP S 144 -93.21 45.89 -39.17
C TRP S 144 -92.52 45.94 -40.53
N GLU S 145 -91.21 46.19 -40.54
CA GLU S 145 -90.43 46.25 -41.76
C GLU S 145 -89.45 45.08 -41.79
N VAL S 146 -89.45 44.34 -42.90
CA VAL S 146 -88.56 43.21 -43.11
C VAL S 146 -87.97 43.29 -44.51
N LEU S 147 -86.71 42.90 -44.65
CA LEU S 147 -86.02 42.93 -45.92
C LEU S 147 -85.52 41.54 -46.28
N ASN S 148 -85.60 41.21 -47.55
CA ASN S 148 -85.08 39.96 -48.10
C ASN S 148 -83.85 40.26 -48.94
N VAL S 149 -82.76 39.54 -48.68
CA VAL S 149 -81.47 39.82 -49.30
C VAL S 149 -81.08 38.62 -50.16
N MET S 150 -80.90 38.87 -51.46
CA MET S 150 -80.36 37.88 -52.39
C MET S 150 -78.87 38.17 -52.58
N TYR S 151 -78.03 37.19 -52.25
CA TYR S 151 -76.60 37.38 -52.29
C TYR S 151 -75.93 36.17 -52.91
N GLN S 152 -74.73 36.39 -53.45
CA GLN S 152 -73.87 35.31 -53.90
C GLN S 152 -73.18 34.70 -52.69
N ALA S 153 -73.12 33.37 -52.65
CA ALA S 153 -72.66 32.67 -51.47
C ALA S 153 -71.47 31.78 -51.80
N LYS S 154 -70.69 31.49 -50.77
CA LYS S 154 -69.55 30.60 -50.85
C LYS S 154 -69.82 29.32 -50.07
N HIS S 155 -68.95 28.34 -50.26
CA HIS S 155 -69.17 27.04 -49.64
C HIS S 155 -68.95 27.14 -48.13
N PRO S 156 -69.83 26.54 -47.32
CA PRO S 156 -69.65 26.61 -45.86
C PRO S 156 -68.37 25.93 -45.40
N LYS S 157 -67.85 26.40 -44.28
CA LYS S 157 -66.56 25.95 -43.78
C LYS S 157 -66.58 24.47 -43.44
N LEU S 158 -65.48 23.78 -43.77
CA LEU S 158 -65.27 22.39 -43.40
C LEU S 158 -64.36 22.33 -42.19
N SER S 159 -64.76 21.57 -41.17
CA SER S 159 -64.04 21.57 -39.91
C SER S 159 -63.63 20.19 -39.42
N THR S 160 -64.44 19.16 -39.66
CA THR S 160 -64.17 17.80 -39.16
C THR S 160 -63.93 17.79 -37.65
N ALA S 161 -64.77 18.52 -36.92
CA ALA S 161 -64.67 18.61 -35.47
C ALA S 161 -65.93 18.11 -34.77
N GLU S 162 -66.67 17.18 -35.37
CA GLU S 162 -67.90 16.56 -34.89
C GLU S 162 -69.07 17.55 -34.88
N ASP S 163 -68.86 18.81 -35.23
CA ASP S 163 -69.94 19.78 -35.36
C ASP S 163 -69.86 20.60 -36.64
N GLY S 164 -68.74 20.56 -37.36
CA GLY S 164 -68.63 21.26 -38.62
C GLY S 164 -69.25 20.49 -39.77
N TYR S 165 -69.10 21.04 -40.96
CA TYR S 165 -69.71 20.47 -42.16
C TYR S 165 -68.78 19.43 -42.74
N ASN S 166 -69.28 18.20 -42.88
CA ASN S 166 -68.51 17.15 -43.53
C ASN S 166 -68.72 17.15 -45.04
N GLU S 167 -69.87 17.64 -45.49
CA GLU S 167 -70.27 17.51 -46.89
C GLU S 167 -69.51 18.49 -47.77
N ILE S 168 -69.21 18.04 -48.99
CA ILE S 168 -68.65 18.89 -50.04
C ILE S 168 -69.64 18.88 -51.21
N ASP S 169 -70.10 20.07 -51.59
CA ASP S 169 -71.04 20.23 -52.69
C ASP S 169 -70.39 21.06 -53.78
N ILE S 170 -70.05 20.41 -54.90
CA ILE S 170 -69.32 21.06 -55.98
C ILE S 170 -69.67 20.31 -57.27
N PRO S 171 -69.79 20.99 -58.40
CA PRO S 171 -70.04 20.28 -59.66
C PRO S 171 -68.95 19.28 -59.95
N ASP S 172 -69.34 18.15 -60.53
CA ASP S 172 -68.40 17.04 -60.73
C ASP S 172 -67.33 17.39 -61.76
N THR S 173 -67.52 18.45 -62.55
CA THR S 173 -66.52 18.82 -63.53
C THR S 173 -65.33 19.53 -62.89
N LEU S 174 -65.50 20.04 -61.66
CA LEU S 174 -64.46 20.84 -61.02
C LEU S 174 -63.79 20.16 -59.84
N ASP S 175 -63.89 18.83 -59.73
CA ASP S 175 -63.04 18.13 -58.76
C ASP S 175 -61.55 18.22 -59.11
N PRO S 176 -61.11 18.00 -60.35
CA PRO S 176 -59.67 18.11 -60.64
C PRO S 176 -59.09 19.49 -60.35
N ALA S 177 -59.88 20.55 -60.50
CA ALA S 177 -59.37 21.88 -60.14
C ALA S 177 -59.06 21.96 -58.65
N LEU S 178 -59.97 21.45 -57.82
CA LEU S 178 -59.74 21.45 -56.37
C LEU S 178 -58.52 20.62 -56.00
N ASP S 179 -58.40 19.42 -56.59
CA ASP S 179 -57.26 18.57 -56.29
C ASP S 179 -55.95 19.22 -56.75
N ALA S 180 -55.97 19.87 -57.92
CA ALA S 180 -54.79 20.55 -58.41
C ALA S 180 -54.38 21.69 -57.48
N TYR S 181 -55.35 22.44 -56.97
CA TYR S 181 -55.01 23.52 -56.05
C TYR S 181 -54.40 22.98 -54.76
N ILE S 182 -54.96 21.89 -54.23
CA ILE S 182 -54.39 21.31 -53.00
C ILE S 182 -52.96 20.83 -53.25
N ALA S 183 -52.74 20.15 -54.39
CA ALA S 183 -51.40 19.67 -54.70
C ALA S 183 -50.42 20.82 -54.89
N TYR S 184 -50.87 21.91 -55.52
CA TYR S 184 -50.03 23.08 -55.66
C TYR S 184 -49.62 23.62 -54.30
N ARG S 185 -50.58 23.75 -53.38
CA ARG S 185 -50.26 24.25 -52.05
C ARG S 185 -49.20 23.37 -51.38
N TYR S 186 -49.40 22.05 -51.43
CA TYR S 186 -48.46 21.15 -50.75
C TYR S 186 -47.07 21.25 -51.37
N TYR S 187 -46.97 21.15 -52.69
CA TYR S 187 -45.66 21.09 -53.32
C TYR S 187 -44.94 22.43 -53.24
N THR S 188 -45.67 23.54 -53.23
CA THR S 188 -45.04 24.82 -52.92
C THR S 188 -44.51 24.84 -51.50
N SER S 189 -45.30 24.29 -50.55
CA SER S 189 -44.86 24.30 -49.16
C SER S 189 -43.60 23.46 -48.94
N LEU S 190 -43.34 22.48 -49.81
CA LEU S 190 -42.16 21.64 -49.59
C LEU S 190 -40.84 22.39 -49.60
N ASN S 191 -40.74 23.49 -50.34
CA ASN S 191 -39.53 24.34 -50.39
C ASN S 191 -38.31 23.64 -50.97
N THR S 192 -38.48 23.05 -52.15
CA THR S 192 -37.38 22.54 -52.95
C THR S 192 -37.62 22.90 -54.40
N PRO S 193 -36.57 22.97 -55.22
CA PRO S 193 -36.77 23.38 -56.62
C PRO S 193 -37.63 22.43 -57.44
N GLU S 194 -37.43 21.11 -57.31
CA GLU S 194 -38.25 20.16 -58.05
C GLU S 194 -39.72 20.28 -57.65
N SER S 195 -39.96 20.38 -56.34
CA SER S 195 -41.33 20.58 -55.86
C SER S 195 -41.90 21.89 -56.37
N SER S 196 -41.06 22.92 -56.49
CA SER S 196 -41.53 24.19 -57.05
C SER S 196 -41.98 24.03 -58.49
N ALA S 197 -41.22 23.27 -59.29
CA ALA S 197 -41.62 23.03 -60.67
C ALA S 197 -42.94 22.25 -60.74
N LYS S 198 -43.09 21.25 -59.87
CA LYS S 198 -44.34 20.48 -59.85
C LYS S 198 -45.51 21.37 -59.44
N ALA S 199 -45.29 22.27 -58.49
CA ALA S 199 -46.34 23.20 -58.07
C ALA S 199 -46.75 24.12 -59.21
N ALA S 200 -45.77 24.60 -59.98
CA ALA S 200 -46.11 25.42 -61.15
C ALA S 200 -46.96 24.64 -62.14
N GLU S 201 -46.59 23.38 -62.37
CA GLU S 201 -47.40 22.53 -63.25
C GLU S 201 -48.84 22.41 -62.76
N TYR S 202 -49.02 22.14 -61.47
CA TYR S 202 -50.37 21.95 -60.94
C TYR S 202 -51.19 23.23 -61.01
N LEU S 203 -50.58 24.38 -60.72
CA LEU S 203 -51.32 25.63 -60.82
C LEU S 203 -51.74 25.92 -62.25
N SER S 204 -50.86 25.66 -63.22
CA SER S 204 -51.23 25.85 -64.61
C SER S 204 -52.38 24.93 -65.00
N PHE S 205 -52.36 23.69 -64.51
CA PHE S 205 -53.46 22.77 -64.77
C PHE S 205 -54.78 23.29 -64.21
N TYR S 206 -54.75 23.80 -62.98
CA TYR S 206 -55.93 24.44 -62.39
C TYR S 206 -56.48 25.54 -63.30
N ASP S 207 -55.62 26.45 -63.74
CA ASP S 207 -56.09 27.56 -64.58
C ASP S 207 -56.66 27.06 -65.89
N SER S 208 -56.01 26.07 -66.51
CA SER S 208 -56.49 25.57 -67.80
C SER S 208 -57.85 24.91 -67.66
N ILE S 209 -58.07 24.13 -66.60
CA ILE S 209 -59.37 23.50 -66.41
C ILE S 209 -60.44 24.55 -66.19
N CYS S 210 -60.15 25.58 -65.37
CA CYS S 210 -61.15 26.62 -65.14
C CYS S 210 -61.49 27.34 -66.45
N ARG S 211 -60.49 27.62 -67.28
CA ARG S 211 -60.76 28.30 -68.55
C ARG S 211 -61.57 27.41 -69.49
N GLU S 212 -61.31 26.11 -69.49
CA GLU S 212 -62.11 25.19 -70.30
C GLU S 212 -63.56 25.19 -69.86
N VAL S 213 -63.81 25.12 -68.55
CA VAL S 213 -65.18 25.13 -68.04
C VAL S 213 -65.86 26.44 -68.41
N VAL S 214 -65.12 27.55 -68.37
CA VAL S 214 -65.68 28.83 -68.81
C VAL S 214 -66.04 28.79 -70.29
N GLU S 215 -65.17 28.20 -71.11
CA GLU S 215 -65.42 28.17 -72.55
C GLU S 215 -66.69 27.38 -72.87
N TYR S 216 -66.85 26.20 -72.30
CA TYR S 216 -67.99 25.36 -72.64
C TYR S 216 -69.24 25.66 -71.83
N ASP S 217 -69.15 26.58 -70.86
CA ASP S 217 -70.32 27.07 -70.13
C ASP S 217 -71.06 25.93 -69.44
N LEU S 218 -70.31 25.08 -68.73
CA LEU S 218 -70.92 23.90 -68.12
C LEU S 218 -71.72 24.26 -66.86
N THR S 219 -71.44 25.39 -66.25
CA THR S 219 -72.18 25.83 -65.07
C THR S 219 -73.35 26.75 -65.41
N SER S 220 -73.64 26.95 -66.69
CA SER S 220 -74.74 27.81 -67.13
C SER S 220 -74.62 29.21 -66.56
N ASP S 221 -73.40 29.76 -66.59
CA ASP S 221 -73.15 31.07 -66.01
C ASP S 221 -73.80 32.18 -66.83
N THR S 222 -73.80 32.05 -68.14
CA THR S 222 -74.36 33.09 -69.00
C THR S 222 -75.88 33.16 -68.82
N GLU S 223 -76.41 34.38 -68.80
CA GLU S 223 -77.85 34.60 -68.65
C GLU S 223 -78.32 35.64 -69.65
N VAL S 224 -79.53 35.47 -70.15
CA VAL S 224 -80.21 36.47 -70.96
C VAL S 224 -81.65 36.54 -70.49
N ASP S 225 -82.37 37.58 -70.95
CA ASP S 225 -83.75 37.78 -70.57
C ASP S 225 -84.47 38.55 -71.67
N THR S 226 -85.80 38.50 -71.63
CA THR S 226 -86.60 39.20 -72.61
C THR S 226 -86.48 40.72 -72.43
N ASN S 227 -86.55 41.44 -73.53
CA ASN S 227 -86.37 42.89 -73.50
C ASN S 227 -87.57 43.56 -72.86
N THR S 228 -87.31 44.45 -71.89
CA THR S 228 -88.36 45.19 -71.22
C THR S 228 -88.29 46.69 -71.44
N LEU S 229 -87.18 47.20 -71.96
CA LEU S 229 -87.05 48.63 -72.22
C LEU S 229 -87.71 49.05 -73.52
N PHE S 230 -88.14 48.11 -74.35
CA PHE S 230 -88.81 48.47 -75.60
C PHE S 230 -90.14 49.17 -75.30
N ARG S 231 -90.83 48.75 -74.24
CA ARG S 231 -92.12 49.35 -73.93
C ARG S 231 -91.96 50.59 -73.04
N LYS S 232 -90.97 50.60 -72.15
CA LYS S 232 -90.79 51.74 -71.26
C LYS S 232 -90.46 53.01 -72.04
N ARG S 233 -89.61 52.90 -73.06
CA ARG S 233 -89.16 54.07 -73.79
C ARG S 233 -90.24 54.65 -74.70
N GLY S 234 -91.35 53.95 -74.90
CA GLY S 234 -92.44 54.47 -75.70
C GLY S 234 -92.48 54.02 -77.13
N TRP S 235 -91.69 53.03 -77.52
CA TRP S 235 -91.73 52.55 -78.89
C TRP S 235 -93.05 51.83 -79.18
N ARG S 236 -93.42 51.81 -80.45
CA ARG S 236 -94.63 51.12 -80.89
C ARG S 236 -94.33 50.18 -82.06
N MET T 1 -65.03 37.20 -39.41
CA MET T 1 -64.51 37.62 -38.11
C MET T 1 -63.91 36.44 -37.36
N TYR T 2 -62.60 36.47 -37.13
CA TYR T 2 -61.92 35.40 -36.43
C TYR T 2 -60.80 35.98 -35.59
N TYR T 3 -60.41 35.24 -34.56
CA TYR T 3 -59.36 35.66 -33.66
C TYR T 3 -58.03 35.72 -34.38
N ILE T 4 -57.01 36.21 -33.67
CA ILE T 4 -55.66 36.24 -34.21
C ILE T 4 -54.98 34.90 -34.01
N GLU T 5 -55.42 34.11 -33.03
CA GLU T 5 -54.89 32.77 -32.86
C GLU T 5 -55.24 31.89 -34.05
N GLU T 6 -56.39 32.13 -34.68
CA GLU T 6 -56.71 31.42 -35.92
C GLU T 6 -55.74 31.80 -37.02
N LEU T 7 -55.35 33.07 -37.10
CA LEU T 7 -54.33 33.47 -38.07
C LEU T 7 -53.01 32.78 -37.81
N PHE T 8 -52.59 32.72 -36.55
CA PHE T 8 -51.33 32.06 -36.21
C PHE T 8 -51.37 30.59 -36.57
N CYS T 9 -52.50 29.93 -36.35
CA CYS T 9 -52.60 28.49 -36.61
C CYS T 9 -52.77 28.24 -38.08
N ARG T 10 -53.34 29.17 -38.83
CA ARG T 10 -53.41 29.06 -40.28
C ARG T 10 -52.04 29.20 -40.91
N LEU T 11 -51.22 30.13 -40.39
CA LEU T 11 -49.85 30.23 -40.87
C LEU T 11 -49.04 29.00 -40.48
N ALA T 12 -49.23 28.50 -39.27
CA ALA T 12 -48.49 27.32 -38.83
C ALA T 12 -48.85 26.10 -39.66
N ASN T 13 -50.05 26.08 -40.24
CA ASN T 13 -50.53 24.94 -41.01
C ASN T 13 -50.67 25.25 -42.50
N GLY T 14 -50.10 26.34 -42.98
CA GLY T 14 -50.18 26.70 -44.38
C GLY T 14 -48.80 26.92 -44.98
N VAL T 15 -48.56 28.13 -45.49
CA VAL T 15 -47.21 28.55 -45.79
C VAL T 15 -46.43 28.59 -44.48
N LEU T 16 -45.10 28.69 -44.56
CA LEU T 16 -44.26 28.71 -43.36
C LEU T 16 -44.35 27.41 -42.58
N ASN T 17 -44.91 26.36 -43.20
CA ASN T 17 -44.98 25.07 -42.53
C ASN T 17 -43.61 24.45 -42.36
N ASN T 18 -42.78 24.53 -43.39
CA ASN T 18 -41.51 23.80 -43.38
C ASN T 18 -40.44 24.62 -42.64
N THR T 19 -40.76 25.85 -42.27
CA THR T 19 -39.77 26.73 -41.64
C THR T 19 -39.59 26.36 -40.17
N GLY T 20 -38.57 26.97 -39.56
CA GLY T 20 -38.24 26.74 -38.17
C GLY T 20 -38.89 27.67 -37.18
N ILE T 21 -39.80 28.54 -37.64
CA ILE T 21 -40.53 29.42 -36.72
C ILE T 21 -41.52 28.63 -35.90
N VAL T 22 -42.24 27.70 -36.53
CA VAL T 22 -43.37 27.04 -35.90
C VAL T 22 -42.89 26.12 -34.77
N THR T 23 -43.79 25.84 -33.84
CA THR T 23 -43.47 24.94 -32.74
C THR T 23 -43.37 23.50 -33.23
N ASP T 24 -42.98 22.61 -32.32
CA ASP T 24 -42.75 21.21 -32.69
C ASP T 24 -44.04 20.55 -33.16
N ASP T 25 -45.17 20.83 -32.49
CA ASP T 25 -46.44 20.26 -32.92
C ASP T 25 -47.00 20.95 -34.14
N ARG T 26 -46.36 22.03 -34.61
CA ARG T 26 -46.79 22.76 -35.81
C ARG T 26 -48.23 23.23 -35.66
N GLY T 27 -48.58 23.72 -34.47
CA GLY T 27 -49.92 24.21 -34.22
C GLY T 27 -49.96 25.70 -33.95
N ASP T 28 -48.80 26.31 -33.68
CA ASP T 28 -48.76 27.73 -33.37
C ASP T 28 -47.32 28.21 -33.54
N ILE T 29 -47.17 29.53 -33.63
CA ILE T 29 -45.86 30.15 -33.82
C ILE T 29 -45.22 30.42 -32.46
N GLU T 30 -43.91 30.23 -32.39
CA GLU T 30 -43.17 30.41 -31.14
C GLU T 30 -43.27 31.85 -30.65
N ASP T 31 -43.07 32.03 -29.34
CA ASP T 31 -43.24 33.34 -28.74
C ASP T 31 -42.20 34.34 -29.24
N ASP T 32 -41.05 33.85 -29.69
CA ASP T 32 -39.99 34.75 -30.14
C ASP T 32 -40.34 35.46 -31.44
N SER T 33 -41.09 34.82 -32.34
CA SER T 33 -41.32 35.34 -33.67
C SER T 33 -42.71 35.94 -33.86
N LYS T 34 -43.48 36.11 -32.80
CA LYS T 34 -44.78 36.76 -32.94
C LYS T 34 -44.71 38.24 -33.33
N PRO T 35 -43.83 39.07 -32.75
CA PRO T 35 -43.80 40.48 -33.16
C PRO T 35 -43.54 40.68 -34.65
N PHE T 36 -42.68 39.84 -35.24
CA PHE T 36 -42.41 39.94 -36.67
C PHE T 36 -43.68 39.67 -37.48
N ILE T 37 -44.44 38.65 -37.09
CA ILE T 37 -45.67 38.33 -37.80
C ILE T 37 -46.70 39.45 -37.62
N ILE T 38 -46.74 40.06 -36.43
CA ILE T 38 -47.67 41.15 -36.19
C ILE T 38 -47.33 42.35 -37.09
N VAL T 39 -46.05 42.68 -37.20
CA VAL T 39 -45.64 43.80 -38.05
C VAL T 39 -46.01 43.52 -39.50
N ALA T 40 -45.72 42.30 -39.98
CA ALA T 40 -46.06 41.96 -41.36
C ALA T 40 -47.56 42.00 -41.59
N ALA T 41 -48.35 41.53 -40.62
CA ALA T 41 -49.81 41.53 -40.77
C ALA T 41 -50.35 42.95 -40.84
N ASN T 42 -49.84 43.85 -39.99
CA ASN T 42 -50.29 45.23 -40.05
C ASN T 42 -49.94 45.87 -41.39
N GLU T 43 -48.74 45.60 -41.90
CA GLU T 43 -48.36 46.13 -43.21
C GLU T 43 -49.30 45.62 -44.30
N ALA T 44 -49.61 44.33 -44.28
CA ALA T 44 -50.49 43.75 -45.29
C ALA T 44 -51.89 44.35 -45.23
N LEU T 45 -52.42 44.51 -44.01
CA LEU T 45 -53.76 45.09 -43.87
C LEU T 45 -53.79 46.52 -44.37
N THR T 46 -52.74 47.31 -44.08
CA THR T 46 -52.70 48.67 -44.61
C THR T 46 -52.65 48.67 -46.12
N ARG T 47 -51.87 47.77 -46.72
CA ARG T 47 -51.82 47.70 -48.18
C ARG T 47 -53.18 47.40 -48.77
N LEU T 48 -53.87 46.37 -48.25
CA LEU T 48 -55.15 45.97 -48.81
C LEU T 48 -56.20 47.06 -48.63
N HIS T 49 -56.24 47.70 -47.46
CA HIS T 49 -57.25 48.73 -47.23
C HIS T 49 -56.95 49.98 -48.02
N GLY T 50 -55.68 50.22 -48.36
CA GLY T 50 -55.37 51.30 -49.27
C GLY T 50 -55.83 51.00 -50.69
N ARG T 51 -55.65 49.76 -51.13
CA ARG T 51 -56.01 49.43 -52.52
C ARG T 51 -57.52 49.38 -52.73
N PHE T 52 -58.27 48.73 -51.83
CA PHE T 52 -59.60 48.24 -52.18
C PHE T 52 -60.77 49.10 -51.72
N ASN T 53 -60.60 49.97 -50.73
CA ASN T 53 -61.71 50.81 -50.24
C ASN T 53 -62.87 49.99 -49.71
N MET T 54 -62.61 49.19 -48.67
CA MET T 54 -63.64 48.31 -48.14
C MET T 54 -64.34 48.91 -46.93
N ARG T 55 -63.63 49.71 -46.13
CA ARG T 55 -64.20 50.32 -44.93
C ARG T 55 -64.43 51.81 -45.14
N ASN T 56 -65.61 52.27 -44.72
CA ASN T 56 -65.94 53.69 -44.69
C ASN T 56 -66.43 54.03 -43.29
N ASN T 57 -65.79 55.02 -42.66
CA ASN T 57 -66.05 55.32 -41.26
C ASN T 57 -66.38 56.80 -41.12
N ASN T 58 -66.62 57.22 -39.88
CA ASN T 58 -67.12 58.57 -39.60
C ASN T 58 -66.51 59.11 -38.31
N VAL T 59 -66.37 60.44 -38.24
CA VAL T 59 -65.91 61.16 -37.07
C VAL T 59 -66.75 62.43 -36.90
N VAL T 60 -67.07 62.75 -35.65
CA VAL T 60 -67.77 63.99 -35.31
C VAL T 60 -66.78 64.93 -34.65
N VAL T 61 -66.64 66.14 -35.19
CA VAL T 61 -65.69 67.13 -34.71
C VAL T 61 -66.45 68.38 -34.28
N GLU T 62 -66.22 68.82 -33.05
CA GLU T 62 -66.82 70.04 -32.53
C GLU T 62 -65.82 71.18 -32.66
N MET T 63 -66.33 72.39 -32.86
CA MET T 63 -65.49 73.53 -33.20
C MET T 63 -65.37 74.48 -32.03
N GLN T 64 -64.14 74.88 -31.73
CA GLN T 64 -63.86 75.83 -30.66
C GLN T 64 -63.71 77.23 -31.23
N GLU T 65 -63.62 78.21 -30.32
CA GLU T 65 -63.66 79.61 -30.75
C GLU T 65 -62.36 80.04 -31.42
N GLY T 66 -61.21 79.65 -30.86
CA GLY T 66 -59.92 80.12 -31.33
C GLY T 66 -59.10 79.14 -32.13
N ARG T 67 -59.69 78.08 -32.67
CA ARG T 67 -58.95 77.04 -33.39
C ARG T 67 -59.35 77.07 -34.85
N THR T 68 -58.35 77.00 -35.74
CA THR T 68 -58.64 76.83 -37.16
C THR T 68 -58.17 75.47 -37.66
N ASN T 69 -57.07 74.96 -37.11
CA ASN T 69 -56.55 73.65 -37.46
C ASN T 69 -57.04 72.62 -36.46
N TYR T 70 -57.61 71.53 -36.95
CA TYR T 70 -58.17 70.48 -36.10
C TYR T 70 -57.54 69.14 -36.47
N PRO T 71 -56.33 68.85 -36.01
CA PRO T 71 -55.73 67.54 -36.33
C PRO T 71 -56.57 66.41 -35.81
N LEU T 72 -56.67 65.33 -36.60
CA LEU T 72 -57.47 64.17 -36.23
C LEU T 72 -56.57 63.17 -35.54
N LEU T 73 -56.28 63.44 -34.27
CA LEU T 73 -55.41 62.61 -33.46
C LEU T 73 -56.13 62.21 -32.18
N ALA T 74 -55.68 61.11 -31.58
CA ALA T 74 -56.29 60.60 -30.36
C ALA T 74 -56.01 61.48 -29.15
N LYS T 75 -55.05 62.41 -29.24
CA LYS T 75 -54.74 63.29 -28.12
C LYS T 75 -55.92 64.18 -27.78
N TYR T 76 -56.73 64.55 -28.76
CA TYR T 76 -57.86 65.43 -28.56
C TYR T 76 -59.19 64.69 -28.44
N ALA T 77 -59.17 63.36 -28.41
CA ALA T 77 -60.38 62.60 -28.21
C ALA T 77 -60.84 62.71 -26.76
N VAL T 78 -62.16 62.61 -26.56
CA VAL T 78 -62.72 62.78 -25.22
C VAL T 78 -62.30 61.63 -24.31
N GLN T 79 -62.22 60.41 -24.86
CA GLN T 79 -61.91 59.26 -24.03
C GLN T 79 -60.41 59.14 -23.77
N SER T 80 -59.58 59.86 -24.52
CA SER T 80 -58.14 59.64 -24.48
C SER T 80 -57.31 60.89 -24.25
N TYR T 81 -57.90 62.01 -23.85
CA TYR T 81 -57.07 63.20 -23.71
C TYR T 81 -56.41 63.23 -22.34
N ASP T 82 -55.36 64.05 -22.22
CA ASP T 82 -54.73 64.34 -20.94
C ASP T 82 -55.23 65.68 -20.43
N PRO T 83 -55.95 65.71 -19.30
CA PRO T 83 -56.62 66.95 -18.90
C PRO T 83 -55.68 68.12 -18.69
N ASN T 84 -54.45 67.88 -18.23
CA ASN T 84 -53.52 68.98 -18.01
C ASN T 84 -52.96 69.51 -19.32
N GLU T 85 -52.65 68.62 -20.27
CA GLU T 85 -52.11 69.06 -21.55
C GLU T 85 -53.18 69.77 -22.38
N VAL T 86 -54.37 69.18 -22.49
CA VAL T 86 -55.43 69.70 -23.34
C VAL T 86 -56.59 70.12 -22.44
N LYS T 87 -56.98 71.40 -22.56
CA LYS T 87 -58.05 71.91 -21.71
C LYS T 87 -59.40 71.32 -22.09
N CYS T 88 -59.71 71.31 -23.39
CA CYS T 88 -61.01 70.83 -23.85
C CYS T 88 -60.85 70.01 -25.13
N PRO T 89 -61.34 68.77 -25.16
CA PRO T 89 -61.30 67.98 -26.38
C PRO T 89 -62.37 68.42 -27.38
N PHE T 90 -62.20 67.99 -28.63
CA PHE T 90 -63.18 68.32 -29.67
C PHE T 90 -63.57 67.14 -30.55
N ILE T 91 -63.00 65.96 -30.36
CA ILE T 91 -63.39 64.77 -31.10
C ILE T 91 -64.24 63.89 -30.19
N MET T 92 -65.47 63.61 -30.61
CA MET T 92 -66.44 62.90 -29.79
C MET T 92 -66.29 61.40 -29.95
N ASP T 93 -66.11 60.69 -28.84
CA ASP T 93 -65.95 59.25 -28.83
C ASP T 93 -67.00 58.61 -27.93
N LEU T 94 -66.98 57.29 -27.91
CA LEU T 94 -67.77 56.50 -26.97
C LEU T 94 -66.85 55.56 -26.21
N ALA T 95 -67.33 55.08 -25.06
CA ALA T 95 -66.49 54.25 -24.21
C ALA T 95 -66.09 52.95 -24.91
N GLY T 96 -66.93 52.48 -25.82
CA GLY T 96 -66.61 51.26 -26.54
C GLY T 96 -65.74 51.49 -27.76
N GLU T 97 -66.02 52.57 -28.50
CA GLU T 97 -65.27 52.92 -29.70
C GLU T 97 -64.42 54.15 -29.38
N LYS T 98 -63.11 53.95 -29.22
CA LYS T 98 -62.23 54.97 -28.68
C LYS T 98 -61.46 55.72 -29.78
N PHE T 99 -61.82 55.52 -31.04
CA PHE T 99 -61.25 56.26 -32.16
C PHE T 99 -59.73 56.12 -32.25
N ALA T 100 -59.30 54.91 -32.58
CA ALA T 100 -57.93 54.75 -33.04
C ALA T 100 -57.76 55.41 -34.40
N GLU T 101 -56.78 56.30 -34.52
CA GLU T 101 -56.64 57.13 -35.71
C GLU T 101 -56.30 56.25 -36.91
N ASP T 102 -57.25 56.13 -37.84
CA ASP T 102 -57.12 55.27 -39.01
C ASP T 102 -57.62 55.99 -40.26
N VAL T 103 -57.19 57.23 -40.43
CA VAL T 103 -57.67 58.08 -41.52
C VAL T 103 -56.70 57.92 -42.69
N ILE T 104 -57.19 57.38 -43.80
CA ILE T 104 -56.38 57.34 -45.02
C ILE T 104 -56.74 58.50 -45.94
N ARG T 105 -58.02 58.71 -46.19
CA ARG T 105 -58.46 59.75 -47.12
C ARG T 105 -59.82 60.25 -46.67
N ILE T 106 -60.06 61.55 -46.88
CA ILE T 106 -61.30 62.20 -46.46
C ILE T 106 -62.17 62.39 -47.70
N LEU T 107 -63.40 61.90 -47.65
CA LEU T 107 -64.26 61.94 -48.82
C LEU T 107 -65.28 63.07 -48.74
N GLU T 108 -66.10 63.08 -47.69
CA GLU T 108 -67.16 64.08 -47.57
C GLU T 108 -67.11 64.71 -46.18
N VAL T 109 -67.51 65.97 -46.11
CA VAL T 109 -67.64 66.69 -44.86
C VAL T 109 -68.99 67.42 -44.87
N TYR T 110 -69.80 67.16 -43.84
CA TYR T 110 -71.16 67.69 -43.77
C TYR T 110 -71.35 68.52 -42.51
N ASP T 111 -72.06 69.63 -42.67
CA ASP T 111 -72.36 70.52 -41.56
C ASP T 111 -73.37 69.88 -40.62
N ASP T 112 -73.52 70.48 -39.44
CA ASP T 112 -74.51 69.98 -38.48
C ASP T 112 -75.94 70.28 -38.91
N LYS T 113 -76.13 71.21 -39.85
CA LYS T 113 -77.45 71.57 -40.35
C LYS T 113 -77.81 70.82 -41.64
N GLY T 114 -76.96 69.94 -42.11
CA GLY T 114 -77.28 69.09 -43.24
C GLY T 114 -76.83 69.59 -44.59
N ARG T 115 -75.98 70.61 -44.66
CA ARG T 115 -75.48 71.14 -45.92
C ARG T 115 -74.03 70.75 -46.12
N ARG T 116 -73.69 70.32 -47.32
CA ARG T 116 -72.35 69.86 -47.62
C ARG T 116 -71.37 71.02 -47.72
N ARG T 117 -70.14 70.80 -47.26
CA ARG T 117 -69.09 71.81 -47.29
C ARG T 117 -68.04 71.45 -48.32
N PRO T 118 -67.77 72.33 -49.29
CA PRO T 118 -66.73 72.03 -50.29
C PRO T 118 -65.37 71.83 -49.62
N LEU T 119 -64.59 70.91 -50.17
CA LEU T 119 -63.30 70.54 -49.61
C LEU T 119 -62.20 70.85 -50.63
N ASN T 120 -61.14 71.52 -50.18
CA ASN T 120 -59.97 71.82 -51.00
C ASN T 120 -60.35 72.58 -52.27
N ASP T 121 -61.18 73.60 -52.13
CA ASP T 121 -61.58 74.45 -53.25
C ASP T 121 -60.96 75.82 -53.05
N ARG T 122 -60.01 76.19 -53.93
CA ARG T 122 -59.27 77.43 -53.74
C ARG T 122 -60.14 78.65 -53.96
N ASN T 123 -61.02 78.61 -54.96
CA ASN T 123 -61.79 79.78 -55.36
C ASN T 123 -63.10 79.92 -54.61
N ASN T 124 -63.38 79.06 -53.63
CA ASN T 124 -64.59 79.16 -52.85
C ASN T 124 -64.27 79.64 -51.45
N PRO T 125 -64.73 80.84 -51.05
CA PRO T 125 -64.40 81.34 -49.70
C PRO T 125 -64.92 80.45 -48.58
N CYS T 126 -66.07 79.82 -48.77
CA CYS T 126 -66.67 78.96 -47.74
C CYS T 126 -66.36 77.49 -47.99
N SER T 127 -65.07 77.18 -47.95
CA SER T 127 -64.59 75.82 -48.17
C SER T 127 -63.61 75.43 -47.09
N LEU T 128 -63.37 74.13 -46.97
CA LEU T 128 -62.48 73.56 -45.97
C LEU T 128 -61.22 73.06 -46.66
N PHE T 129 -60.08 73.28 -46.03
CA PHE T 129 -58.79 72.87 -46.57
C PHE T 129 -58.14 71.85 -45.65
N THR T 130 -57.29 71.01 -46.23
CA THR T 130 -56.53 70.03 -45.46
C THR T 130 -55.05 70.25 -45.71
N PRO T 131 -54.34 70.99 -44.85
CA PRO T 131 -52.88 71.13 -45.06
C PRO T 131 -52.15 69.82 -45.07
N ARG T 132 -52.59 68.86 -44.28
CA ARG T 132 -52.01 67.53 -44.18
C ARG T 132 -53.14 66.51 -44.28
N PRO T 133 -52.82 65.27 -44.68
CA PRO T 133 -53.90 64.29 -44.89
C PRO T 133 -54.75 64.02 -43.66
N ASN T 134 -54.24 64.28 -42.45
CA ASN T 134 -54.98 64.06 -41.22
C ASN T 134 -55.31 65.34 -40.47
N VAL T 135 -55.29 66.49 -41.15
CA VAL T 135 -55.58 67.77 -40.51
C VAL T 135 -56.65 68.48 -41.32
N LEU T 136 -57.58 69.14 -40.62
CA LEU T 136 -58.62 69.95 -41.25
C LEU T 136 -58.36 71.41 -40.99
N GLN T 137 -59.02 72.26 -41.77
CA GLN T 137 -58.99 73.70 -41.57
C GLN T 137 -60.38 74.27 -41.82
N ASN T 138 -60.86 75.07 -40.87
CA ASN T 138 -61.96 75.99 -41.11
C ASN T 138 -61.53 77.37 -40.66
N ASN T 139 -61.59 78.33 -41.57
CA ASN T 139 -61.07 79.66 -41.29
C ASN T 139 -62.09 80.58 -40.62
N ALA T 140 -63.34 80.15 -40.51
CA ALA T 140 -64.39 80.94 -39.84
C ALA T 140 -65.19 80.05 -38.91
N PRO T 141 -64.62 79.67 -37.76
CA PRO T 141 -65.41 78.94 -36.76
C PRO T 141 -66.55 79.80 -36.24
N LYS T 142 -67.66 79.15 -35.89
CA LYS T 142 -68.84 79.83 -35.39
C LYS T 142 -69.42 79.07 -34.21
N ALA T 143 -70.29 79.76 -33.47
CA ALA T 143 -70.91 79.16 -32.29
C ALA T 143 -71.87 78.05 -32.69
N TRP T 144 -71.88 76.98 -31.90
CA TRP T 144 -72.76 75.83 -32.10
C TRP T 144 -72.57 75.21 -33.48
N GLU T 145 -71.32 75.16 -33.94
CA GLU T 145 -70.99 74.56 -35.23
C GLU T 145 -70.31 73.23 -35.01
N VAL T 146 -70.79 72.19 -35.69
CA VAL T 146 -70.25 70.84 -35.60
C VAL T 146 -70.15 70.27 -37.01
N LEU T 147 -69.07 69.55 -37.29
CA LEU T 147 -68.83 68.97 -38.59
C LEU T 147 -68.73 67.46 -38.49
N ASN T 148 -69.27 66.79 -39.51
CA ASN T 148 -69.14 65.34 -39.65
C ASN T 148 -68.18 65.05 -40.80
N VAL T 149 -67.19 64.21 -40.53
CA VAL T 149 -66.16 63.86 -41.50
C VAL T 149 -66.35 62.42 -41.93
N MET T 150 -66.62 62.21 -43.20
CA MET T 150 -66.75 60.88 -43.78
C MET T 150 -65.46 60.55 -44.52
N TYR T 151 -64.77 59.50 -44.08
CA TYR T 151 -63.43 59.21 -44.56
C TYR T 151 -63.24 57.72 -44.77
N GLN T 152 -62.31 57.40 -45.66
CA GLN T 152 -61.88 56.02 -45.84
C GLN T 152 -60.93 55.61 -44.72
N ALA T 153 -61.10 54.41 -44.21
CA ALA T 153 -60.40 53.98 -43.00
C ALA T 153 -59.66 52.68 -43.25
N LYS T 154 -58.67 52.43 -42.38
CA LYS T 154 -57.88 51.20 -42.40
C LYS T 154 -58.23 50.34 -41.19
N HIS T 155 -57.70 49.13 -41.19
CA HIS T 155 -57.99 48.18 -40.12
C HIS T 155 -57.31 48.62 -38.82
N PRO T 156 -57.96 48.42 -37.68
CA PRO T 156 -57.34 48.77 -36.39
C PRO T 156 -56.10 47.92 -36.13
N LYS T 157 -55.24 48.44 -35.25
CA LYS T 157 -53.92 47.88 -35.02
C LYS T 157 -54.00 46.59 -34.22
N LEU T 158 -53.35 45.54 -34.69
CA LEU T 158 -53.25 44.29 -33.94
C LEU T 158 -52.11 44.40 -32.94
N SER T 159 -52.37 44.04 -31.68
CA SER T 159 -51.36 44.27 -30.65
C SER T 159 -51.08 43.03 -29.80
N THR T 160 -52.10 42.20 -29.56
CA THR T 160 -51.99 41.02 -28.71
C THR T 160 -51.45 41.34 -27.33
N ALA T 161 -51.89 42.44 -26.74
CA ALA T 161 -51.43 42.87 -25.42
C ALA T 161 -52.54 42.92 -24.38
N GLU T 162 -53.65 42.22 -24.59
CA GLU T 162 -54.85 42.13 -23.75
C GLU T 162 -55.67 43.42 -23.80
N ASP T 163 -55.16 44.48 -24.45
CA ASP T 163 -55.94 45.68 -24.70
C ASP T 163 -56.08 45.98 -26.19
N GLY T 164 -55.18 45.46 -27.03
CA GLY T 164 -55.31 45.64 -28.45
C GLY T 164 -56.40 44.77 -29.04
N TYR T 165 -56.60 44.94 -30.34
CA TYR T 165 -57.68 44.25 -31.05
C TYR T 165 -57.17 42.89 -31.50
N ASN T 166 -57.83 41.83 -31.03
CA ASN T 166 -57.46 40.49 -31.45
C ASN T 166 -58.02 40.17 -32.84
N GLU T 167 -59.20 40.70 -33.15
CA GLU T 167 -59.96 40.23 -34.29
C GLU T 167 -59.42 40.79 -35.60
N ILE T 168 -59.76 40.11 -36.69
CA ILE T 168 -59.41 40.55 -38.04
C ILE T 168 -60.70 40.63 -38.86
N ASP T 169 -60.94 41.80 -39.45
CA ASP T 169 -62.10 42.04 -40.31
C ASP T 169 -61.61 42.10 -41.75
N ILE T 170 -61.87 41.05 -42.51
CA ILE T 170 -61.38 40.97 -43.88
C ILE T 170 -62.32 40.06 -44.66
N PRO T 171 -62.66 40.39 -45.91
CA PRO T 171 -63.44 39.45 -46.72
C PRO T 171 -62.67 38.17 -46.98
N ASP T 172 -63.42 37.06 -47.07
CA ASP T 172 -62.79 35.75 -47.11
C ASP T 172 -62.08 35.51 -48.43
N THR T 173 -62.28 36.36 -49.43
CA THR T 173 -61.56 36.21 -50.68
C THR T 173 -60.14 36.77 -50.60
N LEU T 174 -59.84 37.60 -49.61
CA LEU T 174 -58.55 38.27 -49.51
C LEU T 174 -57.63 37.64 -48.48
N ASP T 175 -57.99 36.50 -47.90
CA ASP T 175 -57.08 35.83 -46.97
C ASP T 175 -55.80 35.34 -47.63
N PRO T 176 -55.82 34.65 -48.79
CA PRO T 176 -54.56 34.23 -49.39
C PRO T 176 -53.64 35.37 -49.75
N ALA T 177 -54.17 36.55 -50.08
CA ALA T 177 -53.29 37.70 -50.33
C ALA T 177 -52.53 38.10 -49.07
N LEU T 178 -53.22 38.13 -47.92
CA LEU T 178 -52.56 38.46 -46.66
C LEU T 178 -51.50 37.43 -46.32
N ASP T 179 -51.84 36.14 -46.46
CA ASP T 179 -50.85 35.10 -46.16
C ASP T 179 -49.65 35.18 -47.11
N ALA T 180 -49.90 35.45 -48.38
CA ALA T 180 -48.82 35.56 -49.35
C ALA T 180 -47.91 36.75 -49.02
N TYR T 181 -48.48 37.87 -48.60
CA TYR T 181 -47.64 39.01 -48.24
C TYR T 181 -46.78 38.69 -47.02
N ILE T 182 -47.36 38.04 -46.01
CA ILE T 182 -46.56 37.68 -44.83
C ILE T 182 -45.43 36.74 -45.22
N ALA T 183 -45.74 35.73 -46.05
CA ALA T 183 -44.70 34.80 -46.48
C ALA T 183 -43.63 35.49 -47.31
N TYR T 184 -44.02 36.44 -48.15
CA TYR T 184 -43.04 37.21 -48.92
C TYR T 184 -42.07 37.93 -48.00
N ARG T 185 -42.60 38.65 -47.00
CA ARG T 185 -41.73 39.36 -46.08
C ARG T 185 -40.78 38.40 -45.37
N TYR T 186 -41.32 37.30 -44.86
CA TYR T 186 -40.50 36.36 -44.09
C TYR T 186 -39.40 35.75 -44.97
N TYR T 187 -39.71 35.44 -46.22
CA TYR T 187 -38.72 34.76 -47.06
C TYR T 187 -37.70 35.74 -47.62
N THR T 188 -38.06 37.01 -47.80
CA THR T 188 -37.04 38.00 -48.15
C THR T 188 -36.07 38.22 -46.99
N SER T 189 -36.57 38.19 -45.76
CA SER T 189 -35.72 38.55 -44.63
C SER T 189 -34.59 37.54 -44.41
N LEU T 190 -34.63 36.38 -45.07
CA LEU T 190 -33.64 35.34 -44.80
C LEU T 190 -32.28 35.64 -45.41
N ASN T 191 -32.25 36.38 -46.52
CA ASN T 191 -31.01 36.77 -47.20
C ASN T 191 -30.25 35.56 -47.77
N THR T 192 -30.98 34.69 -48.46
CA THR T 192 -30.35 33.61 -49.22
C THR T 192 -30.92 33.58 -50.63
N PRO T 193 -30.15 33.06 -51.60
CA PRO T 193 -30.64 33.08 -52.99
C PRO T 193 -31.92 32.29 -53.23
N GLU T 194 -32.12 31.16 -52.54
CA GLU T 194 -33.33 30.38 -52.76
C GLU T 194 -34.55 31.03 -52.14
N SER T 195 -34.37 31.62 -50.95
CA SER T 195 -35.48 32.28 -50.28
C SER T 195 -35.99 33.46 -51.11
N SER T 196 -35.08 34.19 -51.76
CA SER T 196 -35.51 35.28 -52.63
C SER T 196 -36.35 34.78 -53.79
N ALA T 197 -35.97 33.63 -54.36
CA ALA T 197 -36.74 33.05 -55.45
C ALA T 197 -38.13 32.65 -54.99
N LYS T 198 -38.24 32.12 -53.77
CA LYS T 198 -39.57 31.79 -53.24
C LYS T 198 -40.38 33.06 -52.96
N ALA T 199 -39.72 34.11 -52.47
CA ALA T 199 -40.42 35.34 -52.14
C ALA T 199 -40.96 36.03 -53.39
N ALA T 200 -40.23 35.94 -54.51
CA ALA T 200 -40.75 36.47 -55.76
C ALA T 200 -42.05 35.79 -56.15
N GLU T 201 -42.09 34.47 -56.02
CA GLU T 201 -43.32 33.72 -56.30
C GLU T 201 -44.46 34.17 -55.39
N TYR T 202 -44.19 34.35 -54.09
CA TYR T 202 -45.27 34.74 -53.19
C TYR T 202 -45.79 36.14 -53.50
N LEU T 203 -44.90 37.08 -53.81
CA LEU T 203 -45.35 38.43 -54.16
C LEU T 203 -46.17 38.43 -55.44
N SER T 204 -45.74 37.65 -56.44
CA SER T 204 -46.51 37.57 -57.68
C SER T 204 -47.88 36.95 -57.44
N PHE T 205 -47.96 35.98 -56.53
CA PHE T 205 -49.25 35.39 -56.19
C PHE T 205 -50.17 36.42 -55.53
N TYR T 206 -49.63 37.22 -54.61
CA TYR T 206 -50.39 38.33 -54.04
C TYR T 206 -50.94 39.24 -55.12
N ASP T 207 -50.09 39.67 -56.07
CA ASP T 207 -50.54 40.58 -57.11
C ASP T 207 -51.62 39.94 -57.98
N SER T 208 -51.45 38.67 -58.35
CA SER T 208 -52.42 38.02 -59.21
C SER T 208 -53.77 37.87 -58.52
N ILE T 209 -53.77 37.54 -57.23
CA ILE T 209 -55.03 37.43 -56.51
C ILE T 209 -55.73 38.78 -56.42
N CYS T 210 -54.97 39.85 -56.14
CA CYS T 210 -55.60 41.17 -56.07
C CYS T 210 -56.17 41.56 -57.43
N ARG T 211 -55.45 41.28 -58.51
CA ARG T 211 -55.97 41.60 -59.84
C ARG T 211 -57.22 40.80 -60.18
N GLU T 212 -57.27 39.53 -59.77
CA GLU T 212 -58.46 38.73 -59.99
C GLU T 212 -59.65 39.29 -59.23
N VAL T 213 -59.45 39.68 -57.98
CA VAL T 213 -60.55 40.24 -57.19
C VAL T 213 -61.05 41.53 -57.81
N VAL T 214 -60.13 42.34 -58.36
CA VAL T 214 -60.56 43.54 -59.08
C VAL T 214 -61.34 43.15 -60.34
N GLU T 215 -60.89 42.09 -61.02
CA GLU T 215 -61.51 41.68 -62.27
C GLU T 215 -62.96 41.27 -62.07
N TYR T 216 -63.25 40.47 -61.05
CA TYR T 216 -64.61 40.01 -60.81
C TYR T 216 -65.41 40.95 -59.91
N ASP T 217 -64.76 41.98 -59.35
CA ASP T 217 -65.43 43.01 -58.55
C ASP T 217 -66.18 42.38 -57.39
N LEU T 218 -65.46 41.58 -56.59
CA LEU T 218 -66.10 40.82 -55.53
C LEU T 218 -66.40 41.70 -54.32
N THR T 219 -65.72 42.84 -54.19
CA THR T 219 -65.98 43.74 -53.08
C THR T 219 -66.99 44.82 -53.42
N SER T 220 -67.62 44.76 -54.59
CA SER T 220 -68.59 45.76 -55.03
C SER T 220 -67.98 47.16 -55.00
N ASP T 221 -66.74 47.28 -55.45
CA ASP T 221 -66.04 48.56 -55.40
C ASP T 221 -66.64 49.56 -56.38
N THR T 222 -67.02 49.11 -57.57
CA THR T 222 -67.60 50.01 -58.56
C THR T 222 -68.95 50.52 -58.07
N GLU T 223 -69.17 51.82 -58.26
CA GLU T 223 -70.39 52.47 -57.79
C GLU T 223 -70.96 53.35 -58.89
N VAL T 224 -72.27 53.25 -59.10
CA VAL T 224 -72.96 54.05 -60.11
C VAL T 224 -74.21 54.64 -59.47
N ASP T 225 -74.55 55.86 -59.89
CA ASP T 225 -75.68 56.58 -59.32
C ASP T 225 -76.52 57.18 -60.44
N THR T 226 -77.74 57.59 -60.09
CA THR T 226 -78.63 58.18 -61.07
C THR T 226 -78.17 59.56 -61.49
N ASN T 227 -78.60 60.00 -62.67
CA ASN T 227 -78.14 61.24 -63.26
C ASN T 227 -78.99 62.40 -62.75
N THR T 228 -78.34 63.40 -62.17
CA THR T 228 -79.03 64.59 -61.69
C THR T 228 -78.69 65.84 -62.49
N LEU T 229 -77.65 65.80 -63.33
CA LEU T 229 -77.28 66.96 -64.12
C LEU T 229 -78.23 67.24 -65.26
N PHE T 230 -79.11 66.28 -65.59
CA PHE T 230 -80.07 66.51 -66.66
C PHE T 230 -81.02 67.65 -66.32
N ARG T 231 -81.48 67.71 -65.06
CA ARG T 231 -82.39 68.77 -64.66
C ARG T 231 -81.67 70.08 -64.37
N LYS T 232 -80.46 70.01 -63.83
CA LYS T 232 -79.74 71.23 -63.44
C LYS T 232 -79.31 72.07 -64.63
N ARG T 233 -79.09 71.44 -65.79
CA ARG T 233 -78.62 72.15 -66.96
C ARG T 233 -79.75 72.78 -67.78
N GLY T 234 -80.99 72.58 -67.36
CA GLY T 234 -82.12 73.16 -68.06
C GLY T 234 -82.69 72.33 -69.18
N TRP T 235 -82.29 71.06 -69.31
CA TRP T 235 -82.80 70.21 -70.37
C TRP T 235 -84.27 69.86 -70.12
N ARG T 236 -84.93 69.41 -71.17
CA ARG T 236 -86.32 68.97 -71.08
C ARG T 236 -86.49 67.61 -71.74
N SER U 2 66.49 -9.66 -3.44
CA SER U 2 65.53 -9.30 -4.48
C SER U 2 66.08 -9.63 -5.87
N CYS U 3 67.39 -9.45 -6.04
CA CYS U 3 68.13 -9.78 -7.26
C CYS U 3 67.68 -8.96 -8.47
N GLY U 4 66.74 -8.04 -8.31
CA GLY U 4 66.34 -7.17 -9.40
C GLY U 4 65.72 -7.87 -10.59
N ALA U 5 64.68 -8.67 -10.37
CA ALA U 5 63.97 -9.29 -11.48
C ALA U 5 63.33 -8.23 -12.37
N GLU U 6 62.81 -7.17 -11.77
CA GLU U 6 62.18 -6.09 -12.52
C GLU U 6 63.18 -5.40 -13.45
N LEU U 7 64.41 -5.19 -12.96
CA LEU U 7 65.43 -4.58 -13.81
C LEU U 7 65.75 -5.46 -15.00
N GLU U 8 65.85 -6.77 -14.78
CA GLU U 8 66.11 -7.70 -15.88
C GLU U 8 64.99 -7.67 -16.91
N ALA U 9 63.73 -7.65 -16.44
CA ALA U 9 62.60 -7.60 -17.37
C ALA U 9 62.60 -6.31 -18.18
N ASN U 10 62.87 -5.18 -17.52
CA ASN U 10 62.92 -3.91 -18.24
C ASN U 10 64.01 -3.89 -19.29
N ALA U 11 65.22 -4.35 -18.92
CA ALA U 11 66.30 -4.41 -19.89
C ALA U 11 65.96 -5.35 -21.04
N LEU U 12 65.27 -6.46 -20.75
CA LEU U 12 64.97 -7.43 -21.80
C LEU U 12 63.96 -6.86 -22.80
N LEU U 13 62.93 -6.15 -22.34
CA LEU U 13 62.07 -5.47 -23.31
C LEU U 13 62.81 -4.39 -24.07
N THR U 14 63.65 -3.62 -23.37
CA THR U 14 64.37 -2.55 -24.08
C THR U 14 65.24 -3.12 -25.20
N ALA U 15 65.83 -4.30 -24.97
CA ALA U 15 66.69 -4.89 -25.98
C ALA U 15 65.91 -5.60 -27.08
N LEU U 16 64.84 -6.32 -26.71
CA LEU U 16 64.20 -7.22 -27.66
C LEU U 16 63.29 -6.52 -28.67
N VAL U 17 62.60 -5.45 -28.28
CA VAL U 17 61.66 -4.78 -29.17
C VAL U 17 62.26 -3.53 -29.78
N ALA U 18 63.56 -3.31 -29.62
CA ALA U 18 64.19 -2.12 -30.17
C ALA U 18 64.21 -2.19 -31.70
N GLY U 19 64.27 -1.01 -32.32
CA GLY U 19 64.22 -0.89 -33.76
C GLY U 19 62.86 -0.57 -34.34
N GLU U 20 61.86 -0.32 -33.51
CA GLU U 20 60.52 0.02 -33.95
C GLU U 20 59.95 1.08 -33.04
N ASP U 21 59.02 1.88 -33.58
CA ASP U 21 58.38 2.96 -32.85
C ASP U 21 56.91 2.61 -32.61
N PHE U 22 56.51 2.56 -31.34
CA PHE U 22 55.12 2.37 -30.95
C PHE U 22 54.75 3.47 -29.98
N THR U 23 54.06 4.50 -30.47
CA THR U 23 53.66 5.63 -29.64
C THR U 23 52.15 5.65 -29.53
N LEU U 24 51.66 5.57 -28.30
CA LEU U 24 50.22 5.55 -28.06
C LEU U 24 49.63 6.94 -28.30
N PRO U 25 48.35 7.01 -28.65
CA PRO U 25 47.72 8.33 -28.83
C PRO U 25 47.60 9.08 -27.52
N ASP U 26 47.54 10.41 -27.62
CA ASP U 26 47.50 11.29 -26.46
C ASP U 26 46.22 12.11 -26.37
N ILE U 27 45.06 11.47 -26.57
CA ILE U 27 43.80 12.19 -26.44
C ILE U 27 43.43 12.32 -24.97
N ASP U 28 42.96 13.50 -24.59
CA ASP U 28 42.39 13.75 -23.27
C ASP U 28 40.88 13.78 -23.40
N MET U 29 40.21 12.81 -22.80
CA MET U 29 38.78 12.60 -23.01
C MET U 29 37.94 13.20 -21.90
N SER U 30 38.34 14.34 -21.34
CA SER U 30 37.52 15.10 -20.41
C SER U 30 37.45 16.58 -20.76
N GLY U 31 37.67 16.92 -22.02
CA GLY U 31 37.86 18.30 -22.41
C GLY U 31 36.60 19.05 -22.79
N SER U 32 35.42 18.50 -22.51
CA SER U 32 34.10 19.06 -22.76
C SER U 32 33.73 19.01 -24.24
N GLU U 33 34.62 18.57 -25.12
CA GLU U 33 34.27 18.22 -26.49
C GLU U 33 33.61 16.86 -26.58
N TYR U 34 33.64 16.08 -25.49
CA TYR U 34 33.09 14.73 -25.46
C TYR U 34 31.88 14.64 -24.53
N ASP U 35 31.21 15.76 -24.26
CA ASP U 35 30.05 15.80 -23.39
C ASP U 35 28.87 16.42 -24.13
N ILE U 36 27.67 15.96 -23.79
CA ILE U 36 26.48 16.57 -24.38
C ILE U 36 26.41 18.02 -23.96
N PRO U 37 26.10 18.96 -24.86
CA PRO U 37 26.27 20.39 -24.57
C PRO U 37 25.73 20.88 -23.24
N GLY U 38 24.46 20.70 -22.97
CA GLY U 38 23.87 21.30 -21.78
C GLY U 38 23.85 20.42 -20.56
N GLY U 39 23.67 21.02 -19.39
CA GLY U 39 23.55 20.27 -18.16
C GLY U 39 22.13 19.79 -17.95
N ILE U 40 21.57 20.02 -16.76
CA ILE U 40 20.17 19.74 -16.53
C ILE U 40 19.29 20.80 -17.17
N ASN U 41 19.86 21.97 -17.47
CA ASN U 41 19.07 23.08 -17.98
C ASN U 41 18.76 22.96 -19.46
N SER U 42 19.36 22.01 -20.17
CA SER U 42 19.07 21.86 -21.59
C SER U 42 17.64 21.37 -21.79
N PRO U 43 17.02 21.67 -22.93
CA PRO U 43 15.64 21.24 -23.15
C PRO U 43 15.48 19.74 -23.32
N ILE U 44 16.56 18.97 -23.33
CA ILE U 44 16.43 17.51 -23.42
C ILE U 44 15.74 16.97 -22.18
N TYR U 45 16.00 17.57 -21.03
CA TYR U 45 15.46 17.09 -19.76
C TYR U 45 14.13 17.72 -19.39
N ALA U 46 13.54 18.53 -20.27
CA ALA U 46 12.24 19.12 -19.98
C ALA U 46 11.13 18.11 -20.21
N GLU U 47 10.04 18.28 -19.46
CA GLU U 47 8.89 17.40 -19.59
C GLU U 47 8.20 17.58 -20.94
N ILE U 48 7.76 16.46 -21.52
CA ILE U 48 7.00 16.47 -22.76
C ILE U 48 5.53 16.61 -22.43
N GLU U 49 4.84 17.51 -23.11
CA GLU U 49 3.41 17.69 -22.95
C GLU U 49 2.66 16.90 -24.02
N LYS U 50 1.57 16.26 -23.62
CA LYS U 50 0.76 15.51 -24.57
C LYS U 50 0.05 16.45 -25.52
N ILE U 51 -0.27 15.92 -26.71
CA ILE U 51 -0.99 16.70 -27.71
C ILE U 51 -2.49 16.60 -27.42
N THR U 52 -3.14 17.75 -27.29
CA THR U 52 -4.56 17.81 -27.03
C THR U 52 -5.20 18.80 -27.99
N THR U 53 -6.53 18.73 -28.11
CA THR U 53 -7.23 19.57 -29.07
C THR U 53 -7.14 21.04 -28.69
N GLU U 54 -6.88 21.32 -27.41
CA GLU U 54 -6.71 22.72 -27.00
C GLU U 54 -5.42 23.30 -27.56
N GLN U 55 -4.47 22.45 -27.98
CA GLN U 55 -3.28 22.96 -28.64
C GLN U 55 -3.55 23.26 -30.10
N LEU U 56 -4.51 22.57 -30.70
CA LEU U 56 -4.87 22.85 -32.08
C LEU U 56 -5.67 24.14 -32.18
N THR U 57 -6.81 24.21 -31.50
CA THR U 57 -7.63 25.41 -31.48
C THR U 57 -8.30 25.55 -30.13
N THR U 58 -8.35 26.77 -29.61
CA THR U 58 -8.95 27.05 -28.32
C THR U 58 -10.36 27.62 -28.44
N ARG U 59 -10.98 27.55 -29.61
CA ARG U 59 -12.34 28.01 -29.87
C ARG U 59 -12.50 29.50 -29.67
N GLU U 60 -11.41 30.26 -29.70
CA GLU U 60 -11.45 31.70 -29.47
C GLU U 60 -10.76 32.42 -30.61
N VAL U 61 -11.23 33.64 -30.90
CA VAL U 61 -10.65 34.44 -31.98
C VAL U 61 -9.27 34.93 -31.57
N GLY U 62 -8.97 34.91 -30.28
CA GLY U 62 -7.74 35.54 -29.80
C GLY U 62 -6.48 34.83 -30.27
N GLY U 63 -6.24 33.63 -29.77
CA GLY U 63 -5.01 32.94 -30.15
C GLY U 63 -4.76 31.74 -29.25
N SER U 64 -3.48 31.49 -29.02
CA SER U 64 -3.01 30.37 -28.20
C SER U 64 -3.30 29.02 -28.85
N GLY U 65 -3.34 29.01 -30.19
CA GLY U 65 -3.51 27.78 -30.92
C GLY U 65 -2.88 27.92 -32.29
N VAL U 66 -2.59 26.78 -32.91
CA VAL U 66 -1.97 26.82 -34.24
C VAL U 66 -2.96 27.35 -35.27
N PHE U 67 -4.19 26.83 -35.26
CA PHE U 67 -5.19 27.28 -36.22
C PHE U 67 -5.54 28.75 -36.01
N ASP U 68 -5.67 29.17 -34.74
CA ASP U 68 -6.00 30.56 -34.45
C ASP U 68 -4.88 31.50 -34.90
N ALA U 69 -3.63 31.12 -34.67
CA ALA U 69 -2.51 31.96 -35.11
C ALA U 69 -2.42 32.01 -36.63
N LEU U 70 -2.64 30.88 -37.30
CA LEU U 70 -2.62 30.85 -38.75
C LEU U 70 -3.71 31.71 -39.35
N MET U 71 -4.87 31.80 -38.69
CA MET U 71 -5.91 32.71 -39.17
C MET U 71 -5.57 34.17 -38.88
N GLN U 72 -5.03 34.45 -37.69
CA GLN U 72 -4.77 35.83 -37.31
C GLN U 72 -3.69 36.45 -38.18
N SER U 73 -2.66 35.68 -38.55
CA SER U 73 -1.62 36.25 -39.39
C SER U 73 -2.15 36.65 -40.76
N ALA U 74 -2.99 35.80 -41.37
CA ALA U 74 -3.59 36.13 -42.65
C ALA U 74 -4.50 37.35 -42.52
N SER U 75 -5.29 37.41 -41.45
CA SER U 75 -6.14 38.57 -41.24
C SER U 75 -5.32 39.84 -41.09
N ASN U 76 -4.19 39.76 -40.38
CA ASN U 76 -3.34 40.93 -40.21
C ASN U 76 -2.76 41.40 -41.54
N HIS U 77 -2.32 40.47 -42.38
CA HIS U 77 -1.80 40.86 -43.69
C HIS U 77 -2.87 41.52 -44.54
N LEU U 78 -4.06 40.93 -44.58
CA LEU U 78 -5.14 41.52 -45.38
C LEU U 78 -5.54 42.88 -44.84
N LEU U 79 -5.58 43.05 -43.51
CA LEU U 79 -5.94 44.36 -42.96
C LEU U 79 -4.85 45.38 -43.23
N ALA U 80 -3.59 44.95 -43.24
CA ALA U 80 -2.50 45.86 -43.60
C ALA U 80 -2.66 46.37 -45.01
N GLU U 81 -3.07 45.49 -45.93
CA GLU U 81 -3.37 45.96 -47.28
C GLU U 81 -4.66 46.78 -47.33
N PHE U 82 -5.57 46.54 -46.38
CA PHE U 82 -6.87 47.19 -46.38
C PHE U 82 -6.79 48.63 -45.91
N LYS U 83 -5.94 48.90 -44.91
CA LYS U 83 -5.81 50.27 -44.41
C LYS U 83 -5.25 51.20 -45.47
N ASN U 84 -4.30 50.71 -46.26
CA ASN U 84 -3.98 51.39 -47.51
C ASN U 84 -5.17 51.29 -48.45
N ASN U 85 -5.44 52.37 -49.18
CA ASN U 85 -6.63 52.43 -50.01
C ASN U 85 -6.46 51.54 -51.25
N ARG U 86 -6.54 50.24 -51.03
CA ARG U 86 -6.43 49.27 -52.11
C ARG U 86 -7.60 48.30 -52.18
N ILE U 87 -8.20 47.91 -51.05
CA ILE U 87 -9.36 47.05 -51.05
C ILE U 87 -10.40 47.59 -50.07
N THR U 88 -11.59 47.03 -50.15
CA THR U 88 -12.70 47.36 -49.27
C THR U 88 -12.95 46.22 -48.30
N GLY U 89 -14.02 46.37 -47.51
CA GLY U 89 -14.36 45.33 -46.54
C GLY U 89 -14.76 44.02 -47.19
N GLY U 90 -15.50 44.10 -48.30
CA GLY U 90 -15.98 42.88 -48.95
C GLY U 90 -14.85 42.01 -49.46
N ASP U 91 -13.86 42.61 -50.12
CA ASP U 91 -12.72 41.84 -50.62
C ASP U 91 -11.94 41.20 -49.48
N TYR U 92 -11.73 41.95 -48.40
CA TYR U 92 -11.03 41.41 -47.24
C TYR U 92 -11.77 40.21 -46.67
N VAL U 93 -13.09 40.33 -46.51
CA VAL U 93 -13.87 39.23 -45.93
C VAL U 93 -13.83 38.01 -46.83
N LYS U 94 -13.97 38.23 -48.14
CA LYS U 94 -13.95 37.11 -49.07
C LYS U 94 -12.63 36.36 -49.02
N ALA U 95 -11.50 37.09 -49.02
CA ALA U 95 -10.21 36.43 -48.95
C ALA U 95 -10.02 35.70 -47.63
N TYR U 96 -10.47 36.31 -46.53
CA TYR U 96 -10.40 35.66 -45.23
C TYR U 96 -11.13 34.32 -45.24
N ILE U 97 -12.39 34.32 -45.69
CA ILE U 97 -13.18 33.09 -45.72
C ILE U 97 -12.54 32.07 -46.64
N ALA U 98 -11.96 32.53 -47.76
CA ALA U 98 -11.32 31.59 -48.68
C ALA U 98 -10.14 30.89 -48.02
N THR U 99 -9.31 31.63 -47.28
CA THR U 99 -8.12 31.01 -46.68
C THR U 99 -8.49 30.11 -45.49
N MET U 100 -9.64 30.37 -44.87
CA MET U 100 -10.03 29.71 -43.63
C MET U 100 -10.06 28.17 -43.70
N GLU U 101 -9.89 27.58 -44.88
CA GLU U 101 -9.79 26.12 -44.97
C GLU U 101 -8.36 25.62 -45.05
N ALA U 102 -7.53 26.26 -45.88
CA ALA U 102 -6.11 25.91 -45.93
C ALA U 102 -5.46 26.14 -44.58
N CYS U 103 -5.94 27.13 -43.82
CA CYS U 103 -5.40 27.33 -42.48
C CYS U 103 -5.58 26.09 -41.62
N MET U 104 -6.79 25.51 -41.62
CA MET U 104 -7.05 24.28 -40.88
C MET U 104 -6.19 23.14 -41.39
N ALA U 105 -6.11 22.99 -42.72
CA ALA U 105 -5.41 21.87 -43.31
C ALA U 105 -3.93 21.88 -42.93
N ASN U 106 -3.32 23.07 -42.88
CA ASN U 106 -1.92 23.16 -42.50
C ASN U 106 -1.72 23.07 -41.00
N ALA U 107 -2.68 23.56 -40.22
CA ALA U 107 -2.56 23.50 -38.78
C ALA U 107 -2.61 22.06 -38.26
N VAL U 108 -3.37 21.20 -38.94
CA VAL U 108 -3.48 19.81 -38.51
C VAL U 108 -2.14 19.09 -38.69
N GLN U 109 -1.35 19.53 -39.67
CA GLN U 109 -0.08 18.89 -39.99
C GLN U 109 1.11 19.46 -39.23
N PHE U 110 1.09 20.77 -38.95
CA PHE U 110 2.27 21.39 -38.33
C PHE U 110 2.57 20.80 -36.96
N LEU U 111 1.54 20.53 -36.16
CA LEU U 111 1.75 19.97 -34.83
C LEU U 111 2.49 18.64 -34.92
N THR U 112 1.97 17.72 -35.73
CA THR U 112 2.51 16.37 -35.78
C THR U 112 3.92 16.37 -36.37
N THR U 113 4.20 17.25 -37.32
CA THR U 113 5.55 17.28 -37.87
C THR U 113 6.54 17.97 -36.93
N LYS U 114 6.10 19.01 -36.24
CA LYS U 114 7.00 19.75 -35.36
C LYS U 114 7.36 18.94 -34.13
N ASP U 115 6.50 18.00 -33.74
CA ASP U 115 6.88 17.16 -32.61
C ASP U 115 8.06 16.24 -32.91
N GLN U 116 8.36 16.00 -34.19
CA GLN U 116 9.47 15.14 -34.60
C GLN U 116 10.67 15.94 -35.11
N ALA U 117 10.42 17.13 -35.66
CA ALA U 117 11.51 17.92 -36.23
C ALA U 117 12.60 18.18 -35.20
N TYR U 118 12.23 18.31 -33.93
CA TYR U 118 13.22 18.56 -32.90
C TYR U 118 13.90 17.28 -32.45
N TRP U 119 13.13 16.22 -32.20
CA TRP U 119 13.72 15.01 -31.62
C TRP U 119 14.53 14.23 -32.65
N ASN U 120 14.46 14.62 -33.93
CA ASN U 120 15.37 14.02 -34.90
C ASN U 120 16.75 14.68 -34.93
N ALA U 121 16.98 15.71 -34.11
CA ALA U 121 18.26 16.40 -34.09
C ALA U 121 19.09 16.06 -32.86
N VAL U 122 18.43 15.81 -31.72
CA VAL U 122 19.16 15.44 -30.51
C VAL U 122 19.90 14.12 -30.71
N THR U 123 19.25 13.16 -31.36
CA THR U 123 19.90 11.88 -31.61
C THR U 123 21.10 12.05 -32.54
N ALA U 124 21.01 12.96 -33.51
CA ALA U 124 22.14 13.21 -34.39
C ALA U 124 23.31 13.84 -33.63
N GLN U 125 23.01 14.79 -32.75
CA GLN U 125 24.06 15.35 -31.90
C GLN U 125 24.76 14.26 -31.09
N VAL U 126 23.97 13.41 -30.44
CA VAL U 126 24.55 12.37 -29.60
C VAL U 126 25.36 11.39 -30.44
N ALA U 127 24.88 11.08 -31.64
CA ALA U 127 25.61 10.17 -32.52
C ALA U 127 26.97 10.76 -32.90
N ALA U 128 27.02 12.05 -33.24
CA ALA U 128 28.30 12.66 -33.57
C ALA U 128 29.25 12.65 -32.37
N ILE U 129 28.73 12.97 -31.19
CA ILE U 129 29.59 13.05 -30.01
C ILE U 129 30.14 11.67 -29.63
N THR U 130 29.35 10.61 -29.84
CA THR U 130 29.88 9.27 -29.61
C THR U 130 30.83 8.84 -30.73
N ALA U 131 30.61 9.33 -31.94
CA ALA U 131 31.52 9.03 -33.04
C ALA U 131 32.91 9.58 -32.80
N ARG U 132 33.03 10.73 -32.14
CA ARG U 132 34.37 11.21 -31.79
C ARG U 132 35.13 10.21 -30.93
N ALA U 133 34.48 9.68 -29.88
CA ALA U 133 35.15 8.73 -29.00
C ALA U 133 35.47 7.42 -29.71
N ASN U 134 34.56 6.96 -30.58
CA ASN U 134 34.84 5.76 -31.35
C ASN U 134 36.04 5.97 -32.27
N LEU U 135 36.17 7.18 -32.83
CA LEU U 135 37.34 7.50 -33.64
C LEU U 135 38.61 7.43 -32.81
N GLY U 136 38.56 7.91 -31.57
CA GLY U 136 39.70 7.78 -30.68
C GLY U 136 40.08 6.32 -30.46
N ILE U 137 39.08 5.46 -30.25
CA ILE U 137 39.38 4.04 -30.04
C ILE U 137 39.99 3.43 -31.30
N ILE U 138 39.56 3.86 -32.48
CA ILE U 138 40.17 3.37 -33.71
C ILE U 138 41.64 3.75 -33.79
N LYS U 139 41.94 5.01 -33.46
CA LYS U 139 43.34 5.44 -33.42
C LYS U 139 44.14 4.58 -32.45
N ALA U 140 43.51 4.15 -31.35
CA ALA U 140 44.21 3.28 -30.41
C ALA U 140 44.42 1.87 -30.97
N ASN U 141 43.47 1.39 -31.78
CA ASN U 141 43.57 0.03 -32.33
C ASN U 141 44.60 -0.09 -33.43
N PHE U 142 44.95 1.01 -34.10
CA PHE U 142 45.99 0.95 -35.14
C PHE U 142 47.28 0.29 -34.62
N VAL U 143 47.75 0.72 -33.45
CA VAL U 143 49.01 0.21 -32.91
C VAL U 143 48.90 -1.28 -32.58
N THR U 144 47.76 -1.69 -32.03
CA THR U 144 47.57 -3.11 -31.76
C THR U 144 47.64 -3.92 -33.04
N ALA U 145 47.10 -3.37 -34.14
CA ALA U 145 47.18 -4.07 -35.42
C ALA U 145 48.63 -4.27 -35.84
N LYS U 146 49.45 -3.22 -35.75
CA LYS U 146 50.86 -3.37 -36.15
C LYS U 146 51.59 -4.40 -35.28
N ILE U 147 51.36 -4.34 -33.96
CA ILE U 147 52.06 -5.27 -33.06
C ILE U 147 51.60 -6.70 -33.31
N GLN U 148 50.32 -6.89 -33.65
CA GLN U 148 49.84 -8.23 -34.00
C GLN U 148 50.56 -8.74 -35.24
N ALA U 149 50.80 -7.85 -36.22
CA ALA U 149 51.57 -8.26 -37.39
C ALA U 149 52.94 -8.77 -36.99
N LEU U 150 53.62 -8.05 -36.09
CA LEU U 150 54.96 -8.50 -35.68
C LEU U 150 54.91 -9.84 -34.94
N ALA U 151 53.93 -10.03 -34.06
CA ALA U 151 53.83 -11.30 -33.33
C ALA U 151 53.58 -12.48 -34.28
N THR U 152 52.69 -12.29 -35.26
CA THR U 152 52.48 -13.34 -36.25
C THR U 152 53.74 -13.61 -37.03
N LYS U 153 54.57 -12.58 -37.22
CA LYS U 153 55.87 -12.80 -37.87
C LYS U 153 56.76 -13.70 -37.02
N ALA U 154 56.74 -13.53 -35.70
CA ALA U 154 57.64 -14.30 -34.84
C ALA U 154 57.22 -15.78 -34.73
N GLU U 155 55.92 -16.04 -34.73
CA GLU U 155 55.48 -17.44 -34.62
C GLU U 155 55.97 -18.29 -35.79
N TYR U 156 56.16 -17.69 -36.96
CA TYR U 156 56.70 -18.40 -38.11
C TYR U 156 58.10 -18.96 -37.83
N ALA U 157 58.97 -18.13 -37.25
CA ALA U 157 60.30 -18.60 -36.88
C ALA U 157 60.22 -19.69 -35.82
N LEU U 158 59.30 -19.55 -34.87
CA LEU U 158 59.15 -20.63 -33.88
C LEU U 158 58.83 -21.96 -34.55
N THR U 159 57.90 -21.97 -35.51
CA THR U 159 57.54 -23.21 -36.16
C THR U 159 58.72 -23.79 -36.95
N LYS U 160 59.52 -22.94 -37.58
CA LYS U 160 60.70 -23.45 -38.29
C LYS U 160 61.68 -24.12 -37.33
N LEU U 161 61.94 -23.50 -36.17
CA LEU U 161 62.84 -24.14 -35.22
C LEU U 161 62.27 -25.46 -34.71
N LYS U 162 60.94 -25.55 -34.60
CA LYS U 162 60.34 -26.82 -34.22
C LYS U 162 60.59 -27.89 -35.28
N LEU U 163 60.54 -27.53 -36.56
CA LEU U 163 60.99 -28.45 -37.60
C LEU U 163 62.40 -28.95 -37.31
N SER U 164 63.29 -28.02 -36.96
CA SER U 164 64.69 -28.40 -36.74
C SER U 164 64.81 -29.41 -35.60
N ASN U 165 64.02 -29.25 -34.54
CA ASN U 165 64.09 -30.22 -33.43
C ASN U 165 63.47 -31.56 -33.82
N GLU U 166 62.39 -31.55 -34.60
CA GLU U 166 61.76 -32.79 -35.01
C GLU U 166 62.72 -33.67 -35.82
N SER U 167 63.56 -33.04 -36.63
CA SER U 167 64.55 -33.82 -37.39
C SER U 167 65.44 -34.64 -36.47
N VAL U 168 65.97 -34.02 -35.42
CA VAL U 168 66.86 -34.73 -34.50
C VAL U 168 66.10 -35.80 -33.72
N THR U 169 64.83 -35.52 -33.39
CA THR U 169 64.05 -36.56 -32.73
C THR U 169 63.95 -37.81 -33.59
N TYR U 170 63.68 -37.63 -34.89
CA TYR U 170 63.61 -38.79 -35.79
C TYR U 170 64.95 -39.50 -35.87
N CYS U 171 66.05 -38.75 -35.99
CA CYS U 171 67.35 -39.40 -36.10
C CYS U 171 67.69 -40.21 -34.86
N THR U 172 67.39 -39.67 -33.68
CA THR U 172 67.66 -40.40 -32.44
C THR U 172 66.82 -41.67 -32.35
N ALA U 173 65.54 -41.59 -32.72
CA ALA U 173 64.70 -42.78 -32.69
C ALA U 173 65.22 -43.85 -33.65
N GLN U 174 65.67 -43.42 -34.84
CA GLN U 174 66.22 -44.38 -35.80
C GLN U 174 67.47 -45.05 -35.27
N TYR U 175 68.36 -44.29 -34.65
CA TYR U 175 69.57 -44.89 -34.06
C TYR U 175 69.21 -45.89 -32.97
N ASN U 176 68.25 -45.53 -32.12
CA ASN U 176 67.82 -46.43 -31.05
C ASN U 176 67.29 -47.74 -31.64
N LEU U 177 66.48 -47.65 -32.68
CA LEU U 177 65.94 -48.87 -33.28
C LEU U 177 67.04 -49.71 -33.91
N SER U 178 68.00 -49.07 -34.58
CA SER U 178 68.94 -49.82 -35.41
C SER U 178 70.07 -50.42 -34.59
N SER U 179 70.53 -49.76 -33.53
CA SER U 179 71.77 -50.16 -32.88
C SER U 179 71.68 -50.45 -31.40
N MET U 180 70.64 -50.04 -30.70
CA MET U 180 70.58 -50.24 -29.25
C MET U 180 69.73 -51.42 -28.83
N LEU U 181 68.58 -51.65 -29.45
CA LEU U 181 67.71 -52.75 -29.01
C LEU U 181 68.34 -54.13 -29.16
N PRO U 182 68.96 -54.50 -30.30
CA PRO U 182 69.53 -55.86 -30.38
C PRO U 182 70.55 -56.16 -29.29
N GLN U 183 71.30 -55.17 -28.83
CA GLN U 183 72.24 -55.44 -27.75
C GLN U 183 71.53 -55.75 -26.45
N GLN U 184 70.41 -55.07 -26.18
CA GLN U 184 69.62 -55.41 -25.01
C GLN U 184 69.06 -56.82 -25.13
N LEU U 185 68.64 -57.21 -26.34
CA LEU U 185 68.16 -58.58 -26.55
C LEU U 185 69.27 -59.58 -26.26
N LEU U 186 70.49 -59.30 -26.71
CA LEU U 186 71.60 -60.21 -26.43
C LEU U 186 71.87 -60.31 -24.93
N MET U 187 71.80 -59.19 -24.22
CA MET U 187 72.02 -59.23 -22.77
C MET U 187 70.96 -60.08 -22.08
N LEU U 188 69.70 -59.95 -22.49
CA LEU U 188 68.65 -60.74 -21.86
C LEU U 188 68.83 -62.23 -22.16
N LYS U 189 69.23 -62.55 -23.39
CA LYS U 189 69.54 -63.94 -23.73
C LYS U 189 70.65 -64.48 -22.85
N ASN U 190 71.65 -63.65 -22.54
CA ASN U 190 72.71 -64.09 -21.65
C ASN U 190 72.20 -64.29 -20.23
N GLN U 191 71.22 -63.48 -19.80
CA GLN U 191 70.73 -63.56 -18.43
C GLN U 191 69.93 -64.84 -18.19
N THR U 192 69.17 -65.30 -19.20
CA THR U 192 68.34 -66.49 -18.99
C THR U 192 69.18 -67.71 -18.63
N THR U 193 70.31 -67.90 -19.32
CA THR U 193 71.14 -69.07 -19.04
C THR U 193 71.75 -68.98 -17.65
N GLN U 194 72.07 -67.77 -17.18
CA GLN U 194 72.55 -67.62 -15.82
C GLN U 194 71.49 -68.04 -14.82
N VAL U 195 70.23 -67.71 -15.09
CA VAL U 195 69.16 -68.16 -14.20
C VAL U 195 69.10 -69.69 -14.17
N ALA U 196 69.24 -70.33 -15.32
CA ALA U 196 69.25 -71.79 -15.35
C ALA U 196 70.40 -72.37 -14.51
N GLU U 197 71.59 -71.78 -14.64
CA GLU U 197 72.73 -72.26 -13.87
C GLU U 197 72.50 -72.08 -12.37
N GLN U 198 71.85 -70.99 -11.97
CA GLN U 198 71.56 -70.81 -10.55
C GLN U 198 70.59 -71.89 -10.06
N THR U 199 69.61 -72.28 -10.89
CA THR U 199 68.75 -73.39 -10.49
C THR U 199 69.56 -74.66 -10.28
N LYS U 200 70.54 -74.91 -11.16
CA LYS U 200 71.37 -76.10 -10.99
C LYS U 200 72.19 -76.06 -9.68
N LEU U 201 72.74 -74.89 -9.33
CA LEU U 201 73.38 -74.76 -8.04
C LEU U 201 72.43 -75.08 -6.90
N THR U 202 71.19 -74.59 -6.98
CA THR U 202 70.25 -74.86 -5.90
C THR U 202 69.98 -76.34 -5.75
N THR U 203 69.84 -77.06 -6.87
CA THR U 203 69.63 -78.51 -6.76
C THR U 203 70.82 -79.20 -6.12
N GLU U 204 72.04 -78.79 -6.48
CA GLU U 204 73.19 -79.49 -5.93
C GLU U 204 73.36 -79.18 -4.44
N GLN U 205 73.03 -77.96 -4.03
CA GLN U 205 73.05 -77.65 -2.60
C GLN U 205 71.98 -78.43 -1.84
N ILE U 206 70.83 -78.67 -2.50
CA ILE U 206 69.83 -79.56 -1.93
C ILE U 206 70.44 -80.92 -1.65
N ASN U 207 71.23 -81.43 -2.59
CA ASN U 207 71.90 -82.70 -2.37
C ASN U 207 72.89 -82.64 -1.20
N MET U 208 73.66 -81.56 -1.09
CA MET U 208 74.67 -81.48 -0.02
C MET U 208 74.05 -81.36 1.37
N THR U 209 72.91 -80.68 1.49
CA THR U 209 72.33 -80.46 2.81
C THR U 209 71.94 -81.76 3.49
N LYS U 210 71.57 -82.79 2.71
CA LYS U 210 71.24 -84.08 3.31
C LYS U 210 72.46 -84.72 3.96
N GLU U 211 73.63 -84.61 3.31
CA GLU U 211 74.84 -85.14 3.91
C GLU U 211 75.21 -84.37 5.18
N GLN U 212 75.04 -83.06 5.18
CA GLN U 212 75.25 -82.32 6.43
C GLN U 212 74.29 -82.80 7.51
N LYS U 213 73.03 -83.05 7.14
CA LYS U 213 72.05 -83.56 8.09
C LYS U 213 72.52 -84.86 8.72
N GLU U 214 72.96 -85.81 7.90
CA GLU U 214 73.34 -87.11 8.46
C GLU U 214 74.63 -87.01 9.27
N ALA U 215 75.55 -86.13 8.85
CA ALA U 215 76.77 -85.93 9.63
C ALA U 215 76.45 -85.37 11.01
N GLN U 216 75.47 -84.48 11.11
CA GLN U 216 75.07 -83.99 12.42
C GLN U 216 74.28 -85.04 13.19
N ARG U 217 73.51 -85.87 12.48
CA ARG U 217 72.75 -86.94 13.13
C ARG U 217 73.66 -87.97 13.77
N ALA U 218 74.85 -88.18 13.19
CA ALA U 218 75.71 -89.27 13.64
C ALA U 218 76.14 -89.09 15.10
N GLN U 219 76.05 -87.88 15.64
CA GLN U 219 76.52 -87.65 17.00
C GLN U 219 75.59 -88.30 18.03
N THR U 220 74.32 -87.90 18.04
CA THR U 220 73.43 -88.36 19.11
C THR U 220 73.01 -89.81 18.92
N SER U 221 72.70 -90.22 17.69
CA SER U 221 72.15 -91.55 17.45
C SER U 221 73.12 -92.39 16.64
N ASP U 222 72.99 -93.71 16.79
CA ASP U 222 73.85 -94.64 16.08
C ASP U 222 73.37 -94.85 14.65
N THR U 223 72.13 -95.28 14.48
CA THR U 223 71.59 -95.54 13.16
C THR U 223 71.50 -94.24 12.35
N ARG U 224 71.64 -94.38 11.04
CA ARG U 224 71.75 -93.24 10.13
C ARG U 224 70.51 -93.17 9.26
N THR U 225 69.50 -92.41 9.71
CA THR U 225 68.30 -92.12 8.93
C THR U 225 67.60 -93.41 8.47
N ASP U 226 67.92 -93.85 7.25
CA ASP U 226 67.21 -94.98 6.66
C ASP U 226 67.32 -96.24 7.50
N GLY U 227 68.38 -96.35 8.31
CA GLY U 227 68.50 -97.47 9.22
C GLY U 227 69.80 -98.25 9.11
N THR U 228 70.81 -97.63 8.52
CA THR U 228 72.14 -98.24 8.42
C THR U 228 73.07 -97.62 9.46
N ARG U 229 74.04 -98.41 9.91
CA ARG U 229 74.95 -97.96 10.95
C ARG U 229 75.96 -96.96 10.40
N VAL U 230 76.41 -96.06 11.28
CA VAL U 230 77.52 -95.18 10.92
C VAL U 230 78.79 -96.00 10.81
N ALA U 231 79.55 -95.79 9.74
CA ALA U 231 80.63 -96.69 9.39
C ALA U 231 81.96 -96.01 9.07
N GLY U 232 82.01 -94.70 8.91
CA GLY U 232 83.26 -94.05 8.56
C GLY U 232 83.66 -92.98 9.55
N SER U 233 84.97 -92.85 9.81
CA SER U 233 85.51 -91.79 10.64
C SER U 233 84.95 -91.83 12.06
N VAL U 234 83.65 -91.64 12.22
CA VAL U 234 83.04 -91.65 13.54
C VAL U 234 83.11 -93.04 14.17
N GLY U 235 82.83 -94.07 13.39
CA GLY U 235 82.87 -95.42 13.92
C GLY U 235 84.23 -95.79 14.48
N LYS U 236 85.30 -95.38 13.79
CA LYS U 236 86.63 -95.65 14.29
C LYS U 236 86.90 -94.92 15.60
N GLN U 237 86.40 -93.70 15.73
CA GLN U 237 86.56 -92.97 16.99
C GLN U 237 85.84 -93.69 18.13
N LYS U 238 84.63 -94.18 17.89
CA LYS U 238 83.91 -94.91 18.93
C LYS U 238 84.66 -96.20 19.30
N GLU U 239 85.22 -96.88 18.30
CA GLU U 239 86.02 -98.07 18.60
C GLU U 239 87.24 -97.74 19.44
N LEU U 240 87.90 -96.62 19.14
CA LEU U 240 89.02 -96.19 19.97
C LEU U 240 88.58 -95.92 21.40
N TYR U 241 87.42 -95.30 21.58
CA TYR U 241 86.96 -95.02 22.93
C TYR U 241 86.73 -96.31 23.71
N ASP U 242 86.10 -97.31 23.07
CA ASP U 242 85.90 -98.59 23.73
C ASP U 242 87.24 -99.23 24.10
N GLN U 243 88.20 -99.21 23.19
CA GLN U 243 89.50 -99.81 23.47
C GLN U 243 90.20 -99.10 24.61
N GLN U 244 90.08 -97.77 24.68
CA GLN U 244 90.68 -97.03 25.78
C GLN U 244 90.07 -97.43 27.11
N ILE U 245 88.74 -97.60 27.14
CA ILE U 245 88.11 -98.02 28.39
C ILE U 245 88.65 -99.38 28.83
N THR U 246 88.73 -100.34 27.91
CA THR U 246 89.23 -101.66 28.30
C THR U 246 90.67 -101.59 28.76
N SER U 247 91.50 -100.77 28.10
CA SER U 247 92.90 -100.67 28.51
C SER U 247 93.02 -100.05 29.90
N TYR U 248 92.18 -99.06 30.22
CA TYR U 248 92.14 -98.52 31.56
C TYR U 248 91.90 -99.62 32.58
N LYS U 249 90.87 -100.45 32.34
CA LYS U 249 90.57 -101.52 33.28
C LYS U 249 91.75 -102.48 33.43
N ARG U 250 92.38 -102.85 32.31
CA ARG U 250 93.45 -103.83 32.36
C ARG U 250 94.65 -103.31 33.14
N ASP U 251 95.02 -102.05 32.93
CA ASP U 251 96.14 -101.48 33.68
C ASP U 251 95.81 -101.43 35.17
N ALA U 252 94.58 -101.05 35.51
CA ALA U 252 94.19 -101.00 36.91
C ALA U 252 94.34 -102.37 37.57
N GLU U 253 93.96 -103.43 36.86
CA GLU U 253 94.14 -104.78 37.42
C GLU U 253 95.63 -105.13 37.55
N VAL U 254 96.42 -104.81 36.53
CA VAL U 254 97.82 -105.25 36.48
C VAL U 254 98.60 -104.68 37.64
N LYS U 255 98.30 -103.44 38.03
CA LYS U 255 99.05 -102.84 39.14
C LYS U 255 98.92 -103.66 40.43
N ALA U 256 97.69 -104.01 40.81
CA ALA U 256 97.49 -104.79 42.04
C ALA U 256 98.06 -106.20 41.89
N ALA U 257 97.95 -106.78 40.69
CA ALA U 257 98.55 -108.09 40.49
C ALA U 257 100.04 -108.07 40.77
N LYS U 258 100.74 -107.04 40.27
CA LYS U 258 102.16 -106.91 40.56
C LYS U 258 102.40 -106.72 42.05
N LEU U 259 101.53 -105.95 42.70
CA LEU U 259 101.66 -105.72 44.14
C LEU U 259 101.67 -107.04 44.90
N PHE U 260 100.81 -107.98 44.53
CA PHE U 260 100.79 -109.27 45.21
C PHE U 260 101.98 -110.14 44.83
N THR U 261 102.33 -110.16 43.55
CA THR U 261 103.37 -111.08 43.10
C THR U 261 104.74 -110.72 43.67
N ASP U 262 104.99 -109.43 43.90
CA ASP U 262 106.27 -109.06 44.53
C ASP U 262 106.39 -109.66 45.92
N ALA U 263 105.32 -109.61 46.71
CA ALA U 263 105.34 -110.19 48.05
C ALA U 263 105.54 -111.70 47.97
N TRP U 264 104.89 -112.37 47.02
CA TRP U 264 105.11 -113.81 46.90
C TRP U 264 106.56 -114.12 46.55
N VAL U 265 107.17 -113.33 45.66
CA VAL U 265 108.56 -113.56 45.29
C VAL U 265 109.47 -113.39 46.50
N THR U 266 109.21 -112.37 47.32
CA THR U 266 110.00 -112.19 48.52
C THR U 266 109.86 -113.38 49.46
N GLN U 267 108.64 -113.88 49.63
CA GLN U 267 108.42 -115.05 50.47
C GLN U 267 109.20 -116.26 49.96
N LYS U 268 109.17 -116.47 48.64
CA LYS U 268 109.91 -117.59 48.06
C LYS U 268 111.41 -117.43 48.28
N THR U 269 111.92 -116.20 48.13
CA THR U 269 113.35 -115.96 48.29
C THR U 269 113.80 -116.24 49.72
N ILE U 270 113.01 -115.79 50.71
CA ILE U 270 113.43 -115.99 52.10
C ILE U 270 113.41 -117.47 52.47
N ASP U 271 112.34 -118.17 52.15
CA ASP U 271 112.16 -119.57 52.54
C ASP U 271 111.95 -120.41 51.28
N GLU U 272 112.92 -121.26 50.96
CA GLU U 272 112.80 -122.15 49.81
C GLU U 272 111.78 -123.26 50.09
N GLY U 273 111.47 -124.02 49.04
CA GLY U 273 110.57 -125.14 49.18
C GLY U 273 109.10 -124.80 49.13
N LEU U 274 108.73 -123.53 48.98
CA LEU U 274 107.34 -123.16 48.86
C LEU U 274 106.75 -123.72 47.58
N SER U 275 105.56 -124.32 47.70
CA SER U 275 104.88 -124.82 46.52
C SER U 275 104.39 -123.65 45.67
N PRO U 276 104.62 -123.69 44.35
CA PRO U 276 104.15 -122.61 43.50
C PRO U 276 102.63 -122.56 43.49
N PRO U 277 102.04 -121.37 43.28
CA PRO U 277 100.58 -121.24 43.39
C PRO U 277 99.80 -121.92 42.28
N ASN U 278 100.45 -122.72 41.43
CA ASN U 278 99.90 -123.43 40.28
C ASN U 278 99.70 -122.50 39.09
N GLY U 279 99.90 -121.19 39.26
CA GLY U 279 99.85 -120.27 38.15
C GLY U 279 101.21 -120.02 37.55
N PHE U 280 102.26 -120.44 38.27
CA PHE U 280 103.63 -120.30 37.80
C PHE U 280 104.24 -121.60 37.32
N THR U 281 103.44 -122.64 37.11
CA THR U 281 103.96 -123.90 36.62
C THR U 281 104.37 -123.77 35.15
N ASN U 282 104.86 -124.88 34.60
CA ASN U 282 105.36 -124.86 33.23
C ASN U 282 104.24 -124.80 32.22
N SER U 283 103.08 -125.38 32.53
CA SER U 283 101.99 -125.42 31.56
C SER U 283 101.41 -124.03 31.29
N SER U 284 101.11 -123.28 32.35
CA SER U 284 100.56 -121.94 32.18
C SER U 284 101.56 -121.02 31.47
N LEU U 285 102.84 -121.12 31.85
CA LEU U 285 103.85 -120.31 31.17
C LEU U 285 103.96 -120.69 29.70
N ASP U 286 103.88 -121.98 29.39
CA ASP U 286 103.94 -122.40 27.99
C ASP U 286 102.75 -121.86 27.21
N SER U 287 101.56 -121.89 27.80
CA SER U 287 100.39 -121.33 27.12
C SER U 287 100.56 -119.83 26.89
N ILE U 288 101.08 -119.11 27.89
CA ILE U 288 101.28 -117.67 27.74
C ILE U 288 102.29 -117.38 26.63
N LEU U 289 103.40 -118.12 26.60
CA LEU U 289 104.39 -117.91 25.56
C LEU U 289 103.86 -118.24 24.17
N THR U 290 103.07 -119.31 24.04
CA THR U 290 102.45 -119.61 22.75
C THR U 290 101.51 -118.49 22.32
N ALA U 291 100.75 -117.93 23.27
CA ALA U 291 99.87 -116.82 22.93
C ALA U 291 100.68 -115.61 22.45
N LEU U 292 101.78 -115.30 23.15
CA LEU U 292 102.61 -114.17 22.73
C LEU U 292 103.18 -114.41 21.33
N LYS U 293 103.66 -115.63 21.06
CA LYS U 293 104.23 -115.90 19.76
C LYS U 293 103.18 -115.83 18.66
N ASN U 294 101.99 -116.34 18.92
CA ASN U 294 100.95 -116.36 17.89
C ASN U 294 100.42 -114.96 17.60
N ASN U 295 100.17 -114.16 18.64
CA ASN U 295 99.56 -112.86 18.42
C ASN U 295 100.50 -111.90 17.70
N ASN U 296 101.78 -111.90 18.07
CA ASN U 296 102.75 -110.94 17.53
C ASN U 296 103.45 -111.48 16.28
N ALA U 297 102.85 -112.46 15.61
CA ALA U 297 103.40 -113.04 14.38
C ALA U 297 104.82 -113.58 14.61
N LEU U 298 104.89 -114.60 15.48
CA LEU U 298 106.15 -115.29 15.79
C LEU U 298 107.20 -114.32 16.32
N GLY U 299 106.82 -113.52 17.31
CA GLY U 299 107.75 -112.59 17.94
C GLY U 299 108.20 -111.48 17.01
N SER V 2 53.97 -13.66 7.76
CA SER V 2 53.40 -12.98 6.60
C SER V 2 54.45 -12.74 5.52
N CYS V 3 55.57 -12.14 5.92
CA CYS V 3 56.68 -11.75 5.05
C CYS V 3 56.31 -10.67 4.05
N GLY V 4 55.08 -10.16 4.10
CA GLY V 4 54.68 -9.05 3.25
C GLY V 4 54.70 -9.32 1.76
N ALA V 5 53.92 -10.31 1.32
CA ALA V 5 53.78 -10.53 -0.12
C ALA V 5 53.10 -9.34 -0.79
N GLU V 6 52.19 -8.67 -0.07
CA GLU V 6 51.48 -7.53 -0.62
C GLU V 6 52.43 -6.39 -0.94
N LEU V 7 53.41 -6.13 -0.08
CA LEU V 7 54.39 -5.08 -0.35
C LEU V 7 55.21 -5.41 -1.59
N GLU V 8 55.62 -6.67 -1.73
CA GLU V 8 56.36 -7.08 -2.92
C GLU V 8 55.54 -6.88 -4.17
N ALA V 9 54.25 -7.28 -4.15
CA ALA V 9 53.42 -7.11 -5.34
C ALA V 9 53.23 -5.64 -5.68
N ASN V 10 52.99 -4.80 -4.68
CA ASN V 10 52.81 -3.38 -4.95
C ASN V 10 54.07 -2.76 -5.53
N ALA V 11 55.23 -3.07 -4.95
CA ALA V 11 56.47 -2.53 -5.48
C ALA V 11 56.74 -3.02 -6.90
N LEU V 12 56.40 -4.28 -7.18
CA LEU V 12 56.64 -4.83 -8.51
C LEU V 12 55.77 -4.15 -9.56
N LEU V 13 54.49 -3.90 -9.25
CA LEU V 13 53.69 -3.13 -10.21
C LEU V 13 54.20 -1.70 -10.35
N THR V 14 54.60 -1.08 -9.25
CA THR V 14 55.10 0.29 -9.35
C THR V 14 56.31 0.35 -10.26
N ALA V 15 57.19 -0.65 -10.19
CA ALA V 15 58.41 -0.62 -10.99
C ALA V 15 58.16 -1.03 -12.44
N LEU V 16 57.33 -2.06 -12.66
CA LEU V 16 57.25 -2.67 -13.97
C LEU V 16 56.48 -1.85 -15.00
N VAL V 17 55.40 -1.17 -14.59
CA VAL V 17 54.57 -0.42 -15.53
C VAL V 17 54.91 1.07 -15.53
N ALA V 18 56.04 1.45 -14.97
CA ALA V 18 56.42 2.86 -14.92
C ALA V 18 56.73 3.38 -16.32
N GLY V 19 56.60 4.69 -16.48
CA GLY V 19 56.84 5.34 -17.75
C GLY V 19 55.62 5.57 -18.60
N GLU V 20 54.43 5.19 -18.13
CA GLU V 20 53.19 5.35 -18.87
C GLU V 20 52.10 5.87 -17.94
N ASP V 21 51.13 6.58 -18.51
CA ASP V 21 50.04 7.17 -17.75
C ASP V 21 48.74 6.47 -18.09
N PHE V 22 48.05 5.95 -17.07
CA PHE V 22 46.74 5.35 -17.22
C PHE V 22 45.82 5.93 -16.15
N THR V 23 44.98 6.88 -16.54
CA THR V 23 44.06 7.53 -15.62
C THR V 23 42.64 7.14 -15.99
N LEU V 24 41.92 6.57 -15.03
CA LEU V 24 40.57 6.12 -15.29
C LEU V 24 39.61 7.31 -15.31
N PRO V 25 38.47 7.18 -15.98
CA PRO V 25 37.51 8.29 -16.01
C PRO V 25 36.87 8.52 -14.65
N ASP V 26 36.39 9.74 -14.44
CA ASP V 26 35.83 10.17 -13.17
C ASP V 26 34.38 10.63 -13.29
N ILE V 27 33.55 9.88 -14.02
CA ILE V 27 32.14 10.24 -14.13
C ILE V 27 31.38 9.76 -12.90
N ASP V 28 30.51 10.62 -12.40
CA ASP V 28 29.60 10.29 -11.30
C ASP V 28 28.22 10.10 -11.91
N MET V 29 27.67 8.90 -11.77
CA MET V 29 26.45 8.53 -12.48
C MET V 29 25.21 8.54 -11.59
N SER V 30 25.20 9.33 -10.53
CA SER V 30 24.01 9.54 -9.72
C SER V 30 23.61 11.02 -9.65
N GLY V 31 24.02 11.82 -10.63
CA GLY V 31 23.92 13.26 -10.53
C GLY V 31 22.63 13.86 -11.06
N SER V 32 21.60 13.05 -11.27
CA SER V 32 20.27 13.44 -11.74
C SER V 32 20.27 13.80 -13.22
N GLU V 33 21.43 13.81 -13.88
CA GLU V 33 21.50 13.93 -15.33
C GLU V 33 21.35 12.59 -16.01
N TYR V 34 21.37 11.49 -15.26
CA TYR V 34 21.27 10.16 -15.81
C TYR V 34 19.97 9.46 -15.43
N ASP V 35 18.94 10.23 -15.07
CA ASP V 35 17.64 9.68 -14.68
C ASP V 35 16.57 10.28 -15.58
N ILE V 36 15.53 9.50 -15.82
CA ILE V 36 14.39 10.00 -16.60
C ILE V 36 13.77 11.16 -15.82
N PRO V 37 13.42 12.29 -16.48
CA PRO V 37 13.05 13.51 -15.76
C PRO V 37 12.08 13.35 -14.59
N GLY V 38 10.90 12.80 -14.82
CA GLY V 38 9.91 12.72 -13.77
C GLY V 38 9.90 11.38 -13.06
N GLY V 39 9.36 11.36 -11.85
CA GLY V 39 9.23 10.11 -11.11
C GLY V 39 7.97 9.37 -11.52
N ILE V 40 7.19 8.91 -10.53
CA ILE V 40 5.89 8.33 -10.81
C ILE V 40 4.94 9.35 -11.40
N ASN V 41 5.12 10.64 -11.07
CA ASN V 41 4.13 11.64 -11.44
C ASN V 41 4.36 12.23 -12.83
N SER V 42 5.27 11.68 -13.61
CA SER V 42 5.40 12.08 -15.01
C SER V 42 4.25 11.47 -15.81
N PRO V 43 3.91 12.07 -16.96
CA PRO V 43 2.80 11.53 -17.76
C PRO V 43 3.11 10.21 -18.44
N ILE V 44 4.33 9.69 -18.31
CA ILE V 44 4.65 8.38 -18.87
C ILE V 44 3.89 7.29 -18.12
N TYR V 45 3.69 7.46 -16.82
CA TYR V 45 3.10 6.43 -15.99
C TYR V 45 1.59 6.54 -15.85
N ALA V 46 0.95 7.50 -16.52
CA ALA V 46 -0.49 7.58 -16.49
C ALA V 46 -1.10 6.47 -17.34
N GLU V 47 -2.30 6.04 -16.95
CA GLU V 47 -2.99 4.99 -17.69
C GLU V 47 -3.44 5.50 -19.05
N ILE V 48 -3.47 4.60 -20.03
CA ILE V 48 -3.90 4.92 -21.39
C ILE V 48 -5.34 4.48 -21.54
N GLU V 49 -6.18 5.38 -22.05
CA GLU V 49 -7.59 5.11 -22.25
C GLU V 49 -7.83 4.64 -23.68
N LYS V 50 -8.75 3.70 -23.85
CA LYS V 50 -9.10 3.24 -25.18
C LYS V 50 -9.85 4.33 -25.93
N ILE V 51 -9.67 4.36 -27.24
CA ILE V 51 -10.32 5.36 -28.08
C ILE V 51 -11.71 4.88 -28.46
N THR V 52 -12.71 5.74 -28.29
CA THR V 52 -14.08 5.44 -28.64
C THR V 52 -14.63 6.55 -29.52
N THR V 53 -15.81 6.31 -30.10
CA THR V 53 -16.42 7.32 -30.96
C THR V 53 -16.85 8.54 -30.16
N GLU V 54 -17.11 8.37 -28.86
CA GLU V 54 -17.52 9.50 -28.04
C GLU V 54 -16.39 10.50 -27.88
N GLN V 55 -15.15 10.12 -28.19
CA GLN V 55 -14.06 11.07 -28.19
C GLN V 55 -13.96 11.81 -29.52
N LEU V 56 -14.58 11.25 -30.56
CA LEU V 56 -14.69 11.96 -31.83
C LEU V 56 -15.84 12.94 -31.81
N THR V 57 -17.07 12.43 -31.64
CA THR V 57 -18.26 13.26 -31.60
C THR V 57 -19.11 12.84 -30.41
N THR V 58 -19.59 13.81 -29.64
CA THR V 58 -20.56 13.55 -28.59
C THR V 58 -21.98 13.83 -29.04
N ARG V 59 -22.18 14.03 -30.34
CA ARG V 59 -23.50 14.25 -30.95
C ARG V 59 -24.18 15.51 -30.47
N GLU V 60 -23.42 16.48 -29.95
CA GLU V 60 -23.97 17.71 -29.43
C GLU V 60 -23.23 18.90 -30.02
N VAL V 61 -23.93 20.02 -30.12
CA VAL V 61 -23.31 21.24 -30.64
C VAL V 61 -22.28 21.77 -29.65
N GLY V 62 -22.38 21.36 -28.39
CA GLY V 62 -21.56 21.99 -27.36
C GLY V 62 -20.08 21.78 -27.54
N GLY V 63 -19.60 20.54 -27.40
CA GLY V 63 -18.18 20.32 -27.52
C GLY V 63 -17.78 18.97 -26.96
N SER V 64 -16.56 18.93 -26.42
CA SER V 64 -15.96 17.73 -25.85
C SER V 64 -15.70 16.67 -26.92
N GLY V 65 -15.42 17.13 -28.14
CA GLY V 65 -15.05 16.23 -29.22
C GLY V 65 -14.21 16.99 -30.21
N VAL V 66 -13.42 16.25 -31.00
CA VAL V 66 -12.55 16.90 -31.97
C VAL V 66 -13.37 17.56 -33.07
N PHE V 67 -14.35 16.83 -33.62
CA PHE V 67 -15.18 17.40 -34.67
C PHE V 67 -16.00 18.58 -34.14
N ASP V 68 -16.54 18.46 -32.93
CA ASP V 68 -17.34 19.54 -32.37
C ASP V 68 -16.50 20.79 -32.12
N ALA V 69 -15.28 20.62 -31.60
CA ALA V 69 -14.41 21.77 -31.38
C ALA V 69 -13.98 22.40 -32.70
N LEU V 70 -13.69 21.58 -33.70
CA LEU V 70 -13.34 22.10 -35.02
C LEU V 70 -14.48 22.91 -35.62
N MET V 71 -15.72 22.45 -35.47
CA MET V 71 -16.85 23.25 -35.93
C MET V 71 -17.04 24.53 -35.13
N GLN V 72 -16.88 24.46 -33.80
CA GLN V 72 -17.15 25.63 -32.98
C GLN V 72 -16.13 26.73 -33.23
N SER V 73 -14.87 26.37 -33.47
CA SER V 73 -13.88 27.41 -33.74
C SER V 73 -14.18 28.15 -35.04
N ALA V 74 -14.54 27.42 -36.09
CA ALA V 74 -14.90 28.06 -37.35
C ALA V 74 -16.15 28.93 -37.19
N SER V 75 -17.14 28.44 -36.45
CA SER V 75 -18.33 29.23 -36.21
C SER V 75 -18.00 30.51 -35.45
N ASN V 76 -17.11 30.42 -34.46
CA ASN V 76 -16.73 31.61 -33.71
C ASN V 76 -16.03 32.62 -34.60
N HIS V 77 -15.14 32.16 -35.48
CA HIS V 77 -14.46 33.09 -36.38
C HIS V 77 -15.44 33.78 -37.33
N LEU V 78 -16.36 33.00 -37.92
CA LEU V 78 -17.33 33.59 -38.83
C LEU V 78 -18.24 34.57 -38.10
N LEU V 79 -18.67 34.24 -36.88
CA LEU V 79 -19.51 35.16 -36.12
C LEU V 79 -18.74 36.41 -35.72
N ALA V 80 -17.44 36.27 -35.48
CA ALA V 80 -16.62 37.45 -35.18
C ALA V 80 -16.59 38.40 -36.38
N GLU V 81 -16.48 37.86 -37.59
CA GLU V 81 -16.60 38.72 -38.76
C GLU V 81 -18.02 39.23 -38.95
N PHE V 82 -19.01 38.47 -38.48
CA PHE V 82 -20.41 38.81 -38.71
C PHE V 82 -20.87 39.94 -37.79
N LYS V 83 -20.31 40.03 -36.59
CA LYS V 83 -20.71 41.08 -35.66
C LYS V 83 -20.28 42.45 -36.16
N ASN V 84 -19.10 42.53 -36.77
CA ASN V 84 -18.77 43.69 -37.59
C ASN V 84 -19.65 43.66 -38.83
N ASN V 85 -20.10 44.84 -39.27
CA ASN V 85 -21.05 44.93 -40.37
C ASN V 85 -20.34 44.64 -41.70
N ARG V 86 -20.01 43.37 -41.89
CA ARG V 86 -19.32 42.92 -43.09
C ARG V 86 -20.01 41.78 -43.81
N ILE V 87 -20.76 40.93 -43.11
CA ILE V 87 -21.58 39.91 -43.73
C ILE V 87 -22.94 39.87 -43.03
N THR V 88 -23.85 39.12 -43.63
CA THR V 88 -25.15 38.83 -43.05
C THR V 88 -25.22 37.37 -42.63
N GLY V 89 -26.39 36.95 -42.16
CA GLY V 89 -26.55 35.58 -41.70
C GLY V 89 -26.39 34.55 -42.80
N GLY V 90 -26.84 34.89 -44.02
CA GLY V 90 -26.79 33.94 -45.11
C GLY V 90 -25.37 33.54 -45.48
N ASP V 91 -24.46 34.52 -45.56
CA ASP V 91 -23.07 34.23 -45.87
C ASP V 91 -22.43 33.36 -44.80
N TYR V 92 -22.71 33.69 -43.53
CA TYR V 92 -22.19 32.89 -42.42
C TYR V 92 -22.67 31.45 -42.50
N VAL V 93 -23.96 31.25 -42.78
CA VAL V 93 -24.51 29.90 -42.86
C VAL V 93 -23.87 29.14 -44.02
N LYS V 94 -23.71 29.80 -45.16
CA LYS V 94 -23.12 29.12 -46.30
C LYS V 94 -21.69 28.68 -46.01
N ALA V 95 -20.89 29.56 -45.40
CA ALA V 95 -19.51 29.19 -45.07
C ALA V 95 -19.47 28.05 -44.06
N TYR V 96 -20.34 28.10 -43.05
CA TYR V 96 -20.42 27.03 -42.06
C TYR V 96 -20.72 25.69 -42.72
N ILE V 97 -21.75 25.65 -43.56
CA ILE V 97 -22.14 24.40 -44.22
C ILE V 97 -21.03 23.92 -45.13
N ALA V 98 -20.32 24.85 -45.79
CA ALA V 98 -19.22 24.46 -46.67
C ALA V 98 -18.09 23.78 -45.89
N THR V 99 -17.75 24.30 -44.70
CA THR V 99 -16.64 23.72 -43.96
C THR V 99 -17.05 22.44 -43.23
N MET V 100 -18.36 22.23 -43.04
CA MET V 100 -18.86 21.09 -42.28
C MET V 100 -18.29 19.74 -42.68
N GLU V 101 -17.68 19.64 -43.86
CA GLU V 101 -17.11 18.35 -44.26
C GLU V 101 -15.59 18.29 -44.05
N ALA V 102 -14.87 19.37 -44.34
CA ALA V 102 -13.45 19.39 -44.08
C ALA V 102 -13.16 19.25 -42.58
N CYS V 103 -14.05 19.79 -41.75
CA CYS V 103 -13.89 19.60 -40.31
C CYS V 103 -13.87 18.12 -39.94
N MET V 104 -14.82 17.35 -40.46
CA MET V 104 -14.85 15.91 -40.20
C MET V 104 -13.62 15.21 -40.77
N ALA V 105 -13.23 15.57 -41.99
CA ALA V 105 -12.10 14.91 -42.65
C ALA V 105 -10.82 15.09 -41.84
N ASN V 106 -10.63 16.28 -41.26
CA ASN V 106 -9.44 16.51 -40.45
C ASN V 106 -9.56 15.89 -39.06
N ALA V 107 -10.77 15.87 -38.51
CA ALA V 107 -10.95 15.31 -37.17
C ALA V 107 -10.70 13.82 -37.14
N VAL V 108 -11.00 13.13 -38.23
CA VAL V 108 -10.78 11.67 -38.27
C VAL V 108 -9.29 11.35 -38.21
N GLN V 109 -8.47 12.24 -38.77
CA GLN V 109 -7.02 12.04 -38.85
C GLN V 109 -6.26 12.54 -37.62
N PHE V 110 -6.74 13.60 -36.99
CA PHE V 110 -6.00 14.21 -35.89
C PHE V 110 -5.80 13.23 -34.74
N LEU V 111 -6.86 12.50 -34.39
CA LEU V 111 -6.77 11.56 -33.27
C LEU V 111 -5.69 10.51 -33.50
N THR V 112 -5.76 9.85 -34.66
CA THR V 112 -4.86 8.75 -34.94
C THR V 112 -3.41 9.22 -35.03
N THR V 113 -3.18 10.41 -35.60
CA THR V 113 -1.79 10.88 -35.69
C THR V 113 -1.28 11.38 -34.35
N LYS V 114 -2.15 12.01 -33.55
CA LYS V 114 -1.69 12.61 -32.30
C LYS V 114 -1.38 11.53 -31.26
N ASP V 115 -2.06 10.39 -31.33
CA ASP V 115 -1.79 9.37 -30.34
C ASP V 115 -0.39 8.76 -30.48
N GLN V 116 0.28 8.99 -31.61
CA GLN V 116 1.61 8.45 -31.90
C GLN V 116 2.69 9.52 -31.92
N ALA V 117 2.34 10.76 -32.30
CA ALA V 117 3.33 11.82 -32.33
C ALA V 117 3.96 12.05 -30.96
N TYR V 118 3.22 11.73 -29.89
CA TYR V 118 3.77 11.87 -28.55
C TYR V 118 4.66 10.69 -28.17
N TRP V 119 4.19 9.47 -28.42
CA TRP V 119 4.96 8.30 -27.99
C TRP V 119 6.20 8.10 -28.84
N ASN V 120 6.34 8.86 -29.92
CA ASN V 120 7.62 8.83 -30.64
C ASN V 120 8.67 9.76 -30.03
N ALA V 121 8.38 10.41 -28.91
CA ALA V 121 9.33 11.36 -28.31
C ALA V 121 9.88 10.88 -26.97
N VAL V 122 9.08 10.17 -26.17
CA VAL V 122 9.59 9.63 -24.92
C VAL V 122 10.70 8.61 -25.19
N THR V 123 10.56 7.85 -26.27
CA THR V 123 11.63 6.93 -26.66
C THR V 123 12.89 7.69 -27.03
N ALA V 124 12.74 8.87 -27.65
CA ALA V 124 13.92 9.67 -27.96
C ALA V 124 14.61 10.17 -26.69
N GLN V 125 13.84 10.65 -25.70
CA GLN V 125 14.48 11.00 -24.43
C GLN V 125 15.21 9.83 -23.82
N VAL V 126 14.55 8.68 -23.74
CA VAL V 126 15.17 7.52 -23.11
C VAL V 126 16.43 7.11 -23.85
N ALA V 127 16.40 7.17 -25.18
CA ALA V 127 17.59 6.82 -25.96
C ALA V 127 18.74 7.76 -25.67
N ALA V 128 18.48 9.07 -25.61
CA ALA V 128 19.56 10.01 -25.33
C ALA V 128 20.14 9.80 -23.93
N ILE V 129 19.27 9.56 -22.95
CA ILE V 129 19.73 9.42 -21.57
C ILE V 129 20.53 8.14 -21.39
N THR V 130 20.18 7.08 -22.12
CA THR V 130 21.02 5.88 -22.08
C THR V 130 22.30 6.07 -22.87
N ALA V 131 22.26 6.90 -23.91
CA ALA V 131 23.46 7.14 -24.71
C ALA V 131 24.52 7.91 -23.94
N ARG V 132 24.13 8.75 -22.99
CA ARG V 132 25.14 9.37 -22.13
C ARG V 132 25.95 8.30 -21.38
N ALA V 133 25.28 7.32 -20.78
CA ALA V 133 25.99 6.28 -20.05
C ALA V 133 26.83 5.41 -20.98
N ASN V 134 26.31 5.12 -22.17
CA ASN V 134 27.12 4.38 -23.15
C ASN V 134 28.38 5.15 -23.52
N LEU V 135 28.28 6.47 -23.63
CA LEU V 135 29.45 7.31 -23.89
C LEU V 135 30.45 7.19 -22.75
N GLY V 136 29.96 7.16 -21.51
CA GLY V 136 30.87 6.94 -20.39
C GLY V 136 31.59 5.61 -20.48
N ILE V 137 30.89 4.55 -20.86
CA ILE V 137 31.51 3.24 -21.00
C ILE V 137 32.57 3.26 -22.11
N ILE V 138 32.31 4.00 -23.19
CA ILE V 138 33.31 4.12 -24.25
C ILE V 138 34.57 4.79 -23.73
N LYS V 139 34.41 5.88 -22.98
CA LYS V 139 35.57 6.53 -22.36
C LYS V 139 36.34 5.55 -21.48
N ALA V 140 35.62 4.64 -20.82
CA ALA V 140 36.30 3.64 -20.00
C ALA V 140 37.06 2.63 -20.86
N ASN V 141 36.51 2.26 -22.01
CA ASN V 141 37.14 1.24 -22.85
C ASN V 141 38.39 1.74 -23.58
N PHE V 142 38.53 3.05 -23.74
CA PHE V 142 39.75 3.58 -24.35
C PHE V 142 41.02 3.08 -23.66
N VAL V 143 41.04 3.15 -22.32
CA VAL V 143 42.24 2.76 -21.58
C VAL V 143 42.52 1.27 -21.73
N THR V 144 41.45 0.45 -21.75
CA THR V 144 41.64 -0.98 -21.98
C THR V 144 42.27 -1.22 -23.34
N ALA V 145 41.87 -0.44 -24.35
CA ALA V 145 42.49 -0.58 -25.67
C ALA V 145 43.99 -0.30 -25.61
N LYS V 146 44.39 0.77 -24.95
CA LYS V 146 45.82 1.07 -24.87
C LYS V 146 46.60 -0.02 -24.13
N ILE V 147 46.05 -0.50 -23.01
CA ILE V 147 46.74 -1.54 -22.25
C ILE V 147 46.84 -2.83 -23.06
N GLN V 148 45.82 -3.14 -23.86
CA GLN V 148 45.89 -4.29 -24.74
C GLN V 148 47.03 -4.13 -25.75
N ALA V 149 47.21 -2.91 -26.26
CA ALA V 149 48.36 -2.67 -27.13
C ALA V 149 49.67 -3.05 -26.44
N LEU V 150 49.85 -2.60 -25.20
CA LEU V 150 51.10 -2.90 -24.51
C LEU V 150 51.27 -4.40 -24.24
N ALA V 151 50.19 -5.09 -23.87
CA ALA V 151 50.29 -6.52 -23.62
C ALA V 151 50.68 -7.30 -24.88
N THR V 152 50.07 -6.95 -26.01
CA THR V 152 50.48 -7.57 -27.27
C THR V 152 51.93 -7.24 -27.60
N LYS V 153 52.40 -6.07 -27.16
CA LYS V 153 53.82 -5.76 -27.33
C LYS V 153 54.71 -6.71 -26.53
N ALA V 154 54.28 -7.07 -25.32
CA ALA V 154 55.12 -7.92 -24.47
C ALA V 154 55.17 -9.37 -24.96
N GLU V 155 54.05 -9.88 -25.49
CA GLU V 155 54.05 -11.28 -25.94
C GLU V 155 55.05 -11.54 -27.08
N TYR V 156 55.31 -10.52 -27.89
CA TYR V 156 56.30 -10.63 -28.96
C TYR V 156 57.69 -10.94 -28.40
N ALA V 157 58.11 -10.22 -27.37
CA ALA V 157 59.39 -10.50 -26.73
C ALA V 157 59.39 -11.88 -26.10
N LEU V 158 58.27 -12.30 -25.51
CA LEU V 158 58.23 -13.67 -24.99
C LEU V 158 58.51 -14.70 -26.07
N THR V 159 57.88 -14.55 -27.24
CA THR V 159 58.11 -15.53 -28.31
C THR V 159 59.57 -15.51 -28.79
N LYS V 160 60.19 -14.33 -28.84
CA LYS V 160 61.60 -14.30 -29.22
C LYS V 160 62.48 -15.05 -28.21
N LEU V 161 62.24 -14.86 -26.92
CA LEU V 161 63.01 -15.62 -25.94
C LEU V 161 62.76 -17.12 -26.07
N LYS V 162 61.54 -17.50 -26.46
CA LYS V 162 61.28 -18.91 -26.69
C LYS V 162 62.12 -19.46 -27.84
N LEU V 163 62.29 -18.67 -28.91
CA LEU V 163 63.24 -19.04 -29.96
C LEU V 163 64.62 -19.30 -29.36
N SER V 164 65.06 -18.40 -28.49
CA SER V 164 66.39 -18.51 -27.91
C SER V 164 66.56 -19.82 -27.14
N ASN V 165 65.52 -20.25 -26.42
CA ASN V 165 65.62 -21.52 -25.70
C ASN V 165 65.53 -22.73 -26.63
N GLU V 166 64.73 -22.63 -27.70
CA GLU V 166 64.60 -23.74 -28.63
C GLU V 166 65.93 -24.08 -29.28
N SER V 167 66.74 -23.07 -29.59
CA SER V 167 68.03 -23.37 -30.21
C SER V 167 68.90 -24.23 -29.29
N VAL V 168 68.92 -23.92 -27.99
CA VAL V 168 69.73 -24.69 -27.06
C VAL V 168 69.18 -26.10 -26.90
N THR V 169 67.85 -26.24 -26.92
CA THR V 169 67.28 -27.59 -26.88
C THR V 169 67.78 -28.42 -28.06
N TYR V 170 67.80 -27.84 -29.26
CA TYR V 170 68.32 -28.56 -30.41
C TYR V 170 69.78 -28.92 -30.24
N CYS V 171 70.59 -27.99 -29.74
CA CYS V 171 72.01 -28.27 -29.59
C CYS V 171 72.26 -29.39 -28.59
N THR V 172 71.53 -29.38 -27.47
CA THR V 172 71.69 -30.45 -26.49
C THR V 172 71.29 -31.81 -27.06
N ALA V 173 70.18 -31.86 -27.80
CA ALA V 173 69.78 -33.12 -28.40
C ALA V 173 70.83 -33.63 -29.38
N GLN V 174 71.40 -32.73 -30.18
CA GLN V 174 72.43 -33.14 -31.13
C GLN V 174 73.67 -33.66 -30.42
N TYR V 175 74.09 -32.99 -29.34
CA TYR V 175 75.25 -33.48 -28.60
C TYR V 175 74.97 -34.87 -28.02
N ASN V 176 73.79 -35.06 -27.44
CA ASN V 176 73.47 -36.36 -26.85
C ASN V 176 73.49 -37.45 -27.89
N LEU V 177 72.95 -37.17 -29.09
CA LEU V 177 72.97 -38.17 -30.14
C LEU V 177 74.40 -38.47 -30.61
N SER V 178 75.22 -37.43 -30.78
CA SER V 178 76.50 -37.61 -31.44
C SER V 178 77.55 -38.21 -30.52
N SER V 179 77.54 -37.86 -29.24
CA SER V 179 78.68 -38.18 -28.37
C SER V 179 78.36 -38.99 -27.14
N MET V 180 77.09 -39.25 -26.82
CA MET V 180 76.76 -39.94 -25.57
C MET V 180 76.22 -41.35 -25.76
N LEU V 181 75.32 -41.55 -26.72
CA LEU V 181 74.73 -42.88 -26.88
C LEU V 181 75.74 -43.98 -27.22
N PRO V 182 76.70 -43.78 -28.14
CA PRO V 182 77.66 -44.86 -28.42
C PRO V 182 78.42 -45.33 -27.19
N GLN V 183 78.70 -44.44 -26.24
CA GLN V 183 79.37 -44.88 -25.02
C GLN V 183 78.48 -45.82 -24.21
N GLN V 184 77.18 -45.53 -24.16
CA GLN V 184 76.27 -46.44 -23.47
C GLN V 184 76.20 -47.79 -24.19
N LEU V 185 76.26 -47.77 -25.52
CA LEU V 185 76.28 -49.03 -26.26
C LEU V 185 77.54 -49.82 -25.92
N LEU V 186 78.68 -49.15 -25.81
CA LEU V 186 79.91 -49.85 -25.43
C LEU V 186 79.79 -50.43 -24.02
N MET V 187 79.14 -49.71 -23.11
CA MET V 187 78.95 -50.25 -21.77
C MET V 187 78.08 -51.51 -21.78
N LEU V 188 77.03 -51.53 -22.59
CA LEU V 188 76.23 -52.74 -22.72
C LEU V 188 77.06 -53.90 -23.27
N LYS V 189 77.86 -53.62 -24.30
CA LYS V 189 78.70 -54.67 -24.86
C LYS V 189 79.68 -55.20 -23.84
N ASN V 190 80.11 -54.35 -22.90
CA ASN V 190 80.99 -54.83 -21.84
C ASN V 190 80.23 -55.63 -20.79
N GLN V 191 78.97 -55.31 -20.56
CA GLN V 191 78.22 -55.99 -19.50
C GLN V 191 77.81 -57.40 -19.90
N THR V 192 77.51 -57.61 -21.18
CA THR V 192 77.07 -58.95 -21.60
C THR V 192 78.14 -60.00 -21.34
N THR V 193 79.40 -59.68 -21.63
CA THR V 193 80.48 -60.64 -21.43
C THR V 193 80.69 -60.94 -19.95
N GLN V 194 80.50 -59.93 -19.09
CA GLN V 194 80.57 -60.18 -17.66
C GLN V 194 79.48 -61.15 -17.22
N VAL V 195 78.28 -61.03 -17.80
CA VAL V 195 77.23 -62.00 -17.49
C VAL V 195 77.67 -63.40 -17.89
N ALA V 196 78.28 -63.54 -19.07
CA ALA V 196 78.76 -64.86 -19.49
C ALA V 196 79.79 -65.42 -18.51
N GLU V 197 80.72 -64.58 -18.06
CA GLU V 197 81.72 -65.04 -17.09
C GLU V 197 81.07 -65.48 -15.79
N GLN V 198 80.01 -64.78 -15.37
CA GLN V 198 79.30 -65.20 -14.16
C GLN V 198 78.67 -66.57 -14.34
N THR V 199 78.12 -66.85 -15.52
CA THR V 199 77.59 -68.19 -15.76
C THR V 199 78.70 -69.24 -15.66
N LYS V 200 79.88 -68.92 -16.17
CA LYS V 200 80.99 -69.87 -16.06
C LYS V 200 81.38 -70.13 -14.60
N LEU V 201 81.42 -69.08 -13.77
CA LEU V 201 81.64 -69.31 -12.34
C LEU V 201 80.57 -70.21 -11.74
N THR V 202 79.31 -70.01 -12.12
CA THR V 202 78.25 -70.84 -11.55
C THR V 202 78.45 -72.31 -11.91
N THR V 203 78.84 -72.60 -13.16
CA THR V 203 79.10 -73.99 -13.52
C THR V 203 80.28 -74.56 -12.73
N GLU V 204 81.33 -73.77 -12.54
CA GLU V 204 82.48 -74.30 -11.81
C GLU V 204 82.13 -74.58 -10.34
N GLN V 205 81.33 -73.71 -9.73
CA GLN V 205 80.88 -73.96 -8.36
C GLN V 205 79.96 -75.17 -8.29
N ILE V 206 79.18 -75.40 -9.35
CA ILE V 206 78.44 -76.66 -9.46
C ILE V 206 79.38 -77.83 -9.33
N ASN V 207 80.51 -77.78 -10.05
CA ASN V 207 81.48 -78.87 -9.97
C ASN V 207 82.11 -78.99 -8.59
N MET V 208 82.33 -77.87 -7.89
CA MET V 208 83.01 -77.93 -6.59
C MET V 208 82.12 -78.47 -5.47
N THR V 209 80.84 -78.07 -5.43
CA THR V 209 80.01 -78.47 -4.30
C THR V 209 79.75 -79.97 -4.29
N LYS V 210 79.86 -80.64 -5.44
CA LYS V 210 79.80 -82.10 -5.45
C LYS V 210 80.95 -82.70 -4.64
N GLU V 211 82.15 -82.17 -4.82
CA GLU V 211 83.29 -82.67 -4.05
C GLU V 211 83.12 -82.37 -2.58
N GLN V 212 82.60 -81.19 -2.24
CA GLN V 212 82.30 -80.91 -0.83
C GLN V 212 81.32 -81.94 -0.27
N LYS V 213 80.27 -82.26 -1.04
CA LYS V 213 79.26 -83.20 -0.59
C LYS V 213 79.85 -84.57 -0.34
N GLU V 214 80.70 -85.05 -1.24
CA GLU V 214 81.28 -86.38 -1.06
C GLU V 214 82.27 -86.39 0.10
N ALA V 215 83.03 -85.30 0.28
CA ALA V 215 83.96 -85.22 1.40
C ALA V 215 83.23 -85.30 2.73
N GLN V 216 82.05 -84.69 2.83
CA GLN V 216 81.28 -84.83 4.06
C GLN V 216 80.56 -86.16 4.13
N ARG V 217 80.23 -86.75 2.98
CA ARG V 217 79.64 -88.09 2.97
C ARG V 217 80.59 -89.11 3.58
N ALA V 218 81.90 -88.88 3.42
CA ALA V 218 82.87 -89.85 3.93
C ALA V 218 82.84 -89.97 5.45
N GLN V 219 82.16 -89.05 6.13
CA GLN V 219 82.20 -89.04 7.60
C GLN V 219 81.17 -89.98 8.22
N THR V 220 80.27 -90.54 7.41
CA THR V 220 79.27 -91.45 7.97
C THR V 220 79.33 -92.82 7.33
N SER V 221 79.52 -92.89 6.01
CA SER V 221 79.51 -94.16 5.30
C SER V 221 80.82 -94.37 4.58
N ASP V 222 81.19 -95.64 4.43
CA ASP V 222 82.46 -95.99 3.78
C ASP V 222 82.39 -95.75 2.28
N THR V 223 81.32 -96.21 1.63
CA THR V 223 81.19 -96.06 0.20
C THR V 223 81.00 -94.59 -0.17
N ARG V 224 81.47 -94.23 -1.36
CA ARG V 224 81.46 -92.85 -1.82
C ARG V 224 80.46 -92.73 -2.97
N THR V 225 79.20 -92.47 -2.64
CA THR V 225 78.13 -92.25 -3.61
C THR V 225 78.02 -93.40 -4.61
N ASP V 226 78.72 -93.28 -5.74
CA ASP V 226 78.57 -94.23 -6.83
C ASP V 226 78.93 -95.65 -6.40
N GLY V 227 79.74 -95.80 -5.35
CA GLY V 227 79.99 -97.11 -4.81
C GLY V 227 81.45 -97.51 -4.74
N THR V 228 82.35 -96.53 -4.70
CA THR V 228 83.77 -96.79 -4.51
C THR V 228 84.16 -96.44 -3.09
N ARG V 229 85.19 -97.13 -2.59
CA ARG V 229 85.65 -96.90 -1.23
C ARG V 229 86.37 -95.56 -1.12
N VAL V 230 86.25 -94.94 0.06
CA VAL V 230 87.08 -93.78 0.35
C VAL V 230 88.52 -94.23 0.51
N ALA V 231 89.43 -93.53 -0.17
CA ALA V 231 90.79 -94.03 -0.32
C ALA V 231 91.88 -93.01 -0.07
N GLY V 232 91.55 -91.75 0.17
CA GLY V 232 92.59 -90.75 0.38
C GLY V 232 92.44 -90.02 1.69
N SER V 233 93.56 -89.76 2.37
CA SER V 233 93.56 -88.97 3.60
C SER V 233 92.73 -89.63 4.70
N VAL V 234 91.41 -89.73 4.48
CA VAL V 234 90.54 -90.33 5.49
C VAL V 234 90.86 -91.82 5.68
N GLY V 235 91.10 -92.53 4.58
CA GLY V 235 91.43 -93.94 4.70
C GLY V 235 92.67 -94.18 5.55
N LYS V 236 93.67 -93.31 5.41
CA LYS V 236 94.87 -93.44 6.24
C LYS V 236 94.56 -93.21 7.70
N GLN V 237 93.66 -92.26 8.01
CA GLN V 237 93.27 -92.05 9.39
C GLN V 237 92.58 -93.28 9.97
N LYS V 238 91.70 -93.91 9.19
CA LYS V 238 91.03 -95.12 9.67
C LYS V 238 92.04 -96.25 9.88
N GLU V 239 93.02 -96.37 8.98
CA GLU V 239 94.06 -97.38 9.17
C GLU V 239 94.87 -97.11 10.44
N LEU V 240 95.21 -95.85 10.71
CA LEU V 240 95.89 -95.52 11.95
C LEU V 240 95.06 -95.91 13.16
N TYR V 241 93.76 -95.64 13.13
CA TYR V 241 92.93 -95.98 14.28
C TYR V 241 92.92 -97.49 14.52
N ASP V 242 92.80 -98.27 13.46
CA ASP V 242 92.82 -99.72 13.61
C ASP V 242 94.16 -100.19 14.19
N GLN V 243 95.26 -99.64 13.68
CA GLN V 243 96.57 -100.04 14.19
C GLN V 243 96.74 -99.67 15.65
N GLN V 244 96.22 -98.51 16.05
CA GLN V 244 96.30 -98.11 17.45
C GLN V 244 95.53 -99.07 18.34
N ILE V 245 94.36 -99.52 17.89
CA ILE V 245 93.60 -100.50 18.67
C ILE V 245 94.42 -101.77 18.88
N THR V 246 95.00 -102.30 17.79
CA THR V 246 95.77 -103.53 17.92
C THR V 246 96.97 -103.33 18.86
N SER V 247 97.65 -102.18 18.75
CA SER V 247 98.80 -101.93 19.61
C SER V 247 98.39 -101.85 21.08
N TYR V 248 97.22 -101.24 21.35
CA TYR V 248 96.70 -101.24 22.72
C TYR V 248 96.57 -102.67 23.25
N LYS V 249 95.95 -103.54 22.47
CA LYS V 249 95.78 -104.92 22.92
C LYS V 249 97.12 -105.60 23.17
N ARG V 250 98.07 -105.41 22.26
CA ARG V 250 99.35 -106.09 22.38
C ARG V 250 100.11 -105.64 23.63
N ASP V 251 100.12 -104.33 23.89
CA ASP V 251 100.80 -103.85 25.10
C ASP V 251 100.13 -104.38 26.36
N ALA V 252 98.80 -104.41 26.36
CA ALA V 252 98.09 -104.95 27.52
C ALA V 252 98.47 -106.39 27.80
N GLU V 253 98.62 -107.20 26.75
CA GLU V 253 99.06 -108.58 26.96
C GLU V 253 100.51 -108.64 27.45
N VAL V 254 101.37 -107.81 26.88
CA VAL V 254 102.80 -107.89 27.17
C VAL V 254 103.07 -107.59 28.65
N LYS V 255 102.30 -106.67 29.23
CA LYS V 255 102.52 -106.35 30.64
C LYS V 255 102.38 -107.58 31.54
N ALA V 256 101.25 -108.30 31.41
CA ALA V 256 101.05 -109.50 32.24
C ALA V 256 102.06 -110.59 31.89
N ALA V 257 102.41 -110.71 30.61
CA ALA V 257 103.42 -111.71 30.25
C ALA V 257 104.74 -111.44 30.97
N LYS V 258 105.16 -110.17 31.02
CA LYS V 258 106.37 -109.82 31.77
C LYS V 258 106.20 -110.12 33.24
N LEU V 259 105.01 -109.87 33.77
CA LEU V 259 104.74 -110.14 35.18
C LEU V 259 104.99 -111.60 35.52
N PHE V 260 104.60 -112.52 34.64
CA PHE V 260 104.87 -113.94 34.87
C PHE V 260 106.34 -114.29 34.64
N THR V 261 106.94 -113.72 33.58
CA THR V 261 108.29 -114.10 33.20
C THR V 261 109.31 -113.73 34.28
N ASP V 262 109.14 -112.57 34.92
CA ASP V 262 110.09 -112.17 35.96
C ASP V 262 110.07 -113.15 37.13
N ALA V 263 108.88 -113.62 37.53
CA ALA V 263 108.80 -114.59 38.61
C ALA V 263 109.46 -115.90 38.22
N TRP V 264 109.28 -116.35 36.98
CA TRP V 264 109.97 -117.57 36.58
C TRP V 264 111.48 -117.38 36.60
N VAL V 265 111.96 -116.20 36.20
CA VAL V 265 113.40 -115.95 36.21
C VAL V 265 113.94 -116.02 37.63
N THR V 266 113.22 -115.43 38.59
CA THR V 266 113.64 -115.51 39.99
C THR V 266 113.66 -116.96 40.47
N GLN V 267 112.63 -117.74 40.10
CA GLN V 267 112.60 -119.15 40.48
C GLN V 267 113.81 -119.89 39.94
N LYS V 268 114.16 -119.65 38.67
CA LYS V 268 115.32 -120.31 38.09
C LYS V 268 116.60 -119.91 38.80
N THR V 269 116.73 -118.62 39.14
CA THR V 269 117.93 -118.16 39.84
C THR V 269 118.07 -118.84 41.19
N ILE V 270 116.98 -118.94 41.94
CA ILE V 270 117.07 -119.52 43.28
C ILE V 270 117.40 -121.01 43.22
N ASP V 271 116.67 -121.77 42.38
CA ASP V 271 116.84 -123.21 42.28
C ASP V 271 117.24 -123.57 40.86
N GLU V 272 118.39 -124.20 40.69
CA GLU V 272 118.81 -124.68 39.39
C GLU V 272 118.11 -125.99 39.05
N GLY V 273 118.20 -126.38 37.78
CA GLY V 273 117.64 -127.63 37.33
C GLY V 273 116.17 -127.60 36.99
N LEU V 274 115.51 -126.46 37.10
CA LEU V 274 114.11 -126.36 36.71
C LEU V 274 113.96 -126.53 35.20
N SER V 275 112.97 -127.32 34.82
CA SER V 275 112.75 -127.58 33.40
C SER V 275 112.14 -126.34 32.73
N PRO V 276 112.75 -125.86 31.64
CA PRO V 276 112.16 -124.73 30.92
C PRO V 276 110.82 -125.13 30.31
N PRO V 277 109.91 -124.17 30.13
CA PRO V 277 108.54 -124.52 29.71
C PRO V 277 108.40 -124.86 28.23
N ASN V 278 109.49 -125.14 27.52
CA ASN V 278 109.59 -125.40 26.09
C ASN V 278 109.48 -124.13 25.26
N GLY V 279 109.21 -122.99 25.88
CA GLY V 279 109.18 -121.74 25.16
C GLY V 279 110.54 -121.09 25.10
N PHE V 280 111.43 -121.51 26.00
CA PHE V 280 112.78 -120.96 26.07
C PHE V 280 113.82 -121.90 25.49
N THR V 281 113.42 -122.93 24.77
CA THR V 281 114.37 -123.81 24.11
C THR V 281 115.00 -123.09 22.92
N ASN V 282 115.91 -123.79 22.24
CA ASN V 282 116.67 -123.16 21.17
C ASN V 282 115.82 -122.99 19.91
N SER V 283 114.88 -123.89 19.66
CA SER V 283 114.10 -123.84 18.42
C SER V 283 113.21 -122.61 18.37
N SER V 284 112.42 -122.37 19.42
CA SER V 284 111.52 -121.23 19.42
C SER V 284 112.29 -119.92 19.40
N LEU V 285 113.39 -119.85 20.15
CA LEU V 285 114.21 -118.64 20.13
C LEU V 285 114.82 -118.41 18.76
N ASP V 286 115.25 -119.48 18.08
CA ASP V 286 115.78 -119.33 16.73
C ASP V 286 114.71 -118.79 15.79
N SER V 287 113.48 -119.29 15.92
CA SER V 287 112.39 -118.77 15.08
C SER V 287 112.15 -117.29 15.38
N ILE V 288 112.19 -116.90 16.65
CA ILE V 288 111.98 -115.51 17.02
C ILE V 288 113.06 -114.62 16.41
N LEU V 289 114.33 -115.04 16.52
CA LEU V 289 115.41 -114.24 15.96
C LEU V 289 115.37 -114.16 14.44
N THR V 290 115.02 -115.25 13.75
CA THR V 290 114.95 -115.15 12.30
C THR V 290 113.77 -114.28 11.88
N ALA V 291 112.68 -114.29 12.65
CA ALA V 291 111.58 -113.35 12.37
C ALA V 291 112.02 -111.91 12.54
N LEU V 292 112.75 -111.62 13.62
CA LEU V 292 113.26 -110.26 13.82
C LEU V 292 114.19 -109.85 12.68
N LYS V 293 115.08 -110.75 12.26
CA LYS V 293 116.01 -110.42 11.19
C LYS V 293 115.27 -110.17 9.88
N ASN V 294 114.25 -110.99 9.59
CA ASN V 294 113.52 -110.84 8.33
C ASN V 294 112.70 -109.57 8.30
N ASN V 295 111.99 -109.25 9.40
CA ASN V 295 111.09 -108.11 9.38
C ASN V 295 111.83 -106.78 9.27
N ASN V 296 112.93 -106.64 10.00
CA ASN V 296 113.65 -105.37 10.09
C ASN V 296 114.77 -105.25 9.06
N ALA V 297 114.71 -106.02 7.97
CA ALA V 297 115.71 -105.98 6.91
C ALA V 297 117.11 -106.23 7.44
N LEU V 298 117.31 -107.45 7.96
CA LEU V 298 118.60 -107.90 8.49
C LEU V 298 119.06 -107.02 9.65
N GLY V 299 118.24 -106.94 10.69
CA GLY V 299 118.58 -106.18 11.88
C GLY V 299 118.63 -104.69 11.64
N SER W 2 41.54 -23.20 13.23
CA SER W 2 41.04 -22.48 12.06
C SER W 2 42.13 -21.63 11.44
N CYS W 3 42.91 -20.95 12.29
CA CYS W 3 43.99 -20.04 11.92
C CYS W 3 43.49 -18.79 11.19
N GLY W 4 42.19 -18.62 11.03
CA GLY W 4 41.65 -17.43 10.44
C GLY W 4 42.08 -17.17 9.00
N ALA W 5 41.79 -18.11 8.10
CA ALA W 5 42.07 -17.88 6.69
C ALA W 5 41.24 -16.73 6.14
N GLU W 6 40.01 -16.59 6.64
CA GLU W 6 39.14 -15.51 6.20
C GLU W 6 39.72 -14.15 6.56
N LEU W 7 40.31 -14.02 7.75
CA LEU W 7 40.91 -12.74 8.14
C LEU W 7 42.08 -12.39 7.24
N GLU W 8 42.93 -13.37 6.92
CA GLU W 8 44.04 -13.12 6.00
C GLU W 8 43.54 -12.71 4.62
N ALA W 9 42.50 -13.39 4.13
CA ALA W 9 41.94 -13.03 2.82
C ALA W 9 41.41 -11.61 2.82
N ASN W 10 40.67 -11.22 3.87
CA ASN W 10 40.13 -9.87 3.93
C ASN W 10 41.24 -8.83 3.99
N ALA W 11 42.24 -9.05 4.83
CA ALA W 11 43.35 -8.09 4.94
C ALA W 11 44.10 -7.97 3.62
N LEU W 12 44.38 -9.09 2.97
CA LEU W 12 45.10 -9.05 1.70
C LEU W 12 44.31 -8.32 0.63
N LEU W 13 43.00 -8.58 0.55
CA LEU W 13 42.19 -7.90 -0.45
C LEU W 13 42.13 -6.40 -0.18
N THR W 14 42.01 -6.01 1.09
CA THR W 14 41.98 -4.60 1.42
C THR W 14 43.30 -3.92 1.08
N ALA W 15 44.42 -4.61 1.32
CA ALA W 15 45.72 -3.99 1.10
C ALA W 15 46.08 -3.92 -0.39
N LEU W 16 45.69 -4.94 -1.17
CA LEU W 16 46.15 -5.02 -2.55
C LEU W 16 45.43 -4.06 -3.49
N VAL W 17 44.15 -3.78 -3.26
CA VAL W 17 43.37 -2.95 -4.18
C VAL W 17 43.24 -1.52 -3.68
N ALA W 18 43.97 -1.15 -2.63
CA ALA W 18 43.85 0.19 -2.07
C ALA W 18 44.40 1.23 -3.05
N GLY W 19 43.87 2.44 -2.93
CA GLY W 19 44.25 3.53 -3.80
C GLY W 19 43.28 3.82 -4.92
N GLU W 20 42.15 3.13 -4.97
CA GLU W 20 41.13 3.34 -5.99
C GLU W 20 39.75 3.20 -5.36
N ASP W 21 38.77 3.86 -5.97
CA ASP W 21 37.40 3.88 -5.46
C ASP W 21 36.49 3.10 -6.42
N PHE W 22 35.84 2.06 -5.90
CA PHE W 22 34.85 1.29 -6.65
C PHE W 22 33.58 1.23 -5.84
N THR W 23 32.59 2.03 -6.21
CA THR W 23 31.33 2.10 -5.49
C THR W 23 30.21 1.63 -6.40
N LEU W 24 29.50 0.60 -5.97
CA LEU W 24 28.41 0.05 -6.77
C LEU W 24 27.21 0.99 -6.72
N PRO W 25 26.35 0.94 -7.74
CA PRO W 25 25.15 1.79 -7.73
C PRO W 25 24.17 1.35 -6.65
N ASP W 26 23.32 2.29 -6.24
CA ASP W 26 22.36 2.07 -5.16
C ASP W 26 20.91 2.19 -5.61
N ILE W 27 20.57 1.63 -6.77
CA ILE W 27 19.18 1.66 -7.22
C ILE W 27 18.38 0.60 -6.48
N ASP W 28 17.14 0.95 -6.12
CA ASP W 28 16.19 0.02 -5.53
C ASP W 28 15.14 -0.26 -6.61
N MET W 29 15.07 -1.50 -7.06
CA MET W 29 14.25 -1.87 -8.21
C MET W 29 12.87 -2.38 -7.82
N SER W 30 12.37 -2.00 -6.64
CA SER W 30 11.01 -2.32 -6.23
C SER W 30 10.19 -1.08 -5.90
N GLY W 31 10.59 0.08 -6.43
CA GLY W 31 10.02 1.34 -5.98
C GLY W 31 8.76 1.77 -6.72
N SER W 32 8.13 0.88 -7.48
CA SER W 32 6.90 1.08 -8.25
C SER W 32 7.14 1.95 -9.49
N GLU W 33 8.35 2.48 -9.68
CA GLU W 33 8.71 3.12 -10.94
C GLU W 33 9.08 2.11 -12.01
N TYR W 34 9.24 0.84 -11.64
CA TYR W 34 9.65 -0.21 -12.57
C TYR W 34 8.55 -1.23 -12.80
N ASP W 35 7.29 -0.85 -12.58
CA ASP W 35 6.16 -1.74 -12.79
C ASP W 35 5.18 -1.10 -13.76
N ILE W 36 4.52 -1.95 -14.55
CA ILE W 36 3.49 -1.44 -15.46
C ILE W 36 2.38 -0.82 -14.63
N PRO W 37 1.89 0.39 -14.98
CA PRO W 37 1.02 1.15 -14.06
C PRO W 37 -0.10 0.39 -13.38
N GLY W 38 -0.98 -0.25 -14.14
CA GLY W 38 -2.17 -0.83 -13.55
C GLY W 38 -2.01 -2.25 -13.07
N GLY W 39 -2.94 -2.71 -12.24
CA GLY W 39 -2.96 -4.10 -11.82
C GLY W 39 -3.69 -4.96 -12.84
N ILE W 40 -4.63 -5.78 -12.39
CA ILE W 40 -5.49 -6.50 -13.32
C ILE W 40 -6.56 -5.57 -13.88
N ASN W 41 -6.82 -4.45 -13.21
CA ASN W 41 -7.92 -3.59 -13.60
C ASN W 41 -7.59 -2.70 -14.81
N SER W 42 -6.33 -2.64 -15.23
CA SER W 42 -5.98 -1.81 -16.37
C SER W 42 -6.58 -2.40 -17.64
N PRO W 43 -6.88 -1.57 -18.64
CA PRO W 43 -7.52 -2.08 -19.87
C PRO W 43 -6.63 -2.98 -20.71
N ILE W 44 -5.37 -3.19 -20.31
CA ILE W 44 -4.52 -4.13 -21.03
C ILE W 44 -5.06 -5.55 -20.92
N TYR W 45 -5.67 -5.87 -19.78
CA TYR W 45 -6.15 -7.22 -19.51
C TYR W 45 -7.60 -7.43 -19.89
N ALA W 46 -8.25 -6.45 -20.50
CA ALA W 46 -9.64 -6.61 -20.92
C ALA W 46 -9.72 -7.44 -22.19
N GLU W 47 -10.84 -8.15 -22.34
CA GLU W 47 -11.07 -8.95 -23.53
C GLU W 47 -11.22 -8.06 -24.76
N ILE W 48 -10.63 -8.51 -25.88
CA ILE W 48 -10.71 -7.80 -27.15
C ILE W 48 -11.90 -8.32 -27.92
N GLU W 49 -12.72 -7.40 -28.44
CA GLU W 49 -13.91 -7.75 -29.20
C GLU W 49 -13.61 -7.73 -30.69
N LYS W 50 -14.14 -8.71 -31.40
CA LYS W 50 -13.96 -8.76 -32.84
C LYS W 50 -14.76 -7.64 -33.50
N ILE W 51 -14.31 -7.22 -34.69
CA ILE W 51 -15.01 -6.20 -35.44
C ILE W 51 -16.09 -6.86 -36.29
N THR W 52 -17.32 -6.37 -36.15
CA THR W 52 -18.46 -6.88 -36.90
C THR W 52 -19.20 -5.72 -37.53
N THR W 53 -20.05 -6.03 -38.52
CA THR W 53 -20.75 -4.99 -39.24
C THR W 53 -21.76 -4.28 -38.35
N GLU W 54 -22.17 -4.91 -37.25
CA GLU W 54 -23.04 -4.24 -36.30
C GLU W 54 -22.33 -3.09 -35.60
N GLN W 55 -21.00 -3.11 -35.56
CA GLN W 55 -20.26 -2.00 -34.98
C GLN W 55 -20.17 -0.83 -35.95
N LEU W 56 -20.10 -1.13 -37.25
CA LEU W 56 -20.06 -0.06 -38.24
C LEU W 56 -21.41 0.64 -38.36
N THR W 57 -22.49 -0.14 -38.45
CA THR W 57 -23.82 0.44 -38.52
C THR W 57 -24.85 -0.61 -38.07
N THR W 58 -25.84 -0.16 -37.30
CA THR W 58 -26.89 -1.04 -36.79
C THR W 58 -28.18 -0.94 -37.59
N ARG W 59 -28.15 -0.31 -38.77
CA ARG W 59 -29.29 -0.18 -39.65
C ARG W 59 -30.41 0.66 -39.04
N GLU W 60 -30.12 1.45 -38.02
CA GLU W 60 -31.13 2.23 -37.32
C GLU W 60 -30.73 3.70 -37.29
N VAL W 61 -31.74 4.57 -37.27
CA VAL W 61 -31.49 6.00 -37.22
C VAL W 61 -30.95 6.41 -35.86
N GLY W 62 -31.17 5.56 -34.84
CA GLY W 62 -30.84 5.96 -33.49
C GLY W 62 -29.35 6.15 -33.26
N GLY W 63 -28.57 5.08 -33.31
CA GLY W 63 -27.15 5.22 -33.04
C GLY W 63 -26.51 3.87 -32.78
N SER W 64 -25.53 3.89 -31.87
CA SER W 64 -24.75 2.71 -31.48
C SER W 64 -23.91 2.19 -32.64
N GLY W 65 -23.52 3.10 -33.53
CA GLY W 65 -22.63 2.76 -34.63
C GLY W 65 -21.86 3.99 -35.05
N VAL W 66 -20.70 3.76 -35.65
CA VAL W 66 -19.85 4.89 -36.05
C VAL W 66 -20.51 5.69 -37.16
N PHE W 67 -21.04 5.02 -38.17
CA PHE W 67 -21.73 5.71 -39.25
C PHE W 67 -22.97 6.44 -38.74
N ASP W 68 -23.74 5.79 -37.87
CA ASP W 68 -24.94 6.42 -37.33
C ASP W 68 -24.60 7.65 -36.49
N ALA W 69 -23.55 7.57 -35.67
CA ALA W 69 -23.15 8.72 -34.87
C ALA W 69 -22.63 9.86 -35.74
N LEU W 70 -21.85 9.52 -36.77
CA LEU W 70 -21.36 10.54 -37.69
C LEU W 70 -22.50 11.23 -38.42
N MET W 71 -23.58 10.52 -38.74
CA MET W 71 -24.72 11.18 -39.35
C MET W 71 -25.51 12.02 -38.34
N GLN W 72 -25.67 11.51 -37.11
CA GLN W 72 -26.47 12.22 -36.14
C GLN W 72 -25.82 13.53 -35.71
N SER W 73 -24.49 13.55 -35.61
CA SER W 73 -23.83 14.79 -35.22
C SER W 73 -24.02 15.88 -36.29
N ALA W 74 -23.88 15.52 -37.56
CA ALA W 74 -24.11 16.48 -38.63
C ALA W 74 -25.56 16.94 -38.65
N SER W 75 -26.51 16.02 -38.45
CA SER W 75 -27.91 16.40 -38.40
C SER W 75 -28.17 17.35 -37.25
N ASN W 76 -27.54 17.13 -36.10
CA ASN W 76 -27.73 18.01 -34.95
C ASN W 76 -27.17 19.40 -35.22
N HIS W 77 -26.00 19.48 -35.86
CA HIS W 77 -25.46 20.79 -36.20
C HIS W 77 -26.38 21.55 -37.16
N LEU W 78 -26.84 20.86 -38.21
CA LEU W 78 -27.72 21.53 -39.17
C LEU W 78 -29.04 21.94 -38.52
N LEU W 79 -29.59 21.10 -37.63
CA LEU W 79 -30.84 21.46 -36.97
C LEU W 79 -30.64 22.62 -36.00
N ALA W 80 -29.47 22.69 -35.36
CA ALA W 80 -29.17 23.84 -34.51
C ALA W 80 -29.14 25.12 -35.31
N GLU W 81 -28.60 25.06 -36.52
CA GLU W 81 -28.65 26.24 -37.39
C GLU W 81 -30.07 26.49 -37.92
N PHE W 82 -30.87 25.42 -38.01
CA PHE W 82 -32.20 25.51 -38.59
C PHE W 82 -33.20 26.14 -37.62
N LYS W 83 -33.05 25.86 -36.33
CA LYS W 83 -33.99 26.43 -35.35
C LYS W 83 -33.85 27.94 -35.27
N ASN W 84 -32.62 28.45 -35.39
CA ASN W 84 -32.45 29.86 -35.69
C ASN W 84 -32.95 30.13 -37.10
N ASN W 85 -33.58 31.30 -37.27
CA ASN W 85 -34.17 31.63 -38.56
C ASN W 85 -33.08 31.96 -39.58
N ARG W 86 -32.39 30.92 -40.03
CA ARG W 86 -31.31 31.07 -41.00
C ARG W 86 -31.45 30.17 -42.22
N ILE W 87 -32.04 28.98 -42.08
CA ILE W 87 -32.33 28.12 -43.21
C ILE W 87 -33.73 27.53 -43.06
N THR W 88 -34.18 26.89 -44.12
CA THR W 88 -35.46 26.18 -44.16
C THR W 88 -35.21 24.67 -44.17
N GLY W 89 -36.30 23.92 -44.31
CA GLY W 89 -36.18 22.47 -44.35
C GLY W 89 -35.44 21.97 -45.58
N GLY W 90 -35.63 22.63 -46.72
CA GLY W 90 -34.99 22.17 -47.94
C GLY W 90 -33.48 22.22 -47.89
N ASP W 91 -32.93 23.33 -47.38
CA ASP W 91 -31.48 23.45 -47.26
C ASP W 91 -30.92 22.41 -46.30
N TYR W 92 -31.60 22.18 -45.18
CA TYR W 92 -31.17 21.17 -44.22
C TYR W 92 -31.14 19.79 -44.88
N VAL W 93 -32.19 19.42 -45.61
CA VAL W 93 -32.24 18.11 -46.25
C VAL W 93 -31.13 17.99 -47.29
N LYS W 94 -30.93 19.04 -48.09
CA LYS W 94 -29.91 18.98 -49.13
C LYS W 94 -28.53 18.76 -48.53
N ALA W 95 -28.19 19.51 -47.48
CA ALA W 95 -26.88 19.32 -46.86
C ALA W 95 -26.73 17.95 -46.24
N TYR W 96 -27.79 17.47 -45.56
CA TYR W 96 -27.77 16.13 -44.98
C TYR W 96 -27.48 15.07 -46.03
N ILE W 97 -28.24 15.08 -47.13
CA ILE W 97 -28.05 14.09 -48.18
C ILE W 97 -26.66 14.22 -48.80
N ALA W 98 -26.16 15.45 -48.95
CA ALA W 98 -24.84 15.63 -49.53
C ALA W 98 -23.75 15.00 -48.68
N THR W 99 -23.82 15.18 -47.36
CA THR W 99 -22.71 14.71 -46.53
C THR W 99 -22.89 13.26 -46.10
N MET W 100 -24.04 12.65 -46.42
CA MET W 100 -24.32 11.29 -45.99
C MET W 100 -23.39 10.26 -46.66
N GLU W 101 -22.63 10.68 -47.66
CA GLU W 101 -21.64 9.80 -48.28
C GLU W 101 -20.25 9.93 -47.66
N ALA W 102 -19.80 11.16 -47.41
CA ALA W 102 -18.53 11.34 -46.72
C ALA W 102 -18.57 10.74 -45.31
N CYS W 103 -19.76 10.74 -44.68
CA CYS W 103 -19.87 10.10 -43.38
C CYS W 103 -19.51 8.62 -43.46
N MET W 104 -20.04 7.92 -44.47
CA MET W 104 -19.68 6.52 -44.67
C MET W 104 -18.19 6.36 -44.94
N ALA W 105 -17.65 7.23 -45.79
CA ALA W 105 -16.25 7.10 -46.19
C ALA W 105 -15.33 7.21 -44.99
N ASN W 106 -15.63 8.12 -44.07
CA ASN W 106 -14.80 8.29 -42.89
C ASN W 106 -15.07 7.19 -41.85
N ALA W 107 -16.31 6.73 -41.76
CA ALA W 107 -16.64 5.70 -40.78
C ALA W 107 -15.95 4.38 -41.10
N VAL W 108 -15.78 4.07 -42.38
CA VAL W 108 -15.14 2.80 -42.75
C VAL W 108 -13.69 2.78 -42.30
N GLN W 109 -13.07 3.96 -42.19
CA GLN W 109 -11.66 4.09 -41.81
C GLN W 109 -11.44 4.23 -40.32
N PHE W 110 -12.38 4.87 -39.61
CA PHE W 110 -12.15 5.17 -38.20
C PHE W 110 -11.97 3.90 -37.37
N LEU W 111 -12.77 2.87 -37.62
CA LEU W 111 -12.65 1.64 -36.82
C LEU W 111 -11.28 1.02 -36.98
N THR W 112 -10.85 0.84 -38.23
CA THR W 112 -9.59 0.15 -38.50
C THR W 112 -8.41 0.93 -37.93
N THR W 113 -8.48 2.27 -37.97
CA THR W 113 -7.37 3.03 -37.40
C THR W 113 -7.42 3.07 -35.87
N LYS W 114 -8.62 3.08 -35.29
CA LYS W 114 -8.73 3.23 -33.84
C LYS W 114 -8.37 1.95 -33.12
N ASP W 115 -8.54 0.79 -33.77
CA ASP W 115 -8.12 -0.44 -33.11
C ASP W 115 -6.59 -0.52 -32.97
N GLN W 116 -5.84 0.33 -33.67
CA GLN W 116 -4.39 0.33 -33.68
C GLN W 116 -3.79 1.50 -32.93
N ALA W 117 -4.47 2.65 -32.95
CA ALA W 117 -3.93 3.85 -32.32
C ALA W 117 -3.72 3.63 -30.82
N TYR W 118 -4.48 2.72 -30.21
CA TYR W 118 -4.29 2.44 -28.79
C TYR W 118 -3.15 1.44 -28.57
N TRP W 119 -3.16 0.33 -29.30
CA TRP W 119 -2.18 -0.71 -29.03
C TRP W 119 -0.79 -0.31 -29.49
N ASN W 120 -0.66 0.80 -30.23
CA ASN W 120 0.68 1.33 -30.49
C ASN W 120 1.24 2.16 -29.35
N ALA W 121 0.53 2.26 -28.22
CA ALA W 121 0.99 3.09 -27.10
C ALA W 121 1.39 2.27 -25.89
N VAL W 122 0.71 1.15 -25.63
CA VAL W 122 1.08 0.31 -24.49
C VAL W 122 2.47 -0.29 -24.72
N THR W 123 2.80 -0.61 -25.97
CA THR W 123 4.13 -1.13 -26.26
C THR W 123 5.20 -0.08 -25.98
N ALA W 124 4.92 1.19 -26.30
CA ALA W 124 5.88 2.24 -25.99
C ALA W 124 6.03 2.44 -24.48
N GLN W 125 4.92 2.38 -23.74
CA GLN W 125 5.02 2.41 -22.28
C GLN W 125 5.93 1.31 -21.75
N VAL W 126 5.67 0.08 -22.18
CA VAL W 126 6.44 -1.05 -21.66
C VAL W 126 7.90 -0.93 -22.08
N ALA W 127 8.16 -0.43 -23.29
CA ALA W 127 9.53 -0.26 -23.74
C ALA W 127 10.27 0.75 -22.86
N ALA W 128 9.62 1.87 -22.53
CA ALA W 128 10.28 2.85 -21.65
C ALA W 128 10.55 2.26 -20.27
N ILE W 129 9.57 1.52 -19.73
CA ILE W 129 9.74 1.00 -18.38
C ILE W 129 10.85 -0.05 -18.32
N THR W 130 11.01 -0.84 -19.39
CA THR W 130 12.12 -1.78 -19.43
C THR W 130 13.45 -1.07 -19.69
N ALA W 131 13.41 0.03 -20.44
CA ALA W 131 14.63 0.78 -20.71
C ALA W 131 15.20 1.42 -19.45
N ARG W 132 14.35 1.77 -18.48
CA ARG W 132 14.89 2.23 -17.20
C ARG W 132 15.77 1.16 -16.55
N ALA W 133 15.30 -0.08 -16.51
CA ALA W 133 16.09 -1.15 -15.89
C ALA W 133 17.36 -1.43 -16.69
N ASN W 134 17.28 -1.35 -18.03
CA ASN W 134 18.49 -1.51 -18.83
C ASN W 134 19.50 -0.40 -18.52
N LEU W 135 19.02 0.81 -18.28
CA LEU W 135 19.90 1.90 -17.88
C LEU W 135 20.57 1.59 -16.54
N GLY W 136 19.82 1.02 -15.61
CA GLY W 136 20.43 0.59 -14.36
C GLY W 136 21.54 -0.42 -14.57
N ILE W 137 21.32 -1.38 -15.46
CA ILE W 137 22.36 -2.38 -15.72
C ILE W 137 23.59 -1.75 -16.35
N ILE W 138 23.38 -0.73 -17.19
CA ILE W 138 24.53 -0.03 -17.79
C ILE W 138 25.35 0.67 -16.70
N LYS W 139 24.66 1.33 -15.77
CA LYS W 139 25.36 1.95 -14.65
C LYS W 139 26.16 0.91 -13.87
N ALA W 140 25.62 -0.31 -13.77
CA ALA W 140 26.37 -1.37 -13.08
C ALA W 140 27.59 -1.82 -13.89
N ASN W 141 27.49 -1.82 -15.22
CA ASN W 141 28.59 -2.29 -16.07
C ASN W 141 29.76 -1.32 -16.14
N PHE W 142 29.53 -0.03 -15.87
CA PHE W 142 30.63 0.92 -15.87
C PHE W 142 31.79 0.47 -14.97
N VAL W 143 31.47 0.04 -13.75
CA VAL W 143 32.51 -0.33 -12.79
C VAL W 143 33.27 -1.56 -13.27
N THR W 144 32.56 -2.53 -13.86
CA THR W 144 33.23 -3.71 -14.40
C THR W 144 34.20 -3.30 -15.50
N ALA W 145 33.83 -2.31 -16.31
CA ALA W 145 34.74 -1.84 -17.35
C ALA W 145 36.03 -1.30 -16.74
N LYS W 146 35.91 -0.47 -15.71
CA LYS W 146 37.13 0.08 -15.10
C LYS W 146 38.00 -1.02 -14.48
N ILE W 147 37.38 -1.98 -13.79
CA ILE W 147 38.15 -3.04 -13.14
C ILE W 147 38.81 -3.93 -14.19
N GLN W 148 38.15 -4.14 -15.34
CA GLN W 148 38.78 -4.88 -16.42
C GLN W 148 40.01 -4.15 -16.93
N ALA W 149 39.94 -2.82 -17.03
CA ALA W 149 41.13 -2.05 -17.38
C ALA W 149 42.28 -2.35 -16.44
N LEU W 150 42.01 -2.35 -15.13
CA LEU W 150 43.10 -2.62 -14.17
C LEU W 150 43.65 -4.04 -14.30
N ALA W 151 42.77 -5.03 -14.50
CA ALA W 151 43.25 -6.41 -14.63
C ALA W 151 44.13 -6.59 -15.86
N THR W 152 43.73 -6.00 -16.98
CA THR W 152 44.57 -6.05 -18.17
C THR W 152 45.89 -5.34 -17.92
N LYS W 153 45.89 -4.32 -17.06
CA LYS W 153 47.14 -3.67 -16.68
C LYS W 153 48.06 -4.63 -15.93
N ALA W 154 47.49 -5.48 -15.08
CA ALA W 154 48.33 -6.38 -14.27
C ALA W 154 48.93 -7.52 -15.10
N GLU W 155 48.16 -8.03 -16.08
CA GLU W 155 48.70 -9.14 -16.89
C GLU W 155 49.98 -8.74 -17.64
N TYR W 156 50.10 -7.46 -17.99
CA TYR W 156 51.31 -6.97 -18.65
C TYR W 156 52.54 -7.18 -17.78
N ALA W 157 52.46 -6.81 -16.50
CA ALA W 157 53.57 -7.04 -15.59
C ALA W 157 53.86 -8.53 -15.42
N LEU W 158 52.81 -9.35 -15.39
CA LEU W 158 53.05 -10.79 -15.32
C LEU W 158 53.88 -11.28 -16.51
N THR W 159 53.54 -10.85 -17.71
CA THR W 159 54.31 -11.29 -18.88
C THR W 159 55.75 -10.81 -18.83
N LYS W 160 55.98 -9.60 -18.31
CA LYS W 160 57.36 -9.13 -18.18
C LYS W 160 58.16 -9.99 -17.21
N LEU W 161 57.57 -10.35 -16.06
CA LEU W 161 58.29 -11.22 -15.14
C LEU W 161 58.54 -12.60 -15.77
N LYS W 162 57.63 -13.05 -16.62
CA LYS W 162 57.88 -14.31 -17.31
C LYS W 162 59.09 -14.21 -18.23
N LEU W 163 59.26 -13.07 -18.91
CA LEU W 163 60.51 -12.83 -19.64
C LEU W 163 61.72 -13.00 -18.74
N SER W 164 61.65 -12.40 -17.56
CA SER W 164 62.80 -12.44 -16.64
C SER W 164 63.15 -13.87 -16.27
N ASN W 165 62.15 -14.72 -16.05
CA ASN W 165 62.44 -16.13 -15.75
C ASN W 165 62.96 -16.89 -16.95
N GLU W 166 62.45 -16.57 -18.14
CA GLU W 166 62.89 -17.27 -19.36
C GLU W 166 64.38 -17.08 -19.59
N SER W 167 64.89 -15.88 -19.32
CA SER W 167 66.32 -15.65 -19.53
C SER W 167 67.17 -16.58 -18.66
N VAL W 168 66.79 -16.74 -17.40
CA VAL W 168 67.55 -17.61 -16.50
C VAL W 168 67.43 -19.07 -16.93
N THR W 169 66.26 -19.47 -17.44
CA THR W 169 66.15 -20.83 -17.97
C THR W 169 67.15 -21.05 -19.11
N TYR W 170 67.26 -20.08 -20.01
CA TYR W 170 68.25 -20.19 -21.08
C TYR W 170 69.67 -20.30 -20.54
N CYS W 171 70.02 -19.46 -19.57
CA CYS W 171 71.38 -19.48 -19.04
C CYS W 171 71.70 -20.82 -18.38
N THR W 172 70.75 -21.37 -17.62
CA THR W 172 70.99 -22.66 -16.98
C THR W 172 71.15 -23.77 -18.00
N ALA W 173 70.32 -23.77 -19.05
CA ALA W 173 70.47 -24.79 -20.08
C ALA W 173 71.84 -24.68 -20.77
N GLN W 174 72.28 -23.45 -21.04
CA GLN W 174 73.58 -23.26 -21.68
C GLN W 174 74.71 -23.77 -20.80
N TYR W 175 74.65 -23.48 -19.49
CA TYR W 175 75.69 -23.97 -18.59
C TYR W 175 75.69 -25.49 -18.55
N ASN W 176 74.51 -26.10 -18.50
CA ASN W 176 74.43 -27.56 -18.48
C ASN W 176 75.06 -28.15 -19.73
N LEU W 177 74.77 -27.58 -20.89
CA LEU W 177 75.35 -28.09 -22.13
C LEU W 177 76.87 -27.92 -22.14
N SER W 178 77.35 -26.78 -21.67
CA SER W 178 78.76 -26.44 -21.86
C SER W 178 79.67 -27.12 -20.85
N SER W 179 79.22 -27.33 -19.61
CA SER W 179 80.13 -27.71 -18.56
C SER W 179 79.77 -28.97 -17.78
N MET W 180 78.54 -29.47 -17.87
CA MET W 180 78.16 -30.65 -17.08
C MET W 180 78.20 -31.95 -17.88
N LEU W 181 77.72 -31.95 -19.12
CA LEU W 181 77.65 -33.20 -19.88
C LEU W 181 79.01 -33.83 -20.16
N PRO W 182 80.04 -33.11 -20.64
CA PRO W 182 81.32 -33.79 -20.91
C PRO W 182 81.90 -34.49 -19.70
N GLN W 183 81.70 -33.94 -18.50
CA GLN W 183 82.21 -34.61 -17.30
C GLN W 183 81.49 -35.92 -17.05
N GLN W 184 80.17 -35.96 -17.29
CA GLN W 184 79.45 -37.22 -17.20
C GLN W 184 79.95 -38.22 -18.23
N LEU W 185 80.28 -37.74 -19.43
CA LEU W 185 80.85 -38.64 -20.44
C LEU W 185 82.18 -39.21 -19.98
N LEU W 186 83.02 -38.39 -19.35
CA LEU W 186 84.28 -38.90 -18.81
C LEU W 186 84.04 -39.96 -17.73
N MET W 187 83.04 -39.73 -16.87
CA MET W 187 82.72 -40.73 -15.85
C MET W 187 82.29 -42.05 -16.48
N LEU W 188 81.48 -41.99 -17.53
CA LEU W 188 81.03 -43.22 -18.19
C LEU W 188 82.21 -43.95 -18.83
N LYS W 189 83.12 -43.20 -19.45
CA LYS W 189 84.34 -43.79 -19.99
C LYS W 189 85.15 -44.47 -18.91
N ASN W 190 85.18 -43.89 -17.71
CA ASN W 190 85.90 -44.53 -16.62
C ASN W 190 85.19 -45.79 -16.13
N GLN W 191 83.86 -45.82 -16.24
CA GLN W 191 83.11 -46.97 -15.71
C GLN W 191 83.27 -48.21 -16.61
N THR W 192 83.34 -48.01 -17.93
CA THR W 192 83.41 -49.17 -18.82
C THR W 192 84.67 -50.01 -18.55
N THR W 193 85.81 -49.36 -18.33
CA THR W 193 87.04 -50.10 -18.07
C THR W 193 86.96 -50.86 -16.75
N GLN W 194 86.28 -50.29 -15.75
CA GLN W 194 86.08 -51.02 -14.50
C GLN W 194 85.26 -52.29 -14.74
N VAL W 195 84.26 -52.21 -15.61
CA VAL W 195 83.51 -53.41 -15.95
C VAL W 195 84.43 -54.47 -16.56
N ALA W 196 85.30 -54.05 -17.47
CA ALA W 196 86.24 -55.01 -18.07
C ALA W 196 87.14 -55.65 -17.02
N GLU W 197 87.64 -54.85 -16.07
CA GLU W 197 88.51 -55.40 -15.03
C GLU W 197 87.75 -56.39 -14.16
N GLN W 198 86.47 -56.13 -13.89
CA GLN W 198 85.68 -57.09 -13.13
C GLN W 198 85.54 -58.40 -13.88
N THR W 199 85.38 -58.35 -15.21
CA THR W 199 85.36 -59.59 -15.98
C THR W 199 86.68 -60.35 -15.81
N LYS W 200 87.80 -59.63 -15.81
CA LYS W 200 89.08 -60.32 -15.62
C LYS W 200 89.19 -60.97 -14.24
N LEU W 201 88.71 -60.29 -13.19
CA LEU W 201 88.66 -60.94 -11.88
C LEU W 201 87.83 -62.21 -11.93
N THR W 202 86.68 -62.18 -12.60
CA THR W 202 85.85 -63.38 -12.67
C THR W 202 86.59 -64.52 -13.36
N THR W 203 87.36 -64.20 -14.41
CA THR W 203 88.15 -65.25 -15.05
C THR W 203 89.19 -65.84 -14.10
N GLU W 204 89.87 -64.99 -13.32
CA GLU W 204 90.87 -65.53 -12.39
C GLU W 204 90.22 -66.40 -11.32
N GLN W 205 89.04 -66.01 -10.85
CA GLN W 205 88.34 -66.84 -9.88
C GLN W 205 87.89 -68.17 -10.49
N ILE W 206 87.53 -68.15 -11.78
CA ILE W 206 87.26 -69.39 -12.51
C ILE W 206 88.47 -70.30 -12.42
N ASN W 207 89.65 -69.76 -12.66
CA ASN W 207 90.86 -70.58 -12.60
C ASN W 207 91.13 -71.11 -11.19
N MET W 208 90.89 -70.30 -10.15
CA MET W 208 91.22 -70.73 -8.81
C MET W 208 90.26 -71.78 -8.26
N THR W 209 88.99 -71.72 -8.65
CA THR W 209 88.01 -72.64 -8.08
C THR W 209 88.30 -74.08 -8.50
N LYS W 210 88.89 -74.29 -9.67
CA LYS W 210 89.27 -75.64 -10.07
C LYS W 210 90.33 -76.22 -9.14
N GLU W 211 91.31 -75.40 -8.75
CA GLU W 211 92.32 -75.87 -7.82
C GLU W 211 91.72 -76.18 -6.46
N GLN W 212 90.79 -75.34 -6.00
CA GLN W 212 90.09 -75.66 -4.76
C GLN W 212 89.35 -76.99 -4.88
N LYS W 213 88.70 -77.22 -6.03
CA LYS W 213 87.99 -78.47 -6.27
C LYS W 213 88.91 -79.67 -6.13
N GLU W 214 90.07 -79.63 -6.78
CA GLU W 214 90.96 -80.79 -6.74
C GLU W 214 91.58 -80.97 -5.36
N ALA W 215 91.90 -79.87 -4.68
CA ALA W 215 92.44 -79.96 -3.33
C ALA W 215 91.46 -80.61 -2.38
N GLN W 216 90.16 -80.39 -2.58
CA GLN W 216 89.18 -81.06 -1.73
C GLN W 216 88.88 -82.47 -2.25
N ARG W 217 89.06 -82.70 -3.54
CA ARG W 217 88.93 -84.06 -4.08
C ARG W 217 89.98 -84.99 -3.48
N ALA W 218 91.14 -84.45 -3.13
CA ALA W 218 92.23 -85.28 -2.62
C ALA W 218 91.84 -86.00 -1.32
N GLN W 219 90.80 -85.54 -0.64
CA GLN W 219 90.46 -86.12 0.66
C GLN W 219 89.57 -87.36 0.53
N THR W 220 89.14 -87.69 -0.68
CA THR W 220 88.31 -88.88 -0.84
C THR W 220 88.98 -89.92 -1.73
N SER W 221 89.60 -89.50 -2.83
CA SER W 221 90.17 -90.43 -3.79
C SER W 221 91.62 -90.07 -4.08
N ASP W 222 92.39 -91.07 -4.53
CA ASP W 222 93.79 -90.85 -4.84
C ASP W 222 93.95 -90.13 -6.17
N THR W 223 93.23 -90.58 -7.20
CA THR W 223 93.35 -89.97 -8.51
C THR W 223 92.81 -88.54 -8.48
N ARG W 224 93.46 -87.68 -9.24
CA ARG W 224 93.17 -86.24 -9.26
C ARG W 224 92.51 -85.90 -10.59
N THR W 225 91.17 -85.99 -10.63
CA THR W 225 90.39 -85.61 -11.79
C THR W 225 90.83 -86.36 -13.04
N ASP W 226 91.74 -85.74 -13.82
CA ASP W 226 92.14 -86.32 -15.10
C ASP W 226 92.75 -87.70 -14.94
N GLY W 227 93.28 -88.01 -13.77
CA GLY W 227 93.74 -89.36 -13.50
C GLY W 227 95.18 -89.49 -13.05
N THR W 228 95.77 -88.40 -12.57
CA THR W 228 97.12 -88.43 -12.05
C THR W 228 97.09 -88.49 -10.53
N ARG W 229 98.13 -89.10 -9.96
CA ARG W 229 98.20 -89.28 -8.51
C ARG W 229 98.42 -87.96 -7.79
N VAL W 230 97.90 -87.87 -6.57
CA VAL W 230 98.22 -86.74 -5.71
C VAL W 230 99.68 -86.85 -5.29
N ALA W 231 100.41 -85.74 -5.35
CA ALA W 231 101.85 -85.79 -5.22
C ALA W 231 102.46 -84.83 -4.20
N GLY W 232 101.75 -83.78 -3.80
CA GLY W 232 102.34 -82.83 -2.89
C GLY W 232 101.61 -82.71 -1.58
N SER W 233 102.35 -82.46 -0.49
CA SER W 233 101.76 -82.20 0.82
C SER W 233 100.94 -83.37 1.33
N VAL W 234 99.83 -83.68 0.65
CA VAL W 234 98.97 -84.77 1.07
C VAL W 234 99.70 -86.12 0.94
N GLY W 235 100.40 -86.31 -0.18
CA GLY W 235 101.11 -87.57 -0.38
C GLY W 235 102.11 -87.85 0.71
N LYS W 236 102.85 -86.81 1.14
CA LYS W 236 103.82 -87.00 2.21
C LYS W 236 103.14 -87.37 3.51
N GLN W 237 101.97 -86.80 3.79
CA GLN W 237 101.23 -87.18 4.98
C GLN W 237 100.81 -88.64 4.93
N LYS W 238 100.37 -89.12 3.76
CA LYS W 238 100.00 -90.52 3.64
C LYS W 238 101.22 -91.43 3.84
N GLU W 239 102.37 -91.03 3.31
CA GLU W 239 103.60 -91.80 3.54
C GLU W 239 103.96 -91.84 5.01
N LEU W 240 103.81 -90.71 5.72
CA LEU W 240 104.06 -90.71 7.15
C LEU W 240 103.13 -91.67 7.88
N TYR W 241 101.85 -91.69 7.50
CA TYR W 241 100.92 -92.59 8.16
C TYR W 241 101.31 -94.05 7.95
N ASP W 242 101.71 -94.40 6.72
CA ASP W 242 102.16 -95.76 6.46
C ASP W 242 103.36 -96.12 7.32
N GLN W 243 104.34 -95.20 7.41
CA GLN W 243 105.53 -95.48 8.19
C GLN W 243 105.19 -95.62 9.67
N GLN W 244 104.25 -94.81 10.17
CA GLN W 244 103.84 -94.95 11.57
C GLN W 244 103.21 -96.31 11.83
N ILE W 245 102.38 -96.80 10.90
CA ILE W 245 101.79 -98.12 11.10
C ILE W 245 102.88 -99.19 11.18
N THR W 246 103.84 -99.15 10.25
CA THR W 246 104.91 -100.16 10.28
C THR W 246 105.72 -100.07 11.57
N SER W 247 106.02 -98.85 12.04
CA SER W 247 106.80 -98.70 13.26
C SER W 247 106.04 -99.24 14.47
N TYR W 248 104.71 -99.02 14.50
CA TYR W 248 103.89 -99.63 15.55
C TYR W 248 104.09 -101.14 15.58
N LYS W 249 103.97 -101.79 14.41
CA LYS W 249 104.12 -103.23 14.35
C LYS W 249 105.51 -103.67 14.84
N ARG W 250 106.55 -102.96 14.40
CA ARG W 250 107.90 -103.36 14.74
C ARG W 250 108.16 -103.25 16.24
N ASP W 251 107.70 -102.17 16.87
CA ASP W 251 107.89 -102.03 18.30
C ASP W 251 107.13 -103.12 19.06
N ALA W 252 105.91 -103.43 18.62
CA ALA W 252 105.15 -104.48 19.27
C ALA W 252 105.88 -105.81 19.21
N GLU W 253 106.54 -106.11 18.09
CA GLU W 253 107.32 -107.35 18.02
C GLU W 253 108.55 -107.28 18.94
N VAL W 254 109.24 -106.14 18.94
CA VAL W 254 110.52 -106.04 19.64
C VAL W 254 110.34 -106.25 21.14
N LYS W 255 109.23 -105.78 21.69
CA LYS W 255 109.02 -105.95 23.13
C LYS W 255 109.03 -107.42 23.54
N ALA W 256 108.22 -108.25 22.88
CA ALA W 256 108.16 -109.67 23.21
C ALA W 256 109.49 -110.36 22.90
N ALA W 257 110.16 -109.95 21.82
CA ALA W 257 111.46 -110.55 21.51
C ALA W 257 112.45 -110.31 22.66
N LYS W 258 112.47 -109.10 23.20
CA LYS W 258 113.35 -108.82 24.34
C LYS W 258 112.94 -109.66 25.55
N LEU W 259 111.63 -109.82 25.75
CA LEU W 259 111.15 -110.63 26.87
C LEU W 259 111.71 -112.04 26.80
N PHE W 260 111.80 -112.61 25.60
CA PHE W 260 112.37 -113.95 25.46
C PHE W 260 113.89 -113.96 25.62
N THR W 261 114.57 -112.97 25.02
CA THR W 261 116.04 -112.99 25.03
C THR W 261 116.58 -112.83 26.45
N ASP W 262 115.91 -112.04 27.29
CA ASP W 262 116.40 -111.89 28.66
C ASP W 262 116.40 -113.23 29.40
N ALA W 263 115.34 -114.02 29.23
CA ALA W 263 115.29 -115.32 29.90
C ALA W 263 116.35 -116.26 29.35
N TRP W 264 116.61 -116.21 28.03
CA TRP W 264 117.70 -117.04 27.51
C TRP W 264 119.04 -116.64 28.11
N VAL W 265 119.28 -115.33 28.26
CA VAL W 265 120.53 -114.87 28.85
C VAL W 265 120.66 -115.37 30.28
N THR W 266 119.56 -115.33 31.05
CA THR W 266 119.60 -115.88 32.40
C THR W 266 119.94 -117.36 32.40
N GLN W 267 119.33 -118.12 31.48
CA GLN W 267 119.64 -119.54 31.40
C GLN W 267 121.11 -119.77 31.08
N LYS W 268 121.65 -118.99 30.16
CA LYS W 268 123.06 -119.15 29.78
C LYS W 268 123.99 -118.82 30.94
N THR W 269 123.70 -117.74 31.67
CA THR W 269 124.61 -117.33 32.74
C THR W 269 124.51 -118.27 33.93
N ILE W 270 123.37 -118.93 34.12
CA ILE W 270 123.27 -119.92 35.19
C ILE W 270 124.09 -121.16 34.86
N ASP W 271 123.92 -121.69 33.65
CA ASP W 271 124.56 -122.94 33.24
C ASP W 271 125.33 -122.70 31.95
N GLU W 272 126.65 -122.73 32.03
CA GLU W 272 127.47 -122.56 30.83
C GLU W 272 127.38 -123.79 29.95
N GLY W 273 127.94 -123.67 28.75
CA GLY W 273 127.95 -124.76 27.80
C GLY W 273 126.71 -124.89 26.95
N LEU W 274 125.72 -124.03 27.12
CA LEU W 274 124.53 -124.07 26.29
C LEU W 274 124.87 -123.71 24.85
N SER W 275 124.37 -124.50 23.92
CA SER W 275 124.57 -124.20 22.51
C SER W 275 123.77 -122.96 22.13
N PRO W 276 124.38 -121.99 21.44
CA PRO W 276 123.63 -120.80 21.03
C PRO W 276 122.55 -121.17 20.04
N PRO W 277 121.46 -120.40 20.00
CA PRO W 277 120.32 -120.77 19.14
C PRO W 277 120.56 -120.61 17.66
N ASN W 278 121.81 -120.39 17.23
CA ASN W 278 122.26 -120.17 15.85
C ASN W 278 121.92 -118.77 15.38
N GLY W 279 121.14 -118.00 16.15
CA GLY W 279 120.87 -116.63 15.81
C GLY W 279 121.87 -115.68 16.43
N PHE W 280 122.62 -116.17 17.43
CA PHE W 280 123.66 -115.40 18.06
C PHE W 280 125.05 -115.78 17.58
N THR W 281 125.16 -116.57 16.52
CA THR W 281 126.46 -116.93 15.99
C THR W 281 127.15 -115.72 15.37
N ASN W 282 128.37 -115.94 14.87
CA ASN W 282 129.17 -114.83 14.38
C ASN W 282 128.68 -114.33 13.02
N SER W 283 128.13 -115.23 12.20
CA SER W 283 127.71 -114.83 10.86
C SER W 283 126.53 -113.88 10.90
N SER W 284 125.51 -114.19 11.71
CA SER W 284 124.35 -113.32 11.80
C SER W 284 124.73 -111.95 12.38
N LEU W 285 125.57 -111.95 13.41
CA LEU W 285 126.02 -110.68 13.98
C LEU W 285 126.80 -109.88 12.97
N ASP W 286 127.65 -110.54 12.17
CA ASP W 286 128.40 -109.83 11.15
C ASP W 286 127.49 -109.22 10.11
N SER W 287 126.45 -109.96 9.69
CA SER W 287 125.50 -109.42 8.72
C SER W 287 124.76 -108.21 9.30
N ILE W 288 124.35 -108.30 10.58
CA ILE W 288 123.65 -107.19 11.21
C ILE W 288 124.55 -105.96 11.30
N LEU W 289 125.81 -106.16 11.68
CA LEU W 289 126.73 -105.03 11.77
C LEU W 289 127.00 -104.41 10.40
N THR W 290 127.13 -105.23 9.36
CA THR W 290 127.31 -104.67 8.02
C THR W 290 126.08 -103.88 7.59
N ALA W 291 124.88 -104.37 7.92
CA ALA W 291 123.67 -103.61 7.61
C ALA W 291 123.66 -102.27 8.33
N LEU W 292 124.01 -102.26 9.62
CA LEU W 292 124.05 -101.00 10.37
C LEU W 292 125.06 -100.04 9.77
N LYS W 293 126.24 -100.54 9.40
CA LYS W 293 127.26 -99.66 8.83
C LYS W 293 126.83 -99.10 7.48
N ASN W 294 126.20 -99.94 6.65
CA ASN W 294 125.83 -99.49 5.31
C ASN W 294 124.67 -98.50 5.36
N ASN W 295 123.66 -98.75 6.19
CA ASN W 295 122.48 -97.89 6.19
C ASN W 295 122.80 -96.51 6.72
N ASN W 296 123.58 -96.42 7.80
CA ASN W 296 123.86 -95.15 8.47
C ASN W 296 125.09 -94.46 7.91
N ALA W 297 125.52 -94.82 6.71
CA ALA W 297 126.67 -94.22 6.04
C ALA W 297 127.94 -94.36 6.90
N LEU W 298 128.33 -95.63 7.09
CA LEU W 298 129.54 -95.98 7.85
C LEU W 298 129.48 -95.43 9.28
N GLY W 299 128.38 -95.69 9.97
CA GLY W 299 128.23 -95.29 11.34
C GLY W 299 128.11 -93.79 11.52
N SER X 2 31.50 -36.86 10.28
CA SER X 2 31.01 -35.70 9.54
C SER X 2 31.96 -34.51 9.71
N CYS X 3 32.23 -34.13 10.95
CA CYS X 3 33.04 -32.99 11.33
C CYS X 3 32.42 -31.66 10.93
N GLY X 4 31.19 -31.65 10.43
CA GLY X 4 30.50 -30.42 10.13
C GLY X 4 31.15 -29.56 9.06
N ALA X 5 31.42 -30.14 7.88
CA ALA X 5 31.95 -29.35 6.78
C ALA X 5 30.96 -28.29 6.34
N GLU X 6 29.65 -28.59 6.45
CA GLU X 6 28.63 -27.62 6.08
C GLU X 6 28.68 -26.39 6.97
N LEU X 7 28.91 -26.57 8.28
CA LEU X 7 29.01 -25.42 9.17
C LEU X 7 30.20 -24.55 8.82
N GLU X 8 31.35 -25.16 8.52
CA GLU X 8 32.52 -24.40 8.13
C GLU X 8 32.25 -23.63 6.84
N ALA X 9 31.62 -24.26 5.86
CA ALA X 9 31.31 -23.58 4.61
C ALA X 9 30.37 -22.41 4.83
N ASN X 10 29.32 -22.60 5.64
CA ASN X 10 28.38 -21.51 5.90
C ASN X 10 29.06 -20.35 6.60
N ALA X 11 29.87 -20.64 7.63
CA ALA X 11 30.55 -19.56 8.34
C ALA X 11 31.52 -18.82 7.44
N LEU X 12 32.27 -19.54 6.61
CA LEU X 12 33.22 -18.89 5.71
C LEU X 12 32.50 -18.02 4.70
N LEU X 13 31.39 -18.51 4.14
CA LEU X 13 30.66 -17.71 3.17
C LEU X 13 30.07 -16.47 3.82
N THR X 14 29.57 -16.59 5.05
CA THR X 14 29.02 -15.43 5.73
C THR X 14 30.10 -14.39 6.01
N ALA X 15 31.30 -14.85 6.40
CA ALA X 15 32.35 -13.90 6.77
C ALA X 15 33.00 -13.25 5.56
N LEU X 16 33.18 -14.00 4.47
CA LEU X 16 33.95 -13.50 3.34
C LEU X 16 33.24 -12.41 2.54
N VAL X 17 31.92 -12.51 2.38
CA VAL X 17 31.18 -11.56 1.55
C VAL X 17 30.47 -10.50 2.38
N ALA X 18 30.86 -10.33 3.64
CA ALA X 18 30.22 -9.35 4.49
C ALA X 18 30.56 -7.93 4.02
N GLY X 19 29.68 -7.00 4.35
CA GLY X 19 29.86 -5.61 4.00
C GLY X 19 29.08 -5.14 2.79
N GLU X 20 28.34 -6.03 2.13
CA GLU X 20 27.55 -5.69 0.95
C GLU X 20 26.18 -6.34 1.04
N ASP X 21 25.21 -5.73 0.38
CA ASP X 21 23.83 -6.20 0.39
C ASP X 21 23.47 -6.76 -0.98
N PHE X 22 23.02 -8.01 -1.01
CA PHE X 22 22.51 -8.64 -2.22
C PHE X 22 21.14 -9.24 -1.93
N THR X 23 20.08 -8.52 -2.30
CA THR X 23 18.72 -8.96 -2.06
C THR X 23 18.07 -9.33 -3.38
N LEU X 24 17.61 -10.56 -3.48
CA LEU X 24 17.01 -11.04 -4.71
C LEU X 24 15.60 -10.49 -4.86
N PRO X 25 15.10 -10.37 -6.10
CA PRO X 25 13.73 -9.88 -6.29
C PRO X 25 12.69 -10.86 -5.76
N ASP X 26 11.53 -10.32 -5.42
CA ASP X 26 10.45 -11.10 -4.81
C ASP X 26 9.19 -11.16 -5.67
N ILE X 27 9.34 -11.17 -7.00
CA ILE X 27 8.17 -11.25 -7.87
C ILE X 27 7.56 -12.65 -7.79
N ASP X 28 6.24 -12.70 -7.70
CA ASP X 28 5.48 -13.95 -7.74
C ASP X 28 4.80 -14.00 -9.10
N MET X 29 5.09 -15.04 -9.87
CA MET X 29 4.66 -15.11 -11.26
C MET X 29 3.49 -16.06 -11.49
N SER X 30 2.62 -16.23 -10.50
CA SER X 30 1.38 -16.96 -10.67
C SER X 30 0.15 -16.14 -10.29
N GLY X 31 0.28 -14.81 -10.27
CA GLY X 31 -0.74 -13.96 -9.70
C GLY X 31 -1.87 -13.57 -10.64
N SER X 32 -1.98 -14.21 -11.80
CA SER X 32 -2.98 -14.00 -12.84
C SER X 32 -2.75 -12.69 -13.59
N GLU X 33 -1.74 -11.90 -13.23
CA GLU X 33 -1.30 -10.79 -14.06
C GLU X 33 -0.33 -11.24 -15.15
N TYR X 34 0.12 -12.49 -15.10
CA TYR X 34 1.07 -13.04 -16.06
C TYR X 34 0.44 -14.11 -16.94
N ASP X 35 -0.88 -14.10 -17.10
CA ASP X 35 -1.59 -15.07 -17.91
C ASP X 35 -2.42 -14.35 -18.95
N ILE X 36 -2.60 -14.99 -20.11
CA ILE X 36 -3.46 -14.42 -21.14
C ILE X 36 -4.89 -14.34 -20.59
N PRO X 37 -5.60 -13.21 -20.76
CA PRO X 37 -6.87 -12.99 -20.04
C PRO X 37 -7.84 -14.15 -20.02
N GLY X 38 -8.26 -14.64 -21.18
CA GLY X 38 -9.27 -15.67 -21.21
C GLY X 38 -8.70 -17.06 -21.21
N GLY X 39 -9.51 -18.04 -20.82
CA GLY X 39 -9.08 -19.42 -20.87
C GLY X 39 -9.27 -20.01 -22.25
N ILE X 40 -9.81 -21.23 -22.32
CA ILE X 40 -10.15 -21.82 -23.61
C ILE X 40 -11.34 -21.11 -24.25
N ASN X 41 -12.09 -20.32 -23.46
CA ASN X 41 -13.30 -19.71 -23.96
C ASN X 41 -13.10 -18.30 -24.49
N SER X 42 -11.87 -17.82 -24.59
CA SER X 42 -11.63 -16.53 -25.20
C SER X 42 -11.80 -16.65 -26.72
N PRO X 43 -12.06 -15.54 -27.42
CA PRO X 43 -12.24 -15.61 -28.87
C PRO X 43 -10.96 -15.93 -29.64
N ILE X 44 -9.82 -16.04 -28.96
CA ILE X 44 -8.59 -16.44 -29.65
C ILE X 44 -8.68 -17.88 -30.12
N TYR X 45 -9.34 -18.73 -29.34
CA TYR X 45 -9.37 -20.17 -29.62
C TYR X 45 -10.57 -20.60 -30.44
N ALA X 46 -11.38 -19.66 -30.92
CA ALA X 46 -12.47 -20.01 -31.81
C ALA X 46 -11.94 -20.28 -33.22
N GLU X 47 -12.66 -21.12 -33.96
CA GLU X 47 -12.24 -21.47 -35.31
C GLU X 47 -12.41 -20.29 -36.27
N ILE X 48 -11.47 -20.15 -37.18
CA ILE X 48 -11.51 -19.12 -38.21
C ILE X 48 -12.21 -19.68 -39.43
N GLU X 49 -13.20 -18.94 -39.95
CA GLU X 49 -13.98 -19.37 -41.09
C GLU X 49 -13.41 -18.74 -42.36
N LYS X 50 -13.48 -19.47 -43.47
CA LYS X 50 -13.01 -18.93 -44.74
C LYS X 50 -13.98 -17.86 -45.25
N ILE X 51 -13.43 -16.84 -45.89
CA ILE X 51 -14.24 -15.77 -46.46
C ILE X 51 -14.79 -16.21 -47.80
N THR X 52 -16.09 -16.06 -48.00
CA THR X 52 -16.75 -16.44 -49.22
C THR X 52 -17.53 -15.25 -49.78
N THR X 53 -18.09 -15.45 -50.97
CA THR X 53 -18.89 -14.39 -51.58
C THR X 53 -20.15 -14.11 -50.77
N GLU X 54 -20.74 -15.16 -50.21
CA GLU X 54 -22.00 -15.00 -49.48
C GLU X 54 -21.84 -14.13 -48.24
N GLN X 55 -20.61 -13.90 -47.80
CA GLN X 55 -20.39 -13.01 -46.67
C GLN X 55 -20.31 -11.55 -47.13
N LEU X 56 -20.07 -11.34 -48.43
CA LEU X 56 -20.13 -9.99 -48.97
C LEU X 56 -21.56 -9.58 -49.26
N THR X 57 -22.24 -10.30 -50.15
CA THR X 57 -23.63 -10.02 -50.47
C THR X 57 -24.37 -11.33 -50.68
N THR X 58 -25.59 -11.42 -50.17
CA THR X 58 -26.40 -12.62 -50.29
C THR X 58 -27.46 -12.51 -51.37
N ARG X 59 -27.35 -11.52 -52.26
CA ARG X 59 -28.23 -11.33 -53.41
C ARG X 59 -29.67 -11.04 -53.01
N GLU X 60 -29.90 -10.57 -51.79
CA GLU X 60 -31.24 -10.28 -51.30
C GLU X 60 -31.28 -8.90 -50.69
N VAL X 61 -32.46 -8.28 -50.73
CA VAL X 61 -32.63 -6.95 -50.16
C VAL X 61 -32.56 -7.02 -48.63
N GLY X 62 -32.74 -8.22 -48.07
CA GLY X 62 -32.90 -8.33 -46.62
C GLY X 62 -31.67 -7.93 -45.84
N GLY X 63 -30.61 -8.72 -45.94
CA GLY X 63 -29.43 -8.41 -45.14
C GLY X 63 -28.48 -9.59 -45.10
N SER X 64 -27.77 -9.69 -43.96
CA SER X 64 -26.78 -10.73 -43.72
C SER X 64 -25.58 -10.61 -44.65
N GLY X 65 -25.29 -9.38 -45.05
CA GLY X 65 -24.11 -9.12 -45.86
C GLY X 65 -23.64 -7.70 -45.62
N VAL X 66 -22.37 -7.44 -45.92
CA VAL X 66 -21.84 -6.09 -45.71
C VAL X 66 -22.47 -5.12 -46.68
N PHE X 67 -22.54 -5.47 -47.96
CA PHE X 67 -23.13 -4.57 -48.95
C PHE X 67 -24.62 -4.37 -48.67
N ASP X 68 -25.33 -5.43 -48.31
CA ASP X 68 -26.75 -5.32 -48.02
C ASP X 68 -27.01 -4.44 -46.82
N ALA X 69 -26.22 -4.58 -45.76
CA ALA X 69 -26.38 -3.73 -44.58
C ALA X 69 -26.03 -2.28 -44.89
N LEU X 70 -24.98 -2.05 -45.66
CA LEU X 70 -24.61 -0.70 -46.05
C LEU X 70 -25.69 -0.04 -46.89
N MET X 71 -26.39 -0.79 -47.74
CA MET X 71 -27.50 -0.19 -48.47
C MET X 71 -28.73 0.03 -47.58
N GLN X 72 -29.01 -0.91 -46.68
CA GLN X 72 -30.21 -0.78 -45.86
C GLN X 72 -30.10 0.38 -44.88
N SER X 73 -28.91 0.64 -44.34
CA SER X 73 -28.78 1.76 -43.42
C SER X 73 -29.04 3.08 -44.12
N ALA X 74 -28.48 3.27 -45.32
CA ALA X 74 -28.73 4.49 -46.08
C ALA X 74 -30.20 4.61 -46.45
N SER X 75 -30.84 3.50 -46.84
CA SER X 75 -32.26 3.56 -47.14
C SER X 75 -33.07 3.94 -45.90
N ASN X 76 -32.70 3.42 -44.74
CA ASN X 76 -33.41 3.77 -43.51
C ASN X 76 -33.27 5.25 -43.18
N HIS X 77 -32.07 5.80 -43.35
CA HIS X 77 -31.89 7.23 -43.07
C HIS X 77 -32.71 8.09 -44.03
N LEU X 78 -32.69 7.76 -45.33
CA LEU X 78 -33.46 8.53 -46.29
C LEU X 78 -34.96 8.41 -46.02
N LEU X 79 -35.44 7.22 -45.67
CA LEU X 79 -36.86 7.06 -45.35
C LEU X 79 -37.22 7.81 -44.08
N ALA X 80 -36.30 7.89 -43.13
CA ALA X 80 -36.55 8.68 -41.92
C ALA X 80 -36.75 10.14 -42.26
N GLU X 81 -35.93 10.68 -43.17
CA GLU X 81 -36.16 12.05 -43.61
C GLU X 81 -37.42 12.16 -44.46
N PHE X 82 -37.80 11.07 -45.13
CA PHE X 82 -38.93 11.10 -46.06
C PHE X 82 -40.27 11.08 -45.31
N LYS X 83 -40.32 10.40 -44.17
CA LYS X 83 -41.57 10.31 -43.42
C LYS X 83 -42.00 11.66 -42.87
N ASN X 84 -41.04 12.46 -42.41
CA ASN X 84 -41.28 13.88 -42.25
C ASN X 84 -41.48 14.49 -43.63
N ASN X 85 -42.44 15.40 -43.75
CA ASN X 85 -42.79 15.97 -45.05
C ASN X 85 -41.69 16.93 -45.51
N ARG X 86 -40.54 16.34 -45.83
CA ARG X 86 -39.38 17.10 -46.28
C ARG X 86 -38.94 16.74 -47.70
N ILE X 87 -39.18 15.50 -48.15
CA ILE X 87 -38.92 15.11 -49.52
C ILE X 87 -40.06 14.23 -50.01
N THR X 88 -39.99 13.89 -51.30
CA THR X 88 -40.92 12.97 -51.93
C THR X 88 -40.22 11.67 -52.32
N GLY X 89 -40.95 10.82 -53.03
CA GLY X 89 -40.39 9.53 -53.42
C GLY X 89 -39.24 9.65 -54.40
N GLY X 90 -39.34 10.61 -55.32
CA GLY X 90 -38.32 10.72 -56.35
C GLY X 90 -36.95 11.08 -55.80
N ASP X 91 -36.91 12.02 -54.85
CA ASP X 91 -35.63 12.40 -54.23
C ASP X 91 -35.00 11.23 -53.50
N TYR X 92 -35.81 10.48 -52.75
CA TYR X 92 -35.30 9.31 -52.05
C TYR X 92 -34.75 8.28 -53.02
N VAL X 93 -35.47 8.01 -54.10
CA VAL X 93 -35.01 7.01 -55.07
C VAL X 93 -33.70 7.45 -55.71
N LYS X 94 -33.61 8.73 -56.08
CA LYS X 94 -32.40 9.21 -56.73
C LYS X 94 -31.19 9.15 -55.80
N ALA X 95 -31.37 9.53 -54.53
CA ALA X 95 -30.25 9.44 -53.60
C ALA X 95 -29.83 7.99 -53.36
N TYR X 96 -30.80 7.09 -53.23
CA TYR X 96 -30.50 5.67 -53.09
C TYR X 96 -29.66 5.16 -54.26
N ILE X 97 -30.12 5.44 -55.48
CA ILE X 97 -29.39 4.98 -56.67
C ILE X 97 -28.00 5.59 -56.71
N ALA X 98 -27.87 6.84 -56.29
CA ALA X 98 -26.56 7.48 -56.29
C ALA X 98 -25.59 6.80 -55.34
N THR X 99 -26.06 6.41 -54.15
CA THR X 99 -25.14 5.82 -53.17
C THR X 99 -24.84 4.35 -53.49
N MET X 100 -25.70 3.72 -54.30
CA MET X 100 -25.57 2.29 -54.63
C MET X 100 -24.16 1.83 -55.00
N GLU X 101 -23.30 2.74 -55.46
CA GLU X 101 -21.96 2.31 -55.86
C GLU X 101 -20.92 2.52 -54.76
N ALA X 102 -21.01 3.63 -54.03
CA ALA X 102 -20.10 3.85 -52.90
C ALA X 102 -20.31 2.78 -51.84
N CYS X 103 -21.55 2.31 -51.67
CA CYS X 103 -21.79 1.19 -50.76
C CYS X 103 -20.96 -0.02 -51.14
N MET X 104 -20.95 -0.39 -52.43
CA MET X 104 -20.16 -1.53 -52.88
C MET X 104 -18.67 -1.28 -52.68
N ALA X 105 -18.21 -0.08 -53.02
CA ALA X 105 -16.78 0.23 -52.95
C ALA X 105 -16.28 0.11 -51.51
N ASN X 106 -17.07 0.54 -50.54
CA ASN X 106 -16.66 0.43 -49.15
C ASN X 106 -16.82 -1.00 -48.62
N ALA X 107 -17.83 -1.72 -49.10
CA ALA X 107 -18.05 -3.08 -48.62
C ALA X 107 -16.92 -4.00 -49.03
N VAL X 108 -16.34 -3.78 -50.21
CA VAL X 108 -15.27 -4.65 -50.69
C VAL X 108 -14.03 -4.51 -49.80
N GLN X 109 -13.83 -3.33 -49.23
CA GLN X 109 -12.67 -3.02 -48.41
C GLN X 109 -12.84 -3.37 -46.94
N PHE X 110 -14.06 -3.24 -46.42
CA PHE X 110 -14.27 -3.43 -44.98
C PHE X 110 -13.89 -4.85 -44.55
N LEU X 111 -14.26 -5.86 -45.33
CA LEU X 111 -13.97 -7.24 -44.97
C LEU X 111 -12.47 -7.46 -44.81
N THR X 112 -11.70 -7.09 -45.84
CA THR X 112 -10.27 -7.35 -45.85
C THR X 112 -9.56 -6.59 -44.73
N THR X 113 -9.98 -5.34 -44.46
CA THR X 113 -9.31 -4.60 -43.40
C THR X 113 -9.70 -5.09 -42.02
N LYS X 114 -10.96 -5.49 -41.84
CA LYS X 114 -11.43 -5.88 -40.51
C LYS X 114 -10.88 -7.23 -40.11
N ASP X 115 -10.58 -8.09 -41.08
CA ASP X 115 -10.05 -9.39 -40.69
C ASP X 115 -8.62 -9.31 -40.16
N GLN X 116 -7.96 -8.17 -40.31
CA GLN X 116 -6.58 -7.94 -39.85
C GLN X 116 -6.49 -6.97 -38.68
N ALA X 117 -7.39 -5.99 -38.61
CA ALA X 117 -7.34 -5.02 -37.54
C ALA X 117 -7.46 -5.69 -36.17
N TYR X 118 -8.16 -6.82 -36.11
CA TYR X 118 -8.29 -7.55 -34.85
C TYR X 118 -7.04 -8.35 -34.54
N TRP X 119 -6.54 -9.11 -35.51
CA TRP X 119 -5.40 -9.99 -35.24
C TRP X 119 -4.12 -9.20 -35.05
N ASN X 120 -4.13 -7.90 -35.33
CA ASN X 120 -2.98 -7.08 -34.95
C ASN X 120 -3.01 -6.63 -33.50
N ALA X 121 -4.00 -7.06 -32.72
CA ALA X 121 -4.11 -6.61 -31.32
C ALA X 121 -3.83 -7.72 -30.32
N VAL X 122 -4.21 -8.95 -30.62
CA VAL X 122 -3.91 -10.06 -29.71
C VAL X 122 -2.40 -10.25 -29.60
N THR X 123 -1.66 -10.00 -30.69
CA THR X 123 -0.22 -10.09 -30.64
C THR X 123 0.37 -9.00 -29.72
N ALA X 124 -0.23 -7.82 -29.73
CA ALA X 124 0.21 -6.77 -28.81
C ALA X 124 -0.06 -7.16 -27.36
N GLN X 125 -1.22 -7.74 -27.09
CA GLN X 125 -1.49 -8.26 -25.75
C GLN X 125 -0.44 -9.26 -25.31
N VAL X 126 -0.16 -10.25 -26.15
CA VAL X 126 0.79 -11.30 -25.79
C VAL X 126 2.17 -10.69 -25.59
N ALA X 127 2.55 -9.72 -26.43
CA ALA X 127 3.85 -9.08 -26.29
C ALA X 127 3.97 -8.37 -24.95
N ALA X 128 2.95 -7.61 -24.55
CA ALA X 128 3.02 -6.91 -23.27
C ALA X 128 3.10 -7.88 -22.10
N ILE X 129 2.30 -8.96 -22.14
CA ILE X 129 2.28 -9.89 -21.02
C ILE X 129 3.61 -10.64 -20.91
N THR X 130 4.26 -10.91 -22.05
CA THR X 130 5.60 -11.52 -21.98
C THR X 130 6.64 -10.51 -21.55
N ALA X 131 6.45 -9.24 -21.90
CA ALA X 131 7.40 -8.21 -21.51
C ALA X 131 7.42 -7.96 -20.01
N ARG X 132 6.30 -8.18 -19.33
CA ARG X 132 6.34 -8.13 -17.86
C ARG X 132 7.33 -9.14 -17.29
N ALA X 133 7.26 -10.38 -17.76
CA ALA X 133 8.18 -11.41 -17.27
C ALA X 133 9.63 -11.10 -17.65
N ASN X 134 9.84 -10.60 -18.87
CA ASN X 134 11.20 -10.22 -19.25
C ASN X 134 11.74 -9.11 -18.35
N LEU X 135 10.87 -8.18 -17.95
CA LEU X 135 11.28 -7.14 -17.02
C LEU X 135 11.68 -7.72 -15.68
N GLY X 136 10.94 -8.73 -15.21
CA GLY X 136 11.34 -9.42 -13.99
C GLY X 136 12.71 -10.05 -14.11
N ILE X 137 12.99 -10.68 -15.25
CA ILE X 137 14.30 -11.30 -15.45
C ILE X 137 15.41 -10.25 -15.47
N ILE X 138 15.12 -9.06 -16.02
CA ILE X 138 16.10 -7.99 -16.01
C ILE X 138 16.42 -7.56 -14.57
N LYS X 139 15.37 -7.40 -13.76
CA LYS X 139 15.58 -7.08 -12.35
C LYS X 139 16.45 -8.15 -11.69
N ALA X 140 16.28 -9.41 -12.07
CA ALA X 140 17.12 -10.46 -11.51
C ALA X 140 18.57 -10.35 -11.97
N ASN X 141 18.79 -9.93 -13.22
CA ASN X 141 20.15 -9.84 -13.76
C ASN X 141 20.96 -8.70 -13.18
N PHE X 142 20.29 -7.66 -12.66
CA PHE X 142 21.02 -6.55 -12.03
C PHE X 142 22.00 -7.03 -10.95
N VAL X 143 21.53 -7.90 -10.06
CA VAL X 143 22.36 -8.36 -8.95
C VAL X 143 23.56 -9.16 -9.45
N THR X 144 23.33 -10.01 -10.46
CA THR X 144 24.44 -10.76 -11.03
C THR X 144 25.47 -9.83 -11.64
N ALA X 145 25.02 -8.72 -12.22
CA ALA X 145 25.98 -7.73 -12.75
C ALA X 145 26.86 -7.17 -11.64
N LYS X 146 26.26 -6.80 -10.51
CA LYS X 146 27.06 -6.27 -9.41
C LYS X 146 28.05 -7.30 -8.87
N ILE X 147 27.60 -8.56 -8.72
CA ILE X 147 28.49 -9.59 -8.21
C ILE X 147 29.63 -9.86 -9.20
N GLN X 148 29.35 -9.77 -10.49
CA GLN X 148 30.41 -9.89 -11.49
C GLN X 148 31.45 -8.79 -11.31
N ALA X 149 30.99 -7.58 -11.02
CA ALA X 149 31.93 -6.49 -10.73
C ALA X 149 32.87 -6.86 -9.60
N LEU X 150 32.32 -7.38 -8.50
CA LEU X 150 33.17 -7.73 -7.36
C LEU X 150 34.15 -8.86 -7.69
N ALA X 151 33.70 -9.87 -8.45
CA ALA X 151 34.59 -10.97 -8.80
C ALA X 151 35.76 -10.49 -9.68
N THR X 152 35.46 -9.63 -10.66
CA THR X 152 36.53 -9.05 -11.46
C THR X 152 37.47 -8.23 -10.59
N LYS X 153 36.94 -7.63 -9.52
CA LYS X 153 37.81 -6.92 -8.59
C LYS X 153 38.79 -7.87 -7.90
N ALA X 154 38.32 -9.08 -7.53
CA ALA X 154 39.18 -10.00 -6.79
C ALA X 154 40.28 -10.61 -7.67
N GLU X 155 39.98 -10.87 -8.94
CA GLU X 155 40.98 -11.49 -9.80
C GLU X 155 42.21 -10.61 -9.98
N TYR X 156 42.05 -9.28 -9.91
CA TYR X 156 43.17 -8.36 -9.98
C TYR X 156 44.16 -8.59 -8.85
N ALA X 157 43.66 -8.72 -7.63
CA ALA X 157 44.53 -9.02 -6.50
C ALA X 157 45.20 -10.37 -6.66
N LEU X 158 44.47 -11.36 -7.20
CA LEU X 158 45.13 -12.65 -7.44
C LEU X 158 46.32 -12.51 -8.37
N THR X 159 46.18 -11.75 -9.46
CA THR X 159 47.30 -11.60 -10.38
C THR X 159 48.47 -10.87 -9.72
N LYS X 160 48.18 -9.89 -8.87
CA LYS X 160 49.28 -9.23 -8.15
C LYS X 160 50.05 -10.21 -7.26
N LEU X 161 49.33 -11.06 -6.52
CA LEU X 161 50.04 -12.04 -5.69
C LEU X 161 50.83 -13.01 -6.56
N LYS X 162 50.34 -13.31 -7.76
CA LYS X 162 51.12 -14.16 -8.66
C LYS X 162 52.43 -13.50 -9.04
N LEU X 163 52.41 -12.18 -9.30
CA LEU X 163 53.66 -11.45 -9.49
C LEU X 163 54.60 -11.68 -8.31
N SER X 164 54.05 -11.56 -7.09
CA SER X 164 54.88 -11.70 -5.90
C SER X 164 55.56 -13.05 -5.84
N ASN X 165 54.85 -14.11 -6.25
CA ASN X 165 55.46 -15.44 -6.25
C ASN X 165 56.48 -15.60 -7.38
N GLU X 166 56.21 -15.00 -8.54
CA GLU X 166 57.14 -15.11 -9.66
C GLU X 166 58.49 -14.52 -9.32
N SER X 167 58.50 -13.43 -8.55
CA SER X 167 59.79 -12.85 -8.16
C SER X 167 60.66 -13.84 -7.38
N VAL X 168 60.05 -14.54 -6.42
CA VAL X 168 60.80 -15.50 -5.61
C VAL X 168 61.26 -16.67 -6.47
N THR X 169 60.44 -17.09 -7.42
CA THR X 169 60.87 -18.16 -8.33
C THR X 169 62.13 -17.75 -9.09
N TYR X 170 62.15 -16.52 -9.60
CA TYR X 170 63.34 -16.05 -10.31
C TYR X 170 64.56 -16.04 -9.38
N CYS X 171 64.38 -15.53 -8.16
CA CYS X 171 65.52 -15.47 -7.23
C CYS X 171 66.07 -16.86 -6.93
N THR X 172 65.19 -17.83 -6.71
CA THR X 172 65.64 -19.18 -6.42
C THR X 172 66.40 -19.78 -7.60
N ALA X 173 65.88 -19.59 -8.81
CA ALA X 173 66.57 -20.11 -9.99
C ALA X 173 67.95 -19.49 -10.14
N GLN X 174 68.05 -18.18 -9.91
CA GLN X 174 69.35 -17.51 -10.03
C GLN X 174 70.33 -18.02 -8.99
N TYR X 175 69.88 -18.21 -7.75
CA TYR X 175 70.77 -18.77 -6.73
C TYR X 175 71.24 -20.16 -7.11
N ASN X 176 70.33 -20.99 -7.61
CA ASN X 176 70.71 -22.34 -8.00
C ASN X 176 71.77 -22.31 -9.09
N LEU X 177 71.60 -21.44 -10.09
CA LEU X 177 72.59 -21.36 -11.15
C LEU X 177 73.93 -20.86 -10.62
N SER X 178 73.91 -19.84 -9.76
CA SER X 178 75.15 -19.16 -9.39
C SER X 178 75.97 -19.96 -8.39
N SER X 179 75.33 -20.63 -7.43
CA SER X 179 76.06 -21.17 -6.30
C SER X 179 75.96 -22.67 -6.09
N MET X 180 75.01 -23.36 -6.70
CA MET X 180 74.80 -24.78 -6.42
C MET X 180 75.38 -25.70 -7.48
N LEU X 181 75.23 -25.39 -8.77
CA LEU X 181 75.72 -26.29 -9.80
C LEU X 181 77.23 -26.51 -9.79
N PRO X 182 78.08 -25.48 -9.67
CA PRO X 182 79.53 -25.75 -9.67
C PRO X 182 79.97 -26.71 -8.57
N GLN X 183 79.29 -26.70 -7.42
CA GLN X 183 79.65 -27.66 -6.38
C GLN X 183 79.34 -29.08 -6.81
N GLN X 184 78.21 -29.28 -7.49
CA GLN X 184 77.90 -30.61 -8.00
C GLN X 184 78.93 -31.05 -9.04
N LEU X 185 79.36 -30.11 -9.89
CA LEU X 185 80.40 -30.45 -10.86
C LEU X 185 81.69 -30.86 -10.17
N LEU X 186 82.07 -30.15 -9.11
CA LEU X 186 83.27 -30.53 -8.36
C LEU X 186 83.13 -31.92 -7.74
N MET X 187 81.96 -32.22 -7.20
CA MET X 187 81.74 -33.54 -6.62
C MET X 187 81.88 -34.63 -7.67
N LEU X 188 81.35 -34.42 -8.86
CA LEU X 188 81.41 -35.47 -9.86
C LEU X 188 82.84 -35.64 -10.37
N LYS X 189 83.58 -34.53 -10.49
CA LYS X 189 85.00 -34.61 -10.81
C LYS X 189 85.75 -35.42 -9.76
N ASN X 190 85.37 -35.28 -8.49
CA ASN X 190 85.99 -36.10 -7.45
C ASN X 190 85.63 -37.57 -7.60
N GLN X 191 84.40 -37.85 -8.05
CA GLN X 191 83.96 -39.25 -8.16
C GLN X 191 84.70 -39.99 -9.25
N THR X 192 85.01 -39.32 -10.36
CA THR X 192 85.65 -40.03 -11.48
C THR X 192 87.00 -40.62 -11.07
N THR X 193 87.81 -39.86 -10.32
CA THR X 193 89.12 -40.36 -9.93
C THR X 193 89.00 -41.54 -8.97
N GLN X 194 87.98 -41.54 -8.12
CA GLN X 194 87.74 -42.70 -7.27
C GLN X 194 87.42 -43.93 -8.10
N VAL X 195 86.66 -43.76 -9.19
CA VAL X 195 86.40 -44.89 -10.08
C VAL X 195 87.71 -45.42 -10.66
N ALA X 196 88.61 -44.51 -11.06
CA ALA X 196 89.91 -44.96 -11.59
C ALA X 196 90.69 -45.74 -10.54
N GLU X 197 90.70 -45.26 -9.30
CA GLU X 197 91.40 -45.98 -8.24
C GLU X 197 90.79 -47.37 -8.02
N GLN X 198 89.48 -47.49 -8.14
CA GLN X 198 88.85 -48.80 -8.00
C GLN X 198 89.32 -49.74 -9.11
N THR X 199 89.47 -49.24 -10.33
CA THR X 199 90.00 -50.11 -11.39
C THR X 199 91.41 -50.57 -11.07
N LYS X 200 92.24 -49.67 -10.51
CA LYS X 200 93.59 -50.08 -10.13
C LYS X 200 93.57 -51.17 -9.06
N LEU X 201 92.68 -51.05 -8.07
CA LEU X 201 92.56 -52.11 -7.08
C LEU X 201 92.14 -53.43 -7.70
N THR X 202 91.24 -53.39 -8.68
CA THR X 202 90.82 -54.62 -9.33
C THR X 202 91.98 -55.29 -10.05
N THR X 203 92.83 -54.50 -10.71
CA THR X 203 94.01 -55.10 -11.34
C THR X 203 94.94 -55.72 -10.32
N GLU X 204 95.14 -55.05 -9.18
CA GLU X 204 96.02 -55.62 -8.16
C GLU X 204 95.47 -56.93 -7.60
N GLN X 205 94.15 -57.00 -7.40
CA GLN X 205 93.55 -58.25 -6.92
C GLN X 205 93.65 -59.34 -7.99
N ILE X 206 93.58 -58.96 -9.27
CA ILE X 206 93.87 -59.91 -10.33
C ILE X 206 95.25 -60.52 -10.14
N ASN X 207 96.24 -59.68 -9.83
CA ASN X 207 97.59 -60.19 -9.62
C ASN X 207 97.68 -61.08 -8.39
N MET X 208 96.94 -60.77 -7.32
CA MET X 208 97.04 -61.58 -6.10
C MET X 208 96.36 -62.94 -6.21
N THR X 209 95.27 -63.01 -6.98
CA THR X 209 94.51 -64.26 -7.06
C THR X 209 95.34 -65.37 -7.69
N LYS X 210 96.21 -65.03 -8.64
CA LYS X 210 97.08 -66.04 -9.24
C LYS X 210 98.02 -66.65 -8.22
N GLU X 211 98.60 -65.82 -7.34
CA GLU X 211 99.48 -66.36 -6.31
C GLU X 211 98.71 -67.24 -5.34
N GLN X 212 97.51 -66.84 -4.96
CA GLN X 212 96.70 -67.73 -4.11
C GLN X 212 96.44 -69.05 -4.81
N LYS X 213 96.09 -69.00 -6.09
CA LYS X 213 95.78 -70.21 -6.84
C LYS X 213 96.96 -71.15 -6.91
N GLU X 214 98.17 -70.61 -7.14
CA GLU X 214 99.35 -71.48 -7.19
C GLU X 214 99.70 -72.04 -5.81
N ALA X 215 99.60 -71.20 -4.77
CA ALA X 215 99.89 -71.67 -3.43
C ALA X 215 98.95 -72.78 -3.01
N GLN X 216 97.73 -72.80 -3.54
CA GLN X 216 96.80 -73.88 -3.22
C GLN X 216 96.93 -75.03 -4.21
N ARG X 217 97.47 -74.76 -5.40
CA ARG X 217 97.86 -75.83 -6.33
C ARG X 217 98.94 -76.71 -5.72
N ALA X 218 99.82 -76.13 -4.92
CA ALA X 218 100.95 -76.87 -4.36
C ALA X 218 100.49 -78.03 -3.48
N GLN X 219 99.19 -78.11 -3.16
CA GLN X 219 98.72 -79.12 -2.22
C GLN X 219 98.41 -80.45 -2.91
N THR X 220 98.36 -80.46 -4.25
CA THR X 220 98.05 -81.70 -4.93
C THR X 220 99.19 -82.16 -5.84
N SER X 221 99.78 -81.24 -6.59
CA SER X 221 100.81 -81.59 -7.56
C SER X 221 102.13 -80.95 -7.19
N ASP X 222 103.22 -81.64 -7.53
CA ASP X 222 104.55 -81.14 -7.22
C ASP X 222 104.90 -79.92 -8.07
N THR X 223 104.67 -80.02 -9.38
CA THR X 223 104.97 -78.92 -10.27
C THR X 223 103.99 -77.76 -10.06
N ARG X 224 104.42 -76.56 -10.44
CA ARG X 224 103.67 -75.35 -10.19
C ARG X 224 103.27 -74.70 -11.51
N THR X 225 102.11 -75.09 -12.03
CA THR X 225 101.54 -74.51 -13.25
C THR X 225 102.52 -74.56 -14.42
N ASP X 226 103.27 -73.47 -14.61
CA ASP X 226 104.12 -73.35 -15.79
C ASP X 226 105.15 -74.48 -15.88
N GLY X 227 105.46 -75.12 -14.76
CA GLY X 227 106.33 -76.28 -14.81
C GLY X 227 107.57 -76.20 -13.95
N THR X 228 107.54 -75.41 -12.89
CA THR X 228 108.66 -75.31 -11.96
C THR X 228 108.33 -76.02 -10.66
N ARG X 229 109.36 -76.48 -9.97
CA ARG X 229 109.21 -77.15 -8.70
C ARG X 229 108.76 -76.17 -7.63
N VAL X 230 107.93 -76.66 -6.69
CA VAL X 230 107.64 -75.88 -5.50
C VAL X 230 108.89 -75.84 -4.63
N ALA X 231 109.25 -74.64 -4.16
CA ALA X 231 110.55 -74.45 -3.54
C ALA X 231 110.55 -73.67 -2.24
N GLY X 232 109.40 -73.13 -1.81
CA GLY X 232 109.39 -72.33 -0.60
C GLY X 232 108.42 -72.85 0.44
N SER X 233 108.86 -72.89 1.70
CA SER X 233 108.01 -73.28 2.82
C SER X 233 107.49 -74.70 2.68
N VAL X 234 106.72 -74.97 1.62
CA VAL X 234 106.16 -76.30 1.41
C VAL X 234 107.26 -77.31 1.13
N GLY X 235 108.25 -76.94 0.31
CA GLY X 235 109.34 -77.85 0.02
C GLY X 235 110.07 -78.29 1.27
N LYS X 236 110.28 -77.36 2.22
CA LYS X 236 110.94 -77.72 3.46
C LYS X 236 110.09 -78.69 4.28
N GLN X 237 108.77 -78.51 4.27
CA GLN X 237 107.90 -79.46 4.96
C GLN X 237 108.01 -80.85 4.37
N LYS X 238 108.04 -80.95 3.04
CA LYS X 238 108.18 -82.26 2.40
C LYS X 238 109.53 -82.89 2.72
N GLU X 239 110.59 -82.08 2.76
CA GLU X 239 111.90 -82.61 3.14
C GLU X 239 111.91 -83.12 4.57
N LEU X 240 111.26 -82.37 5.49
CA LEU X 240 111.15 -82.84 6.86
C LEU X 240 110.40 -84.16 6.94
N TYR X 241 109.33 -84.31 6.16
CA TYR X 241 108.58 -85.56 6.20
C TYR X 241 109.43 -86.74 5.72
N ASP X 242 110.20 -86.54 4.65
CA ASP X 242 111.09 -87.60 4.19
C ASP X 242 112.13 -87.97 5.25
N GLN X 243 112.71 -86.95 5.89
CA GLN X 243 113.71 -87.23 6.93
C GLN X 243 113.10 -87.97 8.10
N GLN X 244 111.86 -87.62 8.47
CA GLN X 244 111.20 -88.33 9.55
C GLN X 244 110.99 -89.79 9.21
N ILE X 245 110.60 -90.09 7.97
CA ILE X 245 110.41 -91.48 7.58
C ILE X 245 111.73 -92.25 7.71
N THR X 246 112.81 -91.68 7.19
CA THR X 246 114.09 -92.38 7.27
C THR X 246 114.51 -92.58 8.73
N SER X 247 114.30 -91.58 9.58
CA SER X 247 114.67 -91.73 10.98
C SER X 247 113.85 -92.81 11.67
N TYR X 248 112.57 -92.91 11.34
CA TYR X 248 111.74 -94.01 11.84
C TYR X 248 112.37 -95.36 11.51
N LYS X 249 112.74 -95.55 10.23
CA LYS X 249 113.33 -96.82 9.84
C LYS X 249 114.63 -97.10 10.60
N ARG X 250 115.49 -96.08 10.72
CA ARG X 250 116.78 -96.30 11.36
C ARG X 250 116.62 -96.67 12.83
N ASP X 251 115.73 -95.99 13.54
CA ASP X 251 115.51 -96.34 14.94
C ASP X 251 114.96 -97.76 15.08
N ALA X 252 114.03 -98.13 14.19
CA ALA X 252 113.48 -99.48 14.25
C ALA X 252 114.58 -100.52 14.08
N GLU X 253 115.53 -100.29 13.18
CA GLU X 253 116.64 -101.23 13.03
C GLU X 253 117.54 -101.24 14.27
N VAL X 254 117.81 -100.06 14.82
CA VAL X 254 118.79 -99.94 15.91
C VAL X 254 118.32 -100.70 17.14
N LYS X 255 117.00 -100.71 17.38
CA LYS X 255 116.49 -101.43 18.55
C LYS X 255 116.86 -102.92 18.52
N ALA X 256 116.57 -103.60 17.42
CA ALA X 256 116.90 -105.02 17.31
C ALA X 256 118.41 -105.24 17.30
N ALA X 257 119.15 -104.33 16.68
CA ALA X 257 120.61 -104.45 16.71
C ALA X 257 121.13 -104.45 18.14
N LYS X 258 120.62 -103.54 18.97
CA LYS X 258 121.00 -103.51 20.38
C LYS X 258 120.60 -104.79 21.08
N LEU X 259 119.42 -105.32 20.72
CA LEU X 259 118.95 -106.56 21.33
C LEU X 259 119.93 -107.70 21.11
N PHE X 260 120.51 -107.79 19.91
CA PHE X 260 121.52 -108.81 19.65
C PHE X 260 122.85 -108.49 20.34
N THR X 261 123.25 -107.22 20.30
CA THR X 261 124.57 -106.84 20.80
C THR X 261 124.70 -107.11 22.30
N ASP X 262 123.64 -106.85 23.06
CA ASP X 262 123.70 -107.07 24.51
C ASP X 262 123.94 -108.55 24.81
N ALA X 263 123.28 -109.44 24.10
CA ALA X 263 123.48 -110.87 24.31
C ALA X 263 124.91 -111.28 23.97
N TRP X 264 125.46 -110.74 22.88
CA TRP X 264 126.86 -111.08 22.58
C TRP X 264 127.80 -110.56 23.66
N VAL X 265 127.51 -109.37 24.21
CA VAL X 265 128.37 -108.84 25.27
C VAL X 265 128.34 -109.74 26.49
N THR X 266 127.14 -110.21 26.86
CA THR X 266 127.04 -111.15 27.98
C THR X 266 127.82 -112.43 27.70
N GLN X 267 127.71 -112.96 26.48
CA GLN X 267 128.44 -114.17 26.12
C GLN X 267 129.95 -113.96 26.26
N LYS X 268 130.45 -112.81 25.79
CA LYS X 268 131.87 -112.52 25.90
C LYS X 268 132.29 -112.42 27.36
N THR X 269 131.45 -111.79 28.19
CA THR X 269 131.79 -111.66 29.61
C THR X 269 131.88 -113.03 30.28
N ILE X 270 130.95 -113.93 29.97
CA ILE X 270 130.93 -115.24 30.62
C ILE X 270 132.16 -116.05 30.23
N ASP X 271 132.43 -116.15 28.93
CA ASP X 271 133.52 -116.98 28.41
C ASP X 271 134.45 -116.12 27.57
N GLU X 272 135.71 -116.01 27.98
CA GLU X 272 136.71 -115.31 27.19
C GLU X 272 137.16 -116.19 26.04
N GLY X 273 137.84 -115.57 25.08
CA GLY X 273 138.34 -116.28 23.93
C GLY X 273 137.38 -116.40 22.76
N LEU X 274 136.15 -115.90 22.89
CA LEU X 274 135.24 -115.90 21.76
C LEU X 274 135.73 -114.91 20.70
N SER X 275 135.66 -115.35 19.44
CA SER X 275 136.16 -114.53 18.35
C SER X 275 135.21 -113.37 18.08
N PRO X 276 135.73 -112.14 17.97
CA PRO X 276 134.90 -111.03 17.54
C PRO X 276 134.15 -111.37 16.26
N PRO X 277 132.99 -110.75 16.04
CA PRO X 277 132.19 -111.07 14.84
C PRO X 277 132.75 -110.48 13.55
N ASN X 278 133.99 -109.99 13.55
CA ASN X 278 134.69 -109.31 12.46
C ASN X 278 134.21 -107.88 12.27
N GLY X 279 133.17 -107.45 12.98
CA GLY X 279 132.74 -106.07 12.94
C GLY X 279 133.25 -105.30 14.14
N PHE X 280 133.78 -106.04 15.12
CA PHE X 280 134.30 -105.45 16.34
C PHE X 280 135.81 -105.30 16.33
N THR X 281 136.46 -105.49 15.18
CA THR X 281 137.90 -105.34 15.09
C THR X 281 138.28 -103.87 15.09
N ASN X 282 139.58 -103.61 14.92
CA ASN X 282 140.08 -102.24 14.99
C ASN X 282 139.77 -101.46 13.73
N SER X 283 139.73 -102.14 12.57
CA SER X 283 139.55 -101.42 11.31
C SER X 283 138.15 -100.81 11.20
N SER X 284 137.12 -101.60 11.47
CA SER X 284 135.76 -101.08 11.37
C SER X 284 135.52 -99.98 12.40
N LEU X 285 136.02 -100.16 13.62
CA LEU X 285 135.90 -99.12 14.63
C LEU X 285 136.62 -97.85 14.19
N ASP X 286 137.81 -97.99 13.59
CA ASP X 286 138.53 -96.82 13.14
C ASP X 286 137.74 -96.07 12.07
N SER X 287 137.13 -96.81 11.15
CA SER X 287 136.28 -96.16 10.15
C SER X 287 135.10 -95.45 10.80
N ILE X 288 134.51 -96.07 11.82
CA ILE X 288 133.34 -95.48 12.48
C ILE X 288 133.72 -94.17 13.17
N LEU X 289 134.81 -94.17 13.95
CA LEU X 289 135.24 -92.92 14.57
C LEU X 289 135.69 -91.89 13.55
N THR X 290 136.31 -92.30 12.43
CA THR X 290 136.66 -91.33 11.40
C THR X 290 135.42 -90.66 10.84
N ALA X 291 134.37 -91.43 10.58
CA ALA X 291 133.12 -90.87 10.09
C ALA X 291 132.50 -89.92 11.11
N LEU X 292 132.49 -90.32 12.38
CA LEU X 292 131.92 -89.45 13.42
C LEU X 292 132.71 -88.15 13.54
N LYS X 293 134.03 -88.22 13.46
CA LYS X 293 134.83 -87.01 13.52
C LYS X 293 134.58 -86.11 12.32
N ASN X 294 134.47 -86.70 11.13
CA ASN X 294 134.30 -85.90 9.92
C ASN X 294 132.93 -85.22 9.88
N ASN X 295 131.87 -85.96 10.20
CA ASN X 295 130.53 -85.42 10.05
C ASN X 295 130.26 -84.27 11.02
N ASN X 296 130.72 -84.39 12.27
CA ASN X 296 130.39 -83.45 13.32
C ASN X 296 131.44 -82.35 13.47
N ALA X 297 132.22 -82.09 12.42
CA ALA X 297 133.23 -81.03 12.42
C ALA X 297 134.24 -81.23 13.55
N LEU X 298 134.98 -82.34 13.46
CA LEU X 298 136.02 -82.68 14.44
C LEU X 298 135.45 -82.80 15.85
N GLY X 299 134.44 -83.66 16.01
CA GLY X 299 133.84 -83.91 17.31
C GLY X 299 133.06 -82.72 17.83
#